data_6WBN
#
_entry.id   6WBN
#
_cell.length_a   1.00
_cell.length_b   1.00
_cell.length_c   1.00
_cell.angle_alpha   90.00
_cell.angle_beta   90.00
_cell.angle_gamma   90.00
#
_symmetry.space_group_name_H-M   'P 1'
#
loop_
_entity.id
_entity.type
_entity.pdbx_description
1 polymer Pannexin-1
2 non-polymer PHOSPHATIDYLETHANOLAMINE
3 non-polymer 1,2-Distearoyl-sn-glycerophosphoethanolamine
4 non-polymer 'DIACYL GLYCEROL'
5 non-polymer CHOLESTEROL
#
_entity_poly.entity_id   1
_entity_poly.type   'polypeptide(L)'
_entity_poly.pdbx_seq_one_letter_code
;MAIAQLATEYVFSDFLLKEPTEPKFKGLRLELAVDKMVTCIAVGLPLLLISLAFAQEISIGTQISCFSPSSFSWRQAAFV
DSYCWAAVQQKNSLQSESGNLPLWLHKFFPYILLLFAILLYLPPLFWRFAAAPHICSDLKFIMEELDKVYNRAIKAAKSA
RDLDMRDGACSVPGVTENLGQSLWEVSESHFKYPIVEQYLKTKKNSNNLIIKYISCRLLTLIIILLACIYLGYYFSLSSL
SDEFVCSIKSGILRADSTVPDQFQCKLIAVGIFQLLSVINLVVYVLLAPVVVYTLFVPFRQKTDVLKVYEILPTFDVLHF
KSEGYNDLSLYNLFLEENISEVKSYKCLKVLENIKSSGQGIDPMLLLTNLGMI
;
_entity_poly.pdbx_strand_id   A,B,C,D,E,F,G,H,I,J,K,L,M,N
#
loop_
_chem_comp.id
_chem_comp.type
_chem_comp.name
_chem_comp.formula
3PE non-polymer 1,2-Distearoyl-sn-glycerophosphoethanolamine 'C41 H82 N O8 P'
CLR non-polymer CHOLESTEROL 'C27 H46 O'
DGA non-polymer 'DIACYL GLYCEROL' 'C39 H76 O5'
PTY non-polymer PHOSPHATIDYLETHANOLAMINE 'C40 H80 N O8 P'
#
# COMPACT_ATOMS: atom_id res chain seq x y z
N ALA A 2 32.01 27.52 -2.78
CA ALA A 2 32.79 27.21 -1.59
C ALA A 2 33.03 28.47 -0.79
N ILE A 3 33.11 28.31 0.53
CA ILE A 3 33.31 29.46 1.47
C ILE A 3 34.69 30.11 1.22
N ALA A 4 35.69 29.31 0.86
CA ALA A 4 37.02 29.86 0.64
C ALA A 4 37.11 30.63 -0.66
N GLN A 5 36.35 30.22 -1.68
CA GLN A 5 36.37 30.97 -2.93
C GLN A 5 35.77 32.35 -2.74
N LEU A 6 34.66 32.45 -2.00
CA LEU A 6 34.12 33.76 -1.69
C LEU A 6 35.12 34.58 -0.91
N ALA A 7 35.82 33.96 0.04
CA ALA A 7 36.83 34.69 0.78
C ALA A 7 37.87 35.28 -0.17
N THR A 8 38.49 34.44 -0.99
CA THR A 8 39.48 34.95 -1.94
C THR A 8 38.92 36.10 -2.74
N GLU A 9 37.79 35.86 -3.41
CA GLU A 9 37.22 36.83 -4.33
C GLU A 9 36.93 38.17 -3.66
N TYR A 10 36.44 38.16 -2.42
CA TYR A 10 35.91 39.38 -1.85
C TYR A 10 36.79 40.03 -0.79
N VAL A 11 37.83 39.37 -0.29
CA VAL A 11 38.78 40.02 0.59
C VAL A 11 40.20 39.93 0.06
N PHE A 12 40.61 38.78 -0.48
CA PHE A 12 42.01 38.63 -0.83
C PHE A 12 42.30 39.07 -2.26
N SER A 13 41.32 39.03 -3.14
CA SER A 13 41.50 39.63 -4.45
C SER A 13 41.41 41.14 -4.34
N ASP A 14 41.88 41.82 -5.37
CA ASP A 14 41.81 43.28 -5.42
C ASP A 14 40.42 43.70 -5.87
N PHE A 15 39.39 43.18 -5.22
CA PHE A 15 38.02 43.52 -5.57
C PHE A 15 37.77 45.00 -5.30
N LEU A 16 37.33 45.71 -6.33
CA LEU A 16 37.14 47.15 -6.29
C LEU A 16 38.42 47.89 -5.93
N LEU A 17 39.56 47.21 -6.02
CA LEU A 17 40.87 47.84 -5.93
C LEU A 17 41.56 47.91 -7.28
N LYS A 18 40.83 47.64 -8.35
CA LYS A 18 41.39 47.68 -9.69
C LYS A 18 41.74 49.11 -10.07
N GLU A 19 43.00 49.33 -10.43
CA GLU A 19 43.40 50.63 -10.93
C GLU A 19 42.72 50.90 -12.27
N PRO A 20 42.53 52.17 -12.63
CA PRO A 20 41.88 52.48 -13.91
C PRO A 20 42.59 51.84 -15.09
N THR A 21 41.90 50.94 -15.78
CA THR A 21 42.45 50.27 -16.95
C THR A 21 42.40 51.24 -18.12
N GLU A 22 43.32 52.20 -18.10
CA GLU A 22 43.41 53.24 -19.12
C GLU A 22 44.73 53.97 -18.99
N PRO A 23 45.33 54.40 -20.10
CA PRO A 23 46.57 55.18 -20.01
C PRO A 23 46.36 56.62 -19.59
N LYS A 24 45.11 57.07 -19.41
CA LYS A 24 44.86 58.45 -19.00
C LYS A 24 45.28 58.66 -17.55
N PHE A 25 44.88 57.75 -16.67
CA PHE A 25 45.27 57.78 -15.26
C PHE A 25 46.17 56.57 -15.01
N LYS A 26 47.47 56.79 -15.09
CA LYS A 26 48.48 55.76 -14.85
C LYS A 26 49.25 56.16 -13.59
N GLY A 27 48.94 55.52 -12.48
CA GLY A 27 49.55 55.84 -11.21
C GLY A 27 48.94 57.02 -10.47
N LEU A 28 48.05 57.78 -11.08
CA LEU A 28 47.33 58.81 -10.35
C LEU A 28 46.15 58.18 -9.62
N ARG A 29 46.01 58.52 -8.33
CA ARG A 29 45.02 57.81 -7.52
C ARG A 29 43.61 58.35 -7.72
N LEU A 30 43.43 59.65 -7.56
CA LEU A 30 42.15 60.35 -7.69
C LEU A 30 41.14 59.99 -6.62
N GLU A 31 41.49 59.09 -5.70
CA GLU A 31 40.62 58.77 -4.58
C GLU A 31 41.49 58.54 -3.36
N LEU A 32 41.26 59.32 -2.31
CA LEU A 32 42.04 59.18 -1.10
C LEU A 32 41.93 57.75 -0.57
N ALA A 33 43.05 57.24 -0.06
CA ALA A 33 43.10 55.84 0.34
C ALA A 33 42.01 55.50 1.35
N VAL A 34 41.75 56.41 2.29
CA VAL A 34 40.72 56.13 3.28
C VAL A 34 39.35 56.05 2.62
N ASP A 35 39.11 56.88 1.60
CA ASP A 35 37.84 56.79 0.89
C ASP A 35 37.74 55.49 0.12
N LYS A 36 38.85 55.05 -0.47
CA LYS A 36 38.85 53.79 -1.20
C LYS A 36 38.52 52.64 -0.27
N MET A 37 39.13 52.60 0.92
CA MET A 37 38.87 51.49 1.82
C MET A 37 37.46 51.58 2.39
N VAL A 38 36.96 52.79 2.65
CA VAL A 38 35.61 52.92 3.16
C VAL A 38 34.62 52.39 2.14
N THR A 39 34.78 52.77 0.88
CA THR A 39 33.90 52.25 -0.15
C THR A 39 34.03 50.74 -0.28
N CYS A 40 35.26 50.25 -0.30
CA CYS A 40 35.47 48.81 -0.46
C CYS A 40 34.76 48.04 0.64
N ILE A 41 34.93 48.44 1.89
CA ILE A 41 34.24 47.75 2.97
C ILE A 41 32.73 47.91 2.81
N ALA A 42 32.25 49.15 2.80
CA ALA A 42 30.82 49.40 2.83
C ALA A 42 30.08 48.75 1.69
N VAL A 43 30.74 48.46 0.58
CA VAL A 43 30.09 47.87 -0.57
C VAL A 43 30.32 46.37 -0.64
N GLY A 44 31.55 45.90 -0.43
CA GLY A 44 31.82 44.49 -0.55
C GLY A 44 31.33 43.67 0.62
N LEU A 45 31.18 44.27 1.79
CA LEU A 45 30.73 43.50 2.94
C LEU A 45 29.32 42.96 2.76
N PRO A 46 28.32 43.75 2.37
CA PRO A 46 27.02 43.14 2.11
C PRO A 46 27.04 42.10 1.02
N LEU A 47 27.88 42.24 0.00
CA LEU A 47 27.94 41.22 -1.04
C LEU A 47 28.54 39.93 -0.49
N LEU A 48 29.63 40.04 0.27
CA LEU A 48 30.20 38.84 0.87
C LEU A 48 29.21 38.19 1.81
N LEU A 49 28.45 38.98 2.54
CA LEU A 49 27.47 38.42 3.46
C LEU A 49 26.35 37.73 2.72
N ILE A 50 25.87 38.30 1.62
CA ILE A 50 24.88 37.64 0.80
C ILE A 50 25.41 36.31 0.30
N SER A 51 26.65 36.29 -0.18
CA SER A 51 27.20 35.05 -0.68
C SER A 51 27.35 34.02 0.42
N LEU A 52 27.66 34.46 1.64
CA LEU A 52 27.82 33.52 2.73
C LEU A 52 26.49 32.95 3.17
N ALA A 53 25.44 33.77 3.18
CA ALA A 53 24.15 33.30 3.68
C ALA A 53 23.61 32.12 2.88
N PHE A 54 24.09 31.90 1.67
CA PHE A 54 23.65 30.79 0.85
C PHE A 54 24.81 29.89 0.44
N ALA A 55 25.90 29.92 1.21
CA ALA A 55 26.98 28.98 0.98
C ALA A 55 26.46 27.56 1.08
N GLN A 56 26.99 26.68 0.24
CA GLN A 56 26.44 25.33 0.16
C GLN A 56 26.62 24.55 1.45
N GLU A 57 27.52 24.98 2.32
CA GLU A 57 27.78 24.30 3.57
C GLU A 57 27.01 24.86 4.75
N ILE A 58 26.34 25.99 4.58
CA ILE A 58 25.36 26.41 5.57
C ILE A 58 23.93 26.13 5.12
N SER A 59 23.67 26.18 3.82
CA SER A 59 22.31 25.97 3.33
C SER A 59 21.93 24.51 3.44
N ILE A 60 20.79 24.26 4.08
CA ILE A 60 20.32 22.89 4.23
C ILE A 60 19.60 22.44 2.97
N GLY A 61 19.05 23.37 2.21
CA GLY A 61 18.19 23.03 1.10
C GLY A 61 17.41 24.23 0.63
N THR A 62 16.10 24.08 0.53
CA THR A 62 15.21 25.16 0.16
C THR A 62 15.15 26.23 1.25
N GLN A 63 14.51 27.34 0.92
CA GLN A 63 14.35 28.42 1.88
C GLN A 63 13.09 28.30 2.72
N ILE A 64 12.15 27.46 2.34
CA ILE A 64 10.89 27.32 3.07
C ILE A 64 10.47 25.87 3.03
N SER A 65 9.83 25.44 4.11
CA SER A 65 9.27 24.10 4.20
C SER A 65 8.01 24.17 5.05
N CYS A 66 6.99 23.41 4.68
CA CYS A 66 5.64 23.69 5.17
C CYS A 66 4.92 22.56 5.87
N PHE A 67 5.45 21.34 5.89
CA PHE A 67 4.85 20.23 6.65
C PHE A 67 3.39 19.99 6.26
N SER A 68 3.22 19.51 5.04
CA SER A 68 1.93 19.02 4.60
C SER A 68 1.56 17.74 5.34
N PRO A 69 0.29 17.33 5.27
CA PRO A 69 -0.12 16.06 5.87
C PRO A 69 0.58 14.89 5.22
N SER A 70 0.59 13.76 5.93
CA SER A 70 1.21 12.56 5.38
C SER A 70 0.42 12.00 4.22
N SER A 71 -0.87 12.30 4.16
CA SER A 71 -1.68 11.85 3.04
C SER A 71 -1.26 12.51 1.74
N PHE A 72 -0.68 13.70 1.81
CA PHE A 72 -0.30 14.43 0.62
C PHE A 72 0.79 13.70 -0.15
N SER A 73 0.68 13.68 -1.47
CA SER A 73 1.73 13.12 -2.27
C SER A 73 2.92 14.07 -2.29
N TRP A 74 4.00 13.63 -2.93
CA TRP A 74 5.19 14.47 -3.03
C TRP A 74 4.87 15.77 -3.74
N ARG A 75 4.10 15.69 -4.83
CA ARG A 75 3.82 16.87 -5.61
C ARG A 75 2.84 17.81 -4.92
N GLN A 76 1.93 17.26 -4.12
CA GLN A 76 1.04 18.14 -3.36
C GLN A 76 1.82 18.92 -2.31
N ALA A 77 2.76 18.25 -1.65
CA ALA A 77 3.61 18.95 -0.71
C ALA A 77 4.43 20.03 -1.39
N ALA A 78 4.94 19.72 -2.59
CA ALA A 78 5.67 20.74 -3.34
C ALA A 78 4.76 21.91 -3.67
N PHE A 79 3.52 21.64 -4.02
CA PHE A 79 2.57 22.73 -4.27
C PHE A 79 2.39 23.58 -3.03
N VAL A 80 2.29 22.95 -1.87
CA VAL A 80 2.09 23.71 -0.65
C VAL A 80 3.27 24.62 -0.39
N ASP A 81 4.48 24.08 -0.52
CA ASP A 81 5.67 24.90 -0.33
C ASP A 81 5.69 26.08 -1.28
N SER A 82 5.47 25.82 -2.57
CA SER A 82 5.52 26.89 -3.55
C SER A 82 4.43 27.93 -3.30
N TYR A 83 3.22 27.49 -2.97
CA TYR A 83 2.14 28.42 -2.75
C TYR A 83 2.45 29.31 -1.56
N CYS A 84 2.92 28.74 -0.46
CA CYS A 84 3.16 29.57 0.70
C CYS A 84 4.33 30.52 0.46
N TRP A 85 5.36 30.05 -0.24
CA TRP A 85 6.45 30.93 -0.62
C TRP A 85 5.96 32.13 -1.41
N ALA A 86 5.10 31.88 -2.39
CA ALA A 86 4.56 32.99 -3.16
C ALA A 86 3.53 33.78 -2.38
N ALA A 87 3.02 33.21 -1.30
CA ALA A 87 1.95 33.82 -0.53
C ALA A 87 2.44 34.64 0.64
N VAL A 88 3.75 34.68 0.89
CA VAL A 88 4.22 35.66 1.86
C VAL A 88 3.91 37.07 1.41
N GLN A 89 3.62 37.29 0.13
CA GLN A 89 3.19 38.60 -0.33
C GLN A 89 1.70 38.82 -0.11
N GLN A 90 0.88 37.88 -0.55
CA GLN A 90 -0.57 38.03 -0.42
C GLN A 90 -0.96 37.94 1.05
N LYS A 91 -1.30 39.08 1.65
CA LYS A 91 -1.51 39.13 3.09
C LYS A 91 -2.75 38.37 3.55
N ASN A 92 -3.70 38.11 2.65
CA ASN A 92 -4.94 37.49 3.05
C ASN A 92 -4.76 36.02 3.42
N SER A 93 -3.83 35.32 2.77
CA SER A 93 -3.72 33.89 2.94
C SER A 93 -2.97 33.50 4.21
N LEU A 94 -1.90 34.22 4.53
CA LEU A 94 -1.03 33.84 5.64
C LEU A 94 -1.38 34.62 6.90
N GLN A 95 -1.27 33.96 8.04
CA GLN A 95 -1.54 34.55 9.35
C GLN A 95 -0.34 34.30 10.24
N SER A 96 0.37 35.36 10.60
CA SER A 96 1.57 35.25 11.43
C SER A 96 1.41 36.12 12.68
N GLU A 97 2.04 35.68 13.77
CA GLU A 97 1.93 36.40 15.03
C GLU A 97 2.55 37.78 14.96
N SER A 98 3.68 37.91 14.26
CA SER A 98 4.39 39.17 14.19
C SER A 98 3.79 40.14 13.17
N GLY A 99 3.21 39.62 12.10
CA GLY A 99 2.72 40.44 11.02
C GLY A 99 3.26 39.99 9.68
N ASN A 100 2.90 40.72 8.64
CA ASN A 100 3.37 40.38 7.31
C ASN A 100 4.69 41.04 6.96
N LEU A 101 4.96 42.22 7.52
CA LEU A 101 6.20 42.91 7.21
C LEU A 101 7.43 42.06 7.53
N PRO A 102 7.52 41.39 8.68
CA PRO A 102 8.67 40.51 8.88
C PRO A 102 8.78 39.42 7.84
N LEU A 103 7.65 38.91 7.36
CA LEU A 103 7.71 37.87 6.32
C LEU A 103 8.29 38.44 5.04
N TRP A 104 7.81 39.61 4.62
CA TRP A 104 8.41 40.29 3.49
C TRP A 104 9.91 40.44 3.67
N LEU A 105 10.33 40.92 4.84
CA LEU A 105 11.73 41.17 5.09
C LEU A 105 12.54 39.90 5.08
N HIS A 106 11.96 38.79 5.52
CA HIS A 106 12.68 37.53 5.54
C HIS A 106 12.84 36.96 4.14
N LYS A 107 11.84 37.16 3.30
CA LYS A 107 11.96 36.64 1.94
C LYS A 107 12.98 37.43 1.13
N PHE A 108 12.99 38.75 1.27
CA PHE A 108 13.78 39.62 0.42
C PHE A 108 15.00 40.18 1.10
N PHE A 109 15.55 39.49 2.08
CA PHE A 109 16.78 39.96 2.71
C PHE A 109 17.93 40.09 1.72
N PRO A 110 18.21 39.12 0.84
CA PRO A 110 19.31 39.32 -0.11
C PRO A 110 19.11 40.52 -1.00
N TYR A 111 17.89 40.76 -1.46
CA TYR A 111 17.65 41.89 -2.32
C TYR A 111 17.90 43.20 -1.59
N ILE A 112 17.52 43.26 -0.32
CA ILE A 112 17.72 44.51 0.42
C ILE A 112 19.20 44.75 0.67
N LEU A 113 19.95 43.70 0.98
CA LEU A 113 21.38 43.90 1.15
C LEU A 113 22.04 44.34 -0.15
N LEU A 114 21.63 43.76 -1.28
CA LEU A 114 22.22 44.17 -2.54
C LEU A 114 21.82 45.60 -2.88
N LEU A 115 20.59 46.00 -2.53
CA LEU A 115 20.19 47.37 -2.73
C LEU A 115 21.07 48.32 -1.93
N PHE A 116 21.41 47.95 -0.70
CA PHE A 116 22.31 48.78 0.09
C PHE A 116 23.69 48.83 -0.53
N ALA A 117 24.17 47.71 -1.06
CA ALA A 117 25.47 47.71 -1.72
C ALA A 117 25.47 48.68 -2.90
N ILE A 118 24.42 48.65 -3.70
CA ILE A 118 24.36 49.52 -4.87
C ILE A 118 24.28 50.98 -4.44
N LEU A 119 23.42 51.28 -3.48
CA LEU A 119 23.30 52.66 -3.03
C LEU A 119 24.60 53.17 -2.44
N LEU A 120 25.36 52.31 -1.80
CA LEU A 120 26.65 52.74 -1.26
C LEU A 120 27.70 52.84 -2.35
N TYR A 121 27.53 52.13 -3.45
CA TYR A 121 28.44 52.26 -4.57
C TYR A 121 28.17 53.49 -5.41
N LEU A 122 26.97 54.04 -5.34
CA LEU A 122 26.62 55.17 -6.20
C LEU A 122 27.47 56.41 -5.96
N PRO A 123 27.66 56.90 -4.74
CA PRO A 123 28.42 58.16 -4.56
C PRO A 123 29.85 58.04 -5.06
N PRO A 124 30.57 56.94 -4.78
CA PRO A 124 31.90 56.82 -5.41
C PRO A 124 31.85 56.80 -6.91
N LEU A 125 30.80 56.25 -7.50
CA LEU A 125 30.67 56.29 -8.94
C LEU A 125 30.49 57.72 -9.43
N PHE A 126 29.64 58.49 -8.76
CA PHE A 126 29.44 59.87 -9.17
C PHE A 126 30.73 60.66 -9.04
N TRP A 127 31.52 60.37 -8.02
CA TRP A 127 32.80 61.04 -7.90
C TRP A 127 33.75 60.63 -9.02
N ARG A 128 33.79 59.33 -9.33
CA ARG A 128 34.72 58.84 -10.33
C ARG A 128 34.36 59.35 -11.73
N PHE A 129 33.09 59.62 -11.99
CA PHE A 129 32.71 59.99 -13.34
C PHE A 129 32.45 61.48 -13.50
N ALA A 130 32.10 62.18 -12.43
CA ALA A 130 31.80 63.60 -12.56
C ALA A 130 33.00 64.49 -12.28
N ALA A 131 33.72 64.24 -11.18
CA ALA A 131 34.75 65.16 -10.73
C ALA A 131 36.17 64.58 -10.80
N ALA A 132 36.32 63.32 -11.14
CA ALA A 132 37.66 62.75 -11.17
C ALA A 132 38.54 63.32 -12.27
N PRO A 133 38.05 63.45 -13.52
CA PRO A 133 38.98 63.89 -14.58
C PRO A 133 39.51 65.29 -14.36
N HIS A 134 38.67 66.19 -13.83
CA HIS A 134 39.12 67.55 -13.59
C HIS A 134 40.32 67.57 -12.66
N ILE A 135 40.20 66.88 -11.53
CA ILE A 135 41.27 66.89 -10.55
C ILE A 135 42.46 66.09 -11.06
N CYS A 136 42.23 65.06 -11.86
CA CYS A 136 43.36 64.31 -12.41
C CYS A 136 44.21 65.21 -13.28
N SER A 137 43.58 65.95 -14.19
CA SER A 137 44.33 66.83 -15.08
C SER A 137 45.03 67.92 -14.28
N ASP A 138 44.33 68.55 -13.33
CA ASP A 138 44.93 69.62 -12.58
C ASP A 138 46.11 69.14 -11.74
N LEU A 139 45.93 68.03 -11.03
CA LEU A 139 47.00 67.51 -10.20
C LEU A 139 48.20 67.12 -11.04
N LYS A 140 47.98 66.47 -12.18
CA LYS A 140 49.10 66.08 -13.02
C LYS A 140 49.85 67.30 -13.52
N PHE A 141 49.11 68.33 -13.96
CA PHE A 141 49.76 69.56 -14.41
C PHE A 141 50.53 70.22 -13.28
N ILE A 142 49.94 70.24 -12.08
CA ILE A 142 50.60 70.88 -10.94
C ILE A 142 51.90 70.16 -10.61
N MET A 143 51.88 68.83 -10.69
CA MET A 143 53.09 68.06 -10.40
C MET A 143 54.16 68.31 -11.45
N GLU A 144 53.77 68.36 -12.73
CA GLU A 144 54.75 68.67 -13.76
C GLU A 144 55.37 70.05 -13.55
N GLU A 145 54.53 71.04 -13.26
CA GLU A 145 55.05 72.39 -13.04
C GLU A 145 55.94 72.45 -11.80
N LEU A 146 55.56 71.65 -10.80
CA LEU A 146 56.34 71.56 -9.52
C LEU A 146 57.74 71.07 -9.88
N ASP A 147 57.82 69.99 -10.67
CA ASP A 147 59.11 69.45 -11.10
C ASP A 147 59.90 70.50 -11.86
N LYS A 148 59.23 71.25 -12.73
CA LYS A 148 59.93 72.30 -13.48
C LYS A 148 60.48 73.36 -12.54
N VAL A 149 59.74 73.72 -11.50
CA VAL A 149 60.20 74.71 -10.53
C VAL A 149 61.43 74.20 -9.81
N TYR A 150 61.41 72.93 -9.39
CA TYR A 150 62.59 72.36 -8.74
C TYR A 150 63.79 72.32 -9.68
N ASN A 151 63.54 72.01 -10.96
CA ASN A 151 64.61 72.00 -11.94
C ASN A 151 65.21 73.39 -12.12
N ARG A 152 64.36 74.43 -12.16
CA ARG A 152 64.86 75.79 -12.26
C ARG A 152 65.71 76.14 -11.04
N ALA A 153 65.26 75.74 -9.84
CA ALA A 153 66.01 76.06 -8.64
C ALA A 153 67.38 75.40 -8.65
N ILE A 154 67.43 74.11 -8.99
CA ILE A 154 68.72 73.42 -8.99
C ILE A 154 69.61 73.92 -10.12
N LYS A 155 69.02 74.30 -11.25
CA LYS A 155 69.82 74.86 -12.33
C LYS A 155 70.43 76.19 -11.92
N ALA A 156 69.65 77.04 -11.24
CA ALA A 156 70.19 78.30 -10.74
C ALA A 156 71.31 78.05 -9.73
N ALA A 157 71.12 77.09 -8.83
CA ALA A 157 72.14 76.80 -7.84
C ALA A 157 73.43 76.31 -8.50
N LYS A 158 73.31 75.35 -9.43
CA LYS A 158 74.50 74.83 -10.11
C LYS A 158 75.19 75.92 -10.93
N SER A 159 74.41 76.78 -11.60
CA SER A 159 75.02 77.86 -12.36
C SER A 159 75.75 78.83 -11.46
N ALA A 160 75.19 79.11 -10.27
CA ALA A 160 75.90 79.93 -9.30
C ALA A 160 77.19 79.25 -8.85
N ARG A 161 77.15 77.92 -8.69
CA ARG A 161 78.37 77.19 -8.35
C ARG A 161 79.38 77.26 -9.48
N ASP A 162 78.92 77.18 -10.73
CA ASP A 162 79.81 77.21 -11.88
C ASP A 162 80.02 78.63 -12.40
N PRO A 194 56.30 81.36 -11.04
CA PRO A 194 55.41 80.64 -10.12
C PRO A 194 54.02 80.39 -10.72
N ILE A 195 53.97 79.82 -11.93
CA ILE A 195 52.68 79.60 -12.56
C ILE A 195 51.88 78.58 -11.76
N VAL A 196 52.54 77.54 -11.25
CA VAL A 196 51.84 76.54 -10.46
C VAL A 196 51.39 77.15 -9.13
N GLU A 197 52.19 78.04 -8.56
CA GLU A 197 51.78 78.70 -7.32
C GLU A 197 50.55 79.56 -7.54
N GLN A 198 50.51 80.26 -8.67
CA GLN A 198 49.35 81.11 -8.95
C GLN A 198 48.12 80.27 -9.29
N TYR A 199 48.32 79.12 -9.94
CA TYR A 199 47.20 78.22 -10.15
C TYR A 199 46.66 77.70 -8.83
N LEU A 200 47.54 77.42 -7.88
CA LEU A 200 47.10 77.04 -6.55
C LEU A 200 46.31 78.15 -5.89
N LYS A 201 46.80 79.38 -6.00
CA LYS A 201 46.08 80.53 -5.47
C LYS A 201 44.71 80.64 -6.12
N THR A 202 44.61 80.29 -7.40
CA THR A 202 43.34 80.32 -8.09
C THR A 202 42.38 79.27 -7.55
N LYS A 203 42.87 78.04 -7.41
CA LYS A 203 42.05 76.97 -6.85
C LYS A 203 41.58 77.31 -5.44
N LYS A 204 42.34 78.12 -4.71
CA LYS A 204 41.91 78.55 -3.38
C LYS A 204 40.55 79.25 -3.40
N ASN A 205 40.08 79.67 -4.58
CA ASN A 205 38.86 80.46 -4.69
C ASN A 205 37.62 79.59 -4.88
N SER A 206 37.64 78.72 -5.89
CA SER A 206 36.47 77.95 -6.25
C SER A 206 36.18 76.87 -5.21
N ASN A 207 34.91 76.49 -5.10
CA ASN A 207 34.48 75.48 -4.15
C ASN A 207 33.56 74.45 -4.79
N ASN A 208 33.66 74.26 -6.10
CA ASN A 208 32.86 73.23 -6.76
C ASN A 208 33.30 71.84 -6.34
N LEU A 209 34.63 71.61 -6.45
CA LEU A 209 35.25 70.29 -6.14
C LEU A 209 35.02 69.89 -4.68
N ILE A 210 34.93 70.85 -3.76
CA ILE A 210 34.76 70.47 -2.35
C ILE A 210 33.30 70.20 -2.03
N ILE A 211 32.37 70.95 -2.63
CA ILE A 211 30.98 70.61 -2.34
C ILE A 211 30.63 69.29 -2.98
N LYS A 212 31.19 68.98 -4.14
CA LYS A 212 30.97 67.64 -4.70
C LYS A 212 31.50 66.57 -3.76
N TYR A 213 32.71 66.78 -3.22
CA TYR A 213 33.32 65.78 -2.36
C TYR A 213 32.51 65.56 -1.10
N ILE A 214 32.21 66.63 -0.36
CA ILE A 214 31.45 66.46 0.87
C ILE A 214 30.04 66.00 0.57
N SER A 215 29.50 66.25 -0.62
CA SER A 215 28.17 65.73 -0.92
C SER A 215 28.21 64.21 -1.09
N CYS A 216 29.20 63.70 -1.80
CA CYS A 216 29.33 62.24 -1.87
C CYS A 216 29.59 61.64 -0.49
N ARG A 217 30.44 62.26 0.32
CA ARG A 217 30.69 61.73 1.66
C ARG A 217 29.43 61.77 2.50
N LEU A 218 28.65 62.84 2.38
CA LEU A 218 27.45 62.97 3.19
C LEU A 218 26.40 61.95 2.77
N LEU A 219 26.29 61.70 1.47
CA LEU A 219 25.35 60.66 1.03
C LEU A 219 25.80 59.29 1.48
N THR A 220 27.10 59.03 1.46
CA THR A 220 27.57 57.74 1.98
C THR A 220 27.23 57.61 3.45
N LEU A 221 27.42 58.68 4.23
CA LEU A 221 27.09 58.61 5.64
C LEU A 221 25.60 58.42 5.86
N ILE A 222 24.78 59.09 5.07
CA ILE A 222 23.34 58.98 5.24
C ILE A 222 22.88 57.57 4.92
N ILE A 223 23.40 57.00 3.82
CA ILE A 223 23.00 55.65 3.44
C ILE A 223 23.50 54.64 4.45
N ILE A 224 24.70 54.85 4.99
CA ILE A 224 25.21 53.93 6.00
C ILE A 224 24.36 54.00 7.27
N LEU A 225 23.90 55.19 7.64
CA LEU A 225 23.07 55.30 8.83
C LEU A 225 21.72 54.67 8.60
N LEU A 226 21.15 54.85 7.42
CA LEU A 226 19.88 54.21 7.11
C LEU A 226 20.03 52.69 7.10
N ALA A 227 21.14 52.19 6.58
CA ALA A 227 21.38 50.76 6.58
C ALA A 227 21.56 50.24 8.00
N CYS A 228 22.24 51.00 8.85
CA CYS A 228 22.36 50.61 10.24
C CYS A 228 21.01 50.53 10.91
N ILE A 229 20.15 51.51 10.66
CA ILE A 229 18.82 51.48 11.25
C ILE A 229 18.07 50.25 10.78
N TYR A 230 18.11 49.98 9.47
CA TYR A 230 17.39 48.83 8.96
C TYR A 230 17.92 47.52 9.53
N LEU A 231 19.23 47.38 9.60
CA LEU A 231 19.80 46.13 10.10
C LEU A 231 19.56 45.96 11.58
N GLY A 232 19.58 47.05 12.34
CA GLY A 232 19.26 46.96 13.74
C GLY A 232 17.81 46.56 13.95
N TYR A 233 16.92 47.07 13.11
CA TYR A 233 15.54 46.64 13.19
C TYR A 233 15.43 45.15 12.85
N TYR A 234 16.08 44.74 11.77
CA TYR A 234 15.92 43.37 11.29
C TYR A 234 16.47 42.37 12.30
N PHE A 235 17.63 42.65 12.86
CA PHE A 235 18.18 41.77 13.88
C PHE A 235 17.31 41.71 15.11
N SER A 236 16.52 42.74 15.37
CA SER A 236 15.64 42.77 16.52
C SER A 236 14.35 42.00 16.31
N LEU A 237 14.15 41.40 15.13
CA LEU A 237 12.94 40.63 14.90
C LEU A 237 12.86 39.45 15.86
N SER A 238 11.64 38.92 16.00
CA SER A 238 11.32 38.02 17.11
C SER A 238 12.05 36.69 17.06
N SER A 239 12.65 36.34 15.93
CA SER A 239 13.37 35.08 15.74
C SER A 239 12.42 33.89 15.71
N LEU A 240 11.15 34.14 16.01
CA LEU A 240 10.07 33.21 15.71
C LEU A 240 9.19 33.76 14.60
N SER A 241 9.54 34.91 14.05
CA SER A 241 8.79 35.49 12.95
C SER A 241 8.97 34.70 11.67
N ASP A 242 9.91 33.76 11.65
CA ASP A 242 10.09 32.90 10.49
C ASP A 242 9.06 31.77 10.42
N GLU A 243 8.28 31.58 11.47
CA GLU A 243 7.20 30.61 11.48
C GLU A 243 5.90 31.34 11.19
N PHE A 244 5.24 30.99 10.10
CA PHE A 244 3.95 31.56 9.79
C PHE A 244 3.01 30.46 9.34
N VAL A 245 1.73 30.69 9.56
CA VAL A 245 0.69 29.75 9.17
C VAL A 245 0.14 30.17 7.82
N CYS A 246 0.07 29.23 6.89
CA CYS A 246 -0.29 29.51 5.51
C CYS A 246 -1.46 28.60 5.12
N SER A 247 -2.34 29.11 4.26
CA SER A 247 -3.57 28.41 3.90
C SER A 247 -3.76 28.44 2.40
N ILE A 248 -3.72 27.27 1.76
CA ILE A 248 -3.97 27.18 0.31
C ILE A 248 -5.46 26.88 0.15
N LYS A 249 -6.27 27.91 0.29
CA LYS A 249 -7.70 27.70 0.17
C LYS A 249 -8.37 28.81 -0.62
N SER A 250 -7.69 29.30 -1.63
CA SER A 250 -8.31 30.24 -2.56
C SER A 250 -8.76 29.49 -3.80
N GLY A 251 -9.75 30.07 -4.47
CA GLY A 251 -10.19 29.43 -5.69
C GLY A 251 -10.96 28.15 -5.41
N ILE A 252 -10.82 27.19 -6.32
CA ILE A 252 -11.58 25.95 -6.22
C ILE A 252 -11.13 25.08 -5.08
N LEU A 253 -9.99 25.35 -4.47
CA LEU A 253 -9.59 24.57 -3.32
C LEU A 253 -10.35 24.96 -2.07
N ARG A 254 -11.13 26.02 -2.13
CA ARG A 254 -11.92 26.43 -0.96
C ARG A 254 -12.90 25.35 -0.58
N ALA A 255 -13.50 24.73 -1.59
CA ALA A 255 -14.51 23.66 -1.39
C ALA A 255 -13.82 22.31 -1.15
N ASP A 256 -12.50 22.24 -1.37
CA ASP A 256 -11.72 20.98 -1.20
C ASP A 256 -11.56 20.62 0.28
N SER A 257 -12.10 19.47 0.71
CA SER A 257 -12.03 19.03 2.13
C SER A 257 -10.80 18.16 2.42
N THR A 258 -10.06 17.73 1.39
CA THR A 258 -8.86 16.88 1.62
C THR A 258 -7.68 17.75 2.04
N VAL A 259 -7.82 19.06 1.86
CA VAL A 259 -6.81 20.07 2.19
C VAL A 259 -7.10 20.61 3.59
N PRO A 260 -6.15 20.52 4.51
CA PRO A 260 -6.35 21.12 5.83
C PRO A 260 -6.51 22.62 5.74
N ASP A 261 -7.05 23.20 6.81
CA ASP A 261 -7.36 24.62 6.79
C ASP A 261 -6.11 25.46 6.70
N GLN A 262 -5.02 25.02 7.29
CA GLN A 262 -3.81 25.82 7.32
C GLN A 262 -2.60 24.94 7.57
N PHE A 263 -1.44 25.41 7.09
CA PHE A 263 -0.19 24.69 7.16
C PHE A 263 0.83 25.47 7.98
N GLN A 264 1.71 24.76 8.66
CA GLN A 264 2.77 25.37 9.45
C GLN A 264 4.03 25.45 8.59
N CYS A 265 4.32 26.64 8.06
CA CYS A 265 5.51 26.84 7.26
C CYS A 265 6.58 27.54 8.08
N LYS A 266 7.83 27.29 7.74
CA LYS A 266 8.96 27.95 8.39
C LYS A 266 9.96 28.41 7.36
N LEU A 267 10.39 29.66 7.48
CA LEU A 267 11.40 30.22 6.59
C LEU A 267 12.77 29.85 7.14
N ILE A 268 13.37 28.80 6.57
CA ILE A 268 14.71 28.45 6.96
C ILE A 268 15.65 29.59 6.60
N ALA A 269 16.82 29.59 7.21
CA ALA A 269 17.87 30.56 6.91
C ALA A 269 17.50 31.97 7.32
N VAL A 270 16.59 32.11 8.27
CA VAL A 270 16.39 33.42 8.87
C VAL A 270 17.34 33.65 10.03
N GLY A 271 17.68 32.60 10.76
CA GLY A 271 18.69 32.75 11.80
C GLY A 271 20.02 33.16 11.22
N ILE A 272 20.38 32.59 10.08
CA ILE A 272 21.60 33.00 9.39
C ILE A 272 21.51 34.45 8.97
N PHE A 273 20.34 34.86 8.47
CA PHE A 273 20.17 36.26 8.06
C PHE A 273 20.37 37.19 9.24
N GLN A 274 19.84 36.82 10.40
CA GLN A 274 19.94 37.72 11.55
C GLN A 274 21.35 37.76 12.10
N LEU A 275 22.05 36.63 12.10
CA LEU A 275 23.44 36.65 12.50
C LEU A 275 24.29 37.50 11.55
N LEU A 276 24.07 37.36 10.26
CA LEU A 276 24.85 38.15 9.32
C LEU A 276 24.47 39.61 9.38
N SER A 277 23.20 39.85 9.74
CA SER A 277 22.66 41.22 9.90
C SER A 277 23.36 41.92 11.06
N VAL A 278 23.62 41.20 12.17
CA VAL A 278 24.30 41.85 13.29
C VAL A 278 25.77 42.06 12.95
N ILE A 279 26.37 41.15 12.17
CA ILE A 279 27.75 41.37 11.75
C ILE A 279 27.85 42.63 10.89
N ASN A 280 26.96 42.76 9.92
CA ASN A 280 26.95 43.93 9.06
C ASN A 280 26.72 45.20 9.87
N LEU A 281 25.81 45.16 10.83
CA LEU A 281 25.53 46.34 11.64
C LEU A 281 26.75 46.74 12.45
N VAL A 282 27.47 45.76 12.99
CA VAL A 282 28.68 46.08 13.74
C VAL A 282 29.69 46.78 12.85
N VAL A 283 29.94 46.20 11.66
CA VAL A 283 30.94 46.82 10.79
C VAL A 283 30.51 48.20 10.34
N TYR A 284 29.23 48.40 10.05
CA TYR A 284 28.79 49.70 9.57
C TYR A 284 28.81 50.75 10.67
N VAL A 285 28.50 50.37 11.90
CA VAL A 285 28.56 51.34 12.98
C VAL A 285 30.00 51.63 13.37
N LEU A 286 30.94 50.74 13.04
CA LEU A 286 32.34 51.10 13.18
C LEU A 286 32.81 51.96 12.02
N LEU A 287 32.18 51.83 10.86
CA LEU A 287 32.61 52.55 9.68
C LEU A 287 32.10 53.98 9.66
N ALA A 288 30.91 54.23 10.23
CA ALA A 288 30.36 55.57 10.20
C ALA A 288 31.28 56.64 10.80
N PRO A 289 31.96 56.42 11.93
CA PRO A 289 32.88 57.45 12.42
C PRO A 289 33.98 57.77 11.44
N VAL A 290 34.43 56.79 10.66
CA VAL A 290 35.47 57.06 9.67
C VAL A 290 34.97 58.02 8.61
N VAL A 291 33.73 57.81 8.15
CA VAL A 291 33.16 58.71 7.17
C VAL A 291 33.01 60.10 7.75
N VAL A 292 32.54 60.20 8.99
CA VAL A 292 32.41 61.51 9.61
C VAL A 292 33.75 62.20 9.71
N TYR A 293 34.80 61.44 10.02
CA TYR A 293 36.12 62.05 10.13
C TYR A 293 36.59 62.56 8.77
N THR A 294 36.39 61.77 7.72
CA THR A 294 36.73 62.25 6.38
C THR A 294 35.95 63.51 6.02
N LEU A 295 34.78 63.68 6.63
CA LEU A 295 33.97 64.85 6.30
C LEU A 295 34.68 66.16 6.62
N PHE A 296 35.64 66.16 7.55
CA PHE A 296 36.38 67.37 7.90
C PHE A 296 37.65 67.44 7.06
N VAL A 297 37.50 67.94 5.85
CA VAL A 297 38.63 67.97 4.91
C VAL A 297 39.75 68.92 5.34
N PRO A 298 39.50 70.09 5.95
CA PRO A 298 40.66 70.91 6.33
C PRO A 298 41.47 70.27 7.44
N PHE A 299 40.80 69.70 8.44
CA PHE A 299 41.50 69.07 9.55
C PHE A 299 42.46 67.98 9.07
N ARG A 300 42.11 67.28 8.00
CA ARG A 300 42.97 66.21 7.52
C ARG A 300 44.20 66.73 6.78
N GLN A 301 44.17 67.97 6.31
CA GLN A 301 45.32 68.53 5.61
C GLN A 301 46.45 68.70 6.61
N LYS A 302 47.40 67.77 6.60
CA LYS A 302 48.49 67.78 7.56
C LYS A 302 49.75 67.29 6.85
N THR A 303 50.89 67.49 7.52
CA THR A 303 52.20 67.14 6.98
C THR A 303 52.42 67.76 5.59
N ASP A 304 52.43 69.09 5.60
CA ASP A 304 52.44 69.86 4.35
C ASP A 304 53.60 69.47 3.44
N VAL A 305 53.28 68.89 2.30
CA VAL A 305 54.30 68.62 1.29
C VAL A 305 54.79 69.92 0.69
N LEU A 306 53.91 70.92 0.59
CA LEU A 306 54.32 72.21 0.05
C LEU A 306 55.43 72.84 0.89
N LYS A 307 55.49 72.52 2.18
CA LYS A 307 56.53 73.09 3.03
C LYS A 307 57.92 72.69 2.55
N VAL A 308 58.07 71.47 2.06
CA VAL A 308 59.36 71.00 1.56
C VAL A 308 59.84 71.89 0.43
N TYR A 309 58.97 72.15 -0.54
CA TYR A 309 59.37 73.00 -1.66
C TYR A 309 59.50 74.45 -1.23
N GLU A 310 58.74 74.86 -0.21
CA GLU A 310 58.91 76.18 0.37
C GLU A 310 60.31 76.36 0.93
N ILE A 311 60.90 75.28 1.43
CA ILE A 311 62.29 75.34 1.89
C ILE A 311 63.21 75.73 0.75
N LEU A 312 62.91 75.31 -0.47
CA LEU A 312 63.68 75.72 -1.62
C LEU A 312 63.55 77.24 -1.81
N PRO A 313 64.64 77.93 -2.14
CA PRO A 313 64.56 79.40 -2.24
C PRO A 313 63.73 79.89 -3.42
N THR A 314 63.85 79.25 -4.58
CA THR A 314 63.21 79.76 -5.79
C THR A 314 61.69 79.78 -5.62
N PHE A 315 61.11 78.71 -5.09
CA PHE A 315 59.69 78.70 -4.80
C PHE A 315 59.40 79.61 -3.63
N ASP A 316 58.22 80.22 -3.65
CA ASP A 316 57.82 81.10 -2.56
C ASP A 316 57.78 80.34 -1.25
N VAL A 317 58.37 80.94 -0.21
CA VAL A 317 58.49 80.24 1.06
C VAL A 317 57.22 80.50 1.85
N LEU A 318 56.18 79.74 1.53
CA LEU A 318 54.92 79.77 2.25
C LEU A 318 54.21 78.46 2.00
N HIS A 319 53.49 77.98 3.01
CA HIS A 319 52.59 76.86 2.78
C HIS A 319 51.47 77.28 1.85
N PHE A 320 50.86 78.44 2.10
CA PHE A 320 49.80 79.01 1.27
C PHE A 320 48.73 77.99 0.94
N LYS A 321 48.55 77.00 1.82
CA LYS A 321 47.60 75.92 1.54
C LYS A 321 47.14 75.34 2.88
N SER A 322 45.97 75.79 3.33
CA SER A 322 45.31 75.30 4.55
C SER A 322 44.06 76.15 4.78
N GLU A 323 43.31 75.77 5.81
CA GLU A 323 42.35 76.63 6.48
C GLU A 323 41.29 77.18 5.51
N GLY A 324 40.47 76.25 5.01
CA GLY A 324 39.36 76.68 4.22
C GLY A 324 38.50 75.55 3.68
N TYR A 325 37.20 75.81 3.56
CA TYR A 325 36.30 74.91 2.85
C TYR A 325 36.29 75.25 1.37
N ASN A 326 37.46 75.11 0.77
CA ASN A 326 37.70 75.49 -0.62
C ASN A 326 38.46 74.37 -1.30
N ASP A 327 38.44 74.40 -2.64
CA ASP A 327 39.07 73.34 -3.41
C ASP A 327 40.56 73.21 -3.12
N LEU A 328 41.17 74.23 -2.52
CA LEU A 328 42.58 74.15 -2.19
C LEU A 328 42.85 73.05 -1.17
N SER A 329 41.96 72.89 -0.20
CA SER A 329 42.16 71.83 0.78
C SER A 329 42.07 70.47 0.14
N LEU A 330 41.10 70.28 -0.75
CA LEU A 330 41.02 69.03 -1.50
C LEU A 330 42.30 68.78 -2.27
N TYR A 331 42.78 69.79 -2.98
CA TYR A 331 43.99 69.61 -3.76
C TYR A 331 45.17 69.31 -2.86
N ASN A 332 45.17 69.85 -1.65
CA ASN A 332 46.23 69.52 -0.70
C ASN A 332 46.19 68.05 -0.33
N LEU A 333 45.00 67.53 -0.03
CA LEU A 333 44.90 66.13 0.30
C LEU A 333 45.35 65.25 -0.86
N PHE A 334 44.89 65.57 -2.07
CA PHE A 334 45.24 64.74 -3.21
C PHE A 334 46.71 64.89 -3.57
N LEU A 335 47.31 66.04 -3.26
CA LEU A 335 48.74 66.21 -3.46
C LEU A 335 49.53 65.37 -2.49
N GLU A 336 49.14 65.41 -1.21
CA GLU A 336 49.77 64.53 -0.24
C GLU A 336 49.65 63.08 -0.67
N GLU A 337 48.55 62.73 -1.35
CA GLU A 337 48.37 61.35 -1.74
C GLU A 337 49.26 60.97 -2.93
N ASN A 338 49.11 61.67 -4.06
CA ASN A 338 49.85 61.32 -5.27
C ASN A 338 51.24 61.92 -5.32
N ILE A 339 51.74 62.46 -4.21
CA ILE A 339 53.02 63.16 -4.25
C ILE A 339 54.21 62.22 -4.23
N SER A 340 54.04 60.98 -3.80
CA SER A 340 55.17 60.07 -3.71
C SER A 340 55.68 59.65 -5.08
N GLU A 341 54.86 59.80 -6.13
CA GLU A 341 55.27 59.31 -7.43
C GLU A 341 56.32 60.18 -8.09
N VAL A 342 56.39 61.47 -7.73
CA VAL A 342 57.40 62.36 -8.30
C VAL A 342 58.71 62.21 -7.53
N LYS A 343 59.78 61.91 -8.26
CA LYS A 343 61.07 61.70 -7.64
C LYS A 343 61.65 63.00 -7.08
N SER A 344 61.31 64.13 -7.70
CA SER A 344 61.80 65.42 -7.20
C SER A 344 61.37 65.65 -5.77
N TYR A 345 60.11 65.33 -5.44
CA TYR A 345 59.67 65.44 -4.06
C TYR A 345 60.50 64.55 -3.17
N LYS A 346 60.78 63.33 -3.60
CA LYS A 346 61.56 62.41 -2.78
C LYS A 346 62.91 62.99 -2.44
N CYS A 347 63.59 63.55 -3.45
CA CYS A 347 64.90 64.14 -3.19
C CYS A 347 64.80 65.32 -2.24
N LEU A 348 63.81 66.18 -2.45
CA LEU A 348 63.71 67.36 -1.60
C LEU A 348 63.34 66.97 -0.17
N LYS A 349 62.56 65.91 -0.01
CA LYS A 349 62.18 65.44 1.32
C LYS A 349 63.38 64.87 2.07
N VAL A 350 64.20 64.09 1.39
CA VAL A 350 65.39 63.57 2.08
C VAL A 350 66.35 64.70 2.41
N LEU A 351 66.44 65.71 1.53
CA LEU A 351 67.21 66.91 1.89
C LEU A 351 66.65 67.60 3.13
N GLU A 352 65.31 67.69 3.23
CA GLU A 352 64.72 68.32 4.41
C GLU A 352 64.99 67.50 5.66
N ASN A 353 65.00 66.18 5.54
CA ASN A 353 65.33 65.33 6.67
C ASN A 353 66.78 65.54 7.10
N ILE A 354 67.69 65.67 6.13
CA ILE A 354 69.08 65.96 6.45
C ILE A 354 69.18 67.32 7.13
N LYS A 355 68.36 68.28 6.69
CA LYS A 355 68.26 69.54 7.38
C LYS A 355 67.82 69.35 8.82
N SER A 356 66.89 68.43 9.04
CA SER A 356 66.51 68.07 10.41
C SER A 356 67.71 67.53 11.16
N SER A 357 68.53 66.70 10.50
CA SER A 357 69.82 66.30 11.07
C SER A 357 70.76 67.50 11.16
N GLY A 358 70.71 68.38 10.17
CA GLY A 358 71.48 69.61 10.19
C GLY A 358 72.98 69.42 10.10
N GLN A 359 73.44 68.66 9.11
CA GLN A 359 74.86 68.40 8.94
C GLN A 359 75.49 69.27 7.86
N GLY A 360 74.96 69.22 6.64
CA GLY A 360 75.53 69.97 5.54
C GLY A 360 74.76 71.22 5.16
N ILE A 361 74.33 71.28 3.89
CA ILE A 361 73.60 72.42 3.37
C ILE A 361 72.68 71.93 2.26
N ASP A 362 71.60 72.69 2.02
CA ASP A 362 70.64 72.27 1.00
C ASP A 362 71.21 72.31 -0.41
N PRO A 363 71.75 73.43 -0.91
CA PRO A 363 72.12 73.45 -2.34
C PRO A 363 73.27 72.53 -2.67
N MET A 364 74.26 72.40 -1.78
CA MET A 364 75.41 71.56 -2.09
C MET A 364 75.00 70.10 -2.24
N LEU A 365 74.26 69.57 -1.26
CA LEU A 365 73.81 68.20 -1.34
C LEU A 365 72.79 67.99 -2.45
N LEU A 366 72.03 69.03 -2.79
CA LEU A 366 71.10 68.93 -3.92
C LEU A 366 71.87 68.77 -5.24
N LEU A 367 72.92 69.58 -5.42
CA LEU A 367 73.76 69.43 -6.60
C LEU A 367 74.46 68.08 -6.61
N THR A 368 74.83 67.58 -5.43
CA THR A 368 75.44 66.25 -5.35
C THR A 368 74.45 65.15 -5.73
N ASN A 369 73.18 65.31 -5.35
CA ASN A 369 72.13 64.34 -5.64
C ASN A 369 72.13 63.89 -7.10
N LEU A 370 71.97 64.85 -8.03
CA LEU A 370 71.93 64.57 -9.46
C LEU A 370 70.76 63.65 -9.80
N GLY A 371 69.56 64.15 -9.49
CA GLY A 371 68.32 63.45 -9.69
C GLY A 371 67.32 64.20 -10.56
N MET A 372 67.82 64.84 -11.62
CA MET A 372 66.95 65.61 -12.52
C MET A 372 65.89 64.73 -13.17
N ILE A 373 66.29 63.52 -13.60
CA ILE A 373 65.36 62.61 -14.24
C ILE A 373 65.66 61.17 -13.84
N ALA B 2 24.67 33.18 -8.34
CA ALA B 2 24.70 33.89 -7.07
C ALA B 2 24.31 35.33 -7.27
N ILE B 3 23.67 35.92 -6.25
CA ILE B 3 23.20 37.33 -6.29
C ILE B 3 24.39 38.28 -6.40
N ALA B 4 25.52 37.94 -5.75
CA ALA B 4 26.67 38.82 -5.78
C ALA B 4 27.38 38.79 -7.13
N GLN B 5 27.37 37.65 -7.81
CA GLN B 5 27.97 37.59 -9.13
C GLN B 5 27.22 38.48 -10.11
N LEU B 6 25.89 38.43 -10.08
CA LEU B 6 25.11 39.33 -10.92
C LEU B 6 25.42 40.77 -10.57
N ALA B 7 25.55 41.08 -9.29
CA ALA B 7 25.91 42.44 -8.89
C ALA B 7 27.21 42.86 -9.55
N THR B 8 28.28 42.09 -9.34
CA THR B 8 29.56 42.43 -9.95
C THR B 8 29.39 42.65 -11.44
N GLU B 9 28.85 41.64 -12.13
CA GLU B 9 28.77 41.67 -13.58
C GLU B 9 28.02 42.88 -14.11
N TYR B 10 26.94 43.27 -13.44
CA TYR B 10 26.05 44.26 -14.04
C TYR B 10 26.12 45.65 -13.44
N VAL B 11 26.78 45.85 -12.30
CA VAL B 11 27.02 47.19 -11.79
C VAL B 11 28.48 47.48 -11.59
N PHE B 12 29.25 46.52 -11.06
CA PHE B 12 30.62 46.84 -10.70
C PHE B 12 31.60 46.59 -11.84
N SER B 13 31.27 45.69 -12.76
CA SER B 13 32.08 45.57 -13.95
C SER B 13 31.77 46.72 -14.90
N ASP B 14 32.65 46.92 -15.86
CA ASP B 14 32.45 47.96 -16.87
C ASP B 14 31.51 47.45 -17.95
N PHE B 15 30.35 46.94 -17.53
CA PHE B 15 29.37 46.43 -18.48
C PHE B 15 28.86 47.55 -19.35
N LEU B 16 28.96 47.39 -20.66
CA LEU B 16 28.63 48.42 -21.64
C LEU B 16 29.40 49.71 -21.42
N LEU B 17 30.48 49.64 -20.64
CA LEU B 17 31.43 50.72 -20.51
C LEU B 17 32.74 50.40 -21.22
N LYS B 18 32.76 49.35 -22.03
CA LYS B 18 33.96 48.96 -22.74
C LYS B 18 34.29 49.99 -23.81
N GLU B 19 35.51 50.53 -23.74
CA GLU B 19 35.98 51.42 -24.77
C GLU B 19 36.11 50.67 -26.10
N PRO B 20 36.00 51.36 -27.23
CA PRO B 20 36.13 50.67 -28.52
C PRO B 20 37.45 49.92 -28.65
N THR B 21 37.35 48.59 -28.77
CA THR B 21 38.53 47.74 -28.92
C THR B 21 39.03 47.87 -30.36
N GLU B 22 39.67 49.00 -30.63
CA GLU B 22 40.17 49.31 -31.96
C GLU B 22 41.12 50.50 -31.88
N PRO B 23 42.17 50.53 -32.70
CA PRO B 23 43.07 51.70 -32.70
C PRO B 23 42.50 52.90 -33.44
N LYS B 24 41.32 52.78 -34.05
CA LYS B 24 40.73 53.92 -34.75
C LYS B 24 40.25 54.97 -33.76
N PHE B 25 39.54 54.56 -32.72
CA PHE B 25 39.09 55.45 -31.67
C PHE B 25 39.83 55.07 -30.39
N LYS B 26 40.94 55.75 -30.12
CA LYS B 26 41.75 55.53 -28.93
C LYS B 26 41.65 56.78 -28.07
N GLY B 27 40.84 56.72 -27.02
CA GLY B 27 40.61 57.86 -26.16
C GLY B 27 39.58 58.86 -26.64
N LEU B 28 39.09 58.75 -27.88
CA LEU B 28 37.97 59.57 -28.31
C LEU B 28 36.66 58.95 -27.83
N ARG B 29 35.80 59.77 -27.24
CA ARG B 29 34.62 59.22 -26.59
C ARG B 29 33.50 58.91 -27.58
N LEU B 30 33.11 59.89 -28.38
CA LEU B 30 32.05 59.79 -29.38
C LEU B 30 30.68 59.62 -28.78
N GLU B 31 30.55 59.55 -27.47
CA GLU B 31 29.25 59.49 -26.81
C GLU B 31 29.34 60.31 -25.53
N LEU B 32 28.48 61.32 -25.43
CA LEU B 32 28.47 62.15 -24.23
C LEU B 32 28.25 61.30 -22.99
N ALA B 33 28.95 61.65 -21.92
CA ALA B 33 28.93 60.82 -20.71
C ALA B 33 27.51 60.60 -20.21
N VAL B 34 26.68 61.63 -20.26
CA VAL B 34 25.31 61.47 -19.78
C VAL B 34 24.55 60.48 -20.67
N ASP B 35 24.81 60.50 -21.98
CA ASP B 35 24.17 59.53 -22.84
C ASP B 35 24.66 58.12 -22.54
N LYS B 36 25.95 57.98 -22.27
CA LYS B 36 26.49 56.68 -21.94
C LYS B 36 25.84 56.13 -20.68
N MET B 37 25.71 56.95 -19.64
CA MET B 37 25.11 56.45 -18.41
C MET B 37 23.62 56.21 -18.58
N VAL B 38 22.93 57.02 -19.37
CA VAL B 38 21.51 56.78 -19.60
C VAL B 38 21.31 55.45 -20.29
N THR B 39 22.10 55.18 -21.32
CA THR B 39 21.99 53.90 -21.99
C THR B 39 22.34 52.76 -21.05
N CYS B 40 23.43 52.90 -20.30
CA CYS B 40 23.85 51.83 -19.40
C CYS B 40 22.75 51.50 -18.42
N ILE B 41 22.16 52.50 -17.78
CA ILE B 41 21.06 52.22 -16.86
C ILE B 41 19.89 51.61 -17.60
N ALA B 42 19.36 52.32 -18.59
CA ALA B 42 18.12 51.91 -19.23
C ALA B 42 18.22 50.52 -19.84
N VAL B 43 19.41 50.04 -20.16
CA VAL B 43 19.58 48.73 -20.78
C VAL B 43 19.96 47.68 -19.77
N GLY B 44 20.92 47.97 -18.89
CA GLY B 44 21.37 46.97 -17.95
C GLY B 44 20.41 46.72 -16.81
N LEU B 45 19.58 47.69 -16.47
CA LEU B 45 18.66 47.48 -15.35
C LEU B 45 17.65 46.37 -15.63
N PRO B 46 16.96 46.33 -16.76
CA PRO B 46 16.08 45.19 -17.00
C PRO B 46 16.82 43.87 -17.05
N LEU B 47 18.06 43.84 -17.53
CA LEU B 47 18.79 42.58 -17.53
C LEU B 47 19.15 42.14 -16.12
N LEU B 48 19.61 43.08 -15.29
CA LEU B 48 19.90 42.73 -13.91
C LEU B 48 18.63 42.27 -13.20
N LEU B 49 17.50 42.91 -13.51
CA LEU B 49 16.25 42.52 -12.86
C LEU B 49 15.81 41.13 -13.31
N ILE B 50 15.96 40.82 -14.59
CA ILE B 50 15.66 39.48 -15.08
C ILE B 50 16.52 38.46 -14.35
N SER B 51 17.82 38.75 -14.22
CA SER B 51 18.69 37.81 -13.54
C SER B 51 18.32 37.65 -12.08
N LEU B 52 17.86 38.73 -11.45
CA LEU B 52 17.50 38.63 -10.04
C LEU B 52 16.22 37.83 -9.85
N ALA B 53 15.25 37.99 -10.75
CA ALA B 53 13.96 37.33 -10.58
C ALA B 53 14.09 35.82 -10.54
N PHE B 54 15.18 35.26 -11.04
CA PHE B 54 15.39 33.82 -11.02
C PHE B 54 16.67 33.46 -10.30
N ALA B 55 17.16 34.32 -9.41
CA ALA B 55 18.28 33.98 -8.56
C ALA B 55 17.95 32.73 -7.75
N GLN B 56 18.96 31.89 -7.56
CA GLN B 56 18.70 30.60 -6.94
C GLN B 56 18.23 30.73 -5.51
N GLU B 57 18.44 31.88 -4.87
CA GLU B 57 18.04 32.09 -3.50
C GLU B 57 16.70 32.78 -3.35
N ILE B 58 16.10 33.24 -4.44
CA ILE B 58 14.70 33.63 -4.39
C ILE B 58 13.80 32.58 -5.02
N SER B 59 14.28 31.86 -6.03
CA SER B 59 13.46 30.87 -6.70
C SER B 59 13.25 29.67 -5.80
N ILE B 60 11.98 29.29 -5.62
CA ILE B 60 11.67 28.14 -4.81
C ILE B 60 11.81 26.86 -5.61
N GLY B 61 11.67 26.94 -6.92
CA GLY B 61 11.62 25.76 -7.75
C GLY B 61 11.09 26.10 -9.13
N THR B 62 10.08 25.35 -9.56
CA THR B 62 9.43 25.60 -10.83
C THR B 62 8.66 26.91 -10.80
N GLN B 63 8.18 27.31 -11.98
CA GLN B 63 7.39 28.54 -12.10
C GLN B 63 5.90 28.32 -11.91
N ILE B 64 5.43 27.09 -11.95
CA ILE B 64 4.01 26.80 -11.83
C ILE B 64 3.83 25.51 -11.05
N SER B 65 2.76 25.44 -10.28
CA SER B 65 2.40 24.24 -9.55
C SER B 65 0.89 24.17 -9.48
N CYS B 66 0.33 22.97 -9.59
CA CYS B 66 -1.08 22.85 -9.93
C CYS B 66 -1.94 22.02 -8.97
N PHE B 67 -1.37 21.35 -7.98
CA PHE B 67 -2.17 20.64 -6.96
C PHE B 67 -3.13 19.63 -7.59
N SER B 68 -2.54 18.59 -8.15
CA SER B 68 -3.31 17.44 -8.60
C SER B 68 -3.88 16.69 -7.40
N PRO B 69 -4.86 15.79 -7.63
CA PRO B 69 -5.38 14.96 -6.54
C PRO B 69 -4.30 14.06 -5.98
N SER B 70 -4.56 13.57 -4.76
CA SER B 70 -3.62 12.67 -4.11
C SER B 70 -3.56 11.33 -4.81
N SER B 71 -4.63 10.95 -5.51
CA SER B 71 -4.64 9.71 -6.27
C SER B 71 -3.64 9.75 -7.41
N PHE B 72 -3.34 10.93 -7.93
CA PHE B 72 -2.46 11.04 -9.08
C PHE B 72 -1.04 10.58 -8.72
N SER B 73 -0.42 9.87 -9.64
CA SER B 73 0.97 9.50 -9.43
C SER B 73 1.86 10.72 -9.64
N TRP B 74 3.15 10.53 -9.40
CA TRP B 74 4.08 11.63 -9.58
C TRP B 74 4.07 12.12 -11.03
N ARG B 75 4.03 11.19 -11.97
CA ARG B 75 4.11 11.56 -13.37
C ARG B 75 2.81 12.19 -13.85
N GLN B 76 1.68 11.78 -13.31
CA GLN B 76 0.42 12.43 -13.67
C GLN B 76 0.41 13.87 -13.20
N ALA B 77 0.90 14.12 -11.99
CA ALA B 77 1.00 15.49 -11.51
C ALA B 77 1.94 16.29 -12.37
N ALA B 78 3.05 15.69 -12.80
CA ALA B 78 3.95 16.40 -13.70
C ALA B 78 3.26 16.72 -15.02
N PHE B 79 2.44 15.81 -15.51
CA PHE B 79 1.68 16.09 -16.73
C PHE B 79 0.75 17.27 -16.51
N VAL B 80 0.09 17.32 -15.36
CA VAL B 80 -0.83 18.42 -15.11
C VAL B 80 -0.10 19.75 -15.11
N ASP B 81 1.04 19.80 -14.41
CA ASP B 81 1.83 21.03 -14.39
C ASP B 81 2.23 21.45 -15.79
N SER B 82 2.78 20.51 -16.56
CA SER B 82 3.24 20.85 -17.90
C SER B 82 2.10 21.28 -18.79
N TYR B 83 0.96 20.59 -18.72
CA TYR B 83 -0.16 20.94 -19.56
C TYR B 83 -0.66 22.33 -19.24
N CYS B 84 -0.81 22.65 -17.96
CA CYS B 84 -1.35 23.96 -17.63
C CYS B 84 -0.36 25.07 -17.99
N TRP B 85 0.93 24.80 -17.80
CA TRP B 85 1.95 25.75 -18.22
C TRP B 85 1.84 26.04 -19.71
N ALA B 86 1.70 24.99 -20.52
CA ALA B 86 1.55 25.21 -21.94
C ALA B 86 0.18 25.74 -22.30
N ALA B 87 -0.78 25.64 -21.39
CA ALA B 87 -2.15 26.00 -21.65
C ALA B 87 -2.48 27.42 -21.23
N VAL B 88 -1.54 28.14 -20.61
CA VAL B 88 -1.80 29.56 -20.42
C VAL B 88 -1.96 30.27 -21.77
N GLN B 89 -1.52 29.66 -22.87
CA GLN B 89 -1.78 30.25 -24.18
C GLN B 89 -3.16 29.87 -24.71
N GLN B 90 -3.49 28.59 -24.69
CA GLN B 90 -4.79 28.14 -25.21
C GLN B 90 -5.90 28.63 -24.31
N LYS B 91 -6.64 29.64 -24.77
CA LYS B 91 -7.61 30.31 -23.91
C LYS B 91 -8.80 29.43 -23.56
N ASN B 92 -9.06 28.36 -24.33
CA ASN B 92 -10.24 27.56 -24.09
C ASN B 92 -10.13 26.72 -22.83
N SER B 93 -8.92 26.28 -22.48
CA SER B 93 -8.76 25.33 -21.39
C SER B 93 -8.79 26.00 -20.02
N LEU B 94 -8.18 27.17 -19.89
CA LEU B 94 -8.02 27.80 -18.59
C LEU B 94 -9.09 28.86 -18.38
N GLN B 95 -9.55 28.98 -17.14
CA GLN B 95 -10.56 29.97 -16.75
C GLN B 95 -10.02 30.74 -15.56
N SER B 96 -9.75 32.03 -15.75
CA SER B 96 -9.21 32.88 -14.70
C SER B 96 -10.12 34.08 -14.48
N GLU B 97 -10.15 34.57 -13.24
CA GLU B 97 -11.02 35.69 -12.90
C GLU B 97 -10.62 36.96 -13.61
N SER B 98 -9.32 37.20 -13.77
CA SER B 98 -8.82 38.43 -14.39
C SER B 98 -8.88 38.37 -15.91
N GLY B 99 -8.71 37.21 -16.51
CA GLY B 99 -8.62 37.07 -17.95
C GLY B 99 -7.39 36.30 -18.35
N ASN B 100 -7.19 36.18 -19.65
CA ASN B 100 -6.03 35.46 -20.15
C ASN B 100 -4.82 36.36 -20.34
N LEU B 101 -5.04 37.62 -20.64
CA LEU B 101 -3.91 38.54 -20.85
C LEU B 101 -2.98 38.60 -19.65
N PRO B 102 -3.47 38.69 -18.41
CA PRO B 102 -2.52 38.64 -17.30
C PRO B 102 -1.75 37.34 -17.25
N LEU B 103 -2.35 36.23 -17.64
CA LEU B 103 -1.62 34.97 -17.64
C LEU B 103 -0.49 35.00 -18.66
N TRP B 104 -0.79 35.47 -19.87
CA TRP B 104 0.25 35.67 -20.87
C TRP B 104 1.38 36.53 -20.30
N LEU B 105 1.02 37.64 -19.68
CA LEU B 105 2.02 38.58 -19.18
C LEU B 105 2.84 37.96 -18.07
N HIS B 106 2.24 37.10 -17.26
CA HIS B 106 2.97 36.48 -16.17
C HIS B 106 3.92 35.42 -16.68
N LYS B 107 3.55 34.71 -17.73
CA LYS B 107 4.46 33.69 -18.26
C LYS B 107 5.65 34.33 -18.94
N PHE B 108 5.43 35.40 -19.71
CA PHE B 108 6.46 35.97 -20.57
C PHE B 108 7.04 37.27 -20.04
N PHE B 109 7.02 37.47 -18.74
CA PHE B 109 7.65 38.67 -18.19
C PHE B 109 9.12 38.77 -18.52
N PRO B 110 9.95 37.73 -18.38
CA PRO B 110 11.36 37.88 -18.75
C PRO B 110 11.55 38.25 -20.20
N TYR B 111 10.77 37.67 -21.10
CA TYR B 111 10.91 38.00 -22.51
C TYR B 111 10.57 39.44 -22.77
N ILE B 112 9.55 39.97 -22.10
CA ILE B 112 9.17 41.35 -22.34
C ILE B 112 10.23 42.29 -21.80
N LEU B 113 10.79 41.99 -20.65
CA LEU B 113 11.87 42.84 -20.15
C LEU B 113 13.06 42.81 -21.08
N LEU B 114 13.42 41.63 -21.59
CA LEU B 114 14.56 41.57 -22.51
C LEU B 114 14.25 42.30 -23.80
N LEU B 115 13.00 42.25 -24.25
CA LEU B 115 12.62 43.01 -25.44
C LEU B 115 12.80 44.49 -25.20
N PHE B 116 12.44 44.96 -24.01
CA PHE B 116 12.66 46.37 -23.71
C PHE B 116 14.14 46.71 -23.67
N ALA B 117 14.95 45.81 -23.11
CA ALA B 117 16.39 46.05 -23.10
C ALA B 117 16.94 46.19 -24.51
N ILE B 118 16.51 45.31 -25.42
CA ILE B 118 17.01 45.36 -26.78
C ILE B 118 16.54 46.63 -27.47
N LEU B 119 15.27 46.96 -27.33
CA LEU B 119 14.76 48.17 -27.98
C LEU B 119 15.45 49.41 -27.45
N LEU B 120 15.83 49.42 -26.18
CA LEU B 120 16.55 50.56 -25.64
C LEU B 120 18.01 50.56 -26.06
N TYR B 121 18.55 49.41 -26.40
CA TYR B 121 19.90 49.33 -26.91
C TYR B 121 20.01 49.72 -28.37
N LEU B 122 18.90 49.65 -29.11
CA LEU B 122 18.96 49.91 -30.54
C LEU B 122 19.39 51.34 -30.89
N PRO B 123 18.83 52.40 -30.32
CA PRO B 123 19.22 53.75 -30.74
C PRO B 123 20.69 54.05 -30.50
N PRO B 124 21.26 53.67 -29.35
CA PRO B 124 22.71 53.85 -29.20
C PRO B 124 23.50 53.06 -30.22
N LEU B 125 23.02 51.89 -30.63
CA LEU B 125 23.70 51.14 -31.67
C LEU B 125 23.66 51.89 -32.99
N PHE B 126 22.50 52.45 -33.35
CA PHE B 126 22.41 53.19 -34.59
C PHE B 126 23.31 54.41 -34.55
N TRP B 127 23.43 55.04 -33.40
CA TRP B 127 24.35 56.17 -33.29
C TRP B 127 25.79 55.70 -33.44
N ARG B 128 26.15 54.60 -32.80
CA ARG B 128 27.53 54.13 -32.82
C ARG B 128 27.94 53.67 -34.21
N PHE B 129 27.00 53.17 -35.00
CA PHE B 129 27.38 52.62 -36.30
C PHE B 129 27.09 53.55 -37.47
N ALA B 130 26.13 54.45 -37.34
CA ALA B 130 25.79 55.33 -38.45
C ALA B 130 26.53 56.66 -38.40
N ALA B 131 26.56 57.33 -37.26
CA ALA B 131 27.07 58.69 -37.18
C ALA B 131 28.33 58.84 -36.35
N ALA B 132 28.78 57.79 -35.69
CA ALA B 132 29.97 57.92 -34.86
C ALA B 132 31.24 58.18 -35.67
N PRO B 133 31.51 57.45 -36.76
CA PRO B 133 32.81 57.65 -37.43
C PRO B 133 32.97 59.05 -38.01
N HIS B 134 31.90 59.62 -38.53
CA HIS B 134 31.97 60.96 -39.09
C HIS B 134 32.45 61.95 -38.05
N ILE B 135 31.81 61.94 -36.88
CA ILE B 135 32.16 62.91 -35.85
C ILE B 135 33.51 62.56 -35.26
N CYS B 136 33.87 61.29 -35.19
CA CYS B 136 35.19 60.95 -34.69
C CYS B 136 36.28 61.57 -35.55
N SER B 137 36.18 61.39 -36.87
CA SER B 137 37.18 61.94 -37.76
C SER B 137 37.21 63.46 -37.69
N ASP B 138 36.03 64.08 -37.71
CA ASP B 138 35.99 65.54 -37.69
C ASP B 138 36.56 66.10 -36.40
N LEU B 139 36.15 65.55 -35.26
CA LEU B 139 36.64 66.03 -33.98
C LEU B 139 38.13 65.84 -33.86
N LYS B 140 38.65 64.68 -34.30
CA LYS B 140 40.09 64.46 -34.20
C LYS B 140 40.85 65.45 -35.06
N PHE B 141 40.36 65.69 -36.29
CA PHE B 141 41.00 66.66 -37.15
C PHE B 141 40.95 68.06 -36.56
N ILE B 142 39.80 68.42 -35.97
CA ILE B 142 39.65 69.75 -35.40
C ILE B 142 40.62 69.93 -34.24
N MET B 143 40.79 68.89 -33.42
CA MET B 143 41.72 68.99 -32.31
C MET B 143 43.16 69.11 -32.79
N GLU B 144 43.53 68.34 -33.81
CA GLU B 144 44.88 68.48 -34.37
C GLU B 144 45.11 69.89 -34.90
N GLU B 145 44.15 70.42 -35.65
CA GLU B 145 44.31 71.76 -36.20
C GLU B 145 44.35 72.81 -35.08
N LEU B 146 43.57 72.55 -34.03
CA LEU B 146 43.53 73.45 -32.84
C LEU B 146 44.94 73.52 -32.25
N ASP B 147 45.57 72.35 -32.06
CA ASP B 147 46.93 72.28 -31.53
C ASP B 147 47.88 73.04 -32.44
N LYS B 148 47.72 72.88 -33.75
CA LYS B 148 48.59 73.59 -34.68
C LYS B 148 48.42 75.11 -34.56
N VAL B 149 47.19 75.56 -34.35
CA VAL B 149 46.93 76.98 -34.19
C VAL B 149 47.61 77.50 -32.93
N TYR B 150 47.51 76.75 -31.83
CA TYR B 150 48.19 77.16 -30.60
C TYR B 150 49.70 77.18 -30.79
N ASN B 151 50.23 76.20 -31.53
CA ASN B 151 51.66 76.17 -31.79
C ASN B 151 52.10 77.38 -32.61
N ARG B 152 51.29 77.77 -33.60
CA ARG B 152 51.60 78.96 -34.38
C ARG B 152 51.60 80.20 -33.50
N ALA B 153 50.62 80.30 -32.59
CA ALA B 153 50.55 81.47 -31.72
C ALA B 153 51.76 81.56 -30.81
N ILE B 154 52.14 80.45 -30.18
CA ILE B 154 53.28 80.48 -29.27
C ILE B 154 54.58 80.70 -30.04
N LYS B 155 54.67 80.15 -31.25
CA LYS B 155 55.86 80.38 -32.06
C LYS B 155 56.00 81.85 -32.44
N ALA B 156 54.87 82.49 -32.81
CA ALA B 156 54.91 83.91 -33.09
C ALA B 156 55.30 84.72 -31.86
N ALA B 157 54.76 84.35 -30.70
CA ALA B 157 55.09 85.08 -29.48
C ALA B 157 56.57 84.94 -29.14
N LYS B 158 57.10 83.71 -29.18
CA LYS B 158 58.51 83.49 -28.88
C LYS B 158 59.41 84.20 -29.89
N SER B 159 59.04 84.17 -31.17
CA SER B 159 59.84 84.87 -32.18
C SER B 159 59.84 86.37 -31.94
N ALA B 160 58.69 86.93 -31.53
CA ALA B 160 58.65 88.33 -31.15
C ALA B 160 59.55 88.60 -29.95
N ARG B 161 59.58 87.67 -29.00
CA ARG B 161 60.48 87.81 -27.85
C ARG B 161 61.94 87.75 -28.29
N ASP B 162 62.25 86.86 -29.24
CA ASP B 162 63.61 86.70 -29.72
C ASP B 162 63.91 87.60 -30.92
N PRO B 194 43.23 80.03 -40.24
CA PRO B 194 42.07 79.57 -39.48
C PRO B 194 41.28 78.48 -40.21
N ILE B 195 41.96 77.45 -40.68
CA ILE B 195 41.27 76.39 -41.41
C ILE B 195 40.29 75.67 -40.49
N VAL B 196 40.67 75.44 -39.24
CA VAL B 196 39.76 74.79 -38.31
C VAL B 196 38.59 75.71 -37.97
N GLU B 197 38.84 77.00 -37.88
CA GLU B 197 37.73 77.93 -37.63
C GLU B 197 36.75 77.93 -38.77
N GLN B 198 37.25 77.89 -40.02
CA GLN B 198 36.35 77.88 -41.16
C GLN B 198 35.61 76.55 -41.28
N TYR B 199 36.27 75.45 -40.90
CA TYR B 199 35.56 74.18 -40.85
C TYR B 199 34.44 74.21 -39.82
N LEU B 200 34.68 74.87 -38.69
CA LEU B 200 33.64 75.04 -37.70
C LEU B 200 32.49 75.87 -38.27
N LYS B 201 32.82 76.95 -38.96
CA LYS B 201 31.80 77.76 -39.61
C LYS B 201 31.01 76.93 -40.61
N THR B 202 31.67 75.99 -41.26
CA THR B 202 30.99 75.12 -42.21
C THR B 202 30.02 74.18 -41.51
N LYS B 203 30.49 73.53 -40.43
CA LYS B 203 29.62 72.66 -39.66
C LYS B 203 28.43 73.40 -39.10
N LYS B 204 28.56 74.71 -38.87
CA LYS B 204 27.43 75.51 -38.42
C LYS B 204 26.23 75.43 -39.37
N ASN B 205 26.44 74.96 -40.59
CA ASN B 205 25.40 74.98 -41.61
C ASN B 205 24.58 73.69 -41.62
N SER B 206 25.25 72.54 -41.73
CA SER B 206 24.56 71.27 -41.88
C SER B 206 23.88 70.85 -40.58
N ASN B 207 22.81 70.07 -40.72
CA ASN B 207 22.05 69.60 -39.57
C ASN B 207 21.76 68.10 -39.66
N ASN B 208 22.57 67.35 -40.39
CA ASN B 208 22.40 65.91 -40.45
C ASN B 208 22.69 65.27 -39.10
N LEU B 209 23.86 65.61 -38.55
CA LEU B 209 24.35 65.04 -37.26
C LEU B 209 23.42 65.37 -36.10
N ILE B 210 22.72 66.51 -36.14
CA ILE B 210 21.86 66.85 -35.02
C ILE B 210 20.50 66.19 -35.14
N ILE B 211 19.98 66.03 -36.35
CA ILE B 211 18.70 65.33 -36.44
C ILE B 211 18.91 63.87 -36.13
N LYS B 212 20.05 63.29 -36.52
CA LYS B 212 20.33 61.92 -36.09
C LYS B 212 20.38 61.81 -34.59
N TYR B 213 21.05 62.76 -33.93
CA TYR B 213 21.20 62.70 -32.48
C TYR B 213 19.85 62.82 -31.77
N ILE B 214 19.08 63.85 -32.10
CA ILE B 214 17.80 64.00 -31.42
C ILE B 214 16.84 62.90 -31.84
N SER B 215 17.03 62.26 -32.98
CA SER B 215 16.16 61.15 -33.32
C SER B 215 16.45 59.95 -32.44
N CYS B 216 17.73 59.63 -32.22
CA CYS B 216 18.03 58.56 -31.27
C CYS B 216 17.54 58.91 -29.86
N ARG B 217 17.74 60.15 -29.43
CA ARG B 217 17.28 60.52 -28.10
C ARG B 217 15.76 60.42 -28.00
N LEU B 218 15.06 60.83 -29.05
CA LEU B 218 13.61 60.81 -29.03
C LEU B 218 13.09 59.38 -29.03
N LEU B 219 13.73 58.49 -29.77
CA LEU B 219 13.31 57.10 -29.72
C LEU B 219 13.60 56.49 -28.36
N THR B 220 14.71 56.84 -27.75
CA THR B 220 14.97 56.34 -26.40
C THR B 220 13.88 56.82 -25.44
N LEU B 221 13.50 58.08 -25.55
CA LEU B 221 12.46 58.61 -24.67
C LEU B 221 11.13 57.91 -24.93
N ILE B 222 10.80 57.69 -26.20
CA ILE B 222 9.53 57.05 -26.52
C ILE B 222 9.49 55.63 -25.99
N ILE B 223 10.58 54.89 -26.16
CA ILE B 223 10.62 53.51 -25.69
C ILE B 223 10.59 53.47 -24.17
N ILE B 224 11.25 54.41 -23.51
CA ILE B 224 11.23 54.45 -22.06
C ILE B 224 9.83 54.76 -21.56
N LEU B 225 9.11 55.65 -22.24
CA LEU B 225 7.76 55.96 -21.82
C LEU B 225 6.82 54.78 -22.04
N LEU B 226 6.99 54.08 -23.16
CA LEU B 226 6.18 52.89 -23.40
C LEU B 226 6.47 51.82 -22.36
N ALA B 227 7.74 51.67 -22.00
CA ALA B 227 8.10 50.70 -20.97
C ALA B 227 7.53 51.09 -19.62
N CYS B 228 7.54 52.38 -19.30
CA CYS B 228 6.93 52.83 -18.07
C CYS B 228 5.45 52.52 -18.05
N ILE B 229 4.76 52.76 -19.16
CA ILE B 229 3.33 52.46 -19.22
C ILE B 229 3.11 50.97 -19.00
N TYR B 230 3.89 50.14 -19.69
CA TYR B 230 3.71 48.70 -19.55
C TYR B 230 3.97 48.24 -18.13
N LEU B 231 5.05 48.73 -17.51
CA LEU B 231 5.39 48.28 -16.17
C LEU B 231 4.39 48.79 -15.15
N GLY B 232 3.87 49.99 -15.34
CA GLY B 232 2.83 50.49 -14.45
C GLY B 232 1.57 49.66 -14.56
N TYR B 233 1.24 49.25 -15.78
CA TYR B 233 0.10 48.36 -15.93
C TYR B 233 0.37 47.03 -15.25
N TYR B 234 1.54 46.46 -15.47
CA TYR B 234 1.83 45.13 -14.96
C TYR B 234 1.84 45.12 -13.44
N PHE B 235 2.46 46.11 -12.82
CA PHE B 235 2.46 46.19 -11.37
C PHE B 235 1.06 46.38 -10.82
N SER B 236 0.16 46.95 -11.59
CA SER B 236 -1.21 47.16 -11.16
C SER B 236 -2.07 45.91 -11.26
N LEU B 237 -1.53 44.80 -11.72
CA LEU B 237 -2.31 43.57 -11.82
C LEU B 237 -2.79 43.14 -10.43
N SER B 238 -3.80 42.27 -10.42
CA SER B 238 -4.57 42.02 -9.22
C SER B 238 -3.79 41.31 -8.12
N SER B 239 -2.63 40.74 -8.43
CA SER B 239 -1.79 40.01 -7.48
C SER B 239 -2.43 38.68 -7.08
N LEU B 240 -3.68 38.47 -7.48
CA LEU B 240 -4.29 37.16 -7.47
C LEU B 240 -4.48 36.63 -8.88
N SER B 241 -4.02 37.38 -9.88
CA SER B 241 -4.09 36.94 -11.26
C SER B 241 -3.14 35.79 -11.53
N ASP B 242 -2.24 35.48 -10.61
CA ASP B 242 -1.37 34.33 -10.77
C ASP B 242 -2.05 33.02 -10.44
N GLU B 243 -3.26 33.05 -9.89
CA GLU B 243 -4.04 31.85 -9.64
C GLU B 243 -5.05 31.70 -10.77
N PHE B 244 -4.95 30.61 -11.51
CA PHE B 244 -5.91 30.32 -12.55
C PHE B 244 -6.33 28.86 -12.47
N VAL B 245 -7.52 28.60 -12.93
CA VAL B 245 -8.07 27.24 -12.96
C VAL B 245 -7.83 26.64 -14.33
N CYS B 246 -7.26 25.44 -14.36
CA CYS B 246 -6.84 24.80 -15.59
C CYS B 246 -7.49 23.43 -15.69
N SER B 247 -7.80 23.00 -16.91
CA SER B 247 -8.54 21.77 -17.13
C SER B 247 -7.88 20.95 -18.23
N ILE B 248 -7.36 19.78 -17.89
CA ILE B 248 -6.76 18.88 -18.88
C ILE B 248 -7.87 17.92 -19.32
N LYS B 249 -8.73 18.42 -20.19
CA LYS B 249 -9.83 17.57 -20.64
C LYS B 249 -10.07 17.73 -22.13
N SER B 250 -9.02 17.90 -22.90
CA SER B 250 -9.12 17.87 -24.34
C SER B 250 -8.73 16.49 -24.86
N GLY B 251 -9.24 16.16 -26.04
CA GLY B 251 -8.86 14.88 -26.58
C GLY B 251 -9.51 13.73 -25.84
N ILE B 252 -8.79 12.61 -25.78
CA ILE B 252 -9.33 11.40 -25.18
C ILE B 252 -9.49 11.51 -23.68
N LEU B 253 -8.91 12.51 -23.04
CA LEU B 253 -9.13 12.68 -21.61
C LEU B 253 -10.48 13.26 -21.30
N ARG B 254 -11.23 13.69 -22.32
CA ARG B 254 -12.55 14.23 -22.08
C ARG B 254 -13.46 13.19 -21.47
N ALA B 255 -13.33 11.95 -21.96
CA ALA B 255 -14.16 10.82 -21.48
C ALA B 255 -13.56 10.22 -20.21
N ASP B 256 -12.34 10.63 -19.84
CA ASP B 256 -11.65 10.10 -18.62
C ASP B 256 -12.29 10.64 -17.34
N SER B 257 -12.83 9.76 -16.50
CA SER B 257 -13.51 10.17 -15.24
C SER B 257 -12.55 10.19 -14.04
N THR B 258 -11.33 9.68 -14.18
CA THR B 258 -10.36 9.67 -13.04
C THR B 258 -9.72 11.05 -12.91
N VAL B 259 -9.89 11.88 -13.93
CA VAL B 259 -9.35 13.24 -14.01
C VAL B 259 -10.41 14.22 -13.53
N PRO B 260 -10.12 15.02 -12.52
CA PRO B 260 -11.09 16.04 -12.09
C PRO B 260 -11.33 17.06 -13.18
N ASP B 261 -12.43 17.80 -13.03
CA ASP B 261 -12.84 18.71 -14.08
C ASP B 261 -11.85 19.85 -14.24
N GLN B 262 -11.23 20.28 -13.16
CA GLN B 262 -10.33 21.42 -13.23
C GLN B 262 -9.36 21.40 -12.06
N PHE B 263 -8.21 22.02 -12.28
CA PHE B 263 -7.13 22.06 -11.31
C PHE B 263 -6.82 23.50 -10.91
N GLN B 264 -6.37 23.67 -9.68
CA GLN B 264 -6.00 25.00 -9.18
C GLN B 264 -4.50 25.17 -9.35
N CYS B 265 -4.11 25.91 -10.37
CA CYS B 265 -2.71 26.19 -10.62
C CYS B 265 -2.35 27.59 -10.14
N LYS B 266 -1.09 27.78 -9.77
CA LYS B 266 -0.60 29.08 -9.35
C LYS B 266 0.75 29.35 -9.98
N LEU B 267 0.90 30.53 -10.57
CA LEU B 267 2.16 30.95 -11.17
C LEU B 267 3.04 31.53 -10.07
N ILE B 268 3.96 30.73 -9.55
CA ILE B 268 4.90 31.24 -8.59
C ILE B 268 5.73 32.32 -9.24
N ALA B 269 6.38 33.14 -8.41
CA ALA B 269 7.30 34.17 -8.86
C ALA B 269 6.60 35.27 -9.64
N VAL B 270 5.31 35.46 -9.42
CA VAL B 270 4.66 36.65 -9.94
C VAL B 270 4.80 37.81 -8.97
N GLY B 271 4.79 37.54 -7.67
CA GLY B 271 5.05 38.59 -6.72
C GLY B 271 6.42 39.20 -6.89
N ILE B 272 7.41 38.36 -7.17
CA ILE B 272 8.74 38.85 -7.46
C ILE B 272 8.73 39.69 -8.72
N PHE B 273 8.00 39.25 -9.75
CA PHE B 273 7.92 40.02 -10.97
C PHE B 273 7.33 41.39 -10.72
N GLN B 274 6.30 41.47 -9.89
CA GLN B 274 5.65 42.75 -9.67
C GLN B 274 6.52 43.67 -8.83
N LEU B 275 7.21 43.12 -7.85
CA LEU B 275 8.16 43.95 -7.09
C LEU B 275 9.27 44.48 -7.98
N LEU B 276 9.82 43.63 -8.84
CA LEU B 276 10.90 44.09 -9.70
C LEU B 276 10.38 45.06 -10.75
N SER B 277 9.11 44.87 -11.11
CA SER B 277 8.41 45.73 -12.09
C SER B 277 8.27 47.14 -11.50
N VAL B 278 7.96 47.27 -10.21
CA VAL B 278 7.84 48.60 -9.64
C VAL B 278 9.22 49.23 -9.47
N ILE B 279 10.25 48.43 -9.19
CA ILE B 279 11.60 48.98 -9.13
C ILE B 279 12.01 49.55 -10.48
N ASN B 280 11.78 48.77 -11.54
CA ASN B 280 12.12 49.22 -12.88
C ASN B 280 11.34 50.48 -13.25
N LEU B 281 10.07 50.53 -12.90
CA LEU B 281 9.26 51.69 -13.23
C LEU B 281 9.78 52.93 -12.50
N VAL B 282 10.18 52.78 -11.25
CA VAL B 282 10.73 53.92 -10.52
C VAL B 282 11.98 54.43 -11.22
N VAL B 283 12.91 53.52 -11.55
CA VAL B 283 14.14 53.98 -12.18
C VAL B 283 13.87 54.61 -13.53
N TYR B 284 12.95 54.06 -14.31
CA TYR B 284 12.72 54.61 -15.63
C TYR B 284 12.01 55.94 -15.57
N VAL B 285 11.11 56.14 -14.60
CA VAL B 285 10.46 57.43 -14.50
C VAL B 285 11.41 58.47 -13.91
N LEU B 286 12.46 58.04 -13.22
CA LEU B 286 13.51 58.99 -12.86
C LEU B 286 14.43 59.27 -14.04
N LEU B 287 14.57 58.31 -14.95
CA LEU B 287 15.49 58.45 -16.06
C LEU B 287 14.91 59.30 -17.19
N ALA B 288 13.60 59.25 -17.38
CA ALA B 288 13.00 60.01 -18.47
C ALA B 288 13.31 61.50 -18.44
N PRO B 289 13.27 62.20 -17.29
CA PRO B 289 13.64 63.61 -17.31
C PRO B 289 15.06 63.84 -17.78
N VAL B 290 15.98 62.92 -17.50
CA VAL B 290 17.35 63.09 -17.97
C VAL B 290 17.40 63.05 -19.49
N VAL B 291 16.66 62.13 -20.10
CA VAL B 291 16.62 62.07 -21.55
C VAL B 291 16.03 63.35 -22.11
N VAL B 292 14.95 63.82 -21.51
CA VAL B 292 14.34 65.06 -22.00
C VAL B 292 15.33 66.21 -21.90
N TYR B 293 16.10 66.26 -20.83
CA TYR B 293 17.07 67.33 -20.69
C TYR B 293 18.15 67.24 -21.76
N THR B 294 18.66 66.03 -22.02
CA THR B 294 19.62 65.89 -23.11
C THR B 294 19.02 66.31 -24.44
N LEU B 295 17.70 66.24 -24.58
CA LEU B 295 17.08 66.60 -25.85
C LEU B 295 17.35 68.05 -26.22
N PHE B 296 17.62 68.93 -25.26
CA PHE B 296 17.91 70.34 -25.54
C PHE B 296 19.41 70.52 -25.69
N VAL B 297 19.91 70.23 -26.89
CA VAL B 297 21.34 70.27 -27.13
C VAL B 297 21.93 71.68 -27.06
N PRO B 298 21.26 72.75 -27.50
CA PRO B 298 21.91 74.06 -27.36
C PRO B 298 22.05 74.49 -25.92
N PHE B 299 21.01 74.27 -25.11
CA PHE B 299 21.05 74.65 -23.71
C PHE B 299 22.23 74.01 -22.99
N ARG B 300 22.60 72.79 -23.37
CA ARG B 300 23.71 72.13 -22.69
C ARG B 300 25.07 72.67 -23.08
N GLN B 301 25.17 73.37 -24.22
CA GLN B 301 26.44 73.94 -24.64
C GLN B 301 26.81 75.06 -23.69
N LYS B 302 27.70 74.76 -22.75
CA LYS B 302 28.08 75.72 -21.72
C LYS B 302 29.56 75.54 -21.43
N THR B 303 30.12 76.52 -20.71
CA THR B 303 31.54 76.56 -20.36
C THR B 303 32.40 76.43 -21.63
N ASP B 304 32.27 77.44 -22.48
CA ASP B 304 32.87 77.40 -23.82
C ASP B 304 34.36 77.16 -23.76
N VAL B 305 34.81 76.00 -24.26
CA VAL B 305 36.24 75.75 -24.40
C VAL B 305 36.82 76.64 -25.48
N LEU B 306 36.04 76.96 -26.51
CA LEU B 306 36.52 77.84 -27.55
C LEU B 306 36.91 79.20 -27.01
N LYS B 307 36.29 79.64 -25.92
CA LYS B 307 36.62 80.94 -25.33
C LYS B 307 38.08 81.00 -24.92
N VAL B 308 38.61 79.90 -24.40
CA VAL B 308 40.00 79.87 -23.95
C VAL B 308 40.93 80.17 -25.13
N TYR B 309 40.70 79.51 -26.26
CA TYR B 309 41.56 79.76 -27.42
C TYR B 309 41.27 81.13 -28.03
N GLU B 310 40.03 81.61 -27.87
CA GLU B 310 39.71 82.97 -28.29
C GLU B 310 40.52 83.99 -27.53
N ILE B 311 40.87 83.68 -26.28
CA ILE B 311 41.76 84.56 -25.51
C ILE B 311 43.10 84.69 -26.22
N LEU B 312 43.56 83.62 -26.85
CA LEU B 312 44.80 83.71 -27.62
C LEU B 312 44.62 84.69 -28.78
N PRO B 313 45.63 85.51 -29.07
CA PRO B 313 45.45 86.53 -30.12
C PRO B 313 45.35 85.96 -31.53
N THR B 314 46.17 84.95 -31.84
CA THR B 314 46.23 84.45 -33.22
C THR B 314 44.89 83.89 -33.66
N PHE B 315 44.25 83.10 -32.81
CA PHE B 315 42.91 82.62 -33.12
C PHE B 315 41.91 83.77 -33.03
N ASP B 316 40.88 83.70 -33.85
CA ASP B 316 39.85 84.73 -33.85
C ASP B 316 39.19 84.80 -32.48
N VAL B 317 39.04 86.02 -31.96
CA VAL B 317 38.51 86.18 -30.61
C VAL B 317 37.00 86.22 -30.71
N LEU B 318 36.40 85.03 -30.81
CA LEU B 318 34.96 84.87 -30.78
C LEU B 318 34.66 83.45 -30.36
N HIS B 319 33.56 83.29 -29.62
CA HIS B 319 33.07 81.94 -29.37
C HIS B 319 32.61 81.29 -30.67
N PHE B 320 31.84 82.03 -31.47
CA PHE B 320 31.35 81.60 -32.77
C PHE B 320 30.76 80.19 -32.71
N LYS B 321 30.24 79.81 -31.55
CA LYS B 321 29.73 78.46 -31.37
C LYS B 321 28.67 78.49 -30.26
N SER B 322 27.40 78.53 -30.66
CA SER B 322 26.24 78.49 -29.77
C SER B 322 24.99 78.69 -30.60
N GLU B 323 23.85 78.60 -29.93
CA GLU B 323 22.58 79.17 -30.40
C GLU B 323 22.19 78.64 -31.77
N GLY B 324 21.89 77.34 -31.79
CA GLY B 324 21.35 76.77 -33.01
C GLY B 324 21.06 75.29 -32.93
N TYR B 325 20.02 74.86 -33.65
CA TYR B 325 19.76 73.44 -33.86
C TYR B 325 20.54 72.95 -35.08
N ASN B 326 21.86 73.07 -34.97
CA ASN B 326 22.77 72.77 -36.06
C ASN B 326 23.91 71.91 -35.54
N ASP B 327 24.61 71.27 -36.46
CA ASP B 327 25.68 70.35 -36.05
C ASP B 327 26.76 71.04 -35.24
N LEU B 328 26.82 72.37 -35.28
CA LEU B 328 27.83 73.08 -34.51
C LEU B 328 27.61 72.88 -33.02
N SER B 329 26.36 72.87 -32.57
CA SER B 329 26.10 72.65 -31.16
C SER B 329 26.53 71.26 -30.72
N LEU B 330 26.25 70.25 -31.56
CA LEU B 330 26.73 68.92 -31.27
C LEU B 330 28.24 68.90 -31.17
N TYR B 331 28.92 69.51 -32.14
CA TYR B 331 30.37 69.52 -32.11
C TYR B 331 30.89 70.25 -30.88
N ASN B 332 30.15 71.25 -30.42
CA ASN B 332 30.55 71.94 -29.20
C ASN B 332 30.48 71.00 -28.00
N LEU B 333 29.39 70.24 -27.90
CA LEU B 333 29.27 69.30 -26.79
C LEU B 333 30.39 68.27 -26.85
N PHE B 334 30.63 67.71 -28.02
CA PHE B 334 31.65 66.66 -28.12
C PHE B 334 33.05 67.24 -27.94
N LEU B 335 33.24 68.51 -28.28
CA LEU B 335 34.52 69.15 -28.01
C LEU B 335 34.72 69.35 -26.52
N GLU B 336 33.70 69.85 -25.83
CA GLU B 336 33.79 69.95 -24.38
C GLU B 336 34.08 68.59 -23.77
N GLU B 337 33.60 67.53 -24.39
CA GLU B 337 33.82 66.20 -23.83
C GLU B 337 35.25 65.72 -24.05
N ASN B 338 35.67 65.61 -25.31
CA ASN B 338 36.98 65.07 -25.64
C ASN B 338 38.09 66.10 -25.57
N ILE B 339 37.84 67.28 -24.99
CA ILE B 339 38.84 68.33 -25.03
C ILE B 339 39.91 68.16 -23.98
N SER B 340 39.68 67.36 -22.94
CA SER B 340 40.68 67.22 -21.88
C SER B 340 41.89 66.44 -22.35
N GLU B 341 41.77 65.67 -23.43
CA GLU B 341 42.88 64.83 -23.85
C GLU B 341 44.02 65.61 -24.49
N VAL B 342 43.73 66.78 -25.05
CA VAL B 342 44.78 67.61 -25.65
C VAL B 342 45.46 68.44 -24.57
N LYS B 343 46.78 68.33 -24.49
CA LYS B 343 47.54 69.04 -23.46
C LYS B 343 47.55 70.54 -23.74
N SER B 344 47.49 70.95 -25.01
CA SER B 344 47.47 72.36 -25.34
C SER B 344 46.30 73.07 -24.68
N TYR B 345 45.12 72.45 -24.70
CA TYR B 345 43.98 73.02 -24.02
C TYR B 345 44.28 73.16 -22.53
N LYS B 346 44.89 72.15 -21.93
CA LYS B 346 45.18 72.20 -20.50
C LYS B 346 46.04 73.40 -20.17
N CYS B 347 47.10 73.61 -20.96
CA CYS B 347 47.98 74.75 -20.72
C CYS B 347 47.23 76.06 -20.88
N LEU B 348 46.43 76.18 -21.94
CA LEU B 348 45.75 77.44 -22.16
C LEU B 348 44.71 77.71 -21.08
N LYS B 349 44.09 76.64 -20.56
CA LYS B 349 43.10 76.80 -19.50
C LYS B 349 43.74 77.26 -18.20
N VAL B 350 44.89 76.69 -17.86
CA VAL B 350 45.55 77.16 -16.63
C VAL B 350 46.03 78.59 -16.81
N LEU B 351 46.47 78.95 -18.01
CA LEU B 351 46.78 80.36 -18.28
C LEU B 351 45.56 81.25 -18.11
N GLU B 352 44.39 80.79 -18.56
CA GLU B 352 43.18 81.59 -18.40
C GLU B 352 42.81 81.72 -16.92
N ASN B 353 43.02 80.66 -16.15
CA ASN B 353 42.78 80.75 -14.72
C ASN B 353 43.72 81.74 -14.06
N ILE B 354 44.99 81.74 -14.46
CA ILE B 354 45.93 82.72 -13.94
C ILE B 354 45.48 84.13 -14.33
N LYS B 355 44.94 84.27 -15.54
CA LYS B 355 44.34 85.53 -15.94
C LYS B 355 43.20 85.91 -15.00
N SER B 356 42.42 84.92 -14.58
CA SER B 356 41.39 85.17 -13.58
C SER B 356 42.03 85.67 -12.28
N SER B 357 43.16 85.06 -11.90
CA SER B 357 43.96 85.60 -10.81
C SER B 357 44.56 86.95 -11.18
N GLY B 358 44.97 87.10 -12.44
CA GLY B 358 45.44 88.38 -12.94
C GLY B 358 46.75 88.84 -12.36
N GLN B 359 47.76 87.97 -12.35
CA GLN B 359 49.07 88.31 -11.80
C GLN B 359 50.08 88.69 -12.87
N GLY B 360 50.32 87.81 -13.83
CA GLY B 360 51.32 88.08 -14.86
C GLY B 360 50.75 88.49 -16.20
N ILE B 361 51.08 87.73 -17.24
CA ILE B 361 50.63 88.00 -18.59
C ILE B 361 50.54 86.69 -19.35
N ASP B 362 49.70 86.67 -20.38
CA ASP B 362 49.50 85.43 -21.14
C ASP B 362 50.74 85.00 -21.90
N PRO B 363 51.34 85.83 -22.79
CA PRO B 363 52.42 85.30 -23.63
C PRO B 363 53.67 84.94 -22.84
N MET B 364 54.01 85.71 -21.81
CA MET B 364 55.22 85.43 -21.05
C MET B 364 55.13 84.08 -20.35
N LEU B 365 54.05 83.85 -19.61
CA LEU B 365 53.87 82.57 -18.93
C LEU B 365 53.66 81.43 -19.91
N LEU B 366 53.09 81.71 -21.08
CA LEU B 366 52.97 80.67 -22.10
C LEU B 366 54.34 80.23 -22.61
N LEU B 367 55.22 81.20 -22.88
CA LEU B 367 56.59 80.86 -23.28
C LEU B 367 57.32 80.14 -22.15
N THR B 368 57.03 80.52 -20.90
CA THR B 368 57.64 79.82 -19.77
C THR B 368 57.17 78.38 -19.68
N ASN B 369 55.88 78.13 -19.97
CA ASN B 369 55.28 76.81 -19.91
C ASN B 369 56.14 75.74 -20.60
N LEU B 370 56.42 75.94 -21.89
CA LEU B 370 57.20 75.00 -22.69
C LEU B 370 56.51 73.62 -22.74
N GLY B 371 55.30 73.64 -23.28
CA GLY B 371 54.46 72.46 -23.40
C GLY B 371 54.03 72.17 -24.83
N MET B 372 54.95 72.34 -25.79
CA MET B 372 54.62 72.10 -27.19
C MET B 372 54.23 70.64 -27.43
N ILE B 373 54.92 69.70 -26.80
CA ILE B 373 54.61 68.28 -26.96
C ILE B 373 54.80 67.55 -25.65
N ALA C 2 21.05 31.60 -18.38
CA ALA C 2 20.29 32.77 -17.98
C ALA C 2 19.89 33.59 -19.20
N ILE C 3 18.74 34.25 -19.11
CA ILE C 3 18.21 35.08 -20.24
C ILE C 3 19.13 36.26 -20.49
N ALA C 4 19.74 36.82 -19.45
CA ALA C 4 20.62 37.98 -19.62
C ALA C 4 21.95 37.59 -20.26
N GLN C 5 22.45 36.39 -19.98
CA GLN C 5 23.69 35.96 -20.61
C GLN C 5 23.50 35.81 -22.11
N LEU C 6 22.38 35.21 -22.53
CA LEU C 6 22.10 35.13 -23.96
C LEU C 6 22.00 36.52 -24.55
N ALA C 7 21.35 37.44 -23.84
CA ALA C 7 21.27 38.81 -24.34
C ALA C 7 22.66 39.38 -24.59
N THR C 8 23.51 39.36 -23.56
CA THR C 8 24.87 39.89 -23.74
C THR C 8 25.53 39.25 -24.94
N GLU C 9 25.58 37.91 -24.93
CA GLU C 9 26.32 37.17 -25.96
C GLU C 9 25.85 37.50 -27.37
N TYR C 10 24.54 37.65 -27.57
CA TYR C 10 24.02 37.70 -28.93
C TYR C 10 23.58 39.06 -29.40
N VAL C 11 23.47 40.07 -28.53
CA VAL C 11 23.22 41.43 -28.97
C VAL C 11 24.30 42.40 -28.49
N PHE C 12 24.74 42.27 -27.25
CA PHE C 12 25.64 43.29 -26.72
C PHE C 12 27.10 42.97 -26.99
N SER C 13 27.45 41.69 -27.12
CA SER C 13 28.79 41.38 -27.56
C SER C 13 28.92 41.63 -29.06
N ASP C 14 30.16 41.69 -29.53
CA ASP C 14 30.42 41.88 -30.95
C ASP C 14 30.31 40.55 -31.67
N PHE C 15 29.18 39.87 -31.48
CA PHE C 15 28.95 38.58 -32.12
C PHE C 15 28.87 38.77 -33.63
N LEU C 16 29.72 38.05 -34.36
CA LEU C 16 29.85 38.19 -35.81
C LEU C 16 30.23 39.61 -36.22
N LEU C 17 30.68 40.42 -35.28
CA LEU C 17 31.27 41.72 -35.55
C LEU C 17 32.78 41.70 -35.35
N LYS C 18 33.36 40.51 -35.21
CA LYS C 18 34.80 40.40 -34.99
C LYS C 18 35.54 40.79 -36.27
N GLU C 19 36.44 41.75 -36.14
CA GLU C 19 37.29 42.13 -37.25
C GLU C 19 38.22 40.96 -37.60
N PRO C 20 38.68 40.88 -38.85
CA PRO C 20 39.58 39.77 -39.22
C PRO C 20 40.83 39.72 -38.34
N THR C 21 40.96 38.63 -37.60
CA THR C 21 42.13 38.43 -36.73
C THR C 21 43.32 38.04 -37.60
N GLU C 22 43.86 39.03 -38.29
CA GLU C 22 44.97 38.83 -39.20
C GLU C 22 45.58 40.17 -39.58
N PRO C 23 46.89 40.26 -39.77
CA PRO C 23 47.49 41.52 -40.22
C PRO C 23 47.29 41.82 -41.70
N LYS C 24 46.66 40.90 -42.45
CA LYS C 24 46.43 41.15 -43.87
C LYS C 24 45.36 42.22 -44.07
N PHE C 25 44.25 42.11 -43.35
CA PHE C 25 43.18 43.10 -43.38
C PHE C 25 43.14 43.77 -42.01
N LYS C 26 43.82 44.91 -41.89
CA LYS C 26 43.87 45.68 -40.65
C LYS C 26 43.16 47.00 -40.93
N GLY C 27 41.92 47.13 -40.47
CA GLY C 27 41.12 48.31 -40.72
C GLY C 27 40.41 48.35 -42.05
N LEU C 28 40.72 47.45 -42.98
CA LEU C 28 39.93 47.36 -44.20
C LEU C 28 38.66 46.56 -43.94
N ARG C 29 37.52 47.09 -44.39
CA ARG C 29 36.25 46.49 -44.01
C ARG C 29 35.91 45.28 -44.88
N LEU C 30 35.92 45.44 -46.20
CA LEU C 30 35.61 44.41 -47.18
C LEU C 30 34.16 43.97 -47.16
N GLU C 31 33.34 44.52 -46.27
CA GLU C 31 31.91 44.23 -46.25
C GLU C 31 31.17 45.50 -45.90
N LEU C 32 30.29 45.93 -46.79
CA LEU C 32 29.53 47.15 -46.53
C LEU C 32 28.77 47.02 -45.22
N ALA C 33 28.71 48.13 -44.48
CA ALA C 33 28.12 48.09 -43.14
C ALA C 33 26.70 47.56 -43.16
N VAL C 34 25.91 47.94 -44.17
CA VAL C 34 24.55 47.45 -44.22
C VAL C 34 24.52 45.95 -44.45
N ASP C 35 25.46 45.43 -45.25
CA ASP C 35 25.53 43.98 -45.43
C ASP C 35 25.92 43.29 -44.14
N LYS C 36 26.86 43.90 -43.40
CA LYS C 36 27.27 43.30 -42.14
C LYS C 36 26.11 43.23 -41.17
N MET C 37 25.32 44.31 -41.06
CA MET C 37 24.21 44.28 -40.12
C MET C 37 23.10 43.35 -40.60
N VAL C 38 22.88 43.28 -41.91
CA VAL C 38 21.86 42.36 -42.41
C VAL C 38 22.24 40.93 -42.08
N THR C 39 23.49 40.56 -42.31
CA THR C 39 23.93 39.21 -41.98
C THR C 39 23.83 38.98 -40.47
N CYS C 40 24.30 39.93 -39.68
CA CYS C 40 24.27 39.77 -38.23
C CYS C 40 22.85 39.51 -37.74
N ILE C 41 21.90 40.33 -38.17
CA ILE C 41 20.52 40.10 -37.76
C ILE C 41 20.04 38.75 -38.28
N ALA C 42 20.05 38.57 -39.60
CA ALA C 42 19.45 37.39 -40.20
C ALA C 42 20.02 36.10 -39.67
N VAL C 43 21.23 36.10 -39.15
CA VAL C 43 21.86 34.88 -38.66
C VAL C 43 21.76 34.76 -37.16
N GLY C 44 22.03 35.84 -36.42
CA GLY C 44 22.00 35.75 -34.97
C GLY C 44 20.61 35.70 -34.40
N LEU C 45 19.61 36.24 -35.09
CA LEU C 45 18.26 36.23 -34.54
C LEU C 45 17.72 34.82 -34.36
N PRO C 46 17.78 33.92 -35.34
CA PRO C 46 17.32 32.56 -35.07
C PRO C 46 18.11 31.87 -33.97
N LEU C 47 19.41 32.15 -33.83
CA LEU C 47 20.16 31.53 -32.76
C LEU C 47 19.72 32.05 -31.40
N LEU C 48 19.54 33.36 -31.28
CA LEU C 48 19.05 33.91 -30.03
C LEU C 48 17.67 33.38 -29.71
N LEU C 49 16.83 33.20 -30.72
CA LEU C 49 15.50 32.68 -30.49
C LEU C 49 15.53 31.23 -30.05
N ILE C 50 16.41 30.42 -30.66
CA ILE C 50 16.58 29.04 -30.21
C ILE C 50 17.02 29.01 -28.76
N SER C 51 17.97 29.86 -28.39
CA SER C 51 18.44 29.87 -27.02
C SER C 51 17.34 30.32 -26.07
N LEU C 52 16.49 31.24 -26.49
CA LEU C 52 15.42 31.70 -25.63
C LEU C 52 14.35 30.64 -25.44
N ALA C 53 14.04 29.89 -26.49
CA ALA C 53 12.95 28.91 -26.40
C ALA C 53 13.21 27.85 -25.35
N PHE C 54 14.46 27.67 -24.93
CA PHE C 54 14.78 26.69 -23.91
C PHE C 54 15.49 27.32 -22.72
N ALA C 55 15.29 28.62 -22.52
CA ALA C 55 15.80 29.28 -21.34
C ALA C 55 15.23 28.61 -20.10
N GLN C 56 16.04 28.51 -19.05
CA GLN C 56 15.65 27.73 -17.89
C GLN C 56 14.45 28.34 -17.19
N GLU C 57 14.15 29.60 -17.43
CA GLU C 57 13.02 30.27 -16.78
C GLU C 57 11.75 30.26 -17.61
N ILE C 58 11.81 29.81 -18.86
CA ILE C 58 10.59 29.51 -19.58
C ILE C 58 10.31 28.02 -19.64
N SER C 59 11.35 27.20 -19.67
CA SER C 59 11.17 25.76 -19.77
C SER C 59 10.63 25.20 -18.47
N ILE C 60 9.53 24.46 -18.55
CA ILE C 60 8.96 23.85 -17.37
C ILE C 60 9.67 22.57 -17.01
N GLY C 61 10.27 21.91 -18.00
CA GLY C 61 10.82 20.60 -17.82
C GLY C 61 11.10 19.93 -19.14
N THR C 62 10.61 18.71 -19.31
CA THR C 62 10.73 17.99 -20.56
C THR C 62 9.93 18.65 -21.67
N GLN C 63 10.14 18.16 -22.89
CA GLN C 63 9.41 18.68 -24.05
C GLN C 63 8.11 17.96 -24.31
N ILE C 64 7.88 16.80 -23.69
CA ILE C 64 6.67 16.03 -23.94
C ILE C 64 6.25 15.36 -22.64
N SER C 65 4.95 15.22 -22.46
CA SER C 65 4.39 14.53 -21.31
C SER C 65 3.11 13.84 -21.76
N CYS C 66 2.85 12.63 -21.25
CA CYS C 66 1.89 11.77 -21.90
C CYS C 66 0.75 11.25 -21.04
N PHE C 67 0.75 11.47 -19.72
CA PHE C 67 -0.37 11.10 -18.87
C PHE C 67 -0.71 9.61 -18.98
N SER C 68 0.21 8.80 -18.46
CA SER C 68 -0.04 7.39 -18.29
C SER C 68 -1.09 7.16 -17.19
N PRO C 69 -1.66 5.95 -17.13
CA PRO C 69 -2.59 5.64 -16.03
C PRO C 69 -1.92 5.71 -14.68
N SER C 70 -2.74 5.82 -13.65
CA SER C 70 -2.21 5.88 -12.29
C SER C 70 -1.62 4.56 -11.87
N SER C 71 -2.07 3.47 -12.48
CA SER C 71 -1.51 2.15 -12.18
C SER C 71 -0.06 2.05 -12.62
N PHE C 72 0.33 2.82 -13.62
CA PHE C 72 1.68 2.72 -14.15
C PHE C 72 2.70 3.18 -13.11
N SER C 73 3.81 2.46 -13.04
CA SER C 73 4.89 2.89 -12.17
C SER C 73 5.59 4.09 -12.79
N TRP C 74 6.54 4.64 -12.04
CA TRP C 74 7.30 5.78 -12.55
C TRP C 74 8.02 5.43 -13.83
N ARG C 75 8.62 4.25 -13.87
CA ARG C 75 9.41 3.87 -15.04
C ARG C 75 8.53 3.52 -16.23
N GLN C 76 7.34 3.00 -15.99
CA GLN C 76 6.44 2.76 -17.11
C GLN C 76 5.99 4.07 -17.73
N ALA C 77 5.70 5.06 -16.91
CA ALA C 77 5.35 6.37 -17.44
C ALA C 77 6.52 6.96 -18.21
N ALA C 78 7.74 6.78 -17.71
CA ALA C 78 8.89 7.27 -18.45
C ALA C 78 9.01 6.56 -19.79
N PHE C 79 8.72 5.25 -19.82
CA PHE C 79 8.72 4.55 -21.09
C PHE C 79 7.70 5.12 -22.04
N VAL C 80 6.52 5.45 -21.55
CA VAL C 80 5.48 5.99 -22.42
C VAL C 80 5.93 7.31 -23.01
N ASP C 81 6.48 8.19 -22.18
CA ASP C 81 6.98 9.47 -22.68
C ASP C 81 8.03 9.27 -23.75
N SER C 82 9.02 8.42 -23.47
CA SER C 82 10.10 8.23 -24.43
C SER C 82 9.60 7.60 -25.71
N TYR C 83 8.70 6.62 -25.61
CA TYR C 83 8.20 5.97 -26.80
C TYR C 83 7.44 6.96 -27.67
N CYS C 84 6.57 7.77 -27.07
CA CYS C 84 5.80 8.67 -27.89
C CYS C 84 6.69 9.76 -28.50
N TRP C 85 7.67 10.23 -27.74
CA TRP C 85 8.64 11.17 -28.28
C TRP C 85 9.33 10.60 -29.50
N ALA C 86 9.79 9.35 -29.42
CA ALA C 86 10.42 8.75 -30.57
C ALA C 86 9.43 8.38 -31.64
N ALA C 87 8.14 8.32 -31.30
CA ALA C 87 7.11 7.86 -32.21
C ALA C 87 6.44 8.99 -32.96
N VAL C 88 6.80 10.24 -32.68
CA VAL C 88 6.31 11.30 -33.57
C VAL C 88 6.83 11.10 -34.99
N GLN C 89 7.87 10.28 -35.19
CA GLN C 89 8.32 9.96 -36.53
C GLN C 89 7.51 8.82 -37.13
N GLN C 90 7.38 7.71 -36.41
CA GLN C 90 6.66 6.55 -36.93
C GLN C 90 5.17 6.89 -37.04
N LYS C 91 4.70 7.09 -38.27
CA LYS C 91 3.35 7.59 -38.47
C LYS C 91 2.28 6.58 -38.08
N ASN C 92 2.61 5.29 -38.00
CA ASN C 92 1.60 4.28 -37.74
C ASN C 92 1.10 4.33 -36.31
N SER C 93 1.95 4.70 -35.35
CA SER C 93 1.59 4.59 -33.95
C SER C 93 0.74 5.76 -33.48
N LEU C 94 1.03 6.97 -33.93
CA LEU C 94 0.37 8.16 -33.41
C LEU C 94 -0.76 8.59 -34.35
N GLN C 95 -1.84 9.08 -33.76
CA GLN C 95 -3.00 9.58 -34.49
C GLN C 95 -3.30 10.99 -34.00
N SER C 96 -3.12 11.97 -34.87
CA SER C 96 -3.37 13.37 -34.52
C SER C 96 -4.37 13.98 -35.49
N GLU C 97 -5.15 14.95 -34.98
CA GLU C 97 -6.20 15.57 -35.79
C GLU C 97 -5.61 16.35 -36.96
N SER C 98 -4.48 17.02 -36.74
CA SER C 98 -3.88 17.85 -37.78
C SER C 98 -3.07 17.04 -38.80
N GLY C 99 -2.47 15.94 -38.38
CA GLY C 99 -1.58 15.17 -39.22
C GLY C 99 -0.25 14.94 -38.55
N ASN C 100 0.65 14.28 -39.28
CA ASN C 100 1.97 14.00 -38.72
C ASN C 100 2.96 15.11 -39.01
N LEU C 101 2.80 15.82 -40.12
CA LEU C 101 3.74 16.89 -40.45
C LEU C 101 3.84 17.94 -39.35
N PRO C 102 2.74 18.41 -38.76
CA PRO C 102 2.90 19.34 -37.63
C PRO C 102 3.68 18.74 -36.48
N LEU C 103 3.53 17.44 -36.23
CA LEU C 103 4.28 16.82 -35.14
C LEU C 103 5.77 16.83 -35.46
N TRP C 104 6.13 16.45 -36.68
CA TRP C 104 7.52 16.57 -37.11
C TRP C 104 8.03 17.99 -36.89
N LEU C 105 7.26 18.96 -37.32
CA LEU C 105 7.71 20.35 -37.24
C LEU C 105 7.84 20.81 -35.80
N HIS C 106 7.00 20.29 -34.91
CA HIS C 106 7.07 20.68 -33.51
C HIS C 106 8.26 20.06 -32.83
N LYS C 107 8.62 18.84 -33.21
CA LYS C 107 9.78 18.22 -32.58
C LYS C 107 11.07 18.88 -33.03
N PHE C 108 11.19 19.20 -34.32
CA PHE C 108 12.45 19.65 -34.90
C PHE C 108 12.48 21.14 -35.18
N PHE C 109 11.72 21.93 -34.43
CA PHE C 109 11.79 23.38 -34.62
C PHE C 109 13.18 23.94 -34.39
N PRO C 110 13.90 23.59 -33.33
CA PRO C 110 15.26 24.13 -33.17
C PRO C 110 16.17 23.79 -34.32
N TYR C 111 16.09 22.56 -34.82
CA TYR C 111 16.95 22.16 -35.92
C TYR C 111 16.64 22.98 -37.16
N ILE C 112 15.37 23.26 -37.42
CA ILE C 112 15.01 24.01 -38.61
C ILE C 112 15.49 25.44 -38.49
N LEU C 113 15.35 26.03 -37.31
CA LEU C 113 15.86 27.39 -37.15
C LEU C 113 17.37 27.44 -37.32
N LEU C 114 18.08 26.46 -36.78
CA LEU C 114 19.53 26.46 -36.95
C LEU C 114 19.91 26.22 -38.41
N LEU C 115 19.14 25.41 -39.12
CA LEU C 115 19.38 25.24 -40.55
C LEU C 115 19.23 26.54 -41.28
N PHE C 116 18.22 27.33 -40.92
CA PHE C 116 18.07 28.63 -41.55
C PHE C 116 19.22 29.55 -41.21
N ALA C 117 19.69 29.51 -39.98
CA ALA C 117 20.84 30.33 -39.60
C ALA C 117 22.05 29.97 -40.44
N ILE C 118 22.30 28.68 -40.63
CA ILE C 118 23.46 28.26 -41.40
C ILE C 118 23.31 28.67 -42.87
N LEU C 119 22.15 28.43 -43.45
CA LEU C 119 21.94 28.80 -44.84
C LEU C 119 22.07 30.30 -45.04
N LEU C 120 21.68 31.10 -44.05
CA LEU C 120 21.85 32.53 -44.19
C LEU C 120 23.28 32.95 -43.95
N TYR C 121 24.05 32.16 -43.24
CA TYR C 121 25.46 32.45 -43.04
C TYR C 121 26.30 32.07 -44.24
N LEU C 122 25.81 31.16 -45.08
CA LEU C 122 26.61 30.68 -46.20
C LEU C 122 27.00 31.77 -47.20
N PRO C 123 26.09 32.60 -47.71
CA PRO C 123 26.49 33.57 -48.74
C PRO C 123 27.53 34.56 -48.24
N PRO C 124 27.40 35.10 -47.02
CA PRO C 124 28.51 35.93 -46.52
C PRO C 124 29.81 35.18 -46.41
N LEU C 125 29.77 33.90 -46.10
CA LEU C 125 31.00 33.13 -46.07
C LEU C 125 31.61 33.01 -47.46
N PHE C 126 30.78 32.75 -48.46
CA PHE C 126 31.30 32.64 -49.82
C PHE C 126 31.89 33.97 -50.26
N TRP C 127 31.28 35.08 -49.86
CA TRP C 127 31.85 36.38 -50.19
C TRP C 127 33.17 36.59 -49.47
N ARG C 128 33.24 36.22 -48.20
CA ARG C 128 34.44 36.47 -47.42
C ARG C 128 35.61 35.62 -47.90
N PHE C 129 35.33 34.45 -48.45
CA PHE C 129 36.43 33.55 -48.82
C PHE C 129 36.72 33.55 -50.31
N ALA C 130 35.74 33.87 -51.16
CA ALA C 130 35.98 33.83 -52.59
C ALA C 130 36.41 35.17 -53.16
N ALA C 131 35.72 36.26 -52.83
CA ALA C 131 35.94 37.54 -53.48
C ALA C 131 36.50 38.61 -52.56
N ALA C 132 36.64 38.35 -51.27
CA ALA C 132 37.14 39.38 -50.38
C ALA C 132 38.61 39.74 -50.64
N PRO C 133 39.52 38.76 -50.80
CA PRO C 133 40.93 39.15 -50.92
C PRO C 133 41.22 39.99 -52.15
N HIS C 134 40.55 39.68 -53.27
CA HIS C 134 40.77 40.44 -54.48
C HIS C 134 40.47 41.92 -54.25
N ILE C 135 39.30 42.21 -53.70
CA ILE C 135 38.91 43.59 -53.51
C ILE C 135 39.73 44.22 -52.41
N CYS C 136 40.15 43.45 -51.40
CA CYS C 136 41.00 44.02 -50.37
C CYS C 136 42.30 44.54 -50.96
N SER C 137 42.96 43.71 -51.77
CA SER C 137 44.22 44.12 -52.37
C SER C 137 44.02 45.31 -53.31
N ASP C 138 42.99 45.25 -54.14
CA ASP C 138 42.77 46.34 -55.09
C ASP C 138 42.46 47.65 -54.38
N LEU C 139 41.56 47.61 -53.41
CA LEU C 139 41.19 48.82 -52.69
C LEU C 139 42.39 49.40 -51.95
N LYS C 140 43.19 48.54 -51.31
CA LYS C 140 44.35 49.05 -50.59
C LYS C 140 45.34 49.70 -51.55
N PHE C 141 45.58 49.06 -52.68
CA PHE C 141 46.48 49.64 -53.68
C PHE C 141 45.92 50.96 -54.21
N ILE C 142 44.63 51.02 -54.45
CA ILE C 142 44.03 52.24 -54.99
C ILE C 142 44.15 53.37 -53.98
N MET C 143 43.98 53.06 -52.69
CA MET C 143 44.12 54.10 -51.67
C MET C 143 45.56 54.59 -51.57
N GLU C 144 46.53 53.66 -51.62
CA GLU C 144 47.92 54.09 -51.61
C GLU C 144 48.24 54.98 -52.80
N GLU C 145 47.80 54.59 -53.99
CA GLU C 145 48.07 55.40 -55.17
C GLU C 145 47.37 56.75 -55.09
N LEU C 146 46.18 56.74 -54.49
CA LEU C 146 45.37 57.99 -54.30
C LEU C 146 46.21 58.95 -53.43
N ASP C 147 46.75 58.44 -52.32
CA ASP C 147 47.59 59.25 -51.45
C ASP C 147 48.80 59.78 -52.20
N LYS C 148 49.41 58.94 -53.05
CA LYS C 148 50.55 59.40 -53.82
C LYS C 148 50.17 60.52 -54.77
N VAL C 149 48.98 60.42 -55.37
CA VAL C 149 48.51 61.47 -56.28
C VAL C 149 48.31 62.78 -55.53
N TYR C 150 47.72 62.70 -54.34
CA TYR C 150 47.54 63.91 -53.54
C TYR C 150 48.89 64.50 -53.15
N ASN C 151 49.85 63.63 -52.81
CA ASN C 151 51.19 64.11 -52.46
C ASN C 151 51.85 64.81 -53.64
N ARG C 152 51.69 64.25 -54.84
CA ARG C 152 52.24 64.90 -56.03
C ARG C 152 51.60 66.27 -56.25
N ALA C 153 50.28 66.36 -56.06
CA ALA C 153 49.60 67.63 -56.26
C ALA C 153 50.09 68.68 -55.27
N ILE C 154 50.18 68.32 -53.99
CA ILE C 154 50.62 69.30 -53.00
C ILE C 154 52.09 69.65 -53.18
N LYS C 155 52.90 68.68 -53.62
CA LYS C 155 54.30 68.97 -53.89
C LYS C 155 54.44 69.95 -55.03
N ALA C 156 53.65 69.76 -56.10
CA ALA C 156 53.66 70.69 -57.22
C ALA C 156 53.22 72.08 -56.78
N ALA C 157 52.16 72.14 -55.94
CA ALA C 157 51.68 73.44 -55.48
C ALA C 157 52.73 74.16 -54.63
N LYS C 158 53.34 73.45 -53.67
CA LYS C 158 54.36 74.05 -52.83
C LYS C 158 55.58 74.48 -53.65
N SER C 159 55.99 73.66 -54.62
CA SER C 159 57.12 74.03 -55.46
C SER C 159 56.81 75.28 -56.28
N ALA C 160 55.57 75.40 -56.77
CA ALA C 160 55.16 76.62 -57.45
C ALA C 160 55.20 77.81 -56.49
N ARG C 161 54.80 77.59 -55.24
CA ARG C 161 54.91 78.66 -54.24
C ARG C 161 56.36 79.02 -53.97
N ASP C 162 57.24 78.04 -53.93
CA ASP C 162 58.66 78.28 -53.66
C ASP C 162 59.45 78.49 -54.94
N PRO C 194 48.44 59.14 -63.65
CA PRO C 194 47.12 58.65 -63.25
C PRO C 194 47.00 57.13 -63.31
N ILE C 195 47.93 56.42 -62.70
CA ILE C 195 47.89 54.95 -62.76
C ILE C 195 46.65 54.45 -62.03
N VAL C 196 46.32 55.05 -60.90
CA VAL C 196 45.13 54.63 -60.17
C VAL C 196 43.87 54.97 -60.95
N GLU C 197 43.87 56.10 -61.66
CA GLU C 197 42.71 56.44 -62.48
C GLU C 197 42.53 55.44 -63.61
N GLN C 198 43.63 55.02 -64.23
CA GLN C 198 43.52 54.05 -65.32
C GLN C 198 43.14 52.68 -64.79
N TYR C 199 43.60 52.31 -63.59
CA TYR C 199 43.14 51.08 -62.98
C TYR C 199 41.64 51.12 -62.71
N LEU C 200 41.14 52.28 -62.29
CA LEU C 200 39.70 52.43 -62.11
C LEU C 200 38.98 52.28 -63.43
N LYS C 201 39.51 52.89 -64.49
CA LYS C 201 38.93 52.73 -65.82
C LYS C 201 38.92 51.26 -66.22
N THR C 202 39.95 50.53 -65.81
CA THR C 202 40.01 49.10 -66.13
C THR C 202 38.93 48.32 -65.39
N LYS C 203 38.80 48.58 -64.08
CA LYS C 203 37.76 47.91 -63.30
C LYS C 203 36.38 48.22 -63.85
N LYS C 204 36.21 49.38 -64.49
CA LYS C 204 34.92 49.70 -65.10
C LYS C 204 34.48 48.66 -66.12
N ASN C 205 35.38 47.78 -66.57
CA ASN C 205 35.09 46.84 -67.63
C ASN C 205 34.56 45.51 -67.09
N SER C 206 35.31 44.89 -66.18
CA SER C 206 34.98 43.56 -65.69
C SER C 206 33.75 43.59 -64.80
N ASN C 207 33.03 42.46 -64.77
CA ASN C 207 31.83 42.34 -63.96
C ASN C 207 31.81 41.05 -63.14
N ASN C 208 32.98 40.48 -62.85
CA ASN C 208 33.03 39.29 -62.03
C ASN C 208 32.61 39.61 -60.60
N LEU C 209 33.23 40.65 -60.03
CA LEU C 209 32.99 41.07 -58.63
C LEU C 209 31.54 41.48 -58.40
N ILE C 210 30.85 42.02 -59.41
CA ILE C 210 29.48 42.45 -59.18
C ILE C 210 28.51 41.29 -59.32
N ILE C 211 28.76 40.35 -60.22
CA ILE C 211 27.85 39.21 -60.28
C ILE C 211 28.02 38.36 -59.04
N LYS C 212 29.24 38.25 -58.52
CA LYS C 212 29.40 37.55 -57.24
C LYS C 212 28.61 38.23 -56.14
N TYR C 213 28.69 39.56 -56.07
CA TYR C 213 28.03 40.30 -55.02
C TYR C 213 26.51 40.14 -55.10
N ILE C 214 25.92 40.43 -56.26
CA ILE C 214 24.48 40.31 -56.37
C ILE C 214 24.05 38.86 -56.27
N SER C 215 24.91 37.90 -56.55
CA SER C 215 24.51 36.51 -56.36
C SER C 215 24.40 36.17 -54.88
N CYS C 216 25.38 36.60 -54.08
CA CYS C 216 25.23 36.40 -52.64
C CYS C 216 24.02 37.14 -52.09
N ARG C 217 23.79 38.38 -52.53
CA ARG C 217 22.62 39.10 -52.05
C ARG C 217 21.33 38.42 -52.47
N LEU C 218 21.29 37.90 -53.69
CA LEU C 218 20.08 37.26 -54.16
C LEU C 218 19.82 35.96 -53.42
N LEU C 219 20.86 35.20 -53.11
CA LEU C 219 20.66 34.00 -52.33
C LEU C 219 20.21 34.33 -50.92
N THR C 220 20.75 35.39 -50.33
CA THR C 220 20.27 35.79 -49.02
C THR C 220 18.80 36.15 -49.07
N LEU C 221 18.39 36.88 -50.10
CA LEU C 221 16.98 37.25 -50.22
C LEU C 221 16.11 36.03 -50.43
N ILE C 222 16.56 35.08 -51.24
CA ILE C 222 15.78 33.88 -51.50
C ILE C 222 15.62 33.07 -50.23
N ILE C 223 16.69 32.89 -49.47
CA ILE C 223 16.62 32.12 -48.25
C ILE C 223 15.76 32.83 -47.22
N ILE C 224 15.84 34.15 -47.15
CA ILE C 224 15.01 34.88 -46.20
C ILE C 224 13.54 34.75 -46.57
N LEU C 225 13.23 34.76 -47.87
CA LEU C 225 11.84 34.62 -48.27
C LEU C 225 11.33 33.21 -47.98
N LEU C 226 12.17 32.21 -48.22
CA LEU C 226 11.77 30.84 -47.89
C LEU C 226 11.57 30.68 -46.40
N ALA C 227 12.43 31.30 -45.60
CA ALA C 227 12.28 31.23 -44.15
C ALA C 227 11.01 31.95 -43.71
N CYS C 228 10.69 33.08 -44.33
CA CYS C 228 9.44 33.76 -44.01
C CYS C 228 8.25 32.88 -44.33
N ILE C 229 8.27 32.22 -45.48
CA ILE C 229 7.17 31.32 -45.82
C ILE C 229 7.04 30.22 -44.78
N TYR C 230 8.16 29.61 -44.42
CA TYR C 230 8.11 28.51 -43.47
C TYR C 230 7.60 28.98 -42.11
N LEU C 231 8.08 30.13 -41.64
CA LEU C 231 7.67 30.61 -40.33
C LEU C 231 6.21 31.04 -40.33
N GLY C 232 5.76 31.63 -41.43
CA GLY C 232 4.36 31.99 -41.51
C GLY C 232 3.47 30.76 -41.51
N TYR C 233 3.92 29.70 -42.17
CA TYR C 233 3.17 28.45 -42.11
C TYR C 233 3.17 27.92 -40.69
N TYR C 234 4.33 27.89 -40.04
CA TYR C 234 4.44 27.28 -38.73
C TYR C 234 3.60 28.03 -37.70
N PHE C 235 3.67 29.35 -37.71
CA PHE C 235 2.86 30.13 -36.79
C PHE C 235 1.37 29.93 -37.04
N SER C 236 0.99 29.57 -38.25
CA SER C 236 -0.40 29.35 -38.58
C SER C 236 -0.91 27.99 -38.15
N LEU C 237 -0.08 27.15 -37.54
CA LEU C 237 -0.53 25.85 -37.09
C LEU C 237 -1.63 26.00 -36.04
N SER C 238 -2.37 24.90 -35.83
CA SER C 238 -3.65 24.97 -35.13
C SER C 238 -3.52 25.32 -33.66
N SER C 239 -2.33 25.26 -33.09
CA SER C 239 -2.07 25.55 -31.67
C SER C 239 -2.66 24.47 -30.77
N LEU C 240 -3.45 23.57 -31.35
CA LEU C 240 -3.80 22.31 -30.70
C LEU C 240 -3.12 21.14 -31.38
N SER C 241 -2.28 21.41 -32.37
CA SER C 241 -1.52 20.36 -33.03
C SER C 241 -0.45 19.78 -32.14
N ASP C 242 -0.19 20.39 -30.99
CA ASP C 242 0.76 19.83 -30.04
C ASP C 242 0.17 18.71 -29.21
N GLU C 243 -1.13 18.48 -29.29
CA GLU C 243 -1.77 17.36 -28.63
C GLU C 243 -1.96 16.24 -29.64
N PHE C 244 -1.35 15.11 -29.39
CA PHE C 244 -1.53 13.96 -30.25
C PHE C 244 -1.74 12.72 -29.39
N VAL C 245 -2.44 11.76 -29.96
CA VAL C 245 -2.72 10.50 -29.28
C VAL C 245 -1.69 9.48 -29.73
N CYS C 246 -1.07 8.81 -28.77
CA CYS C 246 0.04 7.90 -29.03
C CYS C 246 -0.28 6.54 -28.44
N SER C 247 0.18 5.48 -29.09
CA SER C 247 -0.15 4.11 -28.69
C SER C 247 1.10 3.26 -28.67
N ILE C 248 1.47 2.77 -27.48
CA ILE C 248 2.62 1.87 -27.35
C ILE C 248 2.06 0.45 -27.43
N LYS C 249 1.77 0.01 -28.64
CA LYS C 249 1.21 -1.33 -28.79
C LYS C 249 1.82 -2.05 -29.97
N SER C 250 3.10 -1.85 -30.22
CA SER C 250 3.81 -2.63 -31.21
C SER C 250 4.58 -3.74 -30.51
N GLY C 251 4.85 -4.80 -31.27
CA GLY C 251 5.62 -5.87 -30.68
C GLY C 251 4.81 -6.64 -29.66
N ILE C 252 5.50 -7.14 -28.63
CA ILE C 252 4.86 -7.98 -27.64
C ILE C 252 3.89 -7.23 -26.76
N LEU C 253 3.91 -5.91 -26.78
CA LEU C 253 2.92 -5.18 -26.00
C LEU C 253 1.56 -5.18 -26.65
N ARG C 254 1.45 -5.68 -27.88
CA ARG C 254 0.15 -5.74 -28.55
C ARG C 254 -0.81 -6.62 -27.78
N ALA C 255 -0.29 -7.74 -27.27
CA ALA C 255 -1.09 -8.72 -26.50
C ALA C 255 -1.24 -8.26 -25.05
N ASP C 256 -0.48 -7.24 -24.62
CA ASP C 256 -0.51 -6.74 -23.22
C ASP C 256 -1.81 -5.97 -22.94
N SER C 257 -2.63 -6.46 -21.99
CA SER C 257 -3.93 -5.82 -21.66
C SER C 257 -3.81 -4.80 -20.52
N THR C 258 -2.65 -4.71 -19.85
CA THR C 258 -2.48 -3.74 -18.74
C THR C 258 -2.20 -2.35 -19.31
N VAL C 259 -1.87 -2.30 -20.60
CA VAL C 259 -1.54 -1.09 -21.34
C VAL C 259 -2.79 -0.58 -22.04
N PRO C 260 -3.22 0.65 -21.78
CA PRO C 260 -4.36 1.20 -22.49
C PRO C 260 -4.07 1.31 -23.97
N ASP C 261 -5.16 1.46 -24.74
CA ASP C 261 -5.03 1.44 -26.19
C ASP C 261 -4.25 2.65 -26.69
N GLN C 262 -4.39 3.79 -26.02
CA GLN C 262 -3.75 4.99 -26.49
C GLN C 262 -3.59 5.99 -25.36
N PHE C 263 -2.59 6.86 -25.49
CA PHE C 263 -2.23 7.83 -24.47
C PHE C 263 -2.37 9.25 -25.03
N GLN C 264 -2.70 10.18 -24.16
CA GLN C 264 -2.83 11.58 -24.56
C GLN C 264 -1.52 12.29 -24.25
N CYS C 265 -0.72 12.52 -25.27
CA CYS C 265 0.54 13.22 -25.13
C CYS C 265 0.40 14.66 -25.58
N LYS C 266 1.21 15.53 -25.00
CA LYS C 266 1.23 16.94 -25.40
C LYS C 266 2.67 17.42 -25.52
N LEU C 267 2.97 18.08 -26.63
CA LEU C 267 4.29 18.66 -26.85
C LEU C 267 4.34 20.02 -26.18
N ILE C 268 4.91 20.08 -24.98
CA ILE C 268 5.09 21.35 -24.33
C ILE C 268 6.02 22.21 -25.18
N ALA C 269 5.99 23.51 -24.92
CA ALA C 269 6.88 24.46 -25.56
C ALA C 269 6.61 24.60 -27.04
N VAL C 270 5.40 24.29 -27.49
CA VAL C 270 5.01 24.64 -28.85
C VAL C 270 4.44 26.04 -28.90
N GLY C 271 3.75 26.48 -27.85
CA GLY C 271 3.30 27.86 -27.81
C GLY C 271 4.47 28.82 -27.84
N ILE C 272 5.54 28.50 -27.11
CA ILE C 272 6.74 29.31 -27.15
C ILE C 272 7.33 29.31 -28.56
N PHE C 273 7.34 28.14 -29.20
CA PHE C 273 7.87 28.08 -30.56
C PHE C 273 7.09 28.97 -31.50
N GLN C 274 5.77 29.00 -31.36
CA GLN C 274 4.96 29.78 -32.28
C GLN C 274 5.10 31.26 -32.01
N LEU C 275 5.19 31.65 -30.73
CA LEU C 275 5.45 33.05 -30.42
C LEU C 275 6.80 33.50 -30.97
N LEU C 276 7.82 32.69 -30.80
CA LEU C 276 9.13 33.07 -31.29
C LEU C 276 9.17 33.06 -32.81
N SER C 277 8.35 32.18 -33.38
CA SER C 277 8.21 32.04 -34.85
C SER C 277 7.60 33.33 -35.43
N VAL C 278 6.62 33.93 -34.75
CA VAL C 278 6.05 35.15 -35.28
C VAL C 278 7.02 36.31 -35.08
N ILE C 279 7.81 36.29 -34.00
CA ILE C 279 8.82 37.33 -33.84
C ILE C 279 9.84 37.27 -34.98
N ASN C 280 10.33 36.07 -35.25
CA ASN C 280 11.30 35.90 -36.34
C ASN C 280 10.72 36.30 -37.67
N LEU C 281 9.46 35.96 -37.92
CA LEU C 281 8.84 36.32 -39.19
C LEU C 281 8.72 37.83 -39.33
N VAL C 282 8.38 38.51 -38.24
CA VAL C 282 8.30 39.97 -38.30
C VAL C 282 9.65 40.55 -38.65
N VAL C 283 10.71 40.11 -37.95
CA VAL C 283 12.02 40.68 -38.23
C VAL C 283 12.47 40.38 -39.65
N TYR C 284 12.20 39.18 -40.14
CA TYR C 284 12.67 38.83 -41.47
C TYR C 284 11.90 39.56 -42.55
N VAL C 285 10.60 39.79 -42.35
CA VAL C 285 9.85 40.53 -43.35
C VAL C 285 10.17 42.01 -43.29
N LEU C 286 10.72 42.49 -42.17
CA LEU C 286 11.28 43.83 -42.18
C LEU C 286 12.65 43.87 -42.82
N LEU C 287 13.38 42.76 -42.76
CA LEU C 287 14.75 42.72 -43.27
C LEU C 287 14.78 42.55 -44.77
N ALA C 288 13.82 41.85 -45.35
CA ALA C 288 13.83 41.60 -46.79
C ALA C 288 13.90 42.88 -47.62
N PRO C 289 13.15 43.95 -47.32
CA PRO C 289 13.30 45.17 -48.12
C PRO C 289 14.71 45.73 -48.08
N VAL C 290 15.41 45.58 -46.97
CA VAL C 290 16.79 46.08 -46.90
C VAL C 290 17.67 45.32 -47.87
N VAL C 291 17.50 43.99 -47.95
CA VAL C 291 18.29 43.22 -48.90
C VAL C 291 17.96 43.64 -50.32
N VAL C 292 16.67 43.83 -50.61
CA VAL C 292 16.29 44.24 -51.96
C VAL C 292 16.92 45.59 -52.28
N TYR C 293 16.96 46.49 -51.31
CA TYR C 293 17.56 47.79 -51.59
C TYR C 293 19.04 47.66 -51.86
N THR C 294 19.75 46.86 -51.07
CA THR C 294 21.17 46.63 -51.36
C THR C 294 21.36 46.03 -52.74
N LEU C 295 20.35 45.33 -53.25
CA LEU C 295 20.50 44.69 -54.56
C LEU C 295 20.76 45.72 -55.67
N PHE C 296 20.34 46.97 -55.49
CA PHE C 296 20.57 48.01 -56.49
C PHE C 296 21.87 48.73 -56.18
N VAL C 297 22.98 48.15 -56.62
CA VAL C 297 24.30 48.69 -56.29
C VAL C 297 24.57 50.03 -56.96
N PRO C 298 24.13 50.33 -58.19
CA PRO C 298 24.44 51.67 -58.72
C PRO C 298 23.70 52.76 -57.98
N PHE C 299 22.43 52.54 -57.67
CA PHE C 299 21.64 53.53 -56.95
C PHE C 299 22.29 53.93 -55.63
N ARG C 300 22.96 53.00 -54.97
CA ARG C 300 23.57 53.32 -53.68
C ARG C 300 24.85 54.12 -53.82
N GLN C 301 25.48 54.13 -54.99
CA GLN C 301 26.69 54.90 -55.20
C GLN C 301 26.33 56.38 -55.15
N LYS C 302 26.58 57.01 -54.00
CA LYS C 302 26.22 58.41 -53.80
C LYS C 302 27.30 59.06 -52.97
N THR C 303 27.24 60.40 -52.92
CA THR C 303 28.22 61.22 -52.21
C THR C 303 29.65 60.89 -52.66
N ASP C 304 29.89 61.15 -53.94
CA ASP C 304 31.13 60.73 -54.60
C ASP C 304 32.36 61.24 -53.87
N VAL C 305 33.14 60.31 -53.30
CA VAL C 305 34.41 60.68 -52.72
C VAL C 305 35.40 61.08 -53.81
N LEU C 306 35.27 60.46 -54.99
CA LEU C 306 36.16 60.82 -56.09
C LEU C 306 36.02 62.28 -56.48
N LYS C 307 34.84 62.87 -56.25
CA LYS C 307 34.64 64.28 -56.58
C LYS C 307 35.60 65.18 -55.83
N VAL C 308 35.89 64.84 -54.57
CA VAL C 308 36.80 65.64 -53.75
C VAL C 308 38.17 65.70 -54.41
N TYR C 309 38.69 64.55 -54.82
CA TYR C 309 40.01 64.54 -55.46
C TYR C 309 39.94 65.13 -56.85
N GLU C 310 38.79 65.03 -57.51
CA GLU C 310 38.58 65.69 -58.79
C GLU C 310 38.72 67.20 -58.65
N ILE C 311 38.35 67.74 -57.49
CA ILE C 311 38.55 69.16 -57.23
C ILE C 311 40.03 69.52 -57.31
N LEU C 312 40.90 68.59 -56.87
CA LEU C 312 42.32 68.81 -57.00
C LEU C 312 42.71 68.91 -58.48
N PRO C 313 43.60 69.82 -58.86
CA PRO C 313 43.92 69.98 -60.29
C PRO C 313 44.68 68.82 -60.89
N THR C 314 45.65 68.26 -60.16
CA THR C 314 46.52 67.23 -60.74
C THR C 314 45.72 66.01 -61.15
N PHE C 315 44.81 65.55 -60.29
CA PHE C 315 43.93 64.46 -60.66
C PHE C 315 42.93 64.93 -61.71
N ASP C 316 42.53 64.01 -62.58
CA ASP C 316 41.56 64.33 -63.61
C ASP C 316 40.25 64.77 -62.97
N VAL C 317 39.70 65.87 -63.47
CA VAL C 317 38.50 66.44 -62.86
C VAL C 317 37.30 65.75 -63.48
N LEU C 318 37.00 64.56 -62.99
CA LEU C 318 35.82 63.81 -63.40
C LEU C 318 35.50 62.82 -62.28
N HIS C 319 34.20 62.58 -62.07
CA HIS C 319 33.82 61.48 -61.21
C HIS C 319 34.24 60.15 -61.84
N PHE C 320 33.95 59.98 -63.12
CA PHE C 320 34.33 58.79 -63.88
C PHE C 320 33.97 57.51 -63.14
N LYS C 321 32.94 57.56 -62.29
CA LYS C 321 32.59 56.41 -61.48
C LYS C 321 31.09 56.52 -61.13
N SER C 322 30.27 55.80 -61.88
CA SER C 322 28.83 55.70 -61.66
C SER C 322 28.23 54.89 -62.81
N GLU C 323 26.92 54.65 -62.70
CA GLU C 323 26.05 54.30 -63.83
C GLU C 323 26.56 53.04 -64.55
N GLY C 324 26.48 51.93 -63.83
CA GLY C 324 26.77 50.66 -64.47
C GLY C 324 26.67 49.45 -63.56
N TYR C 325 26.25 48.33 -64.12
CA TYR C 325 26.33 47.05 -63.44
C TYR C 325 27.71 46.42 -63.66
N ASN C 326 28.72 47.13 -63.20
CA ASN C 326 30.10 46.77 -63.40
C ASN C 326 30.85 46.88 -62.09
N ASP C 327 32.03 46.26 -62.03
CA ASP C 327 32.80 46.24 -60.79
C ASP C 327 33.16 47.63 -60.31
N LEU C 328 33.07 48.64 -61.18
CA LEU C 328 33.38 49.99 -60.76
C LEU C 328 32.41 50.49 -59.72
N SER C 329 31.13 50.14 -59.85
CA SER C 329 30.16 50.56 -58.85
C SER C 329 30.45 49.92 -57.51
N LEU C 330 30.78 48.64 -57.51
CA LEU C 330 31.19 47.99 -56.28
C LEU C 330 32.38 48.68 -55.65
N TYR C 331 33.40 48.96 -56.46
CA TYR C 331 34.57 49.62 -55.93
C TYR C 331 34.25 51.00 -55.40
N ASN C 332 33.26 51.66 -56.01
CA ASN C 332 32.83 52.95 -55.49
C ASN C 332 32.22 52.81 -54.11
N LEU C 333 31.35 51.82 -53.93
CA LEU C 333 30.77 51.61 -52.62
C LEU C 333 31.84 51.30 -51.58
N PHE C 334 32.75 50.40 -51.91
CA PHE C 334 33.77 50.01 -50.94
C PHE C 334 34.75 51.14 -50.70
N LEU C 335 34.95 52.02 -51.69
CA LEU C 335 35.77 53.20 -51.47
C LEU C 335 35.10 54.17 -50.52
N GLU C 336 33.82 54.44 -50.75
CA GLU C 336 33.08 55.27 -49.80
C GLU C 336 33.14 54.68 -48.41
N GLU C 337 33.21 53.35 -48.31
CA GLU C 337 33.24 52.75 -46.99
C GLU C 337 34.59 52.89 -46.32
N ASN C 338 35.66 52.37 -46.94
CA ASN C 338 36.98 52.38 -46.34
C ASN C 338 37.74 53.68 -46.58
N ILE C 339 37.06 54.73 -47.03
CA ILE C 339 37.79 55.94 -47.40
C ILE C 339 38.12 56.81 -46.19
N SER C 340 37.44 56.62 -45.06
CA SER C 340 37.70 57.46 -43.90
C SER C 340 39.06 57.19 -43.27
N GLU C 341 39.65 56.02 -43.54
CA GLU C 341 40.89 55.67 -42.88
C GLU C 341 42.09 56.44 -43.42
N VAL C 342 42.03 56.92 -44.66
CA VAL C 342 43.12 57.71 -45.23
C VAL C 342 43.00 59.16 -44.80
N LYS C 343 44.05 59.70 -44.20
CA LYS C 343 44.01 61.06 -43.71
C LYS C 343 44.01 62.07 -44.85
N SER C 344 44.61 61.70 -46.00
CA SER C 344 44.61 62.60 -47.14
C SER C 344 43.20 62.95 -47.58
N TYR C 345 42.31 61.95 -47.61
CA TYR C 345 40.92 62.23 -47.93
C TYR C 345 40.33 63.19 -46.92
N LYS C 346 40.63 62.99 -45.63
CA LYS C 346 40.06 63.87 -44.61
C LYS C 346 40.46 65.31 -44.87
N CYS C 347 41.74 65.54 -45.14
CA CYS C 347 42.19 66.90 -45.41
C CYS C 347 41.51 67.48 -46.64
N LEU C 348 41.42 66.69 -47.71
CA LEU C 348 40.84 67.23 -48.94
C LEU C 348 39.35 67.51 -48.74
N LYS C 349 38.67 66.70 -47.93
CA LYS C 349 37.25 66.90 -47.67
C LYS C 349 37.02 68.16 -46.87
N VAL C 350 37.84 68.42 -45.85
CA VAL C 350 37.65 69.66 -45.10
C VAL C 350 37.97 70.86 -45.98
N LEU C 351 38.97 70.73 -46.87
CA LEU C 351 39.20 71.79 -47.85
C LEU C 351 37.98 72.01 -48.75
N GLU C 352 37.33 70.93 -49.17
CA GLU C 352 36.14 71.07 -50.02
C GLU C 352 35.02 71.74 -49.25
N ASN C 353 34.90 71.42 -47.96
CA ASN C 353 33.88 72.08 -47.13
C ASN C 353 34.17 73.57 -47.00
N ILE C 354 35.45 73.93 -46.82
CA ILE C 354 35.82 75.34 -46.78
C ILE C 354 35.49 75.99 -48.11
N LYS C 355 35.70 75.26 -49.21
CA LYS C 355 35.28 75.76 -50.52
C LYS C 355 33.78 76.00 -50.53
N SER C 356 33.01 75.12 -49.89
CA SER C 356 31.58 75.36 -49.74
C SER C 356 31.33 76.65 -48.96
N SER C 357 32.12 76.88 -47.92
CA SER C 357 32.12 78.18 -47.25
C SER C 357 32.66 79.27 -48.17
N GLY C 358 33.67 78.94 -48.97
CA GLY C 358 34.20 79.85 -49.96
C GLY C 358 34.90 81.07 -49.39
N GLN C 359 35.84 80.86 -48.48
CA GLN C 359 36.56 81.97 -47.85
C GLN C 359 37.95 82.17 -48.47
N GLY C 360 38.78 81.13 -48.45
CA GLY C 360 40.14 81.26 -48.96
C GLY C 360 40.35 80.66 -50.33
N ILE C 361 41.30 79.72 -50.42
CA ILE C 361 41.63 79.06 -51.67
C ILE C 361 42.14 77.66 -51.34
N ASP C 362 42.03 76.77 -52.33
CA ASP C 362 42.42 75.37 -52.10
C ASP C 362 43.93 75.22 -51.89
N PRO C 363 44.80 75.66 -52.81
CA PRO C 363 46.23 75.33 -52.64
C PRO C 363 46.86 75.99 -51.43
N MET C 364 46.48 77.23 -51.12
CA MET C 364 47.10 77.93 -50.00
C MET C 364 46.79 77.22 -48.68
N LEU C 365 45.51 76.93 -48.43
CA LEU C 365 45.14 76.24 -47.20
C LEU C 365 45.65 74.80 -47.19
N LEU C 366 45.80 74.19 -48.36
CA LEU C 366 46.37 72.85 -48.41
C LEU C 366 47.84 72.86 -47.99
N LEU C 367 48.61 73.85 -48.48
CA LEU C 367 49.98 74.00 -48.04
C LEU C 367 50.05 74.34 -46.56
N THR C 368 49.08 75.10 -46.06
CA THR C 368 49.05 75.42 -44.64
C THR C 368 48.77 74.17 -43.80
N ASN C 369 47.91 73.28 -44.30
CA ASN C 369 47.53 72.04 -43.61
C ASN C 369 48.74 71.29 -43.08
N LEU C 370 49.66 70.91 -43.98
CA LEU C 370 50.87 70.16 -43.62
C LEU C 370 50.49 68.80 -43.00
N GLY C 371 49.79 68.01 -43.80
CA GLY C 371 49.29 66.70 -43.43
C GLY C 371 49.76 65.58 -44.35
N MET C 372 51.03 65.65 -44.77
CA MET C 372 51.57 64.63 -45.67
C MET C 372 51.54 63.24 -45.02
N ILE C 373 51.89 63.15 -43.74
CA ILE C 373 51.88 61.87 -43.05
C ILE C 373 51.40 62.05 -41.61
N ALA D 2 23.79 23.85 -25.39
CA ALA D 2 22.79 24.59 -26.15
C ALA D 2 23.05 24.44 -27.64
N ILE D 3 21.96 24.47 -28.42
CA ILE D 3 22.05 24.30 -29.90
C ILE D 3 22.82 25.48 -30.53
N ALA D 4 22.68 26.68 -29.96
CA ALA D 4 23.35 27.83 -30.52
C ALA D 4 24.85 27.82 -30.22
N GLN D 5 25.25 27.27 -29.08
CA GLN D 5 26.67 27.18 -28.78
C GLN D 5 27.37 26.24 -29.76
N LEU D 6 26.75 25.10 -30.05
CA LEU D 6 27.31 24.21 -31.06
C LEU D 6 27.40 24.91 -32.40
N ALA D 7 26.36 25.68 -32.75
CA ALA D 7 26.41 26.42 -34.00
C ALA D 7 27.62 27.33 -34.04
N THR D 8 27.77 28.21 -33.03
CA THR D 8 28.91 29.10 -33.01
C THR D 8 30.20 28.31 -33.17
N GLU D 9 30.40 27.34 -32.28
CA GLU D 9 31.66 26.61 -32.22
C GLU D 9 32.01 25.94 -33.54
N TYR D 10 31.02 25.39 -34.24
CA TYR D 10 31.34 24.52 -35.37
C TYR D 10 31.07 25.13 -36.74
N VAL D 11 30.39 26.26 -36.84
CA VAL D 11 30.27 26.96 -38.11
C VAL D 11 30.78 28.39 -38.04
N PHE D 12 30.47 29.11 -36.96
CA PHE D 12 30.80 30.52 -36.96
C PHE D 12 32.18 30.79 -36.40
N SER D 13 32.70 29.92 -35.54
CA SER D 13 34.09 30.05 -35.15
C SER D 13 34.99 29.56 -36.28
N ASP D 14 36.27 29.91 -36.19
CA ASP D 14 37.24 29.47 -37.17
C ASP D 14 37.70 28.06 -36.83
N PHE D 15 36.75 27.15 -36.67
CA PHE D 15 37.07 25.77 -36.34
C PHE D 15 37.81 25.14 -37.51
N LEU D 16 39.00 24.60 -37.22
CA LEU D 16 39.89 24.04 -38.23
C LEU D 16 40.26 25.07 -39.30
N LEU D 17 40.02 26.34 -39.03
CA LEU D 17 40.50 27.45 -39.85
C LEU D 17 41.64 28.19 -39.17
N LYS D 18 42.18 27.62 -38.09
CA LYS D 18 43.26 28.27 -37.37
C LYS D 18 44.54 28.26 -38.20
N GLU D 19 45.09 29.45 -38.43
CA GLU D 19 46.37 29.55 -39.11
C GLU D 19 47.46 28.91 -38.26
N PRO D 20 48.54 28.43 -38.87
CA PRO D 20 49.62 27.81 -38.10
C PRO D 20 50.16 28.75 -37.03
N THR D 21 50.00 28.36 -35.76
CA THR D 21 50.50 29.15 -34.64
C THR D 21 52.01 28.95 -34.54
N GLU D 22 52.73 29.59 -35.45
CA GLU D 22 54.17 29.48 -35.54
C GLU D 22 54.71 30.56 -36.45
N PRO D 23 55.90 31.11 -36.17
CA PRO D 23 56.50 32.10 -37.08
C PRO D 23 57.10 31.50 -38.33
N LYS D 24 57.11 30.18 -38.47
CA LYS D 24 57.68 29.55 -39.67
C LYS D 24 56.78 29.79 -40.88
N PHE D 25 55.49 29.57 -40.72
CA PHE D 25 54.50 29.84 -41.75
C PHE D 25 53.63 31.00 -41.29
N LYS D 26 53.98 32.21 -41.70
CA LYS D 26 53.24 33.42 -41.37
C LYS D 26 52.66 33.97 -42.66
N GLY D 27 51.37 33.74 -42.88
CA GLY D 27 50.72 34.16 -44.09
C GLY D 27 50.85 33.23 -45.27
N LEU D 28 51.72 32.21 -45.20
CA LEU D 28 51.76 31.20 -46.25
C LEU D 28 50.67 30.17 -46.01
N ARG D 29 49.91 29.85 -47.05
CA ARG D 29 48.73 29.02 -46.84
C ARG D 29 49.06 27.54 -46.77
N LEU D 30 49.78 27.02 -47.76
CA LEU D 30 50.19 25.62 -47.86
C LEU D 30 49.03 24.67 -48.07
N GLU D 31 47.80 25.15 -48.13
CA GLU D 31 46.64 24.32 -48.44
C GLU D 31 45.69 25.13 -49.29
N LEU D 32 45.40 24.63 -50.48
CA LEU D 32 44.49 25.33 -51.38
C LEU D 32 43.16 25.54 -50.68
N ALA D 33 42.56 26.72 -50.92
CA ALA D 33 41.35 27.09 -50.21
C ALA D 33 40.26 26.06 -50.38
N VAL D 34 40.12 25.51 -51.58
CA VAL D 34 39.07 24.52 -51.80
C VAL D 34 39.36 23.27 -50.98
N ASP D 35 40.63 22.89 -50.84
CA ASP D 35 40.96 21.75 -50.00
C ASP D 35 40.66 22.04 -48.54
N LYS D 36 40.94 23.26 -48.10
CA LYS D 36 40.66 23.63 -46.73
C LYS D 36 39.17 23.54 -46.44
N MET D 37 38.33 24.06 -47.35
CA MET D 37 36.90 24.02 -47.10
C MET D 37 36.37 22.60 -47.21
N VAL D 38 36.91 21.80 -48.12
CA VAL D 38 36.46 20.41 -48.22
C VAL D 38 36.75 19.67 -46.94
N THR D 39 37.96 19.82 -46.41
CA THR D 39 38.29 19.18 -45.15
C THR D 39 37.40 19.69 -44.03
N CYS D 40 37.24 21.02 -43.95
CA CYS D 40 36.44 21.59 -42.88
C CYS D 40 35.04 21.02 -42.89
N ILE D 41 34.38 20.99 -44.04
CA ILE D 41 33.05 20.41 -44.11
C ILE D 41 33.09 18.94 -43.76
N ALA D 42 33.86 18.16 -44.52
CA ALA D 42 33.83 16.72 -44.38
C ALA D 42 34.16 16.25 -42.97
N VAL D 43 34.87 17.05 -42.19
CA VAL D 43 35.27 16.66 -40.85
C VAL D 43 34.36 17.26 -39.79
N GLY D 44 34.05 18.55 -39.90
CA GLY D 44 33.24 19.18 -38.89
C GLY D 44 31.78 18.83 -38.96
N LEU D 45 31.28 18.44 -40.13
CA LEU D 45 29.86 18.13 -40.23
C LEU D 45 29.48 16.92 -39.40
N PRO D 46 30.18 15.78 -39.45
CA PRO D 46 29.81 14.69 -38.54
C PRO D 46 29.94 15.07 -37.08
N LEU D 47 30.90 15.92 -36.71
CA LEU D 47 31.00 16.31 -35.32
C LEU D 47 29.82 17.18 -34.89
N LEU D 48 29.46 18.14 -35.74
CA LEU D 48 28.29 18.95 -35.43
C LEU D 48 27.04 18.10 -35.35
N LEU D 49 26.93 17.10 -36.22
CA LEU D 49 25.76 16.25 -36.20
C LEU D 49 25.73 15.39 -34.94
N ILE D 50 26.87 14.87 -34.51
CA ILE D 50 26.93 14.13 -33.26
C ILE D 50 26.49 15.02 -32.10
N SER D 51 26.98 16.25 -32.08
CA SER D 51 26.60 17.14 -30.99
C SER D 51 25.12 17.47 -31.04
N LEU D 52 24.54 17.58 -32.23
CA LEU D 52 23.12 17.88 -32.33
C LEU D 52 22.27 16.71 -31.88
N ALA D 53 22.67 15.48 -32.22
CA ALA D 53 21.85 14.33 -31.91
C ALA D 53 21.61 14.16 -30.42
N PHE D 54 22.42 14.78 -29.58
CA PHE D 54 22.25 14.69 -28.14
C PHE D 54 22.10 16.07 -27.51
N ALA D 55 21.67 17.05 -28.29
CA ALA D 55 21.35 18.35 -27.73
C ALA D 55 20.29 18.21 -26.67
N GLN D 56 20.40 19.01 -25.61
CA GLN D 56 19.51 18.82 -24.48
C GLN D 56 18.05 19.10 -24.82
N GLU D 57 17.79 19.80 -25.92
CA GLU D 57 16.44 20.12 -26.31
C GLU D 57 15.85 19.15 -27.32
N ILE D 58 16.63 18.23 -27.84
CA ILE D 58 16.06 17.11 -28.58
C ILE D 58 16.04 15.84 -27.73
N SER D 59 17.01 15.66 -26.85
CA SER D 59 17.08 14.45 -26.05
C SER D 59 15.99 14.44 -24.99
N ILE D 60 15.22 13.36 -24.97
CA ILE D 60 14.16 13.24 -23.98
C ILE D 60 14.71 12.77 -22.66
N GLY D 61 15.83 12.05 -22.68
CA GLY D 61 16.32 11.39 -21.50
C GLY D 61 17.38 10.36 -21.86
N THR D 62 17.19 9.14 -21.36
CA THR D 62 18.08 8.04 -21.67
C THR D 62 17.96 7.64 -23.14
N GLN D 63 18.85 6.75 -23.57
CA GLN D 63 18.83 6.25 -24.93
C GLN D 63 17.99 5.00 -25.11
N ILE D 64 17.60 4.34 -24.02
CA ILE D 64 16.83 3.11 -24.12
C ILE D 64 15.85 3.07 -22.96
N SER D 65 14.69 2.49 -23.22
CA SER D 65 13.68 2.29 -22.19
C SER D 65 12.94 0.99 -22.51
N CYS D 66 12.59 0.22 -21.47
CA CYS D 66 12.27 -1.17 -21.69
C CYS D 66 10.91 -1.64 -21.18
N PHE D 67 10.16 -0.81 -20.44
CA PHE D 67 8.79 -1.16 -20.02
C PHE D 67 8.75 -2.49 -19.24
N SER D 68 9.32 -2.44 -18.05
CA SER D 68 9.19 -3.52 -17.10
C SER D 68 7.75 -3.62 -16.60
N PRO D 69 7.38 -4.72 -15.96
CA PRO D 69 6.05 -4.83 -15.36
C PRO D 69 5.85 -3.82 -14.25
N SER D 70 4.58 -3.58 -13.93
CA SER D 70 4.27 -2.63 -12.87
C SER D 70 4.67 -3.16 -11.51
N SER D 71 4.77 -4.48 -11.38
CA SER D 71 5.22 -5.07 -10.12
C SER D 71 6.67 -4.73 -9.83
N PHE D 72 7.47 -4.48 -10.86
CA PHE D 72 8.88 -4.22 -10.68
C PHE D 72 9.09 -2.92 -9.91
N SER D 73 10.05 -2.93 -9.00
CA SER D 73 10.41 -1.72 -8.31
C SER D 73 11.18 -0.81 -9.25
N TRP D 74 11.50 0.39 -8.78
CA TRP D 74 12.25 1.34 -9.59
C TRP D 74 13.61 0.75 -9.96
N ARG D 75 14.28 0.10 -9.01
CA ARG D 75 15.61 -0.41 -9.26
C ARG D 75 15.59 -1.64 -10.15
N GLN D 76 14.53 -2.45 -10.08
CA GLN D 76 14.44 -3.58 -10.99
C GLN D 76 14.25 -3.10 -12.42
N ALA D 77 13.44 -2.06 -12.62
CA ALA D 77 13.29 -1.50 -13.94
C ALA D 77 14.60 -0.93 -14.44
N ALA D 78 15.36 -0.27 -13.56
CA ALA D 78 16.66 0.22 -13.96
C ALA D 78 17.58 -0.93 -14.34
N PHE D 79 17.51 -2.05 -13.63
CA PHE D 79 18.31 -3.20 -14.01
C PHE D 79 17.92 -3.68 -15.39
N VAL D 80 16.62 -3.71 -15.69
CA VAL D 80 16.19 -4.19 -17.00
C VAL D 80 16.74 -3.30 -18.09
N ASP D 81 16.62 -1.98 -17.91
CA ASP D 81 17.16 -1.05 -18.91
C ASP D 81 18.64 -1.27 -19.12
N SER D 82 19.41 -1.33 -18.02
CA SER D 82 20.85 -1.48 -18.15
C SER D 82 21.21 -2.81 -18.78
N TYR D 83 20.53 -3.89 -18.40
CA TYR D 83 20.85 -5.19 -18.96
C TYR D 83 20.59 -5.20 -20.45
N CYS D 84 19.46 -4.68 -20.88
CA CYS D 84 19.16 -4.74 -22.31
C CYS D 84 20.10 -3.84 -23.09
N TRP D 85 20.44 -2.68 -22.55
CA TRP D 85 21.42 -1.81 -23.18
C TRP D 85 22.74 -2.54 -23.38
N ALA D 86 23.21 -3.23 -22.35
CA ALA D 86 24.45 -3.99 -22.50
C ALA D 86 24.26 -5.24 -23.33
N ALA D 87 23.02 -5.66 -23.53
CA ALA D 87 22.72 -6.91 -24.22
C ALA D 87 22.45 -6.72 -25.69
N VAL D 88 22.44 -5.49 -26.20
CA VAL D 88 22.41 -5.36 -27.64
C VAL D 88 23.64 -5.98 -28.28
N GLN D 89 24.70 -6.23 -27.50
CA GLN D 89 25.86 -6.94 -28.04
C GLN D 89 25.66 -8.45 -27.99
N GLN D 90 25.28 -8.98 -26.83
CA GLN D 90 25.10 -10.42 -26.68
C GLN D 90 23.91 -10.88 -27.50
N LYS D 91 24.17 -11.54 -28.63
CA LYS D 91 23.11 -11.86 -29.57
C LYS D 91 22.13 -12.89 -29.04
N ASN D 92 22.51 -13.67 -28.03
CA ASN D 92 21.65 -14.75 -27.55
C ASN D 92 20.44 -14.22 -26.80
N SER D 93 20.58 -13.10 -26.10
CA SER D 93 19.52 -12.64 -25.22
C SER D 93 18.42 -11.91 -25.96
N LEU D 94 18.76 -11.09 -26.94
CA LEU D 94 17.79 -10.24 -27.60
C LEU D 94 17.33 -10.87 -28.92
N GLN D 95 16.05 -10.68 -29.23
CA GLN D 95 15.45 -11.18 -30.45
C GLN D 95 14.75 -10.02 -31.15
N SER D 96 15.26 -9.62 -32.31
CA SER D 96 14.71 -8.51 -33.07
C SER D 96 14.33 -8.98 -34.47
N GLU D 97 13.31 -8.33 -35.04
CA GLU D 97 12.81 -8.73 -36.36
C GLU D 97 13.85 -8.46 -37.44
N SER D 98 14.59 -7.35 -37.33
CA SER D 98 15.56 -6.99 -38.36
C SER D 98 16.87 -7.74 -38.23
N GLY D 99 17.28 -8.09 -37.01
CA GLY D 99 18.56 -8.70 -36.75
C GLY D 99 19.32 -7.96 -35.68
N ASN D 100 20.54 -8.42 -35.42
CA ASN D 100 21.35 -7.78 -34.41
C ASN D 100 22.20 -6.65 -34.96
N LEU D 101 22.59 -6.73 -36.23
CA LEU D 101 23.43 -5.68 -36.81
C LEU D 101 22.78 -4.32 -36.71
N PRO D 102 21.49 -4.14 -37.02
CA PRO D 102 20.90 -2.81 -36.80
C PRO D 102 20.97 -2.36 -35.36
N LEU D 103 20.85 -3.28 -34.41
CA LEU D 103 20.95 -2.88 -33.01
C LEU D 103 22.35 -2.37 -32.69
N TRP D 104 23.36 -3.10 -33.14
CA TRP D 104 24.74 -2.62 -33.01
C TRP D 104 24.87 -1.22 -33.59
N LEU D 105 24.36 -1.04 -34.81
CA LEU D 105 24.51 0.24 -35.48
C LEU D 105 23.78 1.35 -34.77
N HIS D 106 22.66 1.04 -34.14
CA HIS D 106 21.90 2.05 -33.43
C HIS D 106 22.58 2.45 -32.14
N LYS D 107 23.22 1.50 -31.47
CA LYS D 107 23.91 1.85 -30.24
C LYS D 107 25.15 2.69 -30.51
N PHE D 108 25.91 2.35 -31.54
CA PHE D 108 27.21 2.95 -31.77
C PHE D 108 27.22 3.94 -32.92
N PHE D 109 26.10 4.57 -33.21
CA PHE D 109 26.08 5.60 -34.25
C PHE D 109 27.04 6.74 -33.96
N PRO D 110 27.09 7.32 -32.76
CA PRO D 110 28.05 8.40 -32.53
C PRO D 110 29.49 7.97 -32.74
N TYR D 111 29.83 6.77 -32.31
CA TYR D 111 31.21 6.30 -32.50
C TYR D 111 31.54 6.16 -33.96
N ILE D 112 30.59 5.68 -34.77
CA ILE D 112 30.87 5.51 -36.18
C ILE D 112 31.03 6.86 -36.87
N LEU D 113 30.19 7.82 -36.51
CA LEU D 113 30.37 9.14 -37.11
C LEU D 113 31.70 9.75 -36.71
N LEU D 114 32.11 9.60 -35.45
CA LEU D 114 33.39 10.14 -35.04
C LEU D 114 34.55 9.42 -35.74
N LEU D 115 34.38 8.12 -35.97
CA LEU D 115 35.39 7.39 -36.73
C LEU D 115 35.53 7.94 -38.13
N PHE D 116 34.40 8.27 -38.76
CA PHE D 116 34.47 8.86 -40.08
C PHE D 116 35.13 10.23 -40.04
N ALA D 117 34.84 11.02 -39.02
CA ALA D 117 35.48 12.32 -38.88
C ALA D 117 36.99 12.17 -38.78
N ILE D 118 37.45 11.22 -37.98
CA ILE D 118 38.89 11.03 -37.81
C ILE D 118 39.53 10.54 -39.11
N LEU D 119 38.91 9.57 -39.76
CA LEU D 119 39.45 9.06 -41.01
C LEU D 119 39.51 10.14 -42.08
N LEU D 120 38.55 11.06 -42.07
CA LEU D 120 38.59 12.15 -43.03
C LEU D 120 39.58 13.21 -42.65
N TYR D 121 39.92 13.31 -41.37
CA TYR D 121 40.95 14.24 -40.92
C TYR D 121 42.35 13.72 -41.19
N LEU D 122 42.51 12.41 -41.33
CA LEU D 122 43.85 11.85 -41.48
C LEU D 122 44.60 12.34 -42.72
N PRO D 123 44.03 12.31 -43.93
CA PRO D 123 44.80 12.72 -45.11
C PRO D 123 45.27 14.16 -45.05
N PRO D 124 44.44 15.11 -44.63
CA PRO D 124 44.97 16.47 -44.44
C PRO D 124 46.07 16.53 -43.42
N LEU D 125 46.02 15.70 -42.38
CA LEU D 125 47.12 15.68 -41.42
C LEU D 125 48.39 15.18 -42.06
N PHE D 126 48.30 14.12 -42.86
CA PHE D 126 49.49 13.59 -43.52
C PHE D 126 50.06 14.63 -44.47
N TRP D 127 49.20 15.39 -45.14
CA TRP D 127 49.70 16.45 -46.00
C TRP D 127 50.38 17.54 -45.19
N ARG D 128 49.76 17.94 -44.07
CA ARG D 128 50.30 19.03 -43.27
C ARG D 128 51.62 18.66 -42.63
N PHE D 129 51.85 17.39 -42.33
CA PHE D 129 53.05 17.02 -41.62
C PHE D 129 54.12 16.41 -42.51
N ALA D 130 53.74 15.80 -43.63
CA ALA D 130 54.73 15.17 -44.49
C ALA D 130 55.25 16.08 -45.58
N ALA D 131 54.36 16.75 -46.31
CA ALA D 131 54.75 17.49 -47.50
C ALA D 131 54.59 19.00 -47.39
N ALA D 132 54.02 19.49 -46.31
CA ALA D 132 53.82 20.94 -46.19
C ALA D 132 55.13 21.72 -46.08
N PRO D 133 56.08 21.31 -45.23
CA PRO D 133 57.27 22.16 -45.05
C PRO D 133 58.09 22.30 -46.32
N HIS D 134 58.20 21.23 -47.11
CA HIS D 134 58.95 21.29 -48.35
C HIS D 134 58.41 22.39 -49.26
N ILE D 135 57.10 22.36 -49.49
CA ILE D 135 56.51 23.32 -50.40
C ILE D 135 56.50 24.71 -49.78
N CYS D 136 56.39 24.80 -48.46
CA CYS D 136 56.45 26.12 -47.83
C CYS D 136 57.79 26.78 -48.10
N SER D 137 58.87 26.05 -47.86
CA SER D 137 60.20 26.61 -48.09
C SER D 137 60.40 26.95 -49.56
N ASP D 138 60.03 26.05 -50.45
CA ASP D 138 60.25 26.30 -51.87
C ASP D 138 59.44 27.49 -52.36
N LEU D 139 58.16 27.56 -52.00
CA LEU D 139 57.32 28.66 -52.43
C LEU D 139 57.84 29.98 -51.89
N LYS D 140 58.24 30.01 -50.62
CA LYS D 140 58.74 31.26 -50.05
C LYS D 140 60.00 31.70 -50.77
N PHE D 141 60.91 30.76 -51.03
CA PHE D 141 62.13 31.11 -51.75
C PHE D 141 61.81 31.59 -53.16
N ILE D 142 60.87 30.94 -53.83
CA ILE D 142 60.52 31.33 -55.19
C ILE D 142 59.94 32.74 -55.20
N MET D 143 59.13 33.06 -54.20
CA MET D 143 58.55 34.41 -54.14
C MET D 143 59.62 35.45 -53.88
N GLU D 144 60.56 35.15 -52.98
CA GLU D 144 61.65 36.09 -52.74
C GLU D 144 62.46 36.31 -54.01
N GLU D 145 62.81 35.24 -54.71
CA GLU D 145 63.59 35.38 -55.93
C GLU D 145 62.81 36.13 -57.00
N LEU D 146 61.49 35.90 -57.02
CA LEU D 146 60.58 36.58 -57.98
C LEU D 146 60.67 38.08 -57.73
N ASP D 147 60.57 38.49 -56.46
CA ASP D 147 60.69 39.90 -56.10
C ASP D 147 62.04 40.46 -56.52
N LYS D 148 63.10 39.68 -56.33
CA LYS D 148 64.42 40.14 -56.74
C LYS D 148 64.49 40.33 -58.24
N VAL D 149 63.86 39.44 -59.00
CA VAL D 149 63.85 39.58 -60.46
C VAL D 149 63.11 40.84 -60.87
N TYR D 150 61.97 41.12 -60.24
CA TYR D 150 61.25 42.34 -60.56
C TYR D 150 62.08 43.58 -60.20
N ASN D 151 62.79 43.51 -59.07
CA ASN D 151 63.63 44.62 -58.66
C ASN D 151 64.74 44.85 -59.67
N ARG D 152 65.36 43.77 -60.18
CA ARG D 152 66.38 43.91 -61.20
C ARG D 152 65.81 44.56 -62.46
N ALA D 153 64.61 44.15 -62.86
CA ALA D 153 64.00 44.70 -64.07
C ALA D 153 63.74 46.19 -63.91
N ILE D 154 63.15 46.59 -62.78
CA ILE D 154 62.84 48.01 -62.60
C ILE D 154 64.12 48.82 -62.42
N LYS D 155 65.15 48.24 -61.80
CA LYS D 155 66.42 48.94 -61.67
C LYS D 155 67.06 49.16 -63.03
N ALA D 156 67.01 48.15 -63.90
CA ALA D 156 67.53 48.31 -65.25
C ALA D 156 66.74 49.37 -66.01
N ALA D 157 65.42 49.37 -65.87
CA ALA D 157 64.60 50.36 -66.57
C ALA D 157 64.93 51.77 -66.10
N LYS D 158 64.97 51.97 -64.78
CA LYS D 158 65.28 53.29 -64.24
C LYS D 158 66.68 53.75 -64.63
N SER D 159 67.66 52.83 -64.61
CA SER D 159 69.02 53.19 -65.01
C SER D 159 69.07 53.59 -66.48
N ALA D 160 68.30 52.88 -67.32
CA ALA D 160 68.19 53.30 -68.72
C ALA D 160 67.56 54.67 -68.84
N ARG D 161 66.57 54.96 -68.00
CA ARG D 161 65.98 56.30 -67.99
C ARG D 161 66.98 57.35 -67.53
N ASP D 162 67.80 57.01 -66.54
CA ASP D 162 68.79 57.95 -66.01
C ASP D 162 70.13 57.81 -66.73
N PRO D 194 68.13 34.16 -63.92
CA PRO D 194 66.88 33.42 -63.81
C PRO D 194 66.99 32.19 -62.90
N ILE D 195 67.51 32.37 -61.69
CA ILE D 195 67.68 31.22 -60.79
C ILE D 195 66.33 30.65 -60.42
N VAL D 196 65.34 31.52 -60.17
CA VAL D 196 64.02 31.04 -59.83
C VAL D 196 63.37 30.35 -61.03
N GLU D 197 63.62 30.86 -62.24
CA GLU D 197 63.08 30.20 -63.43
C GLU D 197 63.67 28.82 -63.59
N GLN D 198 64.98 28.67 -63.34
CA GLN D 198 65.60 27.37 -63.49
C GLN D 198 65.16 26.42 -62.37
N TYR D 199 64.91 26.95 -61.17
CA TYR D 199 64.34 26.11 -60.12
C TYR D 199 62.96 25.62 -60.50
N LEU D 200 62.17 26.48 -61.14
CA LEU D 200 60.87 26.06 -61.64
C LEU D 200 61.02 24.96 -62.69
N LYS D 201 61.97 25.14 -63.60
CA LYS D 201 62.24 24.10 -64.59
C LYS D 201 62.63 22.80 -63.92
N THR D 202 63.35 22.90 -62.79
CA THR D 202 63.74 21.70 -62.06
C THR D 202 62.54 21.01 -61.44
N LYS D 203 61.67 21.79 -60.78
CA LYS D 203 60.46 21.23 -60.20
C LYS D 203 59.58 20.59 -61.25
N LYS D 204 59.67 21.05 -62.50
CA LYS D 204 58.90 20.44 -63.57
C LYS D 204 59.22 18.95 -63.74
N ASN D 205 60.31 18.47 -63.14
CA ASN D 205 60.77 17.10 -63.35
C ASN D 205 60.19 16.15 -62.31
N SER D 206 60.38 16.46 -61.03
CA SER D 206 60.00 15.55 -59.96
C SER D 206 58.48 15.48 -59.82
N ASN D 207 58.01 14.33 -59.32
CA ASN D 207 56.58 14.11 -59.13
C ASN D 207 56.27 13.54 -57.75
N ASN D 208 57.14 13.77 -56.77
CA ASN D 208 56.87 13.31 -55.41
C ASN D 208 55.70 14.06 -54.81
N LEU D 209 55.78 15.40 -54.89
CA LEU D 209 54.75 16.31 -54.31
C LEU D 209 53.37 16.09 -54.94
N ILE D 210 53.30 15.69 -56.21
CA ILE D 210 51.99 15.53 -56.82
C ILE D 210 51.41 14.17 -56.51
N ILE D 211 52.23 13.12 -56.42
CA ILE D 211 51.63 11.85 -56.04
C ILE D 211 51.19 11.89 -54.59
N LYS D 212 51.93 12.60 -53.73
CA LYS D 212 51.44 12.77 -52.37
C LYS D 212 50.09 13.48 -52.35
N TYR D 213 49.97 14.54 -53.15
CA TYR D 213 48.75 15.33 -53.15
C TYR D 213 47.56 14.52 -53.65
N ILE D 214 47.69 13.89 -54.81
CA ILE D 214 46.56 13.13 -55.32
C ILE D 214 46.33 11.90 -54.48
N SER D 215 47.31 11.40 -53.73
CA SER D 215 47.04 10.28 -52.84
C SER D 215 46.17 10.71 -51.67
N CYS D 216 46.48 11.87 -51.07
CA CYS D 216 45.58 12.35 -50.01
C CYS D 216 44.20 12.65 -50.56
N ARG D 217 44.11 13.26 -51.75
CA ARG D 217 42.78 13.54 -52.31
C ARG D 217 42.04 12.25 -52.60
N LEU D 218 42.74 11.24 -53.10
CA LEU D 218 42.08 9.99 -53.43
C LEU D 218 41.61 9.26 -52.19
N LEU D 219 42.39 9.32 -51.11
CA LEU D 219 41.93 8.70 -49.87
C LEU D 219 40.74 9.45 -49.30
N THR D 220 40.74 10.78 -49.41
CA THR D 220 39.56 11.52 -48.96
C THR D 220 38.34 11.12 -49.75
N LEU D 221 38.48 10.97 -51.07
CA LEU D 221 37.35 10.58 -51.89
C LEU D 221 36.88 9.17 -51.54
N ILE D 222 37.82 8.26 -51.30
CA ILE D 222 37.45 6.89 -50.98
C ILE D 222 36.71 6.83 -49.67
N ILE D 223 37.21 7.55 -48.66
CA ILE D 223 36.57 7.54 -47.35
C ILE D 223 35.21 8.21 -47.43
N ILE D 224 35.08 9.27 -48.21
CA ILE D 224 33.78 9.92 -48.35
C ILE D 224 32.79 8.99 -49.03
N LEU D 225 33.24 8.23 -50.03
CA LEU D 225 32.32 7.31 -50.69
C LEU D 225 31.92 6.18 -49.76
N LEU D 226 32.86 5.67 -48.98
CA LEU D 226 32.52 4.63 -48.01
C LEU D 226 31.55 5.16 -46.97
N ALA D 227 31.75 6.40 -46.53
CA ALA D 227 30.83 7.00 -45.57
C ALA D 227 29.45 7.20 -46.19
N CYS D 228 29.40 7.59 -47.45
CA CYS D 228 28.11 7.72 -48.13
C CYS D 228 27.40 6.38 -48.19
N ILE D 229 28.14 5.32 -48.53
CA ILE D 229 27.51 3.99 -48.58
C ILE D 229 26.97 3.63 -47.21
N TYR D 230 27.77 3.84 -46.17
CA TYR D 230 27.31 3.46 -44.83
C TYR D 230 26.10 4.27 -44.41
N LEU D 231 26.10 5.57 -44.67
CA LEU D 231 24.97 6.39 -44.24
C LEU D 231 23.73 6.09 -45.04
N GLY D 232 23.89 5.79 -46.33
CA GLY D 232 22.74 5.40 -47.12
C GLY D 232 22.15 4.10 -46.63
N TYR D 233 23.01 3.16 -46.23
CA TYR D 233 22.50 1.93 -45.64
C TYR D 233 21.78 2.23 -44.34
N TYR D 234 22.39 3.04 -43.48
CA TYR D 234 21.82 3.28 -42.15
C TYR D 234 20.48 3.98 -42.25
N PHE D 235 20.38 4.99 -43.10
CA PHE D 235 19.11 5.67 -43.27
C PHE D 235 18.04 4.75 -43.84
N SER D 236 18.44 3.72 -44.55
CA SER D 236 17.50 2.77 -45.13
C SER D 236 17.00 1.73 -44.13
N LEU D 237 17.45 1.79 -42.89
CA LEU D 237 16.99 0.83 -41.89
C LEU D 237 15.48 0.97 -41.67
N SER D 238 14.89 -0.07 -41.10
CA SER D 238 13.44 -0.23 -41.12
C SER D 238 12.68 0.82 -40.32
N SER D 239 13.37 1.58 -39.47
CA SER D 239 12.76 2.60 -38.61
C SER D 239 11.90 1.99 -37.52
N LEU D 240 11.68 0.67 -37.59
CA LEU D 240 11.18 -0.10 -36.48
C LEU D 240 12.26 -1.01 -35.92
N SER D 241 13.46 -0.94 -36.46
CA SER D 241 14.58 -1.72 -35.96
C SER D 241 15.04 -1.24 -34.60
N ASP D 242 14.55 -0.10 -34.13
CA ASP D 242 14.87 0.37 -32.80
C ASP D 242 14.05 -0.32 -31.72
N GLU D 243 13.05 -1.11 -32.08
CA GLU D 243 12.29 -1.91 -31.14
C GLU D 243 12.82 -3.32 -31.17
N PHE D 244 13.33 -3.79 -30.04
CA PHE D 244 13.79 -5.15 -29.93
C PHE D 244 13.29 -5.75 -28.63
N VAL D 245 13.13 -7.06 -28.63
CA VAL D 245 12.68 -7.79 -27.46
C VAL D 245 13.90 -8.33 -26.72
N CYS D 246 13.97 -8.08 -25.43
CA CYS D 246 15.13 -8.41 -24.62
C CYS D 246 14.69 -9.28 -23.45
N SER D 247 15.56 -10.19 -23.03
CA SER D 247 15.23 -11.17 -22.00
C SER D 247 16.35 -11.25 -20.98
N ILE D 248 16.06 -10.86 -19.74
CA ILE D 248 17.04 -10.98 -18.66
C ILE D 248 16.79 -12.33 -17.98
N LYS D 249 17.27 -13.38 -18.61
CA LYS D 249 17.05 -14.70 -18.04
C LYS D 249 18.29 -15.57 -18.15
N SER D 250 19.46 -14.97 -17.99
CA SER D 250 20.69 -15.73 -17.88
C SER D 250 21.07 -15.89 -16.43
N GLY D 251 21.84 -16.94 -16.15
CA GLY D 251 22.27 -17.11 -14.79
C GLY D 251 21.13 -17.55 -13.88
N ILE D 252 21.19 -17.11 -12.63
CA ILE D 252 20.22 -17.54 -11.64
C ILE D 252 18.83 -16.96 -11.88
N LEU D 253 18.70 -15.97 -12.75
CA LEU D 253 17.38 -15.47 -13.06
C LEU D 253 16.61 -16.39 -13.98
N ARG D 254 17.26 -17.42 -14.52
CA ARG D 254 16.57 -18.36 -15.39
C ARG D 254 15.45 -19.06 -14.65
N ALA D 255 15.73 -19.42 -13.38
CA ALA D 255 14.76 -20.12 -12.52
C ALA D 255 13.78 -19.14 -11.88
N ASP D 256 14.05 -17.82 -12.00
CA ASP D 256 13.19 -16.77 -11.39
C ASP D 256 11.87 -16.63 -12.17
N SER D 257 10.74 -16.88 -11.51
CA SER D 257 9.40 -16.81 -12.16
C SER D 257 8.76 -15.42 -12.02
N THR D 258 9.33 -14.53 -11.21
CA THR D 258 8.73 -13.17 -11.04
C THR D 258 9.13 -12.27 -12.22
N VAL D 259 10.11 -12.74 -13.00
CA VAL D 259 10.65 -12.04 -14.17
C VAL D 259 9.93 -12.56 -15.42
N PRO D 260 9.29 -11.70 -16.19
CA PRO D 260 8.68 -12.13 -17.44
C PRO D 260 9.72 -12.67 -18.40
N ASP D 261 9.22 -13.40 -19.40
CA ASP D 261 10.14 -14.07 -20.32
C ASP D 261 10.91 -13.08 -21.16
N GLN D 262 10.30 -11.95 -21.50
CA GLN D 262 10.95 -10.99 -22.37
C GLN D 262 10.33 -9.61 -22.20
N PHE D 263 11.13 -8.59 -22.49
CA PHE D 263 10.74 -7.20 -22.33
C PHE D 263 10.77 -6.49 -23.66
N GLN D 264 9.90 -5.50 -23.81
CA GLN D 264 9.85 -4.69 -25.03
C GLN D 264 10.68 -3.44 -24.81
N CYS D 265 11.88 -3.42 -25.37
CA CYS D 265 12.76 -2.27 -25.28
C CYS D 265 12.73 -1.47 -26.57
N LYS D 266 12.97 -0.17 -26.46
CA LYS D 266 13.04 0.69 -27.63
C LYS D 266 14.24 1.63 -27.51
N LEU D 267 15.02 1.71 -28.58
CA LEU D 267 16.17 2.61 -28.63
C LEU D 267 15.67 3.99 -29.05
N ILE D 268 15.48 4.86 -28.08
CA ILE D 268 15.11 6.23 -28.40
C ILE D 268 16.24 6.86 -29.20
N ALA D 269 15.92 7.95 -29.88
CA ALA D 269 16.91 8.73 -30.62
C ALA D 269 17.48 7.98 -31.80
N VAL D 270 16.77 7.01 -32.32
CA VAL D 270 17.15 6.43 -33.60
C VAL D 270 16.55 7.21 -34.75
N GLY D 271 15.35 7.74 -34.58
CA GLY D 271 14.79 8.61 -35.60
C GLY D 271 15.65 9.83 -35.83
N ILE D 272 16.18 10.41 -34.76
CA ILE D 272 17.10 11.53 -34.88
C ILE D 272 18.36 11.09 -35.61
N PHE D 273 18.86 9.91 -35.29
CA PHE D 273 20.05 9.41 -35.97
C PHE D 273 19.82 9.28 -37.46
N GLN D 274 18.64 8.78 -37.85
CA GLN D 274 18.39 8.56 -39.27
C GLN D 274 18.19 9.88 -40.00
N LEU D 275 17.51 10.83 -39.36
CA LEU D 275 17.39 12.15 -39.98
C LEU D 275 18.75 12.81 -40.15
N LEU D 276 19.61 12.73 -39.14
CA LEU D 276 20.91 13.35 -39.26
C LEU D 276 21.78 12.60 -40.25
N SER D 277 21.51 11.30 -40.36
CA SER D 277 22.23 10.41 -41.31
C SER D 277 21.91 10.82 -42.74
N VAL D 278 20.64 11.18 -43.03
CA VAL D 278 20.32 11.59 -44.39
C VAL D 278 20.88 12.98 -44.66
N ILE D 279 20.93 13.85 -43.65
CA ILE D 279 21.55 15.15 -43.85
C ILE D 279 23.03 14.99 -44.21
N ASN D 280 23.74 14.17 -43.44
CA ASN D 280 25.14 13.93 -43.70
C ASN D 280 25.36 13.32 -45.07
N LEU D 281 24.50 12.38 -45.47
CA LEU D 281 24.64 11.76 -46.78
C LEU D 281 24.44 12.77 -47.88
N VAL D 282 23.48 13.67 -47.74
CA VAL D 282 23.26 14.71 -48.74
C VAL D 282 24.52 15.56 -48.87
N VAL D 283 25.05 16.04 -47.75
CA VAL D 283 26.22 16.91 -47.84
C VAL D 283 27.42 16.17 -48.43
N TYR D 284 27.61 14.91 -48.07
CA TYR D 284 28.77 14.21 -48.57
C TYR D 284 28.64 13.87 -50.05
N VAL D 285 27.43 13.58 -50.52
CA VAL D 285 27.28 13.30 -51.94
C VAL D 285 27.33 14.59 -52.75
N LEU D 286 27.11 15.74 -52.12
CA LEU D 286 27.41 16.99 -52.80
C LEU D 286 28.90 17.31 -52.76
N LEU D 287 29.60 16.83 -51.74
CA LEU D 287 31.01 17.13 -51.57
C LEU D 287 31.90 16.28 -52.45
N ALA D 288 31.50 15.04 -52.73
CA ALA D 288 32.34 14.16 -53.53
C ALA D 288 32.70 14.73 -54.90
N PRO D 289 31.79 15.36 -55.65
CA PRO D 289 32.22 15.95 -56.93
C PRO D 289 33.28 17.00 -56.76
N VAL D 290 33.27 17.75 -55.67
CA VAL D 290 34.31 18.75 -55.46
C VAL D 290 35.67 18.09 -55.31
N VAL D 291 35.72 16.99 -54.56
CA VAL D 291 36.99 16.28 -54.41
C VAL D 291 37.44 15.75 -55.75
N VAL D 292 36.54 15.18 -56.53
CA VAL D 292 36.91 14.66 -57.84
C VAL D 292 37.46 15.78 -58.71
N TYR D 293 36.84 16.96 -58.63
CA TYR D 293 37.33 18.07 -59.45
C TYR D 293 38.72 18.49 -59.02
N THR D 294 38.97 18.59 -57.71
CA THR D 294 40.32 18.88 -57.26
C THR D 294 41.31 17.84 -57.72
N LEU D 295 40.84 16.61 -57.97
CA LEU D 295 41.76 15.56 -58.38
C LEU D 295 42.47 15.89 -59.70
N PHE D 296 41.88 16.74 -60.54
CA PHE D 296 42.50 17.13 -61.81
C PHE D 296 43.32 18.40 -61.60
N VAL D 297 44.54 18.22 -61.13
CA VAL D 297 45.39 19.37 -60.79
C VAL D 297 45.82 20.17 -62.01
N PRO D 298 46.10 19.59 -63.19
CA PRO D 298 46.49 20.48 -64.31
C PRO D 298 45.34 21.33 -64.78
N PHE D 299 44.14 20.76 -64.88
CA PHE D 299 42.98 21.52 -65.32
C PHE D 299 42.75 22.75 -64.46
N ARG D 300 43.04 22.67 -63.17
CA ARG D 300 42.79 23.81 -62.30
C ARG D 300 43.83 24.91 -62.47
N GLN D 301 44.99 24.61 -63.03
CA GLN D 301 46.02 25.62 -63.24
C GLN D 301 45.52 26.60 -64.30
N LYS D 302 45.02 27.75 -63.85
CA LYS D 302 44.45 28.73 -64.75
C LYS D 302 44.79 30.12 -64.24
N THR D 303 44.57 31.11 -65.09
CA THR D 303 44.89 32.51 -64.80
C THR D 303 46.35 32.67 -64.38
N ASP D 304 47.23 32.34 -65.32
CA ASP D 304 48.66 32.24 -65.05
C ASP D 304 49.22 33.52 -64.45
N VAL D 305 49.65 33.44 -63.18
CA VAL D 305 50.35 34.57 -62.58
C VAL D 305 51.71 34.76 -63.22
N LEU D 306 52.33 33.66 -63.66
CA LEU D 306 53.63 33.77 -64.31
C LEU D 306 53.55 34.61 -65.58
N LYS D 307 52.38 34.66 -66.22
CA LYS D 307 52.24 35.46 -67.44
C LYS D 307 52.51 36.93 -67.17
N VAL D 308 52.08 37.43 -66.00
CA VAL D 308 52.30 38.83 -65.65
C VAL D 308 53.79 39.15 -65.64
N TYR D 309 54.58 38.31 -64.99
CA TYR D 309 56.01 38.56 -64.93
C TYR D 309 56.66 38.29 -66.28
N GLU D 310 56.07 37.38 -67.07
CA GLU D 310 56.54 37.16 -68.42
C GLU D 310 56.40 38.41 -69.27
N ILE D 311 55.38 39.24 -68.96
CA ILE D 311 55.24 40.53 -69.65
C ILE D 311 56.47 41.39 -69.39
N LEU D 312 57.05 41.30 -68.21
CA LEU D 312 58.28 42.03 -67.93
C LEU D 312 59.39 41.53 -68.84
N PRO D 313 60.23 42.42 -69.37
CA PRO D 313 61.26 41.98 -70.33
C PRO D 313 62.36 41.13 -69.70
N THR D 314 62.83 41.50 -68.50
CA THR D 314 63.97 40.83 -67.91
C THR D 314 63.69 39.35 -67.68
N PHE D 315 62.53 39.04 -67.12
CA PHE D 315 62.13 37.65 -66.97
C PHE D 315 61.83 37.04 -68.34
N ASP D 316 62.09 35.75 -68.47
CA ASP D 316 61.82 35.07 -69.72
C ASP D 316 60.34 35.14 -70.04
N VAL D 317 60.03 35.47 -71.29
CA VAL D 317 58.64 35.68 -71.68
C VAL D 317 58.07 34.32 -72.08
N LEU D 318 57.69 33.54 -71.08
CA LEU D 318 57.02 32.26 -71.28
C LEU D 318 56.26 31.93 -70.01
N HIS D 319 55.11 31.28 -70.18
CA HIS D 319 54.45 30.72 -69.01
C HIS D 319 55.29 29.59 -68.41
N PHE D 320 55.79 28.69 -69.26
CA PHE D 320 56.66 27.60 -68.87
C PHE D 320 56.11 26.84 -67.67
N LYS D 321 54.78 26.86 -67.51
CA LYS D 321 54.17 26.23 -66.33
C LYS D 321 52.74 25.84 -66.70
N SER D 322 52.56 24.56 -67.04
CA SER D 322 51.26 23.96 -67.34
C SER D 322 51.49 22.53 -67.80
N GLU D 323 50.39 21.82 -68.03
CA GLU D 323 50.34 20.62 -68.86
C GLU D 323 51.30 19.54 -68.36
N GLY D 324 50.97 19.03 -67.17
CA GLY D 324 51.70 17.90 -66.67
C GLY D 324 51.26 17.40 -65.32
N TYR D 325 51.37 16.09 -65.11
CA TYR D 325 51.20 15.50 -63.79
C TYR D 325 52.53 15.51 -63.04
N ASN D 326 53.03 16.72 -62.83
CA ASN D 326 54.33 16.96 -62.24
C ASN D 326 54.21 18.02 -61.17
N ASP D 327 55.22 18.10 -60.32
CA ASP D 327 55.17 19.03 -59.20
C ASP D 327 55.04 20.47 -59.65
N LEU D 328 55.33 20.75 -60.91
CA LEU D 328 55.20 22.12 -61.40
C LEU D 328 53.75 22.58 -61.37
N SER D 329 52.82 21.69 -61.69
CA SER D 329 51.41 22.08 -61.65
C SER D 329 50.98 22.39 -60.22
N LEU D 330 51.41 21.57 -59.26
CA LEU D 330 51.14 21.87 -57.86
C LEU D 330 51.70 23.23 -57.47
N TYR D 331 52.96 23.48 -57.84
CA TYR D 331 53.56 24.75 -57.48
C TYR D 331 52.82 25.90 -58.15
N ASN D 332 52.27 25.68 -59.34
CA ASN D 332 51.48 26.71 -59.98
C ASN D 332 50.24 27.02 -59.18
N LEU D 333 49.54 25.98 -58.72
CA LEU D 333 48.35 26.22 -57.91
C LEU D 333 48.70 26.97 -56.64
N PHE D 334 49.74 26.52 -55.94
CA PHE D 334 50.09 27.16 -54.69
C PHE D 334 50.63 28.57 -54.90
N LEU D 335 51.24 28.82 -56.06
CA LEU D 335 51.66 30.17 -56.39
C LEU D 335 50.47 31.07 -56.63
N GLU D 336 49.50 30.60 -57.42
CA GLU D 336 48.27 31.35 -57.58
C GLU D 336 47.62 31.65 -56.23
N GLU D 337 47.77 30.73 -55.29
CA GLU D 337 47.14 30.93 -53.99
C GLU D 337 47.88 31.97 -53.16
N ASN D 338 49.16 31.73 -52.86
CA ASN D 338 49.92 32.61 -51.99
C ASN D 338 50.52 33.80 -52.72
N ILE D 339 50.09 34.08 -53.95
CA ILE D 339 50.75 35.12 -54.73
C ILE D 339 50.25 36.52 -54.36
N SER D 340 49.09 36.64 -53.72
CA SER D 340 48.57 37.96 -53.40
C SER D 340 49.36 38.65 -52.32
N GLU D 341 50.14 37.91 -51.53
CA GLU D 341 50.85 38.52 -50.41
C GLU D 341 52.03 39.36 -50.85
N VAL D 342 52.62 39.07 -52.01
CA VAL D 342 53.75 39.86 -52.51
C VAL D 342 53.22 41.09 -53.23
N LYS D 343 53.70 42.26 -52.79
CA LYS D 343 53.24 43.52 -53.35
C LYS D 343 53.75 43.70 -54.78
N SER D 344 54.92 43.13 -55.10
CA SER D 344 55.46 43.24 -56.46
C SER D 344 54.48 42.66 -57.47
N TYR D 345 53.89 41.51 -57.16
CA TYR D 345 52.88 40.95 -58.05
C TYR D 345 51.72 41.91 -58.22
N LYS D 346 51.28 42.53 -57.12
CA LYS D 346 50.15 43.45 -57.20
C LYS D 346 50.45 44.58 -58.17
N CYS D 347 51.64 45.17 -58.04
CA CYS D 347 51.99 46.26 -58.95
C CYS D 347 52.04 45.79 -60.39
N LEU D 348 52.65 44.63 -60.63
CA LEU D 348 52.77 44.17 -62.00
C LEU D 348 51.41 43.82 -62.60
N LYS D 349 50.50 43.33 -61.76
CA LYS D 349 49.16 42.98 -62.23
C LYS D 349 48.38 44.22 -62.60
N VAL D 350 48.46 45.27 -61.77
CA VAL D 350 47.75 46.49 -62.15
C VAL D 350 48.36 47.11 -63.40
N LEU D 351 49.68 47.00 -63.56
CA LEU D 351 50.29 47.41 -64.83
C LEU D 351 49.76 46.60 -66.00
N GLU D 352 49.58 45.29 -65.82
CA GLU D 352 49.05 44.47 -66.91
C GLU D 352 47.61 44.85 -67.22
N ASN D 353 46.84 45.19 -66.20
CA ASN D 353 45.48 45.66 -66.43
C ASN D 353 45.47 46.97 -67.21
N ILE D 354 46.37 47.88 -66.87
CA ILE D 354 46.49 49.12 -67.63
C ILE D 354 46.88 48.82 -69.07
N LYS D 355 47.74 47.82 -69.25
CA LYS D 355 48.05 47.36 -70.60
C LYS D 355 46.80 46.88 -71.31
N SER D 356 45.92 46.20 -70.58
CA SER D 356 44.62 45.82 -71.13
C SER D 356 43.84 47.07 -71.54
N SER D 357 43.89 48.10 -70.70
CA SER D 357 43.36 49.41 -71.10
C SER D 357 44.18 50.00 -72.23
N GLY D 358 45.50 49.81 -72.19
CA GLY D 358 46.38 50.24 -73.27
C GLY D 358 46.49 51.73 -73.43
N GLN D 359 46.78 52.44 -72.34
CA GLN D 359 46.91 53.90 -72.38
C GLN D 359 48.36 54.35 -72.43
N GLY D 360 49.17 53.95 -71.46
CA GLY D 360 50.55 54.38 -71.39
C GLY D 360 51.57 53.36 -71.84
N ILE D 361 52.50 53.03 -70.95
CA ILE D 361 53.55 52.06 -71.25
C ILE D 361 53.95 51.38 -69.95
N ASP D 362 54.50 50.17 -70.06
CA ASP D 362 54.87 49.42 -68.87
C ASP D 362 56.01 50.06 -68.09
N PRO D 363 57.19 50.33 -68.69
CA PRO D 363 58.31 50.78 -67.84
C PRO D 363 58.10 52.16 -67.24
N MET D 364 57.46 53.08 -67.97
CA MET D 364 57.26 54.42 -67.45
C MET D 364 56.37 54.41 -66.21
N LEU D 365 55.21 53.76 -66.31
CA LEU D 365 54.31 53.69 -65.18
C LEU D 365 54.89 52.83 -64.05
N LEU D 366 55.74 51.85 -64.38
CA LEU D 366 56.40 51.08 -63.33
C LEU D 366 57.36 51.95 -62.54
N LEU D 367 58.15 52.77 -63.24
CA LEU D 367 59.04 53.71 -62.55
C LEU D 367 58.23 54.73 -61.76
N THR D 368 57.07 55.13 -62.26
CA THR D 368 56.21 56.04 -61.53
C THR D 368 55.67 55.40 -60.25
N ASN D 369 55.33 54.10 -60.31
CA ASN D 369 54.79 53.36 -59.18
C ASN D 369 55.59 53.58 -57.90
N LEU D 370 56.89 53.26 -57.93
CA LEU D 370 57.77 53.40 -56.76
C LEU D 370 57.28 52.51 -55.61
N GLY D 371 57.24 51.21 -55.88
CA GLY D 371 56.78 50.21 -54.96
C GLY D 371 57.80 49.13 -54.68
N MET D 372 59.07 49.51 -54.55
CA MET D 372 60.13 48.54 -54.29
C MET D 372 59.93 47.81 -52.98
N ILE D 373 59.51 48.51 -51.94
CA ILE D 373 59.27 47.91 -50.64
C ILE D 373 58.06 48.53 -49.96
N ALA E 2 30.83 15.78 -24.09
CA ALA E 2 30.35 15.51 -25.44
C ALA E 2 31.40 14.78 -26.24
N ILE E 3 30.93 13.94 -27.17
CA ILE E 3 31.84 13.12 -28.03
C ILE E 3 32.68 14.03 -28.93
N ALA E 4 32.11 15.15 -29.39
CA ALA E 4 32.84 16.05 -30.28
C ALA E 4 33.91 16.82 -29.53
N GLN E 5 33.68 17.16 -28.26
CA GLN E 5 34.69 17.86 -27.50
C GLN E 5 35.92 16.98 -27.30
N LEU E 6 35.70 15.71 -26.97
CA LEU E 6 36.82 14.79 -26.86
C LEU E 6 37.56 14.69 -28.20
N ALA E 7 36.80 14.64 -29.29
CA ALA E 7 37.44 14.60 -30.60
C ALA E 7 38.36 15.79 -30.79
N THR E 8 37.83 17.01 -30.63
CA THR E 8 38.66 18.20 -30.79
C THR E 8 39.90 18.09 -29.93
N GLU E 9 39.69 17.89 -28.62
CA GLU E 9 40.78 17.92 -27.65
C GLU E 9 41.87 16.92 -27.99
N TYR E 10 41.52 15.72 -28.45
CA TYR E 10 42.50 14.66 -28.53
C TYR E 10 42.97 14.31 -29.93
N VAL E 11 42.33 14.81 -30.99
CA VAL E 11 42.84 14.65 -32.34
C VAL E 11 43.05 15.99 -33.03
N PHE E 12 42.12 16.92 -32.89
CA PHE E 12 42.22 18.14 -33.68
C PHE E 12 43.02 19.22 -32.99
N SER E 13 43.08 19.21 -31.67
CA SER E 13 43.99 20.12 -30.99
C SER E 13 45.42 19.59 -31.11
N ASP E 14 46.38 20.46 -30.83
CA ASP E 14 47.78 20.07 -30.85
C ASP E 14 48.14 19.38 -29.54
N PHE E 15 47.37 18.36 -29.18
CA PHE E 15 47.61 17.62 -27.95
C PHE E 15 48.94 16.90 -28.05
N LEU E 16 49.84 17.16 -27.09
CA LEU E 16 51.20 16.63 -27.09
C LEU E 16 51.97 17.04 -28.34
N LEU E 17 51.46 18.02 -29.08
CA LEU E 17 52.19 18.65 -30.17
C LEU E 17 52.67 20.04 -29.79
N LYS E 18 52.58 20.39 -28.50
CA LYS E 18 53.00 21.71 -28.05
C LYS E 18 54.51 21.85 -28.16
N GLU E 19 54.95 22.87 -28.88
CA GLU E 19 56.37 23.17 -28.95
C GLU E 19 56.88 23.59 -27.57
N PRO E 20 58.17 23.40 -27.29
CA PRO E 20 58.70 23.79 -25.98
C PRO E 20 58.45 25.26 -25.68
N THR E 21 57.66 25.53 -24.64
CA THR E 21 57.36 26.89 -24.22
C THR E 21 58.57 27.45 -23.48
N GLU E 22 59.59 27.79 -24.26
CA GLU E 22 60.85 28.30 -23.72
C GLU E 22 61.67 28.90 -24.85
N PRO E 23 62.43 29.97 -24.59
CA PRO E 23 63.31 30.52 -25.63
C PRO E 23 64.57 29.72 -25.87
N LYS E 24 64.82 28.66 -25.09
CA LYS E 24 66.01 27.85 -25.29
C LYS E 24 65.91 27.05 -26.58
N PHE E 25 64.78 26.39 -26.79
CA PHE E 25 64.52 25.64 -28.01
C PHE E 25 63.40 26.36 -28.76
N LYS E 26 63.78 27.22 -29.70
CA LYS E 26 62.84 27.97 -30.52
C LYS E 26 63.01 27.49 -31.96
N GLY E 27 62.09 26.65 -32.42
CA GLY E 27 62.16 26.07 -33.74
C GLY E 27 63.04 24.85 -33.88
N LEU E 28 63.84 24.50 -32.86
CA LEU E 28 64.57 23.24 -32.88
C LEU E 28 63.65 22.12 -32.44
N ARG E 29 63.64 21.02 -33.21
CA ARG E 29 62.65 19.98 -32.96
C ARG E 29 63.07 19.05 -31.83
N LEU E 30 64.27 18.49 -31.90
CA LEU E 30 64.83 17.57 -30.91
C LEU E 30 64.10 16.24 -30.85
N GLU E 31 63.06 16.03 -31.64
CA GLU E 31 62.38 14.75 -31.71
C GLU E 31 61.96 14.52 -33.15
N LEU E 32 62.44 13.43 -33.73
CA LEU E 32 62.10 13.11 -35.11
C LEU E 32 60.59 13.03 -35.27
N ALA E 33 60.09 13.54 -36.40
CA ALA E 33 58.65 13.64 -36.60
C ALA E 33 57.96 12.30 -36.43
N VAL E 34 58.58 11.23 -36.92
CA VAL E 34 57.96 9.92 -36.79
C VAL E 34 57.89 9.51 -35.33
N ASP E 35 58.91 9.86 -34.54
CA ASP E 35 58.85 9.55 -33.12
C ASP E 35 57.76 10.36 -32.43
N LYS E 36 57.61 11.62 -32.83
CA LYS E 36 56.57 12.45 -32.25
C LYS E 36 55.19 11.88 -32.54
N MET E 37 54.95 11.45 -33.77
CA MET E 37 53.63 10.91 -34.09
C MET E 37 53.42 9.56 -33.43
N VAL E 38 54.47 8.74 -33.32
CA VAL E 38 54.31 7.46 -32.65
C VAL E 38 53.93 7.66 -31.20
N THR E 39 54.61 8.57 -30.53
CA THR E 39 54.27 8.85 -29.14
C THR E 39 52.86 9.41 -29.04
N CYS E 40 52.52 10.37 -29.90
CA CYS E 40 51.20 10.98 -29.85
C CYS E 40 50.11 9.93 -29.97
N ILE E 41 50.22 9.05 -30.97
CA ILE E 41 49.23 8.00 -31.12
C ILE E 41 49.23 7.08 -29.91
N ALA E 42 50.38 6.47 -29.64
CA ALA E 42 50.46 5.43 -28.61
C ALA E 42 50.01 5.92 -27.24
N VAL E 43 50.07 7.22 -26.99
CA VAL E 43 49.70 7.76 -25.69
C VAL E 43 48.29 8.34 -25.70
N GLY E 44 47.95 9.11 -26.72
CA GLY E 44 46.64 9.74 -26.74
C GLY E 44 45.52 8.80 -27.08
N LEU E 45 45.80 7.71 -27.80
CA LEU E 45 44.72 6.80 -28.16
C LEU E 45 44.08 6.14 -26.95
N PRO E 46 44.82 5.57 -26.01
CA PRO E 46 44.14 5.04 -24.81
C PRO E 46 43.41 6.10 -24.03
N LEU E 47 43.90 7.33 -23.99
CA LEU E 47 43.17 8.37 -23.27
C LEU E 47 41.86 8.70 -23.98
N LEU E 48 41.90 8.85 -25.30
CA LEU E 48 40.67 9.11 -26.04
C LEU E 48 39.70 7.96 -25.87
N LEU E 49 40.21 6.73 -25.84
CA LEU E 49 39.33 5.59 -25.69
C LEU E 49 38.71 5.55 -24.31
N ILE E 50 39.48 5.87 -23.27
CA ILE E 50 38.92 5.96 -21.93
C ILE E 50 37.81 7.00 -21.89
N SER E 51 38.06 8.16 -22.50
CA SER E 51 37.04 9.20 -22.48
C SER E 51 35.81 8.78 -23.25
N LEU E 52 35.98 8.01 -24.32
CA LEU E 52 34.82 7.57 -25.09
C LEU E 52 34.01 6.53 -24.35
N ALA E 53 34.68 5.64 -23.62
CA ALA E 53 33.96 4.55 -22.97
C ALA E 53 32.96 5.05 -21.95
N PHE E 54 33.09 6.30 -21.48
CA PHE E 54 32.17 6.87 -20.52
C PHE E 54 31.53 8.14 -21.05
N ALA E 55 31.50 8.31 -22.36
CA ALA E 55 30.77 9.42 -22.96
C ALA E 55 29.31 9.37 -22.53
N GLN E 56 28.73 10.54 -22.30
CA GLN E 56 27.39 10.58 -21.73
C GLN E 56 26.35 9.98 -22.66
N GLU E 57 26.67 9.84 -23.94
CA GLU E 57 25.72 9.30 -24.90
C GLU E 57 25.90 7.81 -25.15
N ILE E 58 26.95 7.21 -24.63
CA ILE E 58 27.01 5.75 -24.60
C ILE E 58 26.67 5.21 -23.21
N SER E 59 27.02 5.94 -22.15
CA SER E 59 26.78 5.45 -20.80
C SER E 59 25.29 5.48 -20.49
N ILE E 60 24.77 4.35 -20.04
CA ILE E 60 23.36 4.28 -19.67
C ILE E 60 23.15 4.82 -18.28
N GLY E 61 24.16 4.76 -17.43
CA GLY E 61 24.00 5.07 -16.03
C GLY E 61 25.18 4.58 -15.23
N THR E 62 24.90 3.83 -14.17
CA THR E 62 25.94 3.24 -13.34
C THR E 62 26.69 2.16 -14.12
N GLN E 63 27.77 1.67 -13.51
CA GLN E 63 28.57 0.62 -14.10
C GLN E 63 28.11 -0.78 -13.72
N ILE E 64 27.28 -0.91 -12.69
CA ILE E 64 26.84 -2.21 -12.23
C ILE E 64 25.40 -2.11 -11.78
N SER E 65 24.65 -3.18 -11.98
CA SER E 65 23.27 -3.27 -11.53
C SER E 65 22.99 -4.72 -11.16
N CYS E 66 22.22 -4.94 -10.09
CA CYS E 66 22.23 -6.24 -9.44
C CYS E 66 20.88 -6.92 -9.28
N PHE E 67 19.76 -6.27 -9.59
CA PHE E 67 18.45 -6.92 -9.56
C PHE E 67 18.14 -7.55 -8.19
N SER E 68 17.94 -6.67 -7.23
CA SER E 68 17.44 -7.08 -5.94
C SER E 68 15.99 -7.53 -6.04
N PRO E 69 15.47 -8.21 -5.03
CA PRO E 69 14.05 -8.58 -5.03
C PRO E 69 13.15 -7.36 -5.02
N SER E 70 11.89 -7.57 -5.40
CA SER E 70 10.94 -6.47 -5.43
C SER E 70 10.58 -6.02 -4.02
N SER E 71 10.75 -6.90 -3.05
CA SER E 71 10.50 -6.53 -1.66
C SER E 71 11.49 -5.50 -1.16
N PHE E 72 12.69 -5.47 -1.74
CA PHE E 72 13.72 -4.56 -1.28
C PHE E 72 13.31 -3.11 -1.53
N SER E 73 13.60 -2.25 -0.57
CA SER E 73 13.37 -0.84 -0.78
C SER E 73 14.43 -0.28 -1.72
N TRP E 74 14.29 0.99 -2.07
CA TRP E 74 15.25 1.63 -2.95
C TRP E 74 16.64 1.59 -2.35
N ARG E 75 16.74 1.87 -1.05
CA ARG E 75 18.03 1.95 -0.41
C ARG E 75 18.66 0.57 -0.21
N GLN E 76 17.84 -0.45 -0.01
CA GLN E 76 18.40 -1.80 0.07
C GLN E 76 18.98 -2.23 -1.26
N ALA E 77 18.29 -1.91 -2.35
CA ALA E 77 18.84 -2.20 -3.67
C ALA E 77 20.14 -1.44 -3.89
N ALA E 78 20.18 -0.19 -3.47
CA ALA E 78 21.43 0.56 -3.59
C ALA E 78 22.54 -0.09 -2.78
N PHE E 79 22.21 -0.60 -1.60
CA PHE E 79 23.21 -1.32 -0.82
C PHE E 79 23.71 -2.53 -1.57
N VAL E 80 22.82 -3.26 -2.22
CA VAL E 80 23.24 -4.46 -2.93
C VAL E 80 24.20 -4.09 -4.05
N ASP E 81 23.84 -3.06 -4.83
CA ASP E 81 24.71 -2.62 -5.91
C ASP E 81 26.09 -2.24 -5.38
N SER E 82 26.12 -1.41 -4.34
CA SER E 82 27.40 -0.95 -3.82
C SER E 82 28.21 -2.11 -3.25
N TYR E 83 27.56 -3.01 -2.52
CA TYR E 83 28.29 -4.13 -1.95
C TYR E 83 28.90 -4.99 -3.03
N CYS E 84 28.13 -5.32 -4.06
CA CYS E 84 28.69 -6.19 -5.08
C CYS E 84 29.80 -5.50 -5.86
N TRP E 85 29.63 -4.20 -6.13
CA TRP E 85 30.69 -3.44 -6.76
C TRP E 85 31.98 -3.51 -5.95
N ALA E 86 31.87 -3.31 -4.65
CA ALA E 86 33.07 -3.41 -3.82
C ALA E 86 33.52 -4.84 -3.63
N ALA E 87 32.66 -5.80 -3.93
CA ALA E 87 32.94 -7.20 -3.69
C ALA E 87 33.50 -7.91 -4.89
N VAL E 88 33.63 -7.24 -6.03
CA VAL E 88 34.39 -7.87 -7.11
C VAL E 88 35.83 -8.12 -6.68
N GLN E 89 36.31 -7.45 -5.63
CA GLN E 89 37.63 -7.74 -5.11
C GLN E 89 37.63 -8.93 -4.17
N GLN E 90 36.74 -8.93 -3.18
CA GLN E 90 36.68 -10.01 -2.21
C GLN E 90 36.20 -11.28 -2.89
N LYS E 91 37.11 -12.23 -3.12
CA LYS E 91 36.79 -13.40 -3.92
C LYS E 91 35.82 -14.34 -3.24
N ASN E 92 35.67 -14.25 -1.92
CA ASN E 92 34.83 -15.21 -1.21
C ASN E 92 33.35 -14.98 -1.47
N SER E 93 32.94 -13.73 -1.68
CA SER E 93 31.52 -13.41 -1.76
C SER E 93 30.93 -13.72 -3.14
N LEU E 94 31.67 -13.42 -4.21
CA LEU E 94 31.13 -13.54 -5.55
C LEU E 94 31.55 -14.86 -6.18
N GLN E 95 30.65 -15.43 -6.98
CA GLN E 95 30.88 -16.68 -7.69
C GLN E 95 30.55 -16.46 -9.16
N SER E 96 31.57 -16.52 -10.01
CA SER E 96 31.41 -16.30 -11.44
C SER E 96 31.92 -17.50 -12.21
N GLU E 97 31.32 -17.75 -13.38
CA GLU E 97 31.68 -18.91 -14.18
C GLU E 97 33.11 -18.80 -14.71
N SER E 98 33.52 -17.59 -15.09
CA SER E 98 34.84 -17.39 -15.68
C SER E 98 35.95 -17.32 -14.63
N GLY E 99 35.65 -16.80 -13.45
CA GLY E 99 36.64 -16.58 -12.42
C GLY E 99 36.59 -15.15 -11.92
N ASN E 100 37.51 -14.84 -11.01
CA ASN E 100 37.54 -13.49 -10.44
C ASN E 100 38.41 -12.55 -11.25
N LEU E 101 39.45 -13.07 -11.91
CA LEU E 101 40.33 -12.20 -12.68
C LEU E 101 39.58 -11.40 -13.74
N PRO E 102 38.66 -11.99 -14.52
CA PRO E 102 37.91 -11.16 -15.44
C PRO E 102 37.11 -10.07 -14.75
N LEU E 103 36.60 -10.33 -13.55
CA LEU E 103 35.86 -9.30 -12.84
C LEU E 103 36.78 -8.15 -12.46
N TRP E 104 37.96 -8.48 -11.92
CA TRP E 104 38.95 -7.44 -11.66
C TRP E 104 39.22 -6.63 -12.90
N LEU E 105 39.45 -7.31 -14.02
CA LEU E 105 39.79 -6.62 -15.26
C LEU E 105 38.67 -5.75 -15.76
N HIS E 106 37.43 -6.17 -15.53
CA HIS E 106 36.28 -5.39 -15.99
C HIS E 106 36.09 -4.16 -15.14
N LYS E 107 36.36 -4.26 -13.84
CA LYS E 107 36.21 -3.08 -13.00
C LYS E 107 37.28 -2.04 -13.28
N PHE E 108 38.53 -2.48 -13.48
CA PHE E 108 39.65 -1.57 -13.56
C PHE E 108 40.18 -1.39 -14.97
N PHE E 109 39.33 -1.54 -15.97
CA PHE E 109 39.78 -1.31 -17.35
C PHE E 109 40.27 0.12 -17.56
N PRO E 110 39.58 1.17 -17.11
CA PRO E 110 40.12 2.52 -17.31
C PRO E 110 41.48 2.71 -16.67
N TYR E 111 41.66 2.18 -15.47
CA TYR E 111 42.95 2.34 -14.81
C TYR E 111 44.06 1.66 -15.58
N ILE E 112 43.77 0.49 -16.15
CA ILE E 112 44.81 -0.22 -16.88
C ILE E 112 45.16 0.52 -18.16
N LEU E 113 44.15 1.05 -18.85
CA LEU E 113 44.47 1.83 -20.04
C LEU E 113 45.28 3.07 -19.70
N LEU E 114 44.94 3.75 -18.61
CA LEU E 114 45.71 4.92 -18.24
C LEU E 114 47.13 4.54 -17.82
N LEU E 115 47.28 3.38 -17.18
CA LEU E 115 48.62 2.90 -16.85
C LEU E 115 49.44 2.68 -18.11
N PHE E 116 48.82 2.12 -19.14
CA PHE E 116 49.53 1.95 -20.40
C PHE E 116 49.89 3.28 -21.02
N ALA E 117 48.99 4.25 -20.95
CA ALA E 117 49.31 5.57 -21.48
C ALA E 117 50.51 6.17 -20.78
N ILE E 118 50.56 6.05 -19.45
CA ILE E 118 51.67 6.62 -18.70
C ILE E 118 52.97 5.90 -19.04
N LEU E 119 52.93 4.57 -19.05
CA LEU E 119 54.14 3.82 -19.36
C LEU E 119 54.64 4.13 -20.77
N LEU E 120 53.74 4.40 -21.71
CA LEU E 120 54.18 4.76 -23.04
C LEU E 120 54.66 6.18 -23.12
N TYR E 121 54.22 7.04 -22.21
CA TYR E 121 54.71 8.39 -22.15
C TYR E 121 56.07 8.51 -21.48
N LEU E 122 56.44 7.52 -20.68
CA LEU E 122 57.69 7.61 -19.94
C LEU E 122 58.94 7.68 -20.83
N PRO E 123 59.14 6.82 -21.82
CA PRO E 123 60.38 6.88 -22.59
C PRO E 123 60.57 8.20 -23.32
N PRO E 124 59.53 8.76 -23.96
CA PRO E 124 59.70 10.10 -24.53
C PRO E 124 60.04 11.14 -23.49
N LEU E 125 59.52 11.01 -22.27
CA LEU E 125 59.90 11.94 -21.22
C LEU E 125 61.37 11.81 -20.87
N PHE E 126 61.86 10.57 -20.75
CA PHE E 126 63.26 10.38 -20.43
C PHE E 126 64.15 10.94 -21.53
N TRP E 127 63.71 10.80 -22.78
CA TRP E 127 64.47 11.39 -23.88
C TRP E 127 64.45 12.91 -23.79
N ARG E 128 63.29 13.48 -23.52
CA ARG E 128 63.16 14.94 -23.51
C ARG E 128 63.94 15.56 -22.36
N PHE E 129 64.11 14.85 -21.26
CA PHE E 129 64.75 15.45 -20.10
C PHE E 129 66.20 15.02 -19.93
N ALA E 130 66.58 13.85 -20.42
CA ALA E 130 67.94 13.37 -20.22
C ALA E 130 68.87 13.75 -21.37
N ALA E 131 68.45 13.51 -22.61
CA ALA E 131 69.34 13.64 -23.76
C ALA E 131 68.97 14.75 -24.71
N ALA E 132 67.85 15.42 -24.52
CA ALA E 132 67.45 16.47 -25.45
C ALA E 132 68.37 17.68 -25.40
N PRO E 133 68.75 18.21 -24.23
CA PRO E 133 69.53 19.46 -24.25
C PRO E 133 70.89 19.30 -24.90
N HIS E 134 71.53 18.16 -24.70
CA HIS E 134 72.84 17.92 -25.30
C HIS E 134 72.76 18.06 -26.80
N ILE E 135 71.81 17.34 -27.41
CA ILE E 135 71.72 17.36 -28.86
C ILE E 135 71.20 18.70 -29.35
N CYS E 136 70.36 19.38 -28.56
CA CYS E 136 69.92 20.70 -28.98
C CYS E 136 71.09 21.65 -29.11
N SER E 137 71.94 21.69 -28.09
CA SER E 137 73.10 22.59 -28.13
C SER E 137 74.04 22.20 -29.27
N ASP E 138 74.33 20.92 -29.42
CA ASP E 138 75.26 20.50 -30.45
C ASP E 138 74.72 20.81 -31.85
N LEU E 139 73.46 20.47 -32.10
CA LEU E 139 72.88 20.71 -33.41
C LEU E 139 72.85 22.20 -33.72
N LYS E 140 72.48 23.02 -32.74
CA LYS E 140 72.43 24.46 -33.00
C LYS E 140 73.81 25.00 -33.31
N PHE E 141 74.81 24.57 -32.55
CA PHE E 141 76.18 25.00 -32.84
C PHE E 141 76.64 24.53 -34.20
N ILE E 142 76.31 23.29 -34.57
CA ILE E 142 76.72 22.76 -35.85
C ILE E 142 76.09 23.55 -36.98
N MET E 143 74.82 23.93 -36.82
CA MET E 143 74.16 24.72 -37.85
C MET E 143 74.77 26.11 -37.98
N GLU E 144 75.08 26.74 -36.84
CA GLU E 144 75.74 28.05 -36.91
C GLU E 144 77.08 27.94 -37.61
N GLU E 145 77.89 26.93 -37.26
CA GLU E 145 79.19 26.78 -37.89
C GLU E 145 79.04 26.47 -39.38
N LEU E 146 78.00 25.71 -39.71
CA LEU E 146 77.70 25.34 -41.12
C LEU E 146 77.46 26.65 -41.89
N ASP E 147 76.62 27.53 -41.34
CA ASP E 147 76.35 28.82 -41.97
C ASP E 147 77.63 29.62 -42.14
N LYS E 148 78.50 29.60 -41.12
CA LYS E 148 79.76 30.32 -41.23
C LYS E 148 80.62 29.75 -42.34
N VAL E 149 80.62 28.43 -42.51
CA VAL E 149 81.41 27.81 -43.56
C VAL E 149 80.89 28.23 -44.93
N TYR E 150 79.55 28.24 -45.09
CA TYR E 150 78.99 28.69 -46.36
C TYR E 150 79.32 30.17 -46.62
N ASN E 151 79.30 30.98 -45.56
CA ASN E 151 79.65 32.39 -45.72
C ASN E 151 81.09 32.55 -46.14
N ARG E 152 82.00 31.76 -45.57
CA ARG E 152 83.40 31.80 -45.99
C ARG E 152 83.54 31.42 -47.44
N ALA E 153 82.82 30.38 -47.87
CA ALA E 153 82.92 29.93 -49.26
C ALA E 153 82.45 31.01 -50.22
N ILE E 154 81.29 31.61 -49.93
CA ILE E 154 80.77 32.64 -50.84
C ILE E 154 81.63 33.89 -50.79
N LYS E 155 82.20 34.21 -49.64
CA LYS E 155 83.09 35.37 -49.54
C LYS E 155 84.34 35.14 -50.38
N ALA E 156 84.91 33.92 -50.32
CA ALA E 156 86.06 33.60 -51.14
C ALA E 156 85.72 33.68 -52.62
N ALA E 157 84.53 33.17 -53.00
CA ALA E 157 84.14 33.21 -54.41
C ALA E 157 83.97 34.65 -54.89
N LYS E 158 83.27 35.48 -54.12
CA LYS E 158 83.07 36.87 -54.50
C LYS E 158 84.38 37.62 -54.56
N SER E 159 85.29 37.38 -53.60
CA SER E 159 86.58 38.04 -53.63
C SER E 159 87.38 37.64 -54.85
N ALA E 160 87.31 36.36 -55.24
CA ALA E 160 87.93 35.93 -56.48
C ALA E 160 87.32 36.62 -57.68
N ARG E 161 86.00 36.81 -57.66
CA ARG E 161 85.35 37.57 -58.73
C ARG E 161 85.80 39.02 -58.75
N ASP E 162 85.97 39.62 -57.57
CA ASP E 162 86.38 41.02 -57.48
C ASP E 162 87.91 41.15 -57.39
N PRO E 194 87.50 23.91 -40.84
CA PRO E 194 86.49 22.86 -40.72
C PRO E 194 86.23 22.43 -39.28
N ILE E 195 85.97 23.39 -38.39
CA ILE E 195 85.75 23.04 -37.00
C ILE E 195 84.48 22.21 -36.85
N VAL E 196 83.43 22.55 -37.61
CA VAL E 196 82.21 21.78 -37.54
C VAL E 196 82.41 20.39 -38.13
N GLU E 197 83.24 20.28 -39.18
CA GLU E 197 83.52 18.96 -39.73
C GLU E 197 84.26 18.10 -38.73
N GLN E 198 85.22 18.69 -38.01
CA GLN E 198 85.96 17.91 -37.03
C GLN E 198 85.10 17.55 -35.83
N TYR E 199 84.17 18.44 -35.45
CA TYR E 199 83.21 18.08 -34.41
C TYR E 199 82.34 16.92 -34.84
N LEU E 200 81.95 16.90 -36.11
CA LEU E 200 81.20 15.76 -36.63
C LEU E 200 82.03 14.49 -36.57
N LYS E 201 83.29 14.59 -36.96
CA LYS E 201 84.20 13.45 -36.85
C LYS E 201 84.30 12.96 -35.42
N THR E 202 84.25 13.91 -34.47
CA THR E 202 84.31 13.55 -33.06
C THR E 202 83.06 12.80 -32.63
N LYS E 203 81.89 13.34 -32.99
CA LYS E 203 80.63 12.67 -32.67
C LYS E 203 80.57 11.28 -33.27
N LYS E 204 81.27 11.06 -34.39
CA LYS E 204 81.30 9.73 -34.98
C LYS E 204 81.83 8.67 -34.01
N ASN E 205 82.46 9.09 -32.91
CA ASN E 205 83.12 8.16 -31.99
C ASN E 205 82.18 7.70 -30.88
N SER E 206 81.59 8.65 -30.16
CA SER E 206 80.79 8.32 -28.99
C SER E 206 79.47 7.68 -29.38
N ASN E 207 78.94 6.86 -28.48
CA ASN E 207 77.68 6.16 -28.71
C ASN E 207 76.73 6.28 -27.52
N ASN E 208 76.88 7.32 -26.70
CA ASN E 208 75.96 7.52 -25.59
C ASN E 208 74.57 7.88 -26.10
N LEU E 209 74.52 8.87 -26.99
CA LEU E 209 73.25 9.39 -27.56
C LEU E 209 72.48 8.31 -28.33
N ILE E 210 73.18 7.36 -28.95
CA ILE E 210 72.46 6.36 -29.73
C ILE E 210 71.96 5.23 -28.83
N ILE E 211 72.70 4.85 -27.80
CA ILE E 211 72.16 3.81 -26.92
C ILE E 211 71.00 4.37 -26.14
N LYS E 212 71.04 5.65 -25.76
CA LYS E 212 69.86 6.24 -25.14
C LYS E 212 68.66 6.19 -26.06
N TYR E 213 68.87 6.54 -27.33
CA TYR E 213 67.78 6.60 -28.28
C TYR E 213 67.16 5.22 -28.51
N ILE E 214 67.99 4.23 -28.84
CA ILE E 214 67.43 2.91 -29.08
C ILE E 214 66.91 2.30 -27.80
N SER E 215 67.37 2.74 -26.63
CA SER E 215 66.78 2.21 -25.40
C SER E 215 65.38 2.73 -25.20
N CYS E 216 65.16 4.03 -25.43
CA CYS E 216 63.79 4.53 -25.37
C CYS E 216 62.91 3.87 -26.42
N ARG E 217 63.41 3.71 -27.65
CA ARG E 217 62.60 3.05 -28.68
C ARG E 217 62.30 1.61 -28.30
N LEU E 218 63.26 0.92 -27.73
CA LEU E 218 63.06 -0.48 -27.38
C LEU E 218 62.06 -0.61 -26.24
N LEU E 219 62.11 0.30 -25.27
CA LEU E 219 61.12 0.25 -24.20
C LEU E 219 59.73 0.58 -24.73
N THR E 220 59.64 1.52 -25.67
CA THR E 220 58.33 1.79 -26.26
C THR E 220 57.81 0.55 -26.97
N LEU E 221 58.66 -0.14 -27.71
CA LEU E 221 58.23 -1.34 -28.41
C LEU E 221 57.82 -2.43 -27.42
N ILE E 222 58.57 -2.59 -26.34
CA ILE E 222 58.25 -3.62 -25.36
C ILE E 222 56.92 -3.34 -24.70
N ILE E 223 56.69 -2.08 -24.32
CA ILE E 223 55.43 -1.72 -23.67
C ILE E 223 54.28 -1.86 -24.64
N ILE E 224 54.48 -1.51 -25.90
CA ILE E 224 53.41 -1.66 -26.88
C ILE E 224 53.07 -3.12 -27.09
N LEU E 225 54.10 -3.99 -27.09
CA LEU E 225 53.82 -5.40 -27.27
C LEU E 225 53.10 -5.98 -26.06
N LEU E 226 53.50 -5.55 -24.86
CA LEU E 226 52.80 -6.01 -23.66
C LEU E 226 51.37 -5.52 -23.66
N ALA E 227 51.14 -4.29 -24.10
CA ALA E 227 49.78 -3.77 -24.17
C ALA E 227 48.96 -4.53 -25.20
N CYS E 228 49.57 -4.88 -26.33
CA CYS E 228 48.86 -5.68 -27.32
C CYS E 228 48.48 -7.03 -26.75
N ILE E 229 49.40 -7.67 -26.02
CA ILE E 229 49.07 -8.95 -25.41
C ILE E 229 47.90 -8.79 -24.45
N TYR E 230 47.96 -7.77 -23.60
CA TYR E 230 46.90 -7.59 -22.62
C TYR E 230 45.56 -7.32 -23.30
N LEU E 231 45.55 -6.46 -24.32
CA LEU E 231 44.29 -6.13 -24.96
C LEU E 231 43.74 -7.30 -25.75
N GLY E 232 44.62 -8.09 -26.36
CA GLY E 232 44.15 -9.28 -27.05
C GLY E 232 43.55 -10.28 -26.08
N TYR E 233 44.15 -10.40 -24.89
CA TYR E 233 43.55 -11.25 -23.88
C TYR E 233 42.20 -10.71 -23.46
N TYR E 234 42.13 -9.41 -23.19
CA TYR E 234 40.91 -8.82 -22.67
C TYR E 234 39.76 -8.93 -23.66
N PHE E 235 40.03 -8.63 -24.93
CA PHE E 235 39.00 -8.75 -25.93
C PHE E 235 38.54 -10.19 -26.10
N SER E 236 39.39 -11.16 -25.76
CA SER E 236 39.04 -12.56 -25.87
C SER E 236 38.20 -13.06 -24.71
N LEU E 237 37.88 -12.22 -23.75
CA LEU E 237 37.06 -12.64 -22.62
C LEU E 237 35.69 -13.09 -23.11
N SER E 238 34.99 -13.84 -22.25
CA SER E 238 33.83 -14.62 -22.68
C SER E 238 32.65 -13.76 -23.09
N SER E 239 32.64 -12.47 -22.77
CA SER E 239 31.55 -11.54 -23.07
C SER E 239 30.31 -11.84 -22.25
N LEU E 240 30.32 -12.96 -21.53
CA LEU E 240 29.39 -13.22 -20.45
C LEU E 240 30.07 -13.15 -19.10
N SER E 241 31.36 -12.83 -19.08
CA SER E 241 32.09 -12.69 -17.84
C SER E 241 31.66 -11.45 -17.08
N ASP E 242 30.87 -10.58 -17.68
CA ASP E 242 30.34 -9.43 -16.97
C ASP E 242 29.16 -9.77 -16.09
N GLU E 243 28.63 -10.97 -16.19
CA GLU E 243 27.57 -11.45 -15.30
C GLU E 243 28.19 -12.28 -14.21
N PHE E 244 28.04 -11.85 -12.97
CA PHE E 244 28.51 -12.63 -11.84
C PHE E 244 27.46 -12.65 -10.76
N VAL E 245 27.48 -13.70 -9.97
CA VAL E 245 26.55 -13.87 -8.87
C VAL E 245 27.21 -13.37 -7.59
N CYS E 246 26.53 -12.52 -6.86
CA CYS E 246 27.07 -11.86 -5.69
C CYS E 246 26.17 -12.12 -4.49
N SER E 247 26.77 -12.22 -3.30
CA SER E 247 26.04 -12.59 -2.09
C SER E 247 26.40 -11.66 -0.96
N ILE E 248 25.43 -10.88 -0.48
CA ILE E 248 25.66 -10.00 0.67
C ILE E 248 25.24 -10.79 1.91
N LYS E 249 26.11 -11.68 2.35
CA LYS E 249 25.77 -12.49 3.51
C LYS E 249 26.95 -12.64 4.44
N SER E 250 27.75 -11.61 4.58
CA SER E 250 28.80 -11.60 5.58
C SER E 250 28.33 -10.82 6.80
N GLY E 251 28.93 -11.14 7.94
CA GLY E 251 28.56 -10.40 9.11
C GLY E 251 27.17 -10.78 9.60
N ILE E 252 26.48 -9.80 10.17
CA ILE E 252 25.18 -10.06 10.78
C ILE E 252 24.10 -10.35 9.75
N LEU E 253 24.36 -10.10 8.47
CA LEU E 253 23.38 -10.46 7.46
C LEU E 253 23.36 -11.94 7.17
N ARG E 254 24.31 -12.69 7.71
CA ARG E 254 24.34 -14.13 7.50
C ARG E 254 23.08 -14.79 8.06
N ALA E 255 22.66 -14.30 9.23
CA ALA E 255 21.47 -14.84 9.92
C ALA E 255 20.19 -14.21 9.35
N ASP E 256 20.31 -13.16 8.52
CA ASP E 256 19.16 -12.44 7.93
C ASP E 256 18.48 -13.30 6.86
N SER E 257 17.21 -13.66 7.06
CA SER E 257 16.45 -14.52 6.09
C SER E 257 15.67 -13.69 5.06
N THR E 258 15.60 -12.36 5.22
CA THR E 258 14.86 -11.52 4.24
C THR E 258 15.73 -11.27 3.01
N VAL E 259 17.03 -11.57 3.14
CA VAL E 259 18.03 -11.39 2.09
C VAL E 259 18.19 -12.70 1.33
N PRO E 260 17.99 -12.72 0.02
CA PRO E 260 18.22 -13.93 -0.75
C PRO E 260 19.67 -14.36 -0.68
N ASP E 261 19.91 -15.62 -1.04
CA ASP E 261 21.25 -16.17 -0.89
C ASP E 261 22.23 -15.50 -1.84
N GLN E 262 21.78 -15.09 -3.01
CA GLN E 262 22.68 -14.52 -4.00
C GLN E 262 21.92 -13.67 -5.00
N PHE E 263 22.62 -12.70 -5.57
CA PHE E 263 22.05 -11.74 -6.49
C PHE E 263 22.72 -11.85 -7.85
N GLN E 264 21.97 -11.56 -8.89
CA GLN E 264 22.50 -11.58 -10.26
C GLN E 264 22.92 -10.18 -10.63
N CYS E 265 24.22 -9.91 -10.59
CA CYS E 265 24.76 -8.62 -10.96
C CYS E 265 25.35 -8.67 -12.37
N LYS E 266 25.33 -7.53 -13.05
CA LYS E 266 25.93 -7.42 -14.36
C LYS E 266 26.75 -6.15 -14.47
N LEU E 267 27.97 -6.26 -14.96
CA LEU E 267 28.84 -5.12 -15.17
C LEU E 267 28.51 -4.51 -16.53
N ILE E 268 27.70 -3.45 -16.52
CA ILE E 268 27.42 -2.75 -17.75
C ILE E 268 28.73 -2.17 -18.28
N ALA E 269 28.70 -1.83 -19.56
CA ALA E 269 29.83 -1.18 -20.22
C ALA E 269 31.04 -2.07 -20.32
N VAL E 270 30.86 -3.38 -20.29
CA VAL E 270 31.95 -4.28 -20.64
C VAL E 270 32.00 -4.53 -22.13
N GLY E 271 30.84 -4.56 -22.80
CA GLY E 271 30.85 -4.66 -24.24
C GLY E 271 31.55 -3.48 -24.89
N ILE E 272 31.32 -2.29 -24.35
CA ILE E 272 32.02 -1.11 -24.83
C ILE E 272 33.51 -1.24 -24.59
N PHE E 273 33.88 -1.76 -23.43
CA PHE E 273 35.30 -1.93 -23.13
C PHE E 273 35.94 -2.87 -24.13
N GLN E 274 35.25 -3.95 -24.49
CA GLN E 274 35.85 -4.92 -25.39
C GLN E 274 35.93 -4.39 -26.81
N LEU E 275 34.91 -3.65 -27.24
CA LEU E 275 35.00 -3.02 -28.54
C LEU E 275 36.14 -2.01 -28.61
N LEU E 276 36.29 -1.20 -27.58
CA LEU E 276 37.36 -0.23 -27.60
C LEU E 276 38.72 -0.89 -27.47
N SER E 277 38.71 -2.04 -26.78
CA SER E 277 39.93 -2.86 -26.59
C SER E 277 40.40 -3.40 -27.94
N VAL E 278 39.48 -3.83 -28.81
CA VAL E 278 39.91 -4.34 -30.10
C VAL E 278 40.36 -3.19 -30.99
N ILE E 279 39.74 -2.01 -30.85
CA ILE E 279 40.21 -0.86 -31.62
C ILE E 279 41.65 -0.50 -31.23
N ASN E 280 41.91 -0.44 -29.92
CA ASN E 280 43.25 -0.13 -29.44
C ASN E 280 44.25 -1.17 -29.90
N LEU E 281 43.86 -2.45 -29.86
CA LEU E 281 44.78 -3.50 -30.27
C LEU E 281 45.11 -3.37 -31.75
N VAL E 282 44.12 -3.04 -32.57
CA VAL E 282 44.39 -2.86 -33.99
C VAL E 282 45.39 -1.74 -34.20
N VAL E 283 45.15 -0.59 -33.56
CA VAL E 283 46.06 0.52 -33.77
C VAL E 283 47.46 0.21 -33.26
N TYR E 284 47.57 -0.47 -32.13
CA TYR E 284 48.89 -0.75 -31.60
C TYR E 284 49.64 -1.78 -32.42
N VAL E 285 48.94 -2.76 -32.97
CA VAL E 285 49.63 -3.73 -33.81
C VAL E 285 49.97 -3.14 -35.15
N LEU E 286 49.31 -2.07 -35.57
CA LEU E 286 49.78 -1.33 -36.74
C LEU E 286 50.94 -0.42 -36.38
N LEU E 287 51.02 0.02 -35.13
CA LEU E 287 52.05 0.96 -34.72
C LEU E 287 53.38 0.28 -34.44
N ALA E 288 53.34 -0.97 -33.96
CA ALA E 288 54.59 -1.66 -33.63
C ALA E 288 55.57 -1.75 -34.79
N PRO E 289 55.15 -2.05 -36.02
CA PRO E 289 56.15 -2.06 -37.11
C PRO E 289 56.82 -0.72 -37.31
N VAL E 290 56.11 0.38 -37.06
CA VAL E 290 56.73 1.70 -37.20
C VAL E 290 57.85 1.87 -36.19
N VAL E 291 57.61 1.44 -34.95
CA VAL E 291 58.65 1.53 -33.94
C VAL E 291 59.84 0.67 -34.33
N VAL E 292 59.58 -0.54 -34.80
CA VAL E 292 60.68 -1.40 -35.22
C VAL E 292 61.47 -0.75 -36.34
N TYR E 293 60.79 -0.11 -37.27
CA TYR E 293 61.50 0.53 -38.36
C TYR E 293 62.36 1.67 -37.85
N THR E 294 61.84 2.49 -36.94
CA THR E 294 62.67 3.54 -36.36
C THR E 294 63.86 2.96 -35.63
N LEU E 295 63.76 1.72 -35.17
CA LEU E 295 64.88 1.13 -34.44
C LEU E 295 66.14 1.03 -35.28
N PHE E 296 66.02 1.00 -36.61
CA PHE E 296 67.19 0.92 -37.49
C PHE E 296 67.61 2.34 -37.89
N VAL E 297 68.37 2.98 -37.02
CA VAL E 297 68.74 4.38 -37.23
C VAL E 297 69.69 4.57 -38.42
N PRO E 298 70.63 3.68 -38.73
CA PRO E 298 71.46 3.95 -39.92
C PRO E 298 70.67 3.87 -41.20
N PHE E 299 69.82 2.86 -41.32
CA PHE E 299 69.01 2.70 -42.53
C PHE E 299 68.20 3.94 -42.84
N ARG E 300 67.73 4.65 -41.82
CA ARG E 300 66.92 5.83 -42.07
C ARG E 300 67.73 7.03 -42.51
N GLN E 301 69.04 7.03 -42.29
CA GLN E 301 69.88 8.15 -42.72
C GLN E 301 69.94 8.13 -44.24
N LYS E 302 69.14 8.99 -44.86
CA LYS E 302 69.05 9.04 -46.31
C LYS E 302 68.90 10.49 -46.74
N THR E 303 69.07 10.72 -48.04
CA THR E 303 69.00 12.05 -48.65
C THR E 303 69.95 13.01 -47.94
N ASP E 304 71.24 12.68 -48.04
CA ASP E 304 72.27 13.37 -47.28
C ASP E 304 72.25 14.88 -47.52
N VAL E 305 71.93 15.63 -46.48
CA VAL E 305 72.02 17.08 -46.55
C VAL E 305 73.49 17.51 -46.61
N LEU E 306 74.38 16.74 -45.98
CA LEU E 306 75.79 17.07 -46.02
C LEU E 306 76.32 17.04 -47.45
N LYS E 307 75.71 16.25 -48.33
CA LYS E 307 76.17 16.18 -49.71
C LYS E 307 76.08 17.54 -50.39
N VAL E 308 75.02 18.29 -50.08
CA VAL E 308 74.84 19.62 -50.68
C VAL E 308 76.02 20.51 -50.35
N TYR E 309 76.41 20.55 -49.08
CA TYR E 309 77.53 21.40 -48.70
C TYR E 309 78.85 20.82 -49.19
N GLU E 310 78.91 19.49 -49.34
CA GLU E 310 80.07 18.84 -49.94
C GLU E 310 80.27 19.31 -51.38
N ILE E 311 79.17 19.63 -52.07
CA ILE E 311 79.28 20.20 -53.41
C ILE E 311 80.04 21.53 -53.38
N LEU E 312 79.88 22.29 -52.30
CA LEU E 312 80.65 23.50 -52.15
C LEU E 312 82.14 23.17 -52.04
N PRO E 313 83.01 23.95 -52.69
CA PRO E 313 84.44 23.60 -52.67
C PRO E 313 85.11 23.76 -51.31
N THR E 314 84.78 24.84 -50.59
CA THR E 314 85.49 25.12 -49.34
C THR E 314 85.29 24.01 -48.32
N PHE E 315 84.06 23.52 -48.17
CA PHE E 315 83.83 22.39 -47.30
C PHE E 315 84.40 21.13 -47.93
N ASP E 316 84.84 20.20 -47.08
CA ASP E 316 85.39 18.96 -47.57
C ASP E 316 84.33 18.20 -48.36
N VAL E 317 84.73 17.70 -49.53
CA VAL E 317 83.76 17.05 -50.42
C VAL E 317 83.67 15.59 -50.01
N LEU E 318 82.92 15.33 -48.96
CA LEU E 318 82.62 13.98 -48.51
C LEU E 318 81.34 14.02 -47.71
N HIS E 319 80.55 12.95 -47.81
CA HIS E 319 79.42 12.80 -46.89
C HIS E 319 79.92 12.63 -45.47
N PHE E 320 80.91 11.76 -45.28
CA PHE E 320 81.54 11.50 -43.99
C PHE E 320 80.50 11.29 -42.89
N LYS E 321 79.32 10.80 -43.26
CA LYS E 321 78.25 10.64 -42.28
C LYS E 321 77.31 9.54 -42.79
N SER E 322 77.50 8.33 -42.24
CA SER E 322 76.66 7.16 -42.52
C SER E 322 77.28 5.96 -41.82
N GLU E 323 76.58 4.84 -41.91
CA GLU E 323 77.15 3.50 -41.70
C GLU E 323 77.77 3.36 -40.32
N GLY E 324 76.92 3.42 -39.31
CA GLY E 324 77.38 3.14 -37.97
C GLY E 324 76.33 3.24 -36.89
N TYR E 325 76.46 2.40 -35.87
CA TYR E 325 75.66 2.55 -34.65
C TYR E 325 76.35 3.50 -33.69
N ASN E 326 76.49 4.74 -34.16
CA ASN E 326 77.21 5.77 -33.45
C ASN E 326 76.39 7.04 -33.47
N ASP E 327 76.74 7.97 -32.58
CA ASP E 327 75.98 9.21 -32.45
C ASP E 327 75.94 10.00 -33.74
N LEU E 328 76.85 9.72 -34.67
CA LEU E 328 76.86 10.45 -35.93
C LEU E 328 75.59 10.18 -36.72
N SER E 329 75.09 8.94 -36.70
CA SER E 329 73.86 8.63 -37.42
C SER E 329 72.69 9.38 -36.82
N LEU E 330 72.61 9.43 -35.49
CA LEU E 330 71.59 10.23 -34.84
C LEU E 330 71.66 11.68 -35.27
N TYR E 331 72.87 12.25 -35.23
CA TYR E 331 73.02 13.64 -35.60
C TYR E 331 72.66 13.86 -37.05
N ASN E 332 72.88 12.86 -37.90
CA ASN E 332 72.45 12.96 -39.29
C ASN E 332 70.95 13.05 -39.39
N LEU E 333 70.24 12.18 -38.66
CA LEU E 333 68.79 12.23 -38.70
C LEU E 333 68.28 13.59 -38.20
N PHE E 334 68.82 14.05 -37.07
CA PHE E 334 68.33 15.31 -36.52
C PHE E 334 68.73 16.49 -37.38
N LEU E 335 69.84 16.37 -38.12
CA LEU E 335 70.21 17.41 -39.06
C LEU E 335 69.26 17.45 -40.23
N GLU E 336 68.95 16.28 -40.80
CA GLU E 336 67.93 16.24 -41.84
C GLU E 336 66.62 16.83 -41.35
N GLU E 337 66.33 16.67 -40.07
CA GLU E 337 65.07 17.19 -39.56
C GLU E 337 65.10 18.70 -39.41
N ASN E 338 66.02 19.23 -38.61
CA ASN E 338 66.06 20.67 -38.32
C ASN E 338 66.82 21.46 -39.37
N ILE E 339 67.12 20.86 -40.52
CA ILE E 339 67.95 21.56 -41.49
C ILE E 339 67.18 22.56 -42.33
N SER E 340 65.85 22.46 -42.39
CA SER E 340 65.09 23.38 -43.22
C SER E 340 65.07 24.80 -42.66
N GLU E 341 65.36 24.96 -41.37
CA GLU E 341 65.25 26.28 -40.77
C GLU E 341 66.39 27.21 -41.18
N VAL E 342 67.54 26.68 -41.57
CA VAL E 342 68.65 27.52 -42.01
C VAL E 342 68.46 27.87 -43.48
N LYS E 343 68.49 29.17 -43.78
CA LYS E 343 68.26 29.63 -45.14
C LYS E 343 69.46 29.28 -46.04
N SER E 344 70.66 29.20 -45.47
CA SER E 344 71.84 28.85 -46.25
C SER E 344 71.67 27.49 -46.91
N TYR E 345 71.14 26.52 -46.16
CA TYR E 345 70.87 25.23 -46.76
C TYR E 345 69.89 25.35 -47.90
N LYS E 346 68.84 26.17 -47.73
CA LYS E 346 67.84 26.32 -48.77
C LYS E 346 68.49 26.82 -50.06
N CYS E 347 69.33 27.84 -49.94
CA CYS E 347 70.00 28.38 -51.12
C CYS E 347 70.89 27.32 -51.77
N LEU E 348 71.66 26.60 -50.96
CA LEU E 348 72.58 25.64 -51.54
C LEU E 348 71.82 24.49 -52.18
N LYS E 349 70.67 24.12 -51.63
CA LYS E 349 69.86 23.06 -52.20
C LYS E 349 69.27 23.45 -53.53
N VAL E 350 68.77 24.68 -53.64
CA VAL E 350 68.23 25.10 -54.94
C VAL E 350 69.36 25.20 -55.96
N LEU E 351 70.56 25.63 -55.52
CA LEU E 351 71.70 25.58 -56.43
C LEU E 351 72.01 24.16 -56.88
N GLU E 352 71.93 23.19 -55.96
CA GLU E 352 72.18 21.81 -56.35
C GLU E 352 71.12 21.30 -57.33
N ASN E 353 69.88 21.73 -57.13
CA ASN E 353 68.83 21.36 -58.07
C ASN E 353 69.09 21.96 -59.45
N ILE E 354 69.55 23.21 -59.50
CA ILE E 354 69.92 23.83 -60.77
C ILE E 354 71.07 23.06 -61.40
N LYS E 355 72.01 22.59 -60.57
CA LYS E 355 73.05 21.72 -61.06
C LYS E 355 72.47 20.46 -61.66
N SER E 356 71.42 19.91 -61.04
CA SER E 356 70.71 18.79 -61.64
C SER E 356 70.14 19.18 -63.00
N SER E 357 69.60 20.39 -63.10
CA SER E 357 69.23 20.94 -64.40
C SER E 357 70.45 21.20 -65.26
N GLY E 358 71.55 21.65 -64.63
CA GLY E 358 72.82 21.82 -65.32
C GLY E 358 72.82 22.91 -66.36
N GLN E 359 72.38 24.11 -65.99
CA GLN E 359 72.33 25.23 -66.92
C GLN E 359 73.51 26.19 -66.72
N GLY E 360 73.68 26.72 -65.52
CA GLY E 360 74.73 27.69 -65.28
C GLY E 360 75.94 27.14 -64.55
N ILE E 361 76.25 27.73 -63.40
CA ILE E 361 77.39 27.33 -62.59
C ILE E 361 77.08 27.64 -61.14
N ASP E 362 77.76 26.92 -60.23
CA ASP E 362 77.48 27.11 -58.80
C ASP E 362 77.93 28.47 -58.30
N PRO E 363 79.19 28.89 -58.45
CA PRO E 363 79.60 30.14 -57.78
C PRO E 363 78.91 31.38 -58.34
N MET E 364 78.69 31.43 -59.66
CA MET E 364 78.09 32.61 -60.26
C MET E 364 76.67 32.82 -59.74
N LEU E 365 75.84 31.77 -59.79
CA LEU E 365 74.48 31.89 -59.30
C LEU E 365 74.43 32.05 -57.79
N LEU E 366 75.43 31.53 -57.06
CA LEU E 366 75.49 31.75 -55.63
C LEU E 366 75.74 33.22 -55.32
N LEU E 367 76.69 33.84 -56.04
CA LEU E 367 76.93 35.26 -55.87
C LEU E 367 75.70 36.08 -56.28
N THR E 368 74.97 35.61 -57.30
CA THR E 368 73.75 36.30 -57.70
C THR E 368 72.67 36.20 -56.63
N ASN E 369 72.59 35.05 -55.95
CA ASN E 369 71.60 34.81 -54.89
C ASN E 369 71.52 35.97 -53.89
N LEU E 370 72.65 36.27 -53.24
CA LEU E 370 72.72 37.34 -52.24
C LEU E 370 71.79 37.04 -51.07
N GLY E 371 72.06 35.91 -50.41
CA GLY E 371 71.27 35.41 -49.30
C GLY E 371 72.10 35.18 -48.04
N MET E 372 73.03 36.09 -47.76
CA MET E 372 73.88 35.95 -46.59
C MET E 372 73.07 35.96 -45.29
N ILE E 373 72.06 36.82 -45.20
CA ILE E 373 71.22 36.90 -44.02
C ILE E 373 69.78 37.18 -44.40
N ALA F 2 36.88 13.44 -15.45
CA ALA F 2 37.25 12.37 -16.36
C ALA F 2 38.65 11.88 -16.05
N ILE F 3 38.89 10.59 -16.30
CA ILE F 3 40.21 9.95 -16.01
C ILE F 3 41.28 10.56 -16.90
N ALA F 4 40.94 10.92 -18.15
CA ALA F 4 41.93 11.47 -19.06
C ALA F 4 42.30 12.90 -18.69
N GLN F 5 41.37 13.67 -18.14
CA GLN F 5 41.71 15.03 -17.72
C GLN F 5 42.71 15.00 -16.58
N LEU F 6 42.49 14.11 -15.61
CA LEU F 6 43.48 13.97 -14.54
C LEU F 6 44.82 13.55 -15.11
N ALA F 7 44.82 12.63 -16.07
CA ALA F 7 46.07 12.24 -16.71
C ALA F 7 46.79 13.45 -17.29
N THR F 8 46.12 14.20 -18.15
CA THR F 8 46.75 15.38 -18.74
C THR F 8 47.31 16.29 -17.65
N GLU F 9 46.44 16.67 -16.72
CA GLU F 9 46.80 17.65 -15.69
C GLU F 9 48.01 17.21 -14.88
N TYR F 10 48.11 15.94 -14.54
CA TYR F 10 49.09 15.53 -13.55
C TYR F 10 50.29 14.78 -14.10
N VAL F 11 50.29 14.36 -15.36
CA VAL F 11 51.48 13.79 -15.98
C VAL F 11 51.88 14.54 -17.24
N PHE F 12 50.92 14.91 -18.08
CA PHE F 12 51.30 15.47 -19.37
C PHE F 12 51.45 16.98 -19.33
N SER F 13 50.77 17.65 -18.42
CA SER F 13 51.05 19.07 -18.22
C SER F 13 52.35 19.23 -17.45
N ASP F 14 52.88 20.45 -17.48
CA ASP F 14 54.09 20.76 -16.75
C ASP F 14 53.75 21.05 -15.29
N PHE F 15 53.03 20.13 -14.66
CA PHE F 15 52.64 20.28 -13.26
C PHE F 15 53.88 20.27 -12.39
N LEU F 16 54.06 21.33 -11.59
CA LEU F 16 55.25 21.54 -10.77
C LEU F 16 56.53 21.56 -11.59
N LEU F 17 56.40 21.71 -12.91
CA LEU F 17 57.52 21.96 -13.80
C LEU F 17 57.54 23.41 -14.27
N LYS F 18 56.72 24.27 -13.68
CA LYS F 18 56.67 25.66 -14.08
C LYS F 18 57.95 26.38 -13.70
N GLU F 19 58.60 26.98 -14.70
CA GLU F 19 59.77 27.79 -14.42
C GLU F 19 59.38 29.01 -13.60
N PRO F 20 60.31 29.57 -12.82
CA PRO F 20 59.97 30.75 -12.01
C PRO F 20 59.43 31.89 -12.86
N THR F 21 58.18 32.26 -12.60
CA THR F 21 57.53 33.36 -13.32
C THR F 21 58.06 34.67 -12.75
N GLU F 22 59.29 35.00 -13.14
CA GLU F 22 59.97 36.19 -12.66
C GLU F 22 61.21 36.44 -13.51
N PRO F 23 61.56 37.71 -13.76
CA PRO F 23 62.79 37.99 -14.51
C PRO F 23 64.06 37.83 -13.70
N LYS F 24 63.96 37.52 -12.41
CA LYS F 24 65.15 37.34 -11.59
C LYS F 24 65.87 36.05 -11.96
N PHE F 25 65.13 34.96 -12.08
CA PHE F 25 65.67 33.67 -12.51
C PHE F 25 65.08 33.35 -13.88
N LYS F 26 65.82 33.71 -14.93
CA LYS F 26 65.41 33.45 -16.30
C LYS F 26 66.40 32.45 -16.90
N GLY F 27 65.99 31.19 -16.98
CA GLY F 27 66.85 30.14 -17.47
C GLY F 27 67.80 29.54 -16.45
N LEU F 28 67.94 30.13 -15.26
CA LEU F 28 68.70 29.49 -14.20
C LEU F 28 67.83 28.46 -13.49
N ARG F 29 68.38 27.26 -13.30
CA ARG F 29 67.55 26.17 -12.81
C ARG F 29 67.37 26.22 -11.30
N LEU F 30 68.46 26.28 -10.55
CA LEU F 30 68.50 26.33 -9.09
C LEU F 30 68.01 25.04 -8.45
N GLU F 31 67.61 24.04 -9.22
CA GLU F 31 67.25 22.74 -8.67
C GLU F 31 67.73 21.68 -9.64
N LEU F 32 68.57 20.78 -9.14
CA LEU F 32 69.08 19.71 -9.99
C LEU F 32 67.94 18.91 -10.57
N ALA F 33 68.09 18.51 -11.84
CA ALA F 33 67.00 17.86 -12.55
C ALA F 33 66.49 16.63 -11.81
N VAL F 34 67.40 15.86 -11.23
CA VAL F 34 66.97 14.66 -10.52
C VAL F 34 66.16 15.05 -9.29
N ASP F 35 66.52 16.14 -8.62
CA ASP F 35 65.72 16.59 -7.49
C ASP F 35 64.35 17.07 -7.94
N LYS F 36 64.30 17.75 -9.08
CA LYS F 36 63.02 18.21 -9.61
C LYS F 36 62.11 17.03 -9.92
N MET F 37 62.64 15.99 -10.55
CA MET F 37 61.79 14.84 -10.89
C MET F 37 61.41 14.06 -9.65
N VAL F 38 62.31 13.97 -8.67
CA VAL F 38 61.97 13.26 -7.44
C VAL F 38 60.83 13.97 -6.73
N THR F 39 60.92 15.29 -6.62
CA THR F 39 59.83 16.02 -6.00
C THR F 39 58.55 15.88 -6.79
N CYS F 40 58.63 16.02 -8.11
CA CYS F 40 57.43 15.93 -8.94
C CYS F 40 56.74 14.61 -8.74
N ILE F 41 57.48 13.51 -8.80
CA ILE F 41 56.86 12.20 -8.57
C ILE F 41 56.31 12.13 -7.15
N ALA F 42 57.19 12.28 -6.16
CA ALA F 42 56.78 12.05 -4.78
C ALA F 42 55.61 12.90 -4.35
N VAL F 43 55.37 14.04 -4.99
CA VAL F 43 54.29 14.92 -4.60
C VAL F 43 53.07 14.73 -5.48
N GLY F 44 53.25 14.65 -6.80
CA GLY F 44 52.10 14.54 -7.68
C GLY F 44 51.48 13.17 -7.69
N LEU F 45 52.23 12.12 -7.37
CA LEU F 45 51.65 10.79 -7.41
C LEU F 45 50.53 10.61 -6.39
N PRO F 46 50.69 10.98 -5.11
CA PRO F 46 49.54 10.87 -4.22
C PRO F 46 48.37 11.73 -4.64
N LEU F 47 48.60 12.89 -5.25
CA LEU F 47 47.48 13.70 -5.70
C LEU F 47 46.76 13.03 -6.86
N LEU F 48 47.50 12.51 -7.82
CA LEU F 48 46.87 11.80 -8.92
C LEU F 48 46.11 10.59 -8.41
N LEU F 49 46.66 9.91 -7.42
CA LEU F 49 45.98 8.73 -6.88
C LEU F 49 44.71 9.12 -6.14
N ILE F 50 44.74 10.21 -5.39
CA ILE F 50 43.53 10.70 -4.75
C ILE F 50 42.47 11.01 -5.79
N SER F 51 42.87 11.69 -6.85
CA SER F 51 41.90 12.03 -7.89
C SER F 51 41.35 10.80 -8.57
N LEU F 52 42.17 9.76 -8.73
CA LEU F 52 41.70 8.55 -9.38
C LEU F 52 40.74 7.78 -8.49
N ALA F 53 41.00 7.75 -7.18
CA ALA F 53 40.17 6.95 -6.29
C ALA F 53 38.72 7.39 -6.28
N PHE F 54 38.43 8.61 -6.74
CA PHE F 54 37.07 9.11 -6.79
C PHE F 54 36.68 9.53 -8.20
N ALA F 55 37.36 8.98 -9.20
CA ALA F 55 36.95 9.21 -10.58
C ALA F 55 35.52 8.75 -10.78
N GLN F 56 34.77 9.48 -11.60
CA GLN F 56 33.35 9.21 -11.71
C GLN F 56 33.07 7.84 -12.31
N GLU F 57 34.06 7.25 -12.98
CA GLU F 57 33.88 5.94 -13.61
C GLU F 57 34.34 4.78 -12.74
N ILE F 58 34.98 5.05 -11.62
CA ILE F 58 35.19 4.00 -10.64
C ILE F 58 34.22 4.13 -9.48
N SER F 59 33.82 5.35 -9.11
CA SER F 59 32.94 5.55 -7.98
C SER F 59 31.53 5.09 -8.32
N ILE F 60 30.99 4.22 -7.46
CA ILE F 60 29.63 3.73 -7.67
C ILE F 60 28.62 4.73 -7.16
N GLY F 61 29.00 5.55 -6.20
CA GLY F 61 28.06 6.41 -5.51
C GLY F 61 28.65 6.95 -4.23
N THR F 62 27.93 6.79 -3.15
CA THR F 62 28.40 7.20 -1.83
C THR F 62 29.57 6.34 -1.38
N GLN F 63 30.19 6.76 -0.26
CA GLN F 63 31.30 6.02 0.30
C GLN F 63 30.87 4.97 1.31
N ILE F 64 29.63 5.00 1.78
CA ILE F 64 29.17 4.06 2.78
C ILE F 64 27.71 3.73 2.50
N SER F 65 27.33 2.49 2.79
CA SER F 65 25.95 2.05 2.67
C SER F 65 25.69 1.02 3.76
N CYS F 66 24.49 1.05 4.35
CA CYS F 66 24.30 0.40 5.63
C CYS F 66 23.17 -0.63 5.70
N PHE F 67 22.34 -0.78 4.67
CA PHE F 67 21.32 -1.84 4.64
C PHE F 67 20.39 -1.76 5.86
N SER F 68 19.59 -0.71 5.87
CA SER F 68 18.51 -0.60 6.83
C SER F 68 17.42 -1.63 6.52
N PRO F 69 16.51 -1.87 7.46
CA PRO F 69 15.38 -2.77 7.20
C PRO F 69 14.49 -2.24 6.09
N SER F 70 13.70 -3.14 5.52
CA SER F 70 12.78 -2.74 4.45
C SER F 70 11.66 -1.87 4.98
N SER F 71 11.36 -1.97 6.27
CA SER F 71 10.34 -1.12 6.86
C SER F 71 10.76 0.34 6.88
N PHE F 72 12.07 0.60 6.90
CA PHE F 72 12.56 1.96 6.99
C PHE F 72 12.19 2.75 5.74
N SER F 73 11.81 4.00 5.93
CA SER F 73 11.56 4.85 4.79
C SER F 73 12.90 5.27 4.17
N TRP F 74 12.81 5.98 3.05
CA TRP F 74 14.02 6.45 2.39
C TRP F 74 14.84 7.33 3.32
N ARG F 75 14.17 8.23 4.03
CA ARG F 75 14.89 9.17 4.88
C ARG F 75 15.45 8.50 6.12
N GLN F 76 14.79 7.48 6.63
CA GLN F 76 15.35 6.75 7.77
C GLN F 76 16.62 6.02 7.36
N ALA F 77 16.62 5.44 6.17
CA ALA F 77 17.83 4.79 5.67
C ALA F 77 18.94 5.82 5.49
N ALA F 78 18.60 7.00 4.98
CA ALA F 78 19.59 8.04 4.85
C ALA F 78 20.14 8.44 6.21
N PHE F 79 19.29 8.50 7.22
CA PHE F 79 19.76 8.79 8.56
C PHE F 79 20.74 7.73 9.03
N VAL F 80 20.44 6.46 8.75
CA VAL F 80 21.33 5.39 9.20
C VAL F 80 22.68 5.53 8.54
N ASP F 81 22.70 5.78 7.23
CA ASP F 81 23.97 5.95 6.54
C ASP F 81 24.77 7.10 7.13
N SER F 82 24.11 8.25 7.30
CA SER F 82 24.82 9.42 7.82
C SER F 82 25.32 9.19 9.23
N TYR F 83 24.49 8.58 10.07
CA TYR F 83 24.91 8.35 11.45
C TYR F 83 26.11 7.43 11.50
N CYS F 84 26.09 6.34 10.74
CA CYS F 84 27.21 5.41 10.83
C CYS F 84 28.47 6.04 10.24
N TRP F 85 28.33 6.81 9.18
CA TRP F 85 29.46 7.54 8.62
C TRP F 85 30.09 8.44 9.66
N ALA F 86 29.26 9.20 10.38
CA ALA F 86 29.80 10.05 11.42
C ALA F 86 30.24 9.27 12.63
N ALA F 87 29.80 8.03 12.76
CA ALA F 87 30.07 7.22 13.93
C ALA F 87 31.28 6.33 13.79
N VAL F 88 31.93 6.33 12.63
CA VAL F 88 33.23 5.66 12.58
C VAL F 88 34.22 6.32 13.54
N GLN F 89 33.95 7.55 13.99
CA GLN F 89 34.80 8.16 15.00
C GLN F 89 34.41 7.73 16.41
N GLN F 90 33.13 7.83 16.75
CA GLN F 90 32.68 7.48 18.09
C GLN F 90 32.80 5.98 18.29
N LYS F 91 33.79 5.56 19.07
CA LYS F 91 34.11 4.13 19.17
C LYS F 91 33.04 3.34 19.90
N ASN F 92 32.19 3.99 20.68
CA ASN F 92 31.20 3.25 21.47
C ASN F 92 30.10 2.65 20.61
N SER F 93 29.73 3.30 19.51
CA SER F 93 28.57 2.88 18.75
C SER F 93 28.89 1.72 17.82
N LEU F 94 30.04 1.72 17.18
CA LEU F 94 30.36 0.74 16.16
C LEU F 94 31.21 -0.38 16.74
N GLN F 95 30.97 -1.59 16.26
CA GLN F 95 31.70 -2.79 16.68
C GLN F 95 32.22 -3.49 15.42
N SER F 96 33.54 -3.50 15.25
CA SER F 96 34.16 -4.12 14.09
C SER F 96 35.16 -5.18 14.55
N GLU F 97 35.33 -6.20 13.71
CA GLU F 97 36.21 -7.31 14.05
C GLU F 97 37.67 -6.86 14.13
N SER F 98 38.08 -5.96 13.24
CA SER F 98 39.47 -5.52 13.19
C SER F 98 39.79 -4.46 14.23
N GLY F 99 38.83 -3.63 14.59
CA GLY F 99 39.05 -2.51 15.48
C GLY F 99 38.56 -1.23 14.88
N ASN F 100 38.78 -0.13 15.60
CA ASN F 100 38.34 1.16 15.13
C ASN F 100 39.40 1.86 14.28
N LEU F 101 40.68 1.60 14.55
CA LEU F 101 41.72 2.25 13.77
C LEU F 101 41.60 2.00 12.29
N PRO F 102 41.34 0.78 11.82
CA PRO F 102 41.12 0.61 10.38
C PRO F 102 39.96 1.41 9.86
N LEU F 103 38.91 1.58 10.65
CA LEU F 103 37.78 2.39 10.20
C LEU F 103 38.19 3.85 10.03
N TRP F 104 38.90 4.39 11.02
CA TRP F 104 39.46 5.73 10.88
C TRP F 104 40.28 5.84 9.60
N LEU F 105 41.16 4.87 9.38
CA LEU F 105 42.05 4.94 8.23
C LEU F 105 41.28 4.84 6.92
N HIS F 106 40.19 4.10 6.91
CA HIS F 106 39.42 3.96 5.69
C HIS F 106 38.63 5.22 5.39
N LYS F 107 38.16 5.90 6.42
CA LYS F 107 37.43 7.14 6.16
C LYS F 107 38.34 8.24 5.69
N PHE F 108 39.52 8.36 6.27
CA PHE F 108 40.40 9.50 6.03
C PHE F 108 41.59 9.17 5.15
N PHE F 109 41.47 8.19 4.28
CA PHE F 109 42.56 7.89 3.36
C PHE F 109 42.92 9.06 2.47
N PRO F 110 41.97 9.78 1.84
CA PRO F 110 42.37 10.92 1.02
C PRO F 110 43.11 11.98 1.81
N TYR F 111 42.67 12.26 3.03
CA TYR F 111 43.35 13.27 3.82
C TYR F 111 44.77 12.85 4.14
N ILE F 112 44.98 11.58 4.43
CA ILE F 112 46.33 11.13 4.76
C ILE F 112 47.23 11.21 3.55
N LEU F 113 46.72 10.83 2.38
CA LEU F 113 47.54 10.96 1.19
C LEU F 113 47.88 12.41 0.90
N LEU F 114 46.92 13.31 1.06
CA LEU F 114 47.21 14.72 0.83
C LEU F 114 48.20 15.26 1.86
N LEU F 115 48.11 14.78 3.10
CA LEU F 115 49.08 15.17 4.10
C LEU F 115 50.47 14.73 3.70
N PHE F 116 50.61 13.53 3.14
CA PHE F 116 51.92 13.09 2.67
C PHE F 116 52.40 13.94 1.52
N ALA F 117 51.50 14.31 0.61
CA ALA F 117 51.88 15.17 -0.49
C ALA F 117 52.43 16.51 0.02
N ILE F 118 51.76 17.09 1.00
CA ILE F 118 52.19 18.38 1.53
C ILE F 118 53.53 18.23 2.24
N LEU F 119 53.66 17.22 3.08
CA LEU F 119 54.92 17.03 3.79
C LEU F 119 56.07 16.78 2.83
N LEU F 120 55.81 16.13 1.70
CA LEU F 120 56.87 15.92 0.72
C LEU F 120 57.15 17.18 -0.08
N TYR F 121 56.17 18.07 -0.18
CA TYR F 121 56.38 19.34 -0.85
C TYR F 121 57.13 20.34 0.01
N LEU F 122 57.10 20.16 1.33
CA LEU F 122 57.73 21.15 2.21
C LEU F 122 59.23 21.32 2.00
N PRO F 123 60.05 20.26 1.98
CA PRO F 123 61.50 20.47 1.86
C PRO F 123 61.89 21.17 0.58
N PRO F 124 61.31 20.83 -0.58
CA PRO F 124 61.61 21.63 -1.78
C PRO F 124 61.20 23.08 -1.63
N LEU F 125 60.12 23.35 -0.91
CA LEU F 125 59.74 24.73 -0.68
C LEU F 125 60.78 25.45 0.17
N PHE F 126 61.26 24.79 1.22
CA PHE F 126 62.26 25.43 2.06
C PHE F 126 63.53 25.68 1.27
N TRP F 127 63.88 24.77 0.37
CA TRP F 127 65.04 25.01 -0.48
C TRP F 127 64.80 26.18 -1.42
N ARG F 128 63.63 26.24 -2.03
CA ARG F 128 63.33 27.28 -3.00
C ARG F 128 63.28 28.66 -2.36
N PHE F 129 62.89 28.73 -1.10
CA PHE F 129 62.72 30.05 -0.48
C PHE F 129 63.86 30.44 0.43
N ALA F 130 64.58 29.48 1.00
CA ALA F 130 65.66 29.83 1.91
C ALA F 130 67.01 29.94 1.23
N ALA F 131 67.39 28.97 0.41
CA ALA F 131 68.74 28.89 -0.13
C ALA F 131 68.82 29.09 -1.63
N ALA F 132 67.71 29.19 -2.32
CA ALA F 132 67.78 29.35 -3.78
C ALA F 132 68.37 30.69 -4.21
N PRO F 133 67.96 31.82 -3.64
CA PRO F 133 68.47 33.09 -4.17
C PRO F 133 69.97 33.25 -4.03
N HIS F 134 70.52 32.77 -2.92
CA HIS F 134 71.96 32.87 -2.70
C HIS F 134 72.71 32.19 -3.83
N ILE F 135 72.36 30.95 -4.11
CA ILE F 135 73.06 30.19 -5.13
C ILE F 135 72.76 30.74 -6.51
N CYS F 136 71.55 31.27 -6.73
CA CYS F 136 71.25 31.86 -8.02
C CYS F 136 72.19 33.02 -8.31
N SER F 137 72.33 33.93 -7.35
CA SER F 137 73.19 35.09 -7.55
C SER F 137 74.64 34.66 -7.73
N ASP F 138 75.11 33.73 -6.89
CA ASP F 138 76.50 33.32 -6.98
C ASP F 138 76.79 32.63 -8.31
N LEU F 139 75.93 31.69 -8.70
CA LEU F 139 76.15 30.98 -9.95
C LEU F 139 76.11 31.93 -11.14
N LYS F 140 75.16 32.87 -11.14
CA LYS F 140 75.10 33.80 -12.27
C LYS F 140 76.35 34.65 -12.33
N PHE F 141 76.82 35.15 -11.18
CA PHE F 141 78.05 35.93 -11.17
C PHE F 141 79.24 35.10 -11.62
N ILE F 142 79.31 33.84 -11.18
CA ILE F 142 80.43 32.99 -11.55
C ILE F 142 80.43 32.75 -13.06
N MET F 143 79.25 32.56 -13.64
CA MET F 143 79.18 32.35 -15.08
C MET F 143 79.59 33.60 -15.85
N GLU F 144 79.15 34.77 -15.38
CA GLU F 144 79.57 36.00 -16.04
C GLU F 144 81.08 36.18 -15.97
N GLU F 145 81.66 35.94 -14.79
CA GLU F 145 83.10 36.08 -14.66
C GLU F 145 83.84 35.05 -15.49
N LEU F 146 83.25 33.86 -15.60
CA LEU F 146 83.83 32.76 -16.42
C LEU F 146 83.91 33.24 -17.87
N ASP F 147 82.81 33.81 -18.37
CA ASP F 147 82.78 34.35 -19.73
C ASP F 147 83.83 35.43 -19.91
N LYS F 148 83.99 36.29 -18.90
CA LYS F 148 85.00 37.33 -18.99
C LYS F 148 86.41 36.74 -19.06
N VAL F 149 86.65 35.68 -18.31
CA VAL F 149 87.95 35.02 -18.34
C VAL F 149 88.22 34.43 -19.72
N TYR F 150 87.22 33.79 -20.30
CA TYR F 150 87.40 33.24 -21.66
C TYR F 150 87.64 34.36 -22.66
N ASN F 151 86.93 35.49 -22.49
CA ASN F 151 87.15 36.62 -23.39
C ASN F 151 88.56 37.17 -23.27
N ARG F 152 89.08 37.25 -22.04
CA ARG F 152 90.45 37.70 -21.85
C ARG F 152 91.43 36.74 -22.52
N ALA F 153 91.19 35.44 -22.40
CA ALA F 153 92.10 34.47 -23.01
C ALA F 153 92.11 34.59 -24.53
N ILE F 154 90.92 34.68 -25.13
CA ILE F 154 90.87 34.77 -26.59
C ILE F 154 91.41 36.11 -27.07
N LYS F 155 91.20 37.17 -26.29
CA LYS F 155 91.75 38.47 -26.67
C LYS F 155 93.27 38.45 -26.63
N ALA F 156 93.84 37.81 -25.60
CA ALA F 156 95.29 37.67 -25.55
C ALA F 156 95.81 36.84 -26.71
N ALA F 157 95.11 35.75 -27.05
CA ALA F 157 95.56 34.91 -28.16
C ALA F 157 95.51 35.67 -29.48
N LYS F 158 94.40 36.37 -29.75
CA LYS F 158 94.28 37.14 -30.99
C LYS F 158 95.33 38.25 -31.04
N SER F 159 95.56 38.94 -29.92
CA SER F 159 96.57 40.00 -29.91
C SER F 159 97.96 39.43 -30.17
N ALA F 160 98.26 38.24 -29.64
CA ALA F 160 99.51 37.59 -29.96
C ALA F 160 99.59 37.25 -31.45
N ARG F 161 98.46 36.83 -32.03
CA ARG F 161 98.42 36.57 -33.46
C ARG F 161 98.64 37.86 -34.26
N ASP F 162 98.06 38.96 -33.79
CA ASP F 162 98.18 40.24 -34.49
C ASP F 162 99.37 41.05 -33.98
N PRO F 194 91.93 36.12 -11.81
CA PRO F 194 91.16 34.93 -11.41
C PRO F 194 90.20 35.22 -10.25
N ILE F 195 89.39 36.26 -10.37
CA ILE F 195 88.47 36.60 -9.29
C ILE F 195 87.45 35.49 -9.10
N VAL F 196 86.96 34.92 -10.20
CA VAL F 196 85.99 33.82 -10.09
C VAL F 196 86.66 32.58 -9.51
N GLU F 197 87.92 32.34 -9.85
CA GLU F 197 88.62 31.20 -9.27
C GLU F 197 88.79 31.38 -7.77
N GLN F 198 89.11 32.60 -7.33
CA GLN F 198 89.27 32.82 -5.90
C GLN F 198 87.94 32.77 -5.17
N TYR F 199 86.86 33.21 -5.82
CA TYR F 199 85.53 33.05 -5.23
C TYR F 199 85.20 31.57 -5.07
N LEU F 200 85.57 30.76 -6.05
CA LEU F 200 85.38 29.32 -5.93
C LEU F 200 86.18 28.76 -4.77
N LYS F 201 87.43 29.19 -4.64
CA LYS F 201 88.25 28.77 -3.51
C LYS F 201 87.59 29.18 -2.20
N THR F 202 86.92 30.32 -2.19
CA THR F 202 86.24 30.78 -0.99
C THR F 202 85.05 29.89 -0.67
N LYS F 203 84.22 29.60 -1.66
CA LYS F 203 83.08 28.71 -1.46
C LYS F 203 83.52 27.33 -0.99
N LYS F 204 84.74 26.92 -1.34
CA LYS F 204 85.26 25.65 -0.85
C LYS F 204 85.29 25.56 0.67
N ASN F 205 85.15 26.70 1.36
CA ASN F 205 85.31 26.74 2.81
C ASN F 205 83.96 26.54 3.52
N SER F 206 82.97 27.35 3.18
CA SER F 206 81.70 27.33 3.89
C SER F 206 80.91 26.07 3.57
N ASN F 207 80.06 25.67 4.53
CA ASN F 207 79.24 24.49 4.38
C ASN F 207 77.78 24.74 4.76
N ASN F 208 77.33 26.00 4.69
CA ASN F 208 75.93 26.30 4.98
C ASN F 208 75.03 25.70 3.91
N LEU F 209 75.36 25.98 2.65
CA LEU F 209 74.55 25.54 1.47
C LEU F 209 74.48 24.01 1.39
N ILE F 210 75.50 23.28 1.84
CA ILE F 210 75.46 21.84 1.72
C ILE F 210 74.68 21.21 2.86
N ILE F 211 74.78 21.77 4.07
CA ILE F 211 73.97 21.19 5.14
C ILE F 211 72.50 21.48 4.89
N LYS F 212 72.18 22.64 4.32
CA LYS F 212 70.79 22.88 3.94
C LYS F 212 70.32 21.86 2.92
N TYR F 213 71.15 21.59 1.91
CA TYR F 213 70.77 20.68 0.85
C TYR F 213 70.55 19.27 1.38
N ILE F 214 71.54 18.72 2.09
CA ILE F 214 71.37 17.37 2.59
C ILE F 214 70.29 17.31 3.66
N SER F 215 69.98 18.43 4.32
CA SER F 215 68.88 18.38 5.28
C SER F 215 67.54 18.26 4.57
N CYS F 216 67.34 19.01 3.50
CA CYS F 216 66.11 18.82 2.74
C CYS F 216 66.05 17.41 2.14
N ARG F 217 67.16 16.91 1.61
CA ARG F 217 67.13 15.56 1.05
C ARG F 217 66.85 14.53 2.13
N LEU F 218 67.42 14.72 3.31
CA LEU F 218 67.22 13.75 4.38
C LEU F 218 65.78 13.77 4.88
N LEU F 219 65.18 14.96 4.96
CA LEU F 219 63.78 15.02 5.34
C LEU F 219 62.88 14.40 4.29
N THR F 220 63.21 14.59 3.02
CA THR F 220 62.43 13.93 1.97
C THR F 220 62.54 12.42 2.11
N LEU F 221 63.74 11.91 2.37
CA LEU F 221 63.90 10.47 2.53
C LEU F 221 63.15 9.96 3.75
N ILE F 222 63.19 10.71 4.85
CA ILE F 222 62.51 10.28 6.06
C ILE F 222 61.00 10.24 5.84
N ILE F 223 60.46 11.27 5.21
CA ILE F 223 59.02 11.31 4.96
C ILE F 223 58.61 10.22 4.00
N ILE F 224 59.45 9.94 2.98
CA ILE F 224 59.12 8.89 2.04
C ILE F 224 59.13 7.54 2.74
N LEU F 225 60.07 7.33 3.65
CA LEU F 225 60.11 6.05 4.36
C LEU F 225 58.91 5.91 5.30
N LEU F 226 58.53 6.99 5.97
CA LEU F 226 57.35 6.94 6.82
C LEU F 226 56.10 6.68 6.00
N ALA F 227 56.01 7.29 4.82
CA ALA F 227 54.87 7.04 3.95
C ALA F 227 54.86 5.61 3.45
N CYS F 228 56.03 5.05 3.14
CA CYS F 228 56.09 3.65 2.74
C CYS F 228 55.61 2.75 3.87
N ILE F 229 56.04 3.03 5.10
CA ILE F 229 55.58 2.22 6.23
C ILE F 229 54.07 2.31 6.36
N TYR F 230 53.53 3.52 6.29
CA TYR F 230 52.09 3.67 6.44
C TYR F 230 51.33 2.97 5.34
N LEU F 231 51.79 3.09 4.09
CA LEU F 231 51.06 2.48 2.99
C LEU F 231 51.18 0.97 3.03
N GLY F 232 52.33 0.45 3.45
CA GLY F 232 52.47 -0.98 3.59
C GLY F 232 51.56 -1.51 4.68
N TYR F 233 51.41 -0.76 5.76
CA TYR F 233 50.46 -1.16 6.78
C TYR F 233 49.04 -1.14 6.23
N TYR F 234 48.69 -0.06 5.54
CA TYR F 234 47.32 0.11 5.08
C TYR F 234 46.94 -0.96 4.08
N PHE F 235 47.82 -1.26 3.13
CA PHE F 235 47.54 -2.30 2.16
C PHE F 235 47.43 -3.67 2.83
N SER F 236 48.05 -3.84 3.98
CA SER F 236 47.99 -5.11 4.70
C SER F 236 46.71 -5.28 5.50
N LEU F 237 45.81 -4.31 5.48
CA LEU F 237 44.57 -4.42 6.23
C LEU F 237 43.75 -5.61 5.70
N SER F 238 42.80 -6.06 6.52
CA SER F 238 42.17 -7.35 6.32
C SER F 238 41.31 -7.44 5.06
N SER F 239 40.98 -6.31 4.44
CA SER F 239 40.14 -6.25 3.25
C SER F 239 38.69 -6.60 3.56
N LEU F 240 38.44 -7.08 4.77
CA LEU F 240 37.10 -7.14 5.32
C LEU F 240 36.92 -6.13 6.43
N SER F 241 37.94 -5.31 6.69
CA SER F 241 37.84 -4.27 7.69
C SER F 241 36.91 -3.16 7.26
N ASP F 242 36.49 -3.14 6.00
CA ASP F 242 35.53 -2.16 5.53
C ASP F 242 34.10 -2.50 5.93
N GLU F 243 33.86 -3.69 6.46
CA GLU F 243 32.55 -4.08 6.98
C GLU F 243 32.56 -3.88 8.49
N PHE F 244 31.70 -3.02 8.98
CA PHE F 244 31.57 -2.83 10.41
C PHE F 244 30.10 -2.77 10.77
N VAL F 245 29.80 -3.16 12.00
CA VAL F 245 28.45 -3.15 12.51
C VAL F 245 28.23 -1.87 13.29
N CYS F 246 27.15 -1.16 12.98
CA CYS F 246 26.88 0.16 13.54
C CYS F 246 25.51 0.16 14.18
N SER F 247 25.35 0.93 15.25
CA SER F 247 24.13 0.93 16.04
C SER F 247 23.69 2.35 16.33
N ILE F 248 22.54 2.74 15.80
CA ILE F 248 21.99 4.08 16.09
C ILE F 248 21.04 3.91 17.27
N LYS F 249 21.63 3.85 18.46
CA LYS F 249 20.80 3.66 19.64
C LYS F 249 21.28 4.52 20.79
N SER F 250 21.75 5.72 20.50
CA SER F 250 22.06 6.68 21.53
C SER F 250 20.91 7.66 21.68
N GLY F 251 20.81 8.25 22.86
CA GLY F 251 19.76 9.22 23.05
C GLY F 251 18.39 8.57 23.13
N ILE F 252 17.39 9.29 22.63
CA ILE F 252 16.02 8.82 22.73
C ILE F 252 15.74 7.62 21.86
N LEU F 253 16.62 7.29 20.93
CA LEU F 253 16.40 6.09 20.13
C LEU F 253 16.73 4.83 20.89
N ARG F 254 17.30 4.95 22.08
CA ARG F 254 17.61 3.76 22.88
C ARG F 254 16.35 3.00 23.24
N ALA F 255 15.29 3.77 23.56
CA ALA F 255 13.99 3.18 23.95
C ALA F 255 13.17 2.82 22.70
N ASP F 256 13.62 3.25 21.51
CA ASP F 256 12.90 2.99 20.23
C ASP F 256 13.03 1.51 19.83
N SER F 257 11.91 0.78 19.74
CA SER F 257 11.93 -0.66 19.39
C SER F 257 11.76 -0.90 17.87
N THR F 258 11.45 0.14 17.10
CA THR F 258 11.28 -0.03 15.62
C THR F 258 12.65 -0.07 14.95
N VAL F 259 13.68 0.34 15.68
CA VAL F 259 15.07 0.39 15.23
C VAL F 259 15.78 -0.90 15.64
N PRO F 260 16.33 -1.65 14.69
CA PRO F 260 17.09 -2.84 15.04
C PRO F 260 18.31 -2.48 15.88
N ASP F 261 18.85 -3.51 16.54
CA ASP F 261 19.94 -3.27 17.48
C ASP F 261 21.19 -2.79 16.76
N GLN F 262 21.41 -3.26 15.54
CA GLN F 262 22.64 -2.92 14.83
C GLN F 262 22.46 -3.12 13.34
N PHE F 263 23.24 -2.36 12.56
CA PHE F 263 23.17 -2.35 11.12
C PHE F 263 24.49 -2.81 10.53
N GLN F 264 24.41 -3.44 9.36
CA GLN F 264 25.61 -3.90 8.65
C GLN F 264 25.99 -2.84 7.64
N CYS F 265 27.00 -2.06 7.95
CA CYS F 265 27.50 -1.03 7.05
C CYS F 265 28.77 -1.51 6.36
N LYS F 266 29.00 -1.00 5.15
CA LYS F 266 30.22 -1.31 4.41
C LYS F 266 30.79 -0.04 3.80
N LEU F 267 32.08 0.16 3.99
CA LEU F 267 32.78 1.30 3.41
C LEU F 267 33.18 0.94 1.99
N ILE F 268 32.39 1.39 1.02
CA ILE F 268 32.75 1.19 -0.36
C ILE F 268 34.06 1.92 -0.63
N ALA F 269 34.71 1.54 -1.72
CA ALA F 269 35.92 2.20 -2.19
C ALA F 269 37.09 2.01 -1.25
N VAL F 270 37.07 0.96 -0.44
CA VAL F 270 38.27 0.59 0.31
C VAL F 270 39.17 -0.30 -0.52
N GLY F 271 38.58 -1.16 -1.36
CA GLY F 271 39.40 -1.96 -2.27
C GLY F 271 40.19 -1.08 -3.21
N ILE F 272 39.56 -0.03 -3.71
CA ILE F 272 40.26 0.93 -4.55
C ILE F 272 41.37 1.60 -3.78
N PHE F 273 41.11 1.96 -2.53
CA PHE F 273 42.14 2.59 -1.71
C PHE F 273 43.33 1.67 -1.53
N GLN F 274 43.09 0.38 -1.32
CA GLN F 274 44.19 -0.53 -1.08
C GLN F 274 44.97 -0.80 -2.35
N LEU F 275 44.29 -0.90 -3.48
CA LEU F 275 45.01 -1.04 -4.74
C LEU F 275 45.86 0.18 -5.03
N LEU F 276 45.32 1.37 -4.82
CA LEU F 276 46.10 2.57 -5.09
C LEU F 276 47.22 2.73 -4.08
N SER F 277 46.98 2.20 -2.88
CA SER F 277 47.97 2.21 -1.77
C SER F 277 49.18 1.35 -2.16
N VAL F 278 48.94 0.19 -2.79
CA VAL F 278 50.08 -0.64 -3.17
C VAL F 278 50.79 -0.02 -4.37
N ILE F 279 50.07 0.66 -5.26
CA ILE F 279 50.76 1.35 -6.35
C ILE F 279 51.67 2.44 -5.81
N ASN F 280 51.15 3.25 -4.88
CA ASN F 280 51.96 4.30 -4.28
C ASN F 280 53.16 3.74 -3.55
N LEU F 281 52.98 2.64 -2.83
CA LEU F 281 54.08 2.03 -2.11
C LEU F 281 55.16 1.54 -3.05
N VAL F 282 54.75 0.95 -4.18
CA VAL F 282 55.74 0.50 -5.16
C VAL F 282 56.54 1.69 -5.67
N VAL F 283 55.87 2.76 -6.08
CA VAL F 283 56.60 3.89 -6.62
C VAL F 283 57.51 4.52 -5.57
N TYR F 284 57.06 4.61 -4.33
CA TYR F 284 57.88 5.25 -3.32
C TYR F 284 59.07 4.40 -2.94
N VAL F 285 58.92 3.08 -2.92
CA VAL F 285 60.06 2.24 -2.59
C VAL F 285 61.03 2.16 -3.77
N LEU F 286 60.57 2.48 -4.98
CA LEU F 286 61.52 2.66 -6.07
C LEU F 286 62.18 4.03 -6.01
N LEU F 287 61.50 5.02 -5.44
CA LEU F 287 62.02 6.37 -5.40
C LEU F 287 63.03 6.58 -4.29
N ALA F 288 62.88 5.87 -3.18
CA ALA F 288 63.81 6.06 -2.06
C ALA F 288 65.27 5.84 -2.44
N PRO F 289 65.66 4.83 -3.21
CA PRO F 289 67.08 4.72 -3.59
C PRO F 289 67.57 5.92 -4.35
N VAL F 290 66.73 6.56 -5.15
CA VAL F 290 67.15 7.75 -5.88
C VAL F 290 67.50 8.87 -4.91
N VAL F 291 66.67 9.05 -3.89
CA VAL F 291 66.96 10.09 -2.90
C VAL F 291 68.26 9.76 -2.18
N VAL F 292 68.45 8.49 -1.80
CA VAL F 292 69.68 8.13 -1.12
C VAL F 292 70.88 8.42 -2.01
N TYR F 293 70.76 8.14 -3.31
CA TYR F 293 71.88 8.40 -4.20
C TYR F 293 72.17 9.88 -4.30
N THR F 294 71.14 10.72 -4.41
CA THR F 294 71.37 12.15 -4.40
C THR F 294 72.03 12.60 -3.11
N LEU F 295 71.84 11.85 -2.02
CA LEU F 295 72.42 12.26 -0.75
C LEU F 295 73.94 12.32 -0.80
N PHE F 296 74.58 11.59 -1.72
CA PHE F 296 76.04 11.62 -1.85
C PHE F 296 76.44 12.66 -2.89
N VAL F 297 76.51 13.91 -2.44
CA VAL F 297 76.78 15.01 -3.36
C VAL F 297 78.19 14.98 -3.95
N PRO F 298 79.25 14.57 -3.25
CA PRO F 298 80.55 14.56 -3.92
C PRO F 298 80.62 13.52 -5.01
N PHE F 299 80.09 12.32 -4.74
CA PHE F 299 80.12 11.25 -5.73
C PHE F 299 79.47 11.67 -7.04
N ARG F 300 78.44 12.51 -6.98
CA ARG F 300 77.76 12.91 -8.20
C ARG F 300 78.54 13.95 -9.00
N GLN F 301 79.49 14.63 -8.37
CA GLN F 301 80.30 15.62 -9.09
C GLN F 301 81.19 14.89 -10.09
N LYS F 302 80.77 14.89 -11.35
CA LYS F 302 81.49 14.16 -12.38
C LYS F 302 81.42 14.96 -13.67
N THR F 303 82.26 14.56 -14.63
CA THR F 303 82.37 15.24 -15.93
C THR F 303 82.66 16.73 -15.73
N ASP F 304 83.82 17.00 -15.14
CA ASP F 304 84.18 18.35 -14.71
C ASP F 304 84.11 19.35 -15.85
N VAL F 305 83.17 20.29 -15.75
CA VAL F 305 83.13 21.38 -16.72
C VAL F 305 84.32 22.31 -16.51
N LEU F 306 84.78 22.44 -15.27
CA LEU F 306 85.94 23.28 -15.00
C LEU F 306 87.18 22.79 -15.76
N LYS F 307 87.25 21.49 -16.05
CA LYS F 307 88.40 20.96 -16.77
C LYS F 307 88.53 21.60 -18.15
N VAL F 308 87.40 21.86 -18.81
CA VAL F 308 87.43 22.47 -20.13
C VAL F 308 88.12 23.83 -20.08
N TYR F 309 87.74 24.66 -19.11
CA TYR F 309 88.35 25.97 -18.99
C TYR F 309 89.78 25.86 -18.48
N GLU F 310 90.06 24.82 -17.70
CA GLU F 310 91.43 24.56 -17.27
C GLU F 310 92.33 24.28 -18.47
N ILE F 311 91.76 23.69 -19.54
CA ILE F 311 92.53 23.51 -20.76
C ILE F 311 92.99 24.85 -21.32
N LEU F 312 92.17 25.89 -21.16
CA LEU F 312 92.58 27.22 -21.59
C LEU F 312 93.78 27.66 -20.76
N PRO F 313 94.77 28.32 -21.38
CA PRO F 313 95.98 28.69 -20.64
C PRO F 313 95.76 29.77 -19.59
N THR F 314 94.96 30.79 -19.92
CA THR F 314 94.82 31.93 -19.02
C THR F 314 94.23 31.51 -17.68
N PHE F 315 93.19 30.70 -17.70
CA PHE F 315 92.65 30.17 -16.46
C PHE F 315 93.62 29.15 -15.86
N ASP F 316 93.63 29.08 -14.54
CA ASP F 316 94.50 28.14 -13.85
C ASP F 316 94.15 26.72 -14.28
N VAL F 317 95.18 25.93 -14.59
CA VAL F 317 94.95 24.59 -15.11
C VAL F 317 94.83 23.65 -13.91
N LEU F 318 93.65 23.64 -13.31
CA LEU F 318 93.32 22.73 -12.24
C LEU F 318 91.81 22.59 -12.18
N HIS F 319 91.34 21.39 -11.84
CA HIS F 319 89.93 21.24 -11.53
C HIS F 319 89.57 22.03 -10.28
N PHE F 320 90.38 21.90 -9.23
CA PHE F 320 90.23 22.63 -7.97
C PHE F 320 88.79 22.56 -7.47
N LYS F 321 88.08 21.49 -7.82
CA LYS F 321 86.66 21.38 -7.45
C LYS F 321 86.31 19.90 -7.39
N SER F 322 86.30 19.34 -6.19
CA SER F 322 85.91 17.96 -5.91
C SER F 322 86.16 17.68 -4.44
N GLU F 323 85.76 16.48 -4.01
CA GLU F 323 86.29 15.82 -2.80
C GLU F 323 86.05 16.69 -1.56
N GLY F 324 84.78 16.84 -1.22
CA GLY F 324 84.46 17.50 0.02
C GLY F 324 82.98 17.65 0.30
N TYR F 325 82.62 17.58 1.58
CA TYR F 325 81.27 17.94 2.02
C TYR F 325 81.19 19.43 2.29
N ASN F 326 81.43 20.19 1.22
CA ASN F 326 81.51 21.64 1.28
C ASN F 326 80.70 22.23 0.14
N ASP F 327 80.38 23.51 0.27
CA ASP F 327 79.53 24.16 -0.72
C ASP F 327 80.13 24.12 -2.11
N LEU F 328 81.42 23.85 -2.23
CA LEU F 328 82.03 23.77 -3.55
C LEU F 328 81.46 22.62 -4.36
N SER F 329 81.18 21.49 -3.71
CA SER F 329 80.60 20.36 -4.44
C SER F 329 79.21 20.71 -4.94
N LEU F 330 78.41 21.36 -4.11
CA LEU F 330 77.10 21.83 -4.55
C LEU F 330 77.24 22.75 -5.75
N TYR F 331 78.15 23.72 -5.67
CA TYR F 331 78.31 24.65 -6.77
C TYR F 331 78.78 23.93 -8.02
N ASN F 332 79.56 22.86 -7.85
CA ASN F 332 79.95 22.06 -9.01
C ASN F 332 78.76 21.41 -9.67
N LEU F 333 77.88 20.83 -8.87
CA LEU F 333 76.68 20.21 -9.44
C LEU F 333 75.84 21.24 -10.16
N PHE F 334 75.61 22.38 -9.53
CA PHE F 334 74.75 23.39 -10.14
C PHE F 334 75.42 24.03 -11.35
N LEU F 335 76.76 24.06 -11.37
CA LEU F 335 77.46 24.54 -12.54
C LEU F 335 77.31 23.56 -13.69
N GLU F 336 77.51 22.27 -13.43
CA GLU F 336 77.25 21.28 -14.45
C GLU F 336 75.83 21.39 -14.99
N GLU F 337 74.90 21.79 -14.12
CA GLU F 337 73.51 21.87 -14.56
C GLU F 337 73.27 23.09 -15.44
N ASN F 338 73.52 24.29 -14.92
CA ASN F 338 73.23 25.52 -15.64
C ASN F 338 74.35 25.93 -16.59
N ILE F 339 75.31 25.04 -16.88
CA ILE F 339 76.45 25.46 -17.67
C ILE F 339 76.15 25.46 -19.16
N SER F 340 75.10 24.77 -19.62
CA SER F 340 74.82 24.72 -21.04
C SER F 340 74.33 26.05 -21.59
N GLU F 341 73.83 26.93 -20.73
CA GLU F 341 73.25 28.18 -21.22
C GLU F 341 74.31 29.16 -21.70
N VAL F 342 75.53 29.08 -21.21
CA VAL F 342 76.60 29.97 -21.65
C VAL F 342 77.22 29.44 -22.93
N LYS F 343 77.24 30.27 -23.97
CA LYS F 343 77.76 29.84 -25.26
C LYS F 343 79.29 29.66 -25.21
N SER F 344 79.96 30.42 -24.35
CA SER F 344 81.41 30.28 -24.23
C SER F 344 81.80 28.86 -23.84
N TYR F 345 81.06 28.27 -22.89
CA TYR F 345 81.32 26.88 -22.55
C TYR F 345 81.13 25.99 -23.76
N LYS F 346 80.07 26.22 -24.54
CA LYS F 346 79.82 25.38 -25.70
C LYS F 346 80.99 25.41 -26.66
N CYS F 347 81.51 26.61 -26.94
CA CYS F 347 82.65 26.70 -27.84
C CYS F 347 83.87 26.00 -27.28
N LEU F 348 84.14 26.20 -25.99
CA LEU F 348 85.33 25.58 -25.43
C LEU F 348 85.20 24.07 -25.38
N LYS F 349 83.98 23.56 -25.19
CA LYS F 349 83.75 22.12 -25.15
C LYS F 349 83.95 21.50 -26.53
N VAL F 350 83.45 22.15 -27.57
CA VAL F 350 83.68 21.60 -28.91
C VAL F 350 85.17 21.66 -29.26
N LEU F 351 85.86 22.71 -28.82
CA LEU F 351 87.31 22.74 -28.99
C LEU F 351 87.98 21.59 -28.25
N GLU F 352 87.52 21.26 -27.04
CA GLU F 352 88.11 20.15 -26.31
C GLU F 352 87.83 18.83 -27.01
N ASN F 353 86.65 18.69 -27.61
CA ASN F 353 86.35 17.50 -28.37
C ASN F 353 87.26 17.38 -29.59
N ILE F 354 87.50 18.50 -30.27
CA ILE F 354 88.45 18.48 -31.39
C ILE F 354 89.83 18.10 -30.90
N LYS F 355 90.20 18.58 -29.71
CA LYS F 355 91.44 18.14 -29.09
C LYS F 355 91.44 16.63 -28.89
N SER F 356 90.30 16.08 -28.50
CA SER F 356 90.17 14.62 -28.42
C SER F 356 90.40 14.00 -29.80
N SER F 357 89.87 14.62 -30.85
CA SER F 357 90.21 14.23 -32.20
C SER F 357 91.67 14.53 -32.50
N GLY F 358 92.17 15.66 -31.99
CA GLY F 358 93.58 16.00 -32.11
C GLY F 358 94.04 16.32 -33.52
N GLN F 359 93.31 17.20 -34.21
CA GLN F 359 93.65 17.57 -35.58
C GLN F 359 94.41 18.89 -35.65
N GLY F 360 93.83 19.96 -35.13
CA GLY F 360 94.44 21.27 -35.21
C GLY F 360 95.10 21.75 -33.94
N ILE F 361 94.66 22.91 -33.44
CA ILE F 361 95.21 23.49 -32.22
C ILE F 361 94.11 24.32 -31.57
N ASP F 362 94.24 24.51 -30.25
CA ASP F 362 93.21 25.23 -29.51
C ASP F 362 93.13 26.71 -29.90
N PRO F 363 94.22 27.50 -29.83
CA PRO F 363 94.03 28.95 -30.05
C PRO F 363 93.64 29.31 -31.47
N MET F 364 94.18 28.59 -32.46
CA MET F 364 93.86 28.92 -33.85
C MET F 364 92.38 28.71 -34.14
N LEU F 365 91.85 27.54 -33.80
CA LEU F 365 90.44 27.26 -34.03
C LEU F 365 89.55 28.12 -33.13
N LEU F 366 90.03 28.51 -31.95
CA LEU F 366 89.27 29.42 -31.12
C LEU F 366 89.13 30.79 -31.77
N LEU F 367 90.23 31.31 -32.31
CA LEU F 367 90.17 32.57 -33.05
C LEU F 367 89.28 32.44 -34.28
N THR F 368 89.31 31.27 -34.93
CA THR F 368 88.44 31.04 -36.08
C THR F 368 86.97 31.03 -35.67
N ASN F 369 86.65 30.47 -34.50
CA ASN F 369 85.29 30.38 -33.99
C ASN F 369 84.54 31.70 -34.09
N LEU F 370 85.06 32.75 -33.46
CA LEU F 370 84.45 34.08 -33.46
C LEU F 370 83.06 34.02 -32.80
N GLY F 371 83.06 33.61 -31.54
CA GLY F 371 81.85 33.45 -30.74
C GLY F 371 81.87 34.26 -29.46
N MET F 372 82.38 35.49 -29.53
CA MET F 372 82.44 36.34 -28.34
C MET F 372 81.06 36.63 -27.76
N ILE F 373 80.08 36.88 -28.64
CA ILE F 373 78.72 37.16 -28.18
C ILE F 373 77.72 36.54 -29.14
N ALA G 2 37.38 18.62 -5.99
CA ALA G 2 38.31 17.52 -5.77
C ALA G 2 39.35 17.93 -4.75
N ILE G 3 39.83 16.93 -3.98
CA ILE G 3 40.83 17.17 -2.90
C ILE G 3 42.16 17.66 -3.52
N ALA G 4 42.51 17.17 -4.71
CA ALA G 4 43.76 17.56 -5.33
C ALA G 4 43.70 18.98 -5.88
N GLN G 5 42.54 19.42 -6.34
CA GLN G 5 42.42 20.79 -6.81
C GLN G 5 42.62 21.77 -5.68
N LEU G 6 42.02 21.50 -4.53
CA LEU G 6 42.25 22.34 -3.37
C LEU G 6 43.73 22.35 -3.00
N ALA G 7 44.36 21.18 -3.06
CA ALA G 7 45.79 21.12 -2.77
C ALA G 7 46.56 22.06 -3.69
N THR G 8 46.40 21.90 -5.00
CA THR G 8 47.10 22.77 -5.93
C THR G 8 46.85 24.23 -5.59
N GLU G 9 45.58 24.61 -5.53
CA GLU G 9 45.20 26.00 -5.36
C GLU G 9 45.80 26.60 -4.10
N TYR G 10 45.84 25.86 -3.00
CA TYR G 10 46.15 26.48 -1.72
C TYR G 10 47.54 26.17 -1.17
N VAL G 11 48.28 25.22 -1.75
CA VAL G 11 49.67 25.02 -1.37
C VAL G 11 50.61 25.14 -2.56
N PHE G 12 50.24 24.56 -3.71
CA PHE G 12 51.20 24.52 -4.80
C PHE G 12 51.12 25.73 -5.70
N SER G 13 49.97 26.40 -5.77
CA SER G 13 49.92 27.67 -6.45
C SER G 13 50.55 28.76 -5.58
N ASP G 14 50.87 29.88 -6.21
CA ASP G 14 51.43 31.01 -5.48
C ASP G 14 50.30 31.80 -4.81
N PHE G 15 49.48 31.10 -4.05
CA PHE G 15 48.37 31.74 -3.36
C PHE G 15 48.91 32.71 -2.32
N LEU G 16 48.49 33.97 -2.42
CA LEU G 16 48.98 35.05 -1.57
C LEU G 16 50.50 35.22 -1.68
N LEU G 17 51.10 34.63 -2.71
CA LEU G 17 52.48 34.89 -3.07
C LEU G 17 52.60 35.73 -4.33
N LYS G 18 51.48 36.31 -4.77
CA LYS G 18 51.49 37.13 -5.97
C LYS G 18 52.27 38.43 -5.71
N GLU G 19 53.27 38.67 -6.55
CA GLU G 19 54.00 39.93 -6.47
C GLU G 19 53.07 41.07 -6.85
N PRO G 20 53.35 42.29 -6.36
CA PRO G 20 52.48 43.43 -6.71
C PRO G 20 52.36 43.63 -8.20
N THR G 21 51.15 43.48 -8.73
CA THR G 21 50.88 43.67 -10.15
C THR G 21 50.85 45.17 -10.44
N GLU G 22 52.03 45.76 -10.46
CA GLU G 22 52.20 47.19 -10.68
C GLU G 22 53.66 47.50 -10.98
N PRO G 23 53.94 48.47 -11.84
CA PRO G 23 55.33 48.86 -12.09
C PRO G 23 55.95 49.70 -10.99
N LYS G 24 55.19 50.07 -9.96
CA LYS G 24 55.74 50.86 -8.87
C LYS G 24 56.70 50.02 -8.02
N PHE G 25 56.29 48.82 -7.65
CA PHE G 25 57.12 47.88 -6.91
C PHE G 25 57.43 46.70 -7.83
N LYS G 26 58.56 46.77 -8.51
CA LYS G 26 59.02 45.71 -9.41
C LYS G 26 60.28 45.11 -8.81
N GLY G 27 60.14 43.94 -8.19
CA GLY G 27 61.24 43.29 -7.53
C GLY G 27 61.53 43.76 -6.11
N LEU G 28 60.92 44.85 -5.65
CA LEU G 28 61.04 45.23 -4.25
C LEU G 28 60.06 44.42 -3.41
N ARG G 29 60.54 43.86 -2.31
CA ARG G 29 59.71 42.92 -1.57
C ARG G 29 58.72 43.62 -0.65
N LEU G 30 59.21 44.52 0.20
CA LEU G 30 58.42 45.29 1.17
C LEU G 30 57.82 44.43 2.26
N GLU G 31 58.04 43.13 2.25
CA GLU G 31 57.59 42.26 3.33
C GLU G 31 58.64 41.19 3.55
N LEU G 32 59.17 41.13 4.77
CA LEU G 32 60.18 40.14 5.07
C LEU G 32 59.66 38.75 4.79
N ALA G 33 60.53 37.89 4.25
CA ALA G 33 60.11 36.57 3.81
C ALA G 33 59.42 35.80 4.93
N VAL G 34 59.95 35.90 6.15
CA VAL G 34 59.33 35.16 7.25
C VAL G 34 57.93 35.70 7.53
N ASP G 35 57.74 37.01 7.39
CA ASP G 35 56.40 37.56 7.58
C ASP G 35 55.47 37.08 6.48
N LYS G 36 55.97 37.02 5.25
CA LYS G 36 55.14 36.54 4.15
C LYS G 36 54.70 35.11 4.39
N MET G 37 55.63 34.24 4.82
CA MET G 37 55.24 32.85 5.03
C MET G 37 54.33 32.71 6.24
N VAL G 38 54.55 33.52 7.28
CA VAL G 38 53.67 33.44 8.44
C VAL G 38 52.26 33.83 8.06
N THR G 39 52.11 34.90 7.30
CA THR G 39 50.78 35.29 6.85
C THR G 39 50.18 34.23 5.95
N CYS G 40 50.96 33.71 5.01
CA CYS G 40 50.44 32.72 4.08
C CYS G 40 49.91 31.51 4.83
N ILE G 41 50.69 30.98 5.77
CA ILE G 41 50.21 29.85 6.56
C ILE G 41 48.98 30.25 7.36
N ALA G 42 49.12 31.23 8.22
CA ALA G 42 48.07 31.58 9.17
C ALA G 42 46.76 31.92 8.49
N VAL G 43 46.78 32.33 7.24
CA VAL G 43 45.56 32.71 6.54
C VAL G 43 45.06 31.60 5.63
N GLY G 44 45.95 30.98 4.86
CA GLY G 44 45.51 29.96 3.94
C GLY G 44 45.16 28.65 4.60
N LEU G 45 45.73 28.35 5.76
CA LEU G 45 45.43 27.08 6.40
C LEU G 45 43.97 26.96 6.80
N PRO G 46 43.35 27.93 7.47
CA PRO G 46 41.92 27.79 7.74
C PRO G 46 41.08 27.72 6.48
N LEU G 47 41.47 28.39 5.39
CA LEU G 47 40.70 28.27 4.16
C LEU G 47 40.82 26.88 3.57
N LEU G 48 42.03 26.34 3.53
CA LEU G 48 42.20 24.98 3.02
C LEU G 48 41.43 23.99 3.88
N LEU G 49 41.42 24.21 5.19
CA LEU G 49 40.70 23.31 6.07
C LEU G 49 39.20 23.40 5.86
N ILE G 50 38.67 24.61 5.67
CA ILE G 50 37.26 24.76 5.35
C ILE G 50 36.93 24.01 4.07
N SER G 51 37.77 24.18 3.05
CA SER G 51 37.50 23.49 1.79
C SER G 51 37.57 21.99 1.95
N LEU G 52 38.46 21.49 2.80
CA LEU G 52 38.57 20.06 3.00
C LEU G 52 37.38 19.50 3.74
N ALA G 53 36.88 20.24 4.73
CA ALA G 53 35.79 19.71 5.55
C ALA G 53 34.54 19.41 4.76
N PHE G 54 34.41 19.97 3.55
CA PHE G 54 33.25 19.72 2.70
C PHE G 54 33.67 19.17 1.35
N ALA G 55 34.85 18.56 1.27
CA ALA G 55 35.23 17.88 0.06
C ALA G 55 34.23 16.81 -0.28
N GLN G 56 33.97 16.62 -1.58
CA GLN G 56 32.90 15.73 -1.98
C GLN G 56 33.16 14.29 -1.60
N GLU G 57 34.41 13.94 -1.30
CA GLU G 57 34.76 12.58 -0.94
C GLU G 57 34.80 12.34 0.55
N ILE G 58 34.69 13.38 1.37
CA ILE G 58 34.44 13.17 2.78
C ILE G 58 32.97 13.41 3.14
N SER G 59 32.31 14.34 2.44
CA SER G 59 30.93 14.65 2.76
C SER G 59 30.01 13.52 2.34
N ILE G 60 29.19 13.05 3.27
CA ILE G 60 28.25 11.99 2.97
C ILE G 60 27.01 12.55 2.29
N GLY G 61 26.70 13.81 2.55
CA GLY G 61 25.44 14.37 2.12
C GLY G 61 25.16 15.67 2.83
N THR G 62 23.97 15.78 3.40
CA THR G 62 23.59 16.94 4.19
C THR G 62 24.40 17.04 5.46
N GLN G 63 24.25 18.16 6.16
CA GLN G 63 24.93 18.38 7.42
C GLN G 63 24.16 17.89 8.63
N ILE G 64 22.87 17.62 8.48
CA ILE G 64 22.04 17.20 9.60
C ILE G 64 21.04 16.18 9.10
N SER G 65 20.71 15.23 9.97
CA SER G 65 19.70 14.23 9.68
C SER G 65 18.99 13.88 10.99
N CYS G 66 17.68 13.67 10.94
CA CYS G 66 16.89 13.72 12.16
C CYS G 66 16.04 12.50 12.47
N PHE G 67 15.94 11.52 11.59
CA PHE G 67 15.24 10.26 11.89
C PHE G 67 13.79 10.50 12.33
N SER G 68 13.00 10.95 11.37
CA SER G 68 11.57 11.03 11.55
C SER G 68 10.95 9.63 11.62
N PRO G 69 9.71 9.52 12.09
CA PRO G 69 9.04 8.22 12.10
C PRO G 69 8.85 7.68 10.69
N SER G 70 8.61 6.37 10.61
CA SER G 70 8.41 5.74 9.31
C SER G 70 7.09 6.16 8.69
N SER G 71 6.14 6.60 9.52
CA SER G 71 4.87 7.08 9.00
C SER G 71 5.04 8.37 8.22
N PHE G 72 6.08 9.14 8.52
CA PHE G 72 6.27 10.43 7.87
C PHE G 72 6.57 10.23 6.40
N SER G 73 5.99 11.09 5.57
CA SER G 73 6.32 11.07 4.16
C SER G 73 7.71 11.65 3.96
N TRP G 74 8.17 11.60 2.71
CA TRP G 74 9.48 12.16 2.39
C TRP G 74 9.54 13.64 2.73
N ARG G 75 8.49 14.37 2.39
CA ARG G 75 8.49 15.81 2.60
C ARG G 75 8.35 16.17 4.07
N GLN G 76 7.64 15.37 4.84
CA GLN G 76 7.58 15.63 6.28
C GLN G 76 8.93 15.44 6.92
N ALA G 77 9.66 14.40 6.52
CA ALA G 77 11.01 14.21 7.03
C ALA G 77 11.90 15.38 6.63
N ALA G 78 11.76 15.85 5.40
CA ALA G 78 12.53 17.02 4.99
C ALA G 78 12.19 18.23 5.84
N PHE G 79 10.91 18.39 6.17
CA PHE G 79 10.53 19.49 7.06
C PHE G 79 11.20 19.35 8.41
N VAL G 80 11.26 18.13 8.94
CA VAL G 80 11.88 17.94 10.25
C VAL G 80 13.34 18.32 10.20
N ASP G 81 14.04 17.86 9.18
CA ASP G 81 15.45 18.20 9.04
C ASP G 81 15.65 19.70 8.98
N SER G 82 14.89 20.37 8.11
CA SER G 82 15.05 21.81 7.95
C SER G 82 14.70 22.55 9.23
N TYR G 83 13.62 22.15 9.90
CA TYR G 83 13.23 22.83 11.11
C TYR G 83 14.30 22.70 12.17
N CYS G 84 14.83 21.50 12.36
CA CYS G 84 15.83 21.34 13.42
C CYS G 84 17.11 22.07 13.08
N TRP G 85 17.51 22.06 11.80
CA TRP G 85 18.65 22.83 11.37
C TRP G 85 18.48 24.30 11.70
N ALA G 86 17.31 24.85 11.39
CA ALA G 86 17.09 26.25 11.73
C ALA G 86 16.87 26.46 13.21
N ALA G 87 16.59 25.40 13.95
CA ALA G 87 16.25 25.48 15.35
C ALA G 87 17.44 25.28 16.26
N VAL G 88 18.62 24.99 15.72
CA VAL G 88 19.79 25.04 16.59
C VAL G 88 20.00 26.44 17.16
N GLN G 89 19.39 27.46 16.57
CA GLN G 89 19.46 28.80 17.14
C GLN G 89 18.41 28.99 18.22
N GLN G 90 17.15 28.67 17.93
CA GLN G 90 16.08 28.87 18.90
C GLN G 90 16.25 27.90 20.05
N LYS G 91 16.69 28.41 21.20
CA LYS G 91 17.06 27.54 22.31
C LYS G 91 15.87 26.82 22.94
N ASN G 92 14.65 27.32 22.72
CA ASN G 92 13.50 26.74 23.40
C ASN G 92 13.14 25.37 22.82
N SER G 93 13.36 25.16 21.52
CA SER G 93 12.87 23.95 20.88
C SER G 93 13.78 22.75 21.11
N LEU G 94 15.09 22.96 21.09
CA LEU G 94 16.03 21.85 21.16
C LEU G 94 16.54 21.66 22.58
N GLN G 95 16.75 20.41 22.97
CA GLN G 95 17.27 20.05 24.28
C GLN G 95 18.47 19.14 24.08
N SER G 96 19.65 19.61 24.44
CA SER G 96 20.89 18.85 24.29
C SER G 96 21.58 18.71 25.63
N GLU G 97 22.30 17.60 25.80
CA GLU G 97 22.97 17.33 27.08
C GLU G 97 24.08 18.34 27.35
N SER G 98 24.81 18.76 26.31
CA SER G 98 25.93 19.68 26.49
C SER G 98 25.49 21.12 26.62
N GLY G 99 24.40 21.51 25.96
CA GLY G 99 23.97 22.89 25.91
C GLY G 99 23.74 23.34 24.50
N ASN G 100 23.39 24.61 24.36
CA ASN G 100 23.14 25.16 23.04
C ASN G 100 24.40 25.73 22.39
N LEU G 101 25.33 26.22 23.20
CA LEU G 101 26.55 26.79 22.62
C LEU G 101 27.30 25.81 21.75
N PRO G 102 27.48 24.54 22.14
CA PRO G 102 28.12 23.61 21.20
C PRO G 102 27.35 23.45 19.91
N LEU G 103 26.02 23.52 19.96
CA LEU G 103 25.25 23.39 18.73
C LEU G 103 25.51 24.59 17.82
N TRP G 104 25.48 25.79 18.38
CA TRP G 104 25.87 26.97 17.62
C TRP G 104 27.24 26.79 16.98
N LEU G 105 28.20 26.33 17.77
CA LEU G 105 29.57 26.20 17.28
C LEU G 105 29.67 25.15 16.19
N HIS G 106 28.86 24.11 16.27
CA HIS G 106 28.91 23.05 15.27
C HIS G 106 28.28 23.51 13.97
N LYS G 107 27.23 24.33 14.05
CA LYS G 107 26.62 24.80 12.81
C LYS G 107 27.52 25.80 12.10
N PHE G 108 28.15 26.71 12.83
CA PHE G 108 28.87 27.82 12.24
C PHE G 108 30.39 27.66 12.29
N PHE G 109 30.88 26.43 12.31
CA PHE G 109 32.32 26.23 12.28
C PHE G 109 32.97 26.83 11.04
N PRO G 110 32.45 26.64 9.82
CA PRO G 110 33.10 27.27 8.66
C PRO G 110 33.15 28.78 8.77
N TYR G 111 32.08 29.39 9.25
CA TYR G 111 32.08 30.84 9.36
C TYR G 111 33.12 31.32 10.35
N ILE G 112 33.30 30.59 11.45
CA ILE G 112 34.28 31.01 12.45
C ILE G 112 35.68 30.87 11.90
N LEU G 113 35.95 29.78 11.18
CA LEU G 113 37.28 29.66 10.59
C LEU G 113 37.54 30.76 9.58
N LEU G 114 36.55 31.09 8.76
CA LEU G 114 36.75 32.15 7.79
C LEU G 114 36.93 33.50 8.48
N LEU G 115 36.23 33.71 9.60
CA LEU G 115 36.44 34.92 10.37
C LEU G 115 37.86 35.01 10.87
N PHE G 116 38.41 33.89 11.32
CA PHE G 116 39.80 33.90 11.76
C PHE G 116 40.74 34.18 10.60
N ALA G 117 40.46 33.62 9.43
CA ALA G 117 41.28 33.90 8.27
C ALA G 117 41.28 35.38 7.94
N ILE G 118 40.12 36.01 7.98
CA ILE G 118 40.03 37.43 7.65
C ILE G 118 40.77 38.26 8.70
N LEU G 119 40.54 37.97 9.97
CA LEU G 119 41.21 38.73 11.02
C LEU G 119 42.72 38.58 10.94
N LEU G 120 43.20 37.41 10.52
CA LEU G 120 44.64 37.24 10.38
C LEU G 120 45.16 37.89 9.12
N TYR G 121 44.31 38.10 8.13
CA TYR G 121 44.71 38.81 6.93
C TYR G 121 44.73 40.31 7.11
N LEU G 122 44.00 40.82 8.11
CA LEU G 122 43.90 42.27 8.27
C LEU G 122 45.24 42.95 8.57
N PRO G 123 46.05 42.51 9.53
CA PRO G 123 47.29 43.23 9.83
C PRO G 123 48.24 43.31 8.64
N PRO G 124 48.45 42.22 7.90
CA PRO G 124 49.26 42.37 6.68
C PRO G 124 48.67 43.34 5.69
N LEU G 125 47.35 43.43 5.61
CA LEU G 125 46.75 44.41 4.73
C LEU G 125 47.04 45.82 5.19
N PHE G 126 46.93 46.07 6.50
CA PHE G 126 47.22 47.39 7.01
C PHE G 126 48.68 47.75 6.77
N TRP G 127 49.57 46.78 6.87
CA TRP G 127 50.97 47.05 6.56
C TRP G 127 51.16 47.35 5.09
N ARG G 128 50.50 46.58 4.23
CA ARG G 128 50.69 46.76 2.79
C ARG G 128 50.12 48.07 2.30
N PHE G 129 49.10 48.60 2.97
CA PHE G 129 48.45 49.81 2.46
C PHE G 129 48.86 51.05 3.22
N ALA G 130 49.25 50.94 4.48
CA ALA G 130 49.59 52.12 5.26
C ALA G 130 51.07 52.46 5.21
N ALA G 131 51.95 51.49 5.42
CA ALA G 131 53.36 51.75 5.60
C ALA G 131 54.25 51.20 4.49
N ALA G 132 53.70 50.44 3.55
CA ALA G 132 54.53 49.87 2.51
C ALA G 132 55.10 50.92 1.56
N PRO G 133 54.32 51.88 1.06
CA PRO G 133 54.88 52.79 0.05
C PRO G 133 56.02 53.63 0.58
N HIS G 134 55.92 54.07 1.84
CA HIS G 134 56.98 54.88 2.43
C HIS G 134 58.30 54.15 2.38
N ILE G 135 58.31 52.91 2.87
CA ILE G 135 59.55 52.16 2.94
C ILE G 135 59.99 51.75 1.55
N CYS G 136 59.05 51.51 0.63
CA CYS G 136 59.45 51.18 -0.73
C CYS G 136 60.24 52.33 -1.34
N SER G 137 59.72 53.53 -1.25
CA SER G 137 60.40 54.69 -1.83
C SER G 137 61.76 54.91 -1.15
N ASP G 138 61.79 54.84 0.18
CA ASP G 138 63.04 55.10 0.89
C ASP G 138 64.08 54.05 0.54
N LEU G 139 63.71 52.78 0.58
CA LEU G 139 64.66 51.71 0.29
C LEU G 139 65.17 51.82 -1.14
N LYS G 140 64.29 52.11 -2.09
CA LYS G 140 64.74 52.23 -3.48
C LYS G 140 65.72 53.38 -3.63
N PHE G 141 65.40 54.51 -3.01
CA PHE G 141 66.31 55.66 -3.08
C PHE G 141 67.64 55.33 -2.41
N ILE G 142 67.61 54.64 -1.27
CA ILE G 142 68.85 54.31 -0.57
C ILE G 142 69.69 53.39 -1.42
N MET G 143 69.07 52.44 -2.11
CA MET G 143 69.84 51.53 -2.97
C MET G 143 70.45 52.27 -4.14
N GLU G 144 69.69 53.19 -4.76
CA GLU G 144 70.25 53.98 -5.85
C GLU G 144 71.45 54.80 -5.37
N GLU G 145 71.30 55.46 -4.23
CA GLU G 145 72.40 56.27 -3.72
C GLU G 145 73.60 55.40 -3.34
N LEU G 146 73.30 54.20 -2.84
CA LEU G 146 74.36 53.22 -2.47
C LEU G 146 75.17 52.90 -3.73
N ASP G 147 74.48 52.60 -4.84
CA ASP G 147 75.14 52.32 -6.10
C ASP G 147 75.98 53.50 -6.54
N LYS G 148 75.45 54.71 -6.38
CA LYS G 148 76.21 55.90 -6.76
C LYS G 148 77.48 56.03 -5.92
N VAL G 149 77.39 55.71 -4.63
CA VAL G 149 78.56 55.78 -3.76
C VAL G 149 79.61 54.78 -4.22
N TYR G 150 79.19 53.55 -4.55
CA TYR G 150 80.15 52.57 -5.04
C TYR G 150 80.77 53.01 -6.36
N ASN G 151 79.96 53.62 -7.22
CA ASN G 151 80.50 54.13 -8.48
C ASN G 151 81.53 55.22 -8.26
N ARG G 152 81.27 56.11 -7.30
CA ARG G 152 82.25 57.15 -6.97
C ARG G 152 83.54 56.53 -6.46
N ALA G 153 83.43 55.50 -5.61
CA ALA G 153 84.62 54.87 -5.06
C ALA G 153 85.45 54.22 -6.15
N ILE G 154 84.80 53.46 -7.05
CA ILE G 154 85.56 52.79 -8.10
C ILE G 154 86.10 53.79 -9.10
N LYS G 155 85.37 54.89 -9.35
CA LYS G 155 85.88 55.92 -10.24
C LYS G 155 87.12 56.58 -9.66
N ALA G 156 87.11 56.86 -8.35
CA ALA G 156 88.29 57.42 -7.71
C ALA G 156 89.45 56.45 -7.77
N ALA G 157 89.19 55.16 -7.53
CA ALA G 157 90.27 54.18 -7.57
C ALA G 157 90.87 54.08 -8.97
N LYS G 158 90.03 53.98 -9.99
CA LYS G 158 90.52 53.89 -11.37
C LYS G 158 91.28 55.16 -11.77
N SER G 159 90.77 56.33 -11.37
CA SER G 159 91.47 57.57 -11.69
C SER G 159 92.83 57.63 -11.02
N ALA G 160 92.92 57.13 -9.78
CA ALA G 160 94.22 57.02 -9.11
C ALA G 160 95.14 56.07 -9.87
N ARG G 161 94.57 54.97 -10.38
CA ARG G 161 95.37 54.05 -11.20
C ARG G 161 95.83 54.72 -12.49
N ASP G 162 94.97 55.53 -13.10
CA ASP G 162 95.31 56.19 -14.35
C ASP G 162 95.91 57.57 -14.12
N PRO G 194 78.11 61.56 1.33
CA PRO G 194 77.39 60.55 2.09
C PRO G 194 75.93 60.90 2.34
N ILE G 195 75.20 61.27 1.28
CA ILE G 195 73.80 61.66 1.46
C ILE G 195 72.99 60.47 1.94
N VAL G 196 73.26 59.28 1.41
CA VAL G 196 72.53 58.10 1.85
C VAL G 196 72.90 57.75 3.28
N GLU G 197 74.16 57.95 3.67
CA GLU G 197 74.55 57.68 5.04
C GLU G 197 73.84 58.64 5.99
N GLN G 198 73.72 59.90 5.61
CA GLN G 198 73.04 60.85 6.48
C GLN G 198 71.54 60.59 6.53
N TYR G 199 70.95 60.12 5.43
CA TYR G 199 69.56 59.72 5.45
C TYR G 199 69.36 58.53 6.40
N LEU G 200 70.31 57.61 6.40
CA LEU G 200 70.25 56.50 7.35
C LEU G 200 70.34 57.00 8.78
N LYS G 201 71.24 57.95 9.03
CA LYS G 201 71.34 58.55 10.35
C LYS G 201 70.03 59.22 10.74
N THR G 202 69.34 59.79 9.76
CA THR G 202 68.06 60.43 10.02
C THR G 202 67.00 59.39 10.40
N LYS G 203 66.91 58.32 9.62
CA LYS G 203 65.96 57.25 9.93
C LYS G 203 66.23 56.65 11.30
N LYS G 204 67.48 56.70 11.77
CA LYS G 204 67.79 56.21 13.11
C LYS G 204 66.98 56.92 14.18
N ASN G 205 66.35 58.04 13.87
CA ASN G 205 65.66 58.86 14.86
C ASN G 205 64.20 58.47 15.00
N SER G 206 63.47 58.47 13.88
CA SER G 206 62.03 58.26 13.92
C SER G 206 61.69 56.80 14.24
N ASN G 207 60.52 56.61 14.84
CA ASN G 207 60.06 55.27 15.23
C ASN G 207 58.62 55.03 14.79
N ASN G 208 58.14 55.73 13.78
CA ASN G 208 56.80 55.48 13.27
C ASN G 208 56.70 54.11 12.62
N LEU G 209 57.64 53.84 11.70
CA LEU G 209 57.68 52.59 10.92
C LEU G 209 57.84 51.36 11.83
N ILE G 210 58.53 51.49 12.97
CA ILE G 210 58.73 50.32 13.81
C ILE G 210 57.53 50.08 14.71
N ILE G 211 56.87 51.13 15.19
CA ILE G 211 55.69 50.87 16.00
C ILE G 211 54.58 50.32 15.12
N LYS G 212 54.49 50.78 13.88
CA LYS G 212 53.53 50.16 12.97
C LYS G 212 53.83 48.68 12.78
N TYR G 213 55.10 48.35 12.57
CA TYR G 213 55.47 46.96 12.31
C TYR G 213 55.16 46.07 13.51
N ILE G 214 55.66 46.45 14.69
CA ILE G 214 55.40 45.60 15.85
C ILE G 214 53.93 45.63 16.23
N SER G 215 53.16 46.64 15.83
CA SER G 215 51.75 46.60 16.12
C SER G 215 51.05 45.57 15.24
N CYS G 216 51.37 45.53 13.95
CA CYS G 216 50.81 44.46 13.13
C CYS G 216 51.25 43.08 13.62
N ARG G 217 52.53 42.93 13.99
CA ARG G 217 52.97 41.64 14.49
C ARG G 217 52.26 41.26 15.78
N LEU G 218 52.05 42.23 16.65
CA LEU G 218 51.41 41.96 17.93
C LEU G 218 49.95 41.59 17.73
N LEU G 219 49.28 42.25 16.80
CA LEU G 219 47.89 41.87 16.52
C LEU G 219 47.82 40.49 15.90
N THR G 220 48.76 40.15 15.03
CA THR G 220 48.77 38.80 14.49
C THR G 220 48.96 37.78 15.60
N LEU G 221 49.86 38.05 16.53
CA LEU G 221 50.09 37.13 17.63
C LEU G 221 48.85 37.02 18.51
N ILE G 222 48.19 38.14 18.78
CA ILE G 222 47.00 38.11 19.64
C ILE G 222 45.90 37.31 18.98
N ILE G 223 45.68 37.53 17.68
CA ILE G 223 44.62 36.82 16.99
C ILE G 223 44.94 35.34 16.89
N ILE G 224 46.21 34.99 16.69
CA ILE G 224 46.59 33.60 16.63
C ILE G 224 46.39 32.93 17.99
N LEU G 225 46.68 33.64 19.08
CA LEU G 225 46.47 33.05 20.39
C LEU G 225 44.98 32.88 20.68
N LEU G 226 44.17 33.86 20.29
CA LEU G 226 42.73 33.72 20.48
C LEU G 226 42.19 32.57 19.65
N ALA G 227 42.70 32.40 18.43
CA ALA G 227 42.26 31.29 17.61
C ALA G 227 42.69 29.97 18.21
N CYS G 228 43.90 29.90 18.77
CA CYS G 228 44.32 28.69 19.43
C CYS G 228 43.42 28.36 20.60
N ILE G 229 43.05 29.36 21.39
CA ILE G 229 42.15 29.12 22.51
C ILE G 229 40.83 28.58 22.01
N TYR G 230 40.27 29.22 20.98
CA TYR G 230 38.98 28.78 20.48
C TYR G 230 39.05 27.36 19.93
N LEU G 231 40.09 27.05 19.16
CA LEU G 231 40.18 25.72 18.57
C LEU G 231 40.44 24.66 19.62
N GLY G 232 41.21 24.99 20.65
CA GLY G 232 41.41 24.03 21.72
C GLY G 232 40.13 23.77 22.47
N TYR G 233 39.32 24.82 22.66
CA TYR G 233 38.02 24.60 23.26
C TYR G 233 37.15 23.72 22.37
N TYR G 234 37.11 24.04 21.08
CA TYR G 234 36.22 23.34 20.18
C TYR G 234 36.58 21.86 20.06
N PHE G 235 37.87 21.57 19.93
CA PHE G 235 38.30 20.18 19.87
C PHE G 235 38.00 19.44 21.15
N SER G 236 37.90 20.14 22.27
CA SER G 236 37.60 19.53 23.55
C SER G 236 36.12 19.24 23.74
N LEU G 237 35.27 19.56 22.78
CA LEU G 237 33.85 19.29 22.92
C LEU G 237 33.61 17.79 23.04
N SER G 238 32.42 17.44 23.55
CA SER G 238 32.17 16.09 24.03
C SER G 238 32.16 15.04 22.94
N SER G 239 32.10 15.43 21.66
CA SER G 239 32.06 14.51 20.52
C SER G 239 30.74 13.76 20.45
N LEU G 240 29.92 13.90 21.48
CA LEU G 240 28.52 13.53 21.43
C LEU G 240 27.63 14.76 21.44
N SER G 241 28.24 15.94 21.45
CA SER G 241 27.47 17.18 21.40
C SER G 241 26.82 17.39 20.06
N ASP G 242 27.16 16.59 19.05
CA ASP G 242 26.50 16.68 17.76
C ASP G 242 25.15 16.00 17.74
N GLU G 243 24.80 15.26 18.78
CA GLU G 243 23.48 14.66 18.91
C GLU G 243 22.63 15.54 19.81
N PHE G 244 21.55 16.07 19.27
CA PHE G 244 20.63 16.85 20.05
C PHE G 244 19.21 16.43 19.74
N VAL G 245 18.33 16.61 20.71
CA VAL G 245 16.92 16.29 20.57
C VAL G 245 16.16 17.54 20.17
N CYS G 246 15.36 17.44 19.12
CA CYS G 246 14.68 18.58 18.54
C CYS G 246 13.19 18.30 18.48
N SER G 247 12.38 19.35 18.64
CA SER G 247 10.93 19.20 18.74
C SER G 247 10.24 20.22 17.86
N ILE G 248 9.54 19.75 16.83
CA ILE G 248 8.77 20.64 15.96
C ILE G 248 7.35 20.70 16.53
N LYS G 249 7.19 21.49 17.58
CA LYS G 249 5.87 21.58 18.19
C LYS G 249 5.53 22.99 18.57
N SER G 250 5.94 23.95 17.77
CA SER G 250 5.51 25.33 17.95
C SER G 250 4.36 25.62 17.00
N GLY G 251 3.56 26.61 17.38
CA GLY G 251 2.48 26.98 16.49
C GLY G 251 1.39 25.92 16.49
N ILE G 252 0.75 25.77 15.32
CA ILE G 252 -0.39 24.87 15.21
C ILE G 252 0.00 23.41 15.30
N LEU G 253 1.29 23.09 15.20
CA LEU G 253 1.69 21.71 15.37
C LEU G 253 1.69 21.27 16.83
N ARG G 254 1.49 22.21 17.75
CA ARG G 254 1.44 21.86 19.16
C ARG G 254 0.30 20.91 19.44
N ALA G 255 -0.84 21.17 18.79
CA ALA G 255 -2.07 20.35 18.97
C ALA G 255 -2.01 19.10 18.07
N ASP G 256 -1.04 19.03 17.16
CA ASP G 256 -0.89 17.88 16.22
C ASP G 256 -0.38 16.64 16.95
N SER G 257 -1.17 15.57 16.97
CA SER G 257 -0.80 14.30 17.67
C SER G 257 -0.07 13.32 16.75
N THR G 258 -0.01 13.57 15.44
CA THR G 258 0.67 12.63 14.51
C THR G 258 2.19 12.87 14.57
N VAL G 259 2.58 14.00 15.16
CA VAL G 259 3.97 14.42 15.31
C VAL G 259 4.48 13.96 16.68
N PRO G 260 5.55 13.18 16.73
CA PRO G 260 6.12 12.80 18.01
C PRO G 260 6.62 14.00 18.78
N ASP G 261 6.82 13.80 20.08
CA ASP G 261 7.18 14.93 20.93
C ASP G 261 8.55 15.47 20.60
N GLN G 262 9.47 14.61 20.16
CA GLN G 262 10.83 15.05 19.91
C GLN G 262 11.53 14.09 18.96
N PHE G 263 12.51 14.62 18.24
CA PHE G 263 13.25 13.88 17.23
C PHE G 263 14.71 13.82 17.60
N GLN G 264 15.37 12.74 17.20
CA GLN G 264 16.80 12.56 17.45
C GLN G 264 17.56 13.02 16.21
N CYS G 265 18.12 14.23 16.28
CA CYS G 265 18.91 14.76 15.19
C CYS G 265 20.40 14.62 15.48
N LYS G 266 21.19 14.51 14.43
CA LYS G 266 22.64 14.45 14.56
C LYS G 266 23.30 15.35 13.53
N LEU G 267 24.25 16.15 13.98
CA LEU G 267 25.01 17.03 13.10
C LEU G 267 26.17 16.23 12.52
N ILE G 268 25.99 15.74 11.30
CA ILE G 268 27.08 15.06 10.63
C ILE G 268 28.22 16.05 10.44
N ALA G 269 29.40 15.52 10.19
CA ALA G 269 30.58 16.31 9.88
C ALA G 269 31.05 17.15 11.05
N VAL G 270 30.72 16.75 12.27
CA VAL G 270 31.33 17.37 13.43
C VAL G 270 32.63 16.67 13.78
N GLY G 271 32.71 15.36 13.58
CA GLY G 271 33.98 14.68 13.78
C GLY G 271 35.06 15.21 12.85
N ILE G 272 34.69 15.48 11.60
CA ILE G 272 35.62 16.09 10.66
C ILE G 272 36.03 17.47 11.15
N PHE G 273 35.07 18.24 11.66
CA PHE G 273 35.40 19.56 12.17
C PHE G 273 36.40 19.48 13.30
N GLN G 274 36.23 18.52 14.19
CA GLN G 274 37.11 18.44 15.34
C GLN G 274 38.49 17.95 14.95
N LEU G 275 38.57 17.01 14.01
CA LEU G 275 39.88 16.60 13.51
C LEU G 275 40.60 17.76 12.82
N LEU G 276 39.89 18.52 12.00
CA LEU G 276 40.54 19.62 11.33
C LEU G 276 40.89 20.73 12.30
N SER G 277 40.09 20.82 13.36
CA SER G 277 40.30 21.81 14.44
C SER G 277 41.60 21.50 15.18
N VAL G 278 41.89 20.22 15.42
CA VAL G 278 43.14 19.90 16.10
C VAL G 278 44.32 20.10 15.16
N ILE G 279 44.13 19.85 13.87
CA ILE G 279 45.22 20.12 12.93
C ILE G 279 45.55 21.61 12.90
N ASN G 280 44.52 22.45 12.81
CA ASN G 280 44.73 23.89 12.82
C ASN G 280 45.38 24.35 14.11
N LEU G 281 44.96 23.80 15.24
CA LEU G 281 45.54 24.20 16.51
C LEU G 281 47.02 23.83 16.58
N VAL G 282 47.37 22.65 16.07
CA VAL G 282 48.78 22.26 16.05
C VAL G 282 49.59 23.25 15.23
N VAL G 283 49.11 23.56 14.02
CA VAL G 283 49.90 24.46 13.17
C VAL G 283 49.99 25.85 13.79
N TYR G 284 48.91 26.33 14.40
CA TYR G 284 48.97 27.68 14.96
C TYR G 284 49.84 27.75 16.20
N VAL G 285 49.85 26.70 17.02
CA VAL G 285 50.72 26.73 18.18
C VAL G 285 52.18 26.52 17.79
N LEU G 286 52.43 25.95 16.61
CA LEU G 286 53.79 25.97 16.10
C LEU G 286 54.15 27.31 15.48
N LEU G 287 53.15 28.03 14.98
CA LEU G 287 53.40 29.30 14.31
C LEU G 287 53.60 30.45 15.29
N ALA G 288 52.94 30.41 16.43
CA ALA G 288 53.06 31.50 17.39
C ALA G 288 54.50 31.80 17.80
N PRO G 289 55.37 30.82 18.07
CA PRO G 289 56.76 31.18 18.39
C PRO G 289 57.45 31.92 17.28
N VAL G 290 57.12 31.63 16.02
CA VAL G 290 57.74 32.35 14.92
C VAL G 290 57.35 33.82 14.96
N VAL G 291 56.08 34.11 15.23
CA VAL G 291 55.65 35.49 15.33
C VAL G 291 56.36 36.18 16.49
N VAL G 292 56.46 35.49 17.63
CA VAL G 292 57.15 36.10 18.77
C VAL G 292 58.60 36.40 18.41
N TYR G 293 59.24 35.49 17.67
CA TYR G 293 60.63 35.74 17.31
C TYR G 293 60.75 36.93 16.38
N THR G 294 59.85 37.05 15.39
CA THR G 294 59.88 38.24 14.56
C THR G 294 59.65 39.50 15.36
N LEU G 295 58.99 39.39 16.51
CA LEU G 295 58.72 40.58 17.30
C LEU G 295 59.99 41.27 17.77
N PHE G 296 61.11 40.55 17.86
CA PHE G 296 62.39 41.15 18.28
C PHE G 296 63.16 41.58 17.04
N VAL G 297 62.83 42.77 16.55
CA VAL G 297 63.43 43.27 15.31
C VAL G 297 64.92 43.56 15.44
N PRO G 298 65.45 44.08 16.56
CA PRO G 298 66.91 44.31 16.58
C PRO G 298 67.69 43.02 16.55
N PHE G 299 67.25 42.01 17.32
CA PHE G 299 67.94 40.73 17.36
C PHE G 299 68.08 40.12 15.98
N ARG G 300 67.09 40.33 15.10
CA ARG G 300 67.16 39.73 13.78
C ARG G 300 68.13 40.45 12.85
N GLN G 301 68.48 41.69 13.16
CA GLN G 301 69.42 42.44 12.33
C GLN G 301 70.80 41.79 12.45
N LYS G 302 71.15 40.97 11.46
CA LYS G 302 72.40 40.23 11.50
C LYS G 302 72.96 40.17 10.09
N THR G 303 74.23 39.76 9.99
CA THR G 303 74.97 39.68 8.73
C THR G 303 74.91 41.01 7.99
N ASP G 304 75.52 42.02 8.63
CA ASP G 304 75.41 43.40 8.18
C ASP G 304 75.86 43.56 6.73
N VAL G 305 74.92 43.90 5.85
CA VAL G 305 75.29 44.23 4.48
C VAL G 305 76.05 45.54 4.44
N LEU G 306 75.74 46.46 5.35
CA LEU G 306 76.44 47.73 5.39
C LEU G 306 77.93 47.53 5.64
N LYS G 307 78.31 46.45 6.32
CA LYS G 307 79.72 46.19 6.59
C LYS G 307 80.52 46.06 5.30
N VAL G 308 79.92 45.43 4.29
CA VAL G 308 80.59 45.24 3.01
C VAL G 308 80.97 46.59 2.41
N TYR G 309 80.02 47.52 2.38
CA TYR G 309 80.32 48.83 1.82
C TYR G 309 81.23 49.63 2.74
N GLU G 310 81.15 49.36 4.05
CA GLU G 310 82.08 49.97 4.99
C GLU G 310 83.51 49.57 4.69
N ILE G 311 83.70 48.36 4.15
CA ILE G 311 85.04 47.94 3.72
C ILE G 311 85.56 48.87 2.63
N LEU G 312 84.67 49.37 1.78
CA LEU G 312 85.09 50.34 0.78
C LEU G 312 85.58 51.62 1.47
N PRO G 313 86.66 52.23 0.98
CA PRO G 313 87.20 53.41 1.67
C PRO G 313 86.32 54.64 1.59
N THR G 314 85.71 54.90 0.42
CA THR G 314 84.96 56.14 0.23
C THR G 314 83.79 56.23 1.19
N PHE G 315 83.03 55.15 1.34
CA PHE G 315 81.96 55.13 2.32
C PHE G 315 82.56 55.09 3.73
N ASP G 316 81.84 55.69 4.67
CA ASP G 316 82.30 55.70 6.05
C ASP G 316 82.41 54.28 6.57
N VAL G 317 83.53 53.98 7.23
CA VAL G 317 83.78 52.63 7.68
C VAL G 317 83.13 52.46 9.04
N LEU G 318 81.83 52.22 9.04
CA LEU G 318 81.06 51.92 10.24
C LEU G 318 79.80 51.19 9.82
N HIS G 319 79.37 50.25 10.67
CA HIS G 319 78.05 49.67 10.47
C HIS G 319 76.97 50.73 10.67
N PHE G 320 77.08 51.51 11.75
CA PHE G 320 76.18 52.60 12.06
C PHE G 320 74.71 52.17 11.93
N LYS G 321 74.44 50.88 12.13
CA LYS G 321 73.09 50.37 11.95
C LYS G 321 72.94 49.11 12.83
N SER G 322 72.34 49.30 14.00
CA SER G 322 72.02 48.23 14.94
C SER G 322 71.45 48.85 16.20
N GLU G 323 71.03 47.98 17.13
CA GLU G 323 70.87 48.32 18.54
C GLU G 323 69.89 49.48 18.74
N GLY G 324 68.63 49.20 18.40
CA GLY G 324 67.60 50.18 18.70
C GLY G 324 66.22 49.78 18.27
N TYR G 325 65.21 50.20 19.03
CA TYR G 325 63.82 50.09 18.62
C TYR G 325 63.43 51.32 17.80
N ASN G 326 64.12 51.46 16.68
CA ASN G 326 63.99 52.61 15.81
C ASN G 326 63.87 52.13 14.37
N ASP G 327 63.39 53.02 13.50
CA ASP G 327 63.16 52.65 12.12
C ASP G 327 64.42 52.19 11.43
N LEU G 328 65.60 52.49 11.99
CA LEU G 328 66.84 52.05 11.36
C LEU G 328 66.94 50.53 11.37
N SER G 329 66.49 49.89 12.44
CA SER G 329 66.55 48.43 12.48
C SER G 329 65.64 47.82 11.41
N LEU G 330 64.43 48.38 11.27
CA LEU G 330 63.55 47.93 10.20
C LEU G 330 64.21 48.09 8.85
N TYR G 331 64.79 49.26 8.60
CA TYR G 331 65.44 49.49 7.31
C TYR G 331 66.60 48.53 7.11
N ASN G 332 67.27 48.15 8.19
CA ASN G 332 68.33 47.17 8.08
C ASN G 332 67.79 45.82 7.63
N LEU G 333 66.69 45.39 8.23
CA LEU G 333 66.10 44.12 7.83
C LEU G 333 65.68 44.16 6.36
N PHE G 334 65.00 45.24 5.96
CA PHE G 334 64.51 45.30 4.60
C PHE G 334 65.65 45.48 3.61
N LEU G 335 66.76 46.08 4.05
CA LEU G 335 67.94 46.17 3.20
C LEU G 335 68.56 44.80 3.01
N GLU G 336 68.73 44.05 4.10
CA GLU G 336 69.20 42.69 3.96
C GLU G 336 68.31 41.89 3.03
N GLU G 337 67.03 42.20 3.02
CA GLU G 337 66.12 41.44 2.18
C GLU G 337 66.26 41.82 0.70
N ASN G 338 66.03 43.09 0.37
CA ASN G 338 66.04 43.53 -1.02
C ASN G 338 67.44 43.86 -1.53
N ILE G 339 68.49 43.47 -0.80
CA ILE G 339 69.83 43.88 -1.20
C ILE G 339 70.41 43.01 -2.31
N SER G 340 69.87 41.82 -2.53
CA SER G 340 70.43 40.94 -3.55
C SER G 340 70.17 41.46 -4.96
N GLU G 341 69.18 42.34 -5.14
CA GLU G 341 68.83 42.77 -6.48
C GLU G 341 69.85 43.73 -7.08
N VAL G 342 70.60 44.45 -6.25
CA VAL G 342 71.62 45.37 -6.76
C VAL G 342 72.91 44.61 -7.04
N LYS G 343 73.40 44.73 -8.27
CA LYS G 343 74.59 44.00 -8.67
C LYS G 343 75.83 44.56 -7.99
N SER G 344 75.83 45.85 -7.65
CA SER G 344 76.98 46.44 -6.96
C SER G 344 77.25 45.73 -5.65
N TYR G 345 76.19 45.44 -4.89
CA TYR G 345 76.38 44.68 -3.66
C TYR G 345 77.00 43.32 -3.96
N LYS G 346 76.52 42.66 -5.01
CA LYS G 346 77.04 41.33 -5.33
C LYS G 346 78.55 41.40 -5.57
N CYS G 347 78.98 42.38 -6.36
CA CYS G 347 80.41 42.51 -6.62
C CYS G 347 81.19 42.78 -5.35
N LEU G 348 80.69 43.70 -4.52
CA LEU G 348 81.42 44.04 -3.32
C LEU G 348 81.47 42.86 -2.34
N LYS G 349 80.41 42.05 -2.32
CA LYS G 349 80.38 40.88 -1.45
C LYS G 349 81.38 39.83 -1.89
N VAL G 350 81.47 39.58 -3.20
CA VAL G 350 82.46 38.60 -3.65
C VAL G 350 83.87 39.13 -3.40
N LEU G 351 84.07 40.45 -3.54
CA LEU G 351 85.36 41.02 -3.15
C LEU G 351 85.65 40.81 -1.67
N GLU G 352 84.63 40.97 -0.82
CA GLU G 352 84.85 40.74 0.61
C GLU G 352 85.16 39.28 0.91
N ASN G 353 84.53 38.37 0.17
CA ASN G 353 84.84 36.96 0.33
C ASN G 353 86.28 36.68 -0.09
N ILE G 354 86.73 37.28 -1.18
CA ILE G 354 88.13 37.13 -1.60
C ILE G 354 89.05 37.69 -0.53
N LYS G 355 88.64 38.80 0.10
CA LYS G 355 89.38 39.33 1.24
C LYS G 355 89.44 38.29 2.35
N SER G 356 88.34 37.56 2.58
CA SER G 356 88.37 36.45 3.52
C SER G 356 89.40 35.41 3.10
N SER G 357 89.45 35.13 1.79
CA SER G 357 90.54 34.31 1.26
C SER G 357 91.87 35.03 1.38
N GLY G 358 91.87 36.35 1.17
CA GLY G 358 93.06 37.16 1.36
C GLY G 358 94.18 36.90 0.38
N GLN G 359 93.85 36.91 -0.91
CA GLN G 359 94.85 36.66 -1.95
C GLN G 359 95.36 37.94 -2.59
N GLY G 360 94.46 38.75 -3.15
CA GLY G 360 94.86 39.96 -3.83
C GLY G 360 94.64 41.24 -3.06
N ILE G 361 93.87 42.16 -3.63
CA ILE G 361 93.58 43.44 -3.01
C ILE G 361 92.20 43.90 -3.48
N ASP G 362 91.57 44.76 -2.68
CA ASP G 362 90.23 45.21 -3.02
C ASP G 362 90.20 46.09 -4.28
N PRO G 363 90.96 47.20 -4.36
CA PRO G 363 90.76 48.10 -5.51
C PRO G 363 91.18 47.49 -6.83
N MET G 364 92.24 46.70 -6.85
CA MET G 364 92.72 46.12 -8.10
C MET G 364 91.68 45.17 -8.69
N LEU G 365 91.20 44.23 -7.87
CA LEU G 365 90.20 43.29 -8.36
C LEU G 365 88.87 43.98 -8.64
N LEU G 366 88.56 45.08 -7.93
CA LEU G 366 87.36 45.83 -8.22
C LEU G 366 87.45 46.48 -9.61
N LEU G 367 88.60 47.08 -9.92
CA LEU G 367 88.80 47.64 -11.25
C LEU G 367 88.77 46.54 -12.31
N THR G 368 89.28 45.35 -11.97
CA THR G 368 89.23 44.23 -12.91
C THR G 368 87.79 43.78 -13.15
N ASN G 369 86.95 43.80 -12.11
CA ASN G 369 85.55 43.38 -12.19
C ASN G 369 84.84 44.00 -13.40
N LEU G 370 84.80 45.33 -13.46
CA LEU G 370 84.12 46.06 -14.54
C LEU G 370 82.63 45.74 -14.56
N GLY G 371 81.98 46.05 -13.45
CA GLY G 371 80.57 45.79 -13.24
C GLY G 371 79.77 47.04 -12.89
N MET G 372 80.08 48.15 -13.57
CA MET G 372 79.38 49.41 -13.30
C MET G 372 77.89 49.30 -13.60
N ILE G 373 77.53 48.63 -14.68
CA ILE G 373 76.13 48.46 -15.05
C ILE G 373 75.90 47.08 -15.65
N ALA H 2 -21.55 -32.99 14.99
CA ALA H 2 -20.58 -33.64 15.86
C ALA H 2 -20.44 -35.10 15.49
N ILE H 3 -19.24 -35.64 15.70
CA ILE H 3 -18.95 -37.07 15.36
C ILE H 3 -19.77 -38.01 16.25
N ALA H 4 -20.01 -37.61 17.51
CA ALA H 4 -20.77 -38.47 18.41
C ALA H 4 -22.26 -38.47 18.09
N GLN H 5 -22.79 -37.37 17.59
CA GLN H 5 -24.19 -37.36 17.20
C GLN H 5 -24.44 -38.29 16.03
N LEU H 6 -23.55 -38.28 15.04
CA LEU H 6 -23.67 -39.23 13.95
C LEU H 6 -23.58 -40.65 14.47
N ALA H 7 -22.67 -40.90 15.41
CA ALA H 7 -22.58 -42.22 15.99
C ALA H 7 -23.91 -42.66 16.58
N THR H 8 -24.46 -41.85 17.50
CA THR H 8 -25.74 -42.20 18.11
C THR H 8 -26.77 -42.48 17.02
N GLU H 9 -26.97 -41.52 16.13
CA GLU H 9 -28.03 -41.60 15.14
C GLU H 9 -27.92 -42.85 14.28
N TYR H 10 -26.71 -43.24 13.90
CA TYR H 10 -26.58 -44.26 12.87
C TYR H 10 -26.13 -45.63 13.37
N VAL H 11 -25.69 -45.77 14.62
CA VAL H 11 -25.41 -47.08 15.18
C VAL H 11 -26.20 -47.32 16.46
N PHE H 12 -26.31 -46.33 17.34
CA PHE H 12 -26.91 -46.59 18.63
C PHE H 12 -28.42 -46.38 18.64
N SER H 13 -28.92 -45.53 17.76
CA SER H 13 -30.36 -45.44 17.60
C SER H 13 -30.86 -46.65 16.81
N ASP H 14 -32.17 -46.87 16.87
CA ASP H 14 -32.78 -47.95 16.12
C ASP H 14 -33.02 -47.50 14.68
N PHE H 15 -31.96 -47.01 14.03
CA PHE H 15 -32.06 -46.56 12.65
C PHE H 15 -32.37 -47.73 11.75
N LEU H 16 -33.46 -47.63 10.99
CA LEU H 16 -33.96 -48.70 10.14
C LEU H 16 -34.28 -49.96 10.94
N LEU H 17 -34.36 -49.84 12.27
CA LEU H 17 -34.86 -50.90 13.12
C LEU H 17 -36.25 -50.58 13.65
N LYS H 18 -36.90 -49.55 13.09
CA LYS H 18 -38.23 -49.17 13.54
C LYS H 18 -39.24 -50.23 13.15
N GLU H 19 -39.96 -50.75 14.15
CA GLU H 19 -41.04 -51.69 13.88
C GLU H 19 -42.15 -50.98 13.10
N PRO H 20 -42.94 -51.73 12.33
CA PRO H 20 -44.02 -51.09 11.56
C PRO H 20 -44.97 -50.31 12.45
N THR H 21 -45.04 -49.00 12.24
CA THR H 21 -45.92 -48.12 13.00
C THR H 21 -47.34 -48.31 12.47
N GLU H 22 -47.94 -49.43 12.84
CA GLU H 22 -49.28 -49.79 12.38
C GLU H 22 -49.80 -50.96 13.21
N PRO H 23 -51.10 -51.00 13.49
CA PRO H 23 -51.66 -52.15 14.22
C PRO H 23 -51.83 -53.40 13.37
N LYS H 24 -51.55 -53.33 12.07
CA LYS H 24 -51.68 -54.51 11.22
C LYS H 24 -50.60 -55.53 11.53
N PHE H 25 -49.35 -55.08 11.64
CA PHE H 25 -48.22 -55.93 12.02
C PHE H 25 -47.74 -55.48 13.38
N LYS H 26 -48.23 -56.13 14.43
CA LYS H 26 -47.85 -55.84 15.81
C LYS H 26 -47.11 -57.06 16.34
N GLY H 27 -45.79 -56.97 16.40
CA GLY H 27 -44.96 -58.07 16.83
C GLY H 27 -44.64 -59.11 15.78
N LEU H 28 -45.27 -59.06 14.61
CA LEU H 28 -44.87 -59.92 13.51
C LEU H 28 -43.67 -59.32 12.79
N ARG H 29 -42.64 -60.12 12.54
CA ARG H 29 -41.39 -59.57 12.04
C ARG H 29 -41.44 -59.33 10.53
N LEU H 30 -41.79 -60.36 9.76
CA LEU H 30 -41.87 -60.34 8.31
C LEU H 30 -40.53 -60.16 7.63
N GLU H 31 -39.44 -60.04 8.38
CA GLU H 31 -38.10 -59.97 7.80
C GLU H 31 -37.16 -60.74 8.72
N LEU H 32 -36.50 -61.75 8.18
CA LEU H 32 -35.57 -62.54 8.98
C LEU H 32 -34.50 -61.64 9.57
N ALA H 33 -34.13 -61.92 10.81
CA ALA H 33 -33.22 -61.04 11.53
C ALA H 33 -31.91 -60.83 10.76
N VAL H 34 -31.39 -61.88 10.14
CA VAL H 34 -30.16 -61.73 9.39
C VAL H 34 -30.36 -60.81 8.20
N ASP H 35 -31.53 -60.86 7.56
CA ASP H 35 -31.80 -59.95 6.46
C ASP H 35 -31.91 -58.53 6.96
N LYS H 36 -32.53 -58.34 8.12
CA LYS H 36 -32.66 -57.01 8.69
C LYS H 36 -31.29 -56.42 8.99
N MET H 37 -30.39 -57.21 9.57
CA MET H 37 -29.07 -56.67 9.89
C MET H 37 -28.25 -56.46 8.64
N VAL H 38 -28.39 -57.32 7.64
CA VAL H 38 -27.65 -57.12 6.39
C VAL H 38 -28.08 -55.83 5.73
N THR H 39 -29.39 -55.58 5.67
CA THR H 39 -29.86 -54.33 5.09
C THR H 39 -29.39 -53.15 5.91
N CYS H 40 -29.51 -53.23 7.24
CA CYS H 40 -29.11 -52.12 8.09
C CYS H 40 -27.65 -51.76 7.85
N ILE H 41 -26.77 -52.75 7.86
CA ILE H 41 -25.36 -52.46 7.61
C ILE H 41 -25.19 -51.90 6.21
N ALA H 42 -25.59 -52.67 5.20
CA ALA H 42 -25.30 -52.31 3.82
C ALA H 42 -25.84 -50.95 3.43
N VAL H 43 -26.86 -50.45 4.12
CA VAL H 43 -27.46 -49.18 3.78
C VAL H 43 -26.97 -48.06 4.69
N GLY H 44 -26.90 -48.30 6.00
CA GLY H 44 -26.50 -47.26 6.91
C GLY H 44 -25.01 -46.97 6.89
N LEU H 45 -24.20 -47.95 6.51
CA LEU H 45 -22.76 -47.72 6.52
C LEU H 45 -22.34 -46.64 5.53
N PRO H 46 -22.76 -46.66 4.26
CA PRO H 46 -22.40 -45.55 3.39
C PRO H 46 -22.95 -44.22 3.86
N LEU H 47 -24.10 -44.18 4.50
CA LEU H 47 -24.61 -42.91 5.00
C LEU H 47 -23.76 -42.40 6.17
N LEU H 48 -23.40 -43.28 7.09
CA LEU H 48 -22.53 -42.87 8.18
C LEU H 48 -21.19 -42.42 7.65
N LEU H 49 -20.69 -43.09 6.62
CA LEU H 49 -19.40 -42.70 6.06
C LEU H 49 -19.48 -41.35 5.37
N ILE H 50 -20.57 -41.09 4.65
CA ILE H 50 -20.76 -39.77 4.05
C ILE H 50 -20.79 -38.71 5.13
N SER H 51 -21.51 -38.96 6.21
CA SER H 51 -21.58 -37.96 7.27
C SER H 51 -20.23 -37.75 7.93
N LEU H 52 -19.42 -38.80 8.03
CA LEU H 52 -18.12 -38.66 8.65
C LEU H 52 -17.17 -37.89 7.77
N ALA H 53 -17.23 -38.11 6.45
CA ALA H 53 -16.28 -37.47 5.55
C ALA H 53 -16.35 -35.96 5.60
N PHE H 54 -17.45 -35.39 6.09
CA PHE H 54 -17.60 -33.95 6.20
C PHE H 54 -17.88 -33.52 7.62
N ALA H 55 -17.49 -34.33 8.60
CA ALA H 55 -17.59 -33.93 9.99
C ALA H 55 -16.78 -32.66 10.21
N GLN H 56 -17.29 -31.79 11.06
CA GLN H 56 -16.68 -30.48 11.20
C GLN H 56 -15.26 -30.56 11.78
N GLU H 57 -14.90 -31.67 12.39
CA GLU H 57 -13.59 -31.83 12.98
C GLU H 57 -12.60 -32.54 12.07
N ILE H 58 -13.04 -33.06 10.95
CA ILE H 58 -12.10 -33.49 9.92
C ILE H 58 -12.02 -32.48 8.79
N SER H 59 -13.10 -31.80 8.48
CA SER H 59 -13.11 -30.85 7.37
C SER H 59 -12.32 -29.61 7.72
N ILE H 60 -11.36 -29.27 6.86
CA ILE H 60 -10.56 -28.08 7.09
C ILE H 60 -11.30 -26.84 6.63
N GLY H 61 -12.21 -26.98 5.68
CA GLY H 61 -12.83 -25.83 5.05
C GLY H 61 -13.53 -26.24 3.78
N THR H 62 -13.22 -25.54 2.68
CA THR H 62 -13.78 -25.86 1.38
C THR H 62 -13.23 -27.19 0.87
N GLN H 63 -13.81 -27.65 -0.24
CA GLN H 63 -13.38 -28.88 -0.85
C GLN H 63 -12.28 -28.70 -1.88
N ILE H 64 -12.03 -27.48 -2.32
CA ILE H 64 -11.02 -27.22 -3.35
C ILE H 64 -10.35 -25.90 -3.04
N SER H 65 -9.06 -25.82 -3.36
CA SER H 65 -8.29 -24.60 -3.22
C SER H 65 -7.26 -24.56 -4.34
N CYS H 66 -7.01 -23.37 -4.89
CA CYS H 66 -6.37 -23.31 -6.19
C CYS H 66 -5.10 -22.46 -6.27
N PHE H 67 -4.72 -21.73 -5.23
CA PHE H 67 -3.46 -20.99 -5.21
C PHE H 67 -3.33 -20.02 -6.40
N SER H 68 -4.15 -19.00 -6.37
CA SER H 68 -4.02 -17.89 -7.29
C SER H 68 -2.75 -17.10 -6.99
N PRO H 69 -2.32 -16.24 -7.92
CA PRO H 69 -1.17 -15.37 -7.65
C PRO H 69 -1.44 -14.42 -6.52
N SER H 70 -0.36 -13.88 -5.95
CA SER H 70 -0.49 -12.94 -4.85
C SER H 70 -1.08 -11.62 -5.32
N SER H 71 -0.95 -11.31 -6.61
CA SER H 71 -1.54 -10.10 -7.15
C SER H 71 -3.05 -10.16 -7.13
N PHE H 72 -3.63 -11.36 -7.17
CA PHE H 72 -5.07 -11.50 -7.22
C PHE H 72 -5.70 -11.00 -5.94
N SER H 73 -6.83 -10.31 -6.08
CA SER H 73 -7.57 -9.91 -4.91
C SER H 73 -8.28 -11.11 -4.31
N TRP H 74 -8.93 -10.89 -3.17
CA TRP H 74 -9.66 -11.96 -2.52
C TRP H 74 -10.74 -12.52 -3.44
N ARG H 75 -11.46 -11.64 -4.12
CA ARG H 75 -12.57 -12.07 -4.95
C ARG H 75 -12.09 -12.74 -6.23
N GLN H 76 -10.94 -12.33 -6.75
CA GLN H 76 -10.41 -13.02 -7.91
C GLN H 76 -10.00 -14.44 -7.57
N ALA H 77 -9.40 -14.63 -6.39
CA ALA H 77 -9.06 -15.96 -5.95
C ALA H 77 -10.32 -16.80 -5.75
N ALA H 78 -11.37 -16.20 -5.20
CA ALA H 78 -12.62 -16.91 -5.07
C ALA H 78 -13.17 -17.31 -6.43
N PHE H 79 -13.05 -16.43 -7.40
CA PHE H 79 -13.47 -16.79 -8.75
C PHE H 79 -12.70 -17.97 -9.28
N VAL H 80 -11.39 -18.00 -9.03
CA VAL H 80 -10.57 -19.09 -9.53
C VAL H 80 -11.03 -20.41 -8.90
N ASP H 81 -11.23 -20.40 -7.59
CA ASP H 81 -11.69 -21.62 -6.92
C ASP H 81 -13.02 -22.08 -7.49
N SER H 82 -13.98 -21.18 -7.60
CA SER H 82 -15.29 -21.57 -8.10
C SER H 82 -15.22 -22.06 -9.53
N TYR H 83 -14.45 -21.37 -10.38
CA TYR H 83 -14.36 -21.79 -11.78
C TYR H 83 -13.77 -23.18 -11.88
N CYS H 84 -12.69 -23.45 -11.15
CA CYS H 84 -12.07 -24.76 -11.30
C CYS H 84 -12.97 -25.85 -10.72
N TRP H 85 -13.65 -25.55 -9.62
CA TRP H 85 -14.62 -26.49 -9.08
C TRP H 85 -15.67 -26.85 -10.10
N ALA H 86 -16.21 -25.85 -10.77
CA ALA H 86 -17.20 -26.13 -11.80
C ALA H 86 -16.58 -26.71 -13.06
N ALA H 87 -15.28 -26.58 -13.20
CA ALA H 87 -14.59 -26.99 -14.41
C ALA H 87 -14.02 -28.39 -14.32
N VAL H 88 -14.15 -29.06 -13.18
CA VAL H 88 -13.82 -30.49 -13.19
C VAL H 88 -14.71 -31.26 -14.14
N GLN H 89 -15.85 -30.68 -14.54
CA GLN H 89 -16.68 -31.33 -15.56
C GLN H 89 -16.20 -31.01 -16.97
N GLN H 90 -15.99 -29.73 -17.27
CA GLN H 90 -15.57 -29.34 -18.61
C GLN H 90 -14.15 -29.82 -18.86
N LYS H 91 -14.01 -30.86 -19.68
CA LYS H 91 -12.71 -31.50 -19.83
C LYS H 91 -11.69 -30.64 -20.56
N ASN H 92 -12.13 -29.62 -21.29
CA ASN H 92 -11.21 -28.83 -22.09
C ASN H 92 -10.33 -27.93 -21.23
N SER H 93 -10.85 -27.45 -20.10
CA SER H 93 -10.14 -26.45 -19.32
C SER H 93 -9.06 -27.06 -18.44
N LEU H 94 -9.34 -28.20 -17.82
CA LEU H 94 -8.43 -28.78 -16.84
C LEU H 94 -7.56 -29.85 -17.48
N GLN H 95 -6.31 -29.93 -17.03
CA GLN H 95 -5.35 -30.92 -17.50
C GLN H 95 -4.77 -31.63 -16.29
N SER H 96 -5.06 -32.91 -16.15
CA SER H 96 -4.59 -33.71 -15.02
C SER H 96 -3.81 -34.91 -15.52
N GLU H 97 -2.84 -35.36 -14.72
CA GLU H 97 -1.98 -36.47 -15.12
C GLU H 97 -2.78 -37.77 -15.23
N SER H 98 -3.73 -37.98 -14.32
CA SER H 98 -4.49 -39.22 -14.28
C SER H 98 -5.62 -39.24 -15.30
N GLY H 99 -6.22 -38.10 -15.60
CA GLY H 99 -7.37 -38.02 -16.47
C GLY H 99 -8.48 -37.24 -15.81
N ASN H 100 -9.62 -37.18 -16.51
CA ASN H 100 -10.75 -36.45 -15.98
C ASN H 100 -11.67 -37.33 -15.15
N LEU H 101 -11.73 -38.63 -15.45
CA LEU H 101 -12.60 -39.50 -14.68
C LEU H 101 -12.29 -39.49 -13.20
N PRO H 102 -11.03 -39.55 -12.76
CA PRO H 102 -10.77 -39.42 -11.32
C PRO H 102 -11.26 -38.12 -10.75
N LEU H 103 -11.19 -37.03 -11.51
CA LEU H 103 -11.69 -35.76 -11.01
C LEU H 103 -13.19 -35.82 -10.80
N TRP H 104 -13.91 -36.34 -11.79
CA TRP H 104 -15.34 -36.56 -11.62
C TRP H 104 -15.62 -37.36 -10.37
N LEU H 105 -14.89 -38.46 -10.19
CA LEU H 105 -15.13 -39.34 -9.06
C LEU H 105 -14.82 -38.66 -7.74
N HIS H 106 -13.84 -37.78 -7.73
CA HIS H 106 -13.49 -37.10 -6.49
C HIS H 106 -14.51 -36.04 -6.14
N LYS H 107 -15.09 -35.39 -7.13
CA LYS H 107 -16.10 -34.39 -6.82
C LYS H 107 -17.38 -35.02 -6.32
N PHE H 108 -17.80 -36.13 -6.94
CA PHE H 108 -19.12 -36.70 -6.68
C PHE H 108 -19.06 -37.97 -5.84
N PHE H 109 -18.05 -38.11 -5.00
CA PHE H 109 -18.00 -39.27 -4.11
C PHE H 109 -19.21 -39.36 -3.19
N PRO H 110 -19.65 -38.29 -2.52
CA PRO H 110 -20.84 -38.43 -1.68
C PRO H 110 -22.07 -38.86 -2.44
N TYR H 111 -22.26 -38.33 -3.65
CA TYR H 111 -23.42 -38.72 -4.43
C TYR H 111 -23.38 -40.18 -4.79
N ILE H 112 -22.19 -40.70 -5.12
CA ILE H 112 -22.11 -42.09 -5.50
C ILE H 112 -22.36 -42.99 -4.30
N LEU H 113 -21.85 -42.63 -3.14
CA LEU H 113 -22.14 -43.43 -1.96
C LEU H 113 -23.62 -43.42 -1.65
N LEU H 114 -24.27 -42.26 -1.75
CA LEU H 114 -25.69 -42.21 -1.48
C LEU H 114 -26.49 -42.99 -2.52
N LEU H 115 -26.02 -43.00 -3.77
CA LEU H 115 -26.66 -43.81 -4.78
C LEU H 115 -26.58 -45.28 -4.42
N PHE H 116 -25.42 -45.72 -3.90
CA PHE H 116 -25.30 -47.11 -3.48
C PHE H 116 -26.22 -47.40 -2.31
N ALA H 117 -26.33 -46.46 -1.38
CA ALA H 117 -27.24 -46.66 -0.26
C ALA H 117 -28.67 -46.86 -0.74
N ILE H 118 -29.10 -46.02 -1.69
CA ILE H 118 -30.47 -46.13 -2.18
C ILE H 118 -30.68 -47.43 -2.93
N LEU H 119 -29.74 -47.79 -3.80
CA LEU H 119 -29.88 -49.03 -4.55
C LEU H 119 -29.90 -50.24 -3.62
N LEU H 120 -29.17 -50.17 -2.51
CA LEU H 120 -29.21 -51.28 -1.56
C LEU H 120 -30.47 -51.27 -0.72
N TYR H 121 -31.09 -50.12 -0.57
CA TYR H 121 -32.36 -50.03 0.13
C TYR H 121 -33.53 -50.49 -0.71
N LEU H 122 -33.39 -50.47 -2.03
CA LEU H 122 -34.51 -50.81 -2.90
C LEU H 122 -35.04 -52.23 -2.72
N PRO H 123 -34.22 -53.28 -2.75
CA PRO H 123 -34.76 -54.64 -2.66
C PRO H 123 -35.51 -54.89 -1.36
N PRO H 124 -35.01 -54.45 -0.20
CA PRO H 124 -35.82 -54.58 1.00
C PRO H 124 -37.13 -53.83 0.92
N LEU H 125 -37.15 -52.69 0.24
CA LEU H 125 -38.41 -51.98 0.06
C LEU H 125 -39.38 -52.78 -0.79
N PHE H 126 -38.89 -53.38 -1.88
CA PHE H 126 -39.77 -54.17 -2.72
C PHE H 126 -40.30 -55.37 -1.95
N TRP H 127 -39.48 -55.95 -1.09
CA TRP H 127 -39.97 -57.05 -0.26
C TRP H 127 -41.02 -56.56 0.72
N ARG H 128 -40.78 -55.42 1.36
CA ARG H 128 -41.69 -54.92 2.37
C ARG H 128 -43.03 -54.51 1.78
N PHE H 129 -43.05 -54.07 0.52
CA PHE H 129 -44.29 -53.58 -0.04
C PHE H 129 -44.98 -54.56 -0.98
N ALA H 130 -44.24 -55.48 -1.58
CA ALA H 130 -44.85 -56.40 -2.52
C ALA H 130 -45.28 -57.71 -1.86
N ALA H 131 -44.40 -58.34 -1.07
CA ALA H 131 -44.64 -59.67 -0.57
C ALA H 131 -44.82 -59.77 0.93
N ALA H 132 -44.63 -58.68 1.66
CA ALA H 132 -44.76 -58.75 3.10
C ALA H 132 -46.18 -59.01 3.57
N PRO H 133 -47.21 -58.32 3.04
CA PRO H 133 -48.55 -58.52 3.61
C PRO H 133 -49.07 -59.94 3.43
N HIS H 134 -48.78 -60.55 2.29
CA HIS H 134 -49.22 -61.92 2.04
C HIS H 134 -48.72 -62.85 3.14
N ILE H 135 -47.41 -62.81 3.38
CA ILE H 135 -46.83 -63.72 4.36
C ILE H 135 -47.25 -63.33 5.77
N CYS H 136 -47.47 -62.03 6.02
CA CYS H 136 -47.93 -61.64 7.34
C CYS H 136 -49.28 -62.27 7.64
N SER H 137 -50.22 -62.16 6.71
CA SER H 137 -51.55 -62.72 6.93
C SER H 137 -51.47 -64.23 7.06
N ASP H 138 -50.71 -64.89 6.18
CA ASP H 138 -50.65 -66.35 6.24
C ASP H 138 -50.02 -66.83 7.52
N LEU H 139 -48.89 -66.24 7.91
CA LEU H 139 -48.22 -66.66 9.13
C LEU H 139 -49.10 -66.44 10.35
N LYS H 140 -49.78 -65.28 10.41
CA LYS H 140 -50.64 -65.02 11.56
C LYS H 140 -51.77 -66.04 11.62
N PHE H 141 -52.39 -66.34 10.48
CA PHE H 141 -53.45 -67.34 10.46
C PHE H 141 -52.93 -68.71 10.85
N ILE H 142 -51.74 -69.07 10.37
CA ILE H 142 -51.16 -70.37 10.69
C ILE H 142 -50.90 -70.48 12.19
N MET H 143 -50.42 -69.40 12.79
CA MET H 143 -50.16 -69.42 14.23
C MET H 143 -51.45 -69.54 15.03
N GLU H 144 -52.49 -68.81 14.61
CA GLU H 144 -53.78 -68.94 15.29
C GLU H 144 -54.30 -70.37 15.19
N GLU H 145 -54.25 -70.95 14.00
CA GLU H 145 -54.74 -72.32 13.82
C GLU H 145 -53.90 -73.31 14.63
N LEU H 146 -52.60 -73.03 14.70
CA LEU H 146 -51.65 -73.87 15.47
C LEU H 146 -52.09 -73.88 16.93
N ASP H 147 -52.38 -72.69 17.48
CA ASP H 147 -52.85 -72.58 18.85
C ASP H 147 -54.15 -73.34 19.04
N LYS H 148 -55.05 -73.25 18.06
CA LYS H 148 -56.31 -73.98 18.16
C LYS H 148 -56.07 -75.49 18.18
N VAL H 149 -55.11 -75.96 17.39
CA VAL H 149 -54.80 -77.38 17.37
C VAL H 149 -54.26 -77.83 18.72
N TYR H 150 -53.37 -77.03 19.31
CA TYR H 150 -52.86 -77.37 20.64
C TYR H 150 -53.97 -77.37 21.67
N ASN H 151 -54.90 -76.41 21.56
CA ASN H 151 -56.03 -76.36 22.48
C ASN H 151 -56.91 -77.60 22.35
N ARG H 152 -57.14 -78.04 21.11
CA ARG H 152 -57.91 -79.27 20.90
C ARG H 152 -57.21 -80.47 21.52
N ALA H 153 -55.89 -80.55 21.36
CA ALA H 153 -55.15 -81.68 21.91
C ALA H 153 -55.24 -81.70 23.43
N ILE H 154 -55.02 -80.56 24.07
CA ILE H 154 -55.06 -80.53 25.53
C ILE H 154 -56.47 -80.74 26.04
N LYS H 155 -57.47 -80.25 25.31
CA LYS H 155 -58.86 -80.48 25.71
C LYS H 155 -59.19 -81.96 25.63
N ALA H 156 -58.74 -82.65 24.57
CA ALA H 156 -58.96 -84.09 24.47
C ALA H 156 -58.25 -84.82 25.60
N ALA H 157 -57.03 -84.41 25.92
CA ALA H 157 -56.29 -85.08 26.99
C ALA H 157 -56.99 -84.89 28.33
N LYS H 158 -57.38 -83.66 28.66
CA LYS H 158 -58.07 -83.40 29.92
C LYS H 158 -59.40 -84.13 29.99
N SER H 159 -60.15 -84.17 28.88
CA SER H 159 -61.42 -84.88 28.87
C SER H 159 -61.21 -86.37 29.10
N ALA H 160 -60.14 -86.94 28.52
CA ALA H 160 -59.80 -88.33 28.79
C ALA H 160 -59.46 -88.52 30.26
N ARG H 161 -58.76 -87.55 30.85
CA ARG H 161 -58.46 -87.62 32.28
C ARG H 161 -59.74 -87.54 33.11
N ASP H 162 -60.69 -86.70 32.70
CA ASP H 162 -61.94 -86.53 33.44
C ASP H 162 -63.03 -87.47 32.92
N PRO H 194 -56.98 -80.78 10.78
CA PRO H 194 -55.66 -80.31 10.36
C PRO H 194 -55.73 -79.27 9.24
N ILE H 195 -56.54 -78.24 9.41
CA ILE H 195 -56.67 -77.23 8.37
C ILE H 195 -55.36 -76.50 8.16
N VAL H 196 -54.65 -76.20 9.26
CA VAL H 196 -53.36 -75.52 9.13
C VAL H 196 -52.34 -76.45 8.49
N GLU H 197 -52.40 -77.75 8.80
CA GLU H 197 -51.48 -78.68 8.17
C GLU H 197 -51.72 -78.76 6.67
N GLN H 198 -53.00 -78.76 6.26
CA GLN H 198 -53.29 -78.82 4.83
C GLN H 198 -52.93 -77.51 4.13
N TYR H 199 -53.08 -76.39 4.82
CA TYR H 199 -52.62 -75.13 4.26
C TYR H 199 -51.11 -75.14 4.06
N LEU H 200 -50.39 -75.74 5.01
CA LEU H 200 -48.95 -75.89 4.85
C LEU H 200 -48.62 -76.76 3.65
N LYS H 201 -49.36 -77.88 3.50
CA LYS H 201 -49.18 -78.73 2.34
C LYS H 201 -49.45 -77.96 1.06
N THR H 202 -50.39 -77.03 1.10
CA THR H 202 -50.70 -76.21 -0.07
C THR H 202 -49.56 -75.27 -0.39
N LYS H 203 -49.05 -74.58 0.62
CA LYS H 203 -47.92 -73.68 0.42
C LYS H 203 -46.69 -74.42 -0.11
N LYS H 204 -46.59 -75.72 0.20
CA LYS H 204 -45.49 -76.51 -0.34
C LYS H 204 -45.45 -76.51 -1.87
N ASN H 205 -46.54 -76.08 -2.52
CA ASN H 205 -46.65 -76.18 -3.97
C ASN H 205 -46.14 -74.91 -4.65
N SER H 206 -46.68 -73.75 -4.26
CA SER H 206 -46.38 -72.51 -4.95
C SER H 206 -44.95 -72.05 -4.65
N ASN H 207 -44.39 -71.30 -5.60
CA ASN H 207 -43.03 -70.78 -5.46
C ASN H 207 -42.94 -69.30 -5.80
N ASN H 208 -44.04 -68.57 -5.68
CA ASN H 208 -44.00 -67.13 -5.92
C ASN H 208 -43.17 -66.42 -4.86
N LEU H 209 -43.50 -66.72 -3.59
CA LEU H 209 -42.84 -66.08 -2.41
C LEU H 209 -41.34 -66.39 -2.38
N ILE H 210 -40.89 -67.54 -2.88
CA ILE H 210 -39.47 -67.85 -2.79
C ILE H 210 -38.71 -67.21 -3.94
N ILE H 211 -39.30 -67.13 -5.14
CA ILE H 211 -38.57 -66.46 -6.20
C ILE H 211 -38.49 -64.97 -5.91
N LYS H 212 -39.53 -64.40 -5.30
CA LYS H 212 -39.42 -63.00 -4.88
C LYS H 212 -38.28 -62.83 -3.88
N TYR H 213 -38.20 -63.73 -2.90
CA TYR H 213 -37.19 -63.61 -1.86
C TYR H 213 -35.79 -63.72 -2.43
N ILE H 214 -35.51 -64.79 -3.18
CA ILE H 214 -34.18 -64.93 -3.72
C ILE H 214 -33.89 -63.88 -4.77
N SER H 215 -34.90 -63.29 -5.38
CA SER H 215 -34.62 -62.20 -6.32
C SER H 215 -34.16 -60.96 -5.58
N CYS H 216 -34.82 -60.60 -4.48
CA CYS H 216 -34.30 -59.48 -3.70
C CYS H 216 -32.92 -59.78 -3.14
N ARG H 217 -32.69 -61.00 -2.65
CA ARG H 217 -31.35 -61.32 -2.14
C ARG H 217 -30.31 -61.25 -3.24
N LEU H 218 -30.66 -61.72 -4.43
CA LEU H 218 -29.70 -61.73 -5.52
C LEU H 218 -29.39 -60.32 -5.98
N LEU H 219 -30.39 -59.44 -6.02
CA LEU H 219 -30.12 -58.06 -6.36
C LEU H 219 -29.26 -57.38 -5.31
N THR H 220 -29.52 -57.68 -4.04
CA THR H 220 -28.65 -57.12 -3.00
C THR H 220 -27.21 -57.58 -3.19
N LEU H 221 -27.03 -58.86 -3.50
CA LEU H 221 -25.67 -59.36 -3.71
C LEU H 221 -25.02 -58.72 -4.93
N ILE H 222 -25.79 -58.54 -6.00
CA ILE H 222 -25.24 -57.96 -7.21
C ILE H 222 -24.82 -56.52 -6.96
N ILE H 223 -25.67 -55.76 -6.27
CA ILE H 223 -25.36 -54.36 -6.00
C ILE H 223 -24.18 -54.25 -5.05
N ILE H 224 -24.09 -55.16 -4.08
CA ILE H 224 -22.96 -55.12 -3.15
C ILE H 224 -21.67 -55.44 -3.89
N LEU H 225 -21.72 -56.38 -4.84
CA LEU H 225 -20.51 -56.70 -5.58
C LEU H 225 -20.10 -55.55 -6.49
N LEU H 226 -21.08 -54.90 -7.12
CA LEU H 226 -20.76 -53.74 -7.95
C LEU H 226 -20.19 -52.62 -7.10
N ALA H 227 -20.72 -52.42 -5.91
CA ALA H 227 -20.19 -51.41 -5.02
C ALA H 227 -18.78 -51.75 -4.57
N CYS H 228 -18.52 -53.03 -4.30
CA CYS H 228 -17.17 -53.43 -3.96
C CYS H 228 -16.20 -53.15 -5.10
N ILE H 229 -16.61 -53.46 -6.32
CA ILE H 229 -15.74 -53.19 -7.46
C ILE H 229 -15.46 -51.69 -7.55
N TYR H 230 -16.51 -50.88 -7.43
CA TYR H 230 -16.31 -49.43 -7.55
C TYR H 230 -15.40 -48.92 -6.45
N LEU H 231 -15.62 -49.35 -5.22
CA LEU H 231 -14.82 -48.83 -4.12
C LEU H 231 -13.38 -49.32 -4.20
N GLY H 232 -13.17 -50.54 -4.67
CA GLY H 232 -11.82 -51.01 -4.85
C GLY H 232 -11.10 -50.23 -5.93
N TYR H 233 -11.83 -49.87 -6.99
CA TYR H 233 -11.23 -49.01 -8.00
C TYR H 233 -10.90 -47.65 -7.41
N TYR H 234 -11.84 -47.07 -6.68
CA TYR H 234 -11.66 -45.72 -6.19
C TYR H 234 -10.50 -45.63 -5.21
N PHE H 235 -10.41 -46.59 -4.30
CA PHE H 235 -9.30 -46.60 -3.36
C PHE H 235 -7.97 -46.80 -4.06
N SER H 236 -7.97 -47.41 -5.23
CA SER H 236 -6.75 -47.64 -5.98
C SER H 236 -6.30 -46.42 -6.77
N LEU H 237 -7.02 -45.31 -6.69
CA LEU H 237 -6.61 -44.11 -7.41
C LEU H 237 -5.26 -43.62 -6.91
N SER H 238 -4.62 -42.78 -7.71
CA SER H 238 -3.21 -42.49 -7.54
C SER H 238 -2.89 -41.72 -6.27
N SER H 239 -3.89 -41.14 -5.61
CA SER H 239 -3.71 -40.35 -4.39
C SER H 239 -3.02 -39.03 -4.67
N LEU H 240 -2.53 -38.85 -5.89
CA LEU H 240 -2.15 -37.56 -6.42
C LEU H 240 -3.12 -37.10 -7.50
N SER H 241 -4.16 -37.88 -7.75
CA SER H 241 -5.17 -37.49 -8.71
C SER H 241 -6.02 -36.35 -8.22
N ASP H 242 -5.90 -35.97 -6.95
CA ASP H 242 -6.60 -34.81 -6.43
C ASP H 242 -5.93 -33.50 -6.81
N GLU H 243 -4.74 -33.54 -7.37
CA GLU H 243 -4.07 -32.35 -7.87
C GLU H 243 -4.29 -32.27 -9.36
N PHE H 244 -4.93 -31.21 -9.81
CA PHE H 244 -5.12 -30.99 -11.24
C PHE H 244 -4.82 -29.53 -11.57
N VAL H 245 -4.40 -29.31 -12.79
CA VAL H 245 -4.10 -27.98 -13.28
C VAL H 245 -5.32 -27.42 -14.01
N CYS H 246 -5.73 -26.22 -13.65
CA CYS H 246 -6.95 -25.63 -14.16
C CYS H 246 -6.63 -24.27 -14.77
N SER H 247 -7.38 -23.91 -15.82
CA SER H 247 -7.10 -22.70 -16.58
C SER H 247 -8.37 -21.92 -16.81
N ILE H 248 -8.47 -20.73 -16.24
CA ILE H 248 -9.63 -19.85 -16.47
C ILE H 248 -9.28 -18.95 -17.64
N LYS H 249 -9.38 -19.49 -18.85
CA LYS H 249 -9.03 -18.70 -20.01
C LYS H 249 -10.01 -18.91 -21.14
N SER H 250 -11.28 -19.08 -20.82
CA SER H 250 -12.32 -19.13 -21.82
C SER H 250 -12.99 -17.78 -21.93
N GLY H 251 -13.56 -17.49 -23.09
CA GLY H 251 -14.26 -16.24 -23.22
C GLY H 251 -13.29 -15.08 -23.28
N ILE H 252 -13.73 -13.93 -22.74
CA ILE H 252 -12.94 -12.72 -22.82
C ILE H 252 -11.69 -12.76 -21.97
N LEU H 253 -11.57 -13.72 -21.07
CA LEU H 253 -10.33 -13.83 -20.32
C LEU H 253 -9.20 -14.43 -21.12
N ARG H 254 -9.48 -14.91 -22.32
CA ARG H 254 -8.44 -15.49 -23.17
C ARG H 254 -7.41 -14.44 -23.51
N ALA H 255 -7.89 -13.22 -23.79
CA ALA H 255 -7.02 -12.07 -24.16
C ALA H 255 -6.44 -11.41 -22.91
N ASP H 256 -6.93 -11.78 -21.72
CA ASP H 256 -6.47 -11.18 -20.43
C ASP H 256 -5.06 -11.68 -20.07
N SER H 257 -4.08 -10.77 -19.99
CA SER H 257 -2.68 -11.14 -19.67
C SER H 257 -2.37 -11.09 -18.17
N THR H 258 -3.28 -10.56 -17.36
CA THR H 258 -3.03 -10.47 -15.88
C THR H 258 -3.32 -11.84 -15.24
N VAL H 259 -3.98 -12.72 -15.99
CA VAL H 259 -4.36 -14.06 -15.57
C VAL H 259 -3.28 -15.04 -16.02
N PRO H 260 -2.67 -15.80 -15.12
CA PRO H 260 -1.71 -16.81 -15.54
C PRO H 260 -2.37 -17.88 -16.39
N ASP H 261 -1.53 -18.63 -17.09
CA ASP H 261 -2.05 -19.60 -18.04
C ASP H 261 -2.79 -20.72 -17.34
N GLN H 262 -2.36 -21.10 -16.14
CA GLN H 262 -2.96 -22.22 -15.45
C GLN H 262 -2.70 -22.14 -13.96
N PHE H 263 -3.60 -22.74 -13.19
CA PHE H 263 -3.56 -22.70 -11.73
C PHE H 263 -3.42 -24.12 -11.19
N GLN H 264 -2.76 -24.23 -10.05
CA GLN H 264 -2.59 -25.52 -9.38
C GLN H 264 -3.68 -25.67 -8.34
N CYS H 265 -4.71 -26.45 -8.65
CA CYS H 265 -5.80 -26.71 -7.73
C CYS H 265 -5.62 -28.07 -7.09
N LYS H 266 -6.14 -28.22 -5.88
CA LYS H 266 -6.12 -29.48 -5.17
C LYS H 266 -7.47 -29.76 -4.54
N LEU H 267 -7.99 -30.96 -4.74
CA LEU H 267 -9.25 -31.38 -4.15
C LEU H 267 -8.96 -31.89 -2.75
N ILE H 268 -9.17 -31.05 -1.74
CA ILE H 268 -9.04 -31.49 -0.37
C ILE H 268 -10.05 -32.59 -0.11
N ALA H 269 -9.82 -33.35 0.96
CA ALA H 269 -10.73 -34.38 1.41
C ALA H 269 -10.86 -35.52 0.43
N VAL H 270 -9.85 -35.74 -0.41
CA VAL H 270 -9.82 -36.97 -1.19
C VAL H 270 -9.14 -38.07 -0.41
N GLY H 271 -8.14 -37.74 0.41
CA GLY H 271 -7.55 -38.75 1.26
C GLY H 271 -8.56 -39.34 2.23
N ILE H 272 -9.42 -38.49 2.78
CA ILE H 272 -10.51 -38.97 3.63
C ILE H 272 -11.44 -39.86 2.85
N PHE H 273 -11.75 -39.47 1.61
CA PHE H 273 -12.63 -40.30 0.79
C PHE H 273 -12.04 -41.66 0.56
N GLN H 274 -10.74 -41.73 0.31
CA GLN H 274 -10.13 -43.02 0.02
C GLN H 274 -10.02 -43.88 1.26
N LEU H 275 -9.73 -43.28 2.41
CA LEU H 275 -9.74 -44.05 3.64
C LEU H 275 -11.13 -44.60 3.95
N LEU H 276 -12.15 -43.77 3.79
CA LEU H 276 -13.49 -44.25 4.07
C LEU H 276 -13.95 -45.27 3.05
N SER H 277 -13.41 -45.12 1.83
CA SER H 277 -13.69 -46.04 0.71
C SER H 277 -13.13 -47.44 1.04
N VAL H 278 -11.93 -47.51 1.64
CA VAL H 278 -11.40 -48.82 1.97
C VAL H 278 -12.14 -49.41 3.17
N ILE H 279 -12.61 -48.57 4.09
CA ILE H 279 -13.42 -49.09 5.19
C ILE H 279 -14.71 -49.70 4.66
N ASN H 280 -15.39 -48.98 3.78
CA ASN H 280 -16.62 -49.49 3.19
C ASN H 280 -16.38 -50.76 2.41
N LEU H 281 -15.28 -50.83 1.67
CA LEU H 281 -14.99 -52.03 0.90
C LEU H 281 -14.75 -53.22 1.80
N VAL H 282 -14.06 -53.00 2.91
CA VAL H 282 -13.83 -54.10 3.86
C VAL H 282 -15.16 -54.61 4.39
N VAL H 283 -16.03 -53.70 4.83
CA VAL H 283 -17.29 -54.16 5.40
C VAL H 283 -18.14 -54.85 4.36
N TYR H 284 -18.15 -54.35 3.13
CA TYR H 284 -19.00 -54.97 2.12
C TYR H 284 -18.47 -56.32 1.68
N VAL H 285 -17.15 -56.49 1.62
CA VAL H 285 -16.62 -57.79 1.26
C VAL H 285 -16.76 -58.78 2.40
N LEU H 286 -16.93 -58.29 3.63
CA LEU H 286 -17.31 -59.20 4.70
C LEU H 286 -18.80 -59.52 4.66
N LEU H 287 -19.59 -58.60 4.14
CA LEU H 287 -21.04 -58.77 4.14
C LEU H 287 -21.51 -59.67 3.02
N ALA H 288 -20.82 -59.66 1.88
CA ALA H 288 -21.25 -60.48 0.75
C ALA H 288 -21.40 -61.97 1.09
N PRO H 289 -20.48 -62.61 1.81
CA PRO H 289 -20.71 -64.02 2.15
C PRO H 289 -21.98 -64.24 2.95
N VAL H 290 -22.37 -63.28 3.78
CA VAL H 290 -23.61 -63.44 4.55
C VAL H 290 -24.80 -63.47 3.60
N VAL H 291 -24.81 -62.59 2.60
CA VAL H 291 -25.91 -62.59 1.64
C VAL H 291 -25.93 -63.91 0.88
N VAL H 292 -24.76 -64.38 0.46
CA VAL H 292 -24.71 -65.66 -0.26
C VAL H 292 -25.25 -66.78 0.61
N TYR H 293 -24.93 -66.76 1.90
CA TYR H 293 -25.43 -67.81 2.78
C TYR H 293 -26.94 -67.74 2.91
N THR H 294 -27.49 -66.54 3.07
CA THR H 294 -28.95 -66.42 3.10
C THR H 294 -29.57 -66.91 1.81
N LEU H 295 -28.82 -66.87 0.71
CA LEU H 295 -29.39 -67.30 -0.57
C LEU H 295 -29.82 -68.76 -0.54
N PHE H 296 -29.24 -69.59 0.33
CA PHE H 296 -29.62 -70.99 0.43
C PHE H 296 -30.70 -71.16 1.48
N VAL H 297 -31.93 -70.91 1.09
CA VAL H 297 -33.05 -70.93 2.03
C VAL H 297 -33.35 -72.32 2.59
N PRO H 298 -33.23 -73.43 1.84
CA PRO H 298 -33.52 -74.72 2.48
C PRO H 298 -32.49 -75.07 3.54
N PHE H 299 -31.22 -74.85 3.25
CA PHE H 299 -30.15 -75.15 4.20
C PHE H 299 -30.38 -74.46 5.54
N ARG H 300 -30.94 -73.26 5.53
CA ARG H 300 -31.13 -72.55 6.78
C ARG H 300 -32.30 -73.07 7.59
N GLN H 301 -33.22 -73.81 6.97
CA GLN H 301 -34.36 -74.38 7.69
C GLN H 301 -33.85 -75.44 8.64
N LYS H 302 -33.70 -75.08 9.91
CA LYS H 302 -33.15 -75.99 10.90
C LYS H 302 -33.87 -75.76 12.22
N THR H 303 -33.67 -76.70 13.15
CA THR H 303 -34.31 -76.69 14.46
C THR H 303 -35.84 -76.60 14.31
N ASP H 304 -36.40 -77.64 13.69
CA ASP H 304 -37.80 -77.65 13.30
C ASP H 304 -38.72 -77.38 14.47
N VAL H 305 -39.41 -76.23 14.42
CA VAL H 305 -40.44 -75.96 15.43
C VAL H 305 -41.62 -76.88 15.22
N LEU H 306 -41.90 -77.26 13.97
CA LEU H 306 -43.00 -78.17 13.71
C LEU H 306 -42.81 -79.51 14.41
N LYS H 307 -41.56 -79.90 14.66
CA LYS H 307 -41.30 -81.17 15.34
C LYS H 307 -41.93 -81.18 16.73
N VAL H 308 -41.89 -80.05 17.43
CA VAL H 308 -42.45 -79.96 18.77
C VAL H 308 -43.93 -80.30 18.74
N TYR H 309 -44.67 -79.70 17.81
CA TYR H 309 -46.10 -79.98 17.72
C TYR H 309 -46.36 -81.37 17.18
N GLU H 310 -45.43 -81.87 16.36
CA GLU H 310 -45.51 -83.25 15.89
C GLU H 310 -45.44 -84.24 17.06
N ILE H 311 -44.71 -83.86 18.12
CA ILE H 311 -44.68 -84.68 19.32
C ILE H 311 -46.08 -84.81 19.92
N LEU H 312 -46.89 -83.77 19.80
CA LEU H 312 -48.27 -83.86 20.25
C LEU H 312 -49.02 -84.89 19.41
N PRO H 313 -49.88 -85.70 20.04
CA PRO H 313 -50.54 -86.77 19.28
C PRO H 313 -51.57 -86.27 18.27
N THR H 314 -52.36 -85.26 18.64
CA THR H 314 -53.46 -84.81 17.79
C THR H 314 -52.94 -84.30 16.45
N PHE H 315 -51.89 -83.49 16.47
CA PHE H 315 -51.28 -83.06 15.22
C PHE H 315 -50.55 -84.23 14.57
N ASP H 316 -50.51 -84.21 13.25
CA ASP H 316 -49.82 -85.26 12.51
C ASP H 316 -48.35 -85.28 12.89
N VAL H 317 -47.83 -86.48 13.16
CA VAL H 317 -46.47 -86.60 13.64
C VAL H 317 -45.55 -86.67 12.42
N LEU H 318 -45.27 -85.50 11.85
CA LEU H 318 -44.33 -85.38 10.76
C LEU H 318 -43.83 -83.94 10.73
N HIS H 319 -42.56 -83.77 10.36
CA HIS H 319 -42.08 -82.43 10.08
C HIS H 319 -42.80 -81.85 8.86
N PHE H 320 -42.89 -82.64 7.79
CA PHE H 320 -43.59 -82.27 6.56
C PHE H 320 -43.19 -80.88 6.09
N LYS H 321 -41.97 -80.46 6.43
CA LYS H 321 -41.53 -79.10 6.09
C LYS H 321 -40.00 -79.12 5.99
N SER H 322 -39.49 -79.21 4.76
CA SER H 322 -38.07 -79.14 4.45
C SER H 322 -37.89 -79.42 2.97
N GLU H 323 -36.64 -79.32 2.52
CA GLU H 323 -36.16 -79.94 1.28
C GLU H 323 -36.98 -79.47 0.07
N GLY H 324 -36.83 -78.19 -0.23
CA GLY H 324 -37.41 -77.68 -1.45
C GLY H 324 -37.21 -76.21 -1.69
N TYR H 325 -37.09 -75.83 -2.96
CA TYR H 325 -37.11 -74.42 -3.35
C TYR H 325 -38.56 -73.97 -3.57
N ASN H 326 -39.32 -74.05 -2.49
CA ASN H 326 -40.74 -73.77 -2.51
C ASN H 326 -41.09 -72.88 -1.34
N ASP H 327 -42.26 -72.25 -1.42
CA ASP H 327 -42.66 -71.31 -0.39
C ASP H 327 -42.72 -71.94 0.99
N LEU H 328 -42.77 -73.27 1.07
CA LEU H 328 -42.81 -73.92 2.37
C LEU H 328 -41.54 -73.67 3.16
N SER H 329 -40.39 -73.66 2.48
CA SER H 329 -39.14 -73.38 3.18
C SER H 329 -39.12 -71.96 3.73
N LEU H 330 -39.59 -71.00 2.93
CA LEU H 330 -39.72 -69.64 3.43
C LEU H 330 -40.60 -69.58 4.65
N TYR H 331 -41.78 -70.22 4.57
CA TYR H 331 -42.68 -70.19 5.70
C TYR H 331 -42.07 -70.86 6.91
N ASN H 332 -41.22 -71.87 6.70
CA ASN H 332 -40.53 -72.48 7.82
C ASN H 332 -39.58 -71.50 8.48
N LEU H 333 -38.82 -70.76 7.69
CA LEU H 333 -37.92 -69.77 8.27
C LEU H 333 -38.70 -68.72 9.05
N PHE H 334 -39.76 -68.21 8.45
CA PHE H 334 -40.51 -67.15 9.12
C PHE H 334 -41.26 -67.68 10.33
N LEU H 335 -41.62 -68.96 10.31
CA LEU H 335 -42.22 -69.56 11.49
C LEU H 335 -41.22 -69.70 12.61
N GLU H 336 -40.02 -70.19 12.30
CA GLU H 336 -38.97 -70.21 13.30
C GLU H 336 -38.72 -68.83 13.86
N GLU H 337 -38.90 -67.80 13.03
CA GLU H 337 -38.63 -66.45 13.52
C GLU H 337 -39.74 -65.95 14.44
N ASN H 338 -40.98 -65.88 13.94
CA ASN H 338 -42.08 -65.33 14.71
C ASN H 338 -42.72 -66.34 15.65
N ILE H 339 -42.09 -67.48 15.88
CA ILE H 339 -42.74 -68.52 16.67
C ILE H 339 -42.63 -68.28 18.16
N SER H 340 -41.70 -67.44 18.61
CA SER H 340 -41.54 -67.23 20.05
C SER H 340 -42.69 -66.44 20.65
N GLU H 341 -43.47 -65.72 19.83
CA GLU H 341 -44.52 -64.87 20.37
C GLU H 341 -45.72 -65.67 20.86
N VAL H 342 -45.95 -66.87 20.33
CA VAL H 342 -47.06 -67.69 20.79
C VAL H 342 -46.66 -68.47 22.03
N LYS H 343 -47.45 -68.31 23.09
CA LYS H 343 -47.14 -68.96 24.36
C LYS H 343 -47.32 -70.48 24.26
N SER H 344 -48.25 -70.93 23.42
CA SER H 344 -48.47 -72.37 23.26
C SER H 344 -47.19 -73.07 22.82
N TYR H 345 -46.46 -72.48 21.86
CA TYR H 345 -45.19 -73.05 21.47
C TYR H 345 -44.25 -73.12 22.66
N LYS H 346 -44.19 -72.06 23.46
CA LYS H 346 -43.29 -72.05 24.60
C LYS H 346 -43.58 -73.21 25.54
N CYS H 347 -44.86 -73.43 25.84
CA CYS H 347 -45.21 -74.54 26.72
C CYS H 347 -44.83 -75.87 26.10
N LEU H 348 -45.11 -76.05 24.82
CA LEU H 348 -44.82 -77.34 24.21
C LEU H 348 -43.32 -77.58 24.12
N LYS H 349 -42.55 -76.50 23.94
CA LYS H 349 -41.09 -76.64 23.86
C LYS H 349 -40.51 -77.03 25.21
N VAL H 350 -40.99 -76.42 26.29
CA VAL H 350 -40.47 -76.81 27.59
C VAL H 350 -40.89 -78.24 27.92
N LEU H 351 -42.10 -78.64 27.50
CA LEU H 351 -42.47 -80.06 27.63
C LEU H 351 -41.53 -80.97 26.84
N GLU H 352 -41.14 -80.56 25.63
CA GLU H 352 -40.20 -81.37 24.85
C GLU H 352 -38.85 -81.45 25.52
N ASN H 353 -38.41 -80.35 26.14
CA ASN H 353 -37.16 -80.38 26.88
C ASN H 353 -37.24 -81.32 28.06
N ILE H 354 -38.37 -81.31 28.77
CA ILE H 354 -38.56 -82.25 29.87
C ILE H 354 -38.53 -83.68 29.34
N LYS H 355 -39.11 -83.89 28.16
CA LYS H 355 -39.00 -85.18 27.50
C LYS H 355 -37.54 -85.54 27.25
N SER H 356 -36.74 -84.55 26.86
CA SER H 356 -35.30 -84.77 26.74
C SER H 356 -34.72 -85.19 28.09
N SER H 357 -35.16 -84.56 29.17
CA SER H 357 -34.83 -85.02 30.51
C SER H 357 -35.48 -86.38 30.78
N GLY H 358 -36.69 -86.58 30.30
CA GLY H 358 -37.37 -87.85 30.39
C GLY H 358 -37.75 -88.27 31.79
N GLN H 359 -38.42 -87.38 32.53
CA GLN H 359 -38.82 -87.67 33.91
C GLN H 359 -40.29 -88.08 34.01
N GLY H 360 -41.20 -87.23 33.52
CA GLY H 360 -42.62 -87.52 33.64
C GLY H 360 -43.27 -88.00 32.36
N ILE H 361 -44.30 -87.28 31.91
CA ILE H 361 -45.03 -87.63 30.71
C ILE H 361 -45.58 -86.35 30.10
N ASP H 362 -45.84 -86.39 28.78
CA ASP H 362 -46.31 -85.19 28.09
C ASP H 362 -47.70 -84.77 28.53
N PRO H 363 -48.74 -85.62 28.46
CA PRO H 363 -50.09 -85.10 28.72
C PRO H 363 -50.31 -84.68 30.17
N MET H 364 -49.72 -85.40 31.13
CA MET H 364 -49.92 -85.06 32.54
C MET H 364 -49.36 -83.69 32.85
N LEU H 365 -48.09 -83.44 32.48
CA LEU H 365 -47.48 -82.15 32.73
C LEU H 365 -48.12 -81.05 31.89
N LEU H 366 -48.66 -81.39 30.71
CA LEU H 366 -49.36 -80.40 29.92
C LEU H 366 -50.65 -79.96 30.62
N LEU H 367 -51.40 -80.92 31.16
CA LEU H 367 -52.60 -80.57 31.93
C LEU H 367 -52.22 -79.78 33.19
N THR H 368 -51.07 -80.11 33.78
CA THR H 368 -50.61 -79.36 34.95
C THR H 368 -50.25 -77.92 34.58
N ASN H 369 -49.66 -77.71 33.40
CA ASN H 369 -49.26 -76.40 32.92
C ASN H 369 -50.36 -75.35 33.08
N LEU H 370 -51.51 -75.59 32.47
CA LEU H 370 -52.65 -74.67 32.51
C LEU H 370 -52.27 -73.32 31.90
N GLY H 371 -51.91 -73.38 30.62
CA GLY H 371 -51.48 -72.23 29.84
C GLY H 371 -52.29 -72.01 28.59
N MET H 372 -53.62 -72.19 28.69
CA MET H 372 -54.49 -72.03 27.52
C MET H 372 -54.45 -70.59 27.00
N ILE H 373 -54.43 -69.61 27.89
CA ILE H 373 -54.38 -68.22 27.48
C ILE H 373 -53.51 -67.41 28.45
N ALA I 2 -26.90 -31.98 5.66
CA ALA I 2 -26.07 -33.13 5.38
C ALA I 2 -26.74 -34.01 4.35
N ILE I 3 -25.91 -34.70 3.55
CA ILE I 3 -26.41 -35.59 2.45
C ILE I 3 -27.19 -36.77 3.05
N ALA I 4 -26.77 -37.26 4.21
CA ALA I 4 -27.44 -38.40 4.82
C ALA I 4 -28.79 -38.03 5.41
N GLN I 5 -28.92 -36.80 5.92
CA GLN I 5 -30.21 -36.38 6.44
C GLN I 5 -31.25 -36.29 5.33
N LEU I 6 -30.86 -35.74 4.18
CA LEU I 6 -31.76 -35.73 3.05
C LEU I 6 -32.13 -37.14 2.64
N ALA I 7 -31.16 -38.04 2.65
CA ALA I 7 -31.45 -39.43 2.33
C ALA I 7 -32.52 -39.98 3.25
N THR I 8 -32.30 -39.91 4.56
CA THR I 8 -33.28 -40.41 5.51
C THR I 8 -34.64 -39.81 5.22
N GLU I 9 -34.71 -38.48 5.20
CA GLU I 9 -35.97 -37.76 5.08
C GLU I 9 -36.73 -38.16 3.82
N TYR I 10 -36.05 -38.36 2.70
CA TYR I 10 -36.75 -38.47 1.44
C TYR I 10 -36.80 -39.87 0.85
N VAL I 11 -36.05 -40.83 1.38
CA VAL I 11 -36.20 -42.22 0.96
C VAL I 11 -36.51 -43.13 2.13
N PHE I 12 -35.84 -42.95 3.27
CA PHE I 12 -36.00 -43.92 4.34
C PHE I 12 -37.14 -43.58 5.28
N SER I 13 -37.50 -42.31 5.39
CA SER I 13 -38.71 -41.98 6.12
C SER I 13 -39.93 -42.30 5.27
N ASP I 14 -41.09 -42.36 5.93
CA ASP I 14 -42.34 -42.60 5.22
C ASP I 14 -42.84 -41.31 4.61
N PHE I 15 -41.99 -40.64 3.83
CA PHE I 15 -42.36 -39.40 3.19
C PHE I 15 -43.45 -39.65 2.17
N LEU I 16 -44.57 -38.94 2.31
CA LEU I 16 -45.77 -39.14 1.50
C LEU I 16 -46.29 -40.57 1.57
N LEU I 17 -45.84 -41.33 2.57
CA LEU I 17 -46.41 -42.63 2.90
C LEU I 17 -47.22 -42.56 4.18
N LYS I 18 -47.51 -41.36 4.68
CA LYS I 18 -48.27 -41.20 5.89
C LYS I 18 -49.72 -41.64 5.67
N GLU I 19 -50.19 -42.58 6.48
CA GLU I 19 -51.58 -42.98 6.43
C GLU I 19 -52.46 -41.82 6.87
N PRO I 20 -53.72 -41.77 6.42
CA PRO I 20 -54.61 -40.67 6.81
C PRO I 20 -54.73 -40.55 8.32
N THR I 21 -54.28 -39.43 8.86
CA THR I 21 -54.37 -39.16 10.30
C THR I 21 -55.80 -38.78 10.63
N GLU I 22 -56.66 -39.79 10.65
CA GLU I 22 -58.08 -39.61 10.92
C GLU I 22 -58.73 -40.96 11.19
N PRO I 23 -59.72 -41.02 12.06
CA PRO I 23 -60.42 -42.28 12.30
C PRO I 23 -61.41 -42.65 11.20
N LYS I 24 -61.61 -41.79 10.21
CA LYS I 24 -62.54 -42.11 9.13
C LYS I 24 -61.99 -43.21 8.23
N PHE I 25 -60.72 -43.09 7.84
CA PHE I 25 -60.04 -44.10 7.05
C PHE I 25 -58.95 -44.71 7.92
N LYS I 26 -59.27 -45.82 8.58
CA LYS I 26 -58.33 -46.55 9.44
C LYS I 26 -58.06 -47.90 8.78
N GLY I 27 -56.91 -48.01 8.13
CA GLY I 27 -56.56 -49.22 7.42
C GLY I 27 -57.13 -49.35 6.02
N LEU I 28 -58.05 -48.48 5.61
CA LEU I 28 -58.48 -48.46 4.22
C LEU I 28 -57.48 -47.68 3.38
N ARG I 29 -57.08 -48.25 2.24
CA ARG I 29 -55.99 -47.66 1.49
C ARG I 29 -56.46 -46.50 0.62
N LEU I 30 -57.46 -46.72 -0.21
CA LEU I 30 -58.04 -45.74 -1.13
C LEU I 30 -57.09 -45.33 -2.24
N GLU I 31 -55.88 -45.86 -2.28
CA GLU I 31 -54.95 -45.59 -3.38
C GLU I 31 -54.18 -46.88 -3.65
N LEU I 32 -54.28 -47.36 -4.87
CA LEU I 32 -53.58 -48.57 -5.24
C LEU I 32 -52.08 -48.41 -4.99
N ALA I 33 -51.46 -49.48 -4.50
CA ALA I 33 -50.06 -49.40 -4.10
C ALA I 33 -49.17 -48.90 -5.22
N VAL I 34 -49.42 -49.34 -6.44
CA VAL I 34 -48.60 -48.88 -7.55
C VAL I 34 -48.78 -47.39 -7.79
N ASP I 35 -50.01 -46.89 -7.60
CA ASP I 35 -50.22 -45.45 -7.74
C ASP I 35 -49.50 -44.69 -6.63
N LYS I 36 -49.53 -45.24 -5.42
CA LYS I 36 -48.84 -44.59 -4.32
C LYS I 36 -47.35 -44.50 -4.58
N MET I 37 -46.73 -45.59 -5.07
CA MET I 37 -45.31 -45.54 -5.31
C MET I 37 -44.98 -44.66 -6.51
N VAL I 38 -45.84 -44.65 -7.53
CA VAL I 38 -45.58 -43.78 -8.67
C VAL I 38 -45.61 -42.33 -8.24
N THR I 39 -46.59 -41.94 -7.44
CA THR I 39 -46.63 -40.57 -6.95
C THR I 39 -45.44 -40.27 -6.08
N CYS I 40 -45.11 -41.18 -5.16
CA CYS I 40 -43.99 -40.94 -4.26
C CYS I 40 -42.72 -40.70 -5.04
N ILE I 41 -42.41 -41.55 -6.02
CA ILE I 41 -41.21 -41.33 -6.82
C ILE I 41 -41.32 -40.03 -7.58
N ALA I 42 -42.34 -39.91 -8.42
CA ALA I 42 -42.44 -38.77 -9.33
C ALA I 42 -42.43 -37.43 -8.60
N VAL I 43 -42.81 -37.39 -7.34
CA VAL I 43 -42.88 -36.14 -6.60
C VAL I 43 -41.66 -35.95 -5.72
N GLY I 44 -41.24 -36.99 -4.99
CA GLY I 44 -40.11 -36.84 -4.09
C GLY I 44 -38.78 -36.80 -4.78
N LEU I 45 -38.66 -37.38 -5.97
CA LEU I 45 -37.36 -37.38 -6.64
C LEU I 45 -36.91 -35.97 -7.01
N PRO I 46 -37.71 -35.12 -7.63
CA PRO I 46 -37.24 -33.75 -7.87
C PRO I 46 -36.93 -33.00 -6.59
N LEU I 47 -37.65 -33.26 -5.51
CA LEU I 47 -37.32 -32.57 -4.27
C LEU I 47 -35.99 -33.04 -3.70
N LEU I 48 -35.76 -34.34 -3.70
CA LEU I 48 -34.47 -34.85 -3.25
C LEU I 48 -33.35 -34.32 -4.13
N LEU I 49 -33.59 -34.21 -5.42
CA LEU I 49 -32.56 -33.71 -6.32
C LEU I 49 -32.28 -32.24 -6.07
N ILE I 50 -33.32 -31.44 -5.82
CA ILE I 50 -33.12 -30.05 -5.47
C ILE I 50 -32.29 -29.94 -4.21
N SER I 51 -32.62 -30.75 -3.20
CA SER I 51 -31.86 -30.69 -1.97
C SER I 51 -30.41 -31.12 -2.17
N LEU I 52 -30.18 -32.07 -3.06
CA LEU I 52 -28.82 -32.52 -3.30
C LEU I 52 -28.00 -31.47 -4.04
N ALA I 53 -28.62 -30.77 -4.99
CA ALA I 53 -27.87 -29.82 -5.81
C ALA I 53 -27.26 -28.71 -4.98
N PHE I 54 -27.74 -28.48 -3.77
CA PHE I 54 -27.19 -27.45 -2.90
C PHE I 54 -26.73 -28.02 -1.57
N ALA I 55 -26.42 -29.31 -1.54
CA ALA I 55 -25.82 -29.90 -0.36
C ALA I 55 -24.52 -29.18 -0.02
N GLN I 56 -24.25 -29.02 1.26
CA GLN I 56 -23.13 -28.20 1.66
C GLN I 56 -21.80 -28.80 1.23
N GLU I 57 -21.77 -30.08 0.90
CA GLU I 57 -20.54 -30.75 0.48
C GLU I 57 -20.35 -30.80 -1.02
N ILE I 58 -21.35 -30.41 -1.80
CA ILE I 58 -21.13 -30.17 -3.21
C ILE I 58 -21.02 -28.69 -3.52
N SER I 59 -21.73 -27.84 -2.78
CA SER I 59 -21.72 -26.41 -3.06
C SER I 59 -20.38 -25.81 -2.65
N ILE I 60 -19.76 -25.10 -3.58
CA ILE I 60 -18.49 -24.45 -3.29
C ILE I 60 -18.71 -23.13 -2.58
N GLY I 61 -19.87 -22.51 -2.77
CA GLY I 61 -20.11 -21.17 -2.30
C GLY I 61 -21.32 -20.57 -2.96
N THR I 62 -21.14 -19.37 -3.51
CA THR I 62 -22.20 -18.69 -4.24
C THR I 62 -22.52 -19.43 -5.54
N GLN I 63 -23.59 -18.98 -6.20
CA GLN I 63 -24.01 -19.56 -7.46
C GLN I 63 -23.38 -18.89 -8.66
N ILE I 64 -22.79 -17.70 -8.50
CA ILE I 64 -22.22 -16.97 -9.61
C ILE I 64 -20.96 -16.26 -9.13
N SER I 65 -19.98 -16.14 -10.01
CA SER I 65 -18.77 -15.40 -9.74
C SER I 65 -18.30 -14.77 -11.02
N CYS I 66 -17.76 -13.55 -10.96
CA CYS I 66 -17.66 -12.74 -12.15
C CYS I 66 -16.28 -12.19 -12.49
N PHE I 67 -15.27 -12.37 -11.64
CA PHE I 67 -13.90 -11.97 -11.96
C PHE I 67 -13.80 -10.50 -12.35
N SER I 68 -14.00 -9.65 -11.36
CA SER I 68 -13.74 -8.24 -11.50
C SER I 68 -12.24 -7.98 -11.62
N PRO I 69 -11.84 -6.79 -12.06
CA PRO I 69 -10.42 -6.45 -12.08
C PRO I 69 -9.82 -6.44 -10.69
N SER I 70 -8.49 -6.52 -10.65
CA SER I 70 -7.79 -6.51 -9.37
C SER I 70 -7.88 -5.16 -8.71
N SER I 71 -8.07 -4.10 -9.49
CA SER I 71 -8.23 -2.77 -8.93
C SER I 71 -9.50 -2.65 -8.12
N PHE I 72 -10.51 -3.46 -8.42
CA PHE I 72 -11.78 -3.36 -7.73
C PHE I 72 -11.63 -3.73 -6.27
N SER I 73 -12.31 -3.00 -5.40
CA SER I 73 -12.33 -3.36 -4.00
C SER I 73 -13.22 -4.58 -3.80
N TRP I 74 -13.25 -5.07 -2.57
CA TRP I 74 -14.11 -6.22 -2.27
C TRP I 74 -15.56 -5.91 -2.57
N ARG I 75 -16.01 -4.72 -2.18
CA ARG I 75 -17.41 -4.37 -2.34
C ARG I 75 -17.77 -4.10 -3.79
N GLN I 76 -16.83 -3.59 -4.58
CA GLN I 76 -17.11 -3.42 -6.00
C GLN I 76 -17.28 -4.76 -6.68
N ALA I 77 -16.43 -5.73 -6.33
CA ALA I 77 -16.59 -7.07 -6.88
C ALA I 77 -17.92 -7.67 -6.47
N ALA I 78 -18.32 -7.45 -5.21
CA ALA I 78 -19.62 -7.94 -4.79
C ALA I 78 -20.74 -7.28 -5.59
N PHE I 79 -20.60 -5.99 -5.89
CA PHE I 79 -21.58 -5.33 -6.73
C PHE I 79 -21.65 -5.98 -8.10
N VAL I 80 -20.50 -6.31 -8.67
CA VAL I 80 -20.49 -6.91 -9.99
C VAL I 80 -21.21 -8.25 -9.98
N ASP I 81 -20.90 -9.07 -8.97
CA ASP I 81 -21.58 -10.37 -8.86
C ASP I 81 -23.07 -10.19 -8.75
N SER I 82 -23.52 -9.31 -7.85
CA SER I 82 -24.95 -9.13 -7.65
C SER I 82 -25.61 -8.57 -8.89
N TYR I 83 -24.99 -7.61 -9.55
CA TYR I 83 -25.58 -7.02 -10.74
C TYR I 83 -25.74 -8.07 -11.83
N CYS I 84 -24.71 -8.86 -12.07
CA CYS I 84 -24.83 -9.83 -13.15
C CYS I 84 -25.84 -10.91 -12.82
N TRP I 85 -25.88 -11.32 -11.55
CA TRP I 85 -26.90 -12.27 -11.12
C TRP I 85 -28.28 -11.75 -11.40
N ALA I 86 -28.54 -10.49 -11.05
CA ALA I 86 -29.84 -9.92 -11.34
C ALA I 86 -30.03 -9.62 -12.81
N ALA I 87 -28.95 -9.58 -13.56
CA ALA I 87 -28.99 -9.19 -14.96
C ALA I 87 -29.11 -10.36 -15.91
N VAL I 88 -29.10 -11.59 -15.40
CA VAL I 88 -29.45 -12.69 -16.29
C VAL I 88 -30.86 -12.54 -16.82
N GLN I 89 -31.70 -11.72 -16.18
CA GLN I 89 -33.02 -11.44 -16.72
C GLN I 89 -32.99 -10.34 -17.77
N GLN I 90 -32.37 -9.21 -17.45
CA GLN I 90 -32.33 -8.09 -18.39
C GLN I 90 -31.46 -8.46 -19.58
N LYS I 91 -32.08 -8.72 -20.73
CA LYS I 91 -31.36 -9.26 -21.87
C LYS I 91 -30.39 -8.26 -22.48
N ASN I 92 -30.57 -6.97 -22.23
CA ASN I 92 -29.74 -5.97 -22.89
C ASN I 92 -28.32 -5.95 -22.35
N SER I 93 -28.13 -6.27 -21.07
CA SER I 93 -26.83 -6.11 -20.44
C SER I 93 -25.89 -7.27 -20.75
N LEU I 94 -26.41 -8.50 -20.75
CA LEU I 94 -25.56 -9.67 -20.87
C LEU I 94 -25.54 -10.17 -22.32
N GLN I 95 -24.38 -10.67 -22.74
CA GLN I 95 -24.19 -11.21 -24.08
C GLN I 95 -23.59 -12.61 -23.93
N SER I 96 -24.34 -13.62 -24.31
CA SER I 96 -23.90 -15.01 -24.20
C SER I 96 -23.97 -15.68 -25.58
N GLU I 97 -23.08 -16.64 -25.79
CA GLU I 97 -23.00 -17.32 -27.09
C GLU I 97 -24.26 -18.14 -27.35
N SER I 98 -24.81 -18.78 -26.32
CA SER I 98 -25.97 -19.64 -26.49
C SER I 98 -27.28 -18.86 -26.57
N GLY I 99 -27.38 -17.73 -25.87
CA GLY I 99 -28.60 -16.97 -25.78
C GLY I 99 -28.95 -16.68 -24.34
N ASN I 100 -30.11 -16.04 -24.15
CA ASN I 100 -30.53 -15.71 -22.80
C ASN I 100 -31.37 -16.81 -22.17
N LEU I 101 -32.10 -17.58 -22.98
CA LEU I 101 -32.93 -18.64 -22.42
C LEU I 101 -32.13 -19.63 -21.59
N PRO I 102 -30.97 -20.10 -22.03
CA PRO I 102 -30.20 -20.97 -21.14
C PRO I 102 -29.82 -20.31 -19.84
N LEU I 103 -29.56 -19.00 -19.85
CA LEU I 103 -29.23 -18.32 -18.61
C LEU I 103 -30.42 -18.32 -17.67
N TRP I 104 -31.60 -17.98 -18.19
CA TRP I 104 -32.82 -18.09 -17.40
C TRP I 104 -32.95 -19.47 -16.80
N LEU I 105 -32.77 -20.50 -17.62
CA LEU I 105 -32.96 -21.87 -17.17
C LEU I 105 -31.93 -22.25 -16.12
N HIS I 106 -30.72 -21.71 -16.22
CA HIS I 106 -29.70 -22.05 -15.25
C HIS I 106 -29.95 -21.37 -13.93
N LYS I 107 -30.50 -20.15 -13.94
CA LYS I 107 -30.78 -19.48 -12.68
C LYS I 107 -31.94 -20.13 -11.95
N PHE I 108 -32.99 -20.51 -12.68
CA PHE I 108 -34.24 -20.96 -12.07
C PHE I 108 -34.44 -22.46 -12.16
N PHE I 109 -33.37 -23.23 -12.23
CA PHE I 109 -33.53 -24.69 -12.23
C PHE I 109 -34.23 -25.21 -10.99
N PRO I 110 -33.89 -24.79 -9.77
CA PRO I 110 -34.63 -25.30 -8.61
C PRO I 110 -36.10 -24.99 -8.66
N TYR I 111 -36.46 -23.78 -9.11
CA TYR I 111 -37.86 -23.43 -9.17
C TYR I 111 -38.61 -24.29 -10.17
N ILE I 112 -37.97 -24.61 -11.29
CA ILE I 112 -38.64 -25.42 -12.29
C ILE I 112 -38.83 -26.85 -11.79
N LEU I 113 -37.83 -27.38 -11.11
CA LEU I 113 -38.00 -28.72 -10.56
C LEU I 113 -39.10 -28.74 -9.52
N LEU I 114 -39.17 -27.72 -8.67
CA LEU I 114 -40.23 -27.69 -7.67
C LEU I 114 -41.59 -27.52 -8.32
N LEU I 115 -41.66 -26.77 -9.41
CA LEU I 115 -42.90 -26.64 -10.14
C LEU I 115 -43.35 -27.98 -10.68
N PHE I 116 -42.40 -28.78 -11.18
CA PHE I 116 -42.76 -30.11 -11.65
C PHE I 116 -43.24 -30.99 -10.50
N ALA I 117 -42.58 -30.88 -9.35
CA ALA I 117 -43.03 -31.66 -8.19
C ALA I 117 -44.46 -31.31 -7.82
N ILE I 118 -44.79 -30.03 -7.81
CA ILE I 118 -46.14 -29.61 -7.43
C ILE I 118 -47.14 -30.09 -8.47
N LEU I 119 -46.84 -29.90 -9.76
CA LEU I 119 -47.77 -30.33 -10.78
C LEU I 119 -47.98 -31.84 -10.75
N LEU I 120 -46.96 -32.60 -10.38
CA LEU I 120 -47.14 -34.03 -10.27
C LEU I 120 -47.87 -34.42 -9.01
N TYR I 121 -47.83 -33.58 -7.99
CA TYR I 121 -48.59 -33.83 -6.77
C TYR I 121 -50.05 -33.48 -6.92
N LEU I 122 -50.40 -32.63 -7.88
CA LEU I 122 -51.78 -32.18 -8.00
C LEU I 122 -52.78 -33.30 -8.30
N PRO I 123 -52.56 -34.17 -9.29
CA PRO I 123 -53.58 -35.18 -9.60
C PRO I 123 -53.85 -36.13 -8.44
N PRO I 124 -52.83 -36.61 -7.72
CA PRO I 124 -53.13 -37.40 -6.52
C PRO I 124 -53.91 -36.62 -5.49
N LEU I 125 -53.67 -35.32 -5.37
CA LEU I 125 -54.45 -34.52 -4.45
C LEU I 125 -55.91 -34.46 -4.88
N PHE I 126 -56.16 -34.26 -6.17
CA PHE I 126 -57.53 -34.20 -6.65
C PHE I 126 -58.22 -35.53 -6.43
N TRP I 127 -57.49 -36.64 -6.59
CA TRP I 127 -58.08 -37.93 -6.30
C TRP I 127 -58.38 -38.08 -4.82
N ARG I 128 -57.46 -37.66 -3.96
CA ARG I 128 -57.63 -37.84 -2.53
C ARG I 128 -58.77 -36.99 -1.99
N PHE I 129 -59.04 -35.85 -2.60
CA PHE I 129 -60.05 -34.96 -2.05
C PHE I 129 -61.37 -35.01 -2.79
N ALA I 130 -61.39 -35.39 -4.05
CA ALA I 130 -62.63 -35.41 -4.81
C ALA I 130 -63.32 -36.77 -4.77
N ALA I 131 -62.59 -37.85 -5.04
CA ALA I 131 -63.20 -39.15 -5.23
C ALA I 131 -62.85 -40.17 -4.17
N ALA I 132 -61.96 -39.85 -3.25
CA ALA I 132 -61.58 -40.83 -2.25
C ALA I 132 -62.71 -41.16 -1.28
N PRO I 133 -63.44 -40.18 -0.73
CA PRO I 133 -64.43 -40.54 0.30
C PRO I 133 -65.54 -41.43 -0.23
N HIS I 134 -65.98 -41.18 -1.46
CA HIS I 134 -67.03 -42.00 -2.06
C HIS I 134 -66.64 -43.46 -2.07
N ILE I 135 -65.45 -43.75 -2.60
CA ILE I 135 -65.03 -45.13 -2.71
C ILE I 135 -64.70 -45.70 -1.34
N CYS I 136 -64.21 -44.88 -0.41
CA CYS I 136 -63.96 -45.39 0.92
C CYS I 136 -65.24 -45.90 1.56
N SER I 137 -66.30 -45.09 1.51
CA SER I 137 -67.57 -45.50 2.11
C SER I 137 -68.12 -46.73 1.41
N ASP I 138 -68.09 -46.73 0.08
CA ASP I 138 -68.66 -47.87 -0.65
C ASP I 138 -67.89 -49.16 -0.36
N LEU I 139 -66.57 -49.09 -0.43
CA LEU I 139 -65.76 -50.27 -0.20
C LEU I 139 -65.95 -50.80 1.22
N LYS I 140 -66.00 -49.89 2.20
CA LYS I 140 -66.17 -50.34 3.58
C LYS I 140 -67.54 -51.02 3.75
N PHE I 141 -68.58 -50.42 3.18
CA PHE I 141 -69.90 -51.03 3.25
C PHE I 141 -69.92 -52.38 2.54
N ILE I 142 -69.27 -52.48 1.39
CA ILE I 142 -69.26 -53.73 0.64
C ILE I 142 -68.56 -54.81 1.45
N MET I 143 -67.48 -54.45 2.12
CA MET I 143 -66.75 -55.43 2.93
C MET I 143 -67.59 -55.89 4.11
N GLU I 144 -68.28 -54.96 4.78
CA GLU I 144 -69.15 -55.34 5.88
C GLU I 144 -70.24 -56.29 5.40
N GLU I 145 -70.88 -55.95 4.27
CA GLU I 145 -71.96 -56.80 3.76
C GLU I 145 -71.41 -58.16 3.34
N LEU I 146 -70.18 -58.16 2.81
CA LEU I 146 -69.50 -59.41 2.38
C LEU I 146 -69.35 -60.31 3.61
N ASP I 147 -68.86 -59.74 4.72
CA ASP I 147 -68.71 -60.49 5.96
C ASP I 147 -70.06 -61.04 6.43
N LYS I 148 -71.11 -60.22 6.31
CA LYS I 148 -72.44 -60.68 6.71
C LYS I 148 -72.89 -61.86 5.85
N VAL I 149 -72.59 -61.81 4.55
CA VAL I 149 -72.96 -62.90 3.66
C VAL I 149 -72.23 -64.18 4.05
N TYR I 150 -70.93 -64.07 4.35
CA TYR I 150 -70.19 -65.25 4.79
C TYR I 150 -70.74 -65.79 6.11
N ASN I 151 -71.13 -64.89 7.02
CA ASN I 151 -71.70 -65.32 8.28
C ASN I 151 -73.02 -66.05 8.06
N ARG I 152 -73.86 -65.56 7.14
CA ARG I 152 -75.10 -66.25 6.82
C ARG I 152 -74.83 -67.63 6.26
N ALA I 153 -73.83 -67.74 5.38
CA ALA I 153 -73.52 -69.05 4.78
C ALA I 153 -73.05 -70.03 5.84
N ILE I 154 -72.14 -69.61 6.71
CA ILE I 154 -71.64 -70.54 7.73
C ILE I 154 -72.72 -70.87 8.75
N LYS I 155 -73.59 -69.90 9.05
CA LYS I 155 -74.70 -70.17 9.97
C LYS I 155 -75.66 -71.20 9.38
N ALA I 156 -75.96 -71.07 8.08
CA ALA I 156 -76.81 -72.06 7.42
C ALA I 156 -76.15 -73.43 7.42
N ALA I 157 -74.84 -73.48 7.16
CA ALA I 157 -74.14 -74.77 7.15
C ALA I 157 -74.16 -75.42 8.52
N LYS I 158 -73.83 -74.65 9.56
CA LYS I 158 -73.83 -75.19 10.92
C LYS I 158 -75.22 -75.63 11.34
N SER I 159 -76.25 -74.86 11.00
CA SER I 159 -77.62 -75.23 11.34
C SER I 159 -78.02 -76.52 10.63
N ALA I 160 -77.60 -76.69 9.38
CA ALA I 160 -77.82 -77.95 8.68
C ALA I 160 -77.10 -79.10 9.38
N ARG I 161 -75.89 -78.83 9.87
CA ARG I 161 -75.17 -79.85 10.64
C ARG I 161 -75.89 -80.18 11.94
N ASP I 162 -76.44 -79.17 12.60
CA ASP I 162 -77.14 -79.37 13.87
C ASP I 162 -78.63 -79.62 13.65
N PRO I 194 -78.59 -60.91 -1.23
CA PRO I 194 -77.45 -60.44 -2.01
C PRO I 194 -77.45 -58.93 -2.22
N ILE I 195 -77.60 -58.16 -1.13
CA ILE I 195 -77.65 -56.71 -1.27
C ILE I 195 -76.31 -56.19 -1.77
N VAL I 196 -75.20 -56.76 -1.27
CA VAL I 196 -73.89 -56.32 -1.74
C VAL I 196 -73.68 -56.73 -3.19
N GLU I 197 -74.19 -57.89 -3.59
CA GLU I 197 -74.07 -58.28 -4.99
C GLU I 197 -74.84 -57.35 -5.89
N GLN I 198 -76.03 -56.93 -5.47
CA GLN I 198 -76.80 -56.01 -6.30
C GLN I 198 -76.19 -54.62 -6.32
N TYR I 199 -75.57 -54.20 -5.21
CA TYR I 199 -74.84 -52.94 -5.22
C TYR I 199 -73.67 -53.01 -6.20
N LEU I 200 -73.00 -54.16 -6.25
CA LEU I 200 -71.94 -54.34 -7.23
C LEU I 200 -72.48 -54.25 -8.65
N LYS I 201 -73.62 -54.91 -8.89
CA LYS I 201 -74.26 -54.81 -10.19
C LYS I 201 -74.60 -53.36 -10.53
N THR I 202 -74.96 -52.58 -9.51
CA THR I 202 -75.27 -51.18 -9.73
C THR I 202 -74.03 -50.40 -10.11
N LYS I 203 -72.95 -50.58 -9.36
CA LYS I 203 -71.69 -49.92 -9.69
C LYS I 203 -71.19 -50.28 -11.08
N LYS I 204 -71.56 -51.46 -11.57
CA LYS I 204 -71.20 -51.84 -12.94
C LYS I 204 -71.71 -50.85 -13.98
N ASN I 205 -72.65 -49.98 -13.61
CA ASN I 205 -73.30 -49.09 -14.56
C ASN I 205 -72.57 -47.75 -14.67
N SER I 206 -72.37 -47.08 -13.55
CA SER I 206 -71.81 -45.74 -13.55
C SER I 206 -70.33 -45.75 -13.92
N ASN I 207 -69.87 -44.64 -14.49
CA ASN I 207 -68.48 -44.50 -14.90
C ASN I 207 -67.88 -43.18 -14.44
N ASN I 208 -68.42 -42.58 -13.39
CA ASN I 208 -67.85 -41.34 -12.87
C ASN I 208 -66.47 -41.60 -12.26
N LEU I 209 -66.42 -42.61 -11.38
CA LEU I 209 -65.18 -42.97 -10.64
C LEU I 209 -64.05 -43.41 -11.58
N ILE I 210 -64.37 -44.00 -12.74
CA ILE I 210 -63.31 -44.45 -13.62
C ILE I 210 -62.81 -43.32 -14.50
N ILE I 211 -63.68 -42.41 -14.93
CA ILE I 211 -63.17 -41.31 -15.72
C ILE I 211 -62.34 -40.39 -14.83
N LYS I 212 -62.73 -40.23 -13.57
CA LYS I 212 -61.88 -39.47 -12.66
C LYS I 212 -60.51 -40.12 -12.53
N TYR I 213 -60.49 -41.44 -12.35
CA TYR I 213 -59.24 -42.15 -12.15
C TYR I 213 -58.32 -42.03 -13.37
N ILE I 214 -58.84 -42.37 -14.55
CA ILE I 214 -57.99 -42.30 -15.73
C ILE I 214 -57.65 -40.86 -16.07
N SER I 215 -58.46 -39.89 -15.63
CA SER I 215 -58.08 -38.50 -15.88
C SER I 215 -56.89 -38.10 -15.02
N CYS I 216 -56.89 -38.47 -13.74
CA CYS I 216 -55.70 -38.20 -12.94
C CYS I 216 -54.48 -38.95 -13.49
N ARG I 217 -54.65 -40.21 -13.89
CA ARG I 217 -53.51 -40.93 -14.43
C ARG I 217 -53.01 -40.30 -15.72
N LEU I 218 -53.93 -39.83 -16.56
CA LEU I 218 -53.53 -39.24 -17.82
C LEU I 218 -52.82 -37.93 -17.61
N LEU I 219 -53.27 -37.13 -16.64
CA LEU I 219 -52.57 -35.89 -16.35
C LEU I 219 -51.19 -36.17 -15.77
N THR I 220 -51.07 -37.20 -14.92
CA THR I 220 -49.75 -37.54 -14.43
C THR I 220 -48.83 -37.94 -15.58
N LEU I 221 -49.34 -38.72 -16.52
CA LEU I 221 -48.52 -39.13 -17.65
C LEU I 221 -48.14 -37.93 -18.51
N ILE I 222 -49.08 -37.01 -18.73
CA ILE I 222 -48.79 -35.84 -19.55
C ILE I 222 -47.73 -34.98 -18.90
N ILE I 223 -47.86 -34.75 -17.59
CA ILE I 223 -46.88 -33.92 -16.90
C ILE I 223 -45.53 -34.60 -16.85
N ILE I 224 -45.50 -35.92 -16.70
CA ILE I 224 -44.23 -36.62 -16.68
C ILE I 224 -43.56 -36.54 -18.05
N LEU I 225 -44.35 -36.61 -19.12
CA LEU I 225 -43.76 -36.52 -20.45
C LEU I 225 -43.25 -35.11 -20.72
N LEU I 226 -43.99 -34.10 -20.28
CA LEU I 226 -43.51 -32.72 -20.43
C LEU I 226 -42.24 -32.51 -19.63
N ALA I 227 -42.18 -33.08 -18.44
CA ALA I 227 -40.97 -32.95 -17.63
C ALA I 227 -39.80 -33.66 -18.27
N CYS I 228 -40.05 -34.83 -18.87
CA CYS I 228 -38.99 -35.53 -19.59
C CYS I 228 -38.48 -34.69 -20.74
N ILE I 229 -39.38 -34.07 -21.49
CA ILE I 229 -38.96 -33.22 -22.60
C ILE I 229 -38.11 -32.08 -22.08
N TYR I 230 -38.56 -31.42 -21.02
CA TYR I 230 -37.81 -30.29 -20.50
C TYR I 230 -36.44 -30.71 -20.00
N LEU I 231 -36.37 -31.82 -19.27
CA LEU I 231 -35.08 -32.24 -18.72
C LEU I 231 -34.15 -32.71 -19.81
N GLY I 232 -34.68 -33.36 -20.84
CA GLY I 232 -33.84 -33.75 -21.95
C GLY I 232 -33.29 -32.54 -22.68
N TYR I 233 -34.11 -31.51 -22.82
CA TYR I 233 -33.59 -30.27 -23.39
C TYR I 233 -32.52 -29.68 -22.51
N TYR I 234 -32.78 -29.60 -21.21
CA TYR I 234 -31.85 -28.93 -20.31
C TYR I 234 -30.52 -29.64 -20.25
N PHE I 235 -30.53 -30.96 -20.16
CA PHE I 235 -29.29 -31.71 -20.15
C PHE I 235 -28.53 -31.56 -21.46
N SER I 236 -29.22 -31.26 -22.55
CA SER I 236 -28.59 -31.09 -23.84
C SER I 236 -27.95 -29.71 -24.00
N LEU I 237 -28.04 -28.84 -23.01
CA LEU I 237 -27.43 -27.52 -23.12
C LEU I 237 -25.91 -27.65 -23.30
N SER I 238 -25.31 -26.56 -23.77
CA SER I 238 -23.95 -26.62 -24.29
C SER I 238 -22.89 -26.91 -23.24
N SER I 239 -23.22 -26.79 -21.96
CA SER I 239 -22.30 -27.01 -20.84
C SER I 239 -21.25 -25.91 -20.76
N LEU I 240 -21.21 -25.05 -21.76
CA LEU I 240 -20.51 -23.78 -21.69
C LEU I 240 -21.49 -22.63 -21.64
N SER I 241 -22.79 -22.92 -21.62
CA SER I 241 -23.80 -21.89 -21.52
C SER I 241 -23.82 -21.24 -20.16
N ASP I 242 -23.10 -21.80 -19.19
CA ASP I 242 -22.99 -21.18 -17.88
C ASP I 242 -22.00 -20.04 -17.85
N GLU I 243 -21.23 -19.83 -18.91
CA GLU I 243 -20.33 -18.69 -19.02
C GLU I 243 -21.01 -17.63 -19.87
N PHE I 244 -21.23 -16.48 -19.29
CA PHE I 244 -21.79 -15.37 -20.03
C PHE I 244 -21.04 -14.10 -19.70
N VAL I 245 -21.03 -13.18 -20.64
CA VAL I 245 -20.36 -11.90 -20.48
C VAL I 245 -21.39 -10.87 -20.02
N CYS I 246 -21.07 -10.15 -18.96
CA CYS I 246 -22.00 -9.23 -18.33
C CYS I 246 -21.36 -7.85 -18.25
N SER I 247 -22.19 -6.81 -18.36
CA SER I 247 -21.70 -5.43 -18.43
C SER I 247 -22.49 -4.55 -17.49
N ILE I 248 -21.85 -4.01 -16.46
CA ILE I 248 -22.50 -3.07 -15.55
C ILE I 248 -22.23 -1.68 -16.08
N LYS I 249 -22.98 -1.29 -17.11
CA LYS I 249 -22.76 0.03 -17.68
C LYS I 249 -24.07 0.71 -18.02
N SER I 250 -25.07 0.53 -17.18
CA SER I 250 -26.30 1.27 -17.31
C SER I 250 -26.29 2.43 -16.33
N GLY I 251 -27.07 3.47 -16.65
CA GLY I 251 -27.13 4.58 -15.73
C GLY I 251 -25.84 5.37 -15.74
N ILE I 252 -25.52 5.93 -14.57
CA ILE I 252 -24.37 6.81 -14.45
C ILE I 252 -23.06 6.07 -14.60
N LEU I 253 -23.05 4.75 -14.55
CA LEU I 253 -21.80 4.03 -14.77
C LEU I 253 -21.43 3.97 -16.23
N ARG I 254 -22.30 4.42 -17.12
CA ARG I 254 -21.99 4.42 -18.54
C ARG I 254 -20.80 5.31 -18.82
N ALA I 255 -20.76 6.46 -18.14
CA ALA I 255 -19.68 7.46 -18.31
C ALA I 255 -18.46 7.08 -17.47
N ASP I 256 -18.60 6.08 -16.57
CA ASP I 256 -17.49 5.64 -15.66
C ASP I 256 -16.43 4.86 -16.46
N SER I 257 -15.19 5.37 -16.49
CA SER I 257 -14.09 4.72 -17.24
C SER I 257 -13.27 3.75 -16.37
N THR I 258 -13.50 3.72 -15.06
CA THR I 258 -12.74 2.81 -14.16
C THR I 258 -13.34 1.40 -14.24
N VAL I 259 -14.54 1.30 -14.81
CA VAL I 259 -15.29 0.06 -14.99
C VAL I 259 -15.00 -0.50 -16.38
N PRO I 260 -14.50 -1.72 -16.47
CA PRO I 260 -14.30 -2.33 -17.79
C PRO I 260 -15.61 -2.50 -18.52
N ASP I 261 -15.51 -2.72 -19.83
CA ASP I 261 -16.70 -2.76 -20.66
C ASP I 261 -17.55 -3.96 -20.34
N GLN I 262 -16.93 -5.08 -19.96
CA GLN I 262 -17.68 -6.29 -19.72
C GLN I 262 -16.89 -7.24 -18.82
N PHE I 263 -17.62 -8.08 -18.10
CA PHE I 263 -17.06 -9.01 -17.13
C PHE I 263 -17.36 -10.44 -17.53
N GLN I 264 -16.46 -11.34 -17.19
CA GLN I 264 -16.64 -12.77 -17.48
C GLN I 264 -17.24 -13.43 -16.25
N CYS I 265 -18.54 -13.69 -16.28
CA CYS I 265 -19.23 -14.35 -15.19
C CYS I 265 -19.46 -15.82 -15.52
N LYS I 266 -19.51 -16.65 -14.50
CA LYS I 266 -19.81 -18.07 -14.66
C LYS I 266 -20.82 -18.52 -13.62
N LEU I 267 -21.84 -19.23 -14.08
CA LEU I 267 -22.85 -19.79 -13.18
C LEU I 267 -22.34 -21.12 -12.65
N ILE I 268 -21.79 -21.09 -11.45
CA ILE I 268 -21.38 -22.34 -10.82
C ILE I 268 -22.61 -23.22 -10.62
N ALA I 269 -22.37 -24.50 -10.42
CA ALA I 269 -23.42 -25.47 -10.11
C ALA I 269 -24.37 -25.68 -11.27
N VAL I 270 -23.94 -25.41 -12.49
CA VAL I 270 -24.72 -25.83 -13.64
C VAL I 270 -24.37 -27.25 -14.05
N GLY I 271 -23.11 -27.65 -13.89
CA GLY I 271 -22.76 -29.03 -14.13
C GLY I 271 -23.51 -29.98 -13.22
N ILE I 272 -23.65 -29.59 -11.95
CA ILE I 272 -24.44 -30.38 -11.02
C ILE I 272 -25.89 -30.43 -11.47
N PHE I 273 -26.43 -29.31 -11.94
CA PHE I 273 -27.80 -29.28 -12.41
C PHE I 273 -28.00 -30.24 -13.57
N GLN I 274 -27.04 -30.27 -14.48
CA GLN I 274 -27.20 -31.12 -15.66
C GLN I 274 -27.06 -32.59 -15.30
N LEU I 275 -26.14 -32.92 -14.40
CA LEU I 275 -26.04 -34.29 -13.95
C LEU I 275 -27.31 -34.74 -13.24
N LEU I 276 -27.86 -33.90 -12.38
CA LEU I 276 -29.08 -34.28 -11.69
C LEU I 276 -30.26 -34.32 -12.63
N SER I 277 -30.18 -33.49 -13.67
CA SER I 277 -31.23 -33.42 -14.73
C SER I 277 -31.25 -34.74 -15.50
N VAL I 278 -30.09 -35.33 -15.79
CA VAL I 278 -30.10 -36.59 -16.51
C VAL I 278 -30.55 -37.71 -15.59
N ILE I 279 -30.23 -37.64 -14.30
CA ILE I 279 -30.74 -38.65 -13.37
C ILE I 279 -32.26 -38.62 -13.32
N ASN I 280 -32.82 -37.42 -13.18
CA ASN I 280 -34.26 -37.28 -13.13
C ASN I 280 -34.91 -37.75 -14.43
N LEU I 281 -34.30 -37.44 -15.57
CA LEU I 281 -34.86 -37.88 -16.84
C LEU I 281 -34.85 -39.39 -16.95
N VAL I 282 -33.79 -40.04 -16.48
CA VAL I 282 -33.75 -41.49 -16.51
C VAL I 282 -34.88 -42.06 -15.67
N VAL I 283 -35.04 -41.57 -14.45
CA VAL I 283 -36.08 -42.13 -13.59
C VAL I 283 -37.46 -41.87 -14.17
N TYR I 284 -37.68 -40.69 -14.74
CA TYR I 284 -39.02 -40.41 -15.26
C TYR I 284 -39.33 -41.20 -16.51
N VAL I 285 -38.34 -41.44 -17.37
CA VAL I 285 -38.60 -42.24 -18.54
C VAL I 285 -38.74 -43.72 -18.19
N LEU I 286 -38.23 -44.13 -17.03
CA LEU I 286 -38.56 -45.46 -16.56
C LEU I 286 -39.93 -45.50 -15.91
N LEU I 287 -40.38 -44.38 -15.37
CA LEU I 287 -41.66 -44.33 -14.65
C LEU I 287 -42.83 -44.22 -15.60
N ALA I 288 -42.66 -43.56 -16.73
CA ALA I 288 -43.78 -43.39 -17.66
C ALA I 288 -44.43 -44.70 -18.09
N PRO I 289 -43.70 -45.77 -18.42
CA PRO I 289 -44.39 -47.02 -18.76
C PRO I 289 -45.24 -47.54 -17.64
N VAL I 290 -44.85 -47.34 -16.39
CA VAL I 290 -45.67 -47.79 -15.28
C VAL I 290 -47.00 -47.07 -15.26
N VAL I 291 -46.98 -45.75 -15.50
CA VAL I 291 -48.22 -45.00 -15.54
C VAL I 291 -49.09 -45.49 -16.68
N VAL I 292 -48.48 -45.71 -17.85
CA VAL I 292 -49.26 -46.20 -18.98
C VAL I 292 -49.89 -47.54 -18.66
N TYR I 293 -49.16 -48.40 -17.96
CA TYR I 293 -49.72 -49.71 -17.61
C TYR I 293 -50.88 -49.56 -16.66
N THR I 294 -50.75 -48.69 -15.65
CA THR I 294 -51.89 -48.45 -14.76
C THR I 294 -53.08 -47.91 -15.53
N LEU I 295 -52.84 -47.26 -16.67
CA LEU I 295 -53.95 -46.68 -17.42
C LEU I 295 -54.95 -47.74 -17.89
N PHE I 296 -54.51 -49.00 -18.03
CA PHE I 296 -55.41 -50.08 -18.46
C PHE I 296 -56.00 -50.76 -17.22
N VAL I 297 -57.06 -50.17 -16.69
CA VAL I 297 -57.64 -50.66 -15.45
C VAL I 297 -58.30 -52.03 -15.60
N PRO I 298 -58.95 -52.39 -16.71
CA PRO I 298 -59.53 -53.74 -16.76
C PRO I 298 -58.46 -54.82 -16.80
N PHE I 299 -57.41 -54.61 -17.58
CA PHE I 299 -56.33 -55.59 -17.68
C PHE I 299 -55.73 -55.92 -16.32
N ARG I 300 -55.67 -54.94 -15.42
CA ARG I 300 -55.08 -55.18 -14.12
C ARG I 300 -55.99 -55.97 -13.19
N GLN I 301 -57.29 -56.01 -13.47
CA GLN I 301 -58.22 -56.77 -12.63
C GLN I 301 -57.92 -58.25 -12.81
N LYS I 302 -57.19 -58.83 -11.85
CA LYS I 302 -56.77 -60.21 -11.94
C LYS I 302 -56.82 -60.82 -10.55
N THR I 303 -56.72 -62.15 -10.50
CA THR I 303 -56.79 -62.92 -9.25
C THR I 303 -58.05 -62.57 -8.47
N ASP I 304 -59.19 -62.89 -9.09
CA ASP I 304 -60.50 -62.47 -8.59
C ASP I 304 -60.72 -62.91 -7.16
N VAL I 305 -60.81 -61.95 -6.24
CA VAL I 305 -61.17 -62.27 -4.87
C VAL I 305 -62.64 -62.69 -4.80
N LEU I 306 -63.47 -62.13 -5.68
CA LEU I 306 -64.88 -62.51 -5.70
C LEU I 306 -65.05 -63.99 -5.99
N LYS I 307 -64.10 -64.61 -6.71
CA LYS I 307 -64.20 -66.03 -7.02
C LYS I 307 -64.23 -66.87 -5.75
N VAL I 308 -63.45 -66.47 -4.75
CA VAL I 308 -63.40 -67.22 -3.48
C VAL I 308 -64.79 -67.27 -2.85
N TYR I 309 -65.46 -66.13 -2.77
CA TYR I 309 -66.79 -66.12 -2.18
C TYR I 309 -67.81 -66.78 -3.10
N GLU I 310 -67.56 -66.73 -4.41
CA GLU I 310 -68.40 -67.45 -5.35
C GLU I 310 -68.35 -68.95 -5.10
N ILE I 311 -67.21 -69.44 -4.61
CA ILE I 311 -67.12 -70.85 -4.22
C ILE I 311 -68.12 -71.17 -3.12
N LEU I 312 -68.37 -70.21 -2.23
CA LEU I 312 -69.38 -70.41 -1.21
C LEU I 312 -70.76 -70.55 -1.86
N PRO I 313 -71.60 -71.47 -1.38
CA PRO I 313 -72.89 -71.69 -2.05
C PRO I 313 -73.87 -70.54 -1.91
N THR I 314 -73.95 -69.93 -0.72
CA THR I 314 -74.96 -68.91 -0.47
C THR I 314 -74.79 -67.72 -1.40
N PHE I 315 -73.56 -67.24 -1.56
CA PHE I 315 -73.31 -66.18 -2.53
C PHE I 315 -73.44 -66.72 -3.94
N ASP I 316 -73.88 -65.85 -4.85
CA ASP I 316 -74.03 -66.25 -6.24
C ASP I 316 -72.69 -66.69 -6.81
N VAL I 317 -72.69 -67.82 -7.50
CA VAL I 317 -71.45 -68.38 -8.00
C VAL I 317 -71.17 -67.75 -9.35
N LEU I 318 -70.62 -66.54 -9.33
CA LEU I 318 -70.18 -65.84 -10.51
C LEU I 318 -69.14 -64.81 -10.10
N HIS I 319 -68.16 -64.60 -10.95
CA HIS I 319 -67.27 -63.45 -10.74
C HIS I 319 -68.04 -62.15 -10.88
N PHE I 320 -68.85 -62.04 -11.94
CA PHE I 320 -69.69 -60.88 -12.20
C PHE I 320 -68.92 -59.57 -12.04
N LYS I 321 -67.61 -59.61 -12.29
CA LYS I 321 -66.78 -58.43 -12.09
C LYS I 321 -65.56 -58.56 -13.00
N SER I 322 -65.62 -57.89 -14.15
CA SER I 322 -64.53 -57.81 -15.12
C SER I 322 -65.03 -57.07 -16.35
N GLU I 323 -64.11 -56.85 -17.29
CA GLU I 323 -64.42 -56.57 -18.69
C GLU I 323 -65.32 -55.33 -18.82
N GLY I 324 -64.74 -54.19 -18.47
CA GLY I 324 -65.44 -52.95 -18.71
C GLY I 324 -64.71 -51.70 -18.26
N TYR I 325 -64.90 -50.61 -19.00
CA TYR I 325 -64.44 -49.30 -18.55
C TYR I 325 -65.52 -48.65 -17.68
N ASN I 326 -65.80 -49.32 -16.57
CA ASN I 326 -66.85 -48.93 -15.66
C ASN I 326 -66.32 -48.99 -14.24
N ASP I 327 -67.05 -48.33 -13.34
CA ASP I 327 -66.60 -48.23 -11.95
C ASP I 327 -66.44 -49.60 -11.30
N LEU I 328 -67.03 -50.64 -11.88
CA LEU I 328 -66.89 -51.97 -11.31
C LEU I 328 -65.45 -52.44 -11.36
N SER I 329 -64.73 -52.13 -12.44
CA SER I 329 -63.33 -52.53 -12.52
C SER I 329 -62.50 -51.83 -11.46
N LEU I 330 -62.75 -50.53 -11.27
CA LEU I 330 -62.08 -49.81 -10.20
C LEU I 330 -62.35 -50.45 -8.85
N TYR I 331 -63.62 -50.75 -8.58
CA TYR I 331 -63.96 -51.35 -7.31
C TYR I 331 -63.31 -52.72 -7.16
N ASN I 332 -63.13 -53.43 -8.26
CA ASN I 332 -62.43 -54.71 -8.21
C ASN I 332 -60.99 -54.51 -7.79
N LEU I 333 -60.31 -53.53 -8.39
CA LEU I 333 -58.93 -53.28 -8.00
C LEU I 333 -58.83 -52.90 -6.53
N PHE I 334 -59.70 -51.99 -6.09
CA PHE I 334 -59.62 -51.54 -4.70
C PHE I 334 -60.04 -52.64 -3.74
N LEU I 335 -60.90 -53.56 -4.18
CA LEU I 335 -61.25 -54.70 -3.36
C LEU I 335 -60.07 -55.65 -3.23
N GLU I 336 -59.41 -55.96 -4.34
CA GLU I 336 -58.19 -56.75 -4.26
C GLU I 336 -57.18 -56.10 -3.34
N GLU I 337 -57.18 -54.78 -3.28
CA GLU I 337 -56.20 -54.10 -2.44
C GLU I 337 -56.56 -54.19 -0.97
N ASN I 338 -57.72 -53.68 -0.58
CA ASN I 338 -58.12 -53.63 0.82
C ASN I 338 -58.76 -54.92 1.30
N ILE I 339 -58.66 -56.01 0.55
CA ILE I 339 -59.37 -57.22 0.92
C ILE I 339 -58.65 -58.03 1.99
N SER I 340 -57.35 -57.80 2.19
CA SER I 340 -56.62 -58.59 3.17
C SER I 340 -57.01 -58.26 4.60
N GLU I 341 -57.62 -57.09 4.82
CA GLU I 341 -57.92 -56.68 6.19
C GLU I 341 -59.09 -57.46 6.79
N VAL I 342 -59.99 -57.99 5.96
CA VAL I 342 -61.11 -58.77 6.48
C VAL I 342 -60.68 -60.21 6.70
N LYS I 343 -60.89 -60.69 7.93
CA LYS I 343 -60.46 -62.03 8.29
C LYS I 343 -61.31 -63.09 7.58
N SER I 344 -62.57 -62.77 7.29
CA SER I 344 -63.44 -63.72 6.60
C SER I 344 -62.85 -64.11 5.25
N TYR I 345 -62.33 -63.13 4.51
CA TYR I 345 -61.67 -63.46 3.26
C TYR I 345 -60.50 -64.38 3.49
N LYS I 346 -59.70 -64.12 4.54
CA LYS I 346 -58.55 -64.96 4.81
C LYS I 346 -58.97 -66.41 5.01
N CYS I 347 -60.00 -66.63 5.82
CA CYS I 347 -60.47 -67.98 6.05
C CYS I 347 -60.95 -68.63 4.77
N LEU I 348 -61.74 -67.89 3.98
CA LEU I 348 -62.28 -68.50 2.78
C LEU I 348 -61.17 -68.80 1.76
N LYS I 349 -60.13 -67.97 1.74
CA LYS I 349 -59.02 -68.19 0.83
C LYS I 349 -58.22 -69.43 1.21
N VAL I 350 -57.97 -69.61 2.51
CA VAL I 350 -57.25 -70.82 2.90
C VAL I 350 -58.10 -72.05 2.64
N LEU I 351 -59.43 -71.94 2.83
CA LEU I 351 -60.31 -73.04 2.42
C LEU I 351 -60.21 -73.32 0.93
N GLU I 352 -60.14 -72.28 0.10
CA GLU I 352 -60.01 -72.49 -1.34
C GLU I 352 -58.67 -73.14 -1.68
N ASN I 353 -57.62 -72.77 -0.96
CA ASN I 353 -56.33 -73.42 -1.17
C ASN I 353 -56.38 -74.89 -0.80
N ILE I 354 -57.06 -75.21 0.30
CA ILE I 354 -57.24 -76.61 0.68
C ILE I 354 -58.03 -77.34 -0.39
N LYS I 355 -59.02 -76.65 -0.98
CA LYS I 355 -59.73 -77.21 -2.11
C LYS I 355 -58.78 -77.49 -3.26
N SER I 356 -57.82 -76.59 -3.48
CA SER I 356 -56.77 -76.86 -4.46
C SER I 356 -56.00 -78.12 -4.09
N SER I 357 -55.70 -78.29 -2.80
CA SER I 357 -55.16 -79.55 -2.31
C SER I 357 -56.18 -80.66 -2.44
N GLY I 358 -57.45 -80.35 -2.20
CA GLY I 358 -58.53 -81.29 -2.40
C GLY I 358 -58.52 -82.47 -1.44
N GLN I 359 -58.43 -82.21 -0.14
CA GLN I 359 -58.40 -83.26 0.87
C GLN I 359 -59.76 -83.47 1.54
N GLY I 360 -60.31 -82.41 2.13
CA GLY I 360 -61.56 -82.54 2.85
C GLY I 360 -62.77 -81.98 2.12
N ILE I 361 -63.45 -81.03 2.74
CA ILE I 361 -64.64 -80.42 2.16
C ILE I 361 -64.75 -79.00 2.69
N ASP I 362 -65.44 -78.15 1.93
CA ASP I 362 -65.56 -76.75 2.31
C ASP I 362 -66.37 -76.55 3.59
N PRO I 363 -67.63 -77.02 3.69
CA PRO I 363 -68.42 -76.64 4.87
C PRO I 363 -67.90 -77.24 6.17
N MET I 364 -67.39 -78.47 6.13
CA MET I 364 -66.91 -79.10 7.36
C MET I 364 -65.72 -78.34 7.93
N LEU I 365 -64.71 -78.06 7.11
CA LEU I 365 -63.54 -77.33 7.59
C LEU I 365 -63.89 -75.89 7.91
N LEU I 366 -64.90 -75.32 7.25
CA LEU I 366 -65.34 -73.97 7.60
C LEU I 366 -65.94 -73.94 8.99
N LEU I 367 -66.79 -74.92 9.30
CA LEU I 367 -67.36 -75.03 10.65
C LEU I 367 -66.26 -75.30 11.67
N THR I 368 -65.24 -76.06 11.28
CA THR I 368 -64.11 -76.31 12.19
C THR I 368 -63.32 -75.03 12.45
N ASN I 369 -63.16 -74.18 11.43
CA ASN I 369 -62.42 -72.93 11.53
C ASN I 369 -62.81 -72.12 12.77
N LEU I 370 -64.09 -71.77 12.87
CA LEU I 370 -64.61 -70.97 13.99
C LEU I 370 -63.93 -69.59 14.04
N GLY I 371 -64.10 -68.85 12.95
CA GLY I 371 -63.52 -67.55 12.76
C GLY I 371 -64.55 -66.46 12.48
N MET I 372 -65.68 -66.51 13.18
CA MET I 372 -66.74 -65.52 12.96
C MET I 372 -66.27 -64.11 13.29
N ILE I 373 -65.51 -63.96 14.37
CA ILE I 373 -64.99 -62.65 14.76
C ILE I 373 -63.59 -62.77 15.32
N ALA J 2 -34.18 -24.50 2.85
CA ALA J 2 -34.12 -25.29 1.64
C ALA J 2 -35.43 -25.20 0.87
N ILE J 3 -35.32 -25.28 -0.46
CA ILE J 3 -36.51 -25.18 -1.35
C ILE J 3 -37.46 -26.37 -1.12
N ALA J 4 -36.91 -27.55 -0.81
CA ALA J 4 -37.75 -28.72 -0.60
C ALA J 4 -38.48 -28.66 0.74
N GLN J 5 -37.88 -28.05 1.75
CA GLN J 5 -38.57 -27.91 3.03
C GLN J 5 -39.78 -27.01 2.89
N LEU J 6 -39.63 -25.89 2.19
CA LEU J 6 -40.78 -25.04 1.93
C LEU J 6 -41.84 -25.80 1.16
N ALA J 7 -41.43 -26.60 0.17
CA ALA J 7 -42.40 -27.40 -0.57
C ALA J 7 -43.20 -28.29 0.38
N THR J 8 -42.50 -29.11 1.18
CA THR J 8 -43.21 -29.99 2.11
C THR J 8 -44.17 -29.17 2.96
N GLU J 9 -43.64 -28.16 3.64
CA GLU J 9 -44.42 -27.40 4.61
C GLU J 9 -45.67 -26.79 3.99
N TYR J 10 -45.58 -26.29 2.76
CA TYR J 10 -46.67 -25.46 2.25
C TYR J 10 -47.54 -26.13 1.19
N VAL J 11 -47.14 -27.29 0.64
CA VAL J 11 -48.02 -28.04 -0.23
C VAL J 11 -48.26 -29.45 0.27
N PHE J 12 -47.23 -30.14 0.75
CA PHE J 12 -47.40 -31.54 1.08
C PHE J 12 -47.87 -31.76 2.50
N SER J 13 -47.56 -30.83 3.42
CA SER J 13 -48.15 -30.92 4.73
C SER J 13 -49.61 -30.46 4.68
N ASP J 14 -50.35 -30.79 5.73
CA ASP J 14 -51.74 -30.37 5.82
C ASP J 14 -51.81 -28.94 6.33
N PHE J 15 -51.09 -28.04 5.67
CA PHE J 15 -51.08 -26.64 6.05
C PHE J 15 -52.46 -26.04 5.85
N LEU J 16 -53.02 -25.48 6.92
CA LEU J 16 -54.38 -24.95 6.93
C LEU J 16 -55.41 -26.02 6.56
N LEU J 17 -55.02 -27.28 6.61
CA LEU J 17 -55.94 -28.41 6.50
C LEU J 17 -56.14 -29.09 7.84
N LYS J 18 -55.66 -28.47 8.92
CA LYS J 18 -55.80 -29.06 10.25
C LYS J 18 -57.25 -29.07 10.68
N GLU J 19 -57.76 -30.25 11.01
CA GLU J 19 -59.11 -30.35 11.55
C GLU J 19 -59.16 -29.66 12.91
N PRO J 20 -60.35 -29.18 13.32
CA PRO J 20 -60.46 -28.51 14.62
C PRO J 20 -59.97 -29.39 15.77
N THR J 21 -58.91 -28.95 16.44
CA THR J 21 -58.35 -29.67 17.58
C THR J 21 -59.26 -29.44 18.78
N GLU J 22 -60.40 -30.10 18.77
CA GLU J 22 -61.39 -29.97 19.82
C GLU J 22 -62.43 -31.08 19.69
N PRO J 23 -62.96 -31.59 20.80
CA PRO J 23 -64.01 -32.60 20.72
C PRO J 23 -65.38 -32.05 20.35
N LYS J 24 -65.52 -30.74 20.21
CA LYS J 24 -66.81 -30.16 19.86
C LYS J 24 -67.15 -30.47 18.40
N PHE J 25 -66.20 -30.27 17.50
CA PHE J 25 -66.35 -30.60 16.08
C PHE J 25 -65.41 -31.76 15.77
N LYS J 26 -65.93 -32.97 15.83
CA LYS J 26 -65.18 -34.18 15.53
C LYS J 26 -65.78 -34.81 14.28
N GLY J 27 -65.11 -34.62 13.15
CA GLY J 27 -65.61 -35.10 11.88
C GLY J 27 -66.62 -34.21 11.19
N LEU J 28 -67.15 -33.18 11.86
CA LEU J 28 -67.99 -32.22 11.17
C LEU J 28 -67.12 -31.20 10.44
N ARG J 29 -67.45 -30.94 9.17
CA ARG J 29 -66.55 -30.13 8.36
C ARG J 29 -66.74 -28.64 8.60
N LEU J 30 -67.97 -28.15 8.49
CA LEU J 30 -68.34 -26.74 8.68
C LEU J 30 -67.78 -25.83 7.62
N GLU J 31 -67.02 -26.35 6.66
CA GLU J 31 -66.53 -25.54 5.54
C GLU J 31 -66.55 -26.41 4.30
N LEU J 32 -67.28 -25.97 3.29
CA LEU J 32 -67.36 -26.73 2.05
C LEU J 32 -65.97 -26.95 1.48
N ALA J 33 -65.75 -28.13 0.93
CA ALA J 33 -64.41 -28.51 0.48
C ALA J 33 -63.85 -27.50 -0.52
N VAL J 34 -64.70 -27.01 -1.42
CA VAL J 34 -64.21 -26.04 -2.39
C VAL J 34 -63.80 -24.75 -1.71
N ASP J 35 -64.51 -24.35 -0.66
CA ASP J 35 -64.11 -23.16 0.06
C ASP J 35 -62.80 -23.39 0.80
N LYS J 36 -62.62 -24.59 1.34
CA LYS J 36 -61.37 -24.90 2.03
C LYS J 36 -60.20 -24.83 1.07
N MET J 37 -60.34 -25.40 -0.13
CA MET J 37 -59.23 -25.38 -1.06
C MET J 37 -59.00 -23.97 -1.61
N VAL J 38 -60.07 -23.20 -1.81
CA VAL J 38 -59.88 -21.83 -2.29
C VAL J 38 -59.11 -21.03 -1.27
N THR J 39 -59.48 -21.14 0.00
CA THR J 39 -58.74 -20.43 1.03
C THR J 39 -57.30 -20.92 1.11
N CYS J 40 -57.11 -22.23 1.09
CA CYS J 40 -55.76 -22.77 1.19
C CYS J 40 -54.87 -22.23 0.09
N ILE J 41 -55.34 -22.27 -1.16
CA ILE J 41 -54.55 -21.73 -2.25
C ILE J 41 -54.33 -20.23 -2.05
N ALA J 42 -55.42 -19.47 -1.99
CA ALA J 42 -55.33 -18.02 -1.99
C ALA J 42 -54.48 -17.50 -0.85
N VAL J 43 -54.32 -18.24 0.24
CA VAL J 43 -53.56 -17.77 1.38
C VAL J 43 -52.15 -18.35 1.40
N GLY J 44 -52.01 -19.64 1.14
CA GLY J 44 -50.70 -20.26 1.20
C GLY J 44 -49.82 -19.93 0.02
N LEU J 45 -50.41 -19.62 -1.13
CA LEU J 45 -49.58 -19.32 -2.29
C LEU J 45 -48.71 -18.10 -2.10
N PRO J 46 -49.22 -16.94 -1.66
CA PRO J 46 -48.32 -15.82 -1.41
C PRO J 46 -47.29 -16.13 -0.34
N LEU J 47 -47.60 -16.93 0.66
CA LEU J 47 -46.59 -17.27 1.65
C LEU J 47 -45.49 -18.14 1.06
N LEU J 48 -45.88 -19.14 0.28
CA LEU J 48 -44.87 -19.97 -0.37
C LEU J 48 -44.03 -19.14 -1.32
N LEU J 49 -44.64 -18.18 -1.99
CA LEU J 49 -43.89 -17.35 -2.93
C LEU J 49 -42.92 -16.43 -2.17
N ILE J 50 -43.35 -15.88 -1.05
CA ILE J 50 -42.44 -15.08 -0.23
C ILE J 50 -41.26 -15.92 0.21
N SER J 51 -41.53 -17.14 0.67
CA SER J 51 -40.43 -18.00 1.11
C SER J 51 -39.50 -18.36 -0.03
N LEU J 52 -40.04 -18.51 -1.24
CA LEU J 52 -39.19 -18.86 -2.37
C LEU J 52 -38.34 -17.69 -2.80
N ALA J 53 -38.88 -16.48 -2.75
CA ALA J 53 -38.13 -15.32 -3.24
C ALA J 53 -36.85 -15.08 -2.48
N PHE J 54 -36.71 -15.65 -1.28
CA PHE J 54 -35.49 -15.50 -0.49
C PHE J 54 -34.89 -16.85 -0.15
N ALA J 55 -35.19 -17.87 -0.92
CA ALA J 55 -34.54 -19.16 -0.75
C ALA J 55 -33.03 -18.99 -0.90
N GLN J 56 -32.28 -19.74 -0.10
CA GLN J 56 -30.85 -19.52 -0.05
C GLN J 56 -30.17 -19.84 -1.36
N GLU J 57 -30.82 -20.59 -2.25
CA GLU J 57 -30.24 -20.96 -3.53
C GLU J 57 -30.65 -20.04 -4.67
N ILE J 58 -31.58 -19.13 -4.44
CA ILE J 58 -31.79 -18.06 -5.40
C ILE J 58 -31.16 -16.75 -4.93
N SER J 59 -31.12 -16.52 -3.63
CA SER J 59 -30.58 -15.26 -3.11
C SER J 59 -29.07 -15.24 -3.27
N ILE J 60 -28.57 -14.17 -3.89
CA ILE J 60 -27.14 -14.02 -4.08
C ILE J 60 -26.50 -13.48 -2.82
N GLY J 61 -27.25 -12.75 -2.01
CA GLY J 61 -26.68 -12.02 -0.90
C GLY J 61 -27.65 -10.99 -0.37
N THR J 62 -27.18 -9.76 -0.25
CA THR J 62 -28.02 -8.65 0.18
C THR J 62 -29.07 -8.31 -0.88
N GLN J 63 -29.99 -7.43 -0.50
CA GLN J 63 -31.03 -7.00 -1.42
C GLN J 63 -30.64 -5.78 -2.23
N ILE J 64 -29.59 -5.07 -1.86
CA ILE J 64 -29.18 -3.86 -2.56
C ILE J 64 -27.67 -3.80 -2.58
N SER J 65 -27.13 -3.24 -3.65
CA SER J 65 -25.70 -3.01 -3.79
C SER J 65 -25.49 -1.75 -4.59
N CYS J 66 -24.50 -0.95 -4.23
CA CYS J 66 -24.48 0.43 -4.70
C CYS J 66 -23.22 0.90 -5.41
N PHE J 67 -22.16 0.09 -5.48
CA PHE J 67 -20.97 0.43 -6.26
C PHE J 67 -20.37 1.79 -5.85
N SER J 68 -19.83 1.80 -4.65
CA SER J 68 -19.04 2.93 -4.20
C SER J 68 -17.73 3.01 -4.97
N PRO J 69 -17.03 4.15 -4.90
CA PRO J 69 -15.72 4.26 -5.53
C PRO J 69 -14.72 3.28 -4.93
N SER J 70 -13.65 3.03 -5.67
CA SER J 70 -12.62 2.13 -5.19
C SER J 70 -11.85 2.73 -4.04
N SER J 71 -11.84 4.05 -3.93
CA SER J 71 -11.18 4.71 -2.81
C SER J 71 -11.88 4.41 -1.50
N PHE J 72 -13.18 4.12 -1.55
CA PHE J 72 -13.95 3.90 -0.33
C PHE J 72 -13.47 2.65 0.38
N SER J 73 -13.39 2.72 1.70
CA SER J 73 -13.07 1.53 2.47
C SER J 73 -14.27 0.61 2.50
N TRP J 74 -14.07 -0.57 3.09
CA TRP J 74 -15.17 -1.52 3.20
C TRP J 74 -16.34 -0.93 3.97
N ARG J 75 -16.05 -0.23 5.05
CA ARG J 75 -17.12 0.30 5.89
C ARG J 75 -17.80 1.49 5.25
N GLN J 76 -17.09 2.28 4.46
CA GLN J 76 -17.75 3.36 3.75
C GLN J 76 -18.71 2.81 2.71
N ALA J 77 -18.32 1.76 2.01
CA ALA J 77 -19.22 1.13 1.06
C ALA J 77 -20.44 0.57 1.78
N ALA J 78 -20.24 -0.04 2.94
CA ALA J 78 -21.36 -0.52 3.71
C ALA J 78 -22.28 0.62 4.11
N PHE J 79 -21.72 1.77 4.47
CA PHE J 79 -22.54 2.92 4.78
C PHE J 79 -23.36 3.34 3.57
N VAL J 80 -22.76 3.32 2.39
CA VAL J 80 -23.48 3.74 1.20
C VAL J 80 -24.66 2.81 0.95
N ASP J 81 -24.42 1.50 1.04
CA ASP J 81 -25.50 0.54 0.85
C ASP J 81 -26.62 0.77 1.84
N SER J 82 -26.28 0.90 3.12
CA SER J 82 -27.31 1.07 4.14
C SER J 82 -28.06 2.38 3.95
N TYR J 83 -27.35 3.46 3.64
CA TYR J 83 -28.01 4.73 3.46
C TYR J 83 -28.98 4.68 2.30
N CYS J 84 -28.57 4.11 1.18
CA CYS J 84 -29.47 4.11 0.04
C CYS J 84 -30.66 3.19 0.28
N TRP J 85 -30.43 2.07 0.95
CA TRP J 85 -31.54 1.19 1.33
C TRP J 85 -32.55 1.93 2.17
N ALA J 86 -32.09 2.69 3.17
CA ALA J 86 -33.01 3.45 3.98
C ALA J 86 -33.56 4.66 3.25
N ALA J 87 -32.91 5.06 2.16
CA ALA J 87 -33.27 6.26 1.44
C ALA J 87 -34.22 6.00 0.28
N VAL J 88 -34.57 4.75 0.01
CA VAL J 88 -35.66 4.55 -0.94
C VAL J 88 -36.96 5.17 -0.43
N GLN J 89 -37.05 5.46 0.86
CA GLN J 89 -38.22 6.18 1.37
C GLN J 89 -38.09 7.69 1.19
N GLN J 90 -36.96 8.25 1.62
CA GLN J 90 -36.78 9.70 1.52
C GLN J 90 -36.63 10.09 0.06
N LYS J 91 -37.68 10.72 -0.50
CA LYS J 91 -37.71 10.97 -1.93
C LYS J 91 -36.71 12.01 -2.38
N ASN J 92 -36.19 12.83 -1.47
CA ASN J 92 -35.31 13.91 -1.88
C ASN J 92 -33.93 13.40 -2.30
N SER J 93 -33.46 12.32 -1.70
CA SER J 93 -32.10 11.88 -1.91
C SER J 93 -31.94 11.09 -3.21
N LEU J 94 -32.90 10.23 -3.54
CA LEU J 94 -32.76 9.33 -4.67
C LEU J 94 -33.48 9.89 -5.89
N GLN J 95 -32.89 9.66 -7.06
CA GLN J 95 -33.45 10.09 -8.33
C GLN J 95 -33.51 8.89 -9.26
N SER J 96 -34.71 8.45 -9.60
CA SER J 96 -34.92 7.30 -10.46
C SER J 96 -35.76 7.69 -11.67
N GLU J 97 -35.52 7.01 -12.79
CA GLU J 97 -36.22 7.32 -14.03
C GLU J 97 -37.71 7.03 -13.92
N SER J 98 -38.08 5.95 -13.24
CA SER J 98 -39.48 5.55 -13.14
C SER J 98 -40.24 6.34 -12.08
N GLY J 99 -39.57 6.75 -11.01
CA GLY J 99 -40.22 7.39 -9.89
C GLY J 99 -39.87 6.72 -8.59
N ASN J 100 -40.47 7.22 -7.51
CA ASN J 100 -40.21 6.64 -6.20
C ASN J 100 -41.15 5.51 -5.86
N LEU J 101 -42.37 5.54 -6.38
CA LEU J 101 -43.33 4.48 -6.07
C LEU J 101 -42.81 3.10 -6.45
N PRO J 102 -42.20 2.89 -7.62
CA PRO J 102 -41.63 1.56 -7.88
C PRO J 102 -40.57 1.17 -6.88
N LEU J 103 -39.78 2.14 -6.38
CA LEU J 103 -38.77 1.80 -5.40
C LEU J 103 -39.42 1.34 -4.11
N TRP J 104 -40.43 2.06 -3.64
CA TRP J 104 -41.20 1.61 -2.49
C TRP J 104 -41.70 0.19 -2.70
N LEU J 105 -42.30 -0.06 -3.86
CA LEU J 105 -42.89 -1.36 -4.13
C LEU J 105 -41.84 -2.45 -4.18
N HIS J 106 -40.64 -2.13 -4.65
CA HIS J 106 -39.59 -3.13 -4.73
C HIS J 106 -39.03 -3.45 -3.36
N LYS J 107 -38.96 -2.46 -2.47
CA LYS J 107 -38.46 -2.74 -1.14
C LYS J 107 -39.44 -3.56 -0.33
N PHE J 108 -40.72 -3.26 -0.43
CA PHE J 108 -41.73 -3.84 0.44
C PHE J 108 -42.59 -4.88 -0.24
N PHE J 109 -42.07 -5.55 -1.25
CA PHE J 109 -42.83 -6.62 -1.89
C PHE J 109 -43.21 -7.73 -0.93
N PRO J 110 -42.31 -8.25 -0.09
CA PRO J 110 -42.73 -9.30 0.84
C PRO J 110 -43.83 -8.86 1.78
N TYR J 111 -43.75 -7.63 2.28
CA TYR J 111 -44.78 -7.14 3.18
C TYR J 111 -46.12 -7.07 2.49
N ILE J 112 -46.13 -6.64 1.23
CA ILE J 112 -47.40 -6.52 0.52
C ILE J 112 -48.00 -7.89 0.26
N LEU J 113 -47.16 -8.86 -0.10
CA LEU J 113 -47.71 -10.21 -0.30
C LEU J 113 -48.25 -10.76 1.01
N LEU J 114 -47.56 -10.55 2.12
CA LEU J 114 -48.06 -11.05 3.39
C LEU J 114 -49.34 -10.34 3.79
N LEU J 115 -49.44 -9.05 3.47
CA LEU J 115 -50.68 -8.33 3.72
C LEU J 115 -51.84 -8.94 2.94
N PHE J 116 -51.59 -9.33 1.69
CA PHE J 116 -52.63 -9.98 0.91
C PHE J 116 -52.99 -11.32 1.51
N ALA J 117 -52.00 -12.08 1.98
CA ALA J 117 -52.29 -13.35 2.62
C ALA J 117 -53.19 -13.16 3.82
N ILE J 118 -52.89 -12.17 4.65
CA ILE J 118 -53.69 -11.95 5.85
C ILE J 118 -55.10 -11.51 5.48
N LEU J 119 -55.22 -10.57 4.55
CA LEU J 119 -56.55 -10.12 4.14
C LEU J 119 -57.36 -11.24 3.55
N LEU J 120 -56.73 -12.17 2.85
CA LEU J 120 -57.46 -13.30 2.31
C LEU J 120 -57.79 -14.34 3.38
N TYR J 121 -57.03 -14.36 4.46
CA TYR J 121 -57.32 -15.26 5.56
C TYR J 121 -58.44 -14.72 6.45
N LEU J 122 -58.68 -13.42 6.42
CA LEU J 122 -59.68 -12.85 7.32
C LEU J 122 -61.10 -13.37 7.11
N PRO J 123 -61.66 -13.41 5.90
CA PRO J 123 -63.05 -13.84 5.76
C PRO J 123 -63.26 -15.27 6.22
N PRO J 124 -62.38 -16.22 5.90
CA PRO J 124 -62.56 -17.56 6.47
C PRO J 124 -62.49 -17.56 7.99
N LEU J 125 -61.68 -16.68 8.58
CA LEU J 125 -61.65 -16.59 10.02
C LEU J 125 -62.97 -16.09 10.57
N PHE J 126 -63.54 -15.07 9.93
CA PHE J 126 -64.82 -14.57 10.40
C PHE J 126 -65.91 -15.62 10.27
N TRP J 127 -65.84 -16.42 9.22
CA TRP J 127 -66.79 -17.52 9.09
C TRP J 127 -66.59 -18.55 10.18
N ARG J 128 -65.34 -18.91 10.46
CA ARG J 128 -65.04 -19.96 11.42
C ARG J 128 -65.41 -19.54 12.83
N PHE J 129 -65.36 -18.25 13.13
CA PHE J 129 -65.60 -17.82 14.51
C PHE J 129 -66.98 -17.22 14.72
N ALA J 130 -67.60 -16.68 13.68
CA ALA J 130 -68.91 -16.06 13.86
C ALA J 130 -70.06 -17.01 13.59
N ALA J 131 -70.03 -17.74 12.47
CA ALA J 131 -71.17 -18.52 12.04
C ALA J 131 -70.95 -20.02 12.05
N ALA J 132 -69.75 -20.49 12.33
CA ALA J 132 -69.51 -21.92 12.32
C ALA J 132 -70.24 -22.67 13.43
N PRO J 133 -70.22 -22.20 14.69
CA PRO J 133 -70.83 -23.02 15.74
C PRO J 133 -72.32 -23.21 15.56
N HIS J 134 -73.01 -22.17 15.09
CA HIS J 134 -74.45 -22.27 14.87
C HIS J 134 -74.76 -23.41 13.93
N ILE J 135 -74.11 -23.43 12.77
CA ILE J 135 -74.40 -24.44 11.78
C ILE J 135 -73.89 -25.79 12.23
N CYS J 136 -72.80 -25.83 13.00
CA CYS J 136 -72.33 -27.12 13.51
C CYS J 136 -73.39 -27.76 14.39
N SER J 137 -73.92 -27.00 15.34
CA SER J 137 -74.94 -27.54 16.23
C SER J 137 -76.19 -27.95 15.46
N ASP J 138 -76.65 -27.09 14.56
CA ASP J 138 -77.87 -27.41 13.82
C ASP J 138 -77.69 -28.64 12.94
N LEU J 139 -76.59 -28.71 12.20
CA LEU J 139 -76.37 -29.85 11.32
C LEU J 139 -76.24 -31.13 12.13
N LYS J 140 -75.53 -31.10 13.25
CA LYS J 140 -75.39 -32.31 14.06
C LYS J 140 -76.75 -32.76 14.58
N PHE J 141 -77.56 -31.81 15.07
CA PHE J 141 -78.88 -32.16 15.56
C PHE J 141 -79.75 -32.72 14.43
N ILE J 142 -79.66 -32.12 13.24
CA ILE J 142 -80.48 -32.57 12.12
C ILE J 142 -80.08 -33.99 11.74
N MET J 143 -78.78 -34.29 11.76
CA MET J 143 -78.34 -35.64 11.43
C MET J 143 -78.81 -36.65 12.46
N GLU J 144 -78.72 -36.30 13.75
CA GLU J 144 -79.23 -37.20 14.78
C GLU J 144 -80.71 -37.47 14.59
N GLU J 145 -81.49 -36.41 14.36
CA GLU J 145 -82.92 -36.59 14.18
C GLU J 145 -83.23 -37.41 12.92
N LEU J 146 -82.39 -37.20 11.89
CA LEU J 146 -82.53 -37.94 10.61
C LEU J 146 -82.37 -39.43 10.90
N ASP J 147 -81.32 -39.79 11.66
CA ASP J 147 -81.09 -41.17 12.05
C ASP J 147 -82.27 -41.72 12.83
N LYS J 148 -82.82 -40.92 13.74
CA LYS J 148 -83.98 -41.36 14.50
C LYS J 148 -85.17 -41.63 13.60
N VAL J 149 -85.36 -40.79 12.59
CA VAL J 149 -86.47 -40.99 11.65
C VAL J 149 -86.28 -42.28 10.87
N TYR J 150 -85.06 -42.55 10.42
CA TYR J 150 -84.81 -43.81 9.71
C TYR J 150 -85.03 -45.00 10.64
N ASN J 151 -84.63 -44.87 11.91
CA ASN J 151 -84.85 -45.95 12.86
C ASN J 151 -86.33 -46.21 13.08
N ARG J 152 -87.13 -45.13 13.17
CA ARG J 152 -88.58 -45.29 13.30
C ARG J 152 -89.15 -46.00 12.08
N ALA J 153 -88.69 -45.64 10.89
CA ALA J 153 -89.21 -46.26 9.68
C ALA J 153 -88.89 -47.74 9.63
N ILE J 154 -87.64 -48.10 9.93
CA ILE J 154 -87.28 -49.52 9.88
C ILE J 154 -87.95 -50.29 11.00
N LYS J 155 -88.14 -49.67 12.16
CA LYS J 155 -88.84 -50.34 13.25
C LYS J 155 -90.28 -50.61 12.87
N ALA J 156 -90.95 -49.63 12.23
CA ALA J 156 -92.31 -49.85 11.77
C ALA J 156 -92.37 -50.95 10.72
N ALA J 157 -91.40 -50.98 9.80
CA ALA J 157 -91.39 -52.02 8.77
C ALA J 157 -91.21 -53.39 9.38
N LYS J 158 -90.23 -53.54 10.28
CA LYS J 158 -89.98 -54.82 10.92
C LYS J 158 -91.18 -55.27 11.76
N SER J 159 -91.81 -54.33 12.48
CA SER J 159 -92.98 -54.68 13.28
C SER J 159 -94.12 -55.14 12.39
N ALA J 160 -94.30 -54.50 11.23
CA ALA J 160 -95.29 -54.96 10.26
C ALA J 160 -94.94 -56.37 9.76
N ARG J 161 -93.65 -56.64 9.55
CA ARG J 161 -93.23 -57.98 9.17
C ARG J 161 -93.50 -58.99 10.28
N ASP J 162 -93.29 -58.59 11.53
CA ASP J 162 -93.50 -59.49 12.67
C ASP J 162 -94.92 -59.36 13.23
N PRO J 194 -91.99 -35.64 12.46
CA PRO J 194 -91.11 -34.92 11.54
C PRO J 194 -90.53 -33.65 12.16
N ILE J 195 -89.93 -33.77 13.34
CA ILE J 195 -89.38 -32.58 13.99
C ILE J 195 -88.22 -32.03 13.17
N VAL J 196 -87.40 -32.90 12.61
CA VAL J 196 -86.28 -32.43 11.79
C VAL J 196 -86.80 -31.81 10.50
N GLU J 197 -87.87 -32.36 9.93
CA GLU J 197 -88.44 -31.77 8.73
C GLU J 197 -88.98 -30.38 9.02
N GLN J 198 -89.63 -30.20 10.17
CA GLN J 198 -90.17 -28.89 10.50
C GLN J 198 -89.05 -27.90 10.84
N TYR J 199 -87.97 -28.38 11.44
CA TYR J 199 -86.81 -27.51 11.64
C TYR J 199 -86.22 -27.07 10.32
N LEU J 200 -86.20 -27.96 9.34
CA LEU J 200 -85.74 -27.59 8.01
C LEU J 200 -86.66 -26.55 7.40
N LYS J 201 -87.97 -26.74 7.54
CA LYS J 201 -88.93 -25.76 7.07
C LYS J 201 -88.70 -24.41 7.75
N THR J 202 -88.29 -24.44 9.01
CA THR J 202 -88.00 -23.21 9.74
C THR J 202 -86.77 -22.52 9.18
N LYS J 203 -85.69 -23.27 8.99
CA LYS J 203 -84.48 -22.71 8.41
C LYS J 203 -84.74 -22.13 7.02
N LYS J 204 -85.73 -22.66 6.31
CA LYS J 204 -86.08 -22.11 5.01
C LYS J 204 -86.44 -20.62 5.08
N ASN J 205 -86.70 -20.10 6.28
CA ASN J 205 -87.19 -18.73 6.43
C ASN J 205 -86.04 -17.74 6.62
N SER J 206 -85.17 -18.00 7.60
CA SER J 206 -84.13 -17.04 7.95
C SER J 206 -83.05 -16.99 6.88
N ASN J 207 -82.39 -15.84 6.79
CA ASN J 207 -81.32 -15.63 5.81
C ASN J 207 -80.08 -15.01 6.45
N ASN J 208 -79.89 -15.18 7.75
CA ASN J 208 -78.68 -14.67 8.39
C ASN J 208 -77.45 -15.42 7.91
N LEU J 209 -77.53 -16.75 7.98
CA LEU J 209 -76.41 -17.65 7.62
C LEU J 209 -76.01 -17.49 6.14
N ILE J 210 -76.94 -17.15 5.25
CA ILE J 210 -76.57 -17.03 3.85
C ILE J 210 -75.98 -15.67 3.54
N ILE J 211 -76.46 -14.61 4.18
CA ILE J 211 -75.83 -13.33 3.92
C ILE J 211 -74.43 -13.31 4.51
N LYS J 212 -74.22 -13.97 5.65
CA LYS J 212 -72.86 -14.09 6.17
C LYS J 212 -71.98 -14.83 5.18
N TYR J 213 -72.48 -15.93 4.62
CA TYR J 213 -71.68 -16.75 3.71
C TYR J 213 -71.31 -15.98 2.46
N ILE J 214 -72.30 -15.40 1.78
CA ILE J 214 -71.98 -14.68 0.56
C ILE J 214 -71.21 -13.42 0.86
N SER J 215 -71.28 -12.88 2.08
CA SER J 215 -70.45 -11.71 2.39
C SER J 215 -68.98 -12.11 2.50
N CYS J 216 -68.70 -13.23 3.18
CA CYS J 216 -67.31 -13.68 3.18
C CYS J 216 -66.83 -14.03 1.78
N ARG J 217 -67.66 -14.70 0.98
CA ARG J 217 -67.23 -15.03 -0.37
C ARG J 217 -67.01 -13.77 -1.19
N LEU J 218 -67.85 -12.77 -1.02
CA LEU J 218 -67.72 -11.55 -1.80
C LEU J 218 -66.47 -10.78 -1.39
N LEU J 219 -66.16 -10.76 -0.10
CA LEU J 219 -64.93 -10.11 0.32
C LEU J 219 -63.71 -10.86 -0.19
N THR J 220 -63.75 -12.18 -0.20
CA THR J 220 -62.65 -12.93 -0.78
C THR J 220 -62.47 -12.59 -2.24
N LEU J 221 -63.57 -12.50 -2.98
CA LEU J 221 -63.47 -12.16 -4.40
C LEU J 221 -62.94 -10.75 -4.59
N ILE J 222 -63.38 -9.81 -3.76
CA ILE J 222 -62.93 -8.44 -3.90
C ILE J 222 -61.44 -8.34 -3.61
N ILE J 223 -60.98 -9.00 -2.56
CA ILE J 223 -59.57 -8.95 -2.21
C ILE J 223 -58.73 -9.64 -3.27
N ILE J 224 -59.23 -10.74 -3.83
CA ILE J 224 -58.49 -11.42 -4.88
C ILE J 224 -58.39 -10.54 -6.11
N LEU J 225 -59.46 -9.82 -6.44
CA LEU J 225 -59.39 -8.95 -7.61
C LEU J 225 -58.45 -7.78 -7.38
N LEU J 226 -58.46 -7.21 -6.17
CA LEU J 226 -57.53 -6.14 -5.86
C LEU J 226 -56.09 -6.65 -5.91
N ALA J 227 -55.86 -7.86 -5.43
CA ALA J 227 -54.52 -8.43 -5.49
C ALA J 227 -54.10 -8.69 -6.92
N CYS J 228 -55.03 -9.15 -7.77
CA CYS J 228 -54.71 -9.33 -9.18
C CYS J 228 -54.34 -8.00 -9.82
N ILE J 229 -55.09 -6.94 -9.52
CA ILE J 229 -54.76 -5.64 -10.08
C ILE J 229 -53.36 -5.22 -9.64
N TYR J 230 -53.07 -5.36 -8.34
CA TYR J 230 -51.77 -4.94 -7.84
C TYR J 230 -50.65 -5.75 -8.48
N LEU J 231 -50.81 -7.06 -8.58
CA LEU J 231 -49.75 -7.89 -9.12
C LEU J 231 -49.57 -7.65 -10.61
N GLY J 232 -50.65 -7.40 -11.33
CA GLY J 232 -50.52 -7.06 -12.73
C GLY J 232 -49.81 -5.75 -12.92
N TYR J 233 -50.07 -4.78 -12.05
CA TYR J 233 -49.32 -3.54 -12.11
C TYR J 233 -47.85 -3.79 -11.82
N TYR J 234 -47.57 -4.55 -10.77
CA TYR J 234 -46.19 -4.75 -10.33
C TYR J 234 -45.38 -5.48 -11.39
N PHE J 235 -45.95 -6.52 -11.97
CA PHE J 235 -45.25 -7.24 -13.02
C PHE J 235 -45.01 -6.37 -14.24
N SER J 236 -45.84 -5.35 -14.45
CA SER J 236 -45.69 -4.46 -15.57
C SER J 236 -44.63 -3.39 -15.37
N LEU J 237 -43.96 -3.37 -14.21
CA LEU J 237 -42.93 -2.38 -13.97
C LEU J 237 -41.80 -2.55 -14.98
N SER J 238 -40.99 -1.49 -15.11
CA SER J 238 -40.07 -1.36 -16.24
C SER J 238 -38.96 -2.39 -16.25
N SER J 239 -38.72 -3.10 -15.15
CA SER J 239 -37.66 -4.09 -15.02
C SER J 239 -36.28 -3.44 -15.00
N LEU J 240 -36.23 -2.14 -15.27
CA LEU J 240 -35.06 -1.32 -14.98
C LEU J 240 -35.36 -0.37 -13.84
N SER J 241 -36.55 -0.45 -13.26
CA SER J 241 -36.89 0.38 -12.12
C SER J 241 -36.13 -0.02 -10.87
N ASP J 242 -35.44 -1.15 -10.90
CA ASP J 242 -34.61 -1.56 -9.77
C ASP J 242 -33.28 -0.83 -9.73
N GLU J 243 -32.94 -0.09 -10.76
CA GLU J 243 -31.75 0.74 -10.78
C GLU J 243 -32.13 2.17 -10.45
N PHE J 244 -31.61 2.69 -9.35
CA PHE J 244 -31.85 4.06 -8.99
C PHE J 244 -30.54 4.71 -8.56
N VAL J 245 -30.48 6.01 -8.74
CA VAL J 245 -29.30 6.79 -8.37
C VAL J 245 -29.53 7.38 -6.99
N CYS J 246 -28.59 7.20 -6.10
CA CYS J 246 -28.72 7.59 -4.70
C CYS J 246 -27.56 8.50 -4.32
N SER J 247 -27.83 9.45 -3.42
CA SER J 247 -26.85 10.46 -3.06
C SER J 247 -26.78 10.62 -1.55
N ILE J 248 -25.64 10.28 -0.96
CA ILE J 248 -25.45 10.46 0.48
C ILE J 248 -24.80 11.83 0.66
N LYS J 249 -25.61 12.86 0.59
CA LYS J 249 -25.06 14.21 0.72
C LYS J 249 -25.96 15.09 1.57
N SER J 250 -26.58 14.52 2.58
CA SER J 250 -27.31 15.32 3.55
C SER J 250 -26.45 15.55 4.78
N GLY J 251 -26.75 16.62 5.49
CA GLY J 251 -25.99 16.87 6.69
C GLY J 251 -24.57 17.32 6.38
N ILE J 252 -23.65 16.94 7.25
CA ILE J 252 -22.28 17.38 7.13
C ILE J 252 -21.56 16.77 5.95
N LEU J 253 -22.11 15.75 5.33
CA LEU J 253 -21.48 15.21 4.14
C LEU J 253 -21.72 16.06 2.92
N ARG J 254 -22.56 17.08 3.02
CA ARG J 254 -22.81 17.97 1.90
C ARG J 254 -21.53 18.69 1.49
N ALA J 255 -20.76 19.10 2.49
CA ALA J 255 -19.49 19.83 2.28
C ALA J 255 -18.35 18.85 1.98
N ASP J 256 -18.58 17.54 2.17
CA ASP J 256 -17.54 16.49 1.95
C ASP J 256 -17.28 16.29 0.45
N SER J 257 -16.05 16.55 -0.01
CA SER J 257 -15.69 16.42 -1.44
C SER J 257 -15.14 15.03 -1.79
N THR J 258 -14.87 14.18 -0.79
CA THR J 258 -14.32 12.82 -1.07
C THR J 258 -15.47 11.89 -1.49
N VAL J 259 -16.71 12.33 -1.26
CA VAL J 259 -17.93 11.60 -1.57
C VAL J 259 -18.43 12.04 -2.94
N PRO J 260 -18.59 11.13 -3.89
CA PRO J 260 -19.16 11.51 -5.19
C PRO J 260 -20.58 12.01 -5.04
N ASP J 261 -21.04 12.69 -6.08
CA ASP J 261 -22.34 13.33 -6.00
C ASP J 261 -23.47 12.32 -5.91
N GLN J 262 -23.30 11.16 -6.55
CA GLN J 262 -24.37 10.18 -6.57
C GLN J 262 -23.81 8.80 -6.87
N PHE J 263 -24.53 7.78 -6.40
CA PHE J 263 -24.12 6.39 -6.52
C PHE J 263 -25.14 5.61 -7.33
N GLN J 264 -24.68 4.61 -8.04
CA GLN J 264 -25.55 3.74 -8.84
C GLN J 264 -25.90 2.52 -8.01
N CYS J 265 -27.10 2.50 -7.44
CA CYS J 265 -27.57 1.38 -6.67
C CYS J 265 -28.51 0.52 -7.48
N LYS J 266 -28.57 -0.77 -7.18
CA LYS J 266 -29.48 -1.68 -7.83
C LYS J 266 -30.14 -2.58 -6.80
N LEU J 267 -31.46 -2.71 -6.88
CA LEU J 267 -32.22 -3.58 -6.00
C LEU J 267 -32.19 -4.98 -6.59
N ILE J 268 -31.30 -5.82 -6.07
CA ILE J 268 -31.28 -7.21 -6.50
C ILE J 268 -32.61 -7.84 -6.11
N ALA J 269 -32.91 -8.97 -6.74
CA ALA J 269 -34.08 -9.77 -6.44
C ALA J 269 -35.37 -9.07 -6.79
N VAL J 270 -35.33 -8.12 -7.72
CA VAL J 270 -36.57 -7.59 -8.27
C VAL J 270 -37.05 -8.44 -9.44
N GLY J 271 -36.13 -8.99 -10.22
CA GLY J 271 -36.53 -9.91 -11.27
C GLY J 271 -37.24 -11.13 -10.71
N ILE J 272 -36.74 -11.65 -9.59
CA ILE J 272 -37.40 -12.75 -8.91
C ILE J 272 -38.78 -12.32 -8.44
N PHE J 273 -38.89 -11.11 -7.90
CA PHE J 273 -40.19 -10.63 -7.45
C PHE J 273 -41.17 -10.57 -8.59
N GLN J 274 -40.74 -10.12 -9.76
CA GLN J 274 -41.66 -9.96 -10.87
C GLN J 274 -42.05 -11.31 -11.44
N LEU J 275 -41.12 -12.25 -11.51
CA LEU J 275 -41.48 -13.59 -11.93
C LEU J 275 -42.48 -14.24 -10.97
N LEU J 276 -42.25 -14.10 -9.68
CA LEU J 276 -43.17 -14.70 -8.73
C LEU J 276 -44.51 -13.98 -8.73
N SER J 277 -44.44 -12.68 -9.07
CA SER J 277 -45.65 -11.82 -9.16
C SER J 277 -46.53 -12.31 -10.32
N VAL J 278 -45.92 -12.70 -11.44
CA VAL J 278 -46.75 -13.18 -12.55
C VAL J 278 -47.28 -14.56 -12.24
N ILE J 279 -46.52 -15.38 -11.51
CA ILE J 279 -47.06 -16.69 -11.10
C ILE J 279 -48.28 -16.52 -10.21
N ASN J 280 -48.16 -15.64 -9.22
CA ASN J 280 -49.28 -15.39 -8.32
C ASN J 280 -50.48 -14.83 -9.07
N LEU J 281 -50.25 -13.93 -10.02
CA LEU J 281 -51.35 -13.37 -10.77
C LEU J 281 -52.06 -14.43 -11.60
N VAL J 282 -51.30 -15.34 -12.19
CA VAL J 282 -51.91 -16.42 -12.96
C VAL J 282 -52.79 -17.26 -12.05
N VAL J 283 -52.27 -17.67 -10.89
CA VAL J 283 -53.08 -18.52 -10.03
C VAL J 283 -54.31 -17.79 -9.52
N TYR J 284 -54.18 -16.52 -9.20
CA TYR J 284 -55.33 -15.81 -8.67
C TYR J 284 -56.39 -15.54 -9.73
N VAL J 285 -55.97 -15.29 -10.97
CA VAL J 285 -56.97 -15.09 -12.00
C VAL J 285 -57.60 -16.41 -12.42
N LEU J 286 -56.95 -17.54 -12.14
CA LEU J 286 -57.63 -18.82 -12.30
C LEU J 286 -58.56 -19.09 -11.12
N LEU J 287 -58.23 -18.55 -9.95
CA LEU J 287 -59.01 -18.83 -8.75
C LEU J 287 -60.28 -18.00 -8.67
N ALA J 288 -60.25 -16.78 -9.20
CA ALA J 288 -61.43 -15.91 -9.12
C ALA J 288 -62.69 -16.55 -9.70
N PRO J 289 -62.67 -17.22 -10.86
CA PRO J 289 -63.91 -17.85 -11.32
C PRO J 289 -64.46 -18.88 -10.36
N VAL J 290 -63.59 -19.58 -9.62
CA VAL J 290 -64.06 -20.55 -8.66
C VAL J 290 -64.85 -19.85 -7.55
N VAL J 291 -64.33 -18.73 -7.07
CA VAL J 291 -65.05 -17.98 -6.04
C VAL J 291 -66.38 -17.49 -6.57
N VAL J 292 -66.39 -16.99 -7.80
CA VAL J 292 -67.66 -16.52 -8.37
C VAL J 292 -68.65 -17.68 -8.47
N TYR J 293 -68.18 -18.85 -8.83
CA TYR J 293 -69.08 -19.98 -8.94
C TYR J 293 -69.63 -20.36 -7.58
N THR J 294 -68.79 -20.39 -6.55
CA THR J 294 -69.30 -20.65 -5.21
C THR J 294 -70.33 -19.60 -4.79
N LEU J 295 -70.25 -18.40 -5.36
CA LEU J 295 -71.18 -17.35 -4.97
C LEU J 295 -72.63 -17.72 -5.27
N PHE J 296 -72.87 -18.62 -6.22
CA PHE J 296 -74.24 -19.05 -6.54
C PHE J 296 -74.59 -20.29 -5.74
N VAL J 297 -75.00 -20.07 -4.50
CA VAL J 297 -75.27 -21.18 -3.59
C VAL J 297 -76.47 -22.04 -4.00
N PRO J 298 -77.56 -21.51 -4.57
CA PRO J 298 -78.65 -22.42 -4.95
C PRO J 298 -78.25 -23.33 -6.09
N PHE J 299 -77.56 -22.78 -7.10
CA PHE J 299 -77.14 -23.58 -8.24
C PHE J 299 -76.31 -24.78 -7.82
N ARG J 300 -75.50 -24.64 -6.77
CA ARG J 300 -74.67 -25.74 -6.34
C ARG J 300 -75.42 -26.83 -5.60
N GLN J 301 -76.61 -26.53 -5.09
CA GLN J 301 -77.41 -27.53 -4.40
C GLN J 301 -77.88 -28.56 -5.42
N LYS J 302 -77.19 -29.70 -5.46
CA LYS J 302 -77.49 -30.73 -6.43
C LYS J 302 -77.29 -32.09 -5.77
N THR J 303 -77.78 -33.13 -6.45
CA THR J 303 -77.73 -34.51 -5.96
C THR J 303 -78.34 -34.60 -4.56
N ASP J 304 -79.64 -34.31 -4.51
CA ASP J 304 -80.35 -34.17 -3.24
C ASP J 304 -80.23 -35.41 -2.37
N VAL J 305 -79.55 -35.26 -1.24
CA VAL J 305 -79.49 -36.35 -0.26
C VAL J 305 -80.87 -36.54 0.37
N LEU J 306 -81.63 -35.46 0.52
CA LEU J 306 -82.95 -35.57 1.09
C LEU J 306 -83.86 -36.47 0.26
N LYS J 307 -83.60 -36.57 -1.05
CA LYS J 307 -84.41 -37.42 -1.90
C LYS J 307 -84.35 -38.87 -1.45
N VAL J 308 -83.18 -39.32 -1.01
CA VAL J 308 -83.01 -40.70 -0.56
C VAL J 308 -83.96 -40.99 0.60
N TYR J 309 -83.98 -40.11 1.59
CA TYR J 309 -84.86 -40.33 2.74
C TYR J 309 -86.32 -40.11 2.35
N GLU J 310 -86.56 -39.24 1.36
CA GLU J 310 -87.91 -39.08 0.82
C GLU J 310 -88.43 -40.37 0.23
N ILE J 311 -87.53 -41.19 -0.31
CA ILE J 311 -87.93 -42.52 -0.79
C ILE J 311 -88.51 -43.35 0.34
N LEU J 312 -87.97 -43.19 1.54
CA LEU J 312 -88.54 -43.88 2.69
C LEU J 312 -89.97 -43.40 2.94
N PRO J 313 -90.89 -44.30 3.27
CA PRO J 313 -92.30 -43.88 3.43
C PRO J 313 -92.54 -42.99 4.64
N THR J 314 -91.92 -43.30 5.78
CA THR J 314 -92.22 -42.57 7.01
C THR J 314 -91.89 -41.09 6.88
N PHE J 315 -90.73 -40.77 6.33
CA PHE J 315 -90.39 -39.38 6.06
C PHE J 315 -91.25 -38.85 4.92
N ASP J 316 -91.55 -37.56 4.98
CA ASP J 316 -92.34 -36.93 3.94
C ASP J 316 -91.63 -37.05 2.60
N VAL J 317 -92.38 -37.45 1.58
CA VAL J 317 -91.77 -37.70 0.27
C VAL J 317 -91.75 -36.37 -0.47
N LEU J 318 -90.76 -35.55 -0.16
CA LEU J 318 -90.51 -34.30 -0.85
C LEU J 318 -89.05 -33.93 -0.63
N HIS J 319 -88.45 -33.32 -1.65
CA HIS J 319 -87.14 -32.71 -1.43
C HIS J 319 -87.26 -31.54 -0.46
N PHE J 320 -88.25 -30.68 -0.67
CA PHE J 320 -88.53 -29.53 0.20
C PHE J 320 -87.27 -28.75 0.53
N LYS J 321 -86.29 -28.78 -0.38
CA LYS J 321 -85.02 -28.11 -0.12
C LYS J 321 -84.38 -27.77 -1.48
N SER J 322 -84.55 -26.51 -1.88
CA SER J 322 -83.96 -25.95 -3.09
C SER J 322 -84.49 -24.54 -3.28
N GLU J 323 -83.97 -23.86 -4.31
CA GLU J 323 -84.61 -22.71 -4.93
C GLU J 323 -84.85 -21.58 -3.92
N GLY J 324 -83.75 -21.02 -3.44
CA GLY J 324 -83.87 -19.86 -2.59
C GLY J 324 -82.56 -19.30 -2.09
N TYR J 325 -82.49 -17.98 -1.94
CA TYR J 325 -81.39 -17.34 -1.23
C TYR J 325 -81.68 -17.29 0.26
N ASN J 326 -81.80 -18.48 0.83
CA ASN J 326 -82.19 -18.67 2.21
C ASN J 326 -81.27 -19.69 2.85
N ASP J 327 -81.26 -19.70 4.19
CA ASP J 327 -80.36 -20.57 4.91
C ASP J 327 -80.58 -22.04 4.59
N LEU J 328 -81.74 -22.37 4.01
CA LEU J 328 -82.00 -23.77 3.66
C LEU J 328 -81.03 -24.25 2.59
N SER J 329 -80.69 -23.41 1.63
CA SER J 329 -79.75 -23.82 0.60
C SER J 329 -78.36 -24.07 1.20
N LEU J 330 -77.93 -23.19 2.11
CA LEU J 330 -76.68 -23.43 2.81
C LEU J 330 -76.72 -24.76 3.55
N TYR J 331 -77.80 -25.01 4.29
CA TYR J 331 -77.88 -26.25 5.03
C TYR J 331 -77.90 -27.44 4.10
N ASN J 332 -78.45 -27.28 2.90
CA ASN J 332 -78.41 -28.35 1.92
C ASN J 332 -76.99 -28.65 1.49
N LEU J 333 -76.21 -27.61 1.22
CA LEU J 333 -74.82 -27.83 0.84
C LEU J 333 -74.06 -28.52 1.96
N PHE J 334 -74.21 -28.02 3.18
CA PHE J 334 -73.46 -28.60 4.28
C PHE J 334 -73.95 -30.00 4.63
N LEU J 335 -75.21 -30.29 4.35
CA LEU J 335 -75.71 -31.65 4.52
C LEU J 335 -75.11 -32.58 3.50
N GLU J 336 -75.10 -32.17 2.23
CA GLU J 336 -74.41 -32.97 1.22
C GLU J 336 -72.96 -33.20 1.60
N GLU J 337 -72.35 -32.23 2.29
CA GLU J 337 -70.95 -32.39 2.64
C GLU J 337 -70.77 -33.38 3.80
N ASN J 338 -71.37 -33.10 4.95
CA ASN J 338 -71.18 -33.93 6.13
C ASN J 338 -72.09 -35.14 6.18
N ILE J 339 -72.75 -35.47 5.06
CA ILE J 339 -73.75 -36.54 5.12
C ILE J 339 -73.11 -37.92 5.04
N SER J 340 -71.87 -38.04 4.56
CA SER J 340 -71.26 -39.35 4.43
C SER J 340 -70.93 -39.98 5.76
N GLU J 341 -70.84 -39.18 6.83
CA GLU J 341 -70.43 -39.73 8.12
C GLU J 341 -71.52 -40.57 8.78
N VAL J 342 -72.79 -40.33 8.46
CA VAL J 342 -73.87 -41.11 9.04
C VAL J 342 -74.06 -42.39 8.24
N LYS J 343 -74.01 -43.53 8.94
CA LYS J 343 -74.12 -44.82 8.28
C LYS J 343 -75.54 -45.04 7.75
N SER J 344 -76.55 -44.47 8.41
CA SER J 344 -77.93 -44.63 7.96
C SER J 344 -78.08 -44.11 6.54
N TYR J 345 -77.49 -42.96 6.23
CA TYR J 345 -77.53 -42.47 4.87
C TYR J 345 -76.89 -43.46 3.92
N LYS J 346 -75.75 -44.03 4.31
CA LYS J 346 -75.07 -44.98 3.44
C LYS J 346 -75.97 -46.15 3.09
N CYS J 347 -76.64 -46.71 4.10
CA CYS J 347 -77.53 -47.83 3.85
C CYS J 347 -78.68 -47.42 2.94
N LEU J 348 -79.27 -46.27 3.19
CA LEU J 348 -80.42 -45.87 2.39
C LEU J 348 -80.00 -45.56 0.95
N LYS J 349 -78.78 -45.05 0.77
CA LYS J 349 -78.28 -44.76 -0.57
C LYS J 349 -78.03 -46.03 -1.36
N VAL J 350 -77.45 -47.04 -0.72
CA VAL J 350 -77.23 -48.29 -1.45
C VAL J 350 -78.57 -48.94 -1.76
N LEU J 351 -79.55 -48.82 -0.86
CA LEU J 351 -80.91 -49.28 -1.19
C LEU J 351 -81.48 -48.53 -2.38
N GLU J 352 -81.25 -47.22 -2.46
CA GLU J 352 -81.76 -46.46 -3.61
C GLU J 352 -81.06 -46.88 -4.89
N ASN J 353 -79.77 -47.20 -4.81
CA ASN J 353 -79.07 -47.70 -5.98
C ASN J 353 -79.63 -49.04 -6.42
N ILE J 354 -79.93 -49.92 -5.47
CA ILE J 354 -80.56 -51.19 -5.82
C ILE J 354 -81.92 -50.94 -6.46
N LYS J 355 -82.64 -49.93 -5.95
CA LYS J 355 -83.88 -49.53 -6.61
C LYS J 355 -83.61 -49.11 -8.04
N SER J 356 -82.51 -48.41 -8.28
CA SER J 356 -82.11 -48.09 -9.64
C SER J 356 -81.90 -49.36 -10.44
N SER J 357 -81.26 -50.36 -9.83
CA SER J 357 -81.19 -51.69 -10.43
C SER J 357 -82.58 -52.33 -10.50
N GLY J 358 -83.40 -52.10 -9.48
CA GLY J 358 -84.77 -52.55 -9.48
C GLY J 358 -84.95 -54.06 -9.43
N GLN J 359 -84.29 -54.71 -8.47
CA GLN J 359 -84.36 -56.16 -8.34
C GLN J 359 -85.33 -56.59 -7.24
N GLY J 360 -85.12 -56.13 -6.01
CA GLY J 360 -85.96 -56.54 -4.90
C GLY J 360 -86.97 -55.51 -4.46
N ILE J 361 -86.89 -55.12 -3.19
CA ILE J 361 -87.81 -54.14 -2.61
C ILE J 361 -87.09 -53.41 -1.49
N ASP J 362 -87.56 -52.19 -1.21
CA ASP J 362 -86.90 -51.37 -0.18
C ASP J 362 -87.03 -51.96 1.21
N PRO J 363 -88.24 -52.23 1.74
CA PRO J 363 -88.30 -52.62 3.16
C PRO J 363 -87.68 -53.97 3.45
N MET J 364 -87.81 -54.94 2.53
CA MET J 364 -87.25 -56.26 2.78
C MET J 364 -85.73 -56.20 2.88
N LEU J 365 -85.07 -55.59 1.90
CA LEU J 365 -83.62 -55.47 1.95
C LEU J 365 -83.16 -54.56 3.07
N LEU J 366 -83.97 -53.59 3.46
CA LEU J 366 -83.61 -52.75 4.61
C LEU J 366 -83.61 -53.56 5.90
N LEU J 367 -84.64 -54.40 6.08
CA LEU J 367 -84.66 -55.29 7.25
C LEU J 367 -83.51 -56.29 7.19
N THR J 368 -83.14 -56.73 5.99
CA THR J 368 -82.00 -57.63 5.85
C THR J 368 -80.69 -56.94 6.22
N ASN J 369 -80.56 -55.66 5.87
CA ASN J 369 -79.37 -54.87 6.15
C ASN J 369 -78.88 -55.02 7.60
N LEU J 370 -79.75 -54.68 8.55
CA LEU J 370 -79.43 -54.73 9.98
C LEU J 370 -78.25 -53.82 10.31
N GLY J 371 -78.46 -52.54 10.04
CA GLY J 371 -77.47 -51.50 10.24
C GLY J 371 -77.95 -50.37 11.16
N MET J 372 -78.65 -50.74 12.23
CA MET J 372 -79.17 -49.73 13.17
C MET J 372 -78.04 -48.95 13.82
N ILE J 373 -76.96 -49.61 14.20
CA ILE J 373 -75.84 -48.95 14.82
C ILE J 373 -74.52 -49.57 14.36
N ALA K 2 -37.94 -16.22 8.69
CA ALA K 2 -38.65 -16.03 7.44
C ALA K 2 -39.96 -15.31 7.69
N ILE K 3 -40.39 -14.53 6.71
CA ILE K 3 -41.65 -13.72 6.81
C ILE K 3 -42.86 -14.65 6.91
N ALA K 4 -42.82 -15.81 6.22
CA ALA K 4 -43.94 -16.73 6.26
C ALA K 4 -44.05 -17.45 7.58
N GLN K 5 -42.92 -17.73 8.24
CA GLN K 5 -42.99 -18.39 9.54
C GLN K 5 -43.63 -17.48 10.57
N LEU K 6 -43.27 -16.19 10.56
CA LEU K 6 -43.94 -15.24 11.44
C LEU K 6 -45.43 -15.18 11.13
N ALA K 7 -45.79 -15.20 9.86
CA ALA K 7 -47.19 -15.21 9.50
C ALA K 7 -47.91 -16.39 10.13
N THR K 8 -47.42 -17.60 9.88
CA THR K 8 -48.04 -18.79 10.46
C THR K 8 -48.18 -18.62 11.96
N GLU K 9 -47.06 -18.36 12.63
CA GLU K 9 -47.03 -18.33 14.08
C GLU K 9 -48.01 -17.32 14.66
N TYR K 10 -48.15 -16.16 14.04
CA TYR K 10 -48.87 -15.07 14.70
C TYR K 10 -50.25 -14.79 14.13
N VAL K 11 -50.64 -15.35 12.99
CA VAL K 11 -52.00 -15.23 12.51
C VAL K 11 -52.64 -16.59 12.29
N PHE K 12 -51.91 -17.54 11.70
CA PHE K 12 -52.55 -18.79 11.32
C PHE K 12 -52.52 -19.83 12.42
N SER K 13 -51.55 -19.76 13.33
CA SER K 13 -51.60 -20.61 14.49
C SER K 13 -52.61 -20.06 15.49
N ASP K 14 -53.00 -20.90 16.44
CA ASP K 14 -53.93 -20.48 17.47
C ASP K 14 -53.18 -19.73 18.56
N PHE K 15 -52.43 -18.72 18.16
CA PHE K 15 -51.66 -17.91 19.11
C PHE K 15 -52.61 -17.16 20.03
N LEU K 16 -52.45 -17.37 21.34
CA LEU K 16 -53.34 -16.82 22.36
C LEU K 16 -54.79 -17.26 22.16
N LEU K 17 -55.00 -18.28 21.34
CA LEU K 17 -56.29 -18.95 21.23
C LEU K 17 -56.27 -20.32 21.88
N LYS K 18 -55.23 -20.61 22.67
CA LYS K 18 -55.12 -21.90 23.34
C LYS K 18 -56.18 -22.01 24.43
N GLU K 19 -56.99 -23.06 24.34
CA GLU K 19 -57.96 -23.32 25.40
C GLU K 19 -57.22 -23.67 26.69
N PRO K 20 -57.84 -23.45 27.85
CA PRO K 20 -57.17 -23.77 29.12
C PRO K 20 -56.75 -25.23 29.18
N THR K 21 -55.45 -25.46 29.26
CA THR K 21 -54.89 -26.82 29.36
C THR K 21 -55.11 -27.32 30.79
N GLU K 22 -56.34 -27.68 31.08
CA GLU K 22 -56.74 -28.14 32.41
C GLU K 22 -58.12 -28.76 32.34
N PRO K 23 -58.39 -29.81 33.13
CA PRO K 23 -59.73 -30.39 33.15
C PRO K 23 -60.75 -29.57 33.93
N LYS K 24 -60.33 -28.48 34.57
CA LYS K 24 -61.28 -27.66 35.32
C LYS K 24 -62.21 -26.90 34.38
N PHE K 25 -61.66 -26.29 33.34
CA PHE K 25 -62.44 -25.60 32.33
C PHE K 25 -62.27 -26.37 31.02
N LYS K 26 -63.22 -27.27 30.75
CA LYS K 26 -63.23 -28.07 29.53
C LYS K 26 -64.44 -27.65 28.72
N GLY K 27 -64.21 -26.85 27.69
CA GLY K 27 -65.28 -26.33 26.87
C GLY K 27 -65.98 -25.10 27.40
N LEU K 28 -65.73 -24.70 28.64
CA LEU K 28 -66.24 -23.42 29.13
C LEU K 28 -65.34 -22.29 28.67
N ARG K 29 -65.94 -21.24 28.12
CA ARG K 29 -65.14 -20.20 27.47
C ARG K 29 -64.55 -19.22 28.48
N LEU K 30 -65.40 -18.63 29.34
CA LEU K 30 -65.03 -17.66 30.36
C LEU K 30 -64.53 -16.35 29.78
N GLU K 31 -64.47 -16.20 28.46
CA GLU K 31 -64.12 -14.93 27.84
C GLU K 31 -64.96 -14.78 26.59
N LEU K 32 -65.73 -13.69 26.53
CA LEU K 32 -66.57 -13.46 25.38
C LEU K 32 -65.72 -13.40 24.11
N ALA K 33 -66.25 -13.97 23.03
CA ALA K 33 -65.47 -14.11 21.81
C ALA K 33 -64.92 -12.77 21.33
N VAL K 34 -65.73 -11.71 21.43
CA VAL K 34 -65.25 -10.42 20.98
C VAL K 34 -64.10 -9.94 21.86
N ASP K 35 -64.14 -10.23 23.15
CA ASP K 35 -63.03 -9.87 24.01
C ASP K 35 -61.79 -10.67 23.66
N LYS K 36 -61.97 -11.94 23.35
CA LYS K 36 -60.84 -12.77 22.96
C LYS K 36 -60.18 -12.24 21.70
N MET K 37 -60.97 -11.87 20.70
CA MET K 37 -60.37 -11.37 19.46
C MET K 37 -59.77 -9.99 19.66
N VAL K 38 -60.37 -9.16 20.49
CA VAL K 38 -59.80 -7.85 20.75
C VAL K 38 -58.44 -7.99 21.40
N THR K 39 -58.34 -8.85 22.40
CA THR K 39 -57.05 -9.07 23.04
C THR K 39 -56.06 -9.66 22.06
N CYS K 40 -56.47 -10.65 21.29
CA CYS K 40 -55.57 -11.29 20.34
C CYS K 40 -54.99 -10.27 19.38
N ILE K 41 -55.84 -9.44 18.79
CA ILE K 41 -55.33 -8.42 17.88
C ILE K 41 -54.43 -7.45 18.63
N ALA K 42 -54.98 -6.79 19.65
CA ALA K 42 -54.27 -5.71 20.32
C ALA K 42 -52.92 -6.15 20.88
N VAL K 43 -52.73 -7.43 21.15
CA VAL K 43 -51.49 -7.92 21.72
C VAL K 43 -50.58 -8.53 20.67
N GLY K 44 -51.12 -9.36 19.78
CA GLY K 44 -50.28 -10.01 18.80
C GLY K 44 -49.84 -9.10 17.68
N LEU K 45 -50.59 -8.04 17.39
CA LEU K 45 -50.19 -7.17 16.29
C LEU K 45 -48.87 -6.47 16.56
N PRO K 46 -48.63 -5.84 17.71
CA PRO K 46 -47.30 -5.27 17.93
C PRO K 46 -46.20 -6.31 17.92
N LEU K 47 -46.46 -7.54 18.37
CA LEU K 47 -45.42 -8.54 18.31
C LEU K 47 -45.11 -8.95 16.88
N LEU K 48 -46.15 -9.15 16.06
CA LEU K 48 -45.91 -9.46 14.67
C LEU K 48 -45.18 -8.32 13.98
N LEU K 49 -45.52 -7.08 14.33
CA LEU K 49 -44.86 -5.95 13.72
C LEU K 49 -43.39 -5.86 14.12
N ILE K 50 -43.10 -6.13 15.39
CA ILE K 50 -41.71 -6.17 15.83
C ILE K 50 -40.95 -7.22 15.06
N SER K 51 -41.54 -8.40 14.91
CA SER K 51 -40.85 -9.46 14.18
C SER K 51 -40.65 -9.10 12.72
N LEU K 52 -41.60 -8.38 12.13
CA LEU K 52 -41.44 -8.00 10.73
C LEU K 52 -40.38 -6.94 10.55
N ALA K 53 -40.28 -6.00 11.48
CA ALA K 53 -39.33 -4.90 11.31
C ALA K 53 -37.89 -5.37 11.23
N PHE K 54 -37.60 -6.59 11.68
CA PHE K 54 -36.26 -7.14 11.62
C PHE K 54 -36.22 -8.45 10.85
N ALA K 55 -37.20 -8.67 9.98
CA ALA K 55 -37.16 -9.82 9.10
C ALA K 55 -35.89 -9.78 8.26
N GLN K 56 -35.32 -10.95 8.01
CA GLN K 56 -34.02 -10.99 7.35
C GLN K 56 -34.07 -10.45 5.93
N GLU K 57 -35.26 -10.37 5.34
CA GLU K 57 -35.40 -9.89 3.98
C GLU K 57 -35.74 -8.41 3.89
N ILE K 58 -36.02 -7.75 5.00
CA ILE K 58 -36.07 -6.30 5.01
C ILE K 58 -34.81 -5.70 5.62
N SER K 59 -34.20 -6.38 6.58
CA SER K 59 -33.03 -5.84 7.26
C SER K 59 -31.83 -5.89 6.33
N ILE K 60 -31.17 -4.75 6.17
CA ILE K 60 -29.99 -4.69 5.32
C ILE K 60 -28.77 -5.17 6.08
N GLY K 61 -28.78 -5.05 7.40
CA GLY K 61 -27.61 -5.30 8.19
C GLY K 61 -27.77 -4.75 9.59
N THR K 62 -26.79 -3.97 10.03
CA THR K 62 -26.85 -3.31 11.32
C THR K 62 -27.94 -2.25 11.36
N GLN K 63 -28.18 -1.72 12.55
CA GLN K 63 -29.18 -0.68 12.73
C GLN K 63 -28.62 0.72 12.57
N ILE K 64 -27.30 0.88 12.58
CA ILE K 64 -26.69 2.20 12.49
C ILE K 64 -25.41 2.08 11.68
N SER K 65 -25.10 3.13 10.93
CA SER K 65 -23.87 3.21 10.17
C SER K 65 -23.43 4.67 10.13
N CYS K 66 -22.13 4.92 10.22
CA CYS K 66 -21.68 6.25 10.59
C CYS K 66 -20.69 6.91 9.63
N PHE K 67 -20.19 6.23 8.60
CA PHE K 67 -19.34 6.86 7.59
C PHE K 67 -18.11 7.54 8.21
N SER K 68 -17.22 6.71 8.72
CA SER K 68 -15.92 7.16 9.15
C SER K 68 -15.07 7.57 7.94
N PRO K 69 -13.98 8.29 8.17
CA PRO K 69 -13.07 8.63 7.08
C PRO K 69 -12.46 7.39 6.45
N SER K 70 -11.95 7.56 5.22
CA SER K 70 -11.32 6.45 4.53
C SER K 70 -10.02 6.05 5.19
N SER K 71 -9.39 6.98 5.90
CA SER K 71 -8.16 6.66 6.62
C SER K 71 -8.40 5.67 7.73
N PHE K 72 -9.61 5.64 8.28
CA PHE K 72 -9.91 4.78 9.40
C PHE K 72 -9.81 3.32 9.00
N SER K 73 -9.25 2.50 9.88
CA SER K 73 -9.22 1.07 9.63
C SER K 73 -10.62 0.51 9.85
N TRP K 74 -10.75 -0.78 9.57
CA TRP K 74 -12.04 -1.45 9.77
C TRP K 74 -12.47 -1.36 11.22
N ARG K 75 -11.54 -1.57 12.15
CA ARG K 75 -11.89 -1.60 13.55
C ARG K 75 -12.16 -0.21 14.09
N GLN K 76 -11.51 0.82 13.55
CA GLN K 76 -11.83 2.17 13.97
C GLN K 76 -13.24 2.55 13.55
N ALA K 77 -13.62 2.16 12.33
CA ALA K 77 -14.99 2.42 11.89
C ALA K 77 -15.98 1.67 12.77
N ALA K 78 -15.66 0.44 13.14
CA ALA K 78 -16.54 -0.30 14.04
C ALA K 78 -16.65 0.41 15.38
N PHE K 79 -15.55 0.97 15.87
CA PHE K 79 -15.61 1.74 17.10
C PHE K 79 -16.53 2.93 16.95
N VAL K 80 -16.46 3.61 15.82
CA VAL K 80 -17.31 4.78 15.62
C VAL K 80 -18.78 4.39 15.65
N ASP K 81 -19.11 3.32 14.93
CA ASP K 81 -20.50 2.84 14.92
C ASP K 81 -20.97 2.52 16.32
N SER K 82 -20.18 1.73 17.06
CA SER K 82 -20.58 1.33 18.39
C SER K 82 -20.70 2.52 19.32
N TYR K 83 -19.76 3.44 19.25
CA TYR K 83 -19.80 4.60 20.13
C TYR K 83 -21.04 5.42 19.87
N CYS K 84 -21.34 5.68 18.60
CA CYS K 84 -22.50 6.53 18.33
C CYS K 84 -23.80 5.82 18.70
N TRP K 85 -23.86 4.51 18.47
CA TRP K 85 -25.01 3.74 18.90
C TRP K 85 -25.23 3.87 20.39
N ALA K 86 -24.17 3.73 21.17
CA ALA K 86 -24.30 3.89 22.61
C ALA K 86 -24.48 5.33 23.01
N ALA K 87 -24.18 6.26 22.13
CA ALA K 87 -24.19 7.67 22.44
C ALA K 87 -25.50 8.34 22.06
N VAL K 88 -26.43 7.62 21.45
CA VAL K 88 -27.76 8.22 21.32
C VAL K 88 -28.37 8.51 22.67
N GLN K 89 -27.86 7.90 23.75
CA GLN K 89 -28.33 8.25 25.08
C GLN K 89 -27.62 9.48 25.63
N GLN K 90 -26.30 9.50 25.58
CA GLN K 90 -25.55 10.62 26.12
C GLN K 90 -25.78 11.85 25.26
N LYS K 91 -26.56 12.80 25.77
CA LYS K 91 -26.99 13.93 24.96
C LYS K 91 -25.87 14.89 24.61
N ASN K 92 -24.76 14.86 25.35
CA ASN K 92 -23.70 15.82 25.12
C ASN K 92 -22.94 15.55 23.83
N SER K 93 -22.81 14.29 23.44
CA SER K 93 -21.95 13.93 22.31
C SER K 93 -22.63 14.17 20.97
N LEU K 94 -23.91 13.84 20.86
CA LEU K 94 -24.59 13.90 19.58
C LEU K 94 -25.38 15.19 19.43
N GLN K 95 -25.41 15.71 18.21
CA GLN K 95 -26.14 16.93 17.87
C GLN K 95 -27.04 16.64 16.68
N SER K 96 -28.35 16.67 16.91
CA SER K 96 -29.33 16.39 15.87
C SER K 96 -30.28 17.57 15.72
N GLU K 97 -30.78 17.75 14.49
CA GLU K 97 -31.67 18.88 14.20
C GLU K 97 -32.99 18.77 14.96
N SER K 98 -33.52 17.56 15.09
CA SER K 98 -34.81 17.36 15.73
C SER K 98 -34.72 17.35 17.25
N GLY K 99 -33.61 16.89 17.80
CA GLY K 99 -33.46 16.72 19.24
C GLY K 99 -33.00 15.32 19.58
N ASN K 100 -32.90 15.07 20.87
CA ASN K 100 -32.47 13.75 21.33
C ASN K 100 -33.62 12.79 21.51
N LEU K 101 -34.81 13.30 21.87
CA LEU K 101 -35.94 12.41 22.08
C LEU K 101 -36.26 11.56 20.85
N PRO K 102 -36.27 12.10 19.63
CA PRO K 102 -36.47 11.20 18.48
C PRO K 102 -35.40 10.13 18.37
N LEU K 103 -34.16 10.44 18.75
CA LEU K 103 -33.12 9.43 18.69
C LEU K 103 -33.40 8.31 19.68
N TRP K 104 -33.75 8.67 20.91
CA TRP K 104 -34.17 7.69 21.89
C TRP K 104 -35.28 6.81 21.32
N LEU K 105 -36.30 7.45 20.75
CA LEU K 105 -37.45 6.72 20.25
C LEU K 105 -37.08 5.81 19.09
N HIS K 106 -36.12 6.21 18.28
CA HIS K 106 -35.72 5.38 17.15
C HIS K 106 -34.91 4.19 17.61
N LYS K 107 -34.11 4.35 18.64
CA LYS K 107 -33.33 3.21 19.12
C LYS K 107 -34.22 2.18 19.79
N PHE K 108 -35.18 2.63 20.60
CA PHE K 108 -35.95 1.74 21.45
C PHE K 108 -37.37 1.50 20.95
N PHE K 109 -37.59 1.61 19.65
CA PHE K 109 -38.92 1.31 19.12
C PHE K 109 -39.37 -0.11 19.42
N PRO K 110 -38.55 -1.15 19.23
CA PRO K 110 -39.03 -2.50 19.57
C PRO K 110 -39.41 -2.64 21.03
N TYR K 111 -38.62 -2.05 21.92
CA TYR K 111 -38.94 -2.16 23.33
C TYR K 111 -40.26 -1.49 23.65
N ILE K 112 -40.54 -0.35 23.03
CA ILE K 112 -41.79 0.34 23.31
C ILE K 112 -42.97 -0.44 22.78
N LEU K 113 -42.84 -1.03 21.60
CA LEU K 113 -43.94 -1.84 21.11
C LEU K 113 -44.17 -3.04 22.01
N LEU K 114 -43.11 -3.69 22.47
CA LEU K 114 -43.29 -4.83 23.36
C LEU K 114 -43.89 -4.40 24.69
N LEU K 115 -43.53 -3.22 25.17
CA LEU K 115 -44.16 -2.70 26.37
C LEU K 115 -45.64 -2.52 26.18
N PHE K 116 -46.05 -2.02 25.02
CA PHE K 116 -47.47 -1.89 24.75
C PHE K 116 -48.16 -3.24 24.68
N ALA K 117 -47.49 -4.22 24.09
CA ALA K 117 -48.07 -5.55 24.03
C ALA K 117 -48.29 -6.10 25.44
N ILE K 118 -47.32 -5.92 26.32
CA ILE K 118 -47.45 -6.44 27.68
C ILE K 118 -48.56 -5.70 28.43
N LEU K 119 -48.58 -4.38 28.33
CA LEU K 119 -49.61 -3.62 29.02
C LEU K 119 -50.99 -3.98 28.51
N LEU K 120 -51.12 -4.30 27.24
CA LEU K 120 -52.42 -4.71 26.73
C LEU K 120 -52.76 -6.14 27.11
N TYR K 121 -51.76 -6.95 27.39
CA TYR K 121 -52.00 -8.30 27.86
C TYR K 121 -52.37 -8.35 29.33
N LEU K 122 -52.02 -7.33 30.09
CA LEU K 122 -52.26 -7.36 31.53
C LEU K 122 -53.74 -7.46 31.91
N PRO K 123 -54.64 -6.63 31.40
CA PRO K 123 -56.03 -6.70 31.85
C PRO K 123 -56.68 -8.04 31.57
N PRO K 124 -56.49 -8.65 30.40
CA PRO K 124 -57.00 -10.01 30.22
C PRO K 124 -56.41 -11.00 31.20
N LEU K 125 -55.15 -10.82 31.58
CA LEU K 125 -54.57 -11.70 32.58
C LEU K 125 -55.25 -11.51 33.92
N PHE K 126 -55.50 -10.28 34.31
CA PHE K 126 -56.17 -10.04 35.60
C PHE K 126 -57.57 -10.63 35.58
N TRP K 127 -58.24 -10.55 34.44
CA TRP K 127 -59.55 -11.18 34.34
C TRP K 127 -59.44 -12.70 34.44
N ARG K 128 -58.48 -13.28 33.76
CA ARG K 128 -58.35 -14.73 33.73
C ARG K 128 -57.97 -15.29 35.09
N PHE K 129 -57.24 -14.52 35.89
CA PHE K 129 -56.77 -15.06 37.16
C PHE K 129 -57.57 -14.60 38.36
N ALA K 130 -58.22 -13.44 38.28
CA ALA K 130 -58.96 -12.94 39.43
C ALA K 130 -60.43 -13.34 39.41
N ALA K 131 -61.11 -13.16 38.29
CA ALA K 131 -62.56 -13.32 38.24
C ALA K 131 -63.02 -14.49 37.38
N ALA K 132 -62.14 -15.17 36.68
CA ALA K 132 -62.57 -16.26 35.83
C ALA K 132 -63.11 -17.46 36.61
N PRO K 133 -62.43 -17.93 37.67
CA PRO K 133 -62.92 -19.16 38.31
C PRO K 133 -64.30 -19.00 38.93
N HIS K 134 -64.59 -17.84 39.50
CA HIS K 134 -65.90 -17.60 40.10
C HIS K 134 -67.00 -17.81 39.08
N ILE K 135 -66.87 -17.14 37.93
CA ILE K 135 -67.91 -17.22 36.92
C ILE K 135 -67.92 -18.59 36.28
N CYS K 136 -66.76 -19.25 36.17
CA CYS K 136 -66.76 -20.60 35.62
C CYS K 136 -67.61 -21.53 36.47
N SER K 137 -67.37 -21.52 37.79
CA SER K 137 -68.12 -22.39 38.68
C SER K 137 -69.61 -22.04 38.64
N ASP K 138 -69.94 -20.75 38.71
CA ASP K 138 -71.35 -20.36 38.74
C ASP K 138 -72.04 -20.74 37.45
N LEU K 139 -71.44 -20.44 36.31
CA LEU K 139 -72.06 -20.75 35.04
C LEU K 139 -72.25 -22.26 34.87
N LYS K 140 -71.23 -23.05 35.25
CA LYS K 140 -71.37 -24.49 35.11
C LYS K 140 -72.49 -25.01 35.99
N PHE K 141 -72.57 -24.53 37.24
CA PHE K 141 -73.65 -24.95 38.12
C PHE K 141 -75.01 -24.53 37.56
N ILE K 142 -75.09 -23.31 37.02
CA ILE K 142 -76.36 -22.83 36.48
C ILE K 142 -76.80 -23.69 35.31
N MET K 143 -75.84 -24.09 34.46
CA MET K 143 -76.19 -24.93 33.33
C MET K 143 -76.65 -26.31 33.78
N GLU K 144 -75.97 -26.88 34.77
CA GLU K 144 -76.41 -28.18 35.30
C GLU K 144 -77.82 -28.09 35.86
N GLU K 145 -78.09 -27.05 36.65
CA GLU K 145 -79.41 -26.89 37.23
C GLU K 145 -80.47 -26.65 36.16
N LEU K 146 -80.06 -25.93 35.11
CA LEU K 146 -80.95 -25.63 33.95
C LEU K 146 -81.36 -26.97 33.33
N ASP K 147 -80.39 -27.84 33.08
CA ASP K 147 -80.67 -29.16 32.53
C ASP K 147 -81.60 -29.94 33.43
N LYS K 148 -81.38 -29.87 34.74
CA LYS K 148 -82.26 -30.57 35.67
C LYS K 148 -83.69 -30.03 35.60
N VAL K 149 -83.83 -28.72 35.44
CA VAL K 149 -85.17 -28.13 35.32
C VAL K 149 -85.86 -28.63 34.07
N TYR K 150 -85.13 -28.67 32.95
CA TYR K 150 -85.72 -29.19 31.72
C TYR K 150 -86.10 -30.66 31.87
N ASN K 151 -85.26 -31.43 32.55
CA ASN K 151 -85.57 -32.84 32.79
C ASN K 151 -86.83 -32.99 33.62
N ARG K 152 -86.99 -32.15 34.65
CA ARG K 152 -88.20 -32.19 35.46
C ARG K 152 -89.43 -31.86 34.62
N ALA K 153 -89.31 -30.86 33.74
CA ALA K 153 -90.44 -30.48 32.91
C ALA K 153 -90.85 -31.61 31.97
N ILE K 154 -89.87 -32.22 31.30
CA ILE K 154 -90.20 -33.29 30.36
C ILE K 154 -90.70 -34.52 31.10
N LYS K 155 -90.17 -34.78 32.30
CA LYS K 155 -90.65 -35.91 33.09
C LYS K 155 -92.11 -35.70 33.50
N ALA K 156 -92.45 -34.48 33.92
CA ALA K 156 -93.83 -34.17 34.25
C ALA K 156 -94.73 -34.31 33.03
N ALA K 157 -94.28 -33.84 31.87
CA ALA K 157 -95.09 -33.95 30.67
C ALA K 157 -95.33 -35.41 30.29
N LYS K 158 -94.26 -36.22 30.28
CA LYS K 158 -94.39 -37.64 29.94
C LYS K 158 -95.28 -38.37 30.95
N SER K 159 -95.13 -38.06 32.23
CA SER K 159 -95.97 -38.70 33.24
C SER K 159 -97.43 -38.33 33.05
N ALA K 160 -97.70 -37.07 32.69
CA ALA K 160 -99.07 -36.68 32.35
C ALA K 160 -99.57 -37.45 31.14
N ARG K 161 -98.70 -37.67 30.15
CA ARG K 161 -99.08 -38.48 28.99
C ARG K 161 -99.34 -39.92 29.39
N ASP K 162 -98.55 -40.46 30.31
CA ASP K 162 -98.72 -41.84 30.75
C ASP K 162 -99.63 -41.95 31.97
N PRO K 194 -87.09 -24.00 41.56
CA PRO K 194 -86.37 -22.96 40.81
C PRO K 194 -85.12 -22.48 41.53
N ILE K 195 -84.25 -23.40 41.94
CA ILE K 195 -83.05 -23.00 42.66
C ILE K 195 -82.14 -22.19 41.75
N VAL K 196 -82.04 -22.58 40.48
CA VAL K 196 -81.21 -21.82 39.55
C VAL K 196 -81.82 -20.46 39.27
N GLU K 197 -83.14 -20.38 39.21
CA GLU K 197 -83.79 -19.09 39.01
C GLU K 197 -83.52 -18.16 40.20
N GLN K 198 -83.57 -18.70 41.41
CA GLN K 198 -83.32 -17.87 42.58
C GLN K 198 -81.86 -17.47 42.68
N TYR K 199 -80.95 -18.35 42.25
CA TYR K 199 -79.54 -17.98 42.17
C TYR K 199 -79.33 -16.85 41.18
N LEU K 200 -80.05 -16.89 40.06
CA LEU K 200 -79.99 -15.80 39.10
C LEU K 200 -80.51 -14.51 39.72
N LYS K 201 -81.62 -14.59 40.44
CA LYS K 201 -82.15 -13.43 41.14
C LYS K 201 -81.12 -12.89 42.13
N THR K 202 -80.35 -13.78 42.74
CA THR K 202 -79.32 -13.36 43.68
C THR K 202 -78.20 -12.62 42.97
N LYS K 203 -77.71 -13.20 41.86
CA LYS K 203 -76.67 -12.54 41.08
C LYS K 203 -77.11 -11.18 40.58
N LYS K 204 -78.42 -10.99 40.40
CA LYS K 204 -78.93 -9.69 39.99
C LYS K 204 -78.55 -8.58 40.97
N ASN K 205 -78.11 -8.93 42.17
CA ASN K 205 -77.86 -7.95 43.22
C ASN K 205 -76.41 -7.46 43.21
N SER K 206 -75.46 -8.40 43.25
CA SER K 206 -74.05 -8.04 43.38
C SER K 206 -73.52 -7.43 42.10
N ASN K 207 -72.50 -6.58 42.24
CA ASN K 207 -71.88 -5.92 41.10
C ASN K 207 -70.35 -6.00 41.14
N ASN K 208 -69.81 -6.99 41.83
CA ASN K 208 -68.36 -7.17 41.84
C ASN K 208 -67.84 -7.58 40.48
N LEU K 209 -68.47 -8.61 39.91
CA LEU K 209 -68.07 -9.18 38.59
C LEU K 209 -68.19 -8.15 37.47
N ILE K 210 -69.13 -7.20 37.55
CA ILE K 210 -69.28 -6.25 36.46
C ILE K 210 -68.30 -5.10 36.60
N ILE K 211 -68.00 -4.66 37.82
CA ILE K 211 -67.01 -3.61 37.92
C ILE K 211 -65.64 -4.14 37.56
N LYS K 212 -65.34 -5.40 37.89
CA LYS K 212 -64.10 -5.99 37.42
C LYS K 212 -64.04 -6.01 35.90
N TYR K 213 -65.14 -6.41 35.26
CA TYR K 213 -65.16 -6.53 33.81
C TYR K 213 -64.96 -5.18 33.15
N ILE K 214 -65.77 -4.18 33.52
CA ILE K 214 -65.63 -2.88 32.88
C ILE K 214 -64.33 -2.23 33.28
N SER K 215 -63.71 -2.61 34.40
CA SER K 215 -62.41 -2.04 34.73
C SER K 215 -61.34 -2.58 33.80
N CYS K 216 -61.35 -3.89 33.54
CA CYS K 216 -60.40 -4.41 32.55
C CYS K 216 -60.65 -3.81 31.17
N ARG K 217 -61.92 -3.69 30.77
CA ARG K 217 -62.19 -3.11 29.46
C ARG K 217 -61.75 -1.66 29.40
N LEU K 218 -61.95 -0.91 30.49
CA LEU K 218 -61.58 0.49 30.49
C LEU K 218 -60.07 0.66 30.45
N LEU K 219 -59.34 -0.21 31.16
CA LEU K 219 -57.89 -0.13 31.08
C LEU K 219 -57.39 -0.51 29.70
N THR K 220 -58.01 -1.49 29.06
CA THR K 220 -57.63 -1.82 27.69
C THR K 220 -57.86 -0.62 26.78
N LEU K 221 -58.99 0.05 26.94
CA LEU K 221 -59.27 1.21 26.10
C LEU K 221 -58.27 2.33 26.37
N ILE K 222 -57.93 2.56 27.63
CA ILE K 222 -57.00 3.63 27.97
C ILE K 222 -55.64 3.34 27.39
N ILE K 223 -55.17 2.11 27.52
CA ILE K 223 -53.86 1.75 27.01
C ILE K 223 -53.84 1.82 25.48
N ILE K 224 -54.94 1.42 24.84
CA ILE K 224 -55.00 1.49 23.39
C ILE K 224 -54.98 2.95 22.94
N LEU K 225 -55.65 3.83 23.67
CA LEU K 225 -55.64 5.23 23.28
C LEU K 225 -54.26 5.85 23.49
N LEU K 226 -53.60 5.49 24.59
CA LEU K 226 -52.25 5.98 24.81
C LEU K 226 -51.30 5.47 23.74
N ALA K 227 -51.47 4.21 23.33
CA ALA K 227 -50.63 3.67 22.26
C ALA K 227 -50.91 4.36 20.94
N CYS K 228 -52.18 4.67 20.66
CA CYS K 228 -52.50 5.42 19.45
C CYS K 228 -51.84 6.78 19.47
N ILE K 229 -51.89 7.47 20.61
CA ILE K 229 -51.24 8.77 20.69
C ILE K 229 -49.74 8.64 20.43
N TYR K 230 -49.10 7.66 21.07
CA TYR K 230 -47.67 7.50 20.89
C TYR K 230 -47.32 7.17 19.44
N LEU K 231 -48.07 6.27 18.82
CA LEU K 231 -47.75 5.87 17.46
C LEU K 231 -48.03 7.00 16.48
N GLY K 232 -49.07 7.79 16.72
CA GLY K 232 -49.32 8.93 15.87
C GLY K 232 -48.22 9.95 15.99
N TYR K 233 -47.70 10.14 17.21
CA TYR K 233 -46.56 11.03 17.36
C TYR K 233 -45.35 10.48 16.62
N TYR K 234 -45.07 9.19 16.80
CA TYR K 234 -43.87 8.60 16.23
C TYR K 234 -43.90 8.65 14.72
N PHE K 235 -45.03 8.30 14.11
CA PHE K 235 -45.14 8.36 12.67
C PHE K 235 -45.00 9.78 12.16
N SER K 236 -45.31 10.77 12.98
CA SER K 236 -45.19 12.16 12.58
C SER K 236 -43.78 12.70 12.66
N LEU K 237 -42.81 11.89 13.07
CA LEU K 237 -41.44 12.35 13.16
C LEU K 237 -40.93 12.75 11.77
N SER K 238 -39.85 13.53 11.76
CA SER K 238 -39.44 14.25 10.57
C SER K 238 -38.97 13.36 9.43
N SER K 239 -38.70 12.08 9.69
CA SER K 239 -38.21 11.13 8.70
C SER K 239 -36.79 11.44 8.27
N LEU K 240 -36.27 12.58 8.70
CA LEU K 240 -34.84 12.87 8.67
C LEU K 240 -34.26 12.88 10.06
N SER K 241 -35.07 12.59 11.07
CA SER K 241 -34.58 12.51 12.43
C SER K 241 -33.70 11.30 12.65
N ASP K 242 -33.63 10.38 11.70
CA ASP K 242 -32.72 9.26 11.80
C ASP K 242 -31.28 9.62 11.45
N GLU K 243 -31.05 10.81 10.93
CA GLU K 243 -29.70 11.29 10.66
C GLU K 243 -29.28 12.19 11.81
N PHE K 244 -28.23 11.81 12.51
CA PHE K 244 -27.70 12.65 13.56
C PHE K 244 -26.18 12.70 13.45
N VAL K 245 -25.62 13.79 13.94
CA VAL K 245 -24.18 13.98 13.93
C VAL K 245 -23.62 13.57 15.27
N CYS K 246 -22.59 12.73 15.26
CA CYS K 246 -22.04 12.13 16.46
C CYS K 246 -20.55 12.43 16.53
N SER K 247 -20.04 12.59 17.74
CA SER K 247 -18.65 13.00 17.95
C SER K 247 -17.99 12.12 19.00
N ILE K 248 -16.99 11.35 18.60
CA ILE K 248 -16.23 10.53 19.55
C ILE K 248 -15.03 11.36 19.99
N LYS K 249 -15.28 12.28 20.90
CA LYS K 249 -14.19 13.14 21.36
C LYS K 249 -14.24 13.36 22.85
N SER K 250 -14.63 12.35 23.60
CA SER K 250 -14.55 12.40 25.04
C SER K 250 -13.30 11.68 25.50
N GLY K 251 -12.82 12.06 26.68
CA GLY K 251 -11.66 11.37 27.19
C GLY K 251 -10.41 11.74 26.42
N ILE K 252 -9.50 10.78 26.31
CA ILE K 252 -8.21 11.03 25.68
C ILE K 252 -8.31 11.26 24.20
N LEU K 253 -9.44 10.95 23.57
CA LEU K 253 -9.58 11.25 22.15
C LEU K 253 -9.83 12.71 21.90
N ARG K 254 -10.04 13.51 22.94
CA ARG K 254 -10.26 14.93 22.76
C ARG K 254 -9.04 15.58 22.13
N ALA K 255 -7.85 15.15 22.58
CA ALA K 255 -6.57 15.69 22.09
C ALA K 255 -6.17 15.01 20.79
N ASP K 256 -6.86 13.94 20.39
CA ASP K 256 -6.55 13.17 19.14
C ASP K 256 -6.95 13.97 17.90
N SER K 257 -5.98 14.31 17.05
CA SER K 257 -6.25 15.10 15.81
C SER K 257 -6.53 14.22 14.59
N THR K 258 -6.32 12.90 14.69
CA THR K 258 -6.57 12.00 13.53
C THR K 258 -8.07 11.70 13.41
N VAL K 259 -8.82 12.03 14.47
CA VAL K 259 -10.26 11.83 14.58
C VAL K 259 -10.97 13.12 14.15
N PRO K 260 -11.83 13.07 13.16
CA PRO K 260 -12.60 14.25 12.79
C PRO K 260 -13.50 14.71 13.93
N ASP K 261 -13.96 15.95 13.81
CA ASP K 261 -14.72 16.53 14.91
C ASP K 261 -16.06 15.85 15.09
N GLN K 262 -16.66 15.37 13.99
CA GLN K 262 -17.98 14.78 14.08
C GLN K 262 -18.23 13.87 12.89
N PHE K 263 -19.10 12.88 13.09
CA PHE K 263 -19.42 11.87 12.11
C PHE K 263 -20.89 11.94 11.74
N GLN K 264 -21.20 11.59 10.50
CA GLN K 264 -22.58 11.56 10.03
C GLN K 264 -23.11 10.15 10.18
N CYS K 265 -23.91 9.90 11.21
CA CYS K 265 -24.51 8.61 11.44
C CYS K 265 -25.97 8.61 10.98
N LYS K 266 -26.45 7.45 10.58
CA LYS K 266 -27.85 7.30 10.20
C LYS K 266 -28.41 6.03 10.81
N LEU K 267 -29.59 6.15 11.42
CA LEU K 267 -30.29 5.00 12.00
C LEU K 267 -31.09 4.33 10.90
N ILE K 268 -30.54 3.27 10.34
CA ILE K 268 -31.29 2.50 9.36
C ILE K 268 -32.52 1.93 10.03
N ALA K 269 -33.48 1.52 9.21
CA ALA K 269 -34.70 0.86 9.68
C ALA K 269 -35.58 1.78 10.50
N VAL K 270 -35.47 3.08 10.32
CA VAL K 270 -36.45 3.99 10.90
C VAL K 270 -37.62 4.16 9.95
N GLY K 271 -37.39 4.15 8.65
CA GLY K 271 -38.50 4.18 7.72
C GLY K 271 -39.42 2.99 7.88
N ILE K 272 -38.84 1.82 8.10
CA ILE K 272 -39.63 0.63 8.38
C ILE K 272 -40.41 0.80 9.67
N PHE K 273 -39.77 1.38 10.69
CA PHE K 273 -40.47 1.60 11.95
C PHE K 273 -41.66 2.51 11.76
N GLN K 274 -41.51 3.55 10.96
CA GLN K 274 -42.61 4.50 10.79
C GLN K 274 -43.73 3.90 9.96
N LEU K 275 -43.39 3.13 8.94
CA LEU K 275 -44.43 2.43 8.18
C LEU K 275 -45.19 1.45 9.06
N LEU K 276 -44.49 0.68 9.88
CA LEU K 276 -45.17 -0.27 10.72
C LEU K 276 -45.95 0.43 11.82
N SER K 277 -45.46 1.61 12.20
CA SER K 277 -46.10 2.46 13.23
C SER K 277 -47.46 2.95 12.70
N VAL K 278 -47.54 3.32 11.40
CA VAL K 278 -48.82 3.78 10.88
C VAL K 278 -49.76 2.60 10.71
N ILE K 279 -49.23 1.41 10.37
CA ILE K 279 -50.10 0.24 10.29
C ILE K 279 -50.71 -0.07 11.65
N ASN K 280 -49.89 -0.07 12.69
CA ASN K 280 -50.37 -0.33 14.03
C ASN K 280 -51.39 0.72 14.46
N LEU K 281 -51.13 1.98 14.15
CA LEU K 281 -52.07 3.03 14.53
C LEU K 281 -53.40 2.84 13.84
N VAL K 282 -53.39 2.45 12.57
CA VAL K 282 -54.65 2.22 11.86
C VAL K 282 -55.42 1.10 12.54
N VAL K 283 -54.76 -0.01 12.83
CA VAL K 283 -55.48 -1.13 13.43
C VAL K 283 -56.00 -0.76 14.81
N TYR K 284 -55.22 -0.02 15.59
CA TYR K 284 -55.67 0.30 16.94
C TYR K 284 -56.80 1.30 16.93
N VAL K 285 -56.79 2.25 15.99
CA VAL K 285 -57.89 3.20 15.95
C VAL K 285 -59.14 2.55 15.36
N LEU K 286 -59.00 1.45 14.64
CA LEU K 286 -60.18 0.67 14.29
C LEU K 286 -60.65 -0.20 15.44
N LEU K 287 -59.72 -0.59 16.31
CA LEU K 287 -60.06 -1.48 17.42
C LEU K 287 -60.71 -0.76 18.58
N ALA K 288 -60.34 0.50 18.81
CA ALA K 288 -60.91 1.23 19.94
C ALA K 288 -62.44 1.28 19.94
N PRO K 289 -63.12 1.53 18.82
CA PRO K 289 -64.59 1.50 18.87
C PRO K 289 -65.15 0.17 19.32
N VAL K 290 -64.48 -0.93 18.99
CA VAL K 290 -64.95 -2.24 19.42
C VAL K 290 -64.89 -2.35 20.94
N VAL K 291 -63.80 -1.87 21.54
CA VAL K 291 -63.71 -1.90 22.99
C VAL K 291 -64.79 -1.03 23.61
N VAL K 292 -65.00 0.15 23.05
CA VAL K 292 -66.05 1.02 23.58
C VAL K 292 -67.40 0.34 23.50
N TYR K 293 -67.66 -0.37 22.40
CA TYR K 293 -68.94 -1.04 22.28
C TYR K 293 -69.08 -2.14 23.32
N THR K 294 -68.03 -2.93 23.53
CA THR K 294 -68.10 -3.94 24.59
C THR K 294 -68.33 -3.30 25.94
N LEU K 295 -67.94 -2.04 26.11
CA LEU K 295 -68.10 -1.39 27.41
C LEU K 295 -69.57 -1.31 27.82
N PHE K 296 -70.50 -1.34 26.88
CA PHE K 296 -71.94 -1.28 27.20
C PHE K 296 -72.47 -2.71 27.32
N VAL K 297 -72.28 -3.29 28.50
CA VAL K 297 -72.66 -4.69 28.70
C VAL K 297 -74.18 -4.92 28.66
N PRO K 298 -75.05 -4.02 29.15
CA PRO K 298 -76.48 -4.34 29.04
C PRO K 298 -76.96 -4.32 27.60
N PHE K 299 -76.51 -3.33 26.82
CA PHE K 299 -76.92 -3.24 25.42
C PHE K 299 -76.61 -4.51 24.65
N ARG K 300 -75.51 -5.18 24.99
CA ARG K 300 -75.15 -6.39 24.26
C ARG K 300 -75.99 -7.59 24.64
N GLN K 301 -76.66 -7.56 25.79
CA GLN K 301 -77.50 -8.67 26.21
C GLN K 301 -78.71 -8.73 25.27
N LYS K 302 -78.65 -9.63 24.30
CA LYS K 302 -79.70 -9.75 23.30
C LYS K 302 -79.89 -11.21 22.96
N THR K 303 -81.00 -11.50 22.27
CA THR K 303 -81.38 -12.85 21.88
C THR K 303 -81.43 -13.77 23.11
N ASP K 304 -82.36 -13.42 24.01
CA ASP K 304 -82.43 -14.06 25.32
C ASP K 304 -82.56 -15.56 25.22
N VAL K 305 -81.53 -16.28 25.68
CA VAL K 305 -81.63 -17.73 25.77
C VAL K 305 -82.60 -18.13 26.85
N LEU K 306 -82.70 -17.32 27.91
CA LEU K 306 -83.65 -17.61 28.98
C LEU K 306 -85.08 -17.65 28.47
N LYS K 307 -85.38 -16.90 27.40
CA LYS K 307 -86.73 -16.88 26.86
C LYS K 307 -87.15 -18.28 26.41
N VAL K 308 -86.23 -19.04 25.83
CA VAL K 308 -86.54 -20.39 25.36
C VAL K 308 -87.03 -21.25 26.52
N TYR K 309 -86.31 -21.23 27.63
CA TYR K 309 -86.73 -22.03 28.78
C TYR K 309 -87.97 -21.44 29.44
N GLU K 310 -88.14 -20.12 29.32
CA GLU K 310 -89.37 -19.49 29.80
C GLU K 310 -90.58 -20.01 29.05
N ILE K 311 -90.39 -20.39 27.77
CA ILE K 311 -91.48 -21.01 27.02
C ILE K 311 -91.91 -22.31 27.68
N LEU K 312 -90.97 -23.04 28.29
CA LEU K 312 -91.34 -24.23 29.03
C LEU K 312 -92.21 -23.86 30.22
N PRO K 313 -93.25 -24.65 30.51
CA PRO K 313 -94.17 -24.27 31.60
C PRO K 313 -93.55 -24.35 32.98
N THR K 314 -92.76 -25.40 33.25
CA THR K 314 -92.26 -25.63 34.60
C THR K 314 -91.38 -24.47 35.07
N PHE K 315 -90.48 -24.01 34.21
CA PHE K 315 -89.68 -22.83 34.54
C PHE K 315 -90.56 -21.59 34.50
N ASP K 316 -90.22 -20.62 35.35
CA ASP K 316 -90.99 -19.39 35.41
C ASP K 316 -90.93 -18.69 34.05
N VAL K 317 -92.08 -18.23 33.58
CA VAL K 317 -92.15 -17.64 32.24
C VAL K 317 -91.82 -16.17 32.38
N LEU K 318 -90.53 -15.87 32.46
CA LEU K 318 -90.02 -14.51 32.46
C LEU K 318 -88.58 -14.54 32.00
N HIS K 319 -88.17 -13.50 31.28
CA HIS K 319 -86.75 -13.33 31.01
C HIS K 319 -85.98 -13.08 32.30
N PHE K 320 -86.50 -12.18 33.14
CA PHE K 320 -85.92 -11.85 34.44
C PHE K 320 -84.42 -11.62 34.35
N LYS K 321 -83.96 -11.17 33.19
CA LYS K 321 -82.52 -10.99 32.98
C LYS K 321 -82.32 -9.92 31.90
N SER K 322 -82.05 -8.70 32.34
CA SER K 322 -81.75 -7.56 31.47
C SER K 322 -81.64 -6.31 32.34
N GLU K 323 -81.28 -5.20 31.69
CA GLU K 323 -81.52 -3.85 32.21
C GLU K 323 -80.87 -3.64 33.57
N GLY K 324 -79.54 -3.66 33.57
CA GLY K 324 -78.83 -3.31 34.78
C GLY K 324 -77.32 -3.39 34.67
N TYR K 325 -76.64 -2.50 35.39
CA TYR K 325 -75.20 -2.61 35.56
C TYR K 325 -74.88 -3.51 36.75
N ASN K 326 -75.31 -4.75 36.61
CA ASN K 326 -75.21 -5.75 37.66
C ASN K 326 -74.67 -7.04 37.08
N ASP K 327 -74.19 -7.92 37.96
CA ASP K 327 -73.57 -9.15 37.52
C ASP K 327 -74.52 -10.01 36.70
N LEU K 328 -75.82 -9.76 36.78
CA LEU K 328 -76.78 -10.54 36.00
C LEU K 328 -76.56 -10.32 34.51
N SER K 329 -76.26 -9.10 34.10
CA SER K 329 -76.03 -8.86 32.68
C SER K 329 -74.79 -9.59 32.20
N LEU K 330 -73.72 -9.58 33.00
CA LEU K 330 -72.54 -10.36 32.67
C LEU K 330 -72.89 -11.84 32.51
N TYR K 331 -73.63 -12.38 33.50
CA TYR K 331 -73.98 -13.78 33.42
C TYR K 331 -74.84 -14.07 32.21
N ASN K 332 -75.65 -13.10 31.80
CA ASN K 332 -76.44 -13.27 30.59
C ASN K 332 -75.55 -13.39 29.37
N LEU K 333 -74.56 -12.52 29.27
CA LEU K 333 -73.63 -12.60 28.14
C LEU K 333 -72.91 -13.93 28.13
N PHE K 334 -72.39 -14.34 29.28
CA PHE K 334 -71.62 -15.58 29.32
C PHE K 334 -72.52 -16.80 29.12
N LEU K 335 -73.79 -16.69 29.49
CA LEU K 335 -74.73 -17.76 29.21
C LEU K 335 -75.01 -17.87 27.73
N GLU K 336 -75.27 -16.74 27.08
CA GLU K 336 -75.41 -16.75 25.63
C GLU K 336 -74.18 -17.35 24.97
N GLU K 337 -73.01 -17.14 25.57
CA GLU K 337 -71.80 -17.65 24.96
C GLU K 337 -71.67 -19.17 25.14
N ASN K 338 -71.63 -19.64 26.38
CA ASN K 338 -71.42 -21.05 26.66
C ASN K 338 -72.69 -21.88 26.59
N ILE K 339 -73.78 -21.34 26.05
CA ILE K 339 -75.04 -22.06 26.11
C ILE K 339 -75.16 -23.11 25.02
N SER K 340 -74.35 -23.03 23.97
CA SER K 340 -74.47 -24.01 22.89
C SER K 340 -74.01 -25.40 23.29
N GLU K 341 -73.21 -25.49 24.35
CA GLU K 341 -72.65 -26.79 24.71
C GLU K 341 -73.66 -27.72 25.35
N VAL K 342 -74.72 -27.18 25.96
CA VAL K 342 -75.76 -28.02 26.56
C VAL K 342 -76.75 -28.44 25.49
N LYS K 343 -76.96 -29.74 25.37
CA LYS K 343 -77.85 -30.28 24.35
C LYS K 343 -79.31 -29.94 24.66
N SER K 344 -79.66 -29.82 25.95
CA SER K 344 -81.03 -29.47 26.33
C SER K 344 -81.44 -28.15 25.72
N TYR K 345 -80.55 -27.15 25.75
CA TYR K 345 -80.86 -25.89 25.10
C TYR K 345 -81.10 -26.10 23.62
N LYS K 346 -80.27 -26.92 22.97
CA LYS K 346 -80.43 -27.14 21.54
C LYS K 346 -81.82 -27.68 21.22
N CYS K 347 -82.25 -28.68 21.99
CA CYS K 347 -83.57 -29.25 21.77
C CYS K 347 -84.67 -28.21 21.99
N LEU K 348 -84.56 -27.45 23.07
CA LEU K 348 -85.61 -26.49 23.35
C LEU K 348 -85.65 -25.38 22.30
N LYS K 349 -84.48 -25.01 21.76
CA LYS K 349 -84.42 -23.98 20.74
C LYS K 349 -85.05 -24.46 19.44
N VAL K 350 -84.78 -25.70 19.05
CA VAL K 350 -85.42 -26.19 17.82
C VAL K 350 -86.93 -26.32 18.03
N LEU K 351 -87.35 -26.70 19.23
CA LEU K 351 -88.78 -26.67 19.53
C LEU K 351 -89.35 -25.26 19.42
N GLU K 352 -88.63 -24.25 19.90
CA GLU K 352 -89.12 -22.88 19.78
C GLU K 352 -89.19 -22.45 18.32
N ASN K 353 -88.23 -22.89 17.52
CA ASN K 353 -88.28 -22.58 16.09
C ASN K 353 -89.49 -23.23 15.44
N ILE K 354 -89.79 -24.48 15.81
CA ILE K 354 -90.99 -25.13 15.29
C ILE K 354 -92.23 -24.38 15.74
N LYS K 355 -92.20 -23.86 16.97
CA LYS K 355 -93.28 -22.99 17.42
C LYS K 355 -93.39 -21.76 16.52
N SER K 356 -92.25 -21.22 16.09
CA SER K 356 -92.26 -20.14 15.12
C SER K 356 -92.94 -20.59 13.83
N SER K 357 -92.64 -21.82 13.40
CA SER K 357 -93.37 -22.44 12.30
C SER K 357 -94.81 -22.71 12.71
N GLY K 358 -95.03 -23.11 13.95
CA GLY K 358 -96.37 -23.28 14.49
C GLY K 358 -97.15 -24.42 13.88
N GLN K 359 -96.55 -25.61 13.83
CA GLN K 359 -97.21 -26.78 13.24
C GLN K 359 -97.80 -27.70 14.30
N GLY K 360 -96.98 -28.18 15.24
CA GLY K 360 -97.45 -29.11 16.25
C GLY K 360 -97.68 -28.51 17.62
N ILE K 361 -96.99 -29.04 18.62
CA ILE K 361 -97.12 -28.57 19.99
C ILE K 361 -95.81 -28.83 20.70
N ASP K 362 -95.56 -28.05 21.77
CA ASP K 362 -94.29 -28.18 22.48
C ASP K 362 -94.16 -29.52 23.21
N PRO K 363 -95.08 -29.92 24.10
CA PRO K 363 -94.81 -31.13 24.89
C PRO K 363 -94.78 -32.40 24.06
N MET K 364 -95.63 -32.52 23.05
CA MET K 364 -95.67 -33.73 22.25
C MET K 364 -94.36 -33.95 21.51
N LEU K 365 -93.89 -32.92 20.80
CA LEU K 365 -92.63 -33.04 20.07
C LEU K 365 -91.45 -33.14 21.02
N LEU K 366 -91.54 -32.56 22.22
CA LEU K 366 -90.48 -32.72 23.21
C LEU K 366 -90.37 -34.16 23.67
N LEU K 367 -91.52 -34.80 23.95
CA LEU K 367 -91.51 -36.21 24.30
C LEU K 367 -91.02 -37.07 23.13
N THR K 368 -91.34 -36.66 21.91
CA THR K 368 -90.84 -37.38 20.74
C THR K 368 -89.33 -37.26 20.61
N ASN K 369 -88.78 -36.09 20.93
CA ASN K 369 -87.35 -35.82 20.85
C ASN K 369 -86.51 -36.92 21.48
N LEU K 370 -86.73 -37.19 22.77
CA LEU K 370 -85.98 -38.21 23.52
C LEU K 370 -84.49 -37.87 23.54
N GLY K 371 -84.19 -36.70 24.12
CA GLY K 371 -82.84 -36.17 24.22
C GLY K 371 -82.43 -35.87 25.65
N MET K 372 -82.79 -36.75 26.58
CA MET K 372 -82.44 -36.54 27.99
C MET K 372 -80.93 -36.51 28.19
N ILE K 373 -80.21 -37.39 27.52
CA ILE K 373 -78.75 -37.42 27.64
C ILE K 373 -78.10 -37.75 26.30
N ALA L 2 -35.31 -13.35 18.78
CA ALA L 2 -36.26 -12.31 18.42
C ALA L 2 -36.94 -11.77 19.67
N ILE L 3 -37.30 -10.50 19.64
CA ILE L 3 -37.95 -9.82 20.80
C ILE L 3 -39.32 -10.43 21.08
N ALA L 4 -40.04 -10.86 20.02
CA ALA L 4 -41.36 -11.43 20.21
C ALA L 4 -41.29 -12.84 20.80
N GLN L 5 -40.25 -13.60 20.48
CA GLN L 5 -40.13 -14.93 21.07
C GLN L 5 -39.89 -14.84 22.57
N LEU L 6 -39.04 -13.90 22.99
CA LEU L 6 -38.86 -13.69 24.42
C LEU L 6 -40.16 -13.27 25.07
N ALA L 7 -40.92 -12.42 24.39
CA ALA L 7 -42.22 -12.02 24.94
C ALA L 7 -43.10 -13.24 25.16
N THR L 8 -43.32 -14.03 24.12
CA THR L 8 -44.14 -15.23 24.28
C THR L 8 -43.65 -16.07 25.44
N GLU L 9 -42.37 -16.44 25.40
CA GLU L 9 -41.81 -17.37 26.37
C GLU L 9 -41.98 -16.87 27.80
N TYR L 10 -41.81 -15.58 28.05
CA TYR L 10 -41.69 -15.10 29.42
C TYR L 10 -42.90 -14.36 29.94
N VAL L 11 -43.87 -13.99 29.11
CA VAL L 11 -45.12 -13.43 29.60
C VAL L 11 -46.33 -14.23 29.13
N PHE L 12 -46.35 -14.65 27.86
CA PHE L 12 -47.57 -15.26 27.35
C PHE L 12 -47.59 -16.76 27.56
N SER L 13 -46.45 -17.41 27.66
CA SER L 13 -46.45 -18.80 28.05
C SER L 13 -46.68 -18.91 29.55
N ASP L 14 -47.04 -20.12 29.99
CA ASP L 14 -47.25 -20.36 31.40
C ASP L 14 -45.92 -20.60 32.08
N PHE L 15 -44.99 -19.67 31.90
CA PHE L 15 -43.67 -19.77 32.51
C PHE L 15 -43.80 -19.70 34.02
N LEU L 16 -43.28 -20.72 34.71
CA LEU L 16 -43.42 -20.86 36.16
C LEU L 16 -44.87 -20.90 36.61
N LEU L 17 -45.79 -21.10 35.67
CA LEU L 17 -47.19 -21.38 35.98
C LEU L 17 -47.54 -22.84 35.74
N LYS L 18 -46.52 -23.69 35.54
CA LYS L 18 -46.77 -25.10 35.29
C LYS L 18 -47.30 -25.77 36.55
N GLU L 19 -48.45 -26.40 36.43
CA GLU L 19 -49.00 -27.18 37.53
C GLU L 19 -48.08 -28.37 37.82
N PRO L 20 -48.08 -28.88 39.06
CA PRO L 20 -47.22 -30.02 39.38
C PRO L 20 -47.49 -31.21 38.47
N THR L 21 -46.48 -31.60 37.68
CA THR L 21 -46.59 -32.74 36.77
C THR L 21 -46.47 -34.02 37.61
N GLU L 22 -47.56 -34.33 38.31
CA GLU L 22 -47.60 -35.49 39.19
C GLU L 22 -49.05 -35.75 39.59
N PRO L 23 -49.44 -37.02 39.75
CA PRO L 23 -50.80 -37.31 40.22
C PRO L 23 -51.00 -37.09 41.71
N LYS L 24 -49.95 -36.73 42.45
CA LYS L 24 -50.10 -36.49 43.89
C LYS L 24 -50.88 -35.20 44.15
N PHE L 25 -50.52 -34.13 43.45
CA PHE L 25 -51.23 -32.86 43.54
C PHE L 25 -51.89 -32.61 42.19
N LYS L 26 -53.16 -32.99 42.09
CA LYS L 26 -53.96 -32.81 40.88
C LYS L 26 -55.06 -31.81 41.21
N GLY L 27 -54.89 -30.57 40.78
CA GLY L 27 -55.83 -29.52 41.09
C GLY L 27 -55.69 -28.86 42.44
N LEU L 28 -54.86 -29.40 43.33
CA LEU L 28 -54.55 -28.69 44.57
C LEU L 28 -53.47 -27.65 44.33
N ARG L 29 -53.70 -26.43 44.81
CA ARG L 29 -52.81 -25.33 44.44
C ARG L 29 -51.54 -25.33 45.28
N LEU L 30 -51.68 -25.33 46.61
CA LEU L 30 -50.58 -25.32 47.58
C LEU L 30 -49.80 -24.01 47.57
N GLU L 31 -50.15 -23.06 46.72
CA GLU L 31 -49.53 -21.74 46.73
C GLU L 31 -50.60 -20.71 46.43
N LEU L 32 -50.79 -19.77 47.35
CA LEU L 32 -51.78 -18.74 47.16
C LEU L 32 -51.50 -17.98 45.87
N ALA L 33 -52.58 -17.64 45.15
CA ALA L 33 -52.44 -17.04 43.83
C ALA L 33 -51.57 -15.79 43.87
N VAL L 34 -51.73 -14.97 44.91
CA VAL L 34 -50.93 -13.76 44.98
C VAL L 34 -49.46 -14.10 45.17
N ASP L 35 -49.16 -15.16 45.92
CA ASP L 35 -47.77 -15.58 46.06
C ASP L 35 -47.23 -16.09 44.74
N LYS L 36 -48.05 -16.83 44.00
CA LYS L 36 -47.62 -17.33 42.71
C LYS L 36 -47.29 -16.19 41.76
N MET L 37 -48.14 -15.17 41.71
CA MET L 37 -47.87 -14.06 40.79
C MET L 37 -46.68 -13.23 41.27
N VAL L 38 -46.53 -13.06 42.59
CA VAL L 38 -45.38 -12.31 43.08
C VAL L 38 -44.09 -13.01 42.71
N THR L 39 -44.03 -14.33 42.90
CA THR L 39 -42.84 -15.06 42.50
C THR L 39 -42.63 -14.97 41.00
N CYS L 40 -43.68 -15.17 40.22
CA CYS L 40 -43.55 -15.15 38.77
C CYS L 40 -42.96 -13.82 38.31
N ILE L 41 -43.51 -12.71 38.80
CA ILE L 41 -42.97 -11.41 38.41
C ILE L 41 -41.54 -11.29 38.89
N ALA L 42 -41.33 -11.38 40.21
CA ALA L 42 -40.03 -11.10 40.79
C ALA L 42 -38.92 -11.95 40.21
N VAL L 43 -39.23 -13.11 39.65
CA VAL L 43 -38.21 -14.00 39.12
C VAL L 43 -38.10 -13.87 37.61
N GLY L 44 -39.23 -13.85 36.90
CA GLY L 44 -39.18 -13.80 35.46
C GLY L 44 -38.80 -12.44 34.91
N LEU L 45 -39.07 -11.38 35.65
CA LEU L 45 -38.75 -10.05 35.12
C LEU L 45 -37.26 -9.85 34.91
N PRO L 46 -36.37 -10.16 35.87
CA PRO L 46 -34.95 -10.03 35.56
C PRO L 46 -34.50 -10.94 34.44
N LEU L 47 -35.09 -12.12 34.27
CA LEU L 47 -34.69 -12.97 33.15
C LEU L 47 -35.12 -12.37 31.83
N LEU L 48 -36.36 -11.87 31.75
CA LEU L 48 -36.80 -11.22 30.53
C LEU L 48 -35.94 -10.01 30.23
N LEU L 49 -35.55 -9.26 31.27
CA LEU L 49 -34.72 -8.09 31.04
C LEU L 49 -33.34 -8.46 30.55
N ILE L 50 -32.76 -9.52 31.11
CA ILE L 50 -31.48 -10.01 30.63
C ILE L 50 -31.58 -10.39 29.16
N SER L 51 -32.64 -11.10 28.80
CA SER L 51 -32.79 -11.51 27.41
C SER L 51 -32.99 -10.31 26.51
N LEU L 52 -33.67 -9.27 26.99
CA LEU L 52 -33.87 -8.09 26.15
C LEU L 52 -32.60 -7.31 25.96
N ALA L 53 -31.76 -7.22 27.00
CA ALA L 53 -30.56 -6.40 26.90
C ALA L 53 -29.61 -6.87 25.82
N PHE L 54 -29.75 -8.11 25.36
CA PHE L 54 -28.90 -8.63 24.31
C PHE L 54 -29.72 -9.12 23.12
N ALA L 55 -30.94 -8.61 22.97
CA ALA L 55 -31.72 -8.90 21.78
C ALA L 55 -30.95 -8.47 20.55
N GLN L 56 -31.08 -9.26 19.48
CA GLN L 56 -30.26 -9.02 18.30
C GLN L 56 -30.57 -7.69 17.64
N GLU L 57 -31.73 -7.10 17.94
CA GLU L 57 -32.11 -5.83 17.34
C GLU L 57 -31.78 -4.62 18.20
N ILE L 58 -31.33 -4.83 19.43
CA ILE L 58 -30.73 -3.74 20.17
C ILE L 58 -29.21 -3.83 20.19
N SER L 59 -28.66 -5.04 20.17
CA SER L 59 -27.22 -5.21 20.24
C SER L 59 -26.58 -4.78 18.93
N ILE L 60 -25.59 -3.90 19.01
CA ILE L 60 -24.90 -3.44 17.83
C ILE L 60 -23.83 -4.44 17.42
N GLY L 61 -23.32 -5.20 18.37
CA GLY L 61 -22.18 -6.05 18.13
C GLY L 61 -21.57 -6.53 19.44
N THR L 62 -20.27 -6.34 19.58
CA THR L 62 -19.56 -6.69 20.79
C THR L 62 -19.99 -5.78 21.95
N GLN L 63 -19.53 -6.13 23.15
CA GLN L 63 -19.83 -5.35 24.33
C GLN L 63 -18.81 -4.26 24.61
N ILE L 64 -17.64 -4.30 23.97
CA ILE L 64 -16.59 -3.33 24.22
C ILE L 64 -15.88 -3.03 22.91
N SER L 65 -15.44 -1.80 22.75
CA SER L 65 -14.66 -1.39 21.60
C SER L 65 -13.67 -0.32 22.06
N CYS L 66 -12.45 -0.35 21.53
CA CYS L 66 -11.36 0.36 22.17
C CYS L 66 -10.60 1.37 21.32
N PHE L 67 -10.85 1.46 20.02
CA PHE L 67 -10.24 2.49 19.18
C PHE L 67 -8.70 2.46 19.24
N SER L 68 -8.15 1.39 18.69
CA SER L 68 -6.73 1.29 18.48
C SER L 68 -6.28 2.29 17.41
N PRO L 69 -4.98 2.55 17.32
CA PRO L 69 -4.47 3.41 16.24
C PRO L 69 -4.73 2.82 14.87
N SER L 70 -4.67 3.68 13.86
CA SER L 70 -4.88 3.22 12.49
C SER L 70 -3.75 2.34 12.01
N SER L 71 -2.57 2.50 12.61
CA SER L 71 -1.44 1.66 12.25
C SER L 71 -1.67 0.21 12.64
N PHE L 72 -2.49 -0.02 13.67
CA PHE L 72 -2.72 -1.37 14.15
C PHE L 72 -3.42 -2.22 13.11
N SER L 73 -3.01 -3.46 12.98
CA SER L 73 -3.70 -4.37 12.10
C SER L 73 -5.01 -4.79 12.73
N TRP L 74 -5.80 -5.56 11.98
CA TRP L 74 -7.08 -6.03 12.50
C TRP L 74 -6.88 -6.85 13.76
N ARG L 75 -5.87 -7.73 13.75
CA ARG L 75 -5.67 -8.63 14.89
C ARG L 75 -5.10 -7.89 16.09
N GLN L 76 -4.31 -6.86 15.86
CA GLN L 76 -3.83 -6.08 17.00
C GLN L 76 -4.97 -5.34 17.67
N ALA L 77 -5.89 -4.80 16.88
CA ALA L 77 -7.06 -4.16 17.46
C ALA L 77 -7.90 -5.17 18.23
N ALA L 78 -8.04 -6.37 17.69
CA ALA L 78 -8.76 -7.41 18.41
C ALA L 78 -8.07 -7.73 19.74
N PHE L 79 -6.74 -7.76 19.73
CA PHE L 79 -6.02 -7.98 20.97
C PHE L 79 -6.31 -6.88 21.97
N VAL L 80 -6.35 -5.64 21.51
CA VAL L 80 -6.61 -4.53 22.42
C VAL L 80 -7.98 -4.67 23.05
N ASP L 81 -8.99 -4.97 22.22
CA ASP L 81 -10.34 -5.16 22.75
C ASP L 81 -10.37 -6.26 23.79
N SER L 82 -9.80 -7.42 23.45
CA SER L 82 -9.85 -8.54 24.37
C SER L 82 -9.08 -8.24 25.66
N TYR L 83 -7.92 -7.61 25.54
CA TYR L 83 -7.14 -7.31 26.74
C TYR L 83 -7.90 -6.37 27.64
N CYS L 84 -8.48 -5.32 27.10
CA CYS L 84 -9.17 -4.37 27.97
C CYS L 84 -10.41 -4.99 28.58
N TRP L 85 -11.12 -5.81 27.81
CA TRP L 85 -12.26 -6.53 28.36
C TRP L 85 -11.84 -7.38 29.54
N ALA L 86 -10.75 -8.12 29.41
CA ALA L 86 -10.29 -8.92 30.52
C ALA L 86 -9.66 -8.07 31.61
N ALA L 87 -9.31 -6.84 31.31
CA ALA L 87 -8.60 -5.98 32.23
C ALA L 87 -9.51 -5.07 33.02
N VAL L 88 -10.82 -5.11 32.78
CA VAL L 88 -11.70 -4.42 33.71
C VAL L 88 -11.60 -5.01 35.11
N GLN L 89 -11.06 -6.22 35.24
CA GLN L 89 -10.82 -6.78 36.57
C GLN L 89 -9.50 -6.29 37.16
N GLN L 90 -8.41 -6.40 36.41
CA GLN L 90 -7.11 -6.01 36.90
C GLN L 90 -7.06 -4.49 37.06
N LYS L 91 -7.11 -4.01 38.31
CA LYS L 91 -7.27 -2.59 38.56
C LYS L 91 -6.04 -1.78 38.17
N ASN L 92 -4.88 -2.41 38.04
CA ASN L 92 -3.66 -1.66 37.78
C ASN L 92 -3.61 -1.12 36.35
N SER L 93 -4.21 -1.83 35.41
CA SER L 93 -4.05 -1.46 34.00
C SER L 93 -4.98 -0.33 33.59
N LEU L 94 -6.22 -0.36 34.07
CA LEU L 94 -7.22 0.60 33.60
C LEU L 94 -7.35 1.76 34.57
N GLN L 95 -7.59 2.95 34.04
CA GLN L 95 -7.77 4.17 34.81
C GLN L 95 -9.06 4.82 34.37
N SER L 96 -10.05 4.86 35.26
CA SER L 96 -11.35 5.44 34.96
C SER L 96 -11.68 6.53 35.97
N GLU L 97 -12.44 7.53 35.51
CA GLU L 97 -12.78 8.67 36.37
C GLU L 97 -13.64 8.25 37.54
N SER L 98 -14.58 7.31 37.33
CA SER L 98 -15.50 6.90 38.37
C SER L 98 -14.89 5.90 39.34
N GLY L 99 -13.97 5.06 38.87
CA GLY L 99 -13.42 3.98 39.66
C GLY L 99 -13.53 2.67 38.96
N ASN L 100 -13.09 1.61 39.64
CA ASN L 100 -13.16 0.28 39.05
C ASN L 100 -14.46 -0.42 39.35
N LEU L 101 -15.09 -0.12 40.48
CA LEU L 101 -16.35 -0.80 40.81
C LEU L 101 -17.41 -0.61 39.75
N PRO L 102 -17.62 0.59 39.19
CA PRO L 102 -18.59 0.69 38.09
C PRO L 102 -18.22 -0.16 36.91
N LEU L 103 -16.93 -0.32 36.62
CA LEU L 103 -16.53 -1.17 35.50
C LEU L 103 -16.89 -2.62 35.77
N TRP L 104 -16.59 -3.10 36.98
CA TRP L 104 -17.02 -4.43 37.36
C TRP L 104 -18.52 -4.59 37.18
N LEU L 105 -19.28 -3.62 37.67
CA LEU L 105 -20.73 -3.70 37.61
C LEU L 105 -21.24 -3.69 36.18
N HIS L 106 -20.56 -2.96 35.30
CA HIS L 106 -21.00 -2.90 33.92
C HIS L 106 -20.69 -4.19 33.18
N LYS L 107 -19.59 -4.83 33.52
CA LYS L 107 -19.28 -6.09 32.83
C LYS L 107 -20.21 -7.20 33.28
N PHE L 108 -20.53 -7.27 34.56
CA PHE L 108 -21.25 -8.41 35.13
C PHE L 108 -22.70 -8.08 35.46
N PHE L 109 -23.30 -7.14 34.75
CA PHE L 109 -24.72 -6.86 34.98
C PHE L 109 -25.60 -8.07 34.74
N PRO L 110 -25.46 -8.82 33.64
CA PRO L 110 -26.32 -9.99 33.46
C PRO L 110 -26.18 -11.00 34.59
N TYR L 111 -24.95 -11.23 35.05
CA TYR L 111 -24.76 -12.20 36.11
C TYR L 111 -25.44 -11.74 37.39
N ILE L 112 -25.40 -10.46 37.68
CA ILE L 112 -26.02 -9.97 38.91
C ILE L 112 -27.52 -10.07 38.82
N LEU L 113 -28.09 -9.76 37.66
CA LEU L 113 -29.54 -9.93 37.53
C LEU L 113 -29.94 -11.39 37.67
N LEU L 114 -29.18 -12.29 37.08
CA LEU L 114 -29.51 -13.70 37.21
C LEU L 114 -29.35 -14.17 38.64
N LEU L 115 -28.36 -13.65 39.35
CA LEU L 115 -28.21 -13.96 40.76
C LEU L 115 -29.43 -13.53 41.55
N PHE L 116 -29.96 -12.36 41.24
CA PHE L 116 -31.17 -11.91 41.92
C PHE L 116 -32.36 -12.80 41.57
N ALA L 117 -32.45 -13.22 40.32
CA ALA L 117 -33.53 -14.13 39.94
C ALA L 117 -33.45 -15.41 40.74
N ILE L 118 -32.26 -15.97 40.89
CA ILE L 118 -32.11 -17.23 41.62
C ILE L 118 -32.44 -17.03 43.09
N LEU L 119 -31.91 -15.97 43.70
CA LEU L 119 -32.18 -15.73 45.10
C LEU L 119 -33.66 -15.51 45.35
N LEU L 120 -34.36 -14.91 44.40
CA LEU L 120 -35.80 -14.72 44.57
C LEU L 120 -36.57 -16.00 44.31
N TYR L 121 -35.99 -16.92 43.54
CA TYR L 121 -36.62 -18.20 43.33
C TYR L 121 -36.42 -19.16 44.49
N LEU L 122 -35.40 -18.92 45.31
CA LEU L 122 -35.11 -19.86 46.40
C LEU L 122 -36.24 -20.00 47.42
N PRO L 123 -36.81 -18.94 47.99
CA PRO L 123 -37.82 -19.12 49.03
C PRO L 123 -39.04 -19.87 48.53
N PRO L 124 -39.57 -19.59 47.34
CA PRO L 124 -40.66 -20.43 46.83
C PRO L 124 -40.25 -21.88 46.67
N LEU L 125 -39.00 -22.14 46.32
CA LEU L 125 -38.55 -23.52 46.23
C LEU L 125 -38.55 -24.19 47.60
N PHE L 126 -38.06 -23.47 48.62
CA PHE L 126 -38.06 -24.05 49.95
C PHE L 126 -39.48 -24.31 50.43
N TRP L 127 -40.41 -23.43 50.07
CA TRP L 127 -41.80 -23.69 50.42
C TRP L 127 -42.34 -24.90 49.68
N ARG L 128 -42.04 -25.01 48.40
CA ARG L 128 -42.58 -26.10 47.59
C ARG L 128 -42.03 -27.45 48.02
N PHE L 129 -40.81 -27.48 48.54
CA PHE L 129 -40.20 -28.77 48.86
C PHE L 129 -40.23 -29.11 50.34
N ALA L 130 -40.29 -28.10 51.21
CA ALA L 130 -40.27 -28.38 52.64
C ALA L 130 -41.67 -28.51 53.24
N ALA L 131 -42.56 -27.55 52.95
CA ALA L 131 -43.84 -27.48 53.63
C ALA L 131 -45.04 -27.74 52.74
N ALA L 132 -44.85 -27.90 51.45
CA ALA L 132 -46.00 -28.12 50.58
C ALA L 132 -46.68 -29.46 50.80
N PRO L 133 -45.96 -30.58 50.91
CA PRO L 133 -46.67 -31.86 51.01
C PRO L 133 -47.52 -31.98 52.25
N HIS L 134 -47.04 -31.44 53.37
CA HIS L 134 -47.80 -31.50 54.62
C HIS L 134 -49.16 -30.86 54.44
N ILE L 135 -49.17 -29.64 53.92
CA ILE L 135 -50.43 -28.91 53.78
C ILE L 135 -51.27 -29.52 52.69
N CYS L 136 -50.64 -30.08 51.64
CA CYS L 136 -51.43 -30.73 50.61
C CYS L 136 -52.22 -31.90 51.19
N SER L 137 -51.56 -32.76 51.94
CA SER L 137 -52.24 -33.90 52.53
C SER L 137 -53.33 -33.45 53.50
N ASP L 138 -53.01 -32.49 54.36
CA ASP L 138 -53.99 -32.05 55.35
C ASP L 138 -55.20 -31.41 54.68
N LEU L 139 -54.97 -30.51 53.73
CA LEU L 139 -56.08 -29.85 53.07
C LEU L 139 -56.95 -30.85 52.31
N LYS L 140 -56.32 -31.80 51.63
CA LYS L 140 -57.11 -32.79 50.89
C LYS L 140 -57.96 -33.62 51.84
N PHE L 141 -57.37 -34.05 52.96
CA PHE L 141 -58.14 -34.81 53.94
C PHE L 141 -59.26 -33.98 54.53
N ILE L 142 -58.99 -32.70 54.81
CA ILE L 142 -60.02 -31.84 55.39
C ILE L 142 -61.18 -31.67 54.41
N MET L 143 -60.87 -31.52 53.12
CA MET L 143 -61.92 -31.38 52.13
C MET L 143 -62.75 -32.66 52.01
N GLU L 144 -62.08 -33.82 52.01
CA GLU L 144 -62.83 -35.07 51.97
C GLU L 144 -63.75 -35.21 53.18
N GLU L 145 -63.23 -34.91 54.37
CA GLU L 145 -64.05 -35.01 55.57
C GLU L 145 -65.20 -34.01 55.54
N LEU L 146 -64.91 -32.83 54.97
CA LEU L 146 -65.94 -31.76 54.84
C LEU L 146 -67.08 -32.30 53.99
N ASP L 147 -66.76 -32.91 52.85
CA ASP L 147 -67.76 -33.51 51.98
C ASP L 147 -68.55 -34.57 52.72
N LYS L 148 -67.86 -35.39 53.51
CA LYS L 148 -68.56 -36.42 54.28
C LYS L 148 -69.54 -35.80 55.27
N VAL L 149 -69.14 -34.70 55.90
CA VAL L 149 -70.03 -34.02 56.85
C VAL L 149 -71.26 -33.49 56.14
N TYR L 150 -71.08 -32.89 54.97
CA TYR L 150 -72.23 -32.41 54.21
C TYR L 150 -73.13 -33.56 53.80
N ASN L 151 -72.53 -34.69 53.42
CA ASN L 151 -73.33 -35.85 53.05
C ASN L 151 -74.13 -36.37 54.23
N ARG L 152 -73.53 -36.38 55.42
CA ARG L 152 -74.26 -36.80 56.61
C ARG L 152 -75.42 -35.85 56.89
N ALA L 153 -75.20 -34.56 56.73
CA ALA L 153 -76.27 -33.59 56.98
C ALA L 153 -77.43 -33.78 56.02
N ILE L 154 -77.13 -33.92 54.73
CA ILE L 154 -78.21 -34.07 53.75
C ILE L 154 -78.89 -35.42 53.91
N LYS L 155 -78.15 -36.46 54.29
CA LYS L 155 -78.76 -37.75 54.54
C LYS L 155 -79.71 -37.70 55.71
N ALA L 156 -79.31 -37.01 56.79
CA ALA L 156 -80.20 -36.83 57.94
C ALA L 156 -81.45 -36.04 57.54
N ALA L 157 -81.28 -34.99 56.74
CA ALA L 157 -82.43 -34.19 56.33
C ALA L 157 -83.39 -35.01 55.48
N LYS L 158 -82.87 -35.74 54.48
CA LYS L 158 -83.72 -36.56 53.64
C LYS L 158 -84.41 -37.65 54.43
N SER L 159 -83.70 -38.28 55.37
CA SER L 159 -84.31 -39.32 56.19
C SER L 159 -85.42 -38.74 57.06
N ALA L 160 -85.22 -37.54 57.58
CA ALA L 160 -86.30 -36.87 58.31
C ALA L 160 -87.49 -36.59 57.39
N ARG L 161 -87.21 -36.21 56.13
CA ARG L 161 -88.30 -36.02 55.17
C ARG L 161 -89.01 -37.34 54.87
N ASP L 162 -88.26 -38.44 54.78
CA ASP L 162 -88.85 -39.74 54.48
C ASP L 162 -89.22 -40.50 55.75
N PRO L 194 -67.58 -34.74 64.14
CA PRO L 194 -66.79 -33.57 63.76
C PRO L 194 -65.30 -33.82 63.79
N ILE L 195 -64.84 -34.88 63.13
CA ILE L 195 -63.42 -35.19 63.14
C ILE L 195 -62.63 -34.10 62.43
N VAL L 196 -63.17 -33.58 61.33
CA VAL L 196 -62.48 -32.50 60.62
C VAL L 196 -62.50 -31.22 61.44
N GLU L 197 -63.57 -30.97 62.18
CA GLU L 197 -63.61 -29.79 63.04
C GLU L 197 -62.56 -29.90 64.14
N GLN L 198 -62.41 -31.09 64.72
CA GLN L 198 -61.42 -31.25 65.78
C GLN L 198 -60.00 -31.19 65.22
N TYR L 199 -59.80 -31.68 64.00
CA TYR L 199 -58.49 -31.52 63.36
C TYR L 199 -58.18 -30.05 63.14
N LEU L 200 -59.19 -29.27 62.76
CA LEU L 200 -59.00 -27.83 62.62
C LEU L 200 -58.64 -27.21 63.97
N LYS L 201 -59.34 -27.61 65.02
CA LYS L 201 -59.01 -27.13 66.36
C LYS L 201 -57.58 -27.48 66.72
N THR L 202 -57.12 -28.64 66.26
CA THR L 202 -55.74 -29.06 66.53
C THR L 202 -54.75 -28.18 65.79
N LYS L 203 -54.99 -27.95 64.50
CA LYS L 203 -54.12 -27.07 63.72
C LYS L 203 -54.08 -25.67 64.31
N LYS L 204 -55.14 -25.25 65.00
CA LYS L 204 -55.13 -23.95 65.65
C LYS L 204 -53.98 -23.80 66.65
N ASN L 205 -53.35 -24.90 67.04
CA ASN L 205 -52.34 -24.88 68.09
C ASN L 205 -50.93 -24.67 67.52
N SER L 206 -50.53 -25.51 66.57
CA SER L 206 -49.16 -25.49 66.06
C SER L 206 -48.92 -24.26 65.20
N ASN L 207 -47.66 -23.84 65.14
CA ASN L 207 -47.26 -22.67 64.37
C ASN L 207 -46.02 -22.95 63.51
N ASN L 208 -45.76 -24.21 63.18
CA ASN L 208 -44.64 -24.52 62.31
C ASN L 208 -44.88 -23.99 60.91
N LEU L 209 -46.06 -24.32 60.36
CA LEU L 209 -46.44 -23.95 58.97
C LEU L 209 -46.49 -22.42 58.78
N ILE L 210 -46.82 -21.66 59.84
CA ILE L 210 -46.91 -20.21 59.66
C ILE L 210 -45.55 -19.56 59.78
N ILE L 211 -44.68 -20.06 60.65
CA ILE L 211 -43.36 -19.46 60.69
C ILE L 211 -42.60 -19.78 59.43
N LYS L 212 -42.79 -20.98 58.86
CA LYS L 212 -42.18 -21.26 57.58
C LYS L 212 -42.69 -20.29 56.51
N TYR L 213 -43.99 -20.06 56.48
CA TYR L 213 -44.58 -19.20 55.47
C TYR L 213 -44.06 -17.77 55.58
N ILE L 214 -44.16 -17.17 56.76
CA ILE L 214 -43.69 -15.80 56.90
C ILE L 214 -42.19 -15.72 56.77
N SER L 215 -41.45 -16.80 57.00
CA SER L 215 -40.02 -16.74 56.78
C SER L 215 -39.70 -16.67 55.30
N CYS L 216 -40.37 -17.48 54.48
CA CYS L 216 -40.17 -17.34 53.04
C CYS L 216 -40.60 -15.97 52.55
N ARG L 217 -41.74 -15.47 53.04
CA ARG L 217 -42.18 -14.15 52.60
C ARG L 217 -41.20 -13.07 53.03
N LEU L 218 -40.65 -13.20 54.23
CA LEU L 218 -39.72 -12.19 54.72
C LEU L 218 -38.42 -12.22 53.95
N LEU L 219 -37.95 -13.41 53.59
CA LEU L 219 -36.75 -13.48 52.78
C LEU L 219 -37.00 -12.92 51.39
N THR L 220 -38.17 -13.17 50.82
CA THR L 220 -38.48 -12.56 49.53
C THR L 220 -38.47 -11.05 49.63
N LEU L 221 -39.05 -10.51 50.70
CA LEU L 221 -39.07 -9.07 50.86
C LEU L 221 -37.67 -8.51 51.05
N ILE L 222 -36.83 -9.21 51.82
CA ILE L 222 -35.48 -8.73 52.07
C ILE L 222 -34.68 -8.73 50.77
N ILE L 223 -34.79 -9.81 49.99
CA ILE L 223 -34.05 -9.88 48.74
C ILE L 223 -34.55 -8.85 47.75
N ILE L 224 -35.86 -8.60 47.73
CA ILE L 224 -36.39 -7.59 46.83
C ILE L 224 -35.90 -6.21 47.23
N LEU L 225 -35.81 -5.94 48.53
CA LEU L 225 -35.31 -4.64 48.95
C LEU L 225 -33.83 -4.47 48.64
N LEU L 226 -33.05 -5.54 48.83
CA LEU L 226 -31.64 -5.47 48.48
C LEU L 226 -31.47 -5.27 46.98
N ALA L 227 -32.31 -5.93 46.18
CA ALA L 227 -32.23 -5.75 44.74
C ALA L 227 -32.63 -4.34 44.35
N CYS L 228 -33.63 -3.78 45.01
CA CYS L 228 -34.01 -2.39 44.74
C CYS L 228 -32.86 -1.46 45.06
N ILE L 229 -32.19 -1.67 46.19
CA ILE L 229 -31.05 -0.83 46.53
C ILE L 229 -29.98 -0.93 45.46
N TYR L 230 -29.65 -2.16 45.06
CA TYR L 230 -28.60 -2.33 44.07
C TYR L 230 -28.97 -1.68 42.75
N LEU L 231 -30.21 -1.86 42.30
CA LEU L 231 -30.60 -1.31 41.01
C LEU L 231 -30.68 0.20 41.06
N GLY L 232 -31.11 0.76 42.18
CA GLY L 232 -31.11 2.20 42.31
C GLY L 232 -29.72 2.76 42.30
N TYR L 233 -28.78 2.06 42.92
CA TYR L 233 -27.39 2.48 42.83
C TYR L 233 -26.90 2.40 41.40
N TYR L 234 -27.17 1.29 40.73
CA TYR L 234 -26.64 1.08 39.40
C TYR L 234 -27.18 2.10 38.40
N PHE L 235 -28.48 2.36 38.46
CA PHE L 235 -29.06 3.36 37.58
C PHE L 235 -28.51 4.75 37.86
N SER L 236 -28.03 4.99 39.07
CA SER L 236 -27.47 6.28 39.43
C SER L 236 -26.04 6.46 38.97
N LEU L 237 -25.45 5.47 38.31
CA LEU L 237 -24.08 5.61 37.84
C LEU L 237 -23.98 6.74 36.83
N SER L 238 -22.75 7.21 36.61
CA SER L 238 -22.52 8.48 35.94
C SER L 238 -22.94 8.49 34.47
N SER L 239 -23.17 7.33 33.87
CA SER L 239 -23.54 7.20 32.45
C SER L 239 -22.37 7.55 31.53
N LEU L 240 -21.29 8.07 32.10
CA LEU L 240 -20.00 8.14 31.44
C LEU L 240 -19.03 7.17 32.05
N SER L 241 -19.46 6.38 33.03
CA SER L 241 -18.62 5.38 33.64
C SER L 241 -18.33 4.23 32.70
N ASP L 242 -19.02 4.16 31.57
CA ASP L 242 -18.72 3.14 30.58
C ASP L 242 -17.51 3.47 29.73
N GLU L 243 -16.98 4.67 29.83
CA GLU L 243 -15.75 5.05 29.16
C GLU L 243 -14.60 4.92 30.14
N PHE L 244 -13.65 4.06 29.84
CA PHE L 244 -12.47 3.93 30.66
C PHE L 244 -11.23 3.87 29.78
N VAL L 245 -10.12 4.30 30.33
CA VAL L 245 -8.85 4.28 29.63
C VAL L 245 -8.09 3.03 30.01
N CYS L 246 -7.62 2.29 29.02
CA CYS L 246 -7.00 1.00 29.23
C CYS L 246 -5.61 1.00 28.60
N SER L 247 -4.68 0.27 29.20
CA SER L 247 -3.28 0.28 28.78
C SER L 247 -2.75 -1.14 28.69
N ILE L 248 -2.41 -1.58 27.49
CA ILE L 248 -1.81 -2.90 27.30
C ILE L 248 -0.30 -2.70 27.34
N LYS L 249 0.23 -2.57 28.55
CA LYS L 249 1.67 -2.36 28.67
C LYS L 249 2.25 -3.15 29.81
N SER L 250 1.76 -4.36 30.03
CA SER L 250 2.36 -5.27 30.99
C SER L 250 3.23 -6.26 30.24
N GLY L 251 4.22 -6.79 30.96
CA GLY L 251 5.06 -7.79 30.32
C GLY L 251 5.98 -7.15 29.29
N ILE L 252 6.26 -7.91 28.24
CA ILE L 252 7.22 -7.46 27.23
C ILE L 252 6.70 -6.31 26.40
N LEU L 253 5.42 -6.01 26.46
CA LEU L 253 4.92 -4.85 25.73
C LEU L 253 5.27 -3.54 26.42
N ARG L 254 5.82 -3.60 27.63
CA ARG L 254 6.19 -2.38 28.33
C ARG L 254 7.27 -1.64 27.57
N ALA L 255 8.21 -2.40 26.99
CA ALA L 255 9.34 -1.82 26.22
C ALA L 255 8.90 -1.53 24.78
N ASP L 256 7.72 -2.00 24.37
CA ASP L 256 7.20 -1.81 22.99
C ASP L 256 6.77 -0.34 22.77
N SER L 257 7.42 0.35 21.82
CA SER L 257 7.11 1.78 21.54
C SER L 257 6.05 1.94 20.43
N THR L 258 5.68 0.86 19.74
CA THR L 258 4.67 0.98 18.65
C THR L 258 3.26 1.01 19.26
N VAL L 259 3.17 0.65 20.54
CA VAL L 259 1.93 0.60 21.31
C VAL L 259 1.76 1.93 22.06
N PRO L 260 0.66 2.64 21.84
CA PRO L 260 0.42 3.86 22.60
C PRO L 260 0.28 3.57 24.08
N ASP L 261 0.41 4.63 24.88
CA ASP L 261 0.42 4.45 26.33
C ASP L 261 -0.92 3.97 26.83
N GLN L 262 -2.01 4.40 26.20
CA GLN L 262 -3.33 4.05 26.70
C GLN L 262 -4.36 4.17 25.59
N PHE L 263 -5.44 3.41 25.72
CA PHE L 263 -6.49 3.32 24.73
C PHE L 263 -7.81 3.78 25.33
N GLN L 264 -8.66 4.37 24.50
CA GLN L 264 -9.98 4.81 24.93
C GLN L 264 -10.99 3.72 24.62
N CYS L 265 -11.38 2.96 25.63
CA CYS L 265 -12.37 1.91 25.48
C CYS L 265 -13.72 2.39 25.97
N LYS L 266 -14.78 1.83 25.41
CA LYS L 266 -16.14 2.13 25.84
C LYS L 266 -16.94 0.85 25.94
N LEU L 267 -17.65 0.67 27.05
CA LEU L 267 -18.51 -0.48 27.27
C LEU L 267 -19.86 -0.18 26.64
N ILE L 268 -20.08 -0.67 25.43
CA ILE L 268 -21.38 -0.52 24.81
C ILE L 268 -22.41 -1.24 25.65
N ALA L 269 -23.67 -0.90 25.43
CA ALA L 269 -24.79 -1.55 26.09
C ALA L 269 -24.83 -1.30 27.59
N VAL L 270 -24.23 -0.22 28.05
CA VAL L 270 -24.44 0.20 29.42
C VAL L 270 -25.66 1.09 29.54
N GLY L 271 -25.94 1.90 28.51
CA GLY L 271 -27.17 2.66 28.53
C GLY L 271 -28.39 1.77 28.55
N ILE L 272 -28.35 0.68 27.79
CA ILE L 272 -29.43 -0.31 27.83
C ILE L 272 -29.54 -0.92 29.21
N PHE L 273 -28.40 -1.22 29.83
CA PHE L 273 -28.43 -1.80 31.17
C PHE L 273 -29.08 -0.85 32.15
N GLN L 274 -28.78 0.43 32.05
CA GLN L 274 -29.33 1.38 33.01
C GLN L 274 -30.82 1.61 32.77
N LEU L 275 -31.25 1.66 31.51
CA LEU L 275 -32.68 1.75 31.25
C LEU L 275 -33.42 0.53 31.77
N LEU L 276 -32.88 -0.65 31.55
CA LEU L 276 -33.56 -1.84 32.02
C LEU L 276 -33.52 -1.94 33.53
N SER L 277 -32.45 -1.37 34.10
CA SER L 277 -32.25 -1.31 35.57
C SER L 277 -33.34 -0.44 36.21
N VAL L 278 -33.69 0.68 35.57
CA VAL L 278 -34.74 1.52 36.15
C VAL L 278 -36.09 0.86 35.96
N ILE L 279 -36.30 0.13 34.86
CA ILE L 279 -37.56 -0.60 34.70
C ILE L 279 -37.72 -1.64 35.80
N ASN L 280 -36.66 -2.42 36.04
CA ASN L 280 -36.70 -3.43 37.09
C ASN L 280 -36.92 -2.81 38.46
N LEU L 281 -36.28 -1.68 38.73
CA LEU L 281 -36.45 -1.03 40.02
C LEU L 281 -37.88 -0.56 40.21
N VAL L 282 -38.50 -0.03 39.14
CA VAL L 282 -39.88 0.40 39.24
C VAL L 282 -40.77 -0.78 39.58
N VAL L 283 -40.61 -1.89 38.85
CA VAL L 283 -41.48 -3.03 39.10
C VAL L 283 -41.25 -3.60 40.51
N TYR L 284 -40.01 -3.64 40.97
CA TYR L 284 -39.77 -4.22 42.28
C TYR L 284 -40.26 -3.33 43.39
N VAL L 285 -40.17 -2.01 43.23
CA VAL L 285 -40.68 -1.14 44.27
C VAL L 285 -42.20 -1.10 44.25
N LEU L 286 -42.83 -1.47 43.14
CA LEU L 286 -44.27 -1.68 43.17
C LEU L 286 -44.61 -3.03 43.77
N LEU L 287 -43.72 -4.00 43.66
CA LEU L 287 -44.00 -5.35 44.14
C LEU L 287 -43.81 -5.48 45.64
N ALA L 288 -42.87 -4.73 46.21
CA ALA L 288 -42.61 -4.85 47.65
C ALA L 288 -43.84 -4.63 48.51
N PRO L 289 -44.71 -3.64 48.26
CA PRO L 289 -45.91 -3.52 49.09
C PRO L 289 -46.79 -4.74 49.04
N VAL L 290 -46.84 -5.44 47.91
CA VAL L 290 -47.65 -6.64 47.81
C VAL L 290 -47.11 -7.71 48.74
N VAL L 291 -45.79 -7.87 48.78
CA VAL L 291 -45.21 -8.85 49.69
C VAL L 291 -45.49 -8.47 51.13
N VAL L 292 -45.36 -7.19 51.46
CA VAL L 292 -45.64 -6.77 52.83
C VAL L 292 -47.09 -7.06 53.18
N TYR L 293 -48.00 -6.85 52.24
CA TYR L 293 -49.40 -7.13 52.52
C TYR L 293 -49.63 -8.61 52.76
N THR L 294 -49.03 -9.47 51.93
CA THR L 294 -49.15 -10.89 52.18
C THR L 294 -48.58 -11.28 53.54
N LEU L 295 -47.64 -10.48 54.05
CA LEU L 295 -47.04 -10.82 55.33
C LEU L 295 -48.06 -10.86 56.46
N PHE L 296 -49.18 -10.15 56.33
CA PHE L 296 -50.23 -10.16 57.37
C PHE L 296 -51.25 -11.24 57.04
N VAL L 297 -50.94 -12.46 57.44
CA VAL L 297 -51.78 -13.60 57.10
C VAL L 297 -53.14 -13.56 57.79
N PRO L 298 -53.30 -13.10 59.04
CA PRO L 298 -54.66 -13.10 59.60
C PRO L 298 -55.56 -12.10 58.91
N PHE L 299 -55.04 -10.91 58.62
CA PHE L 299 -55.83 -9.88 57.96
C PHE L 299 -56.40 -10.37 56.64
N ARG L 300 -55.67 -11.22 55.92
CA ARG L 300 -56.16 -11.69 54.64
C ARG L 300 -57.25 -12.75 54.77
N GLN L 301 -57.37 -13.38 55.93
CA GLN L 301 -58.42 -14.39 56.12
C GLN L 301 -59.76 -13.69 56.13
N LYS L 302 -60.46 -13.74 55.00
CA LYS L 302 -61.73 -13.04 54.85
C LYS L 302 -62.66 -13.91 54.00
N THR L 303 -63.94 -13.53 54.01
CA THR L 303 -64.99 -14.26 53.29
C THR L 303 -64.99 -15.74 53.69
N ASP L 304 -65.28 -15.96 54.98
CA ASP L 304 -65.15 -17.28 55.59
C ASP L 304 -65.95 -18.33 54.84
N VAL L 305 -65.26 -19.28 54.23
CA VAL L 305 -65.95 -20.41 53.62
C VAL L 305 -66.54 -21.31 54.70
N LEU L 306 -65.90 -21.38 55.86
CA LEU L 306 -66.42 -22.19 56.95
C LEU L 306 -67.79 -21.70 57.39
N LYS L 307 -68.10 -20.42 57.20
CA LYS L 307 -69.40 -19.89 57.59
C LYS L 307 -70.52 -20.59 56.84
N VAL L 308 -70.29 -20.90 55.55
CA VAL L 308 -71.31 -21.57 54.75
C VAL L 308 -71.68 -22.91 55.37
N TYR L 309 -70.68 -23.71 55.74
CA TYR L 309 -70.97 -25.00 56.34
C TYR L 309 -71.50 -24.84 57.75
N GLU L 310 -71.10 -23.76 58.43
CA GLU L 310 -71.67 -23.45 59.73
C GLU L 310 -73.17 -23.21 59.64
N ILE L 311 -73.63 -22.69 58.50
CA ILE L 311 -75.07 -22.54 58.29
C ILE L 311 -75.76 -23.90 58.32
N LEU L 312 -75.08 -24.93 57.86
CA LEU L 312 -75.64 -26.28 57.96
C LEU L 312 -75.78 -26.67 59.43
N PRO L 313 -76.88 -27.32 59.81
CA PRO L 313 -77.08 -27.64 61.23
C PRO L 313 -76.12 -28.67 61.78
N THR L 314 -75.83 -29.73 61.01
CA THR L 314 -75.03 -30.84 61.52
C THR L 314 -73.64 -30.37 61.92
N PHE L 315 -73.00 -29.57 61.08
CA PHE L 315 -71.71 -28.99 61.44
C PHE L 315 -71.90 -27.94 62.51
N ASP L 316 -70.90 -27.81 63.37
CA ASP L 316 -70.96 -26.82 64.44
C ASP L 316 -71.08 -25.43 63.84
N VAL L 317 -72.00 -24.64 64.39
CA VAL L 317 -72.28 -23.32 63.83
C VAL L 317 -71.31 -22.34 64.46
N LEU L 318 -70.09 -22.32 63.95
CA LEU L 318 -69.07 -21.36 64.35
C LEU L 318 -68.06 -21.26 63.21
N HIS L 319 -67.52 -20.05 63.03
CA HIS L 319 -66.37 -19.92 62.15
C HIS L 319 -65.18 -20.66 62.71
N PHE L 320 -64.91 -20.47 64.01
CA PHE L 320 -63.82 -21.14 64.72
C PHE L 320 -62.51 -21.08 63.95
N LYS L 321 -62.34 -20.04 63.13
CA LYS L 321 -61.15 -19.95 62.29
C LYS L 321 -60.91 -18.47 61.98
N SER L 322 -60.00 -17.86 62.74
CA SER L 322 -59.56 -16.48 62.56
C SER L 322 -58.61 -16.13 63.69
N GLU L 323 -58.05 -14.92 63.60
CA GLU L 323 -57.47 -14.20 64.75
C GLU L 323 -56.36 -15.01 65.41
N GLY L 324 -55.28 -15.18 64.66
CA GLY L 324 -54.10 -15.79 65.25
C GLY L 324 -52.94 -15.95 64.31
N TYR L 325 -51.73 -15.83 64.85
CA TYR L 325 -50.51 -16.20 64.12
C TYR L 325 -50.23 -17.69 64.30
N ASN L 326 -51.18 -18.48 63.82
CA ASN L 326 -51.16 -19.92 63.99
C ASN L 326 -51.49 -20.57 62.66
N ASP L 327 -51.16 -21.86 62.55
CA ASP L 327 -51.35 -22.58 61.29
C ASP L 327 -52.81 -22.57 60.85
N LEU L 328 -53.74 -22.28 61.76
CA LEU L 328 -55.14 -22.24 61.37
C LEU L 328 -55.41 -21.15 60.35
N SER L 329 -54.76 -20.00 60.52
CA SER L 329 -54.96 -18.91 59.55
C SER L 329 -54.44 -19.31 58.18
N LEU L 330 -53.27 -19.94 58.14
CA LEU L 330 -52.76 -20.45 56.88
C LEU L 330 -53.75 -21.42 56.24
N TYR L 331 -54.25 -22.37 57.04
CA TYR L 331 -55.18 -23.34 56.49
C TYR L 331 -56.45 -22.67 56.02
N ASN L 332 -56.84 -21.57 56.67
CA ASN L 332 -58.00 -20.83 56.20
C ASN L 332 -57.75 -20.23 54.83
N LEU L 333 -56.58 -19.62 54.65
CA LEU L 333 -56.26 -19.05 53.33
C LEU L 333 -56.25 -20.14 52.27
N PHE L 334 -55.58 -21.25 52.55
CA PHE L 334 -55.49 -22.30 51.54
C PHE L 334 -56.82 -22.98 51.31
N LEU L 335 -57.69 -22.99 52.31
CA LEU L 335 -59.04 -23.50 52.11
C LEU L 335 -59.84 -22.59 51.21
N GLU L 336 -59.80 -21.27 51.48
CA GLU L 336 -60.44 -20.34 50.58
C GLU L 336 -59.91 -20.50 49.17
N GLU L 337 -58.65 -20.87 49.03
CA GLU L 337 -58.09 -21.00 47.69
C GLU L 337 -58.59 -22.27 46.99
N ASN L 338 -58.32 -23.43 47.57
CA ASN L 338 -58.66 -24.70 46.94
C ASN L 338 -60.09 -25.13 47.19
N ILE L 339 -60.95 -24.24 47.70
CA ILE L 339 -62.29 -24.66 48.08
C ILE L 339 -63.23 -24.73 46.89
N SER L 340 -62.91 -24.09 45.77
CA SER L 340 -63.82 -24.10 44.64
C SER L 340 -63.89 -25.46 43.96
N GLU L 341 -62.90 -26.32 44.19
CA GLU L 341 -62.88 -27.60 43.48
C GLU L 341 -63.90 -28.59 44.00
N VAL L 342 -64.33 -28.45 45.26
CA VAL L 342 -65.32 -29.35 45.82
C VAL L 342 -66.72 -28.85 45.45
N LYS L 343 -67.51 -29.73 44.84
CA LYS L 343 -68.84 -29.36 44.38
C LYS L 343 -69.78 -29.14 45.57
N SER L 344 -69.55 -29.85 46.68
CA SER L 344 -70.40 -29.67 47.86
C SER L 344 -70.38 -28.23 48.34
N TYR L 345 -69.20 -27.61 48.36
CA TYR L 345 -69.12 -26.21 48.72
C TYR L 345 -69.95 -25.37 47.76
N LYS L 346 -69.84 -25.66 46.46
CA LYS L 346 -70.59 -24.87 45.48
C LYS L 346 -72.08 -24.92 45.76
N CYS L 347 -72.60 -26.12 46.02
CA CYS L 347 -74.02 -26.24 46.32
C CYS L 347 -74.39 -25.48 47.58
N LEU L 348 -73.58 -25.61 48.63
CA LEU L 348 -73.93 -24.96 49.87
C LEU L 348 -73.84 -23.43 49.74
N LYS L 349 -72.92 -22.95 48.90
CA LYS L 349 -72.78 -21.51 48.70
C LYS L 349 -73.96 -20.95 47.94
N VAL L 350 -74.44 -21.66 46.91
CA VAL L 350 -75.61 -21.15 46.20
C VAL L 350 -76.83 -21.21 47.10
N LEU L 351 -76.93 -22.23 47.97
CA LEU L 351 -77.99 -22.23 48.98
C LEU L 351 -77.89 -21.03 49.91
N GLU L 352 -76.67 -20.67 50.32
CA GLU L 352 -76.51 -19.50 51.19
C GLU L 352 -76.89 -18.22 50.48
N ASN L 353 -76.59 -18.14 49.18
CA ASN L 353 -77.01 -16.98 48.40
C ASN L 353 -78.53 -16.91 48.31
N ILE L 354 -79.18 -18.04 48.11
CA ILE L 354 -80.64 -18.07 48.10
C ILE L 354 -81.17 -17.63 49.46
N LYS L 355 -80.49 -18.04 50.53
CA LYS L 355 -80.83 -17.55 51.86
C LYS L 355 -80.70 -16.04 51.92
N SER L 356 -79.68 -15.49 51.28
CA SER L 356 -79.57 -14.04 51.16
C SER L 356 -80.78 -13.47 50.44
N SER L 357 -81.22 -14.15 49.37
CA SER L 357 -82.49 -13.81 48.74
C SER L 357 -83.66 -14.10 49.69
N GLY L 358 -83.56 -15.19 50.44
CA GLY L 358 -84.56 -15.51 51.45
C GLY L 358 -85.92 -15.88 50.91
N GLN L 359 -85.97 -16.81 49.97
CA GLN L 359 -87.22 -17.22 49.35
C GLN L 359 -87.74 -18.54 49.93
N GLY L 360 -86.94 -19.60 49.87
CA GLY L 360 -87.38 -20.90 50.34
C GLY L 360 -86.82 -21.31 51.69
N ILE L 361 -86.14 -22.44 51.72
CA ILE L 361 -85.55 -22.97 52.94
C ILE L 361 -84.31 -23.79 52.57
N ASP L 362 -83.39 -23.91 53.53
CA ASP L 362 -82.15 -24.63 53.25
C ASP L 362 -82.36 -26.12 53.00
N PRO L 363 -82.99 -26.90 53.90
CA PRO L 363 -83.01 -28.34 53.69
C PRO L 363 -83.84 -28.77 52.49
N MET L 364 -84.95 -28.09 52.23
CA MET L 364 -85.80 -28.49 51.11
C MET L 364 -85.07 -28.33 49.78
N LEU L 365 -84.49 -27.14 49.55
CA LEU L 365 -83.76 -26.91 48.32
C LEU L 365 -82.49 -27.74 48.24
N LEU L 366 -81.89 -28.07 49.40
CA LEU L 366 -80.73 -28.96 49.39
C LEU L 366 -81.12 -30.36 48.92
N LEU L 367 -82.24 -30.88 49.42
CA LEU L 367 -82.73 -32.17 48.96
C LEU L 367 -83.11 -32.11 47.49
N THR L 368 -83.63 -30.97 47.04
CA THR L 368 -83.96 -30.81 45.62
C THR L 368 -82.70 -30.81 44.76
N ASN L 369 -81.62 -30.20 45.25
CA ASN L 369 -80.35 -30.12 44.54
C ASN L 369 -79.92 -31.45 43.95
N LEU L 370 -79.75 -32.47 44.81
CA LEU L 370 -79.32 -33.81 44.40
C LEU L 370 -77.93 -33.75 43.76
N GLY L 371 -76.97 -33.29 44.55
CA GLY L 371 -75.59 -33.11 44.14
C GLY L 371 -74.61 -33.86 45.02
N MET L 372 -74.95 -35.09 45.41
CA MET L 372 -74.08 -35.89 46.26
C MET L 372 -72.74 -36.17 45.59
N ILE L 373 -72.76 -36.48 44.29
CA ILE L 373 -71.54 -36.76 43.55
C ILE L 373 -71.63 -36.21 42.13
N ALA M 2 -28.30 -18.06 25.51
CA ALA M 2 -28.75 -16.94 26.32
C ALA M 2 -28.63 -17.28 27.79
N ILE M 3 -28.38 -16.24 28.60
CA ILE M 3 -28.20 -16.41 30.08
C ILE M 3 -29.51 -16.89 30.71
N ALA M 4 -30.66 -16.45 30.19
CA ALA M 4 -31.94 -16.85 30.76
C ALA M 4 -32.29 -18.28 30.43
N GLN M 5 -31.88 -18.77 29.26
CA GLN M 5 -32.15 -20.17 28.93
C GLN M 5 -31.39 -21.10 29.85
N LEU M 6 -30.11 -20.78 30.12
CA LEU M 6 -29.37 -21.57 31.09
C LEU M 6 -30.03 -21.52 32.44
N ALA M 7 -30.52 -20.35 32.85
CA ALA M 7 -31.22 -20.26 34.12
C ALA M 7 -32.40 -21.21 34.15
N THR M 8 -33.30 -21.10 33.18
CA THR M 8 -34.45 -22.00 33.16
C THR M 8 -33.99 -23.45 33.25
N GLU M 9 -33.12 -23.85 32.32
CA GLU M 9 -32.72 -25.25 32.22
C GLU M 9 -32.13 -25.79 33.51
N TYR M 10 -31.34 -24.99 34.22
CA TYR M 10 -30.55 -25.54 35.31
C TYR M 10 -31.03 -25.18 36.70
N VAL M 11 -31.96 -24.25 36.86
CA VAL M 11 -32.58 -24.00 38.15
C VAL M 11 -34.09 -24.15 38.10
N PHE M 12 -34.74 -23.64 37.06
CA PHE M 12 -36.19 -23.62 37.08
C PHE M 12 -36.80 -24.87 36.50
N SER M 13 -36.10 -25.56 35.62
CA SER M 13 -36.57 -26.87 35.18
C SER M 13 -36.29 -27.90 36.28
N ASP M 14 -36.95 -29.05 36.16
CA ASP M 14 -36.74 -30.13 37.11
C ASP M 14 -35.49 -30.91 36.72
N PHE M 15 -34.38 -30.19 36.55
CA PHE M 15 -33.12 -30.83 36.18
C PHE M 15 -32.65 -31.73 37.30
N LEU M 16 -32.43 -33.01 36.97
CA LEU M 16 -32.09 -34.05 37.94
C LEU M 16 -33.14 -34.18 39.04
N LEU M 17 -34.34 -33.63 38.81
CA LEU M 17 -35.49 -33.86 39.65
C LEU M 17 -36.51 -34.77 38.95
N LYS M 18 -36.12 -35.40 37.85
CA LYS M 18 -37.03 -36.26 37.12
C LYS M 18 -37.31 -37.52 37.92
N GLU M 19 -38.59 -37.79 38.17
CA GLU M 19 -38.97 -39.01 38.83
C GLU M 19 -38.64 -40.21 37.92
N PRO M 20 -38.42 -41.39 38.50
CA PRO M 20 -38.11 -42.56 37.67
C PRO M 20 -39.18 -42.83 36.62
N THR M 21 -38.78 -42.73 35.35
CA THR M 21 -39.69 -42.99 34.23
C THR M 21 -39.86 -44.49 34.09
N GLU M 22 -40.64 -45.06 35.01
CA GLU M 22 -40.88 -46.50 35.05
C GLU M 22 -42.04 -46.78 35.99
N PRO M 23 -42.86 -47.79 35.69
CA PRO M 23 -43.95 -48.17 36.61
C PRO M 23 -43.49 -48.94 37.84
N LYS M 24 -42.19 -49.27 37.93
CA LYS M 24 -41.71 -50.00 39.09
C LYS M 24 -41.69 -49.12 40.33
N PHE M 25 -41.18 -47.91 40.20
CA PHE M 25 -41.16 -46.92 41.28
C PHE M 25 -42.09 -45.78 40.86
N LYS M 26 -43.34 -45.85 41.30
CA LYS M 26 -44.35 -44.83 41.02
C LYS M 26 -44.71 -44.17 42.35
N GLY M 27 -44.16 -42.98 42.58
CA GLY M 27 -44.38 -42.28 43.83
C GLY M 27 -43.49 -42.68 44.98
N LEU M 28 -42.72 -43.76 44.85
CA LEU M 28 -41.72 -44.08 45.87
C LEU M 28 -40.46 -43.26 45.62
N ARG M 29 -39.94 -42.63 46.67
CA ARG M 29 -38.86 -41.68 46.48
C ARG M 29 -37.51 -42.36 46.35
N LEU M 30 -37.15 -43.21 47.31
CA LEU M 30 -35.89 -43.96 47.35
C LEU M 30 -34.68 -43.06 47.57
N GLU M 31 -34.85 -41.75 47.67
CA GLU M 31 -33.76 -40.84 47.98
C GLU M 31 -34.29 -39.75 48.88
N LEU M 32 -33.70 -39.63 50.06
CA LEU M 32 -34.15 -38.61 50.99
C LEU M 32 -34.05 -37.23 50.35
N ALA M 33 -35.04 -36.38 50.63
CA ALA M 33 -35.12 -35.10 49.96
C ALA M 33 -33.86 -34.29 50.13
N VAL M 34 -33.25 -34.32 51.32
CA VAL M 34 -32.03 -33.56 51.53
C VAL M 34 -30.90 -34.12 50.66
N ASP M 35 -30.86 -35.43 50.48
CA ASP M 35 -29.84 -35.99 49.61
C ASP M 35 -30.09 -35.59 48.16
N LYS M 36 -31.36 -35.56 47.76
CA LYS M 36 -31.67 -35.15 46.40
C LYS M 36 -31.24 -33.72 46.15
N MET M 37 -31.51 -32.82 47.09
CA MET M 37 -31.12 -31.42 46.88
C MET M 37 -29.63 -31.25 46.95
N VAL M 38 -28.95 -32.00 47.83
CA VAL M 38 -27.50 -31.90 47.90
C VAL M 38 -26.88 -32.32 46.59
N THR M 39 -27.33 -33.44 46.04
CA THR M 39 -26.81 -33.88 44.74
C THR M 39 -27.13 -32.86 43.66
N CYS M 40 -28.38 -32.38 43.63
CA CYS M 40 -28.76 -31.43 42.60
C CYS M 40 -27.87 -30.20 42.62
N ILE M 41 -27.66 -29.62 43.79
CA ILE M 41 -26.78 -28.46 43.88
C ILE M 41 -25.36 -28.86 43.47
N ALA M 42 -24.77 -29.81 44.20
CA ALA M 42 -23.37 -30.12 44.01
C ALA M 42 -23.03 -30.52 42.58
N VAL M 43 -24.00 -31.00 41.81
CA VAL M 43 -23.74 -31.43 40.45
C VAL M 43 -24.13 -30.37 39.43
N GLY M 44 -25.30 -29.76 39.59
CA GLY M 44 -25.74 -28.78 38.62
C GLY M 44 -25.05 -27.45 38.72
N LEU M 45 -24.52 -27.10 39.89
CA LEU M 45 -23.86 -25.81 40.01
C LEU M 45 -22.62 -25.70 39.15
N PRO M 46 -21.69 -26.65 39.15
CA PRO M 46 -20.57 -26.53 38.22
C PRO M 46 -20.99 -26.53 36.77
N LEU M 47 -22.05 -27.24 36.40
CA LEU M 47 -22.49 -27.19 35.01
C LEU M 47 -23.06 -25.83 34.65
N LEU M 48 -23.89 -25.27 35.53
CA LEU M 48 -24.41 -23.93 35.27
C LEU M 48 -23.28 -22.92 35.20
N LEU M 49 -22.26 -23.08 36.04
CA LEU M 49 -21.14 -22.16 36.03
C LEU M 49 -20.34 -22.29 34.75
N ILE M 50 -20.12 -23.51 34.28
CA ILE M 50 -19.45 -23.71 33.00
C ILE M 50 -20.22 -23.03 31.89
N SER M 51 -21.54 -23.22 31.88
CA SER M 51 -22.34 -22.59 30.84
C SER M 51 -22.30 -21.08 30.92
N LEU M 52 -22.23 -20.53 32.12
CA LEU M 52 -22.18 -19.09 32.27
C LEU M 52 -20.85 -18.52 31.82
N ALA M 53 -19.76 -19.22 32.10
CA ALA M 53 -18.43 -18.69 31.78
C ALA M 53 -18.25 -18.45 30.30
N PHE M 54 -19.06 -19.06 29.46
CA PHE M 54 -18.97 -18.87 28.01
C PHE M 54 -20.29 -18.37 27.43
N ALA M 55 -21.12 -17.75 28.26
CA ALA M 55 -22.31 -17.11 27.73
C ALA M 55 -21.94 -16.07 26.70
N GLN M 56 -22.77 -15.94 25.67
CA GLN M 56 -22.40 -15.10 24.54
C GLN M 56 -22.31 -13.64 24.93
N GLU M 57 -22.90 -13.25 26.06
CA GLU M 57 -22.87 -11.87 26.50
C GLU M 57 -21.77 -11.56 27.49
N ILE M 58 -21.04 -12.56 27.97
CA ILE M 58 -19.80 -12.29 28.67
C ILE M 58 -18.59 -12.56 27.79
N SER M 59 -18.67 -13.51 26.88
CA SER M 59 -17.53 -13.86 26.05
C SER M 59 -17.28 -12.77 25.02
N ILE M 60 -16.05 -12.27 24.99
CA ILE M 60 -15.70 -11.24 24.02
C ILE M 60 -15.40 -11.85 22.66
N GLY M 61 -14.98 -13.11 22.65
CA GLY M 61 -14.49 -13.72 21.43
C GLY M 61 -13.73 -15.00 21.74
N THR M 62 -12.52 -15.10 21.20
CA THR M 62 -11.66 -16.23 21.47
C THR M 62 -11.20 -16.26 22.91
N GLN M 63 -10.55 -17.35 23.29
CA GLN M 63 -10.03 -17.50 24.64
C GLN M 63 -8.62 -16.98 24.81
N ILE M 64 -7.89 -16.74 23.71
CA ILE M 64 -6.52 -16.29 23.78
C ILE M 64 -6.27 -15.31 22.65
N SER M 65 -5.42 -14.32 22.91
CA SER M 65 -5.00 -13.37 21.91
C SER M 65 -3.56 -12.98 22.21
N CYS M 66 -2.76 -12.79 21.16
CA CYS M 66 -1.31 -12.81 21.35
C CYS M 66 -0.55 -11.60 20.85
N PHE M 67 -1.18 -10.65 20.16
CA PHE M 67 -0.52 -9.40 19.76
C PHE M 67 0.75 -9.65 18.95
N SER M 68 0.55 -10.16 17.74
CA SER M 68 1.61 -10.26 16.77
C SER M 68 2.03 -8.86 16.29
N PRO M 69 3.19 -8.76 15.64
CA PRO M 69 3.60 -7.48 15.06
C PRO M 69 2.63 -7.00 13.99
N SER M 70 2.71 -5.71 13.71
CA SER M 70 1.83 -5.14 12.69
C SER M 70 2.22 -5.62 11.30
N SER M 71 3.47 -6.03 11.13
CA SER M 71 3.90 -6.57 9.85
C SER M 71 3.22 -7.88 9.53
N PHE M 72 2.81 -8.62 10.55
CA PHE M 72 2.21 -9.92 10.33
C PHE M 72 0.88 -9.79 9.60
N SER M 73 0.64 -10.70 8.67
CA SER M 73 -0.65 -10.73 8.01
C SER M 73 -1.69 -11.29 8.96
N TRP M 74 -2.95 -11.28 8.51
CA TRP M 74 -4.02 -11.82 9.33
C TRP M 74 -3.77 -13.29 9.65
N ARG M 75 -3.33 -14.06 8.66
CA ARG M 75 -3.15 -15.49 8.87
C ARG M 75 -1.93 -15.79 9.71
N GLN M 76 -0.89 -14.96 9.65
CA GLN M 76 0.24 -15.17 10.53
C GLN M 76 -0.14 -14.92 11.98
N ALA M 77 -0.94 -13.89 12.22
CA ALA M 77 -1.43 -13.65 13.57
C ALA M 77 -2.28 -14.81 14.05
N ALA M 78 -3.12 -15.35 13.16
CA ALA M 78 -3.91 -16.51 13.54
C ALA M 78 -3.01 -17.68 13.89
N PHE M 79 -1.93 -17.87 13.13
CA PHE M 79 -0.99 -18.93 13.46
C PHE M 79 -0.39 -18.72 14.83
N VAL M 80 -0.05 -17.47 15.17
CA VAL M 80 0.55 -17.21 16.47
C VAL M 80 -0.42 -17.56 17.57
N ASP M 81 -1.68 -17.12 17.44
CA ASP M 81 -2.68 -17.45 18.44
C ASP M 81 -2.83 -18.95 18.61
N SER M 82 -2.98 -19.67 17.50
CA SER M 82 -3.18 -21.10 17.58
C SER M 82 -1.97 -21.80 18.17
N TYR M 83 -0.77 -21.39 17.77
CA TYR M 83 0.43 -22.03 18.28
C TYR M 83 0.54 -21.83 19.77
N CYS M 84 0.33 -20.61 20.25
CA CYS M 84 0.49 -20.39 21.68
C CYS M 84 -0.59 -21.10 22.48
N TRP M 85 -1.81 -21.14 21.95
CA TRP M 85 -2.88 -21.90 22.59
C TRP M 85 -2.48 -23.37 22.73
N ALA M 86 -1.95 -23.95 21.67
CA ALA M 86 -1.52 -25.34 21.77
C ALA M 86 -0.24 -25.49 22.58
N ALA M 87 0.48 -24.40 22.78
CA ALA M 87 1.77 -24.44 23.43
C ALA M 87 1.70 -24.16 24.92
N VAL M 88 0.51 -23.88 25.46
CA VAL M 88 0.42 -23.86 26.91
C VAL M 88 0.74 -25.23 27.50
N GLN M 89 0.71 -26.28 26.70
CA GLN M 89 1.13 -27.60 27.18
C GLN M 89 2.64 -27.77 27.09
N GLN M 90 3.22 -27.49 25.92
CA GLN M 90 4.66 -27.67 25.73
C GLN M 90 5.41 -26.64 26.57
N LYS M 91 6.02 -27.09 27.67
CA LYS M 91 6.61 -26.16 28.62
C LYS M 91 7.84 -25.44 28.09
N ASN M 92 8.47 -25.98 27.04
CA ASN M 92 9.71 -25.38 26.56
C ASN M 92 9.48 -24.06 25.86
N SER M 93 8.34 -23.90 25.18
CA SER M 93 8.13 -22.74 24.34
C SER M 93 7.71 -21.52 25.14
N LEU M 94 6.85 -21.68 26.13
CA LEU M 94 6.28 -20.56 26.85
C LEU M 94 7.02 -20.30 28.15
N GLN M 95 7.16 -19.03 28.50
CA GLN M 95 7.83 -18.59 29.72
C GLN M 95 6.88 -17.67 30.47
N SER M 96 6.40 -18.10 31.63
CA SER M 96 5.47 -17.32 32.44
C SER M 96 6.05 -17.11 33.83
N GLU M 97 5.69 -15.98 34.45
CA GLU M 97 6.22 -15.64 35.76
C GLU M 97 5.73 -16.61 36.83
N SER M 98 4.48 -17.06 36.73
CA SER M 98 3.91 -17.94 37.74
C SER M 98 4.32 -19.40 37.55
N GLY M 99 4.53 -19.84 36.32
CA GLY M 99 4.80 -21.22 36.02
C GLY M 99 3.89 -21.74 34.95
N ASN M 100 4.03 -23.03 34.65
CA ASN M 100 3.18 -23.63 33.63
C ASN M 100 1.89 -24.20 34.19
N LEU M 101 1.91 -24.64 35.45
CA LEU M 101 0.70 -25.21 36.04
C LEU M 101 -0.47 -24.25 36.00
N PRO M 102 -0.32 -22.97 36.34
CA PRO M 102 -1.46 -22.06 36.18
C PRO M 102 -1.95 -21.97 34.76
N LEU M 103 -1.06 -22.06 33.78
CA LEU M 103 -1.49 -22.01 32.39
C LEU M 103 -2.34 -23.23 32.05
N TRP M 104 -1.87 -24.42 32.44
CA TRP M 104 -2.68 -25.62 32.30
C TRP M 104 -4.05 -25.43 32.92
N LEU M 105 -4.08 -24.93 34.15
CA LEU M 105 -5.34 -24.80 34.86
C LEU M 105 -6.26 -23.79 34.21
N HIS M 106 -5.69 -22.75 33.59
CA HIS M 106 -6.51 -21.75 32.94
C HIS M 106 -7.08 -22.27 31.64
N LYS M 107 -6.33 -23.12 30.92
CA LYS M 107 -6.88 -23.65 29.69
C LYS M 107 -7.99 -24.66 29.95
N PHE M 108 -7.81 -25.51 30.95
CA PHE M 108 -8.71 -26.64 31.17
C PHE M 108 -9.64 -26.44 32.35
N PHE M 109 -9.98 -25.21 32.67
CA PHE M 109 -10.94 -24.98 33.75
C PHE M 109 -12.30 -25.63 33.47
N PRO M 110 -12.90 -25.49 32.29
CA PRO M 110 -14.18 -26.16 32.07
C PRO M 110 -14.10 -27.66 32.24
N TYR M 111 -13.03 -28.28 31.76
CA TYR M 111 -12.91 -29.72 31.89
C TYR M 111 -12.82 -30.13 33.34
N ILE M 112 -12.11 -29.35 34.16
CA ILE M 112 -11.97 -29.71 35.56
C ILE M 112 -13.30 -29.56 36.28
N LEU M 113 -14.05 -28.50 35.98
CA LEU M 113 -15.35 -28.37 36.60
C LEU M 113 -16.27 -29.51 36.20
N LEU M 114 -16.25 -29.89 34.93
CA LEU M 114 -17.11 -31.00 34.51
C LEU M 114 -16.66 -32.31 35.14
N LEU M 115 -15.36 -32.48 35.35
CA LEU M 115 -14.88 -33.66 36.04
C LEU M 115 -15.41 -33.70 37.47
N PHE M 116 -15.44 -32.55 38.12
CA PHE M 116 -16.01 -32.51 39.47
C PHE M 116 -17.49 -32.82 39.45
N ALA M 117 -18.21 -32.30 38.46
CA ALA M 117 -19.63 -32.62 38.36
C ALA M 117 -19.85 -34.12 38.21
N ILE M 118 -19.06 -34.77 37.37
CA ILE M 118 -19.23 -36.20 37.16
C ILE M 118 -18.89 -36.97 38.43
N LEU M 119 -17.77 -36.63 39.06
CA LEU M 119 -17.39 -37.33 40.27
C LEU M 119 -18.43 -37.15 41.37
N LEU M 120 -19.08 -36.00 41.42
CA LEU M 120 -20.12 -35.80 42.42
C LEU M 120 -21.40 -36.50 42.04
N TYR M 121 -21.62 -36.76 40.75
CA TYR M 121 -22.77 -37.51 40.32
C TYR M 121 -22.61 -39.01 40.52
N LEU M 122 -21.37 -39.49 40.62
CA LEU M 122 -21.15 -40.93 40.72
C LEU M 122 -21.77 -41.57 41.96
N PRO M 123 -21.58 -41.07 43.18
CA PRO M 123 -22.14 -41.76 44.36
C PRO M 123 -23.64 -41.86 44.32
N PRO M 124 -24.38 -40.81 43.95
CA PRO M 124 -25.83 -40.99 43.79
C PRO M 124 -26.18 -42.01 42.74
N LEU M 125 -25.38 -42.13 41.68
CA LEU M 125 -25.65 -43.17 40.70
C LEU M 125 -25.46 -44.55 41.29
N PHE M 126 -24.39 -44.74 42.06
CA PHE M 126 -24.16 -46.04 42.66
C PHE M 126 -25.28 -46.37 43.64
N TRP M 127 -25.79 -45.37 44.35
CA TRP M 127 -26.92 -45.63 45.23
C TRP M 127 -28.16 -46.00 44.43
N ARG M 128 -28.42 -45.27 43.35
CA ARG M 128 -29.64 -45.51 42.57
C ARG M 128 -29.61 -46.86 41.88
N PHE M 129 -28.43 -47.38 41.54
CA PHE M 129 -28.38 -48.61 40.79
C PHE M 129 -28.03 -49.83 41.63
N ALA M 130 -27.32 -49.64 42.74
CA ALA M 130 -26.93 -50.78 43.56
C ALA M 130 -27.92 -51.09 44.66
N ALA M 131 -28.34 -50.09 45.43
CA ALA M 131 -29.12 -50.32 46.63
C ALA M 131 -30.54 -49.80 46.57
N ALA M 132 -30.91 -49.10 45.51
CA ALA M 132 -32.26 -48.55 45.46
C ALA M 132 -33.34 -49.62 45.32
N PRO M 133 -33.20 -50.63 44.44
CA PRO M 133 -34.32 -51.57 44.27
C PRO M 133 -34.62 -52.36 45.51
N HIS M 134 -33.60 -52.75 46.26
CA HIS M 134 -33.80 -53.51 47.49
C HIS M 134 -34.71 -52.75 48.44
N ILE M 135 -34.36 -51.49 48.71
CA ILE M 135 -35.13 -50.72 49.66
C ILE M 135 -36.49 -50.35 49.09
N CYS M 136 -36.58 -50.18 47.76
CA CYS M 136 -37.89 -49.89 47.18
C CYS M 136 -38.84 -51.05 47.44
N SER M 137 -38.40 -52.27 47.16
CA SER M 137 -39.27 -53.43 47.36
C SER M 137 -39.62 -53.59 48.83
N ASP M 138 -38.63 -53.47 49.71
CA ASP M 138 -38.89 -53.66 51.13
C ASP M 138 -39.85 -52.61 51.67
N LEU M 139 -39.60 -51.34 51.34
CA LEU M 139 -40.46 -50.28 51.83
C LEU M 139 -41.88 -50.44 51.32
N LYS M 140 -42.04 -50.78 50.04
CA LYS M 140 -43.38 -50.95 49.50
C LYS M 140 -44.10 -52.09 50.20
N PHE M 141 -43.40 -53.21 50.40
CA PHE M 141 -44.02 -54.33 51.11
C PHE M 141 -44.38 -53.95 52.53
N ILE M 142 -43.50 -53.21 53.21
CA ILE M 142 -43.77 -52.82 54.59
C ILE M 142 -44.98 -51.92 54.66
N MET M 143 -45.13 -51.01 53.69
CA MET M 143 -46.29 -50.13 53.68
C MET M 143 -47.57 -50.91 53.43
N GLU M 144 -47.54 -51.87 52.49
CA GLU M 144 -48.71 -52.69 52.25
C GLU M 144 -49.10 -53.46 53.50
N GLU M 145 -48.12 -54.08 54.17
CA GLU M 145 -48.42 -54.85 55.37
C GLU M 145 -48.93 -53.94 56.48
N LEU M 146 -48.38 -52.72 56.53
CA LEU M 146 -48.80 -51.70 57.53
C LEU M 146 -50.29 -51.42 57.32
N ASP M 147 -50.68 -51.18 56.07
CA ASP M 147 -52.09 -50.93 55.75
C ASP M 147 -52.96 -52.12 56.16
N LYS M 148 -52.46 -53.33 55.91
CA LYS M 148 -53.21 -54.52 56.30
C LYS M 148 -53.39 -54.59 57.81
N VAL M 149 -52.36 -54.21 58.56
CA VAL M 149 -52.45 -54.22 60.02
C VAL M 149 -53.49 -53.22 60.49
N TYR M 150 -53.49 -52.02 59.89
CA TYR M 150 -54.50 -51.03 60.26
C TYR M 150 -55.90 -51.52 59.91
N ASN M 151 -56.03 -52.19 58.76
CA ASN M 151 -57.33 -52.74 58.37
C ASN M 151 -57.80 -53.79 59.37
N ARG M 152 -56.89 -54.66 59.83
CA ARG M 152 -57.25 -55.65 60.82
C ARG M 152 -57.71 -54.99 62.11
N ALA M 153 -57.00 -53.93 62.53
CA ALA M 153 -57.37 -53.25 63.77
C ALA M 153 -58.76 -52.63 63.67
N ILE M 154 -59.03 -51.93 62.57
CA ILE M 154 -60.33 -51.28 62.44
C ILE M 154 -61.43 -52.32 62.26
N LYS M 155 -61.13 -53.43 61.58
CA LYS M 155 -62.12 -54.49 61.44
C LYS M 155 -62.46 -55.10 62.80
N ALA M 156 -61.45 -55.33 63.63
CA ALA M 156 -61.69 -55.83 64.98
C ALA M 156 -62.52 -54.84 65.79
N ALA M 157 -62.20 -53.55 65.68
CA ALA M 157 -62.95 -52.55 66.43
C ALA M 157 -64.41 -52.50 66.00
N LYS M 158 -64.64 -52.46 64.68
CA LYS M 158 -66.01 -52.42 64.16
C LYS M 158 -66.78 -53.69 64.55
N SER M 159 -66.13 -54.85 64.47
CA SER M 159 -66.80 -56.09 64.84
C SER M 159 -67.16 -56.08 66.32
N ALA M 160 -66.28 -55.54 67.16
CA ALA M 160 -66.61 -55.38 68.58
C ALA M 160 -67.80 -54.44 68.75
N ARG M 161 -67.86 -53.38 67.94
CA ARG M 161 -69.00 -52.47 67.99
C ARG M 161 -70.28 -53.18 67.53
N ASP M 162 -70.17 -54.04 66.52
CA ASP M 162 -71.34 -54.75 65.99
C ASP M 162 -71.52 -56.10 66.68
N PRO M 194 -48.15 -59.79 63.21
CA PRO M 194 -47.13 -58.76 63.10
C PRO M 194 -45.99 -59.14 62.16
N ILE M 195 -46.31 -59.56 60.94
CA ILE M 195 -45.26 -59.97 60.01
C ILE M 195 -44.39 -58.78 59.65
N VAL M 196 -45.00 -57.61 59.46
CA VAL M 196 -44.22 -56.42 59.13
C VAL M 196 -43.37 -56.00 60.33
N GLU M 197 -43.90 -56.17 61.54
CA GLU M 197 -43.10 -55.83 62.71
C GLU M 197 -41.89 -56.76 62.83
N GLN M 198 -42.08 -58.04 62.54
CA GLN M 198 -40.96 -58.96 62.62
C GLN M 198 -39.96 -58.74 61.50
N TYR M 199 -40.43 -58.33 60.32
CA TYR M 199 -39.52 -57.94 59.26
C TYR M 199 -38.70 -56.73 59.66
N LEU M 200 -39.32 -55.79 60.35
CA LEU M 200 -38.59 -54.63 60.87
C LEU M 200 -37.53 -55.08 61.87
N LYS M 201 -37.92 -55.98 62.78
CA LYS M 201 -36.96 -56.53 63.72
C LYS M 201 -35.79 -57.21 63.00
N THR M 202 -36.09 -57.83 61.86
CA THR M 202 -35.05 -58.48 61.08
C THR M 202 -34.11 -57.46 60.48
N LYS M 203 -34.66 -56.42 59.86
CA LYS M 203 -33.83 -55.37 59.29
C LYS M 203 -32.98 -54.69 60.35
N LYS M 204 -33.42 -54.71 61.61
CA LYS M 204 -32.60 -54.15 62.68
C LYS M 204 -31.24 -54.82 62.79
N ASN M 205 -31.06 -55.98 62.16
CA ASN M 205 -29.84 -56.76 62.31
C ASN M 205 -28.79 -56.40 61.25
N SER M 206 -29.17 -56.46 59.98
CA SER M 206 -28.22 -56.27 58.90
C SER M 206 -27.78 -54.82 58.79
N ASN M 207 -26.57 -54.62 58.27
CA ASN M 207 -26.02 -53.28 58.10
C ASN M 207 -25.42 -53.09 56.72
N ASN M 208 -25.87 -53.84 55.72
CA ASN M 208 -25.40 -53.64 54.36
C ASN M 208 -25.87 -52.30 53.81
N LEU M 209 -27.17 -52.05 53.93
CA LEU M 209 -27.83 -50.83 53.40
C LEU M 209 -27.25 -49.56 54.06
N ILE M 210 -26.82 -49.63 55.32
CA ILE M 210 -26.33 -48.42 55.96
C ILE M 210 -24.88 -48.17 55.62
N ILE M 211 -24.07 -49.22 55.47
CA ILE M 211 -22.69 -48.93 55.08
C ILE M 211 -22.65 -48.45 53.64
N LYS M 212 -23.54 -48.96 52.78
CA LYS M 212 -23.63 -48.40 51.43
C LYS M 212 -23.99 -46.93 51.48
N TYR M 213 -24.98 -46.58 52.30
CA TYR M 213 -25.44 -45.21 52.36
C TYR M 213 -24.35 -44.27 52.87
N ILE M 214 -23.75 -44.58 54.01
CA ILE M 214 -22.72 -43.70 54.53
C ILE M 214 -21.49 -43.72 53.64
N SER M 215 -21.28 -44.78 52.85
CA SER M 215 -20.14 -44.76 51.94
C SER M 215 -20.37 -43.78 50.81
N CYS M 216 -21.57 -43.78 50.23
CA CYS M 216 -21.85 -42.77 49.22
C CYS M 216 -21.80 -41.36 49.81
N ARG M 217 -22.34 -41.16 51.02
CA ARG M 217 -22.27 -39.83 51.62
C ARG M 217 -20.83 -39.42 51.89
N LEU M 218 -20.01 -40.36 52.34
CA LEU M 218 -18.63 -40.04 52.66
C LEU M 218 -17.85 -39.71 51.40
N LEU M 219 -18.11 -40.43 50.31
CA LEU M 219 -17.43 -40.09 49.06
C LEU M 219 -17.89 -38.73 48.54
N THR M 220 -19.17 -38.42 48.69
CA THR M 220 -19.61 -37.09 48.30
C THR M 220 -18.90 -36.02 49.10
N LEU M 221 -18.77 -36.23 50.41
CA LEU M 221 -18.09 -35.25 51.24
C LEU M 221 -16.62 -35.13 50.87
N ILE M 222 -15.97 -36.26 50.58
CA ILE M 222 -14.57 -36.22 50.23
C ILE M 222 -14.36 -35.48 48.92
N ILE M 223 -15.20 -35.76 47.93
CA ILE M 223 -15.06 -35.09 46.64
C ILE M 223 -15.38 -33.61 46.77
N ILE M 224 -16.36 -33.25 47.60
CA ILE M 224 -16.67 -31.85 47.78
C ILE M 224 -15.52 -31.13 48.46
N LEU M 225 -14.86 -31.79 49.42
CA LEU M 225 -13.74 -31.14 50.08
C LEU M 225 -12.56 -30.99 49.13
N LEU M 226 -12.31 -32.00 48.29
CA LEU M 226 -11.24 -31.89 47.31
C LEU M 226 -11.54 -30.79 46.31
N ALA M 227 -12.81 -30.66 45.92
CA ALA M 227 -13.19 -29.60 45.00
C ALA M 227 -13.04 -28.23 45.65
N CYS M 228 -13.37 -28.13 46.93
CA CYS M 228 -13.17 -26.87 47.63
C CYS M 228 -11.70 -26.51 47.68
N ILE M 229 -10.84 -27.49 47.96
CA ILE M 229 -9.41 -27.21 47.98
C ILE M 229 -8.95 -26.73 46.63
N TYR M 230 -9.37 -27.42 45.56
CA TYR M 230 -8.92 -27.03 44.23
C TYR M 230 -9.42 -25.64 43.87
N LEU M 231 -10.68 -25.33 44.16
CA LEU M 231 -11.21 -24.03 43.79
C LEU M 231 -10.60 -22.92 44.61
N GLY M 232 -10.31 -23.19 45.89
CA GLY M 232 -9.64 -22.19 46.69
C GLY M 232 -8.24 -21.92 46.18
N TYR M 233 -7.55 -22.96 45.73
CA TYR M 233 -6.26 -22.75 45.11
C TYR M 233 -6.39 -21.94 43.84
N TYR M 234 -7.35 -22.31 42.99
CA TYR M 234 -7.47 -21.66 41.70
C TYR M 234 -7.83 -20.19 41.84
N PHE M 235 -8.76 -19.87 42.72
CA PHE M 235 -9.11 -18.48 42.94
C PHE M 235 -7.95 -17.69 43.51
N SER M 236 -7.03 -18.35 44.19
CA SER M 236 -5.86 -17.68 44.76
C SER M 236 -4.77 -17.42 43.74
N LEU M 237 -4.96 -17.80 42.48
CA LEU M 237 -3.93 -17.56 41.48
C LEU M 237 -3.71 -16.05 41.30
N SER M 238 -2.58 -15.71 40.71
CA SER M 238 -2.07 -14.34 40.76
C SER M 238 -2.92 -13.33 40.01
N SER M 239 -3.84 -13.78 39.15
CA SER M 239 -4.70 -12.92 38.36
C SER M 239 -3.92 -12.21 37.27
N LEU M 240 -2.60 -12.31 37.30
CA LEU M 240 -1.75 -11.98 36.18
C LEU M 240 -1.14 -13.22 35.57
N SER M 241 -1.50 -14.40 36.08
CA SER M 241 -1.02 -15.64 35.54
C SER M 241 -1.62 -15.93 34.17
N ASP M 242 -2.62 -15.16 33.76
CA ASP M 242 -3.18 -15.32 32.43
C ASP M 242 -2.34 -14.66 31.35
N GLU M 243 -1.33 -13.89 31.72
CA GLU M 243 -0.39 -13.31 30.77
C GLU M 243 0.85 -14.18 30.73
N PHE M 244 1.15 -14.75 29.58
CA PHE M 244 2.37 -15.52 29.42
C PHE M 244 3.04 -15.14 28.12
N VAL M 245 4.34 -15.30 28.08
CA VAL M 245 5.14 -15.00 26.90
C VAL M 245 5.34 -16.29 26.13
N CYS M 246 5.06 -16.25 24.82
CA CYS M 246 5.09 -17.44 23.98
C CYS M 246 6.00 -17.19 22.80
N SER M 247 6.67 -18.24 22.33
CA SER M 247 7.68 -18.12 21.29
C SER M 247 7.45 -19.19 20.23
N ILE M 248 7.13 -18.78 19.01
CA ILE M 248 6.97 -19.73 17.90
C ILE M 248 8.32 -19.78 17.19
N LYS M 249 9.24 -20.53 17.77
CA LYS M 249 10.57 -20.62 17.16
C LYS M 249 11.10 -22.03 17.22
N SER M 250 10.24 -23.02 17.04
CA SER M 250 10.68 -24.38 16.90
C SER M 250 10.71 -24.75 15.43
N GLY M 251 11.53 -25.73 15.10
CA GLY M 251 11.57 -26.15 13.72
C GLY M 251 12.24 -25.13 12.83
N ILE M 252 11.77 -25.05 11.59
CA ILE M 252 12.40 -24.18 10.62
C ILE M 252 12.19 -22.70 10.90
N LEU M 253 11.27 -22.36 11.81
CA LEU M 253 11.12 -20.96 12.17
C LEU M 253 12.22 -20.47 13.07
N ARG M 254 13.07 -21.36 13.57
CA ARG M 254 14.17 -20.96 14.43
C ARG M 254 15.11 -20.01 13.68
N ALA M 255 15.35 -20.33 12.41
CA ALA M 255 16.25 -19.53 11.55
C ALA M 255 15.52 -18.32 10.97
N ASP M 256 14.18 -18.27 11.12
CA ASP M 256 13.35 -17.16 10.57
C ASP M 256 13.55 -15.87 11.38
N SER M 257 14.05 -14.81 10.74
CA SER M 257 14.33 -13.52 11.42
C SER M 257 13.13 -12.56 11.34
N THR M 258 12.10 -12.87 10.55
CA THR M 258 10.93 -11.96 10.43
C THR M 258 10.01 -12.16 11.63
N VAL M 259 10.22 -13.25 12.38
CA VAL M 259 9.45 -13.64 13.55
C VAL M 259 10.15 -13.11 14.79
N PRO M 260 9.48 -12.30 15.61
CA PRO M 260 10.09 -11.85 16.86
C PRO M 260 10.38 -13.01 17.79
N ASP M 261 11.23 -12.76 18.77
CA ASP M 261 11.68 -13.83 19.64
C ASP M 261 10.55 -14.37 20.50
N GLN M 262 9.61 -13.51 20.88
CA GLN M 262 8.54 -13.93 21.77
C GLN M 262 7.36 -12.99 21.66
N PHE M 263 6.17 -13.53 21.96
CA PHE M 263 4.92 -12.83 21.83
C PHE M 263 4.24 -12.72 23.19
N GLN M 264 3.49 -11.64 23.39
CA GLN M 264 2.76 -11.43 24.63
C GLN M 264 1.34 -11.93 24.45
N CYS M 265 1.05 -13.11 24.96
CA CYS M 265 -0.28 -13.68 24.89
C CYS M 265 -1.02 -13.49 26.20
N LYS M 266 -2.34 -13.40 26.13
CA LYS M 266 -3.18 -13.31 27.31
C LYS M 266 -4.37 -14.24 27.19
N LEU M 267 -4.62 -15.01 28.24
CA LEU M 267 -5.76 -15.91 28.30
C LEU M 267 -6.97 -15.11 28.77
N ILE M 268 -7.80 -14.67 27.82
CA ILE M 268 -9.03 -14.00 28.20
C ILE M 268 -9.89 -14.98 28.99
N ALA M 269 -10.86 -14.42 29.71
CA ALA M 269 -11.84 -15.21 30.45
C ALA M 269 -11.23 -15.98 31.60
N VAL M 270 -10.09 -15.54 32.11
CA VAL M 270 -9.59 -16.10 33.35
C VAL M 270 -10.18 -15.37 34.55
N GLY M 271 -10.41 -14.05 34.42
CA GLY M 271 -11.10 -13.35 35.48
C GLY M 271 -12.49 -13.89 35.73
N ILE M 272 -13.19 -14.22 34.66
CA ILE M 272 -14.50 -14.86 34.79
C ILE M 272 -14.37 -16.20 35.47
N PHE M 273 -13.34 -16.96 35.11
CA PHE M 273 -13.13 -18.26 35.74
C PHE M 273 -12.91 -18.11 37.23
N GLN M 274 -12.14 -17.11 37.63
CA GLN M 274 -11.83 -16.96 39.04
C GLN M 274 -13.05 -16.47 39.83
N LEU M 275 -13.82 -15.56 39.24
CA LEU M 275 -15.06 -15.15 39.89
C LEU M 275 -16.03 -16.31 40.05
N LEU M 276 -16.19 -17.12 39.02
CA LEU M 276 -17.10 -18.25 39.12
C LEU M 276 -16.56 -19.30 40.06
N SER M 277 -15.22 -19.37 40.14
CA SER M 277 -14.52 -20.31 41.05
C SER M 277 -14.81 -19.93 42.50
N VAL M 278 -14.84 -18.63 42.82
CA VAL M 278 -15.12 -18.26 44.21
C VAL M 278 -16.60 -18.47 44.51
N ILE M 279 -17.47 -18.28 43.52
CA ILE M 279 -18.89 -18.58 43.75
C ILE M 279 -19.08 -20.06 44.06
N ASN M 280 -18.48 -20.92 43.26
CA ASN M 280 -18.57 -22.35 43.47
C ASN M 280 -18.00 -22.76 44.82
N LEU M 281 -16.88 -22.15 45.20
CA LEU M 281 -16.28 -22.48 46.49
C LEU M 281 -17.19 -22.09 47.63
N VAL M 282 -17.83 -20.93 47.53
CA VAL M 282 -18.76 -20.51 48.57
C VAL M 282 -19.89 -21.52 48.70
N VAL M 283 -20.50 -21.89 47.58
CA VAL M 283 -21.63 -22.81 47.67
C VAL M 283 -21.19 -24.16 48.20
N TYR M 284 -20.02 -24.64 47.80
CA TYR M 284 -19.60 -25.96 48.25
C TYR M 284 -19.22 -25.96 49.72
N VAL M 285 -18.63 -24.88 50.22
CA VAL M 285 -18.30 -24.83 51.63
C VAL M 285 -19.54 -24.60 52.48
N LEU M 286 -20.61 -24.10 51.88
CA LEU M 286 -21.89 -24.11 52.59
C LEU M 286 -22.56 -25.47 52.53
N LEU M 287 -22.28 -26.23 51.48
CA LEU M 287 -22.93 -27.51 51.29
C LEU M 287 -22.29 -28.62 52.12
N ALA M 288 -21.00 -28.54 52.36
CA ALA M 288 -20.32 -29.59 53.12
C ALA M 288 -20.93 -29.84 54.49
N PRO M 289 -21.30 -28.83 55.29
CA PRO M 289 -21.94 -29.14 56.57
C PRO M 289 -23.23 -29.92 56.42
N VAL M 290 -23.97 -29.69 55.35
CA VAL M 290 -25.20 -30.45 55.14
C VAL M 290 -24.90 -31.92 54.92
N VAL M 291 -23.86 -32.22 54.14
CA VAL M 291 -23.48 -33.60 53.94
C VAL M 291 -23.04 -34.23 55.26
N VAL M 292 -22.25 -33.49 56.05
CA VAL M 292 -21.81 -34.03 57.33
C VAL M 292 -23.02 -34.32 58.21
N TYR M 293 -24.01 -33.44 58.20
CA TYR M 293 -25.18 -33.67 59.02
C TYR M 293 -25.94 -34.91 58.57
N THR M 294 -26.12 -35.07 57.26
CA THR M 294 -26.75 -36.30 56.78
C THR M 294 -25.96 -37.53 57.19
N LEU M 295 -24.66 -37.38 57.42
CA LEU M 295 -23.85 -38.54 57.77
C LEU M 295 -24.31 -39.18 59.08
N PHE M 296 -24.98 -38.43 59.97
CA PHE M 296 -25.46 -38.99 61.23
C PHE M 296 -26.90 -39.46 61.05
N VAL M 297 -27.03 -40.68 60.52
CA VAL M 297 -28.36 -41.21 60.21
C VAL M 297 -29.22 -41.48 61.44
N PRO M 298 -28.70 -41.92 62.59
CA PRO M 298 -29.62 -42.12 63.72
C PRO M 298 -30.17 -40.82 64.25
N PHE M 299 -29.32 -39.80 64.36
CA PHE M 299 -29.76 -38.50 64.86
C PHE M 299 -30.92 -37.95 64.05
N ARG M 300 -30.95 -38.21 62.75
CA ARG M 300 -32.01 -37.67 61.91
C ARG M 300 -33.33 -38.41 62.08
N GLN M 301 -33.30 -39.63 62.61
CA GLN M 301 -34.53 -40.39 62.83
C GLN M 301 -35.33 -39.71 63.92
N LYS M 302 -36.33 -38.93 63.52
CA LYS M 302 -37.13 -38.17 64.46
C LYS M 302 -38.56 -38.15 63.99
N THR M 303 -39.47 -37.72 64.87
CA THR M 303 -40.90 -37.68 64.61
C THR M 303 -41.41 -39.05 64.16
N ASP M 304 -41.28 -40.01 65.07
CA ASP M 304 -41.54 -41.41 64.76
C ASP M 304 -42.93 -41.62 64.19
N VAL M 305 -42.99 -42.02 62.91
CA VAL M 305 -44.27 -42.41 62.32
C VAL M 305 -44.77 -43.70 62.94
N LEU M 306 -43.84 -44.58 63.33
CA LEU M 306 -44.25 -45.84 63.95
C LEU M 306 -45.02 -45.59 65.24
N LYS M 307 -44.77 -44.47 65.92
CA LYS M 307 -45.48 -44.17 67.15
C LYS M 307 -46.98 -44.07 66.92
N VAL M 308 -47.38 -43.51 65.79
CA VAL M 308 -48.80 -43.36 65.48
C VAL M 308 -49.47 -44.73 65.43
N TYR M 309 -48.87 -45.68 64.74
CA TYR M 309 -49.45 -47.01 64.65
C TYR M 309 -49.32 -47.75 65.98
N GLU M 310 -48.29 -47.42 66.75
CA GLU M 310 -48.15 -47.97 68.09
C GLU M 310 -49.31 -47.56 68.97
N ILE M 311 -49.87 -46.37 68.73
CA ILE M 311 -51.07 -45.94 69.44
C ILE M 311 -52.22 -46.90 69.18
N LEU M 312 -52.29 -47.46 67.98
CA LEU M 312 -53.30 -48.47 67.70
C LEU M 312 -53.06 -49.70 68.56
N PRO M 313 -54.12 -50.31 69.10
CA PRO M 313 -53.92 -51.44 70.01
C PRO M 313 -53.39 -52.70 69.34
N THR M 314 -53.89 -53.01 68.13
CA THR M 314 -53.53 -54.28 67.50
C THR M 314 -52.03 -54.35 67.22
N PHE M 315 -51.45 -53.28 66.70
CA PHE M 315 -50.01 -53.24 66.52
C PHE M 315 -49.32 -53.13 67.87
N ASP M 316 -48.13 -53.70 67.95
CA ASP M 316 -47.37 -53.64 69.19
C ASP M 316 -47.07 -52.20 69.55
N VAL M 317 -47.29 -51.86 70.82
CA VAL M 317 -47.14 -50.47 71.24
C VAL M 317 -45.68 -50.25 71.62
N LEU M 318 -44.85 -50.05 70.61
CA LEU M 318 -43.45 -49.72 70.78
C LEU M 318 -42.97 -49.02 69.52
N HIS M 319 -42.06 -48.06 69.69
CA HIS M 319 -41.37 -47.52 68.53
C HIS M 319 -40.50 -48.59 67.88
N PHE M 320 -39.74 -49.31 68.69
CA PHE M 320 -38.89 -50.41 68.25
C PHE M 320 -38.06 -50.02 67.03
N LYS M 321 -37.75 -48.73 66.90
CA LYS M 321 -37.02 -48.25 65.73
C LYS M 321 -36.29 -46.97 66.12
N SER M 322 -34.99 -47.11 66.43
CA SER M 322 -34.09 -46.00 66.74
C SER M 322 -32.75 -46.58 67.15
N GLU M 323 -31.79 -45.69 67.39
CA GLU M 323 -30.60 -45.97 68.19
C GLU M 323 -29.79 -47.14 67.62
N GLY M 324 -29.24 -46.91 66.44
CA GLY M 324 -28.33 -47.88 65.88
C GLY M 324 -27.78 -47.53 64.52
N TYR M 325 -26.53 -47.94 64.28
CA TYR M 325 -25.95 -47.88 62.94
C TYR M 325 -26.31 -49.14 62.17
N ASN M 326 -27.61 -49.33 61.98
CA ASN M 326 -28.16 -50.51 61.36
C ASN M 326 -29.19 -50.09 60.33
N ASP M 327 -29.52 -51.04 59.44
CA ASP M 327 -30.44 -50.73 58.35
C ASP M 327 -31.80 -50.28 58.85
N LEU M 328 -32.12 -50.53 60.12
CA LEU M 328 -33.40 -50.09 60.65
C LEU M 328 -33.50 -48.57 60.67
N SER M 329 -32.40 -47.89 60.98
CA SER M 329 -32.44 -46.43 60.98
C SER M 329 -32.66 -45.88 59.58
N LEU M 330 -32.00 -46.47 58.59
CA LEU M 330 -32.25 -46.10 57.21
C LEU M 330 -33.71 -46.29 56.85
N TYR M 331 -34.26 -47.46 57.19
CA TYR M 331 -35.64 -47.72 56.86
C TYR M 331 -36.56 -46.77 57.57
N ASN M 332 -36.19 -46.32 58.76
CA ASN M 332 -36.98 -45.33 59.46
C ASN M 332 -36.99 -44.00 58.70
N LEU M 333 -35.82 -43.57 58.23
CA LEU M 333 -35.78 -42.34 57.46
C LEU M 333 -36.62 -42.45 56.19
N PHE M 334 -36.47 -43.55 55.47
CA PHE M 334 -37.20 -43.70 54.22
C PHE M 334 -38.69 -43.89 54.46
N LEU M 335 -39.05 -44.45 55.62
CA LEU M 335 -40.46 -44.55 55.97
C LEU M 335 -41.04 -43.18 56.27
N GLU M 336 -40.33 -42.38 57.07
CA GLU M 336 -40.76 -41.01 57.28
C GLU M 336 -40.91 -40.27 55.97
N GLU M 337 -40.08 -40.61 54.98
CA GLU M 337 -40.16 -39.91 53.71
C GLU M 337 -41.37 -40.35 52.89
N ASN M 338 -41.46 -41.63 52.56
CA ASN M 338 -42.52 -42.12 51.69
C ASN M 338 -43.80 -42.44 52.44
N ILE M 339 -43.93 -42.01 53.70
CA ILE M 339 -45.09 -42.41 54.49
C ILE M 339 -46.32 -41.58 54.17
N SER M 340 -46.17 -40.41 53.56
CA SER M 340 -47.33 -39.57 53.30
C SER M 340 -48.23 -40.15 52.21
N GLU M 341 -47.72 -41.05 51.38
CA GLU M 341 -48.50 -41.56 50.27
C GLU M 341 -49.58 -42.52 50.70
N VAL M 342 -49.43 -43.18 51.84
CA VAL M 342 -50.46 -44.11 52.33
C VAL M 342 -51.51 -43.32 53.10
N LYS M 343 -52.77 -43.49 52.68
CA LYS M 343 -53.87 -42.76 53.30
C LYS M 343 -54.13 -43.25 54.73
N SER M 344 -53.85 -44.53 55.00
CA SER M 344 -54.06 -45.07 56.34
C SER M 344 -53.24 -44.30 57.36
N TYR M 345 -51.98 -43.99 57.03
CA TYR M 345 -51.18 -43.18 57.92
C TYR M 345 -51.83 -41.83 58.14
N LYS M 346 -52.34 -41.22 57.08
CA LYS M 346 -52.95 -39.90 57.22
C LYS M 346 -54.10 -39.94 58.22
N CYS M 347 -54.97 -40.94 58.08
CA CYS M 347 -56.09 -41.06 59.01
C CYS M 347 -55.61 -41.27 60.43
N LEU M 348 -54.63 -42.15 60.62
CA LEU M 348 -54.18 -42.42 61.98
C LEU M 348 -53.50 -41.20 62.58
N LYS M 349 -52.81 -40.41 61.76
CA LYS M 349 -52.15 -39.21 62.25
C LYS M 349 -53.16 -38.15 62.68
N VAL M 350 -54.21 -37.96 61.89
CA VAL M 350 -55.22 -36.99 62.31
C VAL M 350 -55.92 -37.47 63.58
N LEU M 351 -56.14 -38.78 63.69
CA LEU M 351 -56.66 -39.31 64.96
C LEU M 351 -55.72 -39.03 66.12
N GLU M 352 -54.41 -39.18 65.90
CA GLU M 352 -53.45 -38.88 66.98
C GLU M 352 -53.47 -37.42 67.34
N ASN M 353 -53.64 -36.55 66.35
CA ASN M 353 -53.76 -35.12 66.63
C ASN M 353 -55.00 -34.82 67.45
N ILE M 354 -56.12 -35.46 67.11
CA ILE M 354 -57.33 -35.31 67.90
C ILE M 354 -57.10 -35.80 69.31
N LYS M 355 -56.34 -36.89 69.46
CA LYS M 355 -55.93 -37.35 70.77
C LYS M 355 -55.15 -36.26 71.50
N SER M 356 -54.28 -35.55 70.77
CA SER M 356 -53.60 -34.40 71.36
C SER M 356 -54.61 -33.37 71.81
N SER M 357 -55.65 -33.13 71.01
CA SER M 357 -56.77 -32.31 71.46
C SER M 357 -57.53 -33.00 72.58
N GLY M 358 -57.65 -34.32 72.50
CA GLY M 358 -58.25 -35.10 73.57
C GLY M 358 -59.73 -34.86 73.78
N GLN M 359 -60.52 -34.94 72.71
CA GLN M 359 -61.95 -34.72 72.79
C GLN M 359 -62.74 -36.01 72.81
N GLY M 360 -62.57 -36.87 71.81
CA GLY M 360 -63.34 -38.10 71.73
C GLY M 360 -62.57 -39.34 72.12
N ILE M 361 -62.50 -40.30 71.19
CA ILE M 361 -61.80 -41.56 71.43
C ILE M 361 -61.28 -42.07 70.10
N ASP M 362 -60.24 -42.90 70.17
CA ASP M 362 -59.62 -43.40 68.93
C ASP M 362 -60.55 -44.33 68.16
N PRO M 363 -61.07 -45.43 68.72
CA PRO M 363 -61.81 -46.38 67.87
C PRO M 363 -63.10 -45.82 67.31
N MET M 364 -63.82 -45.00 68.09
CA MET M 364 -65.09 -44.46 67.61
C MET M 364 -64.89 -43.57 66.40
N LEU M 365 -63.98 -42.61 66.51
CA LEU M 365 -63.71 -41.71 65.38
C LEU M 365 -63.05 -42.44 64.23
N LEU M 366 -62.29 -43.51 64.50
CA LEU M 366 -61.73 -44.30 63.42
C LEU M 366 -62.83 -45.00 62.63
N LEU M 367 -63.80 -45.60 63.34
CA LEU M 367 -64.94 -46.20 62.66
C LEU M 367 -65.75 -45.16 61.90
N THR M 368 -65.84 -43.94 62.46
CA THR M 368 -66.54 -42.87 61.76
C THR M 368 -65.82 -42.46 60.49
N ASN M 369 -64.48 -42.45 60.52
CA ASN M 369 -63.65 -42.07 59.38
C ASN M 369 -64.09 -42.74 58.08
N LEU M 370 -64.08 -44.08 58.08
CA LEU M 370 -64.46 -44.87 56.90
C LEU M 370 -63.52 -44.57 55.73
N GLY M 371 -62.24 -44.86 55.96
CA GLY M 371 -61.17 -44.62 55.01
C GLY M 371 -60.37 -45.87 54.68
N MET M 372 -61.07 -47.00 54.53
CA MET M 372 -60.38 -48.26 54.23
C MET M 372 -59.65 -48.19 52.89
N ILE M 373 -60.26 -47.59 51.88
CA ILE M 373 -59.63 -47.46 50.58
C ILE M 373 -59.97 -46.11 49.94
N ALA N 2 -22.16 -26.80 23.83
CA ALA N 2 -21.77 -26.43 25.18
C ALA N 2 -21.29 -27.65 25.92
N ILE N 3 -20.34 -27.43 26.85
CA ILE N 3 -19.74 -28.54 27.65
C ILE N 3 -20.81 -29.16 28.56
N ALA N 4 -21.75 -28.35 29.07
CA ALA N 4 -22.77 -28.87 29.96
C ALA N 4 -23.81 -29.70 29.22
N GLN N 5 -24.11 -29.35 27.98
CA GLN N 5 -25.05 -30.14 27.21
C GLN N 5 -24.50 -31.53 26.94
N LEU N 6 -23.22 -31.63 26.58
CA LEU N 6 -22.60 -32.93 26.43
C LEU N 6 -22.65 -33.71 27.73
N ALA N 7 -22.39 -33.03 28.84
CA ALA N 7 -22.48 -33.69 30.13
C ALA N 7 -23.86 -34.30 30.34
N THR N 8 -24.90 -33.49 30.23
CA THR N 8 -26.25 -34.00 30.41
C THR N 8 -26.48 -35.20 29.50
N GLU N 9 -26.26 -35.01 28.20
CA GLU N 9 -26.58 -36.03 27.21
C GLU N 9 -25.87 -37.34 27.49
N TYR N 10 -24.61 -37.30 27.92
CA TYR N 10 -23.81 -38.52 27.94
C TYR N 10 -23.57 -39.10 29.32
N VAL N 11 -23.87 -38.39 30.40
CA VAL N 11 -23.80 -38.97 31.74
C VAL N 11 -25.13 -38.87 32.47
N PHE N 12 -25.82 -37.74 32.38
CA PHE N 12 -27.00 -37.56 33.20
C PHE N 12 -28.27 -38.06 32.53
N SER N 13 -28.30 -38.07 31.21
CA SER N 13 -29.41 -38.72 30.54
C SER N 13 -29.24 -40.23 30.60
N ASP N 14 -30.33 -40.94 30.33
CA ASP N 14 -30.29 -42.40 30.31
C ASP N 14 -29.74 -42.88 28.97
N PHE N 15 -28.58 -42.36 28.59
CA PHE N 15 -27.95 -42.74 27.33
C PHE N 15 -27.57 -44.21 27.38
N LEU N 16 -28.06 -44.98 26.41
CA LEU N 16 -27.88 -46.43 26.36
C LEU N 16 -28.43 -47.12 27.61
N LEU N 17 -29.24 -46.41 28.38
CA LEU N 17 -30.01 -47.00 29.47
C LEU N 17 -31.48 -47.11 29.13
N LYS N 18 -31.83 -46.90 27.86
CA LYS N 18 -33.22 -46.97 27.43
C LYS N 18 -33.72 -48.41 27.51
N GLU N 19 -34.80 -48.61 28.25
CA GLU N 19 -35.43 -49.92 28.30
C GLU N 19 -36.00 -50.26 26.92
N PRO N 20 -36.13 -51.56 26.60
CA PRO N 20 -36.68 -51.94 25.29
C PRO N 20 -38.05 -51.33 25.04
N THR N 21 -38.14 -50.47 24.02
CA THR N 21 -39.39 -49.83 23.65
C THR N 21 -40.25 -50.85 22.91
N GLU N 22 -40.82 -51.78 23.67
CA GLU N 22 -41.62 -52.85 23.12
C GLU N 22 -42.37 -53.55 24.25
N PRO N 23 -43.60 -54.02 24.01
CA PRO N 23 -44.33 -54.76 25.04
C PRO N 23 -43.86 -56.19 25.22
N LYS N 24 -42.91 -56.66 24.40
CA LYS N 24 -42.41 -58.02 24.55
C LYS N 24 -41.56 -58.16 25.81
N PHE N 25 -40.65 -57.23 26.04
CA PHE N 25 -39.82 -57.19 27.24
C PHE N 25 -40.24 -55.95 28.04
N LYS N 26 -41.15 -56.14 28.99
CA LYS N 26 -41.62 -55.07 29.86
C LYS N 26 -41.16 -55.40 31.28
N GLY N 27 -40.12 -54.72 31.73
CA GLY N 27 -39.54 -54.98 33.03
C GLY N 27 -38.56 -56.14 33.10
N LEU N 28 -38.45 -56.96 32.07
CA LEU N 28 -37.41 -57.97 32.03
C LEU N 28 -36.10 -57.35 31.58
N ARG N 29 -35.02 -57.62 32.32
CA ARG N 29 -33.77 -56.91 32.05
C ARG N 29 -33.00 -57.50 30.88
N LEU N 30 -32.75 -58.80 30.90
CA LEU N 30 -32.01 -59.54 29.87
C LEU N 30 -30.55 -59.16 29.79
N GLU N 31 -30.08 -58.21 30.60
CA GLU N 31 -28.67 -57.87 30.65
C GLU N 31 -28.31 -57.56 32.09
N LEU N 32 -27.35 -58.31 32.63
CA LEU N 32 -26.93 -58.10 34.00
C LEU N 32 -26.48 -56.66 34.19
N ALA N 33 -26.82 -56.10 35.35
CA ALA N 33 -26.57 -54.68 35.58
C ALA N 33 -25.10 -54.33 35.40
N VAL N 34 -24.20 -55.20 35.84
CA VAL N 34 -22.78 -54.91 35.69
C VAL N 34 -22.41 -54.90 34.22
N ASP N 35 -23.01 -55.77 33.41
CA ASP N 35 -22.73 -55.75 31.98
C ASP N 35 -23.27 -54.48 31.35
N LYS N 36 -24.44 -54.04 31.79
CA LYS N 36 -25.01 -52.81 31.25
C LYS N 36 -24.11 -51.62 31.56
N MET N 37 -23.61 -51.53 32.79
CA MET N 37 -22.76 -50.39 33.12
C MET N 37 -21.41 -50.48 32.43
N VAL N 38 -20.88 -51.70 32.27
CA VAL N 38 -19.60 -51.84 31.57
C VAL N 38 -19.75 -51.38 30.13
N THR N 39 -20.82 -51.81 29.46
CA THR N 39 -21.03 -51.35 28.09
C THR N 39 -21.24 -49.85 28.05
N CYS N 40 -22.06 -49.32 28.95
CA CYS N 40 -22.33 -47.89 28.94
C CYS N 40 -21.05 -47.09 29.07
N ILE N 41 -20.20 -47.44 30.02
CA ILE N 41 -18.94 -46.73 30.17
C ILE N 41 -18.09 -46.93 28.93
N ALA N 42 -17.76 -48.18 28.61
CA ALA N 42 -16.81 -48.46 27.55
C ALA N 42 -17.21 -47.87 26.22
N VAL N 43 -18.48 -47.61 25.99
CA VAL N 43 -18.95 -47.08 24.72
C VAL N 43 -19.17 -45.58 24.78
N GLY N 44 -19.81 -45.09 25.84
CA GLY N 44 -20.09 -43.67 25.91
C GLY N 44 -18.90 -42.82 26.24
N LEU N 45 -17.91 -43.38 26.93
CA LEU N 45 -16.75 -42.57 27.28
C LEU N 45 -15.98 -42.08 26.07
N PRO N 46 -15.63 -42.90 25.09
CA PRO N 46 -14.98 -42.33 23.90
C PRO N 46 -15.85 -41.34 23.17
N LEU N 47 -17.16 -41.51 23.15
CA LEU N 47 -18.01 -40.52 22.49
C LEU N 47 -18.01 -39.20 23.23
N LEU N 48 -18.12 -39.24 24.56
CA LEU N 48 -18.05 -38.01 25.33
C LEU N 48 -16.71 -37.34 25.16
N LEU N 49 -15.64 -38.14 25.07
CA LEU N 49 -14.31 -37.56 24.91
C LEU N 49 -14.16 -36.91 23.54
N ILE N 50 -14.69 -37.56 22.50
CA ILE N 50 -14.67 -36.95 21.17
C ILE N 50 -15.41 -35.63 21.19
N SER N 51 -16.59 -35.60 21.82
CA SER N 51 -17.35 -34.36 21.87
C SER N 51 -16.61 -33.29 22.65
N LEU N 52 -15.88 -33.67 23.70
CA LEU N 52 -15.16 -32.69 24.48
C LEU N 52 -13.98 -32.13 23.72
N ALA N 53 -13.29 -32.97 22.96
CA ALA N 53 -12.08 -32.52 22.28
C ALA N 53 -12.34 -31.39 21.29
N PHE N 54 -13.58 -31.21 20.88
CA PHE N 54 -13.93 -30.14 19.96
C PHE N 54 -15.00 -29.23 20.53
N ALA N 55 -15.13 -29.19 21.85
CA ALA N 55 -16.02 -28.24 22.49
C ALA N 55 -15.63 -26.83 22.10
N GLN N 56 -16.62 -25.97 21.93
CA GLN N 56 -16.35 -24.65 21.38
C GLN N 56 -15.50 -23.82 22.32
N GLU N 57 -15.41 -24.18 23.59
CA GLU N 57 -14.63 -23.43 24.56
C GLU N 57 -13.22 -23.98 24.76
N ILE N 58 -12.90 -25.13 24.19
CA ILE N 58 -11.51 -25.53 24.11
C ILE N 58 -10.94 -25.30 22.72
N SER N 59 -11.74 -25.42 21.68
CA SER N 59 -11.25 -25.26 20.32
C SER N 59 -10.93 -23.80 20.04
N ILE N 60 -9.71 -23.56 19.57
CA ILE N 60 -9.31 -22.20 19.24
C ILE N 60 -9.82 -21.82 17.87
N GLY N 61 -10.03 -22.79 17.00
CA GLY N 61 -10.32 -22.52 15.61
C GLY N 61 -10.15 -23.76 14.77
N THR N 62 -9.38 -23.64 13.68
CA THR N 62 -9.08 -24.76 12.83
C THR N 62 -8.19 -25.78 13.54
N GLN N 63 -8.01 -26.92 12.89
CA GLN N 63 -7.16 -27.97 13.43
C GLN N 63 -5.71 -27.85 13.01
N ILE N 64 -5.40 -27.04 12.01
CA ILE N 64 -4.04 -26.92 11.52
C ILE N 64 -3.81 -25.48 11.11
N SER N 65 -2.58 -25.02 11.29
CA SER N 65 -2.16 -23.69 10.86
C SER N 65 -0.70 -23.76 10.46
N CYS N 66 -0.33 -23.03 9.40
CA CYS N 66 0.91 -23.34 8.72
C CYS N 66 1.90 -22.20 8.57
N PHE N 67 1.55 -20.96 8.93
CA PHE N 67 2.50 -19.85 8.91
C PHE N 67 3.16 -19.66 7.54
N SER N 68 2.33 -19.23 6.60
CA SER N 68 2.82 -18.79 5.30
C SER N 68 3.60 -17.49 5.43
N PRO N 69 4.38 -17.12 4.41
CA PRO N 69 5.07 -15.83 4.43
C PRO N 69 4.11 -14.67 4.48
N SER N 70 4.63 -13.52 4.90
CA SER N 70 3.79 -12.33 4.96
C SER N 70 3.41 -11.82 3.59
N SER N 71 4.20 -12.17 2.58
CA SER N 71 3.87 -11.79 1.21
C SER N 71 2.62 -12.49 0.73
N PHE N 72 2.31 -13.66 1.27
CA PHE N 72 1.17 -14.43 0.82
C PHE N 72 -0.13 -13.69 1.12
N SER N 73 -1.06 -13.74 0.18
CA SER N 73 -2.37 -13.18 0.44
C SER N 73 -3.14 -14.10 1.37
N TRP N 74 -4.33 -13.65 1.76
CA TRP N 74 -5.16 -14.46 2.64
C TRP N 74 -5.49 -15.81 2.00
N ARG N 75 -5.81 -15.80 0.71
CA ARG N 75 -6.21 -17.02 0.04
C ARG N 75 -5.04 -17.94 -0.21
N GLN N 76 -3.85 -17.39 -0.42
CA GLN N 76 -2.68 -18.26 -0.57
C GLN N 76 -2.38 -18.96 0.74
N ALA N 77 -2.50 -18.26 1.86
CA ALA N 77 -2.31 -18.90 3.15
C ALA N 77 -3.36 -19.97 3.37
N ALA N 78 -4.60 -19.71 2.98
CA ALA N 78 -5.62 -20.73 3.09
C ALA N 78 -5.28 -21.95 2.24
N PHE N 79 -4.73 -21.72 1.05
CA PHE N 79 -4.30 -22.84 0.23
C PHE N 79 -3.23 -23.64 0.93
N VAL N 80 -2.29 -22.97 1.57
CA VAL N 80 -1.21 -23.68 2.24
C VAL N 80 -1.77 -24.56 3.36
N ASP N 81 -2.66 -23.99 4.16
CA ASP N 81 -3.28 -24.77 5.23
C ASP N 81 -3.99 -25.99 4.69
N SER N 82 -4.84 -25.79 3.68
CA SER N 82 -5.60 -26.90 3.13
C SER N 82 -4.70 -27.94 2.50
N TYR N 83 -3.67 -27.52 1.78
CA TYR N 83 -2.78 -28.47 1.14
C TYR N 83 -2.07 -29.31 2.18
N CYS N 84 -1.54 -28.68 3.23
CA CYS N 84 -0.80 -29.46 4.21
C CYS N 84 -1.73 -30.38 4.98
N TRP N 85 -2.93 -29.92 5.28
CA TRP N 85 -3.92 -30.79 5.92
C TRP N 85 -4.18 -32.02 5.08
N ALA N 86 -4.38 -31.84 3.78
CA ALA N 86 -4.59 -32.99 2.92
C ALA N 86 -3.32 -33.77 2.69
N ALA N 87 -2.18 -33.19 2.97
CA ALA N 87 -0.89 -33.78 2.68
C ALA N 87 -0.31 -34.54 3.84
N VAL N 88 -0.96 -34.54 5.01
CA VAL N 88 -0.52 -35.46 6.04
C VAL N 88 -0.63 -36.90 5.58
N GLN N 89 -1.42 -37.17 4.54
CA GLN N 89 -1.48 -38.52 3.97
C GLN N 89 -0.33 -38.77 2.99
N GLN N 90 -0.15 -37.87 2.03
CA GLN N 90 0.89 -38.05 1.03
C GLN N 90 2.26 -37.91 1.68
N LYS N 91 2.95 -39.04 1.86
CA LYS N 91 4.18 -39.03 2.63
C LYS N 91 5.32 -38.29 1.95
N ASN N 92 5.24 -38.08 0.63
CA ASN N 92 6.35 -37.47 -0.09
C ASN N 92 6.50 -35.99 0.22
N SER N 93 5.39 -35.31 0.48
CA SER N 93 5.43 -33.85 0.60
C SER N 93 5.90 -33.40 1.98
N LEU N 94 5.47 -34.08 3.04
CA LEU N 94 5.74 -33.63 4.40
C LEU N 94 6.94 -34.37 4.98
N GLN N 95 7.73 -33.66 5.77
CA GLN N 95 8.90 -34.21 6.44
C GLN N 95 8.81 -33.89 7.92
N SER N 96 8.63 -34.91 8.75
CA SER N 96 8.49 -34.74 10.19
C SER N 96 9.55 -35.55 10.91
N GLU N 97 9.97 -35.06 12.08
CA GLU N 97 11.02 -35.73 12.85
C GLU N 97 10.58 -37.10 13.35
N SER N 98 9.31 -37.22 13.75
CA SER N 98 8.81 -38.47 14.30
C SER N 98 8.45 -39.49 13.23
N GLY N 99 8.00 -39.03 12.07
CA GLY N 99 7.51 -39.91 11.03
C GLY N 99 6.13 -39.50 10.57
N ASN N 100 5.58 -40.28 9.65
CA ASN N 100 4.26 -39.98 9.13
C ASN N 100 3.14 -40.62 9.95
N LEU N 101 3.41 -41.77 10.56
CA LEU N 101 2.38 -42.44 11.33
C LEU N 101 1.82 -41.56 12.44
N PRO N 102 2.62 -40.83 13.21
CA PRO N 102 2.02 -39.91 14.19
C PRO N 102 1.15 -38.86 13.54
N LEU N 103 1.49 -38.40 12.35
CA LEU N 103 0.66 -37.41 11.68
C LEU N 103 -0.69 -38.01 11.33
N TRP N 104 -0.68 -39.21 10.75
CA TRP N 104 -1.93 -39.92 10.50
C TRP N 104 -2.76 -40.01 11.76
N LEU N 105 -2.12 -40.44 12.86
CA LEU N 105 -2.84 -40.65 14.10
C LEU N 105 -3.39 -39.35 14.66
N HIS N 106 -2.69 -38.25 14.44
CA HIS N 106 -3.17 -36.97 14.96
C HIS N 106 -4.33 -36.45 14.14
N LYS N 107 -4.34 -36.71 12.84
CA LYS N 107 -5.46 -36.24 12.03
C LYS N 107 -6.72 -37.04 12.32
N PHE N 108 -6.60 -38.35 12.48
CA PHE N 108 -7.75 -39.23 12.56
C PHE N 108 -8.02 -39.74 13.97
N PHE N 109 -7.63 -38.99 14.98
CA PHE N 109 -7.95 -39.40 16.35
C PHE N 109 -9.44 -39.54 16.60
N PRO N 110 -10.30 -38.60 16.19
CA PRO N 110 -11.73 -38.81 16.42
C PRO N 110 -12.27 -40.06 15.76
N TYR N 111 -11.83 -40.33 14.53
CA TYR N 111 -12.31 -41.51 13.85
C TYR N 111 -11.90 -42.78 14.57
N ILE N 112 -10.68 -42.81 15.11
CA ILE N 112 -10.23 -44.01 15.80
C ILE N 112 -11.00 -44.20 17.09
N LEU N 113 -11.26 -43.12 17.82
CA LEU N 113 -12.06 -43.28 19.02
C LEU N 113 -13.46 -43.76 18.70
N LEU N 114 -14.07 -43.23 17.65
CA LEU N 114 -15.40 -43.68 17.28
C LEU N 114 -15.39 -45.13 16.82
N LEU N 115 -14.32 -45.54 16.15
CA LEU N 115 -14.19 -46.94 15.77
C LEU N 115 -14.14 -47.83 17.00
N PHE N 116 -13.43 -47.39 18.03
CA PHE N 116 -13.40 -48.17 19.26
C PHE N 116 -14.77 -48.22 19.92
N ALA N 117 -15.48 -47.10 19.90
CA ALA N 117 -16.83 -47.10 20.46
C ALA N 117 -17.71 -48.10 19.75
N ILE N 118 -17.65 -48.14 18.42
CA ILE N 118 -18.49 -49.06 17.66
C ILE N 118 -18.09 -50.50 17.94
N LEU N 119 -16.80 -50.79 17.92
CA LEU N 119 -16.36 -52.15 18.18
C LEU N 119 -16.74 -52.60 19.58
N LEU N 120 -16.76 -51.69 20.54
CA LEU N 120 -17.18 -52.08 21.88
C LEU N 120 -18.69 -52.20 21.99
N TYR N 121 -19.42 -51.53 21.12
CA TYR N 121 -20.86 -51.68 21.09
C TYR N 121 -21.31 -52.95 20.39
N LEU N 122 -20.47 -53.53 19.55
CA LEU N 122 -20.88 -54.70 18.78
C LEU N 122 -21.24 -55.91 19.65
N PRO N 123 -20.42 -56.35 20.60
CA PRO N 123 -20.76 -57.57 21.35
C PRO N 123 -22.07 -57.44 22.12
N PRO N 124 -22.35 -56.32 22.79
CA PRO N 124 -23.67 -56.18 23.39
C PRO N 124 -24.79 -56.23 22.38
N LEU N 125 -24.57 -55.72 21.17
CA LEU N 125 -25.59 -55.82 20.15
C LEU N 125 -25.82 -57.28 19.76
N PHE N 126 -24.74 -58.04 19.58
CA PHE N 126 -24.91 -59.44 19.22
C PHE N 126 -25.64 -60.19 20.33
N TRP N 127 -25.37 -59.84 21.58
CA TRP N 127 -26.09 -60.47 22.66
C TRP N 127 -27.56 -60.08 22.64
N ARG N 128 -27.86 -58.81 22.41
CA ARG N 128 -29.23 -58.33 22.44
C ARG N 128 -30.06 -58.90 21.30
N PHE N 129 -29.42 -59.20 20.17
CA PHE N 129 -30.20 -59.65 19.02
C PHE N 129 -30.13 -61.15 18.79
N ALA N 130 -29.08 -61.82 19.24
CA ALA N 130 -28.95 -63.25 19.00
C ALA N 130 -29.52 -64.09 20.14
N ALA N 131 -29.16 -63.78 21.38
CA ALA N 131 -29.47 -64.65 22.50
C ALA N 131 -30.44 -64.05 23.51
N ALA N 132 -30.82 -62.79 23.35
CA ALA N 132 -31.71 -62.19 24.33
C ALA N 132 -33.12 -62.77 24.30
N PRO N 133 -33.75 -62.97 23.14
CA PRO N 133 -35.14 -63.43 23.16
C PRO N 133 -35.31 -64.80 23.78
N HIS N 134 -34.35 -65.70 23.53
CA HIS N 134 -34.43 -67.05 24.09
C HIS N 134 -34.51 -66.99 25.61
N ILE N 135 -33.57 -66.26 26.22
CA ILE N 135 -33.52 -66.21 27.67
C ILE N 135 -34.70 -65.40 28.20
N CYS N 136 -35.16 -64.40 27.45
CA CYS N 136 -36.33 -63.65 27.92
C CYS N 136 -37.53 -64.57 28.06
N SER N 137 -37.81 -65.35 27.02
CA SER N 137 -38.95 -66.25 27.06
C SER N 137 -38.79 -67.29 28.16
N ASP N 138 -37.60 -67.89 28.26
CA ASP N 138 -37.40 -68.93 29.27
C ASP N 138 -37.53 -68.37 30.68
N LEU N 139 -36.89 -67.24 30.95
CA LEU N 139 -36.96 -66.66 32.28
C LEU N 139 -38.38 -66.28 32.64
N LYS N 140 -39.11 -65.68 31.69
CA LYS N 140 -40.49 -65.29 31.99
C LYS N 140 -41.34 -66.52 32.29
N PHE N 141 -41.19 -67.58 31.50
CA PHE N 141 -41.93 -68.81 31.76
C PHE N 141 -41.55 -69.41 33.10
N ILE N 142 -40.26 -69.39 33.43
CA ILE N 142 -39.81 -69.97 34.70
C ILE N 142 -40.41 -69.20 35.86
N MET N 143 -40.47 -67.86 35.74
CA MET N 143 -41.05 -67.06 36.81
C MET N 143 -42.54 -67.33 36.96
N GLU N 144 -43.26 -67.44 35.84
CA GLU N 144 -44.68 -67.76 35.92
C GLU N 144 -44.89 -69.11 36.60
N GLU N 145 -44.12 -70.12 36.20
CA GLU N 145 -44.27 -71.44 36.80
C GLU N 145 -43.90 -71.43 38.28
N LEU N 146 -42.90 -70.59 38.60
CA LEU N 146 -42.44 -70.45 40.01
C LEU N 146 -43.62 -69.92 40.83
N ASP N 147 -44.29 -68.88 40.33
CA ASP N 147 -45.46 -68.32 41.00
C ASP N 147 -46.54 -69.38 41.16
N LYS N 148 -46.75 -70.19 40.13
CA LYS N 148 -47.76 -71.24 40.22
C LYS N 148 -47.40 -72.25 41.30
N VAL N 149 -46.11 -72.58 41.42
CA VAL N 149 -45.67 -73.52 42.44
C VAL N 149 -45.92 -72.95 43.83
N TYR N 150 -45.61 -71.67 44.02
CA TYR N 150 -45.88 -71.05 45.32
C TYR N 150 -47.37 -71.02 45.61
N ASN N 151 -48.18 -70.77 44.58
CA ASN N 151 -49.63 -70.77 44.78
C ASN N 151 -50.13 -72.15 45.18
N ARG N 152 -49.59 -73.20 44.55
CA ARG N 152 -49.97 -74.55 44.93
C ARG N 152 -49.59 -74.83 46.37
N ALA N 153 -48.40 -74.40 46.79
CA ALA N 153 -47.96 -74.65 48.16
C ALA N 153 -48.87 -73.96 49.17
N ILE N 154 -49.18 -72.67 48.93
CA ILE N 154 -50.02 -71.96 49.87
C ILE N 154 -51.45 -72.49 49.85
N LYS N 155 -51.93 -72.92 48.69
CA LYS N 155 -53.27 -73.50 48.61
C LYS N 155 -53.32 -74.80 49.40
N ALA N 156 -52.29 -75.64 49.29
CA ALA N 156 -52.24 -76.86 50.08
C ALA N 156 -52.19 -76.55 51.57
N ALA N 157 -51.40 -75.55 51.96
CA ALA N 157 -51.31 -75.19 53.38
C ALA N 157 -52.65 -74.70 53.90
N LYS N 158 -53.30 -73.79 53.18
CA LYS N 158 -54.59 -73.26 53.61
C LYS N 158 -55.64 -74.37 53.66
N SER N 159 -55.65 -75.27 52.68
CA SER N 159 -56.61 -76.36 52.69
C SER N 159 -56.38 -77.28 53.88
N ALA N 160 -55.11 -77.53 54.23
CA ALA N 160 -54.82 -78.29 55.45
C ALA N 160 -55.32 -77.55 56.68
N ARG N 161 -55.18 -76.22 56.69
CA ARG N 161 -55.73 -75.44 57.80
C ARG N 161 -57.25 -75.53 57.84
N ASP N 162 -57.90 -75.50 56.69
CA ASP N 162 -59.35 -75.57 56.63
C ASP N 162 -59.87 -77.01 56.51
N PRO N 194 -43.44 -80.28 39.45
CA PRO N 194 -42.16 -79.56 39.33
C PRO N 194 -41.73 -79.37 37.89
N ILE N 195 -42.62 -78.85 37.03
CA ILE N 195 -42.27 -78.68 35.63
C ILE N 195 -41.16 -77.65 35.49
N VAL N 196 -41.21 -76.58 36.28
CA VAL N 196 -40.16 -75.57 36.21
C VAL N 196 -38.85 -76.13 36.76
N GLU N 197 -38.91 -76.98 37.77
CA GLU N 197 -37.70 -77.59 38.29
C GLU N 197 -37.06 -78.50 37.24
N GLN N 198 -37.88 -79.25 36.52
CA GLN N 198 -37.33 -80.14 35.50
C GLN N 198 -36.81 -79.34 34.31
N TYR N 199 -37.45 -78.22 33.99
CA TYR N 199 -36.90 -77.35 32.95
C TYR N 199 -35.54 -76.80 33.37
N LEU N 200 -35.40 -76.45 34.64
CA LEU N 200 -34.11 -76.02 35.15
C LEU N 200 -33.07 -77.14 35.03
N LYS N 201 -33.46 -78.35 35.39
CA LYS N 201 -32.57 -79.50 35.24
C LYS N 201 -32.18 -79.67 33.78
N THR N 202 -33.09 -79.37 32.86
CA THR N 202 -32.80 -79.47 31.44
C THR N 202 -31.78 -78.41 31.01
N LYS N 203 -32.01 -77.17 31.42
CA LYS N 203 -31.06 -76.10 31.11
C LYS N 203 -29.68 -76.39 31.67
N LYS N 204 -29.61 -77.16 32.76
CA LYS N 204 -28.31 -77.54 33.31
C LYS N 204 -27.44 -78.28 32.30
N ASN N 205 -28.02 -78.76 31.20
CA ASN N 205 -27.30 -79.59 30.24
C ASN N 205 -26.66 -78.76 29.13
N SER N 206 -27.45 -77.93 28.46
CA SER N 206 -26.98 -77.20 27.29
C SER N 206 -26.02 -76.09 27.70
N ASN N 207 -25.11 -75.74 26.78
CA ASN N 207 -24.13 -74.70 27.02
C ASN N 207 -24.04 -73.72 25.86
N ASN N 208 -25.10 -73.58 25.08
CA ASN N 208 -25.11 -72.60 24.00
C ASN N 208 -25.09 -71.19 24.54
N LEU N 209 -26.02 -70.93 25.46
CA LEU N 209 -26.21 -69.58 26.07
C LEU N 209 -24.96 -69.12 26.83
N ILE N 210 -24.18 -70.05 27.41
CA ILE N 210 -23.02 -69.61 28.17
C ILE N 210 -21.82 -69.37 27.26
N ILE N 211 -21.67 -70.16 26.19
CA ILE N 211 -20.55 -69.86 25.30
C ILE N 211 -20.83 -68.56 24.56
N LYS N 212 -22.09 -68.29 24.22
CA LYS N 212 -22.39 -66.99 23.64
C LYS N 212 -22.02 -65.86 24.60
N TYR N 213 -22.39 -66.02 25.87
CA TYR N 213 -22.15 -64.97 26.85
C TYR N 213 -20.66 -64.72 27.04
N ILE N 214 -19.90 -65.77 27.33
CA ILE N 214 -18.48 -65.56 27.54
C ILE N 214 -17.79 -65.16 26.25
N SER N 215 -18.35 -65.46 25.08
CA SER N 215 -17.73 -64.99 23.86
C SER N 215 -17.89 -63.49 23.71
N CYS N 216 -19.09 -62.97 23.99
CA CYS N 216 -19.24 -61.51 23.96
C CYS N 216 -18.36 -60.85 25.02
N ARG N 217 -18.30 -61.42 26.23
CA ARG N 217 -17.45 -60.83 27.25
C ARG N 217 -15.99 -60.87 26.84
N LEU N 218 -15.56 -61.96 26.23
CA LEU N 218 -14.16 -62.09 25.84
C LEU N 218 -13.83 -61.12 24.72
N LEU N 219 -14.74 -60.91 23.78
CA LEU N 219 -14.48 -59.93 22.73
C LEU N 219 -14.44 -58.53 23.31
N THR N 220 -15.31 -58.23 24.27
CA THR N 220 -15.24 -56.93 24.90
C THR N 220 -13.90 -56.73 25.59
N LEU N 221 -13.41 -57.75 26.29
CA LEU N 221 -12.13 -57.64 26.95
C LEU N 221 -11.00 -57.48 25.95
N ILE N 222 -11.05 -58.21 24.84
CA ILE N 222 -9.99 -58.13 23.85
C ILE N 222 -9.97 -56.74 23.23
N ILE N 223 -11.14 -56.20 22.89
CA ILE N 223 -11.19 -54.88 22.28
C ILE N 223 -10.76 -53.82 23.27
N ILE N 224 -11.11 -53.98 24.54
CA ILE N 224 -10.70 -53.00 25.53
C ILE N 224 -9.18 -53.04 25.71
N LEU N 225 -8.59 -54.23 25.66
CA LEU N 225 -7.15 -54.31 25.80
C LEU N 225 -6.45 -53.72 24.59
N LEU N 226 -6.98 -53.97 23.39
CA LEU N 226 -6.40 -53.37 22.20
C LEU N 226 -6.51 -51.85 22.24
N ALA N 227 -7.65 -51.35 22.73
CA ALA N 227 -7.81 -49.91 22.85
C ALA N 227 -6.86 -49.33 23.88
N CYS N 228 -6.65 -50.04 24.98
CA CYS N 228 -5.67 -49.58 25.96
C CYS N 228 -4.29 -49.51 25.36
N ILE N 229 -3.90 -50.54 24.59
CA ILE N 229 -2.60 -50.51 23.95
C ILE N 229 -2.48 -49.32 23.02
N TYR N 230 -3.52 -49.10 22.20
CA TYR N 230 -3.45 -47.99 21.26
C TYR N 230 -3.37 -46.65 21.98
N LEU N 231 -4.17 -46.47 23.01
CA LEU N 231 -4.18 -45.19 23.70
C LEU N 231 -2.89 -44.96 24.47
N GLY N 232 -2.32 -46.02 25.03
CA GLY N 232 -1.04 -45.88 25.69
C GLY N 232 0.05 -45.51 24.71
N TYR N 233 -0.01 -46.07 23.51
CA TYR N 233 0.94 -45.67 22.48
C TYR N 233 0.73 -44.21 22.11
N TYR N 234 -0.51 -43.83 21.89
CA TYR N 234 -0.80 -42.49 21.41
C TYR N 234 -0.40 -41.43 22.42
N PHE N 235 -0.72 -41.66 23.68
CA PHE N 235 -0.32 -40.72 24.72
C PHE N 235 1.19 -40.63 24.85
N SER N 236 1.91 -41.67 24.46
CA SER N 236 3.36 -41.68 24.54
C SER N 236 4.02 -40.95 23.38
N LEU N 237 3.25 -40.40 22.45
CA LEU N 237 3.84 -39.67 21.33
C LEU N 237 4.62 -38.47 21.84
N SER N 238 5.50 -37.95 20.98
CA SER N 238 6.53 -37.02 21.41
C SER N 238 6.00 -35.68 21.88
N SER N 239 4.75 -35.35 21.60
CA SER N 239 4.13 -34.08 21.95
C SER N 239 4.69 -32.93 21.15
N LEU N 240 5.76 -33.18 20.39
CA LEU N 240 6.21 -32.31 19.34
C LEU N 240 5.94 -32.92 17.98
N SER N 241 5.32 -34.08 17.93
CA SER N 241 4.97 -34.72 16.68
C SER N 241 3.87 -33.98 15.96
N ASP N 242 3.22 -33.03 16.61
CA ASP N 242 2.22 -32.20 15.95
C ASP N 242 2.82 -31.11 15.08
N GLU N 243 4.12 -30.90 15.16
CA GLU N 243 4.81 -29.96 14.29
C GLU N 243 5.44 -30.73 13.15
N PHE N 244 5.03 -30.44 11.93
CA PHE N 244 5.64 -31.06 10.77
C PHE N 244 5.89 -30.00 9.71
N VAL N 245 6.89 -30.25 8.89
CA VAL N 245 7.25 -29.36 7.80
C VAL N 245 6.59 -29.84 6.53
N CYS N 246 5.91 -28.95 5.84
CA CYS N 246 5.10 -29.28 4.68
C CYS N 246 5.55 -28.43 3.50
N SER N 247 5.47 -29.00 2.29
CA SER N 247 5.98 -28.35 1.09
C SER N 247 4.96 -28.44 -0.03
N ILE N 248 4.42 -27.30 -0.46
CA ILE N 248 3.49 -27.27 -1.59
C ILE N 248 4.32 -27.01 -2.83
N LYS N 249 4.97 -28.06 -3.32
CA LYS N 249 5.81 -27.89 -4.50
C LYS N 249 5.65 -29.04 -5.46
N SER N 250 4.44 -29.58 -5.59
CA SER N 250 4.15 -30.56 -6.61
C SER N 250 3.49 -29.88 -7.80
N GLY N 251 3.62 -30.49 -8.95
CA GLY N 251 2.97 -29.92 -10.11
C GLY N 251 3.67 -28.65 -10.57
N ILE N 252 2.87 -27.73 -11.10
CA ILE N 252 3.43 -26.51 -11.67
C ILE N 252 3.99 -25.57 -10.63
N LEU N 253 3.72 -25.79 -9.35
CA LEU N 253 4.33 -24.95 -8.33
C LEU N 253 5.78 -25.31 -8.08
N ARG N 254 6.27 -26.40 -8.68
CA ARG N 254 7.66 -26.78 -8.50
C ARG N 254 8.57 -25.71 -9.05
N ALA N 255 8.19 -25.15 -10.19
CA ALA N 255 8.98 -24.09 -10.88
C ALA N 255 8.69 -22.72 -10.26
N ASP N 256 7.67 -22.62 -9.40
CA ASP N 256 7.27 -21.34 -8.75
C ASP N 256 8.30 -20.92 -7.69
N SER N 257 8.94 -19.76 -7.88
CA SER N 257 9.97 -19.27 -6.93
C SER N 257 9.39 -18.35 -5.84
N THR N 258 8.12 -17.95 -5.96
CA THR N 258 7.51 -17.05 -4.94
C THR N 258 7.08 -17.87 -3.72
N VAL N 259 7.05 -19.20 -3.89
CA VAL N 259 6.66 -20.16 -2.86
C VAL N 259 7.92 -20.66 -2.16
N PRO N 260 8.01 -20.51 -0.85
CA PRO N 260 9.15 -21.05 -0.12
C PRO N 260 9.20 -22.57 -0.23
N ASP N 261 10.38 -23.11 0.09
CA ASP N 261 10.58 -24.53 -0.10
C ASP N 261 9.72 -25.35 0.83
N GLN N 262 9.46 -24.85 2.04
CA GLN N 262 8.71 -25.62 3.01
C GLN N 262 8.09 -24.70 4.05
N PHE N 263 7.00 -25.17 4.64
CA PHE N 263 6.22 -24.41 5.61
C PHE N 263 6.20 -25.13 6.94
N GLN N 264 6.13 -24.36 8.02
CA GLN N 264 6.05 -24.93 9.36
C GLN N 264 4.59 -25.00 9.77
N CYS N 265 4.02 -26.19 9.71
CA CYS N 265 2.64 -26.42 10.10
C CYS N 265 2.59 -27.04 11.48
N LYS N 266 1.50 -26.78 12.21
CA LYS N 266 1.29 -27.37 13.51
C LYS N 266 -0.15 -27.85 13.63
N LEU N 267 -0.32 -29.09 14.10
CA LEU N 267 -1.64 -29.66 14.32
C LEU N 267 -2.11 -29.23 15.69
N ILE N 268 -2.95 -28.19 15.73
CA ILE N 268 -3.53 -27.78 16.99
C ILE N 268 -4.39 -28.92 17.52
N ALA N 269 -4.70 -28.86 18.81
CA ALA N 269 -5.58 -29.81 19.46
C ALA N 269 -5.01 -31.21 19.51
N VAL N 270 -3.69 -31.34 19.45
CA VAL N 270 -3.08 -32.64 19.73
C VAL N 270 -2.82 -32.79 21.21
N GLY N 271 -2.49 -31.70 21.91
CA GLY N 271 -2.36 -31.77 23.35
C GLY N 271 -3.65 -32.18 24.01
N ILE N 272 -4.77 -31.65 23.52
CA ILE N 272 -6.07 -32.05 24.02
C ILE N 272 -6.30 -33.53 23.74
N PHE N 273 -5.93 -33.98 22.54
CA PHE N 273 -6.11 -35.39 22.22
C PHE N 273 -5.33 -36.27 23.17
N GLN N 274 -4.11 -35.88 23.51
CA GLN N 274 -3.28 -36.72 24.37
C GLN N 274 -3.79 -36.71 25.79
N LEU N 275 -4.25 -35.56 26.28
CA LEU N 275 -4.85 -35.53 27.60
C LEU N 275 -6.10 -36.39 27.68
N LEU N 276 -6.95 -36.31 26.66
CA LEU N 276 -8.16 -37.11 26.68
C LEU N 276 -7.85 -38.58 26.50
N SER N 277 -6.75 -38.84 25.79
CA SER N 277 -6.25 -40.22 25.52
C SER N 277 -5.81 -40.84 26.85
N VAL N 278 -5.15 -40.08 27.73
CA VAL N 278 -4.73 -40.67 29.00
C VAL N 278 -5.93 -40.84 29.91
N ILE N 279 -6.93 -39.96 29.83
CA ILE N 279 -8.14 -40.16 30.62
C ILE N 279 -8.85 -41.45 30.20
N ASN N 280 -9.00 -41.64 28.89
CA ASN N 280 -9.63 -42.85 28.39
C ASN N 280 -8.85 -44.09 28.78
N LEU N 281 -7.53 -44.03 28.71
CA LEU N 281 -6.73 -45.18 29.08
C LEU N 281 -6.89 -45.52 30.54
N VAL N 282 -6.95 -44.50 31.41
CA VAL N 282 -7.15 -44.75 32.82
C VAL N 282 -8.49 -45.47 33.04
N VAL N 283 -9.56 -44.94 32.45
CA VAL N 283 -10.86 -45.56 32.66
C VAL N 283 -10.90 -46.97 32.12
N TYR N 284 -10.29 -47.21 30.96
CA TYR N 284 -10.36 -48.54 30.38
C TYR N 284 -9.52 -49.54 31.15
N VAL N 285 -8.38 -49.11 31.69
CA VAL N 285 -7.59 -50.05 32.49
C VAL N 285 -8.21 -50.28 33.85
N LEU N 286 -9.09 -49.39 34.30
CA LEU N 286 -9.89 -49.71 35.48
C LEU N 286 -11.06 -50.61 35.13
N LEU N 287 -11.54 -50.53 33.89
CA LEU N 287 -12.71 -51.29 33.48
C LEU N 287 -12.37 -52.73 33.15
N ALA N 288 -11.17 -52.98 32.62
CA ALA N 288 -10.81 -54.34 32.25
C ALA N 288 -10.94 -55.36 33.39
N PRO N 289 -10.50 -55.08 34.62
CA PRO N 289 -10.72 -56.07 35.68
C PRO N 289 -12.18 -56.40 35.90
N VAL N 290 -13.08 -55.44 35.71
CA VAL N 290 -14.50 -55.72 35.87
C VAL N 290 -14.97 -56.73 34.84
N VAL N 291 -14.52 -56.57 33.59
CA VAL N 291 -14.89 -57.53 32.56
C VAL N 291 -14.34 -58.90 32.90
N VAL N 292 -13.08 -58.95 33.34
CA VAL N 292 -12.50 -60.24 33.70
C VAL N 292 -13.30 -60.89 34.82
N TYR N 293 -13.74 -60.10 35.79
CA TYR N 293 -14.50 -60.67 36.88
C TYR N 293 -15.83 -61.21 36.38
N THR N 294 -16.53 -60.47 35.52
CA THR N 294 -17.76 -61.01 34.94
C THR N 294 -17.50 -62.29 34.17
N LEU N 295 -16.28 -62.48 33.67
CA LEU N 295 -15.99 -63.68 32.90
C LEU N 295 -16.19 -64.95 33.71
N PHE N 296 -16.09 -64.89 35.04
CA PHE N 296 -16.29 -66.06 35.89
C PHE N 296 -17.75 -66.13 36.32
N VAL N 297 -18.58 -66.69 35.45
CA VAL N 297 -20.02 -66.73 35.70
C VAL N 297 -20.41 -67.62 36.87
N PRO N 298 -19.76 -68.77 37.14
CA PRO N 298 -20.21 -69.55 38.30
C PRO N 298 -19.90 -68.84 39.61
N PHE N 299 -18.71 -68.25 39.71
CA PHE N 299 -18.33 -67.55 40.94
C PHE N 299 -19.33 -66.48 41.30
N ARG N 300 -19.93 -65.81 40.31
CA ARG N 300 -20.87 -64.75 40.61
C ARG N 300 -22.22 -65.26 41.09
N GLN N 301 -22.55 -66.52 40.82
CA GLN N 301 -23.81 -67.09 41.26
C GLN N 301 -23.79 -67.19 42.78
N LYS N 302 -24.41 -66.22 43.46
CA LYS N 302 -24.40 -66.17 44.90
C LYS N 302 -25.75 -65.68 45.39
N THR N 303 -25.98 -65.83 46.69
CA THR N 303 -27.25 -65.45 47.33
C THR N 303 -28.43 -66.14 46.63
N ASP N 304 -28.43 -67.46 46.70
CA ASP N 304 -29.36 -68.28 45.94
C ASP N 304 -30.81 -67.90 46.22
N VAL N 305 -31.48 -67.36 45.21
CA VAL N 305 -32.91 -67.11 45.32
C VAL N 305 -33.68 -68.42 45.36
N LEU N 306 -33.17 -69.46 44.68
CA LEU N 306 -33.82 -70.75 44.70
C LEU N 306 -33.90 -71.32 46.11
N LYS N 307 -32.95 -70.94 46.98
CA LYS N 307 -32.97 -71.44 48.36
C LYS N 307 -34.25 -71.05 49.07
N VAL N 308 -34.74 -69.83 48.81
CA VAL N 308 -35.95 -69.35 49.46
C VAL N 308 -37.12 -70.26 49.13
N TYR N 309 -37.29 -70.60 47.85
CA TYR N 309 -38.39 -71.48 47.47
C TYR N 309 -38.13 -72.91 47.92
N GLU N 310 -36.85 -73.28 48.02
CA GLU N 310 -36.50 -74.59 48.57
C GLU N 310 -36.96 -74.71 50.01
N ILE N 311 -36.99 -73.58 50.75
CA ILE N 311 -37.54 -73.60 52.10
C ILE N 311 -39.01 -74.02 52.08
N LEU N 312 -39.73 -73.64 51.04
CA LEU N 312 -41.12 -74.09 50.92
C LEU N 312 -41.15 -75.61 50.76
N PRO N 313 -42.10 -76.29 51.40
CA PRO N 313 -42.10 -77.76 51.34
C PRO N 313 -42.45 -78.32 49.97
N THR N 314 -43.44 -77.72 49.28
CA THR N 314 -43.92 -78.30 48.03
C THR N 314 -42.81 -78.36 46.98
N PHE N 315 -42.06 -77.27 46.84
CA PHE N 315 -40.91 -77.29 45.94
C PHE N 315 -39.81 -78.17 46.52
N ASP N 316 -39.04 -78.79 45.64
CA ASP N 316 -37.96 -79.65 46.08
C ASP N 316 -36.95 -78.83 46.87
N VAL N 317 -36.53 -79.37 48.01
CA VAL N 317 -35.64 -78.62 48.90
C VAL N 317 -34.22 -78.88 48.45
N LEU N 318 -33.80 -78.17 47.41
CA LEU N 318 -32.43 -78.20 46.92
C LEU N 318 -32.18 -76.91 46.16
N HIS N 319 -30.95 -76.42 46.25
CA HIS N 319 -30.56 -75.33 45.36
C HIS N 319 -30.54 -75.82 43.92
N PHE N 320 -29.93 -76.98 43.67
CA PHE N 320 -29.88 -77.62 42.36
C PHE N 320 -29.45 -76.63 41.29
N LYS N 321 -28.68 -75.61 41.67
CA LYS N 321 -28.29 -74.57 40.72
C LYS N 321 -26.98 -73.96 41.21
N SER N 322 -25.87 -74.41 40.62
CA SER N 322 -24.52 -73.89 40.88
C SER N 322 -23.52 -74.76 40.12
N GLU N 323 -22.26 -74.35 40.21
CA GLU N 323 -21.11 -75.22 39.94
C GLU N 323 -21.16 -75.83 38.53
N GLY N 324 -21.03 -74.95 37.55
CA GLY N 324 -20.90 -75.43 36.19
C GLY N 324 -20.76 -74.35 35.15
N TYR N 325 -20.02 -74.64 34.09
CA TYR N 325 -19.98 -73.79 32.91
C TYR N 325 -21.10 -74.20 31.95
N ASN N 326 -22.32 -74.05 32.45
CA ASN N 326 -23.52 -74.48 31.76
C ASN N 326 -24.56 -73.38 31.84
N ASP N 327 -25.56 -73.46 30.97
CA ASP N 327 -26.57 -72.42 30.89
C ASP N 327 -27.31 -72.24 32.21
N LEU N 328 -27.23 -73.21 33.11
CA LEU N 328 -27.91 -73.08 34.40
C LEU N 328 -27.32 -71.93 35.21
N SER N 329 -26.01 -71.76 35.16
CA SER N 329 -25.39 -70.67 35.90
C SER N 329 -25.85 -69.32 35.34
N LEU N 330 -25.90 -69.20 34.02
CA LEU N 330 -26.44 -67.98 33.42
C LEU N 330 -27.86 -67.73 33.89
N TYR N 331 -28.70 -68.76 33.83
CA TYR N 331 -30.08 -68.58 34.25
C TYR N 331 -30.16 -68.21 35.71
N ASN N 332 -29.23 -68.70 36.53
CA ASN N 332 -29.19 -68.31 37.92
C ASN N 332 -28.90 -66.82 38.07
N LEU N 333 -27.92 -66.33 37.33
CA LEU N 333 -27.61 -64.90 37.40
C LEU N 333 -28.81 -64.07 36.96
N PHE N 334 -29.42 -64.44 35.84
CA PHE N 334 -30.54 -63.66 35.34
C PHE N 334 -31.76 -63.79 36.22
N LEU N 335 -31.90 -64.91 36.93
CA LEU N 335 -32.97 -65.04 37.89
C LEU N 335 -32.75 -64.15 39.09
N GLU N 336 -31.53 -64.15 39.63
CA GLU N 336 -31.21 -63.21 40.69
C GLU N 336 -31.48 -61.78 40.26
N GLU N 337 -31.29 -61.49 38.97
CA GLU N 337 -31.49 -60.14 38.50
C GLU N 337 -32.98 -59.78 38.40
N ASN N 338 -33.73 -60.52 37.59
CA ASN N 338 -35.13 -60.21 37.35
C ASN N 338 -36.07 -60.78 38.41
N ILE N 339 -35.53 -61.25 39.53
CA ILE N 339 -36.39 -61.93 40.51
C ILE N 339 -37.16 -60.96 41.39
N SER N 340 -36.73 -59.70 41.47
CA SER N 340 -37.42 -58.76 42.35
C SER N 340 -38.79 -58.38 41.83
N GLU N 341 -39.05 -58.58 40.55
CA GLU N 341 -40.32 -58.14 39.98
C GLU N 341 -41.49 -59.02 40.40
N VAL N 342 -41.25 -60.28 40.75
CA VAL N 342 -42.32 -61.16 41.19
C VAL N 342 -42.59 -60.96 42.67
N LYS N 343 -43.84 -60.67 43.00
CA LYS N 343 -44.21 -60.39 44.39
C LYS N 343 -44.13 -61.65 45.25
N SER N 344 -44.37 -62.82 44.64
CA SER N 344 -44.29 -64.07 45.39
C SER N 344 -42.91 -64.26 46.00
N TYR N 345 -41.86 -63.96 45.24
CA TYR N 345 -40.52 -64.03 45.80
C TYR N 345 -40.38 -63.07 46.98
N LYS N 346 -40.92 -61.86 46.84
CA LYS N 346 -40.81 -60.89 47.93
C LYS N 346 -41.42 -61.43 49.21
N CYS N 347 -42.62 -62.00 49.10
CA CYS N 347 -43.26 -62.56 50.28
C CYS N 347 -42.45 -63.69 50.88
N LEU N 348 -41.96 -64.59 50.02
CA LEU N 348 -41.23 -65.74 50.55
C LEU N 348 -39.91 -65.29 51.18
N LYS N 349 -39.30 -64.24 50.65
CA LYS N 349 -38.04 -63.74 51.20
C LYS N 349 -38.25 -63.11 52.56
N VAL N 350 -39.33 -62.33 52.72
CA VAL N 350 -39.57 -61.75 54.03
C VAL N 350 -39.92 -62.85 55.03
N LEU N 351 -40.64 -63.89 54.59
CA LEU N 351 -40.85 -65.04 55.46
C LEU N 351 -39.54 -65.70 55.86
N GLU N 352 -38.59 -65.82 54.92
CA GLU N 352 -37.30 -66.41 55.25
C GLU N 352 -36.53 -65.55 56.23
N ASN N 353 -36.64 -64.23 56.09
CA ASN N 353 -36.01 -63.33 57.05
C ASN N 353 -36.63 -63.48 58.44
N ILE N 354 -37.95 -63.63 58.50
CA ILE N 354 -38.60 -63.87 59.79
C ILE N 354 -38.12 -65.19 60.37
N LYS N 355 -37.91 -66.19 59.50
CA LYS N 355 -37.31 -67.44 59.93
C LYS N 355 -35.93 -67.18 60.52
N SER N 356 -35.16 -66.28 59.91
CA SER N 356 -33.89 -65.88 60.48
C SER N 356 -34.09 -65.28 61.87
N SER N 357 -35.14 -64.46 62.02
CA SER N 357 -35.55 -64.01 63.34
C SER N 357 -36.08 -65.17 64.18
N GLY N 358 -36.79 -66.09 63.54
CA GLY N 358 -37.24 -67.30 64.20
C GLY N 358 -38.29 -67.08 65.28
N GLN N 359 -39.36 -66.35 64.95
CA GLN N 359 -40.41 -66.06 65.91
C GLN N 359 -41.63 -66.96 65.73
N GLY N 360 -42.22 -66.96 64.54
CA GLY N 360 -43.41 -67.74 64.29
C GLY N 360 -43.19 -69.03 63.52
N ILE N 361 -43.87 -69.15 62.38
CA ILE N 361 -43.77 -70.33 61.53
C ILE N 361 -44.04 -69.91 60.10
N ASP N 362 -43.52 -70.70 59.15
CA ASP N 362 -43.67 -70.36 57.75
C ASP N 362 -45.11 -70.43 57.26
N PRO N 363 -45.83 -71.56 57.40
CA PRO N 363 -47.15 -71.63 56.76
C PRO N 363 -48.17 -70.69 57.38
N MET N 364 -48.13 -70.51 58.69
CA MET N 364 -49.12 -69.65 59.35
C MET N 364 -48.99 -68.21 58.86
N LEU N 365 -47.77 -67.66 58.91
CA LEU N 365 -47.56 -66.29 58.45
C LEU N 365 -47.75 -66.17 56.95
N LEU N 366 -47.50 -67.23 56.20
CA LEU N 366 -47.76 -67.20 54.76
C LEU N 366 -49.26 -67.08 54.48
N LEU N 367 -50.07 -67.86 55.20
CA LEU N 367 -51.52 -67.75 55.08
C LEU N 367 -51.99 -66.37 55.54
N THR N 368 -51.35 -65.82 56.56
CA THR N 368 -51.70 -64.47 57.02
C THR N 368 -51.37 -63.42 55.95
N ASN N 369 -50.25 -63.59 55.25
CA ASN N 369 -49.80 -62.66 54.21
C ASN N 369 -50.93 -62.28 53.25
N LEU N 370 -51.51 -63.27 52.58
CA LEU N 370 -52.59 -63.05 51.61
C LEU N 370 -52.10 -62.18 50.45
N GLY N 371 -51.09 -62.70 49.77
CA GLY N 371 -50.44 -62.03 48.65
C GLY N 371 -50.44 -62.85 47.36
N MET N 372 -51.57 -63.51 47.08
CA MET N 372 -51.66 -64.35 45.89
C MET N 372 -51.51 -63.51 44.62
N ILE N 373 -52.10 -62.32 44.58
CA ILE N 373 -52.00 -61.46 43.42
C ILE N 373 -51.91 -60.00 43.85
C1 PTY O . 2.76 46.43 4.56
C2 PTY O . -0.57 45.29 11.05
C3 PTY O . -0.23 43.90 10.58
O4 PTY O . 3.91 45.68 4.13
C5 PTY O . 1.51 45.36 6.48
C6 PTY O . 2.62 46.29 6.06
O7 PTY O . 2.38 47.61 6.63
C8 PTY O . 2.92 48.67 6.00
O10 PTY O . 2.23 49.46 5.40
C11 PTY O . 4.41 48.75 6.13
C12 PTY O . 5.00 49.95 5.47
C13 PTY O . 6.44 50.20 5.89
C14 PTY O . 7.46 49.77 4.87
C15 PTY O . 8.88 49.74 5.37
C16 PTY O . 9.85 49.03 4.47
C17 PTY O . 11.29 49.12 4.91
C18 PTY O . 12.23 48.22 4.14
C19 PTY O . 12.73 48.82 2.85
C20 PTY O . 14.14 48.42 2.49
C21 PTY O . 15.18 49.48 2.76
C30 PTY O . 3.96 45.36 2.84
C31 PTY O . 5.18 45.93 2.18
O30 PTY O . 3.12 44.69 2.30
C32 PTY O . 6.46 45.31 2.64
C33 PTY O . 7.66 46.21 2.39
C34 PTY O . 8.44 45.86 1.15
C35 PTY O . 9.90 45.58 1.38
C36 PTY O . 10.50 44.56 0.44
C37 PTY O . 11.91 44.84 0.02
C38 PTY O . 12.17 44.74 -1.45
C39 PTY O . 13.38 45.51 -1.93
C40 PTY O . 13.90 45.07 -3.28
C41 PTY O . 15.07 45.87 -3.78
C42 PTY O . 15.76 45.28 -4.99
C43 PTY O . 17.02 45.99 -5.40
C44 PTY O . 17.71 45.37 -6.58
P1 PTY O . 1.76 44.63 9.00
O11 PTY O . 0.33 43.96 9.23
O12 PTY O . 2.78 43.83 9.77
O13 PTY O . 1.63 46.11 9.24
O14 PTY O . 2.02 44.39 7.43
N1 PTY O . 0.43 45.81 12.00
C1 PTY P . 21.27 36.67 19.59
C2 PTY P . 17.40 39.30 20.83
C3 PTY P . 16.21 39.12 19.92
O4 PTY P . 22.47 35.89 19.37
C5 PTY P . 18.78 36.39 19.91
C6 PTY P . 20.15 35.75 19.99
O7 PTY P . 20.36 35.27 21.35
C8 PTY P . 21.59 35.41 21.88
O10 PTY P . 22.46 34.59 21.71
C11 PTY P . 21.74 36.66 22.68
C12 PTY P . 20.62 37.63 22.50
C13 PTY P . 20.97 38.76 21.56
C14 PTY P . 22.37 39.30 21.72
C15 PTY P . 22.58 40.68 21.12
C16 PTY P . 24.01 41.14 21.13
C17 PTY P . 24.89 40.45 20.10
C18 PTY P . 25.84 41.37 19.37
C19 PTY P . 27.25 40.86 19.29
C20 PTY P . 28.17 41.71 18.45
C21 PTY P . 29.47 42.09 19.13
C30 PTY P . 23.21 36.23 18.32
C31 PTY P . 24.57 36.69 18.73
O30 PTY P . 22.81 36.16 17.19
C32 PTY P . 25.65 36.34 17.73
C33 PTY P . 26.68 37.45 17.59
C34 PTY P . 27.79 37.12 16.62
C35 PTY P . 28.84 38.20 16.49
C36 PTY P . 30.25 37.68 16.34
C37 PTY P . 31.16 38.58 15.55
C38 PTY P . 30.85 40.05 15.67
C39 PTY P . 31.39 40.89 14.54
C40 PTY P . 32.65 40.36 13.92
C41 PTY P . 33.24 41.26 12.85
P1 PTY P . 17.53 37.79 18.06
O11 PTY P . 16.37 37.90 19.16
O12 PTY P . 18.42 39.00 18.21
O13 PTY P . 16.91 37.49 16.73
O14 PTY P . 18.37 36.51 18.52
N1 PTY P . 17.21 40.42 21.77
P 3PE Q . 43.54 60.56 6.22
N 3PE Q . 46.44 63.00 4.85
O11 3PE Q . 43.57 59.12 6.92
O12 3PE Q . 43.44 60.33 4.74
O13 3PE Q . 44.98 61.19 6.58
O14 3PE Q . 42.50 61.41 6.90
C11 3PE Q . 46.16 60.79 5.83
C12 3PE Q . 46.23 61.57 4.55
C1 3PE Q . 44.32 58.05 6.30
C2 3PE Q . 44.15 56.72 7.00
C3 3PE Q . 45.01 55.63 6.40
O31 3PE Q . 44.47 54.34 6.73
O32 3PE Q . 45.44 53.55 4.89
C31 3PE Q . 44.81 53.36 5.90
C32 3PE Q . 44.36 52.01 6.37
C33 3PE Q . 44.25 51.01 5.27
C34 3PE Q . 44.15 49.59 5.75
C35 3PE Q . 43.04 49.32 6.75
C36 3PE Q . 42.73 47.86 6.93
C37 3PE Q . 41.68 47.54 7.97
C38 3PE Q . 42.10 47.89 9.38
C39 3PE Q . 43.26 47.07 9.89
C3A 3PE Q . 43.79 47.53 11.22
C3B 3PE Q . 44.91 46.69 11.77
C3C 3PE Q . 45.56 47.21 13.02
C3D 3PE Q . 46.35 48.49 12.84
C3E 3PE Q . 47.08 48.95 14.06
C3F 3PE Q . 47.78 50.27 13.87
C3G 3PE Q . 48.52 50.79 15.08
C3H 3PE Q . 49.22 52.10 14.83
C3I 3PE Q . 49.89 52.65 16.07
O21 3PE Q . 44.44 56.86 8.42
O22 3PE Q . 43.70 57.84 10.28
C21 3PE Q . 43.46 57.29 9.24
C22 3PE Q . 42.07 56.96 8.76
C23 3PE Q . 41.36 55.96 9.60
C24 3PE Q . 40.99 56.50 10.96
C25 3PE Q . 40.12 57.74 10.90
C26 3PE Q . 39.73 58.30 12.25
C27 3PE Q . 38.91 57.35 13.09
C28 3PE Q . 38.53 57.90 14.44
C29 3PE Q . 37.59 59.08 14.39
CA1 DGA R . 38.31 44.13 2.28
CA2 DGA R . 39.28 44.61 3.31
CA3 DGA R . 39.61 46.07 3.19
CA4 DGA R . 40.41 46.40 1.94
CA5 DGA R . 40.82 47.85 1.83
CA6 DGA R . 41.60 48.17 0.58
CA7 DGA R . 42.10 49.58 0.52
CA8 DGA R . 43.02 49.96 1.65
OA1 DGA R . 38.46 44.19 1.09
CB1 DGA R . 35.78 42.69 7.05
CB2 DGA R . 36.71 43.30 8.06
CB3 DGA R . 36.21 44.57 8.66
CB4 DGA R . 37.21 45.18 9.64
CB5 DGA R . 36.78 46.49 10.26
CB6 DGA R . 36.34 47.52 9.26
CB7 DGA R . 36.13 48.91 9.82
CB8 DGA R . 37.40 49.60 10.23
CB9 DGA R . 37.22 51.04 10.65
OB1 DGA R . 35.30 41.60 7.13
OG1 DGA R . 37.22 43.58 2.83
CG1 DGA R . 37.15 43.57 4.27
CG2 DGA R . 35.80 43.02 4.67
OG2 DGA R . 35.51 43.50 6.02
CG3 DGA R . 34.71 43.42 3.72
OXT DGA R . 35.05 43.05 2.38
C1 CLR S . 5.17 49.61 9.89
C2 CLR S . 3.72 49.70 10.36
C3 CLR S . 3.58 49.29 11.81
C4 CLR S . 4.48 50.17 12.68
C5 CLR S . 5.92 50.14 12.21
C6 CLR S . 6.90 49.85 13.05
C7 CLR S . 8.36 49.91 12.72
C8 CLR S . 8.63 50.58 11.38
C9 CLR S . 7.61 50.09 10.34
C10 CLR S . 6.15 50.46 10.73
C11 CLR S . 7.96 50.56 8.92
C12 CLR S . 9.39 50.18 8.52
C13 CLR S . 10.41 50.78 9.50
C14 CLR S . 10.04 50.26 10.90
C15 CLR S . 11.24 50.65 11.77
C16 CLR S . 12.43 50.65 10.79
C17 CLR S . 11.85 50.21 9.42
C18 CLR S . 10.41 52.31 9.43
C19 CLR S . 5.85 51.95 10.52
C20 CLR S . 12.77 50.55 8.24
C21 CLR S . 13.48 49.31 7.69
C22 CLR S . 13.79 51.64 8.60
C23 CLR S . 14.20 52.58 7.49
C24 CLR S . 15.07 51.94 6.44
C25 CLR S . 15.39 52.81 5.22
C26 CLR S . 14.12 53.28 4.54
C27 CLR S . 16.29 52.07 4.24
O1 CLR S . 2.22 49.42 12.23
C1 CLR T . 11.31 49.76 15.87
C2 CLR T . 9.82 49.68 16.24
C3 CLR T . 9.51 48.42 17.01
C4 CLR T . 10.36 48.36 18.26
C5 CLR T . 11.84 48.48 17.95
C6 CLR T . 12.71 47.60 18.40
C7 CLR T . 14.19 47.69 18.26
C8 CLR T . 14.65 49.05 17.74
C9 CLR T . 13.71 49.50 16.60
C10 CLR T . 12.25 49.68 17.09
C11 CLR T . 14.24 50.75 15.89
C12 CLR T . 15.71 50.64 15.46
C13 CLR T . 16.61 50.33 16.67
C14 CLR T . 16.08 48.99 17.24
C15 CLR T . 17.17 48.54 18.20
C16 CLR T . 18.48 48.96 17.49
C17 CLR T . 18.08 49.95 16.35
C18 CLR T . 16.56 51.45 17.70
C19 CLR T . 12.09 50.95 17.95
C20 CLR T . 19.14 51.05 16.16
C21 CLR T . 18.83 51.97 14.98
C22 CLR T . 20.54 50.45 16.04
C23 CLR T . 21.69 51.39 16.31
C24 CLR T . 22.17 52.12 15.08
C25 CLR T . 23.16 53.26 15.32
C26 CLR T . 22.54 54.35 16.19
C27 CLR T . 23.67 53.84 14.02
O1 CLR T . 8.12 48.40 17.36
CA1 DGA U . 25.22 50.91 -13.50
CA2 DGA U . 25.41 52.21 -12.79
CA3 DGA U . 25.58 53.40 -13.70
CA4 DGA U . 26.89 53.36 -14.47
CA5 DGA U . 27.14 54.58 -15.33
CA6 DGA U . 28.43 54.52 -16.10
CA7 DGA U . 28.72 55.78 -16.89
CA8 DGA U . 28.81 57.02 -16.04
OA1 DGA U . 25.99 50.44 -14.29
CB1 DGA U . 20.68 51.12 -10.28
CB2 DGA U . 20.81 52.48 -9.66
CB3 DGA U . 19.92 53.51 -10.26
CB4 DGA U . 20.15 54.89 -9.65
CB5 DGA U . 19.31 55.99 -10.24
CB6 DGA U . 19.38 56.09 -11.74
CB7 DGA U . 18.74 57.32 -12.34
CB8 DGA U . 19.49 58.59 -12.06
CB9 DGA U . 18.94 59.81 -12.78
OB1 DGA U . 20.36 50.12 -9.68
OG1 DGA U . 24.09 50.31 -13.17
CG1 DGA U . 23.24 50.98 -12.21
CG2 DGA U . 21.96 50.18 -12.07
OG2 DGA U . 20.94 51.10 -11.59
CG3 DGA U . 21.54 49.53 -13.37
OXT DGA U . 22.59 48.73 -13.90
C1 PTY V . -5.71 38.36 -26.15
C2 PTY V . -11.90 39.30 -22.25
C3 PTY V . -11.20 38.18 -21.54
O4 PTY V . -4.43 38.09 -25.53
C5 PTY V . -7.68 37.98 -24.62
C6 PTY V . -6.63 38.96 -25.10
O7 PTY V . -7.29 40.12 -25.66
C8 PTY V . -6.63 40.83 -26.59
O10 PTY V . -6.95 40.84 -27.74
C11 PTY V . -5.47 41.61 -26.01
C12 PTY V . -4.76 42.44 -27.04
C13 PTY V . -3.82 43.46 -26.40
C14 PTY V . -2.37 43.07 -26.45
C15 PTY V . -1.47 43.92 -25.57
C16 PTY V . -0.09 43.35 -25.38
C17 PTY V . 0.86 44.26 -24.62
C18 PTY V . 2.15 43.61 -24.22
C19 PTY V . 3.22 43.64 -25.29
C20 PTY V . 4.62 43.76 -24.77
C21 PTY V . 5.22 45.15 -24.91
C30 PTY V . -3.65 37.23 -26.18
C31 PTY V . -2.34 37.86 -26.56
O30 PTY V . -3.96 36.09 -26.41
C32 PTY V . -1.47 38.18 -25.40
C33 PTY V . -0.43 39.25 -25.71
C34 PTY V . 0.93 38.70 -26.05
C35 PTY V . 2.05 39.24 -25.18
C36 PTY V . 3.17 38.26 -24.94
C37 PTY V . 4.54 38.89 -24.90
C38 PTY V . 5.58 38.19 -25.73
C39 PTY V . 6.76 39.04 -26.12
C40 PTY V . 7.98 38.27 -26.54
C41 PTY V . 9.13 39.13 -26.99
C42 PTY V . 10.42 38.37 -27.18
C43 PTY V . 11.62 39.26 -27.46
C44 PTY V . 12.92 38.50 -27.60
P1 PTY V . -8.77 38.79 -22.35
O11 PTY V . -10.02 37.78 -22.28
O12 PTY V . -8.26 39.02 -20.96
O13 PTY V . -9.17 39.97 -23.20
O14 PTY V . -7.67 37.95 -23.17
N1 PTY V . -11.67 40.59 -21.59
C1 PTY W . 2.45 46.55 -3.13
C2 PTY W . -1.74 47.46 -5.38
C3 PTY W . -2.19 46.36 -6.30
O4 PTY W . 3.65 46.37 -2.34
C5 PTY W . 0.25 45.42 -3.62
C6 PTY W . 1.40 45.56 -2.66
O7 PTY W . 0.89 45.97 -1.36
C8 PTY W . 1.60 46.87 -0.65
O10 PTY W . 2.50 46.55 0.08
C11 PTY W . 1.14 48.29 -0.88
C12 PTY W . 0.20 48.44 -2.03
C13 PTY W . 0.89 48.97 -3.28
C14 PTY W . 1.89 50.06 -3.02
C15 PTY W . 2.24 50.88 -4.23
C16 PTY W . 3.37 51.85 -4.02
C17 PTY W . 4.74 51.21 -3.94
C18 PTY W . 5.82 51.96 -4.70
C19 PTY W . 7.10 52.13 -3.92
C20 PTY W . 8.22 52.76 -4.71
C21 PTY W . 8.87 53.94 -4.04
C30 PTY W . 4.81 46.42 -3.00
C31 PTY W . 5.65 47.56 -2.54
O30 PTY W . 5.10 45.63 -3.86
C32 PTY W . 7.13 47.27 -2.60
C33 PTY W . 7.94 48.47 -3.04
C34 PTY W . 9.43 48.23 -3.09
C35 PTY W . 10.25 49.44 -3.50
C36 PTY W . 11.55 49.58 -2.76
C37 PTY W . 12.65 50.25 -3.55
C38 PTY W . 12.15 51.28 -4.54
C39 PTY W . 13.12 51.59 -5.65
C40 PTY W . 14.57 51.43 -5.27
C41 PTY W . 15.54 51.82 -6.36
P1 PTY W . 0.07 45.01 -6.22
O11 PTY W . -1.50 45.12 -5.96
O12 PTY W . 0.59 46.38 -6.59
O13 PTY W . 0.31 43.85 -7.14
O14 PTY W . 0.66 44.63 -4.77
N1 PTY W . -2.53 48.68 -5.55
P 3PE X . 25.53 67.50 -19.70
N 3PE X . 28.40 69.89 -21.16
O11 3PE X . 25.33 66.77 -18.27
O12 3PE X . 26.28 66.54 -20.57
O13 3PE X . 26.46 68.77 -19.35
O14 3PE X . 24.20 68.02 -20.16
C11 3PE X . 27.89 68.60 -19.16
C12 3PE X . 28.57 68.58 -20.51
C1 3PE X . 26.42 65.98 -17.72
C2 3PE X . 26.03 65.25 -16.45
C3 3PE X . 27.20 64.51 -15.84
O31 3PE X . 26.72 63.47 -14.95
O32 3PE X . 28.64 62.39 -15.34
C31 3PE X . 27.58 62.47 -14.76
C32 3PE X . 27.08 61.49 -13.74
C33 3PE X . 27.73 60.15 -13.87
C34 3PE X . 27.53 59.28 -12.64
C35 3PE X . 26.10 59.09 -12.20
C36 3PE X . 25.90 57.95 -11.24
C37 3PE X . 24.50 57.78 -10.71
C38 3PE X . 24.04 58.92 -9.84
C39 3PE X . 24.80 59.07 -8.55
C3A 3PE X . 24.46 60.31 -7.77
C3B 3PE X . 25.19 60.42 -6.46
C3C 3PE X . 24.97 61.73 -5.72
C3D 3PE X . 25.58 62.93 -6.40
C3E 3PE X . 25.46 64.21 -5.61
C3F 3PE X . 26.01 65.40 -6.35
C3G 3PE X . 25.88 66.71 -5.62
C3H 3PE X . 26.46 67.88 -6.39
C3I 3PE X . 26.26 69.20 -5.67
O21 3PE X . 25.48 66.19 -15.49
O22 3PE X . 23.74 67.53 -15.13
C21 3PE X . 24.18 66.49 -15.56
C22 3PE X . 23.32 65.42 -16.17
C23 3PE X . 22.39 64.77 -15.20
C24 3PE X . 21.27 65.70 -14.78
C25 3PE X . 20.45 66.21 -15.93
C26 3PE X . 19.32 67.13 -15.54
C27 3PE X . 18.29 66.49 -14.64
C28 3PE X . 17.16 67.40 -14.22
C29 3PE X . 16.29 67.86 -15.37
C1 CLR Y . -7.00 44.46 -23.78
C2 CLR Y . -8.48 44.12 -24.04
C3 CLR Y . -9.34 44.49 -22.85
C4 CLR Y . -9.18 45.96 -22.53
C5 CLR Y . -7.72 46.33 -22.31
C6 CLR Y . -7.34 46.95 -21.20
C7 CLR Y . -5.96 47.47 -20.95
C8 CLR Y . -5.07 47.42 -22.19
C9 CLR Y . -5.30 46.10 -22.93
C10 CLR Y . -6.75 45.94 -23.43
C11 CLR Y . -4.27 45.90 -24.06
C12 CLR Y . -2.83 46.03 -23.57
C13 CLR Y . -2.58 47.41 -22.94
C14 CLR Y . -3.60 47.56 -21.79
C15 CLR Y . -3.14 48.81 -21.04
C16 CLR Y . -1.60 48.84 -21.26
C17 CLR Y . -1.28 47.58 -22.12
C18 CLR Y . -2.73 48.53 -23.99
C19 CLR Y . -7.05 46.82 -24.65
C20 CLR Y . 0.09 47.63 -22.81
C21 CLR Y . 1.11 46.74 -22.11
C22 CLR Y . 0.60 49.08 -22.90
C23 CLR Y . 1.45 49.40 -24.10
C24 CLR Y . 2.82 48.78 -24.09
C25 CLR Y . 3.65 48.97 -25.35
C26 CLR Y . 2.93 48.42 -26.57
C27 CLR Y . 5.03 48.32 -25.21
O1 CLR Y . -10.71 44.20 -23.13
C1 CLR Z . -5.24 50.20 -17.68
C2 CLR Z . -6.65 49.68 -17.92
C3 CLR Z . -7.20 48.99 -16.69
C4 CLR Z . -7.17 49.94 -15.51
C5 CLR Z . -5.79 50.51 -15.27
C6 CLR Z . -5.22 50.45 -14.07
C7 CLR Z . -3.91 51.09 -13.70
C8 CLR Z . -3.42 52.04 -14.78
C9 CLR Z . -3.61 51.41 -16.17
C10 CLR Z . -5.11 51.16 -16.47
C11 CLR Z . -2.92 52.23 -17.27
C12 CLR Z . -1.46 52.58 -16.96
C13 CLR Z . -1.34 53.32 -15.62
C14 CLR Z . -1.94 52.38 -14.56
C15 CLR Z . -1.52 53.00 -13.24
C16 CLR Z . -0.10 53.52 -13.52
C17 CLR Z . 0.09 53.53 -15.06
C18 CLR Z . -2.09 54.67 -15.68
C19 CLR Z . -5.86 52.48 -16.78
C20 CLR Z . 0.95 54.71 -15.54
C21 CLR Z . 1.24 54.69 -17.04
C22 CLR Z . 2.24 54.81 -14.72
C23 CLR Z . 2.94 56.16 -14.75
C24 CLR Z . 3.93 56.30 -15.88
C25 CLR Z . 4.49 57.70 -16.10
C26 CLR Z . 3.38 58.69 -16.45
C27 CLR Z . 5.56 57.72 -17.17
O1 CLR Z . -8.53 48.55 -16.93
CA1 DGA AA . 22.26 42.59 -33.18
CA2 DGA AA . 21.86 44.01 -33.49
CA3 DGA AA . 22.36 44.52 -34.80
CA4 DGA AA . 23.86 44.69 -34.83
CA5 DGA AA . 24.40 45.28 -36.10
CA6 DGA AA . 25.90 45.43 -36.14
CA7 DGA AA . 26.43 46.11 -37.37
CA8 DGA AA . 25.89 47.50 -37.58
OA1 DGA AA . 23.38 42.19 -33.13
CB1 DGA AA . 16.70 42.35 -32.76
CB2 DGA AA . 16.31 43.74 -33.18
CB3 DGA AA . 15.78 43.83 -34.59
CB4 DGA AA . 15.47 45.26 -34.99
CB5 DGA AA . 14.96 45.42 -36.41
CB6 DGA AA . 15.84 44.78 -37.44
CB7 DGA AA . 15.49 45.14 -38.87
CB8 DGA AA . 15.81 46.56 -39.25
CB9 DGA AA . 15.61 46.87 -40.71
OB1 DGA AA . 16.22 41.77 -31.84
OG1 DGA AA . 21.19 41.81 -32.98
CG1 DGA AA . 19.90 42.41 -33.07
CG2 DGA AA . 18.85 41.33 -32.92
OG2 DGA AA . 17.63 41.79 -33.55
CG3 DGA AA . 19.30 40.01 -33.50
OXT DGA AA . 20.56 39.61 -32.97
C1 PTY BA . 5.20 13.36 -44.53
C2 PTY BA . -2.17 13.28 -44.73
C3 PTY BA . -1.85 13.09 -43.27
O4 PTY BA . 5.96 14.02 -43.48
C5 PTY BA . 2.77 12.97 -43.95
C6 PTY BA . 3.80 13.92 -44.54
O7 PTY BA . 3.42 14.23 -45.90
C8 PTY BA . 4.39 14.60 -46.76
O10 PTY BA . 4.77 13.89 -47.65
C11 PTY BA . 4.94 15.96 -46.46
C12 PTY BA . 5.99 16.40 -47.44
C13 PTY BA . 6.30 17.89 -47.34
C14 PTY BA . 7.57 18.21 -46.60
C15 PTY BA . 7.72 19.67 -46.24
C16 PTY BA . 8.83 19.95 -45.25
C17 PTY BA . 9.07 21.43 -45.01
C18 PTY BA . 10.00 21.70 -43.85
C19 PTY BA . 11.47 21.65 -44.20
C20 PTY BA . 12.33 22.62 -43.44
C21 PTY BA . 12.73 23.85 -44.22
C30 PTY BA . 7.06 13.40 -43.07
C31 PTY BA . 8.27 14.26 -43.28
O30 PTY BA . 7.06 12.29 -42.60
C32 PTY BA . 8.31 15.45 -42.39
C33 PTY BA . 9.21 16.55 -42.92
C34 PTY BA . 10.58 16.58 -42.32
C35 PTY BA . 10.96 17.90 -41.68
C36 PTY BA . 11.87 17.78 -40.49
C37 PTY BA . 12.90 18.87 -40.38
C38 PTY BA . 14.31 18.39 -40.11
C39 PTY BA . 15.39 19.35 -40.52
C40 PTY BA . 16.72 19.10 -39.85
C41 PTY BA . 17.83 20.02 -40.31
C42 PTY BA . 19.08 19.94 -39.48
C43 PTY BA . 20.11 20.99 -39.82
C44 PTY BA . 21.36 20.91 -38.96
P1 PTY BA . 0.53 14.22 -43.35
O11 PTY BA . -0.42 12.95 -43.09
O12 PTY BA . 0.15 15.30 -42.38
O13 PTY BA . 0.53 14.50 -44.84
O14 PTY BA . 1.98 13.67 -42.95
N1 PTY BA . -2.49 14.67 -45.03
C1 PTY CA . -1.75 34.47 -31.50
C2 PTY CA . -4.07 32.20 -35.09
C3 PTY CA . -3.81 30.71 -35.15
O4 PTY CA . -1.18 35.24 -30.42
C5 PTY CA . -3.17 32.41 -31.87
C6 PTY CA . -2.75 33.50 -30.91
O7 PTY CA . -3.95 34.22 -30.49
C8 PTY CA . -3.87 35.55 -30.35
O10 PTY CA . -3.49 36.07 -29.32
C11 PTY CA . -4.29 36.31 -31.58
C12 PTY CA . -4.44 35.44 -32.78
C13 PTY CA . -3.25 35.51 -33.72
C14 PTY CA . -2.69 36.91 -33.90
C15 PTY CA . -1.83 37.08 -35.13
C16 PTY CA . -1.12 38.41 -35.21
C17 PTY CA . 0.03 38.56 -34.25
C18 PTY CA . 1.25 39.22 -34.86
C19 PTY CA . 1.86 40.30 -34.00
C20 PTY CA . 3.14 40.87 -34.53
C21 PTY CA . 3.17 42.38 -34.62
C30 PTY CA . 0.13 35.46 -30.48
C31 PTY CA . 0.45 36.92 -30.61
O30 PTY CA . 0.95 34.58 -30.44
C32 PTY CA . 1.72 37.31 -29.95
C33 PTY CA . 2.50 38.36 -30.73
C34 PTY CA . 3.78 38.81 -30.07
C35 PTY CA . 4.54 39.86 -30.84
C36 PTY CA . 5.19 40.91 -29.98
C37 PTY CA . 6.45 41.50 -30.55
C38 PTY CA . 6.46 41.58 -32.06
C39 PTY CA . 7.85 41.68 -32.66
C40 PTY CA . 8.85 42.38 -31.79
C41 PTY CA . 10.21 42.57 -32.43
P1 PTY CA . -1.82 30.74 -33.42
O11 PTY CA . -3.28 30.26 -33.88
O12 PTY CA . -1.36 31.81 -34.37
O13 PTY CA . -0.97 29.52 -33.19
O14 PTY CA . -2.10 31.43 -31.99
N1 PTY CA . -4.77 32.68 -36.28
P 3PE DA . 23.97 52.11 -48.01
N 3PE DA . 26.86 54.45 -49.52
O11 3PE DA . 23.10 52.19 -46.65
O12 3PE DA . 25.19 51.30 -47.70
O13 3PE DA . 24.39 53.65 -48.27
O14 3PE DA . 23.07 51.70 -49.14
C11 3PE DA . 25.49 54.24 -47.53
C12 3PE DA . 26.79 53.86 -48.18
C1 3PE DA . 23.78 52.35 -45.38
C2 3PE DA . 22.85 52.25 -44.20
C3 3PE DA . 23.57 52.52 -42.89
O31 3PE DA . 22.81 51.96 -41.79
O32 3PE DA . 24.72 51.79 -40.67
C31 3PE DA . 23.53 51.68 -40.71
C32 3PE DA . 22.67 51.24 -39.55
C33 3PE DA . 23.42 50.45 -38.55
C34 3PE DA . 22.69 50.31 -37.22
C35 3PE DA . 21.28 49.76 -37.32
C36 3PE DA . 20.73 49.29 -36.00
C37 3PE DA . 19.30 48.81 -36.02
C38 3PE DA . 18.30 49.89 -36.35
C39 3PE DA . 18.21 50.97 -35.31
C3A 3PE DA . 17.35 52.15 -35.71
C3B 3PE DA . 17.21 53.20 -34.65
C3C 3PE DA . 16.47 54.45 -35.08
C3D 3PE DA . 17.20 55.29 -36.09
C3E 3PE DA . 16.52 56.59 -36.44
C3F 3PE DA . 17.23 57.35 -37.53
C3G 3PE DA . 16.58 58.65 -37.92
C3H 3PE DA . 17.33 59.39 -38.99
C3I 3PE DA . 16.62 60.64 -39.44
O21 3PE DA . 21.75 53.19 -44.36
O22 3PE DA . 19.96 53.62 -45.61
C21 3PE DA . 20.69 52.81 -45.07
C22 3PE DA . 20.44 51.32 -45.08
C23 3PE DA . 19.21 50.91 -44.34
C24 3PE DA . 17.94 51.32 -45.06
C25 3PE DA . 17.85 50.79 -46.46
C26 3PE DA . 16.59 51.17 -47.19
C27 3PE DA . 15.32 50.69 -46.55
C28 3PE DA . 14.06 51.08 -47.26
C29 3PE DA . 13.90 50.47 -48.63
C1 CLR EA . 2.10 18.54 -47.36
C2 CLR EA . 1.07 17.52 -47.84
C3 CLR EA . -0.33 18.00 -47.59
C4 CLR EA . -0.55 19.33 -48.28
C5 CLR EA . 0.48 20.35 -47.86
C6 CLR EA . 0.11 21.54 -47.38
C7 CLR EA . 1.05 22.66 -47.05
C8 CLR EA . 2.47 22.40 -47.54
C9 CLR EA . 2.85 20.94 -47.24
C10 CLR EA . 1.94 19.93 -48.00
C11 CLR EA . 4.35 20.68 -47.52
C12 CLR EA . 5.26 21.65 -46.76
C13 CLR EA . 4.94 23.11 -47.14
C14 CLR EA . 3.44 23.34 -46.83
C15 CLR EA . 3.27 24.85 -46.97
C16 CLR EA . 4.64 25.43 -46.59
C17 CLR EA . 5.53 24.21 -46.23
C18 CLR EA . 5.27 23.37 -48.62
C19 CLR EA . 2.27 19.87 -49.50
C20 CLR EA . 7.04 24.52 -46.24
C21 CLR EA . 7.61 24.63 -44.84
C22 CLR EA . 7.34 25.78 -47.06
C23 CLR EA . 8.68 25.80 -47.79
C24 CLR EA . 9.87 25.94 -46.87
C25 CLR EA . 11.23 25.82 -47.55
C26 CLR EA . 11.37 24.49 -48.28
C27 CLR EA . 12.36 26.00 -46.54
O1 CLR EA . -1.29 17.04 -48.08
C1 CLR FA . -0.49 26.64 -46.37
C2 CLR FA . -1.47 25.51 -46.70
C3 CLR FA . -2.50 25.36 -45.61
C4 CLR FA . -3.25 26.67 -45.43
C5 CLR FA . -2.31 27.82 -45.16
C6 CLR FA . -2.49 28.62 -44.11
C7 CLR FA . -1.70 29.85 -43.81
C8 CLR FA . -0.81 30.26 -44.98
C9 CLR FA . -0.13 29.01 -45.57
C10 CLR FA . -1.16 28.01 -46.15
C11 CLR FA . 0.96 29.38 -46.59
C12 CLR FA . 1.95 30.43 -46.09
C13 CLR FA . 1.22 31.70 -45.64
C14 CLR FA . 0.25 31.26 -44.53
C15 CLR FA . -0.21 32.57 -43.88
C16 CLR FA . 1.07 33.44 -43.91
C17 CLR FA . 2.07 32.77 -44.87
C18 CLR FA . 0.47 32.36 -46.82
C19 CLR FA . -1.77 28.51 -47.47
C20 CLR FA . 2.90 33.79 -45.67
C21 CLR FA . 3.97 33.16 -46.55
C22 CLR FA . 3.50 34.84 -44.71
C23 CLR FA . 3.94 36.14 -45.37
C24 CLR FA . 5.36 36.12 -45.87
C25 CLR FA . 5.78 37.32 -46.72
C26 CLR FA . 4.94 37.38 -48.00
C27 CLR FA . 7.25 37.26 -47.07
O1 CLR FA . -3.43 24.32 -45.97
CA1 DGA GA . 31.65 25.32 -42.04
CA2 DGA GA . 31.33 26.06 -43.31
CA3 DGA GA . 32.41 26.01 -44.34
CA4 DGA GA . 33.65 26.79 -43.93
CA5 DGA GA . 34.73 26.84 -44.98
CA6 DGA GA . 35.96 27.59 -44.56
CA7 DGA GA . 36.99 27.72 -45.65
CA8 DGA GA . 36.50 28.42 -46.89
OA1 DGA GA . 32.61 25.54 -41.34
CB1 DGA GA . 26.87 22.90 -43.59
CB2 DGA GA . 26.62 23.57 -44.91
CB3 DGA GA . 26.95 22.72 -46.09
CB4 DGA GA . 26.74 23.45 -47.41
CB5 DGA GA . 27.08 22.66 -48.64
CB6 DGA GA . 28.46 22.05 -48.61
CB7 DGA GA . 28.92 21.46 -49.92
CB8 DGA GA . 29.22 22.47 -50.98
CB9 DGA GA . 29.83 21.89 -52.25
OB1 DGA GA . 26.02 22.71 -42.75
OG1 DGA GA . 30.76 24.37 -41.77
CG1 DGA GA . 29.66 24.21 -42.69
CG2 DGA GA . 28.86 23.01 -42.25
OG2 DGA GA . 28.14 22.51 -43.41
CG3 DGA GA . 29.70 21.92 -41.62
OXT DGA GA . 30.49 22.44 -40.56
C1 PTY HA . 27.31 -9.71 -36.73
C2 PTY HA . 21.34 -13.10 -39.44
C3 PTY HA . 20.81 -12.38 -38.22
O4 PTY HA . 27.27 -8.37 -36.18
C5 PTY HA . 25.03 -10.79 -36.96
C6 PTY HA . 26.09 -9.91 -37.59
O7 PTY HA . 26.49 -10.51 -38.85
C8 PTY HA . 27.72 -10.24 -39.32
O10 PTY HA . 28.61 -11.05 -39.32
C11 PTY HA . 27.85 -8.82 -39.81
C12 PTY HA . 29.21 -8.52 -40.38
C13 PTY HA . 29.22 -7.21 -41.17
C14 PTY HA . 29.83 -6.05 -40.43
C15 PTY HA . 29.59 -4.71 -41.08
C16 PTY HA . 29.91 -3.53 -40.21
C17 PTY HA . 29.81 -2.20 -40.90
C18 PTY HA . 29.91 -1.00 -39.98
C19 PTY HA . 31.32 -0.58 -39.67
C20 PTY HA . 31.49 0.91 -39.48
C21 PTY HA . 32.10 1.62 -40.66
C30 PTY HA . 28.03 -8.15 -35.12
C31 PTY HA . 29.04 -7.08 -35.38
O30 PTY HA . 27.90 -8.75 -34.08
C32 PTY HA . 28.44 -5.72 -35.55
C33 PTY HA . 29.35 -4.76 -36.31
C34 PTY HA . 30.15 -3.84 -35.41
C35 PTY HA . 29.95 -2.37 -35.72
C36 PTY HA . 30.06 -1.47 -34.51
C37 PTY HA . 30.72 -0.15 -34.78
C38 PTY HA . 31.79 0.24 -33.79
C39 PTY HA . 32.79 1.24 -34.30
C40 PTY HA . 33.55 1.96 -33.22
C41 PTY HA . 34.60 2.91 -33.73
C42 PTY HA . 35.19 3.81 -32.68
C43 PTY HA . 36.11 4.88 -33.21
C44 PTY HA . 36.66 5.79 -32.15
P1 PTY HA . 22.70 -10.54 -38.17
O11 PTY HA . 21.92 -11.77 -37.50
O12 PTY HA . 21.72 -9.40 -38.34
O13 PTY HA . 23.48 -11.05 -39.34
O14 PTY HA . 23.74 -10.11 -37.02
N1 PTY HA . 21.08 -12.34 -40.67
C1 PTY IA . 11.87 9.53 -44.18
C2 PTY IA . 12.22 5.04 -45.95
C3 PTY IA . 12.64 4.01 -44.93
O4 PTY IA . 11.66 10.90 -43.76
C5 PTY IA . 11.15 7.17 -43.60
C6 PTY IA . 10.84 8.66 -43.52
O7 PTY IA . 9.54 8.88 -44.13
C8 PTY IA . 9.37 9.99 -44.87
O10 PTY IA . 9.06 11.04 -44.38
C11 PTY IA . 9.62 9.76 -46.33
C12 PTY IA . 10.25 8.44 -46.64
C13 PTY IA . 11.74 8.57 -46.89
C14 PTY IA . 12.14 9.76 -47.71
C15 PTY IA . 13.51 9.67 -48.34
C16 PTY IA . 13.97 10.93 -49.01
C17 PTY IA . 14.39 12.02 -48.05
C18 PTY IA . 15.65 12.76 -48.46
C19 PTY IA . 15.54 14.25 -48.36
C20 PTY IA . 16.84 14.98 -48.64
C21 PTY IA . 16.73 16.08 -49.66
C30 PTY IA . 12.75 11.61 -43.47
C31 PTY IA . 12.92 12.77 -44.40
O30 PTY IA . 13.50 11.32 -42.58
C32 PTY IA . 13.54 13.96 -43.75
C33 PTY IA . 14.51 14.70 -44.68
C34 PTY IA . 15.14 15.92 -44.07
C35 PTY IA . 16.07 16.66 -45.00
C36 PTY IA . 16.00 18.17 -44.87
C37 PTY IA . 17.29 18.87 -45.20
C38 PTY IA . 18.13 18.19 -46.25
C39 PTY IA . 19.58 18.58 -46.23
C40 PTY IA . 19.85 19.98 -45.74
C41 PTY IA . 21.31 20.40 -45.81
P1 PTY IA . 13.32 5.75 -43.07
O11 PTY IA . 12.41 4.52 -43.59
O12 PTY IA . 14.09 6.28 -44.24
O13 PTY IA . 14.03 5.32 -41.82
O14 PTY IA . 12.22 6.85 -42.66
N1 PTY IA . 12.22 4.50 -47.31
P 3PE JA . 40.13 25.89 -57.57
N 3PE JA . 43.08 28.17 -59.07
O11 3PE JA . 38.66 26.23 -57.02
O12 3PE JA . 41.07 25.96 -56.41
O13 3PE JA . 40.44 27.09 -58.60
O14 3PE JA . 40.06 24.63 -58.38
C11 3PE JA . 40.87 28.39 -58.09
C12 3PE JA . 42.35 28.35 -57.83
C1 3PE JA . 38.50 27.28 -56.02
C2 3PE JA . 37.09 27.40 -55.50
C3 3PE JA . 36.92 28.55 -54.53
O31 3PE JA . 35.76 28.35 -53.71
O32 3PE JA . 36.73 29.61 -52.17
C31 3PE JA . 35.78 28.98 -52.55
C32 3PE JA . 34.49 28.84 -51.79
C33 3PE JA . 34.66 29.08 -50.33
C34 3PE JA . 33.33 29.30 -49.61
C35 3PE JA . 32.29 28.23 -49.82
C36 3PE JA . 31.16 28.29 -48.83
C37 3PE JA . 30.05 27.29 -49.05
C38 3PE JA . 29.28 27.50 -50.32
C39 3PE JA . 28.50 28.79 -50.36
C3A 3PE JA . 27.87 29.08 -51.69
C3B 3PE JA . 27.04 30.34 -51.72
C3C 3PE JA . 26.52 30.74 -53.08
C3D 3PE JA . 27.59 31.20 -54.05
C3E 3PE JA . 27.07 31.70 -55.37
C3F 3PE JA . 28.17 32.05 -56.34
C3G 3PE JA . 27.69 32.54 -57.68
C3H 3PE JA . 28.82 32.90 -58.61
C3I 3PE JA . 28.33 33.31 -59.98
O21 3PE JA . 36.16 27.53 -56.62
O22 3PE JA . 35.33 26.45 -58.37
C21 3PE JA . 35.71 26.42 -57.23
C22 3PE JA . 35.70 25.21 -56.34
C23 3PE JA . 34.33 24.72 -56.03
C24 3PE JA . 33.63 24.11 -57.22
C25 3PE JA . 34.39 22.98 -57.85
C26 3PE JA . 33.70 22.35 -59.04
C27 3PE JA . 32.35 21.75 -58.73
C28 3PE JA . 31.67 21.14 -59.93
C29 3PE JA . 32.36 19.94 -60.51
C1 CLR KA . 25.69 -8.58 -43.10
C2 CLR KA . 25.24 -10.04 -43.13
C3 CLR KA . 23.88 -10.17 -43.77
C4 CLR KA . 23.92 -9.60 -45.17
C5 CLR KA . 24.42 -8.17 -45.19
C6 CLR KA . 23.71 -7.21 -45.77
C7 CLR KA . 24.16 -5.79 -45.94
C8 CLR KA . 25.64 -5.60 -45.60
C9 CLR KA . 25.97 -6.40 -44.32
C10 CLR KA . 25.75 -7.92 -44.49
C11 CLR KA . 27.37 -6.06 -43.79
C12 CLR KA . 27.60 -4.56 -43.60
C13 CLR KA . 27.38 -3.81 -44.91
C14 CLR KA . 25.95 -4.13 -45.39
C15 CLR KA . 25.70 -3.13 -46.53
C16 CLR KA . 26.56 -1.91 -46.16
C17 CLR KA . 27.24 -2.26 -44.81
C18 CLR KA . 28.44 -4.19 -45.96
C19 CLR KA . 26.86 -8.56 -45.34
C20 CLR KA . 28.46 -1.37 -44.48
C21 CLR KA . 28.12 -0.34 -43.40
C22 CLR KA . 29.00 -0.70 -45.74
C23 CLR KA . 30.50 -0.45 -45.76
C24 CLR KA . 30.97 0.62 -44.82
C25 CLR KA . 32.48 0.79 -44.71
C26 CLR KA . 33.15 -0.50 -44.29
C27 CLR KA . 32.83 1.92 -43.75
O1 CLR KA . 23.48 -11.55 -43.81
C1 CLR LA . 22.06 -3.14 -48.63
C2 CLR LA . 21.56 -4.58 -48.46
C3 CLR LA . 20.13 -4.61 -48.01
C4 CLR LA . 19.26 -3.87 -49.00
C5 CLR LA . 19.74 -2.45 -49.23
C6 CLR LA . 18.92 -1.42 -49.11
C7 CLR LA . 19.26 0.00 -49.43
C8 CLR LA . 20.60 0.12 -50.16
C9 CLR LA . 21.63 -0.81 -49.50
C10 CLR LA . 21.22 -2.30 -49.61
C11 CLR LA . 23.05 -0.57 -50.04
C12 CLR LA . 23.46 0.91 -50.04
C13 CLR LA . 22.47 1.77 -50.82
C14 CLR LA . 21.10 1.56 -50.13
C15 CLR LA . 20.22 2.66 -50.71
C16 CLR LA . 21.18 3.86 -50.84
C17 CLR LA . 22.62 3.32 -50.69
C18 CLR LA . 22.42 1.35 -52.29
C19 CLR LA . 21.38 -2.84 -51.04
C20 CLR LA . 23.62 4.06 -51.60
C21 CLR LA . 25.06 3.62 -51.40
C22 CLR LA . 23.47 5.58 -51.42
C23 CLR LA . 24.03 6.43 -52.55
C24 CLR LA . 25.48 6.78 -52.36
C25 CLR LA . 26.15 7.44 -53.57
C26 CLR LA . 26.16 6.50 -54.77
C27 CLR LA . 27.57 7.88 -53.25
O1 CLR LA . 19.68 -5.98 -47.90
CA1 DGA MA . 46.35 12.10 -33.41
CA2 DGA MA . 46.69 11.88 -34.87
CA3 DGA MA . 48.16 11.81 -35.14
CA4 DGA MA . 48.87 13.14 -34.92
CA5 DGA MA . 50.33 13.12 -35.28
CA6 DGA MA . 51.03 14.44 -35.04
CA7 DGA MA . 52.47 14.46 -35.49
CA8 DGA MA . 52.67 14.16 -36.95
OA1 DGA MA . 46.72 13.02 -32.75
CB1 DGA MA . 43.54 7.42 -34.59
CB2 DGA MA . 43.99 7.15 -35.99
CB3 DGA MA . 45.01 6.07 -36.12
CB4 DGA MA . 45.47 5.89 -37.55
CB5 DGA MA . 46.54 4.83 -37.74
CB6 DGA MA . 47.74 4.99 -36.84
CB7 DGA MA . 48.90 4.10 -37.17
CB8 DGA MA . 49.62 4.47 -38.44
CB9 DGA MA . 50.88 3.68 -38.68
OB1 DGA MA . 42.41 7.32 -34.20
OG1 DGA MA . 45.57 11.12 -32.93
CG1 DGA MA . 45.19 10.06 -33.84
CG2 DGA MA . 44.43 9.03 -33.05
OG2 DGA MA . 44.54 7.77 -33.76
CG3 DGA MA . 44.91 8.90 -31.62
OXT DGA MA . 44.92 10.15 -30.96
C1 PTY NA . 43.96 -13.48 -8.63
C2 PTY NA . 40.94 -19.98 -10.37
C3 PTY NA . 39.75 -19.08 -10.20
O4 PTY NA . 43.47 -12.23 -9.15
C5 PTY NA . 42.33 -15.39 -8.89
C6 PTY NA . 43.45 -14.60 -9.51
O7 PTY NA . 44.56 -15.50 -9.82
C8 PTY NA . 45.80 -14.97 -9.88
O10 PTY NA . 46.63 -15.20 -9.04
C11 PTY NA . 46.01 -14.10 -11.08
C12 PTY NA . 47.40 -13.55 -11.18
C13 PTY NA . 47.71 -12.96 -12.54
C14 PTY NA . 47.66 -11.46 -12.59
C15 PTY NA . 47.66 -10.88 -13.98
C16 PTY NA . 47.31 -9.42 -14.05
C17 PTY NA . 47.45 -8.81 -15.42
C18 PTY NA . 46.88 -7.42 -15.55
C19 PTY NA . 47.82 -6.32 -15.11
C20 PTY NA . 47.68 -5.04 -15.89
C21 PTY NA . 48.75 -4.82 -16.92
C30 PTY NA . 43.48 -11.20 -8.31
C31 PTY NA . 44.34 -10.08 -8.82
O30 PTY NA . 42.88 -11.19 -7.27
C32 PTY NA . 43.77 -9.40 -10.03
C33 PTY NA . 44.83 -8.66 -10.82
C34 PTY NA . 44.89 -7.18 -10.56
C35 PTY NA . 44.72 -6.32 -11.77
C36 PTY NA . 44.04 -5.00 -11.51
C37 PTY NA . 44.58 -3.85 -12.32
C38 PTY NA . 44.85 -2.60 -11.52
C39 PTY NA . 45.85 -1.66 -12.15
C40 PTY NA . 45.80 -0.25 -11.63
C41 PTY NA . 46.83 0.67 -12.22
C42 PTY NA . 46.63 2.13 -11.89
C43 PTY NA . 47.56 3.06 -12.61
C44 PTY NA . 47.32 4.52 -12.30
P1 PTY NA . 41.06 -16.83 -10.70
O11 PTY NA . 40.19 -17.77 -9.73
O12 PTY NA . 40.21 -16.51 -11.90
O13 PTY NA . 42.41 -17.46 -10.88
O14 PTY NA . 41.23 -15.49 -9.83
N1 PTY NA . 41.31 -20.14 -11.78
C1 PTY OA . 33.08 -9.48 -31.63
C2 PTY OA . 34.86 -13.59 -29.78
C3 PTY OA . 34.77 -13.67 -28.27
O4 PTY OA . 32.51 -8.34 -32.32
C5 PTY OA . 32.44 -11.29 -29.97
C6 PTY OA . 31.96 -10.28 -30.99
O7 PTY OA . 31.20 -10.98 -32.01
C8 PTY OA . 31.34 -10.58 -33.29
O10 PTY OA . 30.68 -9.68 -33.76
C11 PTY OA . 32.38 -11.37 -34.04
C12 PTY OA . 33.22 -12.22 -33.15
C13 PTY OA . 34.58 -11.60 -32.87
C14 PTY OA . 35.21 -10.94 -34.06
C15 PTY OA . 36.71 -10.73 -33.93
C16 PTY OA . 37.32 -9.91 -35.04
C17 PTY OA . 37.00 -8.43 -34.95
C18 PTY OA . 38.17 -7.53 -35.25
C19 PTY OA . 37.86 -6.40 -36.21
C20 PTY OA . 38.99 -5.43 -36.40
C21 PTY OA . 39.34 -5.16 -37.84
C30 PTY OA . 33.17 -7.20 -32.19
C31 PTY OA . 33.67 -6.70 -33.52
O30 PTY OA . 33.33 -6.64 -31.14
C32 PTY OA . 33.69 -5.22 -33.63
C33 PTY OA . 34.91 -4.70 -34.39
C34 PTY OA . 34.96 -3.21 -34.55
C35 PTY OA . 36.14 -2.70 -35.33
C36 PTY OA . 35.84 -1.54 -36.24
C37 PTY OA . 37.01 -0.60 -36.45
C38 PTY OA . 38.36 -1.27 -36.42
C39 PTY OA . 39.51 -0.33 -36.14
C40 PTY OA . 39.29 1.08 -36.64
C41 PTY OA . 40.47 2.00 -36.43
P1 PTY OA . 34.10 -11.14 -27.92
O11 PTY OA . 33.80 -12.72 -27.79
O12 PTY OA . 35.32 -10.98 -28.78
O13 PTY OA . 34.05 -10.54 -26.55
O14 PTY OA . 32.83 -10.59 -28.75
N1 PTY OA . 35.69 -14.65 -30.34
P 3PE PA . 61.85 8.56 -41.19
N 3PE PA . 64.86 10.82 -42.62
O11 3PE PA . 60.30 8.45 -41.56
O12 3PE PA . 61.97 9.61 -40.11
O13 3PE PA . 62.54 9.09 -42.54
O14 3PE PA . 62.39 7.18 -40.93
C11 3PE PA . 62.46 10.50 -42.90
C12 3PE PA . 63.53 11.26 -42.16
C1 3PE PA . 59.50 9.66 -41.63
C2 3PE PA . 58.03 9.38 -41.85
C3 3PE PA . 57.23 10.65 -42.02
O31 3PE PA . 55.83 10.39 -41.74
O32 3PE PA . 55.62 12.54 -41.18
C31 3PE PA . 55.13 11.47 -41.37
C32 3PE PA . 53.66 11.16 -41.23
C33 3PE PA . 52.96 12.14 -40.34
C34 3PE PA . 51.46 12.08 -40.48
C35 3PE PA . 50.83 10.71 -40.30
C36 3PE PA . 49.34 10.75 -40.07
C37 3PE PA . 48.67 9.40 -39.96
C38 3PE PA . 48.70 8.60 -41.23
C39 3PE PA . 47.93 9.21 -42.37
C3A 3PE PA . 48.13 8.49 -43.69
C3B 3PE PA . 47.30 9.06 -44.82
C3C 3PE PA . 47.59 8.46 -46.17
C3D 3PE PA . 48.94 8.79 -46.73
C3E 3PE PA . 49.18 8.28 -48.13
C3F 3PE PA . 50.57 8.55 -48.63
C3G 3PE PA . 50.87 8.04 -50.01
C3H 3PE PA . 52.28 8.35 -50.47
C3I 3PE PA . 52.58 7.77 -51.83
O21 3PE PA . 57.86 8.53 -43.02
O22 3PE PA . 58.27 6.48 -43.79
C21 3PE PA . 57.96 7.20 -42.88
C22 3PE PA . 57.61 6.71 -41.50
C23 3PE PA . 56.35 5.91 -41.46
C24 3PE PA . 56.50 4.54 -42.12
C25 3PE PA . 57.62 3.71 -41.53
C26 3PE PA . 57.79 2.37 -42.16
C27 3PE PA . 56.57 1.47 -42.05
C28 3PE PA . 56.73 0.12 -42.69
C29 3PE PA . 57.78 -0.76 -42.05
C1 CLR QA . 46.03 -16.49 -14.21
C2 CLR QA . 45.83 -17.80 -13.44
C3 CLR QA . 45.08 -18.81 -14.27
C4 CLR QA . 45.82 -19.06 -15.58
C5 CLR QA . 46.07 -17.78 -16.34
C6 CLR QA . 45.70 -17.65 -17.60
C7 CLR QA . 46.00 -16.47 -18.48
C8 CLR QA . 47.00 -15.51 -17.84
C9 CLR QA . 46.66 -15.33 -16.35
C10 CLR QA . 46.75 -16.66 -15.56
C11 CLR QA . 47.50 -14.20 -15.72
C12 CLR QA . 47.39 -12.89 -16.48
C13 CLR QA . 47.85 -13.06 -17.93
C14 CLR QA . 46.97 -14.17 -18.55
C15 CLR QA . 47.27 -14.09 -20.05
C16 CLR QA . 47.64 -12.61 -20.29
C17 CLR QA . 47.49 -11.91 -18.91
C18 CLR QA . 49.35 -13.41 -18.01
C19 CLR QA . 48.22 -17.08 -15.31
C20 CLR QA . 48.21 -10.55 -18.83
C21 CLR QA . 47.22 -9.38 -18.91
C22 CLR QA . 49.28 -10.43 -19.92
C23 CLR QA . 50.50 -9.61 -19.57
C24 CLR QA . 50.23 -8.12 -19.47
C25 CLR QA . 51.40 -7.27 -18.97
C26 CLR QA . 51.88 -7.74 -17.60
C27 CLR QA . 51.03 -5.80 -18.93
O1 CLR QA . 44.94 -20.04 -13.54
C1 CLR RA . 45.43 -16.73 -22.75
C2 CLR RA . 45.10 -17.96 -21.88
C3 CLR RA . 43.67 -18.38 -22.06
C4 CLR RA . 43.41 -18.69 -23.53
C5 CLR RA . 43.77 -17.53 -24.43
C6 CLR RA . 42.90 -17.05 -25.31
C7 CLR RA . 43.20 -16.00 -26.32
C8 CLR RA . 44.69 -15.68 -26.42
C9 CLR RA . 45.29 -15.60 -25.00
C10 CLR RA . 45.18 -16.96 -24.25
C11 CLR RA . 46.73 -15.06 -25.02
C12 CLR RA . 46.89 -13.77 -25.83
C13 CLR RA . 46.40 -13.95 -27.27
C14 CLR RA . 44.92 -14.36 -27.15
C15 CLR RA . 44.38 -14.21 -28.58
C16 CLR RA . 45.10 -12.96 -29.10
C17 CLR RA . 46.28 -12.66 -28.14
C18 CLR RA . 47.23 -15.01 -28.01
C19 CLR RA . 46.18 -18.00 -24.80
C20 CLR RA . 47.51 -12.12 -28.87
C21 CLR RA . 48.64 -11.71 -27.93
C22 CLR RA . 47.11 -10.96 -29.80
C23 CLR RA . 48.10 -10.62 -30.90
C24 CLR RA . 49.15 -9.62 -30.49
C25 CLR RA . 50.30 -9.44 -31.49
C26 CLR RA . 51.07 -10.73 -31.68
C27 CLR RA . 51.23 -8.33 -31.04
O1 CLR RA . 43.40 -19.54 -21.27
CA1 DGA SA . 55.27 12.88 -13.79
CA2 DGA SA . 56.38 12.15 -14.51
CA3 DGA SA . 57.75 12.60 -14.12
CA4 DGA SA . 58.06 14.01 -14.59
CA5 DGA SA . 59.47 14.48 -14.30
CA6 DGA SA . 59.76 15.88 -14.75
CA7 DGA SA . 61.19 16.31 -14.54
CA8 DGA SA . 62.19 15.44 -15.26
OA1 DGA SA . 55.09 14.07 -13.82
CB1 DGA SA . 54.15 7.56 -12.54
CB2 DGA SA . 55.33 6.85 -13.15
CB3 DGA SA . 56.37 6.43 -12.17
CB4 DGA SA . 57.57 5.79 -12.85
CB5 DGA SA . 58.68 5.37 -11.91
CB6 DGA SA . 59.14 6.45 -10.98
CB7 DGA SA . 60.39 6.14 -10.21
CB8 DGA SA . 61.64 6.10 -11.05
CB9 DGA SA . 62.92 5.95 -10.26
OB1 DGA SA . 53.01 7.19 -12.62
OG1 DGA SA . 54.48 12.06 -13.12
CG1 DGA SA . 54.80 10.65 -13.16
CG2 DGA SA . 53.85 9.91 -12.24
OG2 DGA SA . 54.48 8.67 -11.86
CG3 DGA SA . 53.47 10.73 -11.03
OXT DGA SA . 52.96 12.01 -11.40
C1 PTY TA . 42.64 4.89 18.62
C2 PTY TA . 41.87 -2.18 20.60
C3 PTY TA . 40.69 -1.94 19.70
O4 PTY TA . 42.37 5.36 17.28
C5 PTY TA . 41.66 2.61 19.11
C6 PTY TA . 42.85 3.39 18.58
O7 PTY TA . 44.03 3.05 19.35
C8 PTY TA . 45.02 3.95 19.41
O10 PTY TA . 45.26 4.57 20.41
C11 PTY TA . 45.76 4.11 18.11
C12 PTY TA . 46.90 5.09 18.19
C13 PTY TA . 47.83 4.98 16.99
C14 PTY TA . 47.63 6.07 15.96
C15 PTY TA . 48.34 5.81 14.65
C16 PTY TA . 47.92 6.73 13.53
C17 PTY TA . 48.72 6.57 12.27
C18 PTY TA . 48.15 7.30 11.07
C19 PTY TA . 48.56 8.75 10.99
C20 PTY TA . 48.71 9.27 9.58
C21 PTY TA . 50.15 9.40 9.13
C30 PTY TA . 41.79 6.55 17.18
C31 PTY TA . 42.65 7.52 16.42
O30 PTY TA . 40.71 6.80 17.66
C32 PTY TA . 42.78 7.17 14.97
C33 PTY TA . 43.99 7.80 14.32
C34 PTY TA . 43.72 9.08 13.56
C35 PTY TA . 44.16 9.04 12.13
C36 PTY TA . 43.28 9.86 11.20
C37 PTY TA . 44.04 10.56 10.10
C38 PTY TA . 43.69 12.02 9.93
C39 PTY TA . 44.75 12.84 9.24
C40 PTY TA . 44.25 14.14 8.66
C41 PTY TA . 45.32 14.99 8.03
C42 PTY TA . 44.80 16.16 7.24
C43 PTY TA . 45.85 16.92 6.46
C44 PTY TA . 45.31 18.06 5.65
P1 PTY TA . 41.77 0.08 18.38
O11 PTY TA . 40.64 -0.53 19.33
O12 PTY TA . 41.71 -0.64 17.05
O13 PTY TA . 43.07 0.12 19.15
O14 PTY TA . 41.29 1.59 18.15
N1 PTY TA . 42.98 -2.82 19.90
C1 PTY UA . 45.88 -8.26 -3.29
C2 PTY UA . 46.81 -9.64 1.26
C3 PTY UA . 45.93 -8.99 2.29
O4 PTY UA . 45.66 -7.99 -4.70
C5 PTY UA . 44.65 -9.06 -1.24
C6 PTY UA . 44.69 -9.03 -2.75
O7 PTY UA . 44.71 -10.39 -3.25
C8 PTY UA . 45.49 -10.66 -4.31
O10 PTY UA . 45.11 -10.51 -5.45
C11 PTY UA . 46.85 -11.17 -3.94
C12 PTY UA . 47.17 -11.00 -2.48
C13 PTY UA . 48.06 -9.80 -2.21
C14 PTY UA . 49.17 -9.61 -3.21
C15 PTY UA . 50.29 -8.74 -2.73
C16 PTY UA . 51.30 -8.39 -3.80
C17 PTY UA . 50.84 -7.39 -4.82
C18 PTY UA . 51.86 -6.34 -5.18
C19 PTY UA . 51.99 -6.10 -6.67
C20 PTY UA . 52.92 -4.97 -7.03
C21 PTY UA . 53.97 -5.33 -8.05
C30 PTY UA . 46.00 -6.78 -5.13
C31 PTY UA . 47.09 -6.85 -6.15
O30 PTY UA . 45.48 -5.77 -4.73
C32 PTY UA . 47.00 -5.77 -7.19
C33 PTY UA . 48.35 -5.23 -7.59
C34 PTY UA . 48.30 -4.17 -8.67
C35 PTY UA . 49.66 -3.64 -9.10
C36 PTY UA . 49.77 -3.36 -10.57
C37 PTY UA . 50.74 -2.25 -10.91
C38 PTY UA . 51.92 -2.14 -9.97
C39 PTY UA . 52.60 -0.80 -9.98
C40 PTY UA . 52.53 -0.07 -11.30
C41 PTY UA . 53.28 1.23 -11.34
P1 PTY UA . 44.88 -7.22 0.64
O11 PTY UA . 44.73 -8.47 1.64
O12 PTY UA . 46.34 -6.98 0.39
O13 PTY UA . 44.00 -6.11 1.16
O14 PTY UA . 44.23 -7.77 -0.72
N1 PTY UA . 47.93 -10.35 1.86
P 3PE VA . 72.78 13.18 -11.19
N 3PE VA . 75.78 15.48 -12.55
O11 3PE VA . 71.71 12.23 -11.93
O12 3PE VA . 72.16 14.54 -11.10
O13 3PE VA . 74.03 13.21 -12.21
O14 3PE VA . 73.24 12.50 -9.93
C11 3PE VA . 74.00 14.06 -13.39
C12 3PE VA . 74.39 15.46 -13.00
C1 3PE VA . 70.95 12.74 -13.05
C2 3PE VA . 69.89 11.78 -13.53
C3 3PE VA . 69.17 12.30 -14.76
O31 3PE VA . 67.89 11.64 -14.90
O32 3PE VA . 67.17 13.44 -16.00
C31 3PE VA . 66.99 12.31 -15.60
C32 3PE VA . 65.73 11.51 -15.83
C33 3PE VA . 64.55 12.38 -16.12
C34 3PE VA . 63.38 11.60 -16.72
C35 3PE VA . 62.94 10.40 -15.92
C36 3PE VA . 61.58 9.89 -16.33
C37 3PE VA . 61.12 8.64 -15.62
C38 3PE VA . 61.95 7.43 -15.94
C39 3PE VA . 61.87 6.97 -17.37
C3A 3PE VA . 62.83 5.87 -17.72
C3B 3PE VA . 62.71 5.38 -19.14
C3C 3PE VA . 63.76 4.38 -19.56
C3D 3PE VA . 65.15 4.94 -19.67
C3E 3PE VA . 66.18 3.98 -20.19
C3F 3PE VA . 67.58 4.55 -20.20
C3G 3PE VA . 68.65 3.61 -20.69
C3H 3PE VA . 70.02 4.23 -20.70
C3I 3PE VA . 71.09 3.26 -21.13
O21 3PE VA . 70.50 10.49 -13.82
O22 3PE VA . 71.50 8.75 -12.86
C21 3PE VA . 70.66 9.61 -12.83
C22 3PE VA . 69.66 9.77 -11.71
C23 3PE VA . 68.69 8.64 -11.61
C24 3PE VA . 69.35 7.36 -11.12
C25 3PE VA . 70.04 7.52 -9.79
C26 3PE VA . 70.69 6.26 -9.27
C27 3PE VA . 69.73 5.11 -9.04
C28 3PE VA . 70.38 3.85 -8.54
C29 3PE VA . 70.99 3.96 -7.17
C1 CLR WA . 47.77 0.78 17.57
C2 CLR WA . 47.35 0.09 18.86
C3 CLR WA . 47.31 -1.41 18.69
C4 CLR WA . 48.67 -1.91 18.25
C5 CLR WA . 49.15 -1.22 16.99
C6 CLR WA . 49.52 -1.91 15.92
C7 CLR WA . 50.11 -1.34 14.68
C8 CLR WA . 50.48 0.14 14.84
C9 CLR WA . 49.35 0.87 15.59
C10 CLR WA . 49.15 0.31 17.04
C11 CLR WA . 49.55 2.39 15.60
C12 CLR WA . 49.74 2.96 14.19
C13 CLR WA . 50.93 2.31 13.49
C14 CLR WA . 50.68 0.79 13.48
C15 CLR WA . 51.74 0.23 12.53
C16 CLR WA . 52.01 1.39 11.54
C17 CLR WA . 51.05 2.52 11.95
C18 CLR WA . 52.25 2.67 14.19
C19 CLR WA . 50.26 0.75 17.99
C20 CLR WA . 51.43 3.90 11.38
C21 CLR WA . 50.51 4.30 10.22
C22 CLR WA . 52.91 3.92 10.95
C23 CLR WA . 53.62 5.26 11.08
C24 CLR WA . 53.17 6.30 10.09
C25 CLR WA . 53.75 7.70 10.29
C26 CLR WA . 53.45 8.23 11.68
C27 CLR WA . 53.25 8.66 9.23
O1 CLR WA . 46.94 -2.04 19.93
C1 CLR XA . 52.04 -3.89 11.78
C2 CLR XA . 51.43 -4.51 13.04
C3 CLR XA . 50.40 -5.56 12.68
C4 CLR XA . 51.03 -6.63 11.81
C5 CLR XA . 51.69 -6.04 10.58
C6 CLR XA . 51.40 -6.50 9.37
C7 CLR XA . 52.07 -6.08 8.11
C8 CLR XA . 53.32 -5.24 8.37
C9 CLR XA . 53.02 -4.22 9.48
C10 CLR XA . 52.68 -4.92 10.83
C11 CLR XA . 54.16 -3.19 9.63
C12 CLR XA . 54.59 -2.55 8.31
C13 CLR XA . 54.99 -3.62 7.28
C14 CLR XA . 53.76 -4.51 7.10
C15 CLR XA . 54.09 -5.34 5.86
C16 CLR XA . 54.82 -4.35 4.95
C17 CLR XA . 55.22 -3.13 5.82
C18 CLR XA . 56.22 -4.41 7.77
C19 CLR XA . 53.93 -5.52 11.49
C20 CLR XA . 56.58 -2.54 5.41
C21 CLR XA . 56.95 -1.27 6.18
C22 CLR XA . 56.63 -2.31 3.89
C23 CLR XA . 58.01 -2.17 3.29
C24 CLR XA . 58.54 -0.76 3.29
C25 CLR XA . 60.01 -0.60 2.91
C26 CLR XA . 60.91 -1.33 3.89
C27 CLR XA . 60.41 0.86 2.80
O1 CLR XA . 49.87 -6.15 13.88
CA1 DGA YA . 51.70 27.08 2.04
CA2 DGA YA . 53.09 26.66 2.43
CA3 DGA YA . 53.96 27.80 2.88
CA4 DGA YA . 54.30 28.76 1.76
CA5 DGA YA . 55.25 29.85 2.16
CA6 DGA YA . 55.58 30.83 1.05
CA7 DGA YA . 56.59 31.88 1.42
CA8 DGA YA . 57.92 31.31 1.86
OA1 DGA YA . 51.43 27.88 1.19
CB1 DGA YA . 50.71 23.21 5.94
CB2 DGA YA . 52.10 22.90 6.41
CB3 DGA YA . 52.47 23.53 7.71
CB4 DGA YA . 53.90 23.23 8.11
CB5 DGA YA . 54.35 23.86 9.41
CB6 DGA YA . 54.10 25.34 9.48
CB7 DGA YA . 54.74 26.05 10.65
CB8 DGA YA . 56.24 26.15 10.56
CB9 DGA YA . 56.86 26.97 11.65
OB1 DGA YA . 49.86 22.39 5.73
OG1 DGA YA . 50.76 26.44 2.75
CG1 DGA YA . 51.22 25.49 3.75
CG2 DGA YA . 50.02 24.99 4.51
OG2 DGA YA . 50.47 24.52 5.80
CG3 DGA YA . 48.94 26.04 4.65
OXT DGA YA . 48.57 26.59 3.39
C1 PTY ZA . 24.31 31.57 24.49
C2 PTY ZA . 23.42 26.91 30.14
C3 PTY ZA . 22.91 26.13 28.95
O4 PTY ZA . 24.78 31.14 23.19
C5 PTY ZA . 23.51 29.67 25.95
C6 PTY ZA . 24.68 30.51 25.51
O7 PTY ZA . 25.27 31.15 26.67
C8 PTY ZA . 25.95 32.30 26.47
O10 PTY ZA . 25.53 33.36 26.84
C11 PTY ZA . 27.25 32.10 25.76
C12 PTY ZA . 28.04 33.35 25.59
C13 PTY ZA . 29.48 33.10 25.18
C14 PTY ZA . 29.76 33.32 23.72
C15 PTY ZA . 31.09 32.80 23.26
C16 PTY ZA . 31.26 32.74 21.76
C17 PTY ZA . 32.64 32.35 21.30
C18 PTY ZA . 32.74 32.06 19.83
C19 PTY ZA . 32.95 33.28 18.96
C20 PTY ZA . 33.80 33.05 17.73
C21 PTY ZA . 35.21 33.55 17.87
C30 PTY ZA . 24.21 31.73 22.15
C31 PTY ZA . 25.23 32.45 21.30
O30 PTY ZA . 23.03 31.68 21.92
C32 PTY ZA . 26.17 31.53 20.60
C33 PTY ZA . 27.47 32.22 20.20
C34 PTY ZA . 27.50 32.68 18.77
C35 PTY ZA . 28.66 32.14 17.96
C36 PTY ZA . 28.36 31.91 16.50
C37 PTY ZA . 29.51 32.22 15.58
C38 PTY ZA . 29.14 33.08 14.39
C39 PTY ZA . 30.30 33.82 13.78
C40 PTY ZA . 30.05 34.28 12.36
C41 PTY ZA . 31.19 35.09 11.77
C42 PTY ZA . 31.04 35.35 10.29
C43 PTY ZA . 32.26 35.99 9.66
C44 PTY ZA . 32.12 36.20 8.17
P1 PTY ZA . 24.30 27.45 27.14
O11 PTY ZA . 22.91 26.97 27.77
O12 PTY ZA . 25.07 26.23 26.71
O13 PTY ZA . 24.93 28.43 28.10
O14 PTY ZA . 23.84 28.26 25.83
N1 PTY ZA . 24.80 26.55 30.48
C1 PTY AB . 40.65 12.28 19.49
C2 PTY AB . 39.07 13.90 23.76
C3 PTY AB . 37.69 14.51 23.72
O4 PTY AB . 41.21 11.69 18.29
C5 PTY AB . 38.59 12.16 20.95
C6 PTY AB . 39.46 11.46 19.93
O7 PTY AB . 39.92 10.19 20.49
C8 PTY AB . 41.18 9.81 20.23
O10 PTY AB . 41.46 9.19 19.23
C11 PTY AB . 42.15 10.22 21.30
C12 PTY AB . 41.58 11.19 22.28
C13 PTY AB . 42.03 12.62 22.00
C14 PTY AB . 43.48 12.75 21.59
C15 PTY AB . 44.03 14.14 21.75
C16 PTY AB . 45.42 14.32 21.17
C17 PTY AB . 45.47 14.36 19.67
C18 PTY AB . 46.40 15.41 19.10
C19 PTY AB . 47.30 14.91 18.00
C20 PTY AB . 48.13 16.00 17.35
C21 PTY AB . 49.60 15.68 17.28
C30 PTY AB . 41.58 12.54 17.34
C31 PTY AB . 43.06 12.46 17.08
O30 PTY AB . 40.81 13.27 16.76
C32 PTY AB . 43.43 12.72 15.65
C33 PTY AB . 44.71 13.52 15.52
C34 PTY AB . 45.13 13.77 14.09
C35 PTY AB . 46.42 14.53 13.94
C36 PTY AB . 47.30 14.07 12.80
C37 PTY AB . 48.16 15.16 12.20
C38 PTY AB . 48.60 16.23 13.18
C39 PTY AB . 49.01 17.52 12.54
C40 PTY AB . 49.59 17.38 11.16
C41 PTY AB . 50.08 18.67 10.55
P1 PTY AB . 37.52 14.57 21.09
O11 PTY AB . 37.00 14.06 22.52
O12 PTY AB . 38.84 15.26 21.29
O13 PTY AB . 36.39 15.27 20.41
O14 PTY AB . 37.80 13.19 20.31
N1 PTY AB . 39.74 14.17 25.04
P 3PE BB . 64.68 36.26 9.83
N 3PE BB . 67.63 38.63 8.49
O11 3PE BB . 64.31 34.72 9.58
O12 3PE BB . 63.95 37.06 8.78
O13 3PE BB . 66.26 36.34 9.58
O14 3PE BB . 64.43 36.59 11.28
C11 3PE BB . 66.78 36.37 8.22
C12 3PE BB . 66.72 37.78 7.70
C1 3PE BB . 64.24 34.21 8.21
C2 3PE BB . 63.75 32.79 8.13
C3 3PE BB . 63.76 32.26 6.71
O31 3PE BB . 62.87 31.13 6.60
O32 3PE BB . 62.66 31.62 4.44
C31 3PE BB . 62.43 30.90 5.37
C32 3PE BB . 61.62 29.63 5.29
C33 3PE BB . 60.70 29.62 4.11
C34 3PE BB . 60.15 28.24 3.80
C35 3PE BB . 59.50 27.52 4.95
C36 3PE BB . 58.65 26.35 4.53
C37 3PE BB . 58.03 25.55 5.66
C38 3PE BB . 59.03 24.85 6.53
C39 3PE BB . 59.81 23.76 5.84
C3A 3PE BB . 60.93 23.19 6.65
C3B 3PE BB . 61.68 22.07 5.99
C3C 3PE BB . 62.90 21.57 6.72
C3D 3PE BB . 64.03 22.55 6.78
C3E 3PE BB . 65.29 22.02 7.43
C3F 3PE BB . 66.38 23.06 7.55
C3G 3PE BB . 67.64 22.57 8.21
C3H 3PE BB . 68.71 23.64 8.28
C3I 3PE BB . 69.94 23.17 9.02
O21 3PE BB . 64.56 31.94 8.99
O22 3PE BB . 65.06 31.56 11.12
C21 3PE BB . 64.25 31.85 10.30
C22 3PE BB . 62.79 32.09 10.58
C23 3PE BB . 62.07 30.86 11.05
C24 3PE BB . 62.49 30.44 12.44
C25 3PE BB . 62.30 31.51 13.49
C26 3PE BB . 62.70 31.11 14.87
C27 3PE BB . 61.92 29.94 15.44
C28 3PE BB . 62.34 29.53 16.82
C29 3PE BB . 62.07 30.55 17.89
C1 CLR CB . 29.62 30.21 28.29
C2 CLR CB . 28.63 30.14 29.46
C3 CLR CB . 28.87 28.91 30.30
C4 CLR CB . 30.30 28.92 30.81
C5 CLR CB . 31.30 29.03 29.68
C6 CLR CB . 32.28 28.14 29.56
C7 CLR CB . 33.39 28.22 28.56
C8 CLR CB . 33.43 29.57 27.83
C9 CLR CB . 32.00 30.00 27.46
C10 CLR CB . 31.10 30.20 28.72
C11 CLR CB . 31.98 31.23 26.55
C12 CLR CB . 32.85 31.04 25.29
C13 CLR CB . 34.30 30.73 25.68
C14 CLR CB . 34.27 29.47 26.57
C15 CLR CB . 35.74 29.06 26.68
C16 CLR CB . 36.38 29.54 25.36
C17 CLR CB . 35.22 30.18 24.55
C18 CLR CB . 34.95 31.92 26.39
C19 CLR CB . 31.44 31.49 29.48
C20 CLR CB . 35.68 31.10 23.41
C21 CLR CB . 35.52 30.43 22.04
C22 CLR CB . 37.14 31.55 23.63
C23 CLR CB . 37.49 32.93 23.10
C24 CLR CB . 37.54 33.02 21.60
C25 CLR CB . 37.75 34.42 21.04
C26 CLR CB . 36.66 35.38 21.51
C27 CLR CB . 37.82 34.41 19.51
O1 CLR CB . 27.95 28.90 31.40
C1 CLR DB . 36.88 25.71 28.95
C2 CLR DB . 35.76 25.60 29.99
C3 CLR DB . 35.23 24.19 30.06
C4 CLR DB . 36.36 23.23 30.39
C5 CLR DB . 37.52 23.36 29.43
C6 CLR DB . 37.99 22.29 28.81
C7 CLR DB . 39.20 22.27 27.93
C8 CLR DB . 39.99 23.58 28.00
C9 CLR DB . 39.01 24.77 27.97
C10 CLR DB . 38.06 24.75 29.21
C11 CLR DB . 39.74 26.11 27.82
C12 CLR DB . 40.75 26.13 26.66
C13 CLR DB . 41.78 24.99 26.81
C14 CLR DB . 40.97 23.69 26.84
C15 CLR DB . 42.01 22.60 26.65
C16 CLR DB . 43.01 23.21 25.65
C17 CLR DB . 42.71 24.74 25.59
C18 CLR DB . 42.60 25.18 28.09
C19 CLR DB . 38.81 25.17 30.50
C20 CLR DB . 44.00 25.58 25.42
C21 CLR DB . 43.73 27.06 25.25
C22 CLR DB . 44.85 25.02 24.26
C23 CLR DB . 46.30 25.43 24.26
C24 CLR DB . 46.57 26.72 23.54
C25 CLR DB . 47.97 27.29 23.70
C26 CLR DB . 48.26 27.63 25.16
C27 CLR DB . 48.18 28.52 22.83
O1 CLR DB . 34.20 24.11 31.06
C1 PTY EB . -15.49 -39.62 -19.46
C2 PTY EB . -8.51 -40.51 -21.64
C3 PTY EB . -8.43 -39.34 -20.70
O4 PTY EB . -15.85 -39.27 -18.10
C5 PTY EB . -13.06 -39.20 -20.00
C6 PTY EB . -14.09 -40.18 -19.46
O7 PTY EB . -14.07 -41.38 -20.27
C8 PTY EB . -15.19 -42.12 -20.33
O10 PTY EB . -15.87 -42.18 -21.32
C11 PTY EB . -15.48 -42.83 -19.04
C12 PTY EB . -16.70 -43.70 -19.12
C13 PTY EB . -16.80 -44.67 -17.95
C14 PTY EB . -17.79 -44.25 -16.88
C15 PTY EB . -17.67 -45.03 -15.60
C16 PTY EB . -18.43 -44.44 -14.44
C17 PTY EB . -18.44 -45.29 -13.20
C18 PTY EB . -18.99 -44.60 -11.97
C19 PTY EB . -20.49 -44.65 -11.85
C20 PTY EB . -20.99 -44.71 -10.43
C21 PTY EB . -21.45 -46.09 -10.01
C30 PTY EB . -16.86 -38.43 -17.96
C31 PTY EB . -18.00 -39.05 -17.17
O30 PTY EB . -16.86 -37.31 -18.39
C32 PTY EB . -17.65 -39.29 -15.74
C33 PTY EB . -18.54 -40.36 -15.11
C34 PTY EB . -19.68 -39.80 -14.30
C35 PTY EB . -19.73 -40.27 -12.86
C36 PTY EB . -20.30 -39.26 -11.90
C37 PTY EB . -21.12 -39.86 -10.79
C38 PTY EB . -22.45 -39.16 -10.57
C39 PTY EB . -23.48 -40.02 -9.88
C40 PTY EB . -24.61 -39.23 -9.25
C41 PTY EB . -25.68 -40.09 -8.62
C42 PTY EB . -26.67 -39.32 -7.78
C43 PTY EB . -27.63 -40.19 -7.01
C44 PTY EB . -28.60 -39.41 -6.15
P1 PTY EB . -10.61 -39.95 -19.34
O11 PTY EB . -9.77 -38.96 -20.29
O12 PTY EB . -9.87 -40.09 -18.05
O13 PTY EB . -10.98 -41.16 -20.15
O14 PTY EB . -11.95 -39.11 -19.05
N1 PTY EB . -8.13 -41.77 -20.98
C1 PTY FB . -2.98 -46.60 1.96
C2 PTY FB . -1.99 -47.70 -2.66
C3 PTY FB . -2.42 -46.65 -3.65
O4 PTY FB . -3.16 -46.35 3.36
C5 PTY FB . -1.96 -45.53 -0.10
C6 PTY FB . -1.97 -45.62 1.41
O7 PTY FB . -0.64 -45.99 1.87
C8 PTY FB . -0.53 -46.83 2.90
O10 PTY FB . -0.56 -46.45 4.05
C11 PTY FB . -0.39 -48.27 2.48
C12 PTY FB . -0.66 -48.48 1.02
C13 PTY FB . -2.05 -49.05 0.77
C14 PTY FB . -2.47 -50.12 1.75
C15 PTY FB . -3.61 -50.98 1.27
C16 PTY FB . -4.16 -51.91 2.32
C17 PTY FB . -5.00 -51.24 3.39
C18 PTY FB . -6.24 -51.99 3.76
C19 PTY FB . -6.47 -52.11 5.24
C20 PTY FB . -7.79 -52.74 5.62
C21 PTY FB . -7.67 -53.88 6.61
C30 PTY FB . -4.41 -46.41 3.82
C31 PTY FB . -4.57 -47.52 4.82
O30 PTY FB . -5.26 -45.65 3.47
C32 PTY FB . -5.58 -47.20 5.90
C33 PTY FB . -6.42 -48.39 6.28
C34 PTY FB . -7.41 -48.12 7.39
C35 PTY FB . -8.22 -49.32 7.80
C36 PTY FB . -8.50 -49.41 9.28
C37 PTY FB . -9.80 -50.08 9.63
C38 PTY FB . -10.22 -51.18 8.67
C39 PTY FB . -11.69 -51.51 8.71
C40 PTY FB . -12.34 -51.31 10.06
C41 PTY FB . -13.78 -51.72 10.12
P1 PTY FB . -3.85 -45.25 -1.93
O11 PTY FB . -2.63 -45.39 -2.96
O12 PTY FB . -4.43 -46.62 -1.71
O13 PTY FB . -4.73 -44.12 -2.38
O14 PTY FB . -3.12 -44.80 -0.57
N1 PTY FB . -1.59 -48.94 -3.32
P 3PE GB . -30.11 -67.74 9.90
N 3PE GB . -33.03 -70.14 11.25
O11 3PE GB . -28.91 -66.95 10.61
O12 3PE GB . -31.28 -66.81 9.86
O13 3PE GB . -30.42 -68.98 10.88
O14 3PE GB . -29.59 -68.31 8.60
C11 3PE GB . -31.20 -68.76 12.08
C12 3PE GB . -32.66 -68.80 11.73
C1 3PE GB . -29.20 -66.12 11.77
C2 3PE GB . -28.00 -65.34 12.26
C3 3PE GB . -28.30 -64.56 13.51
O31 3PE GB . -27.34 -63.48 13.67
O32 3PE GB . -28.88 -62.38 14.83
C31 3PE GB . -27.76 -62.46 14.40
C32 3PE GB . -26.67 -61.45 14.64
C33 3PE GB . -27.22 -60.10 14.98
C34 3PE GB . -26.17 -59.18 15.58
C35 3PE GB . -24.91 -59.01 14.76
C36 3PE GB . -24.06 -57.82 15.18
C37 3PE GB . -22.76 -57.66 14.44
C38 3PE GB . -21.77 -58.77 14.69
C39 3PE GB . -21.28 -58.84 16.11
C3A 3PE GB . -20.45 -60.05 16.42
C3B 3PE GB . -19.91 -60.10 17.82
C3C 3PE GB . -19.18 -61.38 18.18
C3D 3PE GB . -20.06 -62.59 18.27
C3E 3PE GB . -19.36 -63.84 18.74
C3F 3PE GB . -20.26 -65.05 18.73
C3G 3PE GB . -19.59 -66.33 19.17
C3H 3PE GB . -20.52 -67.51 19.17
C3I 3PE GB . -19.83 -68.80 19.54
O21 3PE GB . -26.89 -66.25 12.50
O22 3PE GB . -25.47 -67.61 11.46
C21 3PE GB . -26.09 -66.59 11.46
C22 3PE GB . -26.04 -65.56 10.38
C23 3PE GB . -24.70 -64.89 10.26
C24 3PE GB . -23.64 -65.82 9.71
C25 3PE GB . -23.99 -66.41 8.37
C26 3PE GB . -22.93 -67.33 7.80
C27 3PE GB . -21.60 -66.68 7.56
C28 3PE GB . -20.55 -67.59 7.01
C29 3PE GB . -20.84 -68.11 5.62
C1 CLR HB . -12.73 -45.62 -18.66
C2 CLR HB . -11.99 -45.33 -19.96
C3 CLR HB . -10.52 -45.67 -19.84
C4 CLR HB . -10.35 -47.12 -19.44
C5 CLR HB . -11.11 -47.44 -18.17
C6 CLR HB . -10.50 -48.01 -17.14
C7 CLR HB . -11.18 -48.48 -15.90
C8 CLR HB . -12.70 -48.48 -16.01
C9 CLR HB . -13.15 -47.18 -16.72
C10 CLR HB . -12.59 -47.07 -18.16
C11 CLR HB . -14.68 -47.01 -16.68
C12 CLR HB . -15.24 -47.10 -15.25
C13 CLR HB . -14.88 -48.43 -14.60
C14 CLR HB . -13.34 -48.56 -14.63
C15 CLR HB . -13.04 -49.75 -13.74
C16 CLR HB . -14.20 -49.76 -12.71
C17 CLR HB . -15.08 -48.54 -13.06
C18 CLR HB . -15.57 -49.60 -15.33
C19 CLR HB . -13.32 -48.03 -19.14
C20 CLR HB . -16.49 -48.59 -12.46
C21 CLR HB . -16.63 -47.64 -11.27
C22 CLR HB . -16.87 -50.03 -12.06
C23 CLR HB . -18.33 -50.39 -12.17
C24 CLR HB . -19.21 -49.74 -11.14
C25 CLR HB . -20.71 -49.96 -11.31
C26 CLR HB . -21.18 -49.49 -12.67
C27 CLR HB . -21.50 -49.27 -10.20
O1 CLR HB . -9.85 -45.41 -21.08
C1 CLR IB . -9.09 -51.05 -13.12
C2 CLR IB . -8.37 -50.58 -14.39
C3 CLR IB . -7.10 -49.84 -14.04
C4 CLR IB . -6.19 -50.74 -13.22
C5 CLR IB . -6.89 -51.27 -11.97
C6 CLR IB . -6.35 -51.14 -10.78
C7 CLR IB . -6.89 -51.73 -9.52
C8 CLR IB . -8.01 -52.73 -9.78
C9 CLR IB . -8.96 -52.16 -10.86
C10 CLR IB . -8.23 -51.96 -12.21
C11 CLR IB . -10.24 -53.02 -11.00
C12 CLR IB . -10.93 -53.31 -9.66
C13 CLR IB . -9.97 -54.00 -8.68
C14 CLR IB . -8.79 -53.02 -8.51
C15 CLR IB . -8.04 -53.57 -7.30
C16 CLR IB . -9.16 -54.07 -6.37
C17 CLR IB . -10.45 -54.14 -7.21
C18 CLR IB . -9.50 -55.35 -9.23
C19 CLR IB . -7.95 -53.29 -12.92
C20 CLR IB . -11.35 -55.33 -6.82
C21 CLR IB . -12.68 -55.36 -7.55
C22 CLR IB . -11.55 -55.36 -5.29
C23 CLR IB . -12.00 -56.68 -4.71
C24 CLR IB . -13.50 -56.86 -4.69
C25 CLR IB . -14.00 -58.26 -4.34
C26 CLR IB . -13.54 -59.28 -5.37
C27 CLR IB . -15.51 -58.30 -4.20
O1 CLR IB . -6.42 -49.44 -15.24
CA1 DGA JB . -38.78 -43.59 -2.43
CA2 DGA JB . -38.71 -45.03 -2.86
CA3 DGA JB . -40.03 -45.58 -3.30
CA4 DGA JB . -41.02 -45.72 -2.16
CA5 DGA JB . -42.33 -46.35 -2.55
CA6 DGA JB . -43.32 -46.47 -1.41
CA7 DGA JB . -44.59 -47.20 -1.77
CA8 DGA JB . -44.38 -48.61 -2.26
OA1 DGA JB . -39.46 -43.16 -1.55
CB1 DGA JB . -34.88 -43.44 -6.42
CB2 DGA JB . -34.93 -44.86 -6.93
CB3 DGA JB . -35.66 -45.02 -8.23
CB4 DGA JB . -35.73 -46.47 -8.66
CB5 DGA JB . -36.48 -46.71 -9.95
CB6 DGA JB . -37.86 -46.11 -9.98
CB7 DGA JB . -38.72 -46.53 -11.14
CB8 DGA JB . -39.18 -47.96 -11.08
CB9 DGA JB . -40.17 -48.34 -12.16
OB1 DGA JB . -33.88 -42.83 -6.23
OG1 DGA JB . -37.94 -42.82 -3.14
CG1 DGA JB . -37.17 -43.46 -4.17
CG2 DGA JB . -36.41 -42.38 -4.92
OG2 DGA JB . -36.10 -42.91 -6.24
CG3 DGA JB . -37.17 -41.08 -5.01
OXT DGA JB . -37.58 -40.63 -3.73
C1 PTY KB . -37.07 -15.27 -24.09
C2 PTY KB . -32.48 -15.34 -29.86
C3 PTY KB . -31.57 -15.08 -28.68
O4 PTY KB . -36.74 -15.85 -22.81
C5 PTY KB . -35.07 -14.90 -25.59
C6 PTY KB . -36.15 -15.84 -25.14
O7 PTY KB . -36.96 -16.23 -26.30
C8 PTY KB . -38.23 -16.61 -26.07
O10 PTY KB . -39.17 -15.93 -26.40
C11 PTY KB . -38.33 -17.95 -25.41
C12 PTY KB . -39.74 -18.41 -25.21
C13 PTY KB . -39.83 -19.88 -24.85
C14 PTY KB . -40.07 -20.15 -23.38
C15 PTY KB . -39.87 -21.58 -22.97
C16 PTY KB . -39.82 -21.80 -21.48
C17 PTY KB . -39.76 -23.25 -21.07
C18 PTY KB . -39.47 -23.47 -19.60
C19 PTY KB . -40.69 -23.40 -18.71
C20 PTY KB . -40.63 -24.31 -17.52
C21 PTY KB . -41.46 -25.56 -17.65
C30 PTY KB . -37.14 -15.19 -21.73
C31 PTY KB . -38.07 -16.04 -20.89
O30 PTY KB . -36.81 -14.07 -21.48
C32 PTY KB . -37.39 -17.20 -20.25
C33 PTY KB . -38.36 -18.29 -19.85
C34 PTY KB . -38.78 -18.26 -18.40
C35 PTY KB . -38.51 -19.54 -17.65
C36 PTY KB . -38.18 -19.35 -16.18
C37 PTY KB . -38.74 -20.42 -15.28
C38 PTY KB . -39.44 -19.89 -14.06
C39 PTY KB . -40.43 -20.85 -13.44
C40 PTY KB . -40.79 -20.53 -12.01
C41 PTY KB . -41.83 -21.46 -11.42
C42 PTY KB . -42.01 -21.32 -9.93
C43 PTY KB . -42.91 -22.35 -9.30
C44 PTY KB . -43.05 -22.22 -7.81
P1 PTY KB . -33.15 -16.16 -26.87
O11 PTY KB . -32.35 -14.91 -27.48
O12 PTY KB . -32.13 -17.21 -26.49
O13 PTY KB . -34.27 -16.51 -27.81
O14 PTY KB . -33.78 -15.57 -25.52
N1 PTY KB . -32.48 -16.76 -30.24
C1 PTY LB . -22.19 -35.91 -20.07
C2 PTY LB . -23.49 -33.86 -24.26
C3 PTY LB . -23.74 -32.37 -24.17
O4 PTY LB . -21.73 -36.62 -18.91
C5 PTY LB . -21.61 -33.90 -21.49
C6 PTY LB . -21.12 -34.94 -20.51
O7 PTY LB . -20.01 -35.67 -21.12
C8 PTY LB . -19.93 -36.99 -20.91
O10 PTY LB . -19.38 -37.45 -19.93
C11 PTY LB . -20.58 -37.81 -21.98
C12 PTY LB . -21.43 -36.99 -22.92
C13 PTY LB . -22.91 -37.09 -22.60
C14 PTY LB . -23.37 -38.48 -22.23
C15 PTY LB . -24.87 -38.68 -22.35
C16 PTY LB . -25.36 -40.00 -21.80
C17 PTY LB . -25.37 -40.08 -20.31
C18 PTY LB . -26.60 -40.74 -19.72
C19 PTY LB . -26.31 -41.78 -18.66
C20 PTY LB . -27.54 -42.34 -18.00
C21 PTY LB . -27.60 -43.84 -17.96
C30 PTY LB . -22.61 -36.81 -17.94
C31 PTY LB . -22.88 -38.28 -17.72
O30 PTY LB . -23.12 -35.91 -17.32
C32 PTY LB . -23.19 -38.62 -16.29
C33 PTY LB . -24.27 -39.67 -16.16
C34 PTY LB . -24.57 -40.06 -14.73
C35 PTY LB . -25.63 -41.13 -14.60
C36 PTY LB . -25.36 -42.13 -13.49
C37 PTY LB . -26.61 -42.71 -12.88
C38 PTY LB . -27.77 -42.86 -13.83
C39 PTY LB . -29.12 -42.96 -13.16
C40 PTY LB . -29.08 -43.60 -11.80
C41 PTY LB . -30.44 -43.79 -11.16
P1 PTY LB . -23.69 -32.27 -21.53
O11 PTY LB . -23.12 -31.85 -22.97
O12 PTY LB . -24.69 -33.37 -21.75
O13 PTY LB . -24.09 -31.03 -20.80
O14 PTY LB . -22.41 -32.91 -20.80
N1 PTY LB . -23.94 -34.41 -25.55
P 3PE MB . -51.02 -53.72 -10.22
N 3PE MB . -53.99 -56.06 -8.87
O11 3PE MB . -49.43 -53.75 -10.01
O12 3PE MB . -51.59 -52.87 -9.12
O13 3PE MB . -51.46 -55.26 -10.00
O14 3PE MB . -51.31 -53.38 -11.65
C11 3PE MB . -51.59 -55.80 -8.65
C12 3PE MB . -52.93 -55.42 -8.10
C1 3PE MB . -48.89 -53.85 -8.66
C2 3PE MB . -47.38 -53.72 -8.61
C3 3PE MB . -46.84 -53.90 -7.22
O31 3PE MB . -45.52 -53.32 -7.12
O32 3PE MB . -45.89 -53.06 -4.94
C31 3PE MB . -45.16 -52.98 -5.88
C32 3PE MB . -43.73 -52.50 -5.82
C33 3PE MB . -43.47 -51.65 -4.62
C34 3PE MB . -41.98 -51.46 -4.34
C35 3PE MB . -41.16 -50.95 -5.51
C36 3PE MB . -39.80 -50.44 -5.10
C37 3PE MB . -38.92 -49.99 -6.24
C38 3PE MB . -38.49 -51.11 -7.16
C39 3PE MB . -37.62 -52.14 -6.52
C3A 3PE MB . -37.36 -53.35 -7.38
C3B 3PE MB . -36.43 -54.36 -6.76
C3C 3PE MB . -36.26 -55.64 -7.55
C3D 3PE MB . -37.48 -56.50 -7.59
C3E 3PE MB . -37.29 -57.83 -8.29
C3F 3PE MB . -38.56 -58.63 -8.40
C3G 3PE MB . -38.42 -59.95 -9.10
C3H 3PE MB . -39.71 -60.72 -9.17
C3I 3PE MB . -39.56 -62.01 -9.94
O21 3PE MB . -46.78 -54.69 -9.52
O22 3PE MB . -46.58 -55.20 -11.67
C21 3PE MB . -46.65 -54.36 -10.81
C22 3PE MB . -46.52 -52.88 -11.06
C23 3PE MB . -45.18 -52.46 -11.55
C24 3PE MB . -44.90 -52.93 -12.97
C25 3PE MB . -45.92 -52.46 -13.97
C26 3PE MB . -45.67 -52.90 -15.38
C27 3PE MB . -44.36 -52.41 -15.96
C28 3PE MB . -44.09 -52.87 -17.36
C29 3PE MB . -45.05 -52.32 -18.39
C1 CLR NB . -37.13 -20.62 -28.04
C2 CLR NB . -36.86 -19.64 -29.19
C3 CLR NB . -35.75 -20.15 -30.08
C4 CLR NB . -36.11 -21.52 -30.62
C5 CLR NB . -36.43 -22.50 -29.52
C6 CLR NB . -35.81 -23.67 -29.44
C7 CLR NB . -36.13 -24.75 -28.46
C8 CLR NB . -37.43 -24.48 -27.70
C9 CLR NB . -37.48 -23.00 -27.28
C10 CLR NB . -37.48 -22.05 -28.51
C11 CLR NB . -38.65 -22.73 -26.33
C12 CLR NB . -38.64 -23.65 -25.11
C13 CLR NB . -38.70 -25.11 -25.53
C14 CLR NB . -37.50 -25.37 -26.46
C15 CLR NB . -37.45 -26.89 -26.62
C16 CLR NB . -38.05 -27.43 -25.30
C17 CLR NB . -38.37 -26.17 -24.43
C18 CLR NB . -40.04 -25.44 -26.21
C19 CLR NB . -38.85 -22.04 -29.23
C20 CLR NB . -39.33 -26.44 -23.28
C21 CLR NB . -38.61 -26.48 -21.94
C22 CLR NB . -40.13 -27.73 -23.52
C23 CLR NB . -41.54 -27.75 -22.96
C24 CLR NB . -41.62 -27.83 -21.46
C25 CLR NB . -43.01 -27.71 -20.85
C26 CLR NB . -43.68 -26.41 -21.27
C27 CLR NB . -42.96 -27.82 -19.33
O1 CLR NB . -35.54 -19.23 -31.16
C1 CLR OB . -34.54 -28.73 -29.02
C2 CLR OB . -34.19 -27.64 -30.03
C3 CLR OB . -32.70 -27.46 -30.14
C4 CLR OB . -32.05 -28.77 -30.53
C5 CLR OB . -32.42 -29.90 -29.58
C6 CLR OB . -31.48 -30.64 -29.01
C7 CLR OB . -31.74 -31.85 -28.16
C8 CLR OB . -33.20 -32.29 -28.21
C9 CLR OB . -34.11 -31.05 -28.12
C10 CLR OB . -33.91 -30.11 -29.34
C11 CLR OB . -35.59 -31.45 -27.94
C12 CLR OB . -35.82 -32.45 -26.80
C13 CLR OB . -34.98 -33.72 -27.02
C14 CLR OB . -33.51 -33.24 -27.07
C15 CLR OB . -32.70 -34.53 -26.94
C16 CLR OB . -33.53 -35.38 -25.94
C17 CLR OB . -34.93 -34.73 -25.83
C18 CLR OB . -35.39 -34.44 -28.31
C19 CLR OB . -34.52 -30.68 -30.62
C20 CLR OB . -36.04 -35.77 -25.66
C21 CLR OB . -37.42 -35.15 -25.43
C22 CLR OB . -35.68 -36.76 -24.55
C23 CLR OB . -36.43 -38.08 -24.56
C24 CLR OB . -37.72 -38.05 -23.79
C25 CLR OB . -38.63 -39.26 -23.98
C26 CLR OB . -39.05 -39.42 -25.43
C27 CLR OB . -39.84 -39.21 -23.07
O1 CLR OB . -32.39 -26.46 -31.11
CA1 DGA PB . -51.96 -26.55 -1.77
CA2 DGA PB . -52.70 -27.36 -2.80
CA3 DGA PB . -54.19 -27.34 -2.64
CA4 DGA PB . -54.65 -28.06 -1.39
CA5 DGA PB . -56.15 -28.15 -1.24
CA6 DGA PB . -56.61 -28.85 0.00
CA7 DGA PB . -58.11 -29.01 0.11
CA8 DGA PB . -58.72 -29.78 -1.03
OA1 DGA PB . -52.02 -26.73 -0.58
CB1 DGA PB . -50.11 -24.31 -6.53
CB2 DGA PB . -50.94 -25.04 -7.55
CB3 DGA PB . -52.08 -24.23 -8.09
CB4 DGA PB . -52.93 -25.03 -9.06
CB5 DGA PB . -54.11 -24.29 -9.63
CB6 DGA PB . -54.99 -23.65 -8.58
CB7 DGA PB . -56.31 -23.11 -9.10
CB8 DGA PB . -57.29 -24.17 -9.51
CB9 DGA PB . -58.65 -23.64 -9.87
OB1 DGA PB . -48.93 -24.10 -6.64
OG1 DGA PB . -51.19 -25.62 -2.32
CG1 DGA PB . -51.20 -25.51 -3.76
CG2 DGA PB . -50.37 -24.32 -4.15
OG2 DGA PB . -50.80 -23.89 -5.46
CG3 DGA PB . -50.45 -23.19 -3.15
OXT DGA PB . -50.14 -23.64 -1.84
C1 PTY QB . -45.86 8.58 -3.23
C2 PTY QB . -44.16 11.73 -9.68
C3 PTY QB . -42.87 11.06 -9.27
O4 PTY QB . -45.38 7.26 -2.85
C5 PTY QB . -44.58 9.60 -5.16
C6 PTY QB . -45.74 8.73 -4.73
O7 PTY QB . -46.98 9.28 -5.26
C8 PTY QB . -48.11 9.00 -4.60
O10 PTY QB . -48.70 9.82 -3.96
C11 PTY QB . -48.55 7.57 -4.76
C12 PTY QB . -49.84 7.26 -4.07
C13 PTY QB . -50.43 5.93 -4.51
C14 PTY QB . -50.23 4.81 -3.52
C15 PTY QB . -50.54 3.44 -4.06
C16 PTY QB . -50.05 2.30 -3.20
C17 PTY QB . -50.50 0.94 -3.67
C18 PTY QB . -49.83 -0.21 -2.95
C19 PTY QB . -50.49 -0.60 -1.65
C20 PTY QB . -50.42 -2.07 -1.33
C21 PTY QB . -51.70 -2.82 -1.59
C30 PTY QB . -45.05 7.11 -1.58
C31 PTY QB . -45.88 6.05 -0.92
O30 PTY QB . -44.19 7.76 -1.04
C32 PTY QB . -45.59 4.66 -1.43
C33 PTY QB . -46.74 3.70 -1.18
C34 PTY QB . -46.55 2.84 0.05
C35 PTY QB . -46.62 1.36 -0.24
C36 PTY QB . -45.75 0.51 0.66
C37 PTY QB . -46.36 -0.82 1.05
C38 PTY QB . -46.27 -1.12 2.52
C39 PTY QB . -47.29 -2.14 3.01
C40 PTY QB . -46.94 -2.79 4.32
C41 PTY QB . -47.99 -3.75 4.83
C42 PTY QB . -47.54 -4.58 6.00
C43 PTY QB . -48.52 -5.66 6.41
C44 PTY QB . -48.04 -6.51 7.55
P1 PTY QB . -44.00 9.24 -7.71
O11 PTY QB . -43.01 10.50 -7.94
O12 PTY QB . -43.49 8.09 -8.54
O13 PTY QB . -45.42 9.73 -7.90
O14 PTY QB . -43.79 8.90 -6.15
N1 PTY QB . -44.91 10.91 -10.65
C1 PTY RB . -41.19 -11.28 -18.96
C2 PTY RB . -42.86 -6.86 -20.05
C3 PTY RB . -42.37 -5.78 -19.12
O4 PTY RB . -40.70 -12.63 -18.80
C5 PTY RB . -40.33 -8.92 -19.25
C6 PTY RB . -40.04 -10.40 -19.38
O7 PTY RB . -39.67 -10.68 -20.75
C8 PTY RB . -40.09 -11.82 -21.31
O10 PTY RB . -39.50 -12.86 -21.19
C11 PTY RB . -41.38 -11.65 -22.08
C12 PTY RB . -42.05 -10.33 -21.83
C13 PTY RB . -43.21 -10.44 -20.85
C14 PTY RB . -44.06 -11.66 -21.03
C15 PTY RB . -45.42 -11.57 -20.39
C16 PTY RB . -46.21 -12.85 -20.41
C17 PTY RB . -45.72 -13.89 -19.42
C18 PTY RB . -46.82 -14.61 -18.69
C19 PTY RB . -46.66 -16.12 -18.64
C20 PTY RB . -47.68 -16.82 -17.79
C21 PTY RB . -48.38 -17.97 -18.49
C30 PTY RB . -41.18 -13.30 -17.75
C31 PTY RB . -41.96 -14.50 -18.18
O30 PTY RB . -40.98 -12.95 -16.61
C32 PTY RB . -41.86 -15.65 -17.22
C33 PTY RB . -43.16 -16.40 -17.05
C34 PTY RB . -43.07 -17.59 -16.12
C35 PTY RB . -44.36 -18.35 -15.97
C36 PTY RB . -44.19 -19.85 -15.87
C37 PTY RB . -45.25 -20.55 -15.06
C38 PTY RB . -46.62 -19.90 -15.13
C39 PTY RB . -47.54 -20.25 -13.98
C40 PTY RB . -47.30 -21.62 -13.42
C41 PTY RB . -48.28 -22.01 -12.32
P1 PTY RB . -41.35 -7.43 -17.32
O11 PTY RB . -41.20 -6.25 -18.39
O12 PTY RB . -42.74 -8.00 -17.45
O13 PTY RB . -40.88 -6.92 -15.99
O14 PTY RB . -40.31 -8.53 -17.85
N1 PTY RB . -43.92 -6.39 -20.93
P 3PE SB . -69.28 -27.66 -5.25
N 3PE SB . -72.28 -29.94 -3.86
O11 3PE SB . -67.90 -28.01 -5.99
O12 3PE SB . -68.99 -27.65 -3.77
O13 3PE SB . -70.24 -28.90 -5.61
O14 3PE SB . -69.87 -26.44 -5.87
C11 3PE SB . -70.10 -30.17 -4.90
C12 3PE SB . -70.85 -30.08 -3.60
C1 3PE SB . -67.02 -29.02 -5.43
C2 3PE SB . -65.70 -29.13 -6.17
C3 3PE SB . -64.83 -30.24 -5.63
O31 3PE SB . -63.46 -30.01 -6.00
O32 3PE SB . -62.88 -31.20 -4.20
C31 3PE SB . -62.57 -30.61 -5.20
C32 3PE SB . -61.16 -30.46 -5.71
C33 3PE SB . -60.15 -30.63 -4.63
C34 3PE SB . -58.75 -30.85 -5.17
C35 3PE SB . -58.25 -29.80 -6.16
C36 3PE SB . -56.76 -29.84 -6.39
C37 3PE SB . -56.24 -28.87 -7.41
C38 3PE SB . -56.71 -29.16 -8.81
C39 3PE SB . -56.21 -30.46 -9.38
C3A 3PE SB . -56.83 -30.83 -10.69
C3B 3PE SB . -56.28 -32.10 -11.29
C3C 3PE SB . -56.98 -32.58 -12.54
C3D 3PE SB . -58.39 -33.04 -12.33
C3E 3PE SB . -59.06 -33.61 -13.56
C3F 3PE SB . -60.50 -34.00 -13.32
C3G 3PE SB . -61.21 -34.54 -14.53
C3H 3PE SB . -62.64 -34.93 -14.26
C3I 3PE SB . -63.36 -35.41 -15.49
O21 3PE SB . -65.95 -29.34 -7.59
O22 3PE SB . -66.78 -28.35 -9.41
C21 3PE SB . -66.16 -28.27 -8.37
C22 3PE SB . -65.50 -27.00 -7.88
C23 3PE SB . -64.38 -26.53 -8.74
C24 3PE SB . -64.86 -26.00 -10.08
C25 3PE SB . -65.86 -24.87 -9.95
C26 3PE SB . -66.34 -24.32 -11.26
C27 3PE SB . -65.25 -23.73 -12.12
C28 3PE SB . -65.73 -23.19 -13.44
C29 3PE SB . -66.65 -22.00 -13.34
C1 CLR TB . -49.67 7.14 -8.50
C2 CLR TB . -49.42 8.59 -8.94
C3 CLR TB . -49.04 8.66 -10.40
C4 CLR TB . -50.13 8.02 -11.25
C5 CLR TB . -50.43 6.61 -10.81
C6 CLR TB . -50.40 5.61 -11.68
C7 CLR TB . -50.80 4.20 -11.38
C8 CLR TB . -51.47 4.05 -10.03
C9 CLR TB . -50.73 4.90 -8.99
C10 CLR TB . -50.75 6.41 -9.33
C11 CLR TB . -51.22 4.62 -7.55
C12 CLR TB . -51.19 3.14 -7.20
C13 CLR TB . -52.04 2.32 -8.18
C14 CLR TB . -51.48 2.59 -9.59
C15 CLR TB . -52.17 1.55 -10.46
C16 CLR TB . -52.41 0.35 -9.52
C17 CLR TB . -51.83 0.77 -8.15
C18 CLR TB . -53.52 2.67 -8.06
C19 CLR TB . -52.13 7.04 -9.06
C20 CLR TB . -52.33 -0.06 -6.97
C21 CLR TB . -51.28 -1.06 -6.48
C22 CLR TB . -53.64 -0.79 -7.33
C23 CLR TB . -54.62 -1.00 -6.19
C24 CLR TB . -54.18 -2.03 -5.17
C25 CLR TB . -55.06 -2.17 -3.94
C26 CLR TB . -55.20 -0.85 -3.21
C27 CLR TB . -54.54 -3.24 -3.00
O1 CLR TB . -48.85 10.02 -10.79
C1 CLR UB . -51.43 1.39 -14.60
C2 CLR UB . -51.02 2.82 -14.93
C3 CLR UB . -49.75 2.85 -15.75
C4 CLR UB . -49.93 2.04 -17.01
C5 CLR UB . -50.38 0.62 -16.73
C6 CLR UB . -49.73 -0.42 -17.23
C7 CLR UB . -50.17 -1.85 -17.11
C8 CLR UB . -51.59 -1.98 -16.55
C9 CLR UB . -51.77 -0.99 -15.38
C10 CLR UB . -51.62 0.48 -15.84
C11 CLR UB . -53.10 -1.23 -14.64
C12 CLR UB . -53.32 -2.70 -14.25
C13 CLR UB . -53.26 -3.61 -15.48
C14 CLR UB . -51.86 -3.40 -16.08
C15 CLR UB . -51.71 -4.54 -17.08
C16 CLR UB . -52.40 -5.73 -16.39
C17 CLR UB . -53.24 -5.15 -15.21
C18 CLR UB . -54.38 -3.27 -16.48
C19 CLR UB . -52.84 0.96 -16.65
C20 CLR UB . -54.55 -5.91 -15.00
C21 CLR UB . -55.34 -5.43 -13.79
C22 CLR UB . -54.29 -7.43 -14.94
C23 CLR UB . -55.49 -8.32 -15.19
C24 CLR UB . -56.28 -8.64 -13.95
C25 CLR UB . -57.63 -9.33 -14.18
C26 CLR UB . -58.56 -8.44 -14.97
C27 CLR UB . -58.27 -9.72 -12.86
O1 CLR UB . -49.40 4.20 -16.07
CA1 DGA VB . -55.14 -12.65 14.39
CA2 DGA VB . -56.48 -12.51 13.71
CA3 DGA VB . -57.63 -12.42 14.65
CA4 DGA VB . -57.90 -13.72 15.38
CA5 DGA VB . -59.11 -13.70 16.27
CA6 DGA VB . -59.36 -14.98 17.01
CA7 DGA VB . -60.62 -14.99 17.82
CA8 DGA VB . -61.88 -14.76 17.02
OA1 DGA VB . -54.85 -13.56 15.14
CB1 DGA VB . -54.33 -8.10 11.28
CB2 DGA VB . -55.69 -7.88 10.71
CB3 DGA VB . -56.47 -6.79 11.36
CB4 DGA VB . -57.88 -6.66 10.78
CB5 DGA VB . -58.73 -5.59 11.42
CB6 DGA VB . -58.80 -5.69 12.93
CB7 DGA VB . -59.82 -4.79 13.57
CB8 DGA VB . -61.25 -5.21 13.32
CB9 DGA VB . -62.27 -4.40 14.08
OB1 DGA VB . -53.30 -8.00 10.66
OG1 DGA VB . -54.29 -11.69 14.06
CG1 DGA VB . -54.76 -10.67 13.14
CG2 DGA VB . -53.69 -9.62 13.02
OG2 DGA VB . -54.33 -8.39 12.59
CG3 DGA VB . -52.91 -9.41 14.29
OXT DGA VB . -52.39 -10.64 14.78
C1 PTY WB . -35.22 13.94 27.40
C2 PTY WB . -34.74 20.30 23.68
C3 PTY WB . -33.82 19.38 22.92
O4 PTY WB . -35.27 12.66 26.75
C5 PTY WB . -34.40 15.81 25.91
C6 PTY WB . -35.59 15.01 26.40
O7 PTY WB . -36.56 15.91 27.00
C8 PTY WB . -37.38 15.41 27.94
O10 PTY WB . -37.29 15.69 29.10
C11 PTY WB . -38.43 14.49 27.36
C12 PTY WB . -39.38 13.97 28.39
C13 PTY WB . -40.61 13.33 27.76
C14 PTY WB . -40.58 11.82 27.76
C15 PTY WB . -41.64 11.18 26.89
C16 PTY WB . -41.43 9.71 26.64
C17 PTY WB . -42.56 9.04 25.90
C18 PTY WB . -42.25 7.63 25.44
C19 PTY WB . -42.50 6.58 26.49
C20 PTY WB . -42.97 5.25 25.94
C21 PTY WB . -44.45 5.02 26.11
C30 PTY WB . -34.61 11.67 27.34
C31 PTY WB . -35.53 10.55 27.72
O30 PTY WB . -33.43 11.70 27.55
C32 PTY WB . -36.08 9.81 26.53
C33 PTY WB . -37.36 9.05 26.86
C34 PTY WB . -37.15 7.59 27.14
C35 PTY WB . -37.95 6.66 26.26
C36 PTY WB . -37.28 5.35 25.97
C37 PTY WB . -38.23 4.17 25.91
C38 PTY WB . -37.77 2.96 26.69
C39 PTY WB . -38.88 2.02 27.08
C40 PTY WB . -38.41 0.63 27.45
C41 PTY WB . -39.52 -0.30 27.89
C42 PTY WB . -39.09 -1.74 28.02
C43 PTY WB . -40.23 -2.69 28.31
C44 PTY WB . -39.79 -4.14 28.38
P1 PTY WB . -34.99 17.13 23.70
O11 PTY WB . -33.72 18.11 23.62
O12 PTY WB . -35.37 16.75 22.30
O13 PTY WB . -36.02 17.78 24.59
O14 PTY WB . -34.42 15.85 24.45
N1 PTY WB . -36.05 20.40 23.06
C1 PTY XB . -45.69 8.72 4.45
C2 PTY XB . -45.50 12.93 6.83
C3 PTY XB . -44.31 13.08 7.73
O4 PTY XB . -45.81 7.54 3.62
C5 PTY XB . -44.04 10.58 4.95
C6 PTY XB . -44.49 9.51 3.97
O7 PTY XB . -44.80 10.15 2.70
C8 PTY XB . -45.85 9.71 2.00
O10 PTY XB . -45.77 8.77 1.24
C11 PTY XB . -47.12 10.48 2.28
C12 PTY XB . -46.99 11.39 3.46
C13 PTY XB . -47.65 10.81 4.72
C14 PTY XB . -48.96 10.10 4.46
C15 PTY XB . -49.81 9.93 5.69
C16 PTY XB . -51.03 9.07 5.48
C17 PTY XB . -50.74 7.59 5.36
C18 PTY XB . -51.69 6.70 6.10
C19 PTY XB . -52.20 5.52 5.29
C20 PTY XB . -53.05 4.56 6.08
C21 PTY XB . -54.38 4.23 5.43
C30 PTY XB . -46.12 6.41 4.25
C31 PTY XB . -47.46 5.87 3.81
O30 PTY XB . -45.40 5.90 5.08
C32 PTY XB . -47.52 4.37 3.82
C33 PTY XB . -48.88 3.85 4.29
C34 PTY XB . -48.99 2.35 4.28
C35 PTY XB . -50.35 1.83 4.71
C36 PTY XB . -50.83 0.62 3.94
C37 PTY XB . -51.72 -0.30 4.73
C38 PTY XB . -52.57 0.39 5.76
C39 PTY XB . -53.07 -0.51 6.86
C40 PTY XB . -53.29 -1.94 6.44
C41 PTY XB . -53.87 -2.82 7.52
P1 PTY XB . -43.54 10.56 7.54
O11 PTY XB . -43.28 12.12 7.33
O12 PTY XB . -44.99 10.38 7.94
O13 PTY XB . -42.45 10.02 8.43
O14 PTY XB . -43.35 9.95 6.07
N1 PTY XB . -46.49 13.99 7.05
P 3PE YB . -71.16 -9.18 21.08
N 3PE YB . -74.14 -11.43 22.54
O11 3PE YB . -70.44 -9.11 19.64
O12 3PE YB . -70.39 -10.16 21.90
O13 3PE YB . -72.62 -9.76 20.75
O14 3PE YB . -71.33 -7.78 21.59
C11 3PE YB . -72.81 -11.18 20.52
C12 3PE YB . -72.92 -11.88 21.85
C1 3PE YB . -69.95 -10.34 19.03
C2 3PE YB . -69.18 -10.10 17.75
C3 3PE YB . -68.76 -11.40 17.09
O31 3PE YB . -67.66 -11.15 16.19
O32 3PE YB . -67.05 -13.28 16.49
C31 3PE YB . -66.89 -12.21 15.94
C32 3PE YB . -65.85 -11.94 14.90
C33 3PE YB . -64.70 -12.88 14.98
C34 3PE YB . -63.83 -12.86 13.73
C35 3PE YB . -63.32 -11.50 13.32
C36 3PE YB . -62.19 -11.56 12.33
C37 3PE YB . -61.70 -10.22 11.83
C38 3PE YB . -62.71 -9.48 11.00
C39 3PE YB . -63.07 -10.15 9.70
C3A 3PE YB . -64.21 -9.48 8.97
C3B 3PE YB . -64.53 -10.12 7.64
C3C 3PE YB . -65.76 -9.57 6.96
C3D 3PE YB . -67.06 -9.90 7.65
C3E 3PE YB . -68.29 -9.46 6.91
C3F 3PE YB . -69.57 -9.72 7.66
C3G 3PE YB . -70.83 -9.27 6.98
C3H 3PE YB . -72.07 -9.56 7.77
C3I 3PE YB . -73.32 -9.04 7.10
O21 3PE YB . -69.99 -9.30 16.84
O22 3PE YB . -70.87 -7.28 16.56
C21 3PE YB . -69.96 -7.97 16.96
C22 3PE YB . -68.70 -7.43 17.55
C23 3PE YB . -67.87 -6.64 16.58
C24 3PE YB . -68.51 -5.31 16.22
C25 3PE YB . -68.79 -4.43 17.41
C26 3PE YB . -69.41 -3.10 17.07
C27 3PE YB . -68.57 -2.23 16.18
C28 3PE YB . -69.19 -0.91 15.82
C29 3PE YB . -69.40 0.02 16.99
C1 CLR ZB . -40.88 16.74 25.25
C2 CLR ZB . -40.19 18.08 25.54
C3 CLR ZB . -40.37 19.04 24.38
C4 CLR ZB . -41.85 19.24 24.11
C5 CLR ZB . -42.56 17.93 23.86
C6 CLR ZB . -43.28 17.74 22.77
C7 CLR ZB . -44.12 16.54 22.49
C8 CLR ZB . -44.26 15.63 23.71
C9 CLR ZB . -42.90 15.50 24.41
C10 CLR ZB . -42.39 16.86 24.94
C11 CLR ZB . -42.93 14.42 25.51
C12 CLR ZB . -43.42 13.06 24.99
C13 CLR ZB . -44.82 13.18 24.40
C14 CLR ZB . -44.75 14.25 23.29
C15 CLR ZB . -46.09 14.11 22.56
C16 CLR ZB . -46.48 12.64 22.74
C17 CLR ZB . -45.32 11.99 23.54
C18 CLR ZB . -45.85 13.55 25.47
C19 CLR ZB . -43.14 17.32 26.20
C20 CLR ZB . -45.68 10.65 24.20
C21 CLR ZB . -45.08 9.47 23.45
C22 CLR ZB . -47.21 10.49 24.33
C23 CLR ZB . -47.71 9.71 25.53
C24 CLR ZB . -47.43 8.22 25.45
C25 CLR ZB . -47.79 7.43 26.70
C26 CLR ZB . -47.05 7.96 27.92
C27 CLR ZB . -47.48 5.94 26.50
O1 CLR ZB . -39.75 20.29 24.69
C1 CLR AC . -47.02 16.60 19.30
C2 CLR AC . -46.18 17.84 19.55
C3 CLR AC . -45.40 18.23 18.31
C4 CLR AC . -46.36 18.47 17.17
C5 CLR AC . -47.26 17.28 16.91
C6 CLR AC . -47.36 16.75 15.71
C7 CLR AC . -48.30 15.65 15.31
C8 CLR AC . -49.33 15.36 16.41
C9 CLR AC . -48.63 15.35 17.78
C10 CLR AC . -48.01 16.74 18.12
C11 CLR AC . -49.56 14.84 18.90
C12 CLR AC . -50.26 13.52 18.55
C13 CLR AC . -51.04 13.63 17.24
C14 CLR AC . -50.01 14.02 16.17
C15 CLR AC . -50.74 13.79 14.85
C16 CLR AC . -51.58 12.54 15.12
C17 CLR AC . -51.59 12.30 16.65
C18 CLR AC . -52.16 14.67 17.36
C19 CLR AC . -49.10 17.77 18.48
C20 CLR AC . -52.95 11.74 17.14
C21 CLR AC . -52.94 11.41 18.63
C22 CLR AC . -53.38 10.54 16.29
C23 CLR AC . -54.84 10.18 16.35
C24 CLR AC . -55.19 9.22 17.46
C25 CLR AC . -56.68 9.01 17.71
C26 CLR AC . -57.36 10.31 18.12
C27 CLR AC . -56.92 7.94 18.75
O1 CLR AC . -44.64 19.42 18.58
CA1 DGA BC . -45.92 -12.35 33.86
CA2 DGA BC . -47.19 -11.63 34.22
CA3 DGA BC . -47.78 -12.04 35.53
CA4 DGA BC . -48.30 -13.46 35.53
CA5 DGA BC . -48.98 -13.88 36.81
CA6 DGA BC . -49.48 -15.30 36.81
CA7 DGA BC . -50.24 -15.68 38.05
CA8 DGA BC . -51.45 -14.83 38.31
OA1 DGA BC . -45.80 -13.53 33.76
CB1 DGA BC . -44.35 -7.00 33.58
CB2 DGA BC . -45.59 -6.30 34.06
CB3 DGA BC . -45.52 -5.82 35.47
CB4 DGA BC . -46.82 -5.18 35.92
CB5 DGA BC . -46.83 -4.69 37.35
CB6 DGA BC . -46.40 -5.73 38.35
CB7 DGA BC . -46.63 -5.36 39.79
CB8 DGA BC . -48.07 -5.34 40.21
CB9 DGA BC . -48.29 -5.12 41.69
OB1 DGA BC . -43.68 -6.65 32.65
OG1 DGA BC . -44.90 -11.51 33.66
CG1 DGA BC . -45.18 -10.09 33.80
CG2 DGA BC . -43.88 -9.35 33.64
OG2 DGA BC . -44.02 -8.07 34.32
CG3 DGA BC . -42.69 -10.11 34.18
OXT DGA BC . -42.61 -11.41 33.60
C1 PTY CC . -13.18 -3.20 44.75
C2 PTY CC . -11.32 3.93 45.13
C3 PTY CC . -11.24 3.63 43.65
O4 PTY CC . -14.02 -3.73 43.70
C5 PTY CC . -12.22 -0.91 44.22
C6 PTY CC . -13.37 -1.70 44.81
O7 PTY CC . -13.56 -1.30 46.19
C8 PTY CC . -14.13 -2.19 47.03
O10 PTY CC . -13.52 -2.75 47.89
C11 PTY CC . -15.60 -2.38 46.77
C12 PTY CC . -16.25 -3.33 47.72
C13 PTY CC . -17.77 -3.26 47.67
C14 PTY CC . -18.41 -4.39 46.90
C15 PTY CC . -19.87 -4.18 46.59
C16 PTY CC . -20.43 -5.15 45.58
C17 PTY CC . -21.92 -5.03 45.37
C18 PTY CC . -22.45 -5.82 44.20
C19 PTY CC . -22.74 -7.27 44.51
C20 PTY CC . -23.91 -7.85 43.75
C21 PTY CC . -25.18 -7.97 44.56
C30 PTY CC . -13.70 -4.94 43.25
C31 PTY CC . -14.82 -5.91 43.45
O30 PTY CC . -12.63 -5.19 42.75
C32 PTY CC . -16.01 -5.63 42.59
C33 PTY CC . -17.28 -6.27 43.14
C34 PTY CC . -17.65 -7.58 42.50
C35 PTY CC . -19.03 -7.61 41.90
C36 PTY CC . -19.16 -8.48 40.67
C37 PTY CC . -20.48 -9.21 40.57
C38 PTY CC . -20.35 -10.68 40.25
C39 PTY CC . -21.54 -11.50 40.66
C40 PTY CC . -21.64 -12.83 39.96
C41 PTY CC . -22.79 -13.70 40.41
C42 PTY CC . -23.03 -14.92 39.55
C43 PTY CC . -24.29 -15.68 39.89
C44 PTY CC . -24.53 -16.87 38.99
P1 PTY CC . -12.91 1.58 43.72
O11 PTY CC . -11.46 2.21 43.44
O12 PTY CC . -13.89 2.24 42.79
O13 PTY CC . -13.15 1.60 45.20
O14 PTY CC . -12.73 0.04 43.27
N1 PTY CC . -12.58 4.57 45.49
C1 PTY DC . -32.28 9.04 32.54
C2 PTY DC . -29.44 10.63 36.12
C3 PTY DC . -28.06 10.03 36.13
O4 PTY DC . -33.20 8.71 31.47
C5 PTY DC . -29.93 9.92 32.89
C6 PTY DC . -31.12 9.80 31.95
O7 PTY DC . -31.54 11.14 31.59
C8 PTY DC . -32.85 11.39 31.48
O10 PTY DC . -33.46 11.17 30.46
C11 PTY DC . -33.46 11.94 32.74
C12 PTY DC . -32.54 11.84 33.93
C13 PTY DC . -32.88 10.67 34.83
C14 PTY DC . -34.36 10.46 35.04
C15 PTY DC . -34.71 9.63 36.25
C16 PTY DC . -36.17 9.26 36.36
C17 PTY DC . -36.61 8.21 35.38
C18 PTY DC . -37.54 7.17 35.97
C19 PTY DC . -38.75 6.86 35.13
C20 PTY DC . -39.60 5.73 35.65
C21 PTY DC . -41.07 6.07 35.79
C30 PTY DC . -33.73 7.48 31.52
C31 PTY DC . -35.21 7.53 31.68
O30 PTY DC . -33.06 6.48 31.42
C32 PTY DC . -35.93 6.40 30.99
C33 PTY DC . -37.10 5.87 31.79
C34 PTY DC . -37.86 4.77 31.11
C35 PTY DC . -39.05 4.26 31.88
C36 PTY DC . -40.25 3.91 31.03
C37 PTY DC . -41.10 2.80 31.60
C38 PTY DC . -41.15 2.75 33.11
C39 PTY DC . -41.57 1.43 33.68
C40 PTY DC . -42.52 0.64 32.81
C41 PTY DC . -43.00 -0.65 33.41
P1 PTY DC . -28.60 8.15 34.35
O11 PTY DC . -27.78 9.44 34.83
O12 PTY DC . -29.73 7.93 35.32
O13 PTY DC . -27.63 7.05 34.07
O14 PTY DC . -29.24 8.63 32.95
N1 PTY DC . -29.71 11.39 37.34
P 3PE EC . -55.23 -12.19 48.92
N 3PE EC . -58.16 -14.48 50.43
O11 3PE EC . -55.11 -11.30 47.60
O12 3PE EC . -54.73 -13.57 48.56
O13 3PE EC . -56.80 -12.23 49.22
O14 3PE EC . -54.57 -11.45 50.06
C11 3PE EC . -57.66 -13.14 48.47
C12 3PE EC . -57.59 -14.51 49.08
C1 3PE EC . -55.47 -11.88 46.31
C2 3PE EC . -55.18 -10.95 45.15
C3 3PE EC . -55.63 -11.55 43.82
O31 3PE EC . -54.93 -10.90 42.74
O32 3PE EC . -55.27 -12.77 41.56
C31 3PE EC . -54.87 -11.63 41.63
C32 3PE EC . -54.25 -10.87 40.48
C33 3PE EC . -53.70 -11.77 39.43
C34 3PE EC . -53.42 -11.04 38.12
C35 3PE EC . -52.54 -9.81 38.24
C36 3PE EC . -51.98 -9.35 36.91
C37 3PE EC . -51.17 -8.07 36.97
C38 3PE EC . -51.97 -6.86 37.35
C39 3PE EC . -53.02 -6.47 36.34
C3A 3PE EC . -53.94 -5.37 36.80
C3B 3PE EC . -54.96 -4.94 35.78
C3C 3PE EC . -55.98 -3.94 36.27
C3D 3PE EC . -56.94 -4.48 37.29
C3E 3PE EC . -58.03 -3.52 37.69
C3F 3PE EC . -58.92 -4.07 38.78
C3G 3PE EC . -60.01 -3.13 39.23
C3H 3PE EC . -60.89 -3.72 40.31
C3I 3PE EC . -61.92 -2.74 40.81
O21 3PE EC . -55.83 -9.67 45.36
O22 3PE EC . -55.77 -7.87 46.68
C21 3PE EC . -55.18 -8.75 46.10
C22 3PE EC . -53.68 -8.86 46.06
C23 3PE EC . -53.00 -7.76 45.34
C24 3PE EC . -53.07 -6.44 46.10
C25 3PE EC . -52.50 -6.52 47.49
C26 3PE EC . -52.55 -5.24 48.26
C27 3PE EC . -51.78 -4.10 47.63
C28 3PE EC . -51.85 -2.80 48.40
C29 3PE EC . -51.19 -2.84 49.75
C1 CLR FC . -17.39 0.96 47.81
C2 CLR FC . -16.13 1.70 48.29
C3 CLR FC . -16.27 3.20 48.09
C4 CLR FC . -17.50 3.70 48.82
C5 CLR FC . -18.75 2.97 48.40
C6 CLR FC . -19.82 3.62 47.96
C7 CLR FC . -21.14 2.99 47.65
C8 CLR FC . -21.22 1.54 48.10
C9 CLR FC . -19.90 0.82 47.75
C10 CLR FC . -18.69 1.44 48.49
C11 CLR FC . -20.01 -0.70 47.97
C12 CLR FC . -21.19 -1.32 47.23
C13 CLR FC . -22.51 -0.68 47.66
C14 CLR FC . -22.38 0.84 47.39
C15 CLR FC . -23.80 1.37 47.59
C16 CLR FC . -24.71 0.18 47.19
C17 CLR FC . -23.75 -0.96 46.77
C18 CLR FC . -22.81 -0.98 49.14
C19 CLR FC . -18.66 1.06 49.98
C20 CLR FC . -24.40 -2.35 46.75
C21 CLR FC . -24.69 -2.82 45.33
C22 CLR FC . -25.68 -2.37 47.60
C23 CLR FC . -26.01 -3.68 48.29
C24 CLR FC . -26.46 -4.78 47.35
C25 CLR FC . -26.65 -6.15 47.99
C26 CLR FC . -25.38 -6.63 48.67
C27 CLR FC . -27.12 -7.17 46.97
O1 CLR FC . -15.10 3.86 48.57
C1 CLR GC . -24.64 5.46 47.14
C2 CLR GC . -23.31 6.13 47.46
C3 CLR GC . -22.93 7.13 46.39
C4 CLR GC . -24.03 8.18 46.27
C5 CLR GC . -25.38 7.55 46.00
C6 CLR GC . -26.13 7.95 44.98
C7 CLR GC . -27.52 7.49 44.70
C8 CLR GC . -28.11 6.69 45.86
C9 CLR GC . -27.05 5.70 46.40
C10 CLR GC . -25.82 6.45 46.97
C11 CLR GC . -27.65 4.71 47.41
C12 CLR GC . -28.92 4.02 46.90
C13 CLR GC . -29.98 5.04 46.52
C14 CLR GC . -29.35 5.92 45.41
C15 CLR GC . -30.53 6.69 44.83
C16 CLR GC . -31.68 5.66 44.84
C17 CLR GC . -31.24 4.50 45.77
C18 CLR GC . -30.42 5.88 47.73
C19 CLR GC . -26.13 7.11 48.32
C20 CLR GC . -32.42 3.92 46.56
C21 CLR GC . -32.04 2.70 47.40
C22 CLR GC . -33.60 3.62 45.63
C23 CLR GC . -34.96 3.48 46.30
C24 CLR GC . -35.27 2.08 46.77
C25 CLR GC . -36.51 1.94 47.66
C26 CLR GC . -36.34 2.73 48.94
C27 CLR GC . -36.80 0.48 47.95
O1 CLR GC . -21.69 7.76 46.74
CA1 DGA HC . -31.24 -25.86 41.98
CA2 DGA HC . -31.86 -25.40 43.29
CA3 DGA HC . -32.04 -26.50 44.29
CA4 DGA HC . -33.10 -27.50 43.87
CA5 DGA HC . -33.39 -28.57 44.89
CA6 DGA HC . -34.42 -29.57 44.47
CA7 DGA HC . -34.78 -30.58 45.53
CA8 DGA HC . -35.32 -29.97 46.81
OA1 DGA HC . -31.71 -26.71 41.27
CB1 DGA HC . -27.70 -21.85 43.58
CB2 DGA HC . -28.25 -21.49 44.93
CB3 DGA HC . -27.48 -22.05 46.08
CB4 DGA HC . -28.12 -21.72 47.42
CB5 DGA HC . -27.39 -22.28 48.62
CB6 DGA HC . -27.14 -23.76 48.53
CB7 DGA HC . -26.65 -24.39 49.81
CB8 DGA HC . -27.68 -24.48 50.91
CB9 DGA HC . -27.24 -25.24 52.12
OB1 DGA HC . -27.33 -21.06 42.76
OG1 DGA HC . -30.11 -25.22 41.71
CG1 DGA HC . -29.66 -24.22 42.66
CG2 DGA HC . -28.32 -23.72 42.20
OG2 DGA HC . -27.63 -23.18 43.36
CG3 DGA HC . -27.48 -24.77 41.52
OXT DGA HC . -28.20 -25.38 40.45
C1 PTY IC . 3.66 -29.94 35.75
C2 PTY IC . 8.47 -25.06 38.49
C3 PTY IC . 7.87 -24.34 37.32
O4 PTY IC . 2.36 -29.57 35.24
C5 PTY IC . 5.27 -28.01 35.99
C6 PTY IC . 4.18 -28.84 36.63
O7 PTY IC . 4.69 -29.42 37.87
C8 PTY IC . 4.14 -30.55 38.30
O10 PTY IC . 4.71 -31.61 38.25
C11 PTY IC . 2.74 -30.35 38.84
C12 PTY IC . 2.12 -31.61 39.37
C13 PTY IC . 0.89 -31.34 40.20
C14 PTY IC . -0.41 -31.62 39.48
C15 PTY IC . -1.63 -31.09 40.18
C16 PTY IC . -2.88 -31.09 39.34
C17 PTY IC . -4.13 -30.69 40.08
C18 PTY IC . -5.33 -30.47 39.19
C19 PTY IC . -6.10 -31.72 38.86
C20 PTY IC . -7.59 -31.52 38.70
C21 PTY IC . -8.39 -31.99 39.88
C30 PTY IC . 1.94 -30.22 34.16
C31 PTY IC . 0.66 -30.95 34.43
O30 PTY IC . 2.53 -30.20 33.12
C32 PTY IC . -0.51 -30.04 34.66
C33 PTY IC . -1.63 -30.71 35.41
C34 PTY IC . -2.75 -31.24 34.54
C35 PTY IC . -4.11 -30.70 34.88
C36 PTY IC . -5.04 -30.55 33.70
C37 PTY IC . -6.48 -30.87 34.00
C38 PTY IC . -7.14 -31.79 32.99
C39 PTY IC . -8.34 -32.53 33.51
C40 PTY IC . -9.25 -33.07 32.43
C41 PTY IC . -10.41 -33.86 32.95
C42 PTY IC . -11.45 -34.20 31.90
C43 PTY IC . -12.70 -34.84 32.44
C44 PTY IC . -13.75 -35.13 31.39
P1 PTY IC . 5.61 -25.71 37.26
O11 PTY IC . 6.99 -25.24 36.59
O12 PTY IC . 4.76 -24.51 37.51
O13 PTY IC . 5.96 -26.64 38.41
O14 PTY IC . 4.93 -26.59 36.11
N1 PTY IC . 7.83 -24.67 39.76
C1 PTY JC . -11.09 -10.56 44.15
C2 PTY JC . -6.76 -12.03 45.77
C3 PTY JC . -5.89 -12.67 44.72
O4 PTY JC . -12.36 -10.01 43.77
C5 PTY JC . -8.63 -10.41 43.51
C6 PTY JC . -9.99 -9.74 43.49
O7 PTY JC . -9.89 -8.45 44.13
C8 PTY JC . -10.90 -8.04 44.91
O10 PTY JC . -11.86 -7.47 44.46
C11 PTY JC . -10.71 -8.38 46.37
C12 PTY JC . -9.57 -9.33 46.60
C13 PTY JC . -10.05 -10.76 46.83
C14 PTY JC . -11.29 -10.88 47.68
C15 PTY JC . -11.51 -12.24 48.27
C16 PTY JC . -12.83 -12.42 48.96
C17 PTY JC . -14.01 -12.53 48.04
C18 PTY JC . -15.02 -13.57 48.42
C19 PTY JC . -16.46 -13.11 48.38
C20 PTY JC . -17.46 -14.20 48.64
C21 PTY JC . -18.48 -13.86 49.70
C30 PTY JC . -13.32 -10.89 43.49
C31 PTY JC . -14.47 -10.80 44.44
O30 PTY JC . -13.24 -11.66 42.56
C32 PTY JC . -15.79 -11.10 43.82
C33 PTY JC . -16.71 -11.88 44.74
C34 PTY JC . -18.07 -12.19 44.15
C35 PTY JC . -19.00 -12.93 45.08
C36 PTY JC . -20.43 -12.50 45.00
C37 PTY JC . -21.44 -13.59 45.31
C38 PTY JC . -20.95 -14.61 46.32
C39 PTY JC . -21.68 -15.92 46.27
C40 PTY JC . -23.11 -15.82 45.83
C41 PTY JC . -23.86 -17.14 45.86
P1 PTY JC . -7.79 -12.83 42.89
O11 PTY JC . -6.37 -12.28 43.39
O12 PTY JC . -8.47 -13.50 44.06
O13 PTY JC . -7.57 -13.60 41.61
O14 PTY JC . -8.60 -11.49 42.54
N1 PTY JC . -6.22 -12.22 47.12
P 3PE KC . -33.50 -34.43 57.32
N 3PE KC . -36.38 -36.79 58.82
O11 3PE KC . -33.48 -32.91 56.81
O12 3PE KC . -33.81 -35.29 56.13
O13 3PE KC . -34.71 -34.48 58.37
O14 3PE KC . -32.23 -34.69 58.09
C11 3PE KC . -36.08 -34.57 57.90
C12 3PE KC . -36.40 -36.00 57.58
C1 3PE KC . -34.48 -32.47 55.85
C2 3PE KC . -34.26 -31.05 55.37
C3 3PE KC . -35.37 -30.59 54.44
O31 3PE KC . -34.90 -29.49 53.63
O32 3PE KC . -36.41 -30.07 52.11
C31 3PE KC . -35.55 -29.31 52.50
C32 3PE KC . -35.12 -28.07 51.77
C33 3PE KC . -35.42 -28.13 50.31
C34 3PE KC . -35.34 -26.77 49.63
C35 3PE KC . -34.04 -26.02 49.84
C36 3PE KC . -33.85 -24.88 48.88
C37 3PE KC . -32.60 -24.06 49.10
C38 3PE KC . -32.59 -23.30 50.39
C39 3PE KC . -33.64 -22.23 50.48
C3A 3PE KC . -33.75 -21.59 51.85
C3B 3PE KC . -34.77 -20.48 51.93
C3C 3PE KC . -35.00 -19.93 53.31
C3D 3PE KC . -35.67 -20.88 54.26
C3E 3PE KC . -36.00 -20.30 55.61
C3F 3PE KC . -36.59 -21.31 56.57
C3G 3PE KC . -36.91 -20.77 57.93
C3H 3PE KC . -37.52 -21.80 58.85
C3I 3PE KC . -37.77 -21.28 60.24
O21 3PE KC . -34.14 -30.15 56.51
O22 3PE KC . -32.84 -29.66 58.24
C21 3PE KC . -32.94 -30.01 57.10
C22 3PE KC . -31.78 -30.26 56.19
C23 3PE KC . -30.98 -29.03 55.88
C24 3PE KC . -30.20 -28.55 57.08
C25 3PE KC . -29.26 -29.58 57.65
C26 3PE KC . -28.46 -29.10 58.84
C27 3PE KC . -27.56 -27.93 58.55
C28 3PE KC . -26.77 -27.45 59.74
C29 3PE KC . -25.77 -28.44 60.27
C1 CLR LC . 3.11 -28.31 42.18
C2 CLR LC . 4.64 -28.22 42.18
C3 CLR LC . 5.11 -26.95 42.85
C4 CLR LC . 4.58 -26.90 44.27
C5 CLR LC . 3.07 -27.04 44.32
C6 CLR LC . 2.32 -26.14 44.94
C7 CLR LC . 0.85 -26.24 45.14
C8 CLR LC . 0.30 -27.62 44.77
C9 CLR LC . 0.95 -28.09 43.46
C10 CLR LC . 2.49 -28.24 43.59
C11 CLR LC . 0.28 -29.35 42.91
C12 CLR LC . -1.24 -29.20 42.76
C13 CLR LC . -1.89 -28.84 44.09
C14 CLR LC . -1.22 -27.55 44.60
C15 CLR LC . -2.09 -27.10 45.77
C16 CLR LC . -3.50 -27.64 45.42
C17 CLR LC . -3.35 -28.34 44.04
C18 CLR LC . -1.75 -30.00 45.11
C19 CLR LC . 2.87 -29.51 44.39
C20 CLR LC . -4.52 -29.28 43.70
C21 CLR LC . -5.46 -28.69 42.67
C22 CLR LC . -5.28 -29.70 44.97
C23 CLR LC . -5.87 -31.08 44.97
C24 CLR LC . -7.05 -31.25 44.04
C25 CLR LC . -7.59 -32.67 43.90
C26 CLR LC . -6.51 -33.62 43.42
C27 CLR LC . -8.79 -32.72 42.96
O1 CLR LC . 6.54 -26.91 42.86
C1 CLR MC . -1.15 -23.65 47.96
C2 CLR MC . 0.36 -23.50 47.76
C3 CLR MC . 0.73 -22.11 47.35
C4 CLR MC . 0.24 -21.11 48.38
C5 CLR MC . -1.25 -21.25 48.64
C6 CLR MC . -2.05 -20.20 48.57
C7 CLR MC . -3.51 -20.20 48.92
C8 CLR MC . -3.93 -21.49 49.62
C9 CLR MC . -3.29 -22.70 48.91
C10 CLR MC . -1.75 -22.65 48.98
C11 CLR MC . -3.87 -24.03 49.43
C12 CLR MC . -5.40 -24.07 49.45
C13 CLR MC . -5.97 -22.92 50.28
C14 CLR MC . -5.45 -21.63 49.62
C15 CLR MC . -6.29 -20.53 50.26
C16 CLR MC . -7.68 -21.17 50.40
C17 CLR MC . -7.50 -22.69 50.20
C18 CLR MC . -5.52 -23.02 51.75
C19 CLR MC . -1.23 -22.99 50.39
C20 CLR MC . -8.45 -23.51 51.10
C21 CLR MC . -8.38 -25.01 50.85
C22 CLR MC . -9.89 -22.99 50.98
C23 CLR MC . -10.82 -23.37 52.11
C24 CLR MC . -11.53 -24.69 51.90
C25 CLR MC . -12.30 -25.22 53.11
C26 CLR MC . -11.36 -25.49 54.28
C27 CLR MC . -13.07 -26.48 52.76
O1 CLR MC . 2.15 -22.00 47.20
CA1 DGA NC . -22.15 -43.03 32.66
CA2 DGA NC . -21.99 -43.45 34.09
CA3 DGA NC . -22.28 -44.91 34.32
CA4 DGA NC . -23.73 -45.25 34.13
CA5 DGA NC . -24.07 -46.69 34.46
CA6 DGA NC . -25.52 -47.05 34.25
CA7 DGA NC . -25.88 -48.45 34.66
CA8 DGA NC . -25.60 -48.75 36.11
OA1 DGA NC . -23.16 -43.13 32.00
CB1 DGA NC . -16.91 -41.47 33.75
CB2 DGA NC . -16.72 -42.01 35.13
CB3 DGA NC . -15.92 -43.27 35.20
CB4 DGA NC . -15.82 -43.80 36.62
CB5 DGA NC . -15.05 -45.09 36.75
CB6 DGA NC . -15.51 -46.18 35.83
CB7 DGA NC . -14.93 -47.55 36.10
CB8 DGA NC . -15.43 -48.20 37.36
CB9 DGA NC . -14.97 -49.62 37.56
OB1 DGA NC . -16.55 -40.38 33.39
OG1 DGA NC . -21.04 -42.49 32.16
CG1 DGA NC . -19.89 -42.41 33.04
CG2 DGA NC . -18.72 -41.90 32.25
OG2 DGA NC . -17.51 -42.33 32.91
CG3 DGA NC . -18.74 -42.34 30.81
OXT DGA NC . -19.98 -42.02 30.18
CA1 DGA OC . -25.50 -50.91 12.88
CA2 DGA OC . -25.04 -52.18 13.55
CA3 DGA OC . -25.83 -53.40 13.15
CA4 DGA OC . -27.27 -53.36 13.65
CA5 DGA OC . -28.06 -54.60 13.34
CA6 DGA OC . -29.48 -54.57 13.83
CA7 DGA OC . -30.24 -55.84 13.61
CA8 DGA OC . -29.63 -57.04 14.28
OA1 DGA OC . -26.61 -50.46 12.95
CB1 DGA OC . -20.10 -51.07 11.50
CB2 DGA OC . -19.69 -52.40 12.06
CB3 DGA OC . -19.56 -53.49 11.03
CB4 DGA OC . -19.21 -54.83 11.66
CB5 DGA OC . -19.09 -55.97 10.69
CB6 DGA OC . -20.29 -56.13 9.79
CB7 DGA OC . -20.30 -57.40 8.97
CB8 DGA OC . -20.55 -58.65 9.78
CB9 DGA OC . -20.72 -59.90 8.95
OB1 DGA OC . -19.46 -50.06 11.58
OG1 DGA OC . -24.53 -50.32 12.20
CG1 DGA OC . -23.24 -50.97 12.20
CG2 DGA OC . -22.32 -50.20 11.28
OG2 DGA OC . -21.28 -51.10 10.84
CG3 DGA OC . -23.05 -49.60 10.09
OXT DGA OC . -24.15 -48.81 10.52
C1 PTY PC . 2.64 -46.15 7.16
C2 PTY PC . 9.72 -44.84 8.78
C3 PTY PC . 9.12 -43.46 8.67
O4 PTY PC . 1.55 -45.38 7.73
C5 PTY PC . 4.89 -45.04 7.40
C6 PTY PC . 3.87 -45.95 8.03
O7 PTY PC . 4.48 -47.25 8.28
C8 PTY PC . 3.67 -48.33 8.32
O10 PTY PC . 3.66 -49.16 7.45
C11 PTY PC . 2.81 -48.36 9.55
C12 PTY PC . 1.94 -49.58 9.62
C13 PTY PC . 1.32 -49.77 11.00
C14 PTY PC . -0.13 -49.36 11.10
C15 PTY PC . -0.65 -49.27 12.51
C16 PTY PC . -1.99 -48.58 12.63
C17 PTY PC . -2.58 -48.60 14.01
C18 PTY PC . -3.79 -47.72 14.20
C19 PTY PC . -5.08 -48.35 13.77
C20 PTY PC . -6.28 -47.92 14.59
C21 PTY PC . -6.73 -48.95 15.60
C30 PTY PC . 0.54 -45.11 6.92
C31 PTY PC . -0.76 -45.70 7.44
O30 PTY PC . 0.65 -44.49 5.89
C32 PTY PC . -1.23 -45.02 8.69
C33 PTY PC . -2.19 -45.89 9.48
C34 PTY PC . -3.64 -45.58 9.25
C35 PTY PC . -4.42 -45.24 10.51
C36 PTY PC . -5.54 -44.25 10.30
C37 PTY PC . -6.76 -44.52 11.14
C38 PTY PC . -8.06 -44.46 10.37
C39 PTY PC . -9.19 -45.22 11.01
C40 PTY PC . -10.56 -44.81 10.52
C41 PTY PC . -11.69 -45.62 11.12
C42 PTY PC . -13.07 -45.06 10.83
C43 PTY PC . -14.19 -45.75 11.57
C44 PTY PC . -15.55 -45.15 11.29
P1 PTY PC . 6.64 -44.20 9.20
O11 PTY PC . 7.74 -43.56 8.21
O12 PTY PC . 6.56 -43.34 10.43
O13 PTY PC . 6.93 -45.67 9.32
O14 PTY PC . 5.27 -44.02 8.37
N1 PTY PC . 9.81 -45.29 10.17
C1 PTY QC . 1.96 -35.32 30.53
C2 PTY QC . 5.46 -37.99 28.51
C3 PTY QC . 5.52 -37.88 27.01
O4 PTY QC . 1.01 -34.52 31.26
C5 PTY QC . 3.82 -35.09 28.83
C6 PTY QC . 2.98 -34.41 29.90
O7 PTY QC . 3.86 -33.87 30.91
C8 PTY QC . 3.49 -33.95 32.20
O10 PTY QC . 2.79 -33.12 32.71
C11 PTY QC . 4.02 -35.17 32.89
C12 PTY QC . 4.62 -36.18 31.96
C13 PTY QC . 3.68 -37.34 31.67
C14 PTY QC . 2.92 -37.83 32.86
C15 PTY QC . 2.34 -39.21 32.71
C16 PTY QC . 1.42 -39.64 33.82
C17 PTY QC . 0.07 -38.98 33.79
C18 PTY QC . -1.09 -39.90 34.09
C19 PTY QC . -2.09 -39.36 35.08
C20 PTY QC . -3.30 -40.23 35.27
C21 PTY QC . -3.62 -40.54 36.72
C30 PTY QC . -0.27 -34.87 31.16
C31 PTY QC . -0.83 -35.29 32.49
O30 PTY QC . -0.87 -34.86 30.12
C32 PTY QC . -2.28 -34.96 32.65
C33 PTY QC . -3.06 -36.03 33.39
C34 PTY QC . -4.51 -35.71 33.60
C35 PTY QC . -5.27 -36.77 34.36
C36 PTY QC . -6.31 -36.23 35.31
C37 PTY QC . -7.50 -37.12 35.53
C38 PTY QC . -7.18 -38.61 35.45
C39 PTY QC . -8.37 -39.48 35.16
C40 PTY QC . -9.67 -38.94 35.70
C41 PTY QC . -10.85 -39.87 35.50
P1 PTY QC . 3.23 -36.61 26.75
O11 PTY QC . 4.83 -36.69 26.57
O12 PTY QC . 2.79 -37.78 27.58
O13 PTY QC . 2.62 -36.37 25.40
O14 PTY QC . 3.03 -35.28 27.63
N1 PTY QC . 6.31 -39.07 29.02
P 3PE RC . -22.31 -59.15 39.95
N 3PE RC . -25.19 -61.56 41.38
O11 3PE RC . -21.82 -57.68 40.35
O12 3PE RC . -23.37 -58.99 38.90
O13 3PE RC . -22.96 -59.73 41.30
O14 3PE RC . -21.11 -59.99 39.63
C11 3PE RC . -24.30 -59.32 41.69
C12 3PE RC . -25.31 -60.16 40.95
C1 3PE RC . -22.79 -56.61 40.48
C2 3PE RC . -22.16 -55.26 40.73
C3 3PE RC . -23.19 -54.18 40.95
O31 3PE RC . -22.61 -52.87 40.70
O32 3PE RC . -24.65 -52.15 40.21
C31 3PE RC . -23.48 -51.94 40.38
C32 3PE RC . -22.84 -50.58 40.26
C33 3PE RC . -23.64 -49.64 39.43
C34 3PE RC . -23.21 -48.19 39.60
C35 3PE RC . -21.73 -47.91 39.39
C36 3PE RC . -21.42 -46.44 39.20
C37 3PE RC . -19.95 -46.12 39.06
C38 3PE RC . -19.14 -46.39 40.31
C39 3PE RC . -19.52 -45.53 41.49
C3A 3PE RC . -18.85 -45.93 42.77
C3B 3PE RC . -19.17 -45.03 43.94
C3C 3PE RC . -18.62 -45.49 45.27
C3D 3PE RC . -19.26 -46.74 45.80
C3E 3PE RC . -18.79 -47.14 47.18
C3F 3PE RC . -19.38 -48.45 47.65
C3G 3PE RC . -18.92 -48.90 49.00
C3H 3PE RC . -19.55 -50.20 49.44
C3I 3PE RC . -19.02 -50.68 50.78
O21 3PE RC . -21.27 -55.34 41.88
O22 3PE RC . -19.36 -56.25 42.56
C21 3PE RC . -20.01 -55.75 41.68
C22 3PE RC . -19.47 -55.49 40.30
C23 3PE RC . -18.39 -54.46 40.27
C24 3PE RC . -17.09 -54.97 40.88
C25 3PE RC . -16.57 -56.23 40.23
C26 3PE RC . -15.28 -56.74 40.83
C27 3PE RC . -14.12 -55.77 40.71
C28 3PE RC . -12.84 -56.28 41.32
C29 3PE RC . -12.25 -57.48 40.62
C1 CLR SC . 5.18 -49.04 12.59
C2 CLR SC . 6.49 -49.15 11.79
C3 CLR SC . 7.66 -48.69 12.62
C4 CLR SC . 7.76 -49.51 13.89
C5 CLR SC . 6.47 -49.47 14.68
C6 CLR SC . 6.48 -49.11 15.96
C7 CLR SC . 5.29 -49.15 16.87
C8 CLR SC . 4.09 -49.87 16.24
C9 CLR SC . 3.96 -49.45 14.77
C10 CLR SC . 5.20 -49.84 13.92
C11 CLR SC . 2.65 -49.96 14.13
C12 CLR SC . 1.42 -49.57 14.95
C13 CLR SC . 1.51 -50.10 16.38
C14 CLR SC . 2.81 -49.52 16.99
C15 CLR SC . 2.70 -49.86 18.47
C16 CLR SC . 1.18 -49.86 18.76
C17 CLR SC . 0.51 -49.50 17.40
C18 CLR SC . 1.48 -51.63 16.41
C19 CLR SC . 5.25 -51.35 13.63
C20 CLR SC . -0.99 -49.87 17.35
C21 CLR SC . -1.87 -48.62 17.48
C22 CLR SC . -1.35 -50.91 18.42
C23 CLR SC . -2.45 -51.88 18.05
C24 CLR SC . -3.83 -51.26 18.01
C25 CLR SC . -4.94 -52.17 17.51
C26 CLR SC . -4.64 -52.70 16.12
C27 CLR SC . -6.29 -51.45 17.52
O1 CLR SC . 8.88 -48.84 11.85
C1 CLR TC . 5.77 -48.80 21.14
C2 CLR TC . 7.01 -48.74 20.24
C3 CLR TC . 7.78 -47.47 20.44
C4 CLR TC . 8.18 -47.34 21.90
C5 CLR TC . 6.98 -47.43 22.84
C6 CLR TC . 6.76 -46.50 23.74
C7 CLR TC . 5.69 -46.56 24.78
C8 CLR TC . 5.02 -47.93 24.86
C9 CLR TC . 4.76 -48.45 23.42
C10 CLR TC . 6.09 -48.64 22.64
C11 CLR TC . 3.89 -49.71 23.43
C12 CLR TC . 2.62 -49.59 24.27
C13 CLR TC . 2.95 -49.19 25.71
C14 CLR TC . 3.71 -47.86 25.62
C15 CLR TC . 3.72 -47.34 27.06
C16 CLR TC . 2.34 -47.75 27.61
C17 CLR TC . 1.75 -48.79 26.62
C18 CLR TC . 3.79 -50.27 26.40
C19 CLR TC . 6.86 -49.88 23.14
C20 CLR TC . 0.93 -49.88 27.35
C21 CLR TC . 0.24 -50.85 26.39
C22 CLR TC . -0.07 -49.24 28.32
C23 CLR TC . -0.60 -50.14 29.40
C24 CLR TC . -1.84 -50.91 29.01
C25 CLR TC . -2.28 -52.01 29.97
C26 CLR TC . -1.21 -53.08 30.11
C27 CLR TC . -3.59 -52.63 29.54
O1 CLR TC . 8.95 -47.46 19.61
#